data_9NWI
#
_entry.id   9NWI
#
loop_
_entity.id
_entity.type
_entity.pdbx_description
1 polymer 'Head-to-Tail adapter'
2 polymer 'Capsid and scaffold protein'
#
loop_
_entity_poly.entity_id
_entity_poly.type
_entity_poly.pdbx_seq_one_letter_code
_entity_poly.pdbx_strand_id
1 'polypeptide(L)'
;MATINNVTDLAIAAIQWSDRQDLTQELLMLFIGNTTDRLNRLLRVRENEHFETLMAFGGGIEIPEHFVALRSITGDSLIG
GRTLQYITQDIFTHYVNYNYQPQGVTYYTRLGNFWRVFPVVPDGAPFIVNYWTVLPELSLANPTTWALTKYPQIYLYGVL
EQIYLYTMDEARSQFWGQKLERAVMELQNEENAADFASTRLAIKDIER
;
A,B,C,D,E,F,G,H,I,J,K,L,M,N,O,P,Q,R,S,T,U,V,W,X
2 'polypeptide(L)'
;MALERQEVKNPTGIVTDIAPADLPLEKWSFGNNVRFKNGKAQKALGHTPIFDTAQAPILDMFPFIRNNIPYWLLCGEQRM
YLADGTTVVDVSPGGHSASVTSRWSSGSFNGVIFANNPSNYPYVLMPQNSGFIPMPNWPANTFAKRMKSFKNFMIALNVT
QNSVEMPQMVWWSTSADAGGIPVSWDPTDPTKDAGQNTLADTNGAIVDGVKLRDSFIIYKEDSVYSMRYIGGLFIFQFQQ
LFNDVGILGPNCAIEFDGNHFVVGHGDVYVHNGVQKQSVIDAQVRKFFFSDINPDNYQRTFVIADHVNTEMWVCYSSTRS
EPGKHCDRAIIWNWKENTWSIRDLPNVLSGAYGIIDPKVSNLWDDDPNPWDTYTSVWGEGSYNPAKSSMIFSSFQDKKLF
LFGNNSTFSGQNFVSTLERSDIYLGDDRMMKTVSAIIPHITGNGTCNIWVGNAQVQGSGIRWKGPYPYRIGQDYKIDTKH
VGRYIALKFDFSSEGDWYFNGYTIEMAPKAGMR
;
Y,Z,a,b,c,d
#
# COMPACT_ATOMS: atom_id res chain seq x y z
N ALA A 2 -69.27 33.58 3.36
CA ALA A 2 -69.23 32.97 4.67
C ALA A 2 -68.18 31.86 4.71
N THR A 3 -66.97 32.18 4.25
CA THR A 3 -65.86 31.23 4.17
C THR A 3 -66.29 29.97 3.44
N ILE A 4 -66.58 28.91 4.18
CA ILE A 4 -67.07 27.67 3.59
C ILE A 4 -68.57 27.79 3.38
N ASN A 5 -69.02 27.53 2.16
CA ASN A 5 -70.43 27.68 1.79
C ASN A 5 -71.16 26.37 1.61
N ASN A 6 -70.52 25.35 1.02
CA ASN A 6 -71.17 24.07 0.79
C ASN A 6 -70.17 22.96 1.02
N VAL A 7 -70.61 21.72 0.77
CA VAL A 7 -69.78 20.56 1.06
C VAL A 7 -68.56 20.51 0.16
N THR A 8 -68.71 20.94 -1.10
CA THR A 8 -67.58 20.87 -2.03
C THR A 8 -66.43 21.76 -1.58
N ASP A 9 -66.74 22.97 -1.10
CA ASP A 9 -65.70 23.84 -0.58
C ASP A 9 -65.02 23.22 0.64
N LEU A 10 -65.79 22.57 1.50
CA LEU A 10 -65.20 21.89 2.65
C LEU A 10 -64.26 20.79 2.21
N ALA A 11 -64.65 20.00 1.21
CA ALA A 11 -63.78 18.94 0.72
C ALA A 11 -62.50 19.51 0.12
N ILE A 12 -62.63 20.59 -0.65
CA ILE A 12 -61.44 21.21 -1.25
C ILE A 12 -60.51 21.74 -0.17
N ALA A 13 -61.07 22.39 0.85
CA ALA A 13 -60.25 22.91 1.94
C ALA A 13 -59.55 21.79 2.69
N ALA A 14 -60.26 20.67 2.92
CA ALA A 14 -59.63 19.53 3.59
C ALA A 14 -58.48 18.98 2.76
N ILE A 15 -58.69 18.87 1.44
CA ILE A 15 -57.63 18.37 0.56
C ILE A 15 -56.43 19.30 0.63
N GLN A 16 -56.66 20.61 0.56
CA GLN A 16 -55.55 21.56 0.56
C GLN A 16 -54.80 21.57 1.89
N TRP A 17 -55.53 21.53 3.01
CA TRP A 17 -54.87 21.62 4.31
C TRP A 17 -54.14 20.34 4.65
N SER A 18 -54.77 19.19 4.42
CA SER A 18 -54.12 17.93 4.76
C SER A 18 -52.98 17.60 3.81
N ASP A 19 -53.07 18.09 2.57
CA ASP A 19 -52.12 17.79 1.51
C ASP A 19 -52.03 16.27 1.34
N ARG A 20 -53.13 15.72 0.84
CA ARG A 20 -53.26 14.29 0.56
C ARG A 20 -54.09 14.16 -0.70
N GLN A 21 -53.44 13.86 -1.82
CA GLN A 21 -54.13 13.77 -3.10
C GLN A 21 -54.77 12.41 -3.32
N ASP A 22 -54.59 11.45 -2.41
CA ASP A 22 -55.11 10.10 -2.59
C ASP A 22 -56.49 9.91 -1.99
N LEU A 23 -57.05 10.92 -1.34
CA LEU A 23 -58.37 10.80 -0.72
C LEU A 23 -59.46 10.80 -1.78
N THR A 24 -60.39 9.87 -1.67
CA THR A 24 -61.51 9.75 -2.59
C THR A 24 -62.76 10.40 -2.00
N GLN A 25 -63.81 10.44 -2.82
CA GLN A 25 -65.06 11.05 -2.38
C GLN A 25 -65.70 10.26 -1.25
N GLU A 26 -65.65 8.93 -1.33
CA GLU A 26 -66.30 8.10 -0.31
C GLU A 26 -65.66 8.30 1.06
N LEU A 27 -64.33 8.39 1.11
CA LEU A 27 -63.66 8.61 2.38
C LEU A 27 -64.01 9.96 2.97
N LEU A 28 -64.09 11.00 2.13
CA LEU A 28 -64.46 12.31 2.63
C LEU A 28 -65.89 12.31 3.16
N MET A 29 -66.80 11.65 2.46
CA MET A 29 -68.17 11.55 2.94
C MET A 29 -68.23 10.80 4.27
N LEU A 30 -67.44 9.73 4.40
CA LEU A 30 -67.39 9.00 5.66
C LEU A 30 -66.88 9.87 6.79
N PHE A 31 -65.83 10.66 6.54
CA PHE A 31 -65.31 11.54 7.57
C PHE A 31 -66.34 12.59 7.98
N ILE A 32 -67.02 13.18 7.01
CA ILE A 32 -68.03 14.19 7.31
C ILE A 32 -69.17 13.58 8.11
N GLY A 33 -69.61 12.38 7.72
CA GLY A 33 -70.65 11.70 8.47
C GLY A 33 -70.24 11.40 9.90
N ASN A 34 -69.01 10.96 10.09
CA ASN A 34 -68.52 10.69 11.45
C ASN A 34 -68.52 11.96 12.29
N THR A 35 -68.08 13.07 11.70
CA THR A 35 -68.11 14.34 12.43
C THR A 35 -69.53 14.73 12.79
N THR A 36 -70.47 14.54 11.87
CA THR A 36 -71.86 14.89 12.14
C THR A 36 -72.44 14.03 13.25
N ASP A 37 -72.16 12.73 13.24
CA ASP A 37 -72.66 11.86 14.31
C ASP A 37 -72.05 12.24 15.64
N ARG A 38 -70.77 12.60 15.67
CA ARG A 38 -70.18 13.06 16.91
C ARG A 38 -70.84 14.33 17.40
N LEU A 39 -71.15 15.26 16.48
CA LEU A 39 -71.80 16.50 16.87
C LEU A 39 -73.20 16.26 17.41
N ASN A 40 -73.90 15.27 16.86
CA ASN A 40 -75.26 14.98 17.30
C ASN A 40 -75.33 14.61 18.77
N ARG A 41 -74.23 14.16 19.35
CA ARG A 41 -74.19 13.73 20.75
C ARG A 41 -73.91 14.88 21.71
N LEU A 42 -73.59 16.07 21.22
CA LEU A 42 -73.12 17.15 22.08
C LEU A 42 -73.92 18.43 21.98
N LEU A 43 -74.37 18.81 20.78
CA LEU A 43 -74.94 20.13 20.56
C LEU A 43 -76.41 20.18 20.94
N ARG A 44 -76.78 21.21 21.70
CA ARG A 44 -78.18 21.53 22.02
C ARG A 44 -78.30 23.05 21.93
N VAL A 45 -78.70 23.54 20.76
CA VAL A 45 -78.72 24.97 20.48
C VAL A 45 -80.09 25.35 19.93
N ARG A 46 -80.25 26.64 19.61
CA ARG A 46 -81.53 27.15 19.13
C ARG A 46 -81.90 26.54 17.79
N GLU A 47 -80.94 26.42 16.87
CA GLU A 47 -81.23 25.86 15.56
C GLU A 47 -81.65 24.40 15.67
N ASN A 48 -81.03 23.66 16.59
CA ASN A 48 -81.38 22.26 16.81
C ASN A 48 -82.77 22.11 17.42
N GLU A 49 -83.31 23.15 18.05
CA GLU A 49 -84.58 23.06 18.74
C GLU A 49 -85.74 22.99 17.74
N HIS A 50 -86.86 22.45 18.21
CA HIS A 50 -88.04 22.30 17.38
C HIS A 50 -89.25 21.99 18.26
N PHE A 51 -90.37 22.64 18.02
CA PHE A 51 -91.59 22.39 18.78
C PHE A 51 -92.74 22.16 17.81
N GLU A 52 -93.63 21.24 18.18
CA GLU A 52 -94.72 20.86 17.30
C GLU A 52 -95.85 20.26 18.12
N THR A 53 -97.01 20.15 17.49
CA THR A 53 -98.22 19.62 18.12
C THR A 53 -98.37 18.14 17.80
N LEU A 54 -98.60 17.34 18.82
CA LEU A 54 -98.78 15.90 18.69
C LEU A 54 -100.12 15.49 19.30
N MET A 55 -100.61 14.32 18.88
CA MET A 55 -101.87 13.79 19.36
C MET A 55 -101.63 12.57 20.24
N ALA A 56 -102.39 12.48 21.32
CA ALA A 56 -102.28 11.36 22.26
C ALA A 56 -103.21 10.25 21.81
N PHE A 57 -102.65 9.06 21.60
CA PHE A 57 -103.40 7.90 21.15
C PHE A 57 -103.15 6.76 22.10
N GLY A 58 -104.23 6.14 22.59
CA GLY A 58 -104.10 5.04 23.53
C GLY A 58 -103.49 5.44 24.85
N GLY A 59 -103.76 6.65 25.33
CA GLY A 59 -103.22 7.11 26.58
C GLY A 59 -101.76 7.48 26.55
N GLY A 60 -101.16 7.62 25.37
CA GLY A 60 -99.74 7.92 25.28
C GLY A 60 -99.42 8.77 24.08
N ILE A 61 -98.21 9.32 24.09
CA ILE A 61 -97.68 10.15 23.03
C ILE A 61 -96.48 9.44 22.43
N GLU A 62 -96.45 9.34 21.10
CA GLU A 62 -95.34 8.70 20.42
C GLU A 62 -94.13 9.61 20.40
N ILE A 63 -92.97 9.07 20.74
CA ILE A 63 -91.73 9.85 20.69
C ILE A 63 -91.33 10.07 19.23
N PRO A 64 -90.99 11.30 18.83
CA PRO A 64 -90.62 11.54 17.43
C PRO A 64 -89.38 10.76 17.04
N GLU A 65 -89.28 10.45 15.74
CA GLU A 65 -88.19 9.61 15.25
C GLU A 65 -86.83 10.30 15.34
N HIS A 66 -86.79 11.62 15.19
CA HIS A 66 -85.54 12.36 15.26
C HIS A 66 -85.25 12.89 16.66
N PHE A 67 -86.05 12.50 17.64
CA PHE A 67 -85.90 13.00 19.00
C PHE A 67 -84.55 12.59 19.58
N VAL A 68 -83.90 13.54 20.26
CA VAL A 68 -82.68 13.28 21.00
C VAL A 68 -82.78 13.68 22.46
N ALA A 69 -83.31 14.87 22.75
CA ALA A 69 -83.51 15.34 24.10
C ALA A 69 -84.80 16.13 24.18
N LEU A 70 -85.45 16.10 25.34
CA LEU A 70 -86.74 16.72 25.55
C LEU A 70 -86.59 18.00 26.34
N ARG A 71 -87.26 19.06 25.88
CA ARG A 71 -87.26 20.34 26.59
C ARG A 71 -88.52 20.54 27.42
N SER A 72 -89.70 20.34 26.84
CA SER A 72 -90.93 20.55 27.58
C SER A 72 -92.10 19.89 26.87
N ILE A 73 -93.13 19.55 27.65
CA ILE A 73 -94.41 19.09 27.15
C ILE A 73 -95.49 19.93 27.80
N THR A 74 -96.38 20.49 26.98
CA THR A 74 -97.44 21.35 27.49
C THR A 74 -98.78 20.85 27.00
N GLY A 75 -99.74 20.73 27.91
CA GLY A 75 -101.09 20.39 27.52
C GLY A 75 -101.75 21.51 26.77
N ASP A 76 -102.76 21.15 25.98
CA ASP A 76 -103.52 22.15 25.26
C ASP A 76 -104.49 22.85 26.21
N SER A 77 -104.92 24.04 25.82
CA SER A 77 -105.84 24.81 26.66
C SER A 77 -107.15 24.06 26.87
N LEU A 78 -107.54 23.20 25.93
CA LEU A 78 -108.77 22.44 26.08
C LEU A 78 -108.69 21.41 27.19
N ILE A 79 -107.49 21.00 27.59
CA ILE A 79 -107.33 19.97 28.62
C ILE A 79 -106.57 20.50 29.83
N GLY A 80 -106.52 21.81 29.99
CA GLY A 80 -105.89 22.40 31.16
C GLY A 80 -104.78 23.37 30.83
N GLY A 81 -104.01 23.05 29.78
CA GLY A 81 -102.92 23.94 29.39
C GLY A 81 -101.82 24.07 30.43
N ARG A 82 -101.44 22.96 31.05
CA ARG A 82 -100.40 22.97 32.06
C ARG A 82 -99.11 22.36 31.51
N THR A 83 -98.01 22.63 32.21
CA THR A 83 -96.72 22.06 31.86
C THR A 83 -96.53 20.78 32.66
N LEU A 84 -96.32 19.67 31.95
CA LEU A 84 -96.30 18.37 32.60
C LEU A 84 -95.05 18.19 33.44
N GLN A 85 -95.13 17.29 34.42
CA GLN A 85 -94.04 16.98 35.32
C GLN A 85 -93.75 15.49 35.28
N TYR A 86 -92.48 15.14 35.48
CA TYR A 86 -92.05 13.75 35.40
C TYR A 86 -92.26 13.03 36.71
N ILE A 87 -92.79 11.81 36.63
CA ILE A 87 -92.96 10.94 37.79
C ILE A 87 -92.48 9.55 37.42
N THR A 88 -92.11 8.77 38.45
CA THR A 88 -91.64 7.42 38.24
C THR A 88 -92.83 6.48 38.05
N GLN A 89 -92.51 5.21 37.75
CA GLN A 89 -93.56 4.23 37.50
C GLN A 89 -94.37 3.93 38.76
N ASP A 90 -93.70 3.86 39.91
CA ASP A 90 -94.41 3.55 41.15
C ASP A 90 -95.41 4.64 41.50
N ILE A 91 -95.03 5.91 41.34
CA ILE A 91 -95.95 7.01 41.61
C ILE A 91 -97.13 6.96 40.66
N PHE A 92 -96.87 6.67 39.38
CA PHE A 92 -97.94 6.55 38.39
C PHE A 92 -98.92 5.47 38.79
N THR A 93 -98.41 4.30 39.16
CA THR A 93 -99.29 3.20 39.54
C THR A 93 -100.10 3.53 40.78
N HIS A 94 -99.46 4.15 41.78
CA HIS A 94 -100.18 4.53 43.00
C HIS A 94 -101.27 5.54 42.69
N TYR A 95 -100.97 6.54 41.87
CA TYR A 95 -101.97 7.53 41.52
C TYR A 95 -103.14 6.91 40.77
N VAL A 96 -102.85 5.97 39.86
CA VAL A 96 -103.92 5.30 39.14
C VAL A 96 -104.79 4.50 40.12
N ASN A 97 -104.15 3.78 41.05
CA ASN A 97 -104.90 2.92 41.95
C ASN A 97 -105.76 3.72 42.93
N TYR A 98 -105.25 4.85 43.40
CA TYR A 98 -105.93 5.61 44.45
C TYR A 98 -106.87 6.68 43.93
N ASN A 99 -106.97 6.85 42.61
CA ASN A 99 -107.86 7.85 42.00
C ASN A 99 -107.54 9.25 42.51
N TYR A 100 -106.33 9.70 42.18
CA TYR A 100 -105.85 11.00 42.65
C TYR A 100 -106.75 12.13 42.15
N GLN A 101 -107.12 12.10 40.88
CA GLN A 101 -108.03 13.06 40.27
C GLN A 101 -107.60 14.51 40.48
N PRO A 102 -106.56 14.98 39.82
CA PRO A 102 -106.24 16.41 39.82
C PRO A 102 -107.13 17.13 38.80
N GLN A 103 -106.87 18.43 38.64
CA GLN A 103 -107.71 19.24 37.77
C GLN A 103 -107.56 18.83 36.31
N GLY A 104 -106.33 18.72 35.83
CA GLY A 104 -106.09 18.37 34.45
C GLY A 104 -104.86 17.50 34.27
N VAL A 105 -104.41 17.36 33.02
CA VAL A 105 -103.21 16.57 32.75
C VAL A 105 -102.02 17.26 33.41
N THR A 106 -101.34 16.55 34.31
CA THR A 106 -100.31 17.18 35.12
C THR A 106 -98.98 16.45 35.06
N TYR A 107 -99.01 15.12 34.96
CA TYR A 107 -97.83 14.31 35.10
C TYR A 107 -97.64 13.42 33.88
N TYR A 108 -96.39 13.00 33.68
CA TYR A 108 -96.05 12.12 32.57
C TYR A 108 -94.89 11.23 32.98
N THR A 109 -94.78 10.09 32.30
CA THR A 109 -93.69 9.14 32.51
C THR A 109 -93.38 8.47 31.19
N ARG A 110 -92.27 7.75 31.15
CA ARG A 110 -91.80 7.10 29.93
C ARG A 110 -91.96 5.60 30.04
N LEU A 111 -92.60 5.00 29.05
CA LEU A 111 -92.74 3.54 28.96
C LEU A 111 -92.44 3.13 27.54
N GLY A 112 -91.39 2.33 27.37
CA GLY A 112 -90.99 1.93 26.03
C GLY A 112 -90.63 3.14 25.20
N ASN A 113 -91.33 3.32 24.08
CA ASN A 113 -91.13 4.46 23.20
C ASN A 113 -92.29 5.46 23.30
N PHE A 114 -92.98 5.48 24.44
CA PHE A 114 -94.15 6.32 24.59
C PHE A 114 -94.07 7.13 25.88
N TRP A 115 -94.74 8.27 25.88
CA TRP A 115 -94.94 9.09 27.06
C TRP A 115 -96.37 8.92 27.53
N ARG A 116 -96.56 8.38 28.73
CA ARG A 116 -97.87 8.14 29.30
C ARG A 116 -98.21 9.25 30.30
N VAL A 117 -99.39 9.82 30.16
CA VAL A 117 -99.87 10.87 31.05
C VAL A 117 -100.83 10.25 32.06
N PHE A 118 -100.82 10.77 33.30
CA PHE A 118 -101.59 10.12 34.35
C PHE A 118 -103.09 10.33 34.19
N PRO A 119 -103.61 11.57 34.15
CA PRO A 119 -105.06 11.72 33.98
C PRO A 119 -105.45 11.31 32.57
N VAL A 120 -105.61 9.99 32.38
CA VAL A 120 -105.77 9.42 31.05
C VAL A 120 -106.84 10.16 30.28
N VAL A 121 -106.52 10.58 29.07
CA VAL A 121 -107.39 11.41 28.26
C VAL A 121 -107.87 10.59 27.06
N PRO A 122 -109.04 10.91 26.50
CA PRO A 122 -109.48 10.21 25.28
C PRO A 122 -108.55 10.49 24.12
N ASP A 123 -108.55 9.56 23.16
CA ASP A 123 -107.69 9.68 22.00
C ASP A 123 -107.99 10.97 21.24
N GLY A 124 -106.94 11.61 20.74
CA GLY A 124 -107.07 12.87 20.04
C GLY A 124 -106.72 14.10 20.85
N ALA A 125 -106.28 13.92 22.09
CA ALA A 125 -105.90 15.07 22.91
C ALA A 125 -104.61 15.69 22.36
N PRO A 126 -104.58 16.99 22.10
CA PRO A 126 -103.37 17.61 21.55
C PRO A 126 -102.42 18.11 22.65
N PHE A 127 -101.13 17.95 22.36
CA PHE A 127 -100.07 18.44 23.23
C PHE A 127 -99.06 19.20 22.39
N ILE A 128 -98.34 20.12 23.03
CA ILE A 128 -97.27 20.87 22.38
C ILE A 128 -95.96 20.39 22.97
N VAL A 129 -95.11 19.80 22.12
CA VAL A 129 -93.85 19.22 22.56
C VAL A 129 -92.72 20.05 21.99
N ASN A 130 -91.82 20.50 22.86
CA ASN A 130 -90.62 21.23 22.48
C ASN A 130 -89.42 20.34 22.81
N TYR A 131 -88.58 20.08 21.81
CA TYR A 131 -87.51 19.11 21.96
C TYR A 131 -86.42 19.41 20.94
N TRP A 132 -85.27 18.78 21.13
CA TRP A 132 -84.15 18.90 20.20
C TRP A 132 -84.13 17.72 19.25
N THR A 133 -83.52 17.91 18.09
CA THR A 133 -83.42 16.90 17.06
C THR A 133 -81.95 16.64 16.72
N VAL A 134 -81.73 15.84 15.68
CA VAL A 134 -80.39 15.57 15.20
C VAL A 134 -80.05 16.56 14.10
N LEU A 135 -78.76 16.78 13.88
CA LEU A 135 -78.31 17.70 12.86
C LEU A 135 -78.62 17.15 11.47
N PRO A 136 -78.93 18.02 10.51
CA PRO A 136 -79.17 17.55 9.14
C PRO A 136 -77.91 16.95 8.54
N GLU A 137 -78.12 15.94 7.70
CA GLU A 137 -77.00 15.26 7.07
C GLU A 137 -76.35 16.17 6.03
N LEU A 138 -75.02 16.17 6.00
CA LEU A 138 -74.24 16.94 5.03
C LEU A 138 -73.66 15.96 4.02
N SER A 139 -74.12 16.05 2.78
CA SER A 139 -73.67 15.15 1.73
C SER A 139 -73.84 15.84 0.38
N LEU A 140 -73.60 15.10 -0.69
CA LEU A 140 -73.78 15.65 -2.02
C LEU A 140 -75.23 15.95 -2.33
N ALA A 141 -76.15 15.14 -1.80
CA ALA A 141 -77.57 15.40 -2.00
C ALA A 141 -78.04 16.63 -1.23
N ASN A 142 -77.45 16.89 -0.07
CA ASN A 142 -77.81 18.02 0.78
C ASN A 142 -76.55 18.82 1.06
N PRO A 143 -76.16 19.71 0.14
CA PRO A 143 -74.84 20.34 0.24
C PRO A 143 -74.74 21.49 1.23
N THR A 144 -75.85 21.95 1.81
CA THR A 144 -75.82 23.11 2.70
C THR A 144 -76.62 22.80 3.96
N THR A 145 -76.02 23.08 5.12
CA THR A 145 -76.69 22.99 6.41
C THR A 145 -76.36 24.23 7.23
N TRP A 146 -77.18 24.48 8.25
CA TRP A 146 -76.95 25.62 9.12
C TRP A 146 -75.68 25.45 9.93
N ALA A 147 -75.32 24.22 10.30
CA ALA A 147 -74.12 23.99 11.09
C ALA A 147 -72.87 24.42 10.33
N LEU A 148 -72.80 24.10 9.04
CA LEU A 148 -71.67 24.53 8.24
C LEU A 148 -71.61 26.05 8.12
N THR A 149 -72.78 26.68 7.93
CA THR A 149 -72.81 28.13 7.74
C THR A 149 -72.51 28.90 9.02
N LYS A 150 -72.76 28.31 10.19
CA LYS A 150 -72.54 29.02 11.45
C LYS A 150 -71.06 29.05 11.83
N TYR A 151 -70.47 27.88 12.05
CA TYR A 151 -69.10 27.75 12.53
C TYR A 151 -68.35 26.74 11.68
N PRO A 152 -67.85 27.16 10.51
CA PRO A 152 -67.19 26.19 9.61
C PRO A 152 -65.95 25.55 10.20
N GLN A 153 -65.29 26.23 11.15
CA GLN A 153 -64.08 25.66 11.75
C GLN A 153 -64.37 24.31 12.40
N ILE A 154 -65.57 24.12 12.93
CA ILE A 154 -65.92 22.85 13.56
C ILE A 154 -65.79 21.72 12.55
N TYR A 155 -66.43 21.87 11.39
CA TYR A 155 -66.39 20.83 10.38
C TYR A 155 -64.98 20.66 9.81
N LEU A 156 -64.27 21.77 9.58
CA LEU A 156 -62.93 21.66 9.04
C LEU A 156 -62.02 20.87 9.98
N TYR A 157 -62.05 21.22 11.27
CA TYR A 157 -61.19 20.54 12.24
C TYR A 157 -61.60 19.09 12.42
N GLY A 158 -62.90 18.81 12.42
CA GLY A 158 -63.34 17.42 12.54
C GLY A 158 -62.88 16.58 11.37
N VAL A 159 -62.99 17.12 10.15
CA VAL A 159 -62.54 16.39 8.97
C VAL A 159 -61.04 16.16 9.02
N LEU A 160 -60.28 17.18 9.45
CA LEU A 160 -58.84 17.01 9.55
C LEU A 160 -58.47 15.94 10.57
N GLU A 161 -59.17 15.93 11.71
CA GLU A 161 -58.91 14.91 12.72
C GLU A 161 -59.22 13.52 12.19
N GLN A 162 -60.33 13.37 11.48
CA GLN A 162 -60.65 12.07 10.88
C GLN A 162 -59.60 11.65 9.86
N ILE A 163 -59.13 12.60 9.06
CA ILE A 163 -58.12 12.28 8.05
C ILE A 163 -56.85 11.78 8.71
N TYR A 164 -56.39 12.47 9.76
CA TYR A 164 -55.16 12.05 10.41
C TYR A 164 -55.35 10.78 11.22
N LEU A 165 -56.57 10.47 11.64
CA LEU A 165 -56.85 9.16 12.20
C LEU A 165 -56.73 8.08 11.13
N TYR A 166 -57.17 8.39 9.90
CA TYR A 166 -57.15 7.41 8.83
C TYR A 166 -55.73 7.02 8.45
N THR A 167 -54.81 7.98 8.44
CA THR A 167 -53.43 7.74 8.03
C THR A 167 -52.56 7.23 9.16
N MET A 168 -53.16 6.65 10.21
CA MET A 168 -52.43 6.07 11.34
C MET A 168 -51.41 7.05 11.92
N ASP A 169 -51.87 8.24 12.26
CA ASP A 169 -51.07 9.22 12.97
C ASP A 169 -51.72 9.54 14.30
N GLU A 170 -50.90 9.79 15.32
CA GLU A 170 -51.38 9.96 16.68
C GLU A 170 -51.33 11.40 17.15
N ALA A 171 -50.16 12.05 17.08
CA ALA A 171 -50.03 13.39 17.65
C ALA A 171 -50.92 14.39 16.94
N ARG A 172 -50.92 14.37 15.61
CA ARG A 172 -51.73 15.34 14.87
C ARG A 172 -53.22 15.09 15.07
N SER A 173 -53.62 13.82 15.18
CA SER A 173 -55.01 13.51 15.45
C SER A 173 -55.47 14.12 16.77
N GLN A 174 -54.66 13.97 17.82
CA GLN A 174 -55.01 14.54 19.12
C GLN A 174 -55.02 16.07 19.05
N PHE A 175 -54.07 16.65 18.33
CA PHE A 175 -54.03 18.10 18.17
C PHE A 175 -55.33 18.62 17.55
N TRP A 176 -55.73 18.02 16.44
CA TRP A 176 -56.94 18.48 15.77
C TRP A 176 -58.19 18.15 16.59
N GLY A 177 -58.19 17.04 17.32
CA GLY A 177 -59.32 16.74 18.18
C GLY A 177 -59.47 17.78 19.29
N GLN A 178 -58.36 18.21 19.88
CA GLN A 178 -58.42 19.26 20.89
C GLN A 178 -58.94 20.55 20.29
N LYS A 179 -58.50 20.89 19.08
CA LYS A 179 -59.01 22.11 18.44
C LYS A 179 -60.52 22.01 18.21
N LEU A 180 -61.00 20.87 17.73
CA LEU A 180 -62.42 20.69 17.49
C LEU A 180 -63.22 20.77 18.78
N GLU A 181 -62.73 20.15 19.84
CA GLU A 181 -63.42 20.21 21.12
C GLU A 181 -63.50 21.63 21.64
N ARG A 182 -62.41 22.40 21.50
CA ARG A 182 -62.44 23.79 21.93
C ARG A 182 -63.47 24.59 21.14
N ALA A 183 -63.53 24.39 19.83
CA ALA A 183 -64.50 25.11 19.02
C ALA A 183 -65.93 24.76 19.43
N VAL A 184 -66.21 23.48 19.63
CA VAL A 184 -67.55 23.06 20.01
C VAL A 184 -67.92 23.63 21.37
N MET A 185 -66.99 23.61 22.31
CA MET A 185 -67.27 24.16 23.64
C MET A 185 -67.55 25.66 23.56
N GLU A 186 -66.78 26.39 22.74
CA GLU A 186 -67.02 27.82 22.59
C GLU A 186 -68.41 28.08 22.03
N LEU A 187 -68.81 27.34 21.00
CA LEU A 187 -70.13 27.54 20.41
C LEU A 187 -71.23 27.23 21.43
N GLN A 188 -71.09 26.13 22.16
CA GLN A 188 -72.12 25.74 23.12
C GLN A 188 -72.24 26.78 24.23
N ASN A 189 -71.10 27.27 24.74
CA ASN A 189 -71.14 28.28 25.79
C ASN A 189 -71.77 29.58 25.30
N GLU A 190 -71.43 29.99 24.07
CA GLU A 190 -72.02 31.21 23.53
C GLU A 190 -73.53 31.07 23.38
N GLU A 191 -74.00 29.91 22.93
CA GLU A 191 -75.44 29.71 22.83
C GLU A 191 -76.09 29.67 24.21
N ASN A 192 -75.43 29.06 25.18
CA ASN A 192 -76.01 28.95 26.52
C ASN A 192 -76.17 30.31 27.17
N ALA A 193 -75.16 31.17 27.04
CA ALA A 193 -75.17 32.45 27.74
C ALA A 193 -75.84 33.57 26.94
N ALA A 194 -76.71 33.23 26.00
CA ALA A 194 -77.31 34.22 25.11
C ALA A 194 -78.72 34.64 25.51
N ASP A 195 -79.26 34.09 26.60
CA ASP A 195 -80.65 34.35 26.96
C ASP A 195 -80.80 35.30 28.13
N PHE A 196 -80.16 35.00 29.26
CA PHE A 196 -80.32 35.83 30.45
C PHE A 196 -79.01 36.08 31.19
N ALA A 197 -77.87 35.94 30.52
CA ALA A 197 -76.60 36.14 31.19
C ALA A 197 -76.32 37.60 31.54
N SER A 198 -77.06 38.54 30.95
CA SER A 198 -76.84 39.96 31.21
C SER A 198 -78.11 40.65 31.68
N THR A 199 -79.05 39.91 32.26
CA THR A 199 -80.29 40.46 32.80
C THR A 199 -80.38 40.12 34.28
N ARG A 200 -81.53 40.42 34.88
CA ARG A 200 -81.74 40.25 36.31
C ARG A 200 -82.72 39.11 36.58
N LEU A 201 -82.48 38.37 37.66
CA LEU A 201 -83.30 37.24 38.05
C LEU A 201 -83.78 37.45 39.48
N ALA A 202 -84.99 36.95 39.76
CA ALA A 202 -85.62 37.29 41.04
C ALA A 202 -86.29 36.15 41.79
N ILE A 203 -86.46 34.96 41.19
CA ILE A 203 -87.10 33.81 41.82
C ILE A 203 -88.59 34.07 42.01
N LYS A 204 -89.43 33.21 41.43
CA LYS A 204 -90.87 33.30 41.55
C LYS A 204 -91.42 32.03 42.17
N ASP A 205 -92.65 32.11 42.68
CA ASP A 205 -93.29 31.02 43.38
C ASP A 205 -94.49 30.51 42.57
N ILE A 206 -94.60 29.20 42.44
CA ILE A 206 -95.72 28.55 41.78
C ILE A 206 -96.28 27.49 42.73
N GLU A 207 -97.27 26.75 42.25
CA GLU A 207 -97.93 25.74 43.06
C GLU A 207 -98.01 24.36 42.40
N ARG A 208 -97.93 24.27 41.07
CA ARG A 208 -98.02 23.01 40.35
C ARG A 208 -99.34 22.29 40.60
N ALA B 2 -55.10 54.06 11.10
CA ALA B 2 -53.65 54.02 11.22
C ALA B 2 -53.17 52.58 11.22
N THR B 3 -51.84 52.41 11.22
CA THR B 3 -51.20 51.10 11.20
C THR B 3 -51.68 50.29 10.00
N ILE B 4 -52.68 49.45 10.19
CA ILE B 4 -53.29 48.68 9.11
C ILE B 4 -54.63 49.34 8.77
N ASN B 5 -54.85 49.62 7.49
CA ASN B 5 -56.01 50.38 7.05
C ASN B 5 -57.09 49.53 6.39
N ASN B 6 -56.73 48.54 5.58
CA ASN B 6 -57.73 47.73 4.90
C ASN B 6 -57.17 46.33 4.68
N VAL B 7 -57.87 45.54 3.87
CA VAL B 7 -57.52 44.14 3.69
C VAL B 7 -56.19 43.99 2.97
N THR B 8 -55.92 44.86 2.00
CA THR B 8 -54.70 44.73 1.21
C THR B 8 -53.47 44.89 2.08
N ASP B 9 -53.47 45.87 2.98
CA ASP B 9 -52.33 46.03 3.90
C ASP B 9 -52.19 44.84 4.81
N LEU B 10 -53.30 44.28 5.29
CA LEU B 10 -53.23 43.10 6.14
C LEU B 10 -52.62 41.92 5.39
N ALA B 11 -53.04 41.71 4.14
CA ALA B 11 -52.49 40.61 3.36
C ALA B 11 -51.00 40.82 3.09
N ILE B 12 -50.60 42.04 2.77
CA ILE B 12 -49.19 42.33 2.53
C ILE B 12 -48.37 42.08 3.80
N ALA B 13 -48.89 42.52 4.94
CA ALA B 13 -48.18 42.31 6.20
C ALA B 13 -48.07 40.83 6.53
N ALA B 14 -49.13 40.07 6.28
CA ALA B 14 -49.06 38.63 6.53
C ALA B 14 -48.02 37.97 5.63
N ILE B 15 -47.99 38.35 4.34
CA ILE B 15 -47.00 37.79 3.43
C ILE B 15 -45.60 38.13 3.89
N GLN B 16 -45.38 39.38 4.30
CA GLN B 16 -44.04 39.80 4.71
C GLN B 16 -43.60 39.09 5.99
N TRP B 17 -44.48 39.01 6.98
CA TRP B 17 -44.10 38.43 8.26
C TRP B 17 -43.92 36.92 8.17
N SER B 18 -44.85 36.23 7.51
CA SER B 18 -44.75 34.78 7.43
C SER B 18 -43.65 34.35 6.47
N ASP B 19 -43.31 35.20 5.50
CA ASP B 19 -42.32 34.90 4.47
C ASP B 19 -42.72 33.62 3.73
N ARG B 20 -43.87 33.72 3.05
CA ARG B 20 -44.41 32.64 2.25
C ARG B 20 -44.99 33.25 0.98
N GLN B 21 -44.36 32.95 -0.15
CA GLN B 21 -44.77 33.52 -1.43
C GLN B 21 -45.77 32.64 -2.18
N ASP B 22 -46.18 31.52 -1.60
CA ASP B 22 -47.09 30.60 -2.25
C ASP B 22 -48.53 30.72 -1.76
N LEU B 23 -48.85 31.78 -1.04
CA LEU B 23 -50.19 31.97 -0.49
C LEU B 23 -51.04 32.72 -1.51
N THR B 24 -52.11 32.09 -1.97
CA THR B 24 -53.03 32.71 -2.91
C THR B 24 -54.04 33.59 -2.18
N GLN B 25 -54.87 34.30 -2.95
CA GLN B 25 -55.86 35.18 -2.35
C GLN B 25 -56.91 34.39 -1.58
N GLU B 26 -57.31 33.23 -2.11
CA GLU B 26 -58.38 32.46 -1.49
C GLU B 26 -57.98 31.96 -0.11
N LEU B 27 -56.74 31.51 0.03
CA LEU B 27 -56.27 31.03 1.34
C LEU B 27 -56.24 32.17 2.35
N LEU B 28 -55.80 33.35 1.93
CA LEU B 28 -55.79 34.49 2.85
C LEU B 28 -57.20 34.89 3.25
N MET B 29 -58.14 34.87 2.30
CA MET B 29 -59.53 35.16 2.63
C MET B 29 -60.08 34.14 3.62
N LEU B 30 -59.74 32.87 3.43
CA LEU B 30 -60.17 31.83 4.37
C LEU B 30 -59.61 32.08 5.77
N PHE B 31 -58.33 32.44 5.84
CA PHE B 31 -57.71 32.69 7.15
C PHE B 31 -58.39 33.87 7.84
N ILE B 32 -58.61 34.97 7.11
CA ILE B 32 -59.25 36.14 7.70
C ILE B 32 -60.66 35.81 8.14
N GLY B 33 -61.40 35.07 7.33
CA GLY B 33 -62.74 34.66 7.73
C GLY B 33 -62.74 33.82 8.99
N ASN B 34 -61.82 32.85 9.07
CA ASN B 34 -61.74 32.01 10.26
C ASN B 34 -61.46 32.84 11.50
N THR B 35 -60.55 33.80 11.40
CA THR B 35 -60.30 34.70 12.52
C THR B 35 -61.57 35.47 12.88
N THR B 36 -62.34 35.87 11.87
CA THR B 36 -63.57 36.62 12.15
C THR B 36 -64.58 35.79 12.92
N ASP B 37 -64.85 34.56 12.47
CA ASP B 37 -65.80 33.75 13.24
C ASP B 37 -65.26 33.38 14.61
N ARG B 38 -63.95 33.23 14.75
CA ARG B 38 -63.41 32.99 16.09
C ARG B 38 -63.67 34.19 16.99
N LEU B 39 -63.50 35.41 16.46
CA LEU B 39 -63.77 36.60 17.24
C LEU B 39 -65.25 36.76 17.55
N ASN B 40 -66.12 36.24 16.67
CA ASN B 40 -67.55 36.46 16.82
C ASN B 40 -68.10 35.90 18.13
N ARG B 41 -67.45 34.87 18.68
CA ARG B 41 -67.94 34.22 19.89
C ARG B 41 -67.29 34.76 21.16
N LEU B 42 -66.47 35.80 21.06
CA LEU B 42 -65.72 36.27 22.21
C LEU B 42 -65.95 37.73 22.55
N LEU B 43 -66.08 38.61 21.57
CA LEU B 43 -66.09 40.04 21.80
C LEU B 43 -67.51 40.53 22.06
N ARG B 44 -67.67 41.33 23.12
CA ARG B 44 -68.92 42.03 23.43
C ARG B 44 -68.53 43.45 23.84
N VAL B 45 -68.51 44.36 22.86
CA VAL B 45 -68.00 45.71 23.06
C VAL B 45 -69.05 46.71 22.59
N ARG B 46 -68.70 47.99 22.70
CA ARG B 46 -69.63 49.06 22.33
C ARG B 46 -69.93 49.03 20.84
N GLU B 47 -68.91 48.83 20.00
CA GLU B 47 -69.11 48.82 18.56
C GLU B 47 -69.95 47.63 18.11
N ASN B 48 -70.07 46.60 18.94
CA ASN B 48 -70.86 45.42 18.64
C ASN B 48 -72.30 45.52 19.11
N GLU B 49 -72.69 46.67 19.67
CA GLU B 49 -73.98 46.82 20.33
C GLU B 49 -74.94 47.59 19.42
N HIS B 50 -76.16 47.07 19.30
CA HIS B 50 -77.21 47.72 18.53
C HIS B 50 -78.50 47.72 19.34
N PHE B 51 -79.20 48.84 19.34
CA PHE B 51 -80.53 48.92 19.93
C PHE B 51 -81.51 49.42 18.89
N GLU B 52 -82.67 48.78 18.83
CA GLU B 52 -83.64 49.10 17.78
C GLU B 52 -85.04 48.72 18.26
N THR B 53 -86.03 49.23 17.54
CA THR B 53 -87.44 49.02 17.87
C THR B 53 -88.00 47.88 17.05
N LEU B 54 -88.71 46.97 17.72
CA LEU B 54 -89.32 45.82 17.09
C LEU B 54 -90.80 45.78 17.44
N MET B 55 -91.57 45.11 16.59
CA MET B 55 -93.02 45.01 16.76
C MET B 55 -93.39 43.58 17.11
N ALA B 56 -94.26 43.43 18.11
CA ALA B 56 -94.68 42.11 18.56
C ALA B 56 -95.79 41.59 17.66
N PHE B 57 -95.59 40.39 17.10
CA PHE B 57 -96.57 39.77 16.22
C PHE B 57 -96.98 38.43 16.81
N GLY B 58 -98.29 38.22 16.95
CA GLY B 58 -98.78 36.98 17.51
C GLY B 58 -98.32 36.74 18.94
N GLY B 59 -98.21 37.81 19.72
CA GLY B 59 -97.76 37.67 21.10
C GLY B 59 -96.29 37.36 21.25
N GLY B 60 -95.50 37.58 20.21
CA GLY B 60 -94.09 37.25 20.26
C GLY B 60 -93.24 38.24 19.48
N ILE B 61 -91.96 38.28 19.84
CA ILE B 61 -90.97 39.13 19.18
C ILE B 61 -89.98 38.22 18.47
N GLU B 62 -89.71 38.52 17.20
CA GLU B 62 -88.82 37.71 16.40
C GLU B 62 -87.37 38.09 16.67
N ILE B 63 -86.55 37.08 16.95
CA ILE B 63 -85.13 37.31 17.24
C ILE B 63 -84.43 37.79 15.97
N PRO B 64 -83.60 38.83 16.03
CA PRO B 64 -82.90 39.28 14.83
C PRO B 64 -81.93 38.22 14.31
N GLU B 65 -81.68 38.27 13.00
CA GLU B 65 -80.86 37.25 12.36
C GLU B 65 -79.39 37.34 12.77
N HIS B 66 -78.90 38.54 13.08
CA HIS B 66 -77.51 38.72 13.48
C HIS B 66 -77.33 38.71 14.98
N PHE B 67 -78.39 38.40 15.73
CA PHE B 67 -78.34 38.40 17.18
C PHE B 67 -77.32 37.38 17.69
N VAL B 68 -76.47 37.79 18.62
CA VAL B 68 -75.54 36.89 19.28
C VAL B 68 -75.78 36.84 20.79
N ALA B 69 -76.13 37.97 21.40
CA ALA B 69 -76.41 38.01 22.84
C ALA B 69 -77.34 39.18 23.12
N LEU B 70 -78.16 39.03 24.15
CA LEU B 70 -79.18 40.00 24.48
C LEU B 70 -78.75 40.82 25.69
N ARG B 71 -78.90 42.15 25.60
CA ARG B 71 -78.59 43.03 26.71
C ARG B 71 -79.82 43.46 27.49
N SER B 72 -80.87 43.95 26.80
CA SER B 72 -82.06 44.36 27.51
C SER B 72 -83.24 44.45 26.55
N ILE B 73 -84.43 44.27 27.12
CA ILE B 73 -85.70 44.48 26.42
C ILE B 73 -86.53 45.44 27.24
N THR B 74 -87.02 46.50 26.62
CA THR B 74 -87.80 47.52 27.32
C THR B 74 -89.10 47.77 26.57
N GLY B 75 -90.21 47.69 27.29
CA GLY B 75 -91.49 48.01 26.68
C GLY B 75 -91.60 49.49 26.37
N ASP B 76 -92.43 49.82 25.39
CA ASP B 76 -92.68 51.21 25.07
C ASP B 76 -93.54 51.81 26.18
N SER B 77 -93.42 53.13 26.35
CA SER B 77 -94.18 53.82 27.39
C SER B 77 -95.69 53.68 27.18
N LEU B 78 -96.12 53.42 25.95
CA LEU B 78 -97.54 53.23 25.69
C LEU B 78 -98.09 51.96 26.34
N ILE B 79 -97.23 51.00 26.64
CA ILE B 79 -97.66 49.73 27.24
C ILE B 79 -97.00 49.50 28.59
N GLY B 80 -96.51 50.55 29.23
CA GLY B 80 -95.94 50.42 30.55
C GLY B 80 -94.53 50.98 30.66
N GLY B 81 -93.73 50.81 29.62
CA GLY B 81 -92.36 51.30 29.65
C GLY B 81 -91.50 50.65 30.70
N ARG B 82 -91.59 49.34 30.87
CA ARG B 82 -90.85 48.62 31.87
C ARG B 82 -89.77 47.75 31.23
N THR B 83 -88.80 47.36 32.03
CA THR B 83 -87.74 46.46 31.60
C THR B 83 -88.14 45.03 31.95
N LEU B 84 -88.22 44.18 30.94
CA LEU B 84 -88.74 42.83 31.12
C LEU B 84 -87.75 41.97 31.89
N GLN B 85 -88.29 40.95 32.56
CA GLN B 85 -87.51 40.02 33.37
C GLN B 85 -87.76 38.60 32.91
N TYR B 86 -86.69 37.81 32.82
CA TYR B 86 -86.79 36.46 32.30
C TYR B 86 -87.50 35.54 33.29
N ILE B 87 -88.37 34.67 32.75
CA ILE B 87 -89.03 33.63 33.53
C ILE B 87 -89.00 32.34 32.74
N THR B 88 -89.18 31.22 33.45
CA THR B 88 -89.16 29.92 32.83
C THR B 88 -90.51 29.59 32.21
N GLN B 89 -90.58 28.44 31.53
CA GLN B 89 -91.82 28.03 30.90
C GLN B 89 -92.89 27.69 31.92
N ASP B 90 -92.52 27.03 33.01
CA ASP B 90 -93.50 26.66 34.03
C ASP B 90 -94.13 27.88 34.67
N ILE B 91 -93.32 28.89 34.99
CA ILE B 91 -93.86 30.12 35.57
C ILE B 91 -94.79 30.81 34.59
N PHE B 92 -94.40 30.86 33.32
CA PHE B 92 -95.25 31.47 32.30
C PHE B 92 -96.59 30.76 32.22
N THR B 93 -96.58 29.43 32.17
CA THR B 93 -97.81 28.67 32.07
C THR B 93 -98.69 28.87 33.30
N HIS B 94 -98.08 28.87 34.49
CA HIS B 94 -98.86 29.07 35.70
C HIS B 94 -99.48 30.46 35.74
N TYR B 95 -98.72 31.48 35.34
CA TYR B 95 -99.25 32.83 35.32
C TYR B 95 -100.40 32.95 34.34
N VAL B 96 -100.28 32.32 33.17
CA VAL B 96 -101.37 32.35 32.20
C VAL B 96 -102.60 31.66 32.76
N ASN B 97 -102.41 30.49 33.38
CA ASN B 97 -103.56 29.72 33.88
C ASN B 97 -104.27 30.44 35.01
N TYR B 98 -103.51 31.05 35.93
CA TYR B 98 -104.10 31.64 37.12
C TYR B 98 -104.48 33.11 36.95
N ASN B 99 -104.26 33.68 35.76
CA ASN B 99 -104.62 35.07 35.48
C ASN B 99 -103.94 36.02 36.48
N TYR B 100 -102.61 36.05 36.42
CA TYR B 100 -101.84 36.86 37.37
C TYR B 100 -102.18 38.34 37.25
N GLN B 101 -102.28 38.84 36.02
CA GLN B 101 -102.75 40.19 35.74
C GLN B 101 -101.93 41.27 36.44
N PRO B 102 -100.69 41.51 36.03
CA PRO B 102 -99.93 42.65 36.57
C PRO B 102 -100.33 43.92 35.84
N GLN B 103 -99.64 45.02 36.17
CA GLN B 103 -100.02 46.32 35.64
C GLN B 103 -99.72 46.41 34.15
N GLY B 104 -98.57 45.91 33.72
CA GLY B 104 -98.21 45.94 32.31
C GLY B 104 -97.26 44.83 31.92
N VAL B 105 -96.68 44.92 30.72
CA VAL B 105 -95.75 43.90 30.27
C VAL B 105 -94.54 43.89 31.17
N THR B 106 -94.28 42.74 31.80
CA THR B 106 -93.24 42.67 32.83
C THR B 106 -92.26 41.53 32.59
N TYR B 107 -92.73 40.42 32.02
CA TYR B 107 -91.92 39.21 31.93
C TYR B 107 -91.83 38.74 30.49
N TYR B 108 -90.76 38.00 30.20
CA TYR B 108 -90.56 37.42 28.88
C TYR B 108 -89.88 36.06 29.03
N THR B 109 -90.07 35.22 28.00
CA THR B 109 -89.45 33.91 27.95
C THR B 109 -89.13 33.58 26.51
N ARG B 110 -88.29 32.57 26.30
CA ARG B 110 -87.84 32.19 24.97
C ARG B 110 -88.51 30.88 24.56
N LEU B 111 -89.11 30.88 23.37
CA LEU B 111 -89.71 29.68 22.81
C LEU B 111 -89.33 29.62 21.33
N GLY B 112 -88.63 28.56 20.95
CA GLY B 112 -88.18 28.45 19.57
C GLY B 112 -87.27 29.62 19.22
N ASN B 113 -87.65 30.35 18.18
CA ASN B 113 -86.93 31.55 17.76
C ASN B 113 -87.69 32.82 18.10
N PHE B 114 -88.49 32.79 19.17
CA PHE B 114 -89.33 33.92 19.53
C PHE B 114 -89.24 34.22 21.01
N TRP B 115 -89.53 35.46 21.37
CA TRP B 115 -89.65 35.90 22.75
C TRP B 115 -91.12 36.16 23.03
N ARG B 116 -91.67 35.45 24.02
CA ARG B 116 -93.07 35.59 24.40
C ARG B 116 -93.17 36.39 25.69
N VAL B 117 -94.01 37.41 25.68
CA VAL B 117 -94.25 38.25 26.86
C VAL B 117 -95.53 37.78 27.53
N PHE B 118 -95.55 37.82 28.87
CA PHE B 118 -96.67 37.22 29.59
C PHE B 118 -97.95 38.03 29.44
N PRO B 119 -97.99 39.32 29.81
CA PRO B 119 -99.25 40.06 29.61
C PRO B 119 -99.49 40.27 28.14
N VAL B 120 -100.06 39.26 27.49
CA VAL B 120 -100.14 39.20 26.03
C VAL B 120 -100.69 40.50 25.49
N VAL B 121 -100.01 41.05 24.49
CA VAL B 121 -100.35 42.35 23.92
C VAL B 121 -100.88 42.14 22.51
N PRO B 122 -101.70 43.05 21.99
CA PRO B 122 -102.16 42.91 20.61
C PRO B 122 -101.02 43.10 19.63
N ASP B 123 -101.25 42.66 18.40
CA ASP B 123 -100.24 42.76 17.36
C ASP B 123 -99.86 44.21 17.11
N GLY B 124 -98.57 44.46 16.96
CA GLY B 124 -98.06 45.80 16.72
C GLY B 124 -97.52 46.52 17.92
N ALA B 125 -97.46 45.87 19.08
CA ALA B 125 -96.90 46.51 20.26
C ALA B 125 -95.41 46.74 20.08
N PRO B 126 -94.91 47.95 20.30
CA PRO B 126 -93.49 48.23 20.09
C PRO B 126 -92.64 47.98 21.33
N PHE B 127 -91.43 47.47 21.10
CA PHE B 127 -90.46 47.23 22.13
C PHE B 127 -89.10 47.74 21.67
N ILE B 128 -88.24 48.06 22.62
CA ILE B 128 -86.87 48.49 22.34
C ILE B 128 -85.94 47.38 22.80
N VAL B 129 -85.20 46.80 21.86
CA VAL B 129 -84.31 45.68 22.15
C VAL B 129 -82.88 46.16 21.95
N ASN B 130 -82.04 45.95 22.96
CA ASN B 130 -80.62 46.27 22.92
C ASN B 130 -79.85 44.97 23.04
N TYR B 131 -78.99 44.71 22.06
CA TYR B 131 -78.38 43.39 21.92
C TYR B 131 -77.08 43.52 21.13
N TRP B 132 -76.28 42.46 21.19
CA TRP B 132 -75.02 42.38 20.46
C TRP B 132 -75.20 41.59 19.18
N THR B 133 -74.46 41.98 18.15
CA THR B 133 -74.51 41.34 16.84
C THR B 133 -73.15 40.73 16.52
N VAL B 134 -73.02 40.21 15.31
CA VAL B 134 -71.77 39.63 14.86
C VAL B 134 -70.92 40.71 14.19
N LEU B 135 -69.62 40.46 14.13
CA LEU B 135 -68.70 41.41 13.53
C LEU B 135 -68.93 41.48 12.02
N PRO B 136 -68.71 42.66 11.42
CA PRO B 136 -68.86 42.76 9.96
C PRO B 136 -67.87 41.87 9.24
N GLU B 137 -68.32 41.31 8.12
CA GLU B 137 -67.48 40.42 7.34
C GLU B 137 -66.40 41.21 6.62
N LEU B 138 -65.15 40.76 6.74
CA LEU B 138 -64.00 41.45 6.15
C LEU B 138 -63.55 40.69 4.91
N SER B 139 -63.56 41.36 3.77
CA SER B 139 -63.19 40.75 2.51
C SER B 139 -62.88 41.85 1.51
N LEU B 140 -62.74 41.47 0.24
CA LEU B 140 -62.49 42.45 -0.81
C LEU B 140 -63.70 43.36 -1.01
N ALA B 141 -64.91 42.81 -0.85
CA ALA B 141 -66.12 43.62 -0.98
C ALA B 141 -66.26 44.60 0.17
N ASN B 142 -65.70 44.28 1.34
CA ASN B 142 -65.78 45.12 2.52
C ASN B 142 -64.35 45.33 3.03
N PRO B 143 -63.60 46.22 2.40
CA PRO B 143 -62.16 46.34 2.73
C PRO B 143 -61.89 46.87 4.13
N THR B 144 -62.82 47.59 4.75
CA THR B 144 -62.56 48.23 6.03
C THR B 144 -63.65 47.90 7.03
N THR B 145 -63.23 47.62 8.27
CA THR B 145 -64.15 47.39 9.38
C THR B 145 -63.60 48.08 10.62
N TRP B 146 -64.48 48.31 11.59
CA TRP B 146 -64.05 48.95 12.84
C TRP B 146 -63.08 48.07 13.61
N ALA B 147 -63.23 46.75 13.51
CA ALA B 147 -62.36 45.84 14.25
C ALA B 147 -60.91 45.98 13.79
N LEU B 148 -60.69 46.09 12.48
CA LEU B 148 -59.34 46.26 11.96
C LEU B 148 -58.76 47.60 12.39
N THR B 149 -59.58 48.66 12.38
CA THR B 149 -59.08 49.99 12.71
C THR B 149 -58.73 50.10 14.19
N LYS B 150 -59.53 49.48 15.06
CA LYS B 150 -59.33 49.67 16.49
C LYS B 150 -58.06 48.97 16.99
N TYR B 151 -57.81 47.75 16.52
CA TYR B 151 -56.71 46.94 17.04
C TYR B 151 -56.21 46.00 15.96
N PRO B 152 -55.33 46.49 15.08
CA PRO B 152 -54.85 45.64 13.97
C PRO B 152 -54.08 44.41 14.42
N GLN B 153 -53.43 44.46 15.59
CA GLN B 153 -52.63 43.34 16.03
C GLN B 153 -53.46 42.07 16.16
N ILE B 154 -54.74 42.20 16.53
CA ILE B 154 -55.59 41.03 16.66
C ILE B 154 -55.67 40.28 15.34
N TYR B 155 -56.00 40.99 14.26
CA TYR B 155 -56.13 40.36 12.96
C TYR B 155 -54.79 39.86 12.46
N LEU B 156 -53.72 40.62 12.68
CA LEU B 156 -52.40 40.18 12.22
C LEU B 156 -52.00 38.86 12.88
N TYR B 157 -52.15 38.79 14.20
CA TYR B 157 -51.77 37.58 14.92
C TYR B 157 -52.66 36.42 14.57
N GLY B 158 -53.97 36.66 14.40
CA GLY B 158 -54.86 35.57 14.00
C GLY B 158 -54.50 35.01 12.64
N VAL B 159 -54.21 35.90 11.68
CA VAL B 159 -53.84 35.44 10.35
C VAL B 159 -52.52 34.66 10.40
N LEU B 160 -51.55 35.15 11.18
CA LEU B 160 -50.29 34.43 11.29
C LEU B 160 -50.48 33.04 11.90
N GLU B 161 -51.33 32.94 12.93
CA GLU B 161 -51.60 31.65 13.53
C GLU B 161 -52.27 30.71 12.54
N GLN B 162 -53.23 31.21 11.76
CA GLN B 162 -53.86 30.38 10.74
C GLN B 162 -52.85 29.93 9.71
N ILE B 163 -51.95 30.82 9.28
CA ILE B 163 -50.95 30.46 8.28
C ILE B 163 -50.07 29.33 8.80
N TYR B 164 -49.60 29.46 10.04
CA TYR B 164 -48.74 28.42 10.58
C TYR B 164 -49.50 27.13 10.86
N LEU B 165 -50.81 27.21 11.10
CA LEU B 165 -51.61 26.00 11.15
C LEU B 165 -51.68 25.32 9.79
N TYR B 166 -51.78 26.11 8.72
CA TYR B 166 -51.91 25.54 7.38
C TYR B 166 -50.65 24.83 6.94
N THR B 167 -49.47 25.31 7.35
CA THR B 167 -48.21 24.72 6.94
C THR B 167 -47.76 23.59 7.86
N MET B 168 -48.65 23.06 8.68
CA MET B 168 -48.37 21.91 9.54
C MET B 168 -47.19 22.19 10.48
N ASP B 169 -47.27 23.31 11.19
CA ASP B 169 -46.31 23.64 12.24
C ASP B 169 -47.07 23.85 13.54
N GLU B 170 -46.52 23.32 14.63
CA GLU B 170 -47.22 23.32 15.90
C GLU B 170 -46.77 24.44 16.84
N ALA B 171 -45.47 24.52 17.14
CA ALA B 171 -44.99 25.44 18.16
C ALA B 171 -45.31 26.89 17.79
N ARG B 172 -45.04 27.27 16.54
CA ARG B 172 -45.32 28.63 16.13
C ARG B 172 -46.81 28.92 16.15
N SER B 173 -47.64 27.94 15.80
CA SER B 173 -49.08 28.13 15.86
C SER B 173 -49.53 28.41 17.29
N GLN B 174 -49.02 27.66 18.26
CA GLN B 174 -49.37 27.90 19.66
C GLN B 174 -48.88 29.27 20.12
N PHE B 175 -47.67 29.65 19.71
CA PHE B 175 -47.13 30.95 20.05
C PHE B 175 -48.05 32.08 19.59
N TRP B 176 -48.43 32.05 18.30
CA TRP B 176 -49.27 33.09 17.76
C TRP B 176 -50.68 33.04 18.34
N GLY B 177 -51.19 31.84 18.64
CA GLY B 177 -52.48 31.74 19.28
C GLY B 177 -52.50 32.37 20.65
N GLN B 178 -51.44 32.15 21.44
CA GLN B 178 -51.34 32.79 22.74
C GLN B 178 -51.27 34.30 22.61
N LYS B 179 -50.51 34.79 21.62
CA LYS B 179 -50.45 36.24 21.42
C LYS B 179 -51.83 36.81 21.07
N LEU B 180 -52.55 36.14 20.18
CA LEU B 180 -53.88 36.61 19.80
C LEU B 180 -54.84 36.60 20.99
N GLU B 181 -54.77 35.54 21.80
CA GLU B 181 -55.65 35.46 22.97
C GLU B 181 -55.34 36.58 23.95
N ARG B 182 -54.04 36.88 24.15
CA ARG B 182 -53.68 37.98 25.05
C ARG B 182 -54.21 39.31 24.53
N ALA B 183 -54.09 39.55 23.22
CA ALA B 183 -54.60 40.80 22.67
C ALA B 183 -56.12 40.91 22.83
N VAL B 184 -56.83 39.82 22.57
CA VAL B 184 -58.29 39.84 22.71
C VAL B 184 -58.69 40.10 24.15
N MET B 185 -58.00 39.45 25.09
CA MET B 185 -58.30 39.66 26.50
C MET B 185 -58.04 41.10 26.91
N GLU B 186 -56.94 41.68 26.42
CA GLU B 186 -56.65 43.08 26.74
C GLU B 186 -57.76 43.99 26.26
N LEU B 187 -58.19 43.81 25.00
CA LEU B 187 -59.23 44.67 24.46
C LEU B 187 -60.53 44.51 25.23
N GLN B 188 -60.91 43.27 25.53
CA GLN B 188 -62.16 43.04 26.25
C GLN B 188 -62.13 43.64 27.65
N ASN B 189 -61.00 43.49 28.34
CA ASN B 189 -60.89 44.05 29.68
C ASN B 189 -60.96 45.58 29.64
N GLU B 190 -60.29 46.20 28.67
CA GLU B 190 -60.36 47.65 28.55
C GLU B 190 -61.79 48.11 28.31
N GLU B 191 -62.52 47.41 27.45
CA GLU B 191 -63.90 47.78 27.21
C GLU B 191 -64.76 47.59 28.45
N ASN B 192 -64.52 46.50 29.19
CA ASN B 192 -65.30 46.22 30.39
C ASN B 192 -65.10 47.29 31.46
N ALA B 193 -63.85 47.70 31.67
CA ALA B 193 -63.52 48.61 32.76
C ALA B 193 -63.59 50.07 32.36
N ALA B 194 -64.42 50.43 31.37
CA ALA B 194 -64.43 51.78 30.84
C ALA B 194 -65.64 52.59 31.28
N ASP B 195 -66.59 52.00 32.00
CA ASP B 195 -67.84 52.70 32.33
C ASP B 195 -67.88 53.19 33.77
N PHE B 196 -67.59 52.31 34.73
CA PHE B 196 -67.69 52.71 36.14
C PHE B 196 -66.52 52.20 36.97
N ALA B 197 -65.38 51.89 36.36
CA ALA B 197 -64.24 51.39 37.12
C ALA B 197 -63.58 52.47 37.96
N SER B 198 -63.88 53.75 37.72
CA SER B 198 -63.27 54.84 38.46
C SER B 198 -64.32 55.76 39.05
N THR B 199 -65.51 55.23 39.35
CA THR B 199 -66.56 56.02 39.97
C THR B 199 -67.03 55.34 41.25
N ARG B 200 -68.12 55.84 41.83
CA ARG B 200 -68.64 55.34 43.10
C ARG B 200 -69.96 54.62 42.88
N LEU B 201 -70.18 53.55 43.61
CA LEU B 201 -71.40 52.75 43.55
C LEU B 201 -72.04 52.67 44.93
N ALA B 202 -73.37 52.62 44.95
CA ALA B 202 -74.10 52.81 46.21
C ALA B 202 -75.21 51.80 46.49
N ILE B 203 -75.61 50.98 45.54
CA ILE B 203 -76.69 50.01 45.69
C ILE B 203 -78.03 50.73 45.87
N LYS B 204 -78.94 50.53 44.93
CA LYS B 204 -80.26 51.14 44.96
C LYS B 204 -81.34 50.08 45.08
N ASP B 205 -82.53 50.50 45.49
CA ASP B 205 -83.64 49.61 45.75
C ASP B 205 -84.76 49.87 44.75
N ILE B 206 -85.28 48.79 44.17
CA ILE B 206 -86.42 48.84 43.27
C ILE B 206 -87.46 47.83 43.77
N GLU B 207 -88.56 47.72 43.02
CA GLU B 207 -89.64 46.81 43.40
C GLU B 207 -90.06 45.84 42.30
N ARG B 208 -89.80 46.14 41.03
CA ARG B 208 -90.17 45.29 39.91
C ARG B 208 -91.69 45.07 39.83
N ALA C 2 -34.37 64.81 25.82
CA ALA C 2 -33.24 64.02 26.29
C ALA C 2 -33.23 62.66 25.63
N THR C 3 -32.03 62.07 25.52
CA THR C 3 -31.82 60.79 24.86
C THR C 3 -32.48 60.77 23.49
N ILE C 4 -33.60 60.06 23.37
CA ILE C 4 -34.35 60.02 22.12
C ILE C 4 -35.25 61.26 22.05
N ASN C 5 -35.12 62.04 20.99
CA ASN C 5 -35.86 63.29 20.86
C ASN C 5 -37.00 63.23 19.85
N ASN C 6 -36.89 62.40 18.81
CA ASN C 6 -37.94 62.31 17.81
C ASN C 6 -37.94 60.91 17.21
N VAL C 7 -38.79 60.72 16.20
CA VAL C 7 -38.97 59.39 15.63
C VAL C 7 -37.72 58.94 14.88
N THR C 8 -37.03 59.86 14.21
CA THR C 8 -35.85 59.49 13.44
C THR C 8 -34.75 58.94 14.34
N ASP C 9 -34.52 59.58 15.49
CA ASP C 9 -33.53 59.05 16.43
C ASP C 9 -33.93 57.68 16.94
N LEU C 10 -35.22 57.47 17.18
CA LEU C 10 -35.69 56.16 17.61
C LEU C 10 -35.42 55.10 16.55
N ALA C 11 -35.68 55.43 15.28
CA ALA C 11 -35.42 54.48 14.20
C ALA C 11 -33.94 54.17 14.09
N ILE C 12 -33.09 55.20 14.20
CA ILE C 12 -31.65 54.98 14.12
C ILE C 12 -31.17 54.09 15.27
N ALA C 13 -31.67 54.36 16.48
CA ALA C 13 -31.29 53.55 17.63
C ALA C 13 -31.75 52.11 17.46
N ALA C 14 -32.96 51.91 16.95
CA ALA C 14 -33.44 50.54 16.73
C ALA C 14 -32.58 49.82 15.71
N ILE C 15 -32.22 50.50 14.62
CA ILE C 15 -31.36 49.88 13.61
C ILE C 15 -30.00 49.52 14.21
N GLN C 16 -29.43 50.43 14.99
CA GLN C 16 -28.12 50.18 15.59
C GLN C 16 -28.16 49.02 16.57
N TRP C 17 -29.19 48.97 17.42
CA TRP C 17 -29.25 47.94 18.45
C TRP C 17 -29.56 46.58 17.86
N SER C 18 -30.52 46.51 16.94
CA SER C 18 -30.88 45.22 16.36
C SER C 18 -29.83 44.73 15.38
N ASP C 19 -29.04 45.65 14.81
CA ASP C 19 -28.03 45.34 13.80
C ASP C 19 -28.71 44.58 12.64
N ARG C 20 -29.60 45.30 11.96
CA ARG C 20 -30.32 44.77 10.81
C ARG C 20 -30.45 45.89 9.80
N GLN C 21 -29.77 45.76 8.66
CA GLN C 21 -29.76 46.79 7.64
C GLN C 21 -30.86 46.59 6.59
N ASP C 22 -31.67 45.55 6.71
CA ASP C 22 -32.72 45.27 5.74
C ASP C 22 -34.06 45.87 6.13
N LEU C 23 -34.15 46.56 7.27
CA LEU C 23 -35.40 47.15 7.70
C LEU C 23 -35.71 48.41 6.91
N THR C 24 -36.93 48.51 6.40
CA THR C 24 -37.37 49.68 5.65
C THR C 24 -38.19 50.60 6.54
N GLN C 25 -38.53 51.77 5.99
CA GLN C 25 -39.31 52.74 6.75
C GLN C 25 -40.69 52.20 7.09
N GLU C 26 -41.32 51.49 6.16
CA GLU C 26 -42.67 50.99 6.38
C GLU C 26 -42.72 50.01 7.55
N LEU C 27 -41.75 49.10 7.61
CA LEU C 27 -41.71 48.13 8.70
C LEU C 27 -41.50 48.81 10.04
N LEU C 28 -40.61 49.79 10.10
CA LEU C 28 -40.37 50.50 11.35
C LEU C 28 -41.61 51.26 11.79
N MET C 29 -42.31 51.90 10.86
CA MET C 29 -43.54 52.60 11.22
C MET C 29 -44.60 51.62 11.69
N LEU C 30 -44.68 50.45 11.06
CA LEU C 30 -45.60 49.42 11.52
C LEU C 30 -45.29 48.99 12.95
N PHE C 31 -44.00 48.79 13.24
CA PHE C 31 -43.61 48.39 14.60
C PHE C 31 -43.97 49.47 15.61
N ILE C 32 -43.70 50.73 15.27
CA ILE C 32 -44.01 51.83 16.19
C ILE C 32 -45.51 51.93 16.41
N GLY C 33 -46.30 51.77 15.35
CA GLY C 33 -47.75 51.79 15.50
C GLY C 33 -48.26 50.65 16.36
N ASN C 34 -47.67 49.46 16.21
CA ASN C 34 -48.06 48.34 17.05
C ASN C 34 -47.75 48.62 18.51
N THR C 35 -46.56 49.19 18.79
CA THR C 35 -46.22 49.52 20.17
C THR C 35 -47.17 50.55 20.75
N THR C 36 -47.52 51.58 19.97
CA THR C 36 -48.45 52.59 20.45
C THR C 36 -49.83 52.00 20.71
N ASP C 37 -50.29 51.11 19.82
CA ASP C 37 -51.59 50.48 20.01
C ASP C 37 -51.60 49.63 21.27
N ARG C 38 -50.51 48.91 21.54
CA ARG C 38 -50.43 48.15 22.78
C ARG C 38 -50.44 49.07 23.99
N LEU C 39 -49.73 50.19 23.91
CA LEU C 39 -49.67 51.11 25.03
C LEU C 39 -51.04 51.73 25.31
N ASN C 40 -51.85 51.94 24.26
CA ASN C 40 -53.15 52.57 24.44
C ASN C 40 -54.06 51.77 25.37
N ARG C 41 -53.84 50.48 25.51
CA ARG C 41 -54.69 49.64 26.34
C ARG C 41 -54.24 49.56 27.80
N LEU C 42 -53.13 50.18 28.15
CA LEU C 42 -52.55 50.00 29.47
C LEU C 42 -52.34 51.29 30.24
N LEU C 43 -51.96 52.37 29.57
CA LEU C 43 -51.54 53.58 30.27
C LEU C 43 -52.73 54.45 30.63
N ARG C 44 -52.78 54.88 31.90
CA ARG C 44 -53.76 55.86 32.38
C ARG C 44 -52.98 56.81 33.28
N VAL C 45 -52.47 57.90 32.71
CA VAL C 45 -51.58 58.82 33.40
C VAL C 45 -52.12 60.23 33.27
N ARG C 46 -51.41 61.19 33.87
CA ARG C 46 -51.84 62.57 33.83
C ARG C 46 -51.83 63.14 32.41
N GLU C 47 -50.79 62.83 31.63
CA GLU C 47 -50.69 63.37 30.29
C GLU C 47 -51.78 62.82 29.36
N ASN C 48 -52.43 61.74 29.75
CA ASN C 48 -53.48 61.12 28.96
C ASN C 48 -54.86 61.62 29.33
N GLU C 49 -54.96 62.60 30.21
CA GLU C 49 -56.22 63.03 30.78
C GLU C 49 -56.70 64.33 30.15
N HIS C 50 -58.00 64.39 29.85
CA HIS C 50 -58.63 65.58 29.30
C HIS C 50 -59.95 65.81 30.01
N PHE C 51 -60.21 67.07 30.37
CA PHE C 51 -61.51 67.46 30.88
C PHE C 51 -62.05 68.59 30.01
N GLU C 52 -63.32 68.49 29.64
CA GLU C 52 -63.91 69.44 28.71
C GLU C 52 -65.41 69.51 28.92
N THR C 53 -66.01 70.55 28.37
CA THR C 53 -67.43 70.81 28.53
C THR C 53 -68.20 70.28 27.32
N LEU C 54 -69.24 69.50 27.59
CA LEU C 54 -70.08 68.91 26.56
C LEU C 54 -71.53 69.31 26.78
N MET C 55 -72.28 69.46 25.69
CA MET C 55 -73.67 69.86 25.74
C MET C 55 -74.56 68.65 25.52
N ALA C 56 -75.47 68.41 26.46
CA ALA C 56 -76.38 67.28 26.35
C ALA C 56 -77.49 67.61 25.36
N PHE C 57 -77.71 66.70 24.41
CA PHE C 57 -78.73 66.87 23.39
C PHE C 57 -79.58 65.61 23.32
N GLY C 58 -80.88 65.78 23.23
CA GLY C 58 -81.79 64.65 23.19
C GLY C 58 -81.76 63.80 24.44
N GLY C 59 -81.53 64.41 25.59
CA GLY C 59 -81.48 63.68 26.84
C GLY C 59 -80.22 62.86 27.04
N GLY C 60 -79.17 63.08 26.24
CA GLY C 60 -77.97 62.29 26.36
C GLY C 60 -76.73 63.08 25.97
N ILE C 61 -75.59 62.51 26.33
CA ILE C 61 -74.29 63.08 26.05
C ILE C 61 -73.54 62.12 25.13
N GLU C 62 -72.98 62.66 24.05
CA GLU C 62 -72.23 61.85 23.10
C GLU C 62 -70.85 61.53 23.64
N ILE C 63 -70.45 60.27 23.55
CA ILE C 63 -69.12 59.86 24.00
C ILE C 63 -68.08 60.42 23.04
N PRO C 64 -66.98 61.00 23.54
CA PRO C 64 -65.96 61.53 22.63
C PRO C 64 -65.32 60.41 21.81
N GLU C 65 -64.84 60.79 20.62
CA GLU C 65 -64.33 59.80 19.68
C GLU C 65 -63.03 59.15 20.16
N HIS C 66 -62.21 59.88 20.91
CA HIS C 66 -60.95 59.36 21.41
C HIS C 66 -61.06 58.83 22.83
N PHE C 67 -62.28 58.75 23.37
CA PHE C 67 -62.49 58.28 24.72
C PHE C 67 -62.00 56.84 24.88
N VAL C 68 -61.24 56.58 25.95
CA VAL C 68 -60.82 55.24 26.29
C VAL C 68 -61.33 54.80 27.66
N ALA C 69 -61.38 55.71 28.63
CA ALA C 69 -61.87 55.40 29.95
C ALA C 69 -62.38 56.69 30.60
N LEU C 70 -63.39 56.55 31.45
CA LEU C 70 -64.07 57.69 32.06
C LEU C 70 -63.61 57.87 33.50
N ARG C 71 -63.30 59.13 33.86
CA ARG C 71 -62.92 59.46 35.22
C ARG C 71 -64.07 60.07 36.01
N SER C 72 -64.75 61.08 35.47
CA SER C 72 -65.85 61.69 36.20
C SER C 72 -66.73 62.49 35.25
N ILE C 73 -67.98 62.65 35.65
CA ILE C 73 -68.94 63.53 34.98
C ILE C 73 -69.55 64.43 36.04
N THR C 74 -69.50 65.74 35.82
CA THR C 74 -70.01 66.71 36.78
C THR C 74 -71.02 67.61 36.10
N GLY C 75 -72.18 67.77 36.72
CA GLY C 75 -73.15 68.72 36.22
C GLY C 75 -72.68 70.15 36.42
N ASP C 76 -73.20 71.04 35.57
CA ASP C 76 -72.88 72.45 35.73
C ASP C 76 -73.65 73.03 36.91
N SER C 77 -73.12 74.13 37.45
CA SER C 77 -73.77 74.78 38.59
C SER C 77 -75.17 75.27 38.25
N LEU C 78 -75.47 75.46 36.97
CA LEU C 78 -76.81 75.89 36.58
C LEU C 78 -77.84 74.79 36.81
N ILE C 79 -77.42 73.54 36.78
CA ILE C 79 -78.34 72.41 36.91
C ILE C 79 -78.05 71.59 38.18
N GLY C 80 -77.37 72.19 39.15
CA GLY C 80 -77.12 71.50 40.40
C GLY C 80 -75.65 71.39 40.76
N GLY C 81 -74.81 71.23 39.76
CA GLY C 81 -73.38 71.08 40.01
C GLY C 81 -73.03 69.84 40.81
N ARG C 82 -73.65 68.72 40.52
CA ARG C 82 -73.43 67.47 41.23
C ARG C 82 -72.54 66.55 40.42
N THR C 83 -71.91 65.61 41.12
CA THR C 83 -71.13 64.55 40.49
C THR C 83 -72.02 63.34 40.28
N LEU C 84 -72.20 62.94 39.03
CA LEU C 84 -73.18 61.92 38.70
C LEU C 84 -72.72 60.55 39.19
N GLN C 85 -73.69 59.65 39.36
CA GLN C 85 -73.46 58.29 39.81
C GLN C 85 -74.05 57.31 38.81
N TYR C 86 -73.42 56.14 38.71
CA TYR C 86 -73.82 55.15 37.72
C TYR C 86 -74.97 54.29 38.26
N ILE C 87 -75.96 54.06 37.40
CA ILE C 87 -77.07 53.17 37.71
C ILE C 87 -77.32 52.27 36.51
N THR C 88 -77.95 51.12 36.78
CA THR C 88 -78.24 50.17 35.72
C THR C 88 -79.51 50.58 34.98
N GLN C 89 -79.83 49.84 33.92
CA GLN C 89 -81.00 50.16 33.11
C GLN C 89 -82.30 49.98 33.90
N ASP C 90 -82.38 48.93 34.72
CA ASP C 90 -83.60 48.67 35.48
C ASP C 90 -83.87 49.79 36.46
N ILE C 91 -82.85 50.27 37.16
CA ILE C 91 -83.02 51.38 38.09
C ILE C 91 -83.48 52.63 37.35
N PHE C 92 -82.89 52.89 36.19
CA PHE C 92 -83.28 54.05 35.39
C PHE C 92 -84.75 53.96 35.00
N THR C 93 -85.18 52.80 34.53
CA THR C 93 -86.58 52.63 34.11
C THR C 93 -87.52 52.79 35.29
N HIS C 94 -87.17 52.20 36.44
CA HIS C 94 -88.03 52.33 37.61
C HIS C 94 -88.12 53.78 38.07
N TYR C 95 -87.00 54.50 38.07
CA TYR C 95 -87.02 55.90 38.48
C TYR C 95 -87.87 56.73 37.54
N VAL C 96 -87.77 56.47 36.23
CA VAL C 96 -88.59 57.21 35.27
C VAL C 96 -90.07 56.90 35.50
N ASN C 97 -90.41 55.63 35.70
CA ASN C 97 -91.81 55.25 35.83
C ASN C 97 -92.43 55.80 37.11
N TYR C 98 -91.70 55.74 38.22
CA TYR C 98 -92.24 56.13 39.51
C TYR C 98 -92.11 57.61 39.80
N ASN C 99 -91.48 58.38 38.90
CA ASN C 99 -91.29 59.82 39.08
C ASN C 99 -90.54 60.11 40.38
N TYR C 100 -89.30 59.64 40.44
CA TYR C 100 -88.50 59.78 41.65
C TYR C 100 -88.30 61.24 42.03
N GLN C 101 -87.97 62.08 41.06
CA GLN C 101 -87.88 63.53 41.24
C GLN C 101 -86.90 63.94 42.32
N PRO C 102 -85.60 63.76 42.11
CA PRO C 102 -84.63 64.34 43.06
C PRO C 102 -84.41 65.81 42.77
N GLN C 103 -83.46 66.44 43.46
CA GLN C 103 -83.27 67.89 43.30
C GLN C 103 -82.67 68.22 41.95
N GLY C 104 -81.46 67.73 41.68
CA GLY C 104 -80.81 68.02 40.42
C GLY C 104 -80.40 66.76 39.68
N VAL C 105 -79.59 66.92 38.63
CA VAL C 105 -79.10 65.76 37.89
C VAL C 105 -78.17 64.96 38.79
N THR C 106 -78.46 63.68 38.97
CA THR C 106 -77.74 62.89 39.96
C THR C 106 -77.18 61.60 39.39
N TYR C 107 -77.86 60.99 38.42
CA TYR C 107 -77.52 59.66 37.96
C TYR C 107 -77.33 59.65 36.46
N TYR C 108 -76.57 58.66 36.00
CA TYR C 108 -76.32 58.47 34.57
C TYR C 108 -76.16 56.99 34.28
N THR C 109 -76.41 56.63 33.04
CA THR C 109 -76.23 55.27 32.56
C THR C 109 -75.76 55.32 31.12
N ARG C 110 -75.37 54.17 30.58
CA ARG C 110 -74.86 54.08 29.22
C ARG C 110 -75.83 53.30 28.35
N LEU C 111 -76.23 53.92 27.24
CA LEU C 111 -77.09 53.26 26.25
C LEU C 111 -76.44 53.44 24.89
N GLY C 112 -76.07 52.33 24.26
CA GLY C 112 -75.41 52.37 22.98
C GLY C 112 -74.13 53.16 23.00
N ASN C 113 -74.14 54.33 22.38
CA ASN C 113 -72.99 55.22 22.34
C ASN C 113 -73.25 56.54 23.07
N PHE C 114 -74.19 56.55 24.01
CA PHE C 114 -74.58 57.78 24.69
C PHE C 114 -74.66 57.55 26.20
N TRP C 115 -74.49 58.64 26.94
CA TRP C 115 -74.71 58.66 28.37
C TRP C 115 -76.04 59.36 28.64
N ARG C 116 -76.97 58.65 29.25
CA ARG C 116 -78.29 59.19 29.56
C ARG C 116 -78.38 59.51 31.03
N VAL C 117 -78.78 60.75 31.34
CA VAL C 117 -78.97 61.21 32.72
C VAL C 117 -80.43 61.04 33.08
N PHE C 118 -80.71 60.74 34.36
CA PHE C 118 -82.09 60.43 34.74
C PHE C 118 -82.98 61.66 34.78
N PRO C 119 -82.68 62.70 35.57
CA PRO C 119 -83.58 63.86 35.59
C PRO C 119 -83.46 64.59 34.27
N VAL C 120 -84.19 64.10 33.27
CA VAL C 120 -84.02 64.54 31.89
C VAL C 120 -84.05 66.05 31.82
N VAL C 121 -83.04 66.62 31.18
CA VAL C 121 -82.85 68.06 31.12
C VAL C 121 -83.10 68.54 29.70
N PRO C 122 -83.48 69.79 29.50
CA PRO C 122 -83.63 70.31 28.13
C PRO C 122 -82.29 70.34 27.42
N ASP C 123 -82.36 70.28 26.08
CA ASP C 123 -81.15 70.26 25.28
C ASP C 123 -80.33 71.52 25.50
N GLY C 124 -79.01 71.35 25.52
CA GLY C 124 -78.10 72.44 25.78
C GLY C 124 -77.54 72.50 27.18
N ALA C 125 -77.88 71.54 28.03
CA ALA C 125 -77.34 71.54 29.39
C ALA C 125 -75.86 71.20 29.36
N PRO C 126 -75.01 72.01 29.99
CA PRO C 126 -73.57 71.73 29.96
C PRO C 126 -73.12 70.81 31.09
N PHE C 127 -72.15 69.96 30.75
CA PHE C 127 -71.53 69.05 31.71
C PHE C 127 -70.03 69.11 31.55
N ILE C 128 -69.31 68.82 32.62
CA ILE C 128 -67.86 68.75 32.60
C ILE C 128 -67.46 67.29 32.69
N VAL C 129 -66.80 66.80 31.65
CA VAL C 129 -66.41 65.39 31.56
C VAL C 129 -64.90 65.30 31.65
N ASN C 130 -64.41 64.47 32.57
CA ASN C 130 -63.00 64.20 32.74
C ASN C 130 -62.76 62.74 32.39
N TYR C 131 -61.86 62.50 31.43
CA TYR C 131 -61.71 61.16 30.87
C TYR C 131 -60.33 61.03 30.26
N TRP C 132 -59.95 59.78 29.98
CA TRP C 132 -58.68 59.47 29.35
C TRP C 132 -58.87 59.23 27.86
N THR C 133 -57.85 59.57 27.09
CA THR C 133 -57.86 59.43 25.64
C THR C 133 -56.77 58.45 25.20
N VAL C 134 -56.59 58.33 23.90
CA VAL C 134 -55.55 57.48 23.34
C VAL C 134 -54.29 58.29 23.16
N LEU C 135 -53.16 57.60 23.08
CA LEU C 135 -51.88 58.26 22.89
C LEU C 135 -51.79 58.88 21.50
N PRO C 136 -51.07 59.98 21.35
CA PRO C 136 -50.93 60.59 20.02
C PRO C 136 -50.14 59.71 19.08
N GLU C 137 -50.45 59.81 17.79
CA GLU C 137 -49.75 59.03 16.78
C GLU C 137 -48.31 59.50 16.65
N LEU C 138 -47.41 58.55 16.39
CA LEU C 138 -45.99 58.83 16.19
C LEU C 138 -45.62 58.39 14.78
N SER C 139 -45.24 59.35 13.94
CA SER C 139 -44.90 59.07 12.56
C SER C 139 -44.09 60.25 12.02
N LEU C 140 -43.87 60.26 10.70
CA LEU C 140 -43.15 61.38 10.09
C LEU C 140 -43.93 62.68 10.22
N ALA C 141 -45.26 62.62 10.07
CA ALA C 141 -46.07 63.82 10.19
C ALA C 141 -46.07 64.36 11.62
N ASN C 142 -45.99 63.48 12.61
CA ASN C 142 -46.01 63.85 14.02
C ASN C 142 -44.78 63.23 14.67
N PRO C 143 -43.61 63.85 14.54
CA PRO C 143 -42.37 63.21 14.97
C PRO C 143 -42.08 63.31 16.46
N THR C 144 -42.89 64.04 17.24
CA THR C 144 -42.63 64.20 18.67
C THR C 144 -43.91 64.02 19.45
N THR C 145 -43.86 63.19 20.49
CA THR C 145 -44.97 63.01 21.41
C THR C 145 -44.43 63.04 22.84
N TRP C 146 -45.34 63.30 23.79
CA TRP C 146 -44.94 63.32 25.19
C TRP C 146 -44.48 61.95 25.67
N ALA C 147 -45.07 60.88 25.13
CA ALA C 147 -44.69 59.53 25.55
C ALA C 147 -43.24 59.24 25.21
N LEU C 148 -42.78 59.62 24.02
CA LEU C 148 -41.39 59.41 23.66
C LEU C 148 -40.46 60.24 24.54
N THR C 149 -40.84 61.49 24.80
CA THR C 149 -40.00 62.37 25.62
C THR C 149 -39.88 61.88 27.07
N LYS C 150 -40.97 61.36 27.64
CA LYS C 150 -40.96 61.00 29.06
C LYS C 150 -40.07 59.78 29.32
N TYR C 151 -40.39 58.64 28.71
CA TYR C 151 -39.71 57.38 28.97
C TYR C 151 -39.36 56.71 27.64
N PRO C 152 -38.25 57.11 27.02
CA PRO C 152 -37.90 56.55 25.70
C PRO C 152 -37.64 55.06 25.72
N GLN C 153 -37.22 54.51 26.87
CA GLN C 153 -36.93 53.07 26.92
C GLN C 153 -38.15 52.24 26.55
N ILE C 154 -39.35 52.73 26.87
CA ILE C 154 -40.56 51.99 26.51
C ILE C 154 -40.64 51.78 25.02
N TYR C 155 -40.49 52.86 24.25
CA TYR C 155 -40.58 52.75 22.80
C TYR C 155 -39.42 51.95 22.23
N LEU C 156 -38.21 52.15 22.77
CA LEU C 156 -37.07 51.40 22.27
C LEU C 156 -37.26 49.90 22.45
N TYR C 157 -37.66 49.48 23.65
CA TYR C 157 -37.85 48.07 23.92
C TYR C 157 -39.01 47.50 23.12
N GLY C 158 -40.10 48.26 22.96
CA GLY C 158 -41.21 47.78 22.15
C GLY C 158 -40.82 47.58 20.71
N VAL C 159 -40.06 48.51 20.14
CA VAL C 159 -39.62 48.36 18.76
C VAL C 159 -38.68 47.17 18.63
N LEU C 160 -37.79 46.97 19.60
CA LEU C 160 -36.89 45.83 19.54
C LEU C 160 -37.66 44.52 19.59
N GLU C 161 -38.67 44.44 20.47
CA GLU C 161 -39.49 43.24 20.55
C GLU C 161 -40.23 42.99 19.24
N GLN C 162 -40.78 44.04 18.63
CA GLN C 162 -41.45 43.87 17.35
C GLN C 162 -40.47 43.39 16.28
N ILE C 163 -39.25 43.94 16.28
CA ILE C 163 -38.26 43.54 15.29
C ILE C 163 -37.93 42.05 15.43
N TYR C 164 -37.71 41.61 16.67
CA TYR C 164 -37.37 40.20 16.86
C TYR C 164 -38.55 39.28 16.63
N LEU C 165 -39.78 39.79 16.78
CA LEU C 165 -40.94 39.03 16.35
C LEU C 165 -40.96 38.88 14.83
N TYR C 166 -40.56 39.93 14.12
CA TYR C 166 -40.60 39.91 12.66
C TYR C 166 -39.62 38.88 12.10
N THR C 167 -38.44 38.77 12.68
CA THR C 167 -37.41 37.86 12.18
C THR C 167 -37.59 36.44 12.67
N MET C 168 -38.77 36.08 13.16
CA MET C 168 -39.10 34.71 13.56
C MET C 168 -38.13 34.19 14.62
N ASP C 169 -37.97 34.98 15.68
CA ASP C 169 -37.20 34.57 16.85
C ASP C 169 -38.12 34.55 18.06
N GLU C 170 -37.79 33.67 19.01
CA GLU C 170 -38.66 33.44 20.16
C GLU C 170 -38.06 33.94 21.47
N ALA C 171 -36.85 33.51 21.80
CA ALA C 171 -36.27 33.84 23.10
C ALA C 171 -36.06 35.35 23.24
N ARG C 172 -35.45 35.97 22.22
CA ARG C 172 -35.16 37.40 22.32
C ARG C 172 -36.44 38.23 22.32
N SER C 173 -37.47 37.79 21.60
CA SER C 173 -38.74 38.51 21.63
C SER C 173 -39.33 38.51 23.04
N GLN C 174 -39.30 37.37 23.72
CA GLN C 174 -39.82 37.31 25.08
C GLN C 174 -38.96 38.14 26.03
N PHE C 175 -37.64 38.11 25.84
CA PHE C 175 -36.76 38.92 26.68
C PHE C 175 -37.11 40.41 26.57
N TRP C 176 -37.21 40.91 25.34
CA TRP C 176 -37.52 42.32 25.16
C TRP C 176 -38.95 42.65 25.60
N GLY C 177 -39.88 41.71 25.42
CA GLY C 177 -41.23 41.95 25.90
C GLY C 177 -41.30 42.07 27.41
N GLN C 178 -40.54 41.23 28.11
CA GLN C 178 -40.48 41.34 29.57
C GLN C 178 -39.88 42.67 29.97
N LYS C 179 -38.82 43.12 29.28
CA LYS C 179 -38.24 44.41 29.59
C LYS C 179 -39.26 45.54 29.40
N LEU C 180 -39.99 45.50 28.29
CA LEU C 180 -40.98 46.53 28.02
C LEU C 180 -42.08 46.53 29.06
N GLU C 181 -42.55 45.34 29.45
CA GLU C 181 -43.60 45.26 30.46
C GLU C 181 -43.12 45.81 31.80
N ARG C 182 -41.87 45.52 32.16
CA ARG C 182 -41.33 46.05 33.40
C ARG C 182 -41.27 47.58 33.36
N ALA C 183 -40.82 48.14 32.23
CA ALA C 183 -40.75 49.60 32.13
C ALA C 183 -42.14 50.23 32.23
N VAL C 184 -43.13 49.64 31.55
CA VAL C 184 -44.49 50.18 31.58
C VAL C 184 -45.04 50.11 33.00
N MET C 185 -44.82 48.98 33.68
CA MET C 185 -45.31 48.85 35.05
C MET C 185 -44.66 49.88 35.97
N GLU C 186 -43.35 50.11 35.80
CA GLU C 186 -42.68 51.11 36.63
C GLU C 186 -43.28 52.49 36.41
N LEU C 187 -43.49 52.86 35.14
CA LEU C 187 -44.07 54.18 34.86
C LEU C 187 -45.47 54.31 35.45
N GLN C 188 -46.30 53.28 35.28
CA GLN C 188 -47.66 53.35 35.79
C GLN C 188 -47.68 53.45 37.31
N ASN C 189 -46.83 52.68 37.99
CA ASN C 189 -46.77 52.75 39.45
C ASN C 189 -46.30 54.11 39.92
N GLU C 190 -45.29 54.68 39.25
CA GLU C 190 -44.81 56.00 39.64
C GLU C 190 -45.89 57.05 39.47
N GLU C 191 -46.66 56.97 38.38
CA GLU C 191 -47.75 57.92 38.20
C GLU C 191 -48.84 57.70 39.24
N ASN C 192 -49.14 56.45 39.58
CA ASN C 192 -50.20 56.17 40.54
C ASN C 192 -49.86 56.69 41.92
N ALA C 193 -48.62 56.52 42.35
CA ALA C 193 -48.23 56.86 43.72
C ALA C 193 -47.81 58.31 43.88
N ALA C 194 -48.08 59.17 42.91
CA ALA C 194 -47.59 60.54 42.94
C ALA C 194 -48.57 61.53 43.54
N ASP C 195 -49.75 61.08 43.96
CA ASP C 195 -50.80 62.00 44.41
C ASP C 195 -50.89 62.09 45.92
N PHE C 196 -51.08 60.96 46.60
CA PHE C 196 -51.28 61.00 48.04
C PHE C 196 -50.56 59.86 48.76
N ALA C 197 -49.54 59.26 48.15
CA ALA C 197 -48.85 58.15 48.80
C ALA C 197 -48.00 58.60 49.99
N SER C 198 -47.75 59.90 50.14
CA SER C 198 -46.93 60.41 51.23
C SER C 198 -47.69 61.40 52.10
N THR C 199 -49.01 61.36 52.10
CA THR C 199 -49.84 62.24 52.90
C THR C 199 -50.74 61.41 53.81
N ARG C 200 -51.68 62.08 54.48
CA ARG C 200 -52.56 61.44 55.44
C ARG C 200 -53.99 61.40 54.91
N LEU C 201 -54.70 60.33 55.27
CA LEU C 201 -56.08 60.12 54.85
C LEU C 201 -56.98 59.97 56.07
N ALA C 202 -58.23 60.38 55.95
CA ALA C 202 -59.09 60.53 57.11
C ALA C 202 -60.45 59.85 56.98
N ILE C 203 -60.98 59.69 55.77
CA ILE C 203 -62.33 59.17 55.51
C ILE C 203 -63.37 60.20 55.90
N LYS C 204 -64.11 60.70 54.91
CA LYS C 204 -65.15 61.69 55.13
C LYS C 204 -66.51 61.12 54.75
N ASP C 205 -67.56 61.81 55.20
CA ASP C 205 -68.93 61.36 54.99
C ASP C 205 -69.67 62.33 54.08
N ILE C 206 -70.42 61.77 53.13
CA ILE C 206 -71.25 62.53 52.22
C ILE C 206 -72.67 61.94 52.26
N GLU C 207 -73.54 62.47 51.42
CA GLU C 207 -74.95 62.07 51.41
C GLU C 207 -75.47 61.66 50.03
N ARG C 208 -74.81 62.06 48.95
CA ARG C 208 -75.26 61.75 47.59
C ARG C 208 -76.68 62.25 47.33
N ALA D 2 -14.89 62.02 44.79
CA ALA D 2 -13.94 60.92 44.88
C ALA D 2 -14.29 59.82 43.90
N THR D 3 -13.38 58.86 43.74
CA THR D 3 -13.55 57.75 42.81
C THR D 3 -13.77 58.27 41.40
N ILE D 4 -15.03 58.38 40.99
CA ILE D 4 -15.40 58.95 39.70
C ILE D 4 -15.92 60.35 39.93
N ASN D 5 -15.36 61.33 39.21
CA ASN D 5 -15.66 62.73 39.46
C ASN D 5 -16.54 63.38 38.40
N ASN D 6 -16.46 62.96 37.15
CA ASN D 6 -17.25 63.58 36.09
C ASN D 6 -17.58 62.52 35.03
N VAL D 7 -18.27 62.97 33.98
CA VAL D 7 -18.79 62.04 32.98
C VAL D 7 -17.65 61.40 32.19
N THR D 8 -16.57 62.14 31.94
CA THR D 8 -15.46 61.60 31.17
C THR D 8 -14.81 60.42 31.89
N ASP D 9 -14.63 60.53 33.20
CA ASP D 9 -14.10 59.41 33.97
C ASP D 9 -15.02 58.21 33.92
N LEU D 10 -16.33 58.45 33.98
CA LEU D 10 -17.28 57.34 33.86
C LEU D 10 -17.17 56.66 32.51
N ALA D 11 -17.04 57.43 31.44
CA ALA D 11 -16.90 56.84 30.11
C ALA D 11 -15.62 56.03 30.00
N ILE D 12 -14.52 56.57 30.53
CA ILE D 12 -13.25 55.85 30.48
C ILE D 12 -13.34 54.55 31.27
N ALA D 13 -13.95 54.61 32.45
CA ALA D 13 -14.09 53.40 33.27
C ALA D 13 -14.95 52.36 32.56
N ALA D 14 -16.04 52.79 31.92
CA ALA D 14 -16.87 51.86 31.18
C ALA D 14 -16.10 51.21 30.04
N ILE D 15 -15.32 52.02 29.30
CA ILE D 15 -14.53 51.47 28.20
C ILE D 15 -13.53 50.45 28.73
N GLN D 16 -12.85 50.77 29.83
CA GLN D 16 -11.84 49.86 30.38
C GLN D 16 -12.46 48.58 30.89
N TRP D 17 -13.59 48.68 31.61
CA TRP D 17 -14.18 47.49 32.20
C TRP D 17 -14.82 46.59 31.16
N SER D 18 -15.57 47.17 30.22
CA SER D 18 -16.24 46.35 29.22
C SER D 18 -15.26 45.81 28.19
N ASP D 19 -14.14 46.49 27.98
CA ASP D 19 -13.13 46.14 26.98
C ASP D 19 -13.84 46.07 25.61
N ARG D 20 -14.25 47.25 25.17
CA ARG D 20 -14.91 47.42 23.88
C ARG D 20 -14.44 48.75 23.30
N GLN D 21 -13.63 48.70 22.25
CA GLN D 21 -13.07 49.89 21.65
C GLN D 21 -13.94 50.46 20.53
N ASP D 22 -15.08 49.84 20.24
CA ASP D 22 -15.95 50.29 19.17
C ASP D 22 -17.07 51.19 19.65
N LEU D 23 -17.07 51.55 20.93
CA LEU D 23 -18.15 52.37 21.49
C LEU D 23 -17.87 53.85 21.23
N THR D 24 -18.80 54.52 20.55
CA THR D 24 -18.68 55.93 20.25
C THR D 24 -19.25 56.76 21.39
N GLN D 25 -19.11 58.09 21.28
CA GLN D 25 -19.62 58.98 22.31
C GLN D 25 -21.13 58.95 22.39
N GLU D 26 -21.80 58.86 21.24
CA GLU D 26 -23.26 58.90 21.22
C GLU D 26 -23.86 57.71 21.94
N LEU D 27 -23.29 56.52 21.74
CA LEU D 27 -23.80 55.34 22.42
C LEU D 27 -23.61 55.44 23.93
N LEU D 28 -22.47 55.96 24.36
CA LEU D 28 -22.24 56.14 25.80
C LEU D 28 -23.23 57.15 26.39
N MET D 29 -23.49 58.24 25.67
CA MET D 29 -24.46 59.21 26.14
C MET D 29 -25.84 58.59 26.23
N LEU D 30 -26.21 57.76 25.25
CA LEU D 30 -27.50 57.09 25.29
C LEU D 30 -27.59 56.15 26.49
N PHE D 31 -26.53 55.41 26.77
CA PHE D 31 -26.54 54.50 27.92
C PHE D 31 -26.69 55.27 29.23
N ILE D 32 -25.95 56.37 29.37
CA ILE D 32 -26.02 57.16 30.59
C ILE D 32 -27.43 57.76 30.74
N GLY D 33 -28.00 58.26 29.65
CA GLY D 33 -29.34 58.80 29.72
C GLY D 33 -30.36 57.74 30.10
N ASN D 34 -30.22 56.54 29.55
CA ASN D 34 -31.14 55.46 29.91
C ASN D 34 -31.04 55.14 31.39
N THR D 35 -29.82 55.07 31.92
CA THR D 35 -29.65 54.83 33.35
C THR D 35 -30.30 55.94 34.18
N THR D 36 -30.14 57.19 33.76
CA THR D 36 -30.74 58.30 34.49
C THR D 36 -32.26 58.22 34.47
N ASP D 37 -32.85 57.92 33.32
CA ASP D 37 -34.30 57.80 33.26
C ASP D 37 -34.80 56.65 34.12
N ARG D 38 -34.07 55.53 34.13
CA ARG D 38 -34.47 54.43 35.00
C ARG D 38 -34.40 54.84 36.47
N LEU D 39 -33.35 55.58 36.85
CA LEU D 39 -33.22 56.04 38.22
C LEU D 39 -34.32 57.03 38.60
N ASN D 40 -34.83 57.78 37.62
CA ASN D 40 -35.81 58.82 37.92
C ASN D 40 -37.07 58.26 38.57
N ARG D 41 -37.41 57.01 38.31
CA ARG D 41 -38.64 56.41 38.82
C ARG D 41 -38.44 55.65 40.12
N LEU D 42 -37.24 55.68 40.69
CA LEU D 42 -36.96 54.85 41.86
C LEU D 42 -36.48 55.63 43.07
N LEU D 43 -35.68 56.68 42.87
CA LEU D 43 -35.02 57.35 43.98
C LEU D 43 -35.88 58.50 44.52
N ARG D 44 -36.04 58.52 45.84
CA ARG D 44 -36.71 59.63 46.55
C ARG D 44 -35.85 59.91 47.79
N VAL D 45 -34.91 60.83 47.66
CA VAL D 45 -33.90 61.08 48.68
C VAL D 45 -33.88 62.57 49.00
N ARG D 46 -32.98 62.95 49.91
CA ARG D 46 -32.88 64.34 50.34
C ARG D 46 -32.45 65.25 49.21
N GLU D 47 -31.47 64.83 48.41
CA GLU D 47 -30.99 65.65 47.31
C GLU D 47 -32.02 65.83 46.21
N ASN D 48 -33.06 65.00 46.19
CA ASN D 48 -34.12 65.06 45.20
C ASN D 48 -35.30 65.90 45.65
N GLU D 49 -35.21 66.54 46.81
CA GLU D 49 -36.34 67.21 47.45
C GLU D 49 -36.21 68.72 47.30
N HIS D 50 -37.30 69.36 46.88
CA HIS D 50 -37.36 70.80 46.74
C HIS D 50 -38.63 71.31 47.40
N PHE D 51 -38.51 72.41 48.14
CA PHE D 51 -39.68 73.10 48.69
C PHE D 51 -39.64 74.54 48.24
N GLU D 52 -40.78 75.04 47.78
CA GLU D 52 -40.83 76.38 47.20
C GLU D 52 -42.24 76.94 47.34
N THR D 53 -42.34 78.25 47.14
CA THR D 53 -43.61 78.96 47.27
C THR D 53 -44.26 79.14 45.91
N LEU D 54 -45.57 78.91 45.86
CA LEU D 54 -46.34 78.98 44.64
C LEU D 54 -47.58 79.84 44.85
N MET D 55 -48.05 80.46 43.77
CA MET D 55 -49.23 81.31 43.79
C MET D 55 -50.44 80.53 43.30
N ALA D 56 -51.58 80.72 43.96
CA ALA D 56 -52.83 80.10 43.55
C ALA D 56 -53.55 81.02 42.58
N PHE D 57 -53.73 80.56 41.35
CA PHE D 57 -54.40 81.32 40.31
C PHE D 57 -55.64 80.58 39.85
N GLY D 58 -56.76 81.28 39.82
CA GLY D 58 -58.01 80.67 39.41
C GLY D 58 -58.45 79.54 40.31
N GLY D 59 -58.20 79.67 41.61
CA GLY D 59 -58.56 78.62 42.54
C GLY D 59 -57.77 77.35 42.39
N GLY D 60 -56.57 77.42 41.82
CA GLY D 60 -55.77 76.24 41.60
C GLY D 60 -54.29 76.53 41.64
N ILE D 61 -53.52 75.48 41.87
CA ILE D 61 -52.07 75.52 41.93
C ILE D 61 -51.53 74.69 40.77
N GLU D 62 -50.60 75.27 40.01
CA GLU D 62 -50.04 74.59 38.86
C GLU D 62 -48.93 73.64 39.27
N ILE D 63 -49.01 72.40 38.81
CA ILE D 63 -48.00 71.40 39.14
C ILE D 63 -46.68 71.77 38.45
N PRO D 64 -45.55 71.72 39.16
CA PRO D 64 -44.27 72.05 38.51
C PRO D 64 -43.93 71.05 37.42
N GLU D 65 -43.14 71.52 36.45
CA GLU D 65 -42.82 70.69 35.29
C GLU D 65 -41.91 69.51 35.64
N HIS D 66 -41.04 69.67 36.64
CA HIS D 66 -40.13 68.61 37.04
C HIS D 66 -40.68 67.77 38.17
N PHE D 67 -41.92 68.00 38.57
CA PHE D 67 -42.54 67.27 39.67
C PHE D 67 -42.60 65.78 39.36
N VAL D 68 -42.20 64.95 40.32
CA VAL D 68 -42.32 63.51 40.22
C VAL D 68 -43.20 62.94 41.32
N ALA D 69 -43.11 63.47 42.54
CA ALA D 69 -43.93 63.00 43.64
C ALA D 69 -44.08 64.13 44.65
N LEU D 70 -45.22 64.15 45.32
CA LEU D 70 -45.57 65.23 46.24
C LEU D 70 -45.35 64.78 47.67
N ARG D 71 -44.72 65.65 48.47
CA ARG D 71 -44.51 65.37 49.89
C ARG D 71 -45.50 66.09 50.79
N SER D 72 -45.68 67.39 50.60
CA SER D 72 -46.64 68.12 51.43
C SER D 72 -46.99 69.44 50.78
N ILE D 73 -48.18 69.95 51.13
CA ILE D 73 -48.63 71.28 50.77
C ILE D 73 -49.08 71.98 52.04
N THR D 74 -48.58 73.19 52.27
CA THR D 74 -48.88 73.94 53.47
C THR D 74 -49.34 75.34 53.10
N GLY D 75 -50.50 75.75 53.61
CA GLY D 75 -50.95 77.10 53.39
C GLY D 75 -50.10 78.10 54.13
N ASP D 76 -50.07 79.33 53.62
CA ASP D 76 -49.36 80.39 54.31
C ASP D 76 -50.13 80.78 55.56
N SER D 77 -49.41 81.33 56.54
CA SER D 77 -50.04 81.73 57.80
C SER D 77 -51.12 82.78 57.59
N LEU D 78 -51.06 83.54 56.49
CA LEU D 78 -52.09 84.54 56.22
C LEU D 78 -53.43 83.90 55.88
N ILE D 79 -53.44 82.66 55.42
CA ILE D 79 -54.67 81.99 55.04
C ILE D 79 -54.94 80.76 55.90
N GLY D 80 -54.32 80.70 57.08
CA GLY D 80 -54.56 79.60 57.99
C GLY D 80 -53.30 78.87 58.43
N GLY D 81 -52.35 78.73 57.50
CA GLY D 81 -51.11 78.03 57.83
C GLY D 81 -51.31 76.57 58.19
N ARG D 82 -52.16 75.87 57.45
CA ARG D 82 -52.48 74.48 57.73
C ARG D 82 -51.89 73.56 56.66
N THR D 83 -51.75 72.29 57.02
CA THR D 83 -51.29 71.27 56.09
C THR D 83 -52.50 70.66 55.41
N LEU D 84 -52.53 70.71 54.08
CA LEU D 84 -53.70 70.31 53.33
C LEU D 84 -53.85 68.78 53.34
N GLN D 85 -55.09 68.35 53.13
CA GLN D 85 -55.42 66.92 53.09
C GLN D 85 -56.13 66.61 51.79
N TYR D 86 -55.90 65.39 51.29
CA TYR D 86 -56.44 64.99 50.00
C TYR D 86 -57.89 64.50 50.16
N ILE D 87 -58.75 64.92 49.22
CA ILE D 87 -60.13 64.46 49.15
C ILE D 87 -60.45 64.12 47.70
N THR D 88 -61.45 63.28 47.53
CA THR D 88 -61.87 62.86 46.20
C THR D 88 -62.73 63.95 45.55
N GLN D 89 -63.12 63.71 44.29
CA GLN D 89 -63.92 64.69 43.58
C GLN D 89 -65.32 64.79 44.15
N ASP D 90 -65.92 63.66 44.54
CA ASP D 90 -67.28 63.69 45.09
C ASP D 90 -67.35 64.47 46.38
N ILE D 91 -66.36 64.28 47.27
CA ILE D 91 -66.34 65.02 48.53
C ILE D 91 -66.18 66.51 48.26
N PHE D 92 -65.30 66.86 47.32
CA PHE D 92 -65.11 68.27 46.96
C PHE D 92 -66.42 68.88 46.46
N THR D 93 -67.10 68.19 45.55
CA THR D 93 -68.35 68.71 45.00
C THR D 93 -69.41 68.86 46.09
N HIS D 94 -69.52 67.86 46.97
CA HIS D 94 -70.50 67.95 48.04
C HIS D 94 -70.19 69.11 48.98
N TYR D 95 -68.92 69.29 49.33
CA TYR D 95 -68.54 70.39 50.21
C TYR D 95 -68.86 71.74 49.57
N VAL D 96 -68.61 71.86 48.26
CA VAL D 96 -68.94 73.11 47.57
C VAL D 96 -70.44 73.34 47.58
N ASN D 97 -71.22 72.29 47.30
CA ASN D 97 -72.66 72.45 47.19
C ASN D 97 -73.30 72.79 48.53
N TYR D 98 -72.84 72.16 49.61
CA TYR D 98 -73.47 72.32 50.90
C TYR D 98 -72.88 73.45 51.73
N ASN D 99 -71.88 74.16 51.21
CA ASN D 99 -71.25 75.29 51.90
C ASN D 99 -70.70 74.85 53.26
N TYR D 100 -69.71 73.96 53.21
CA TYR D 100 -69.17 73.38 54.43
C TYR D 100 -68.55 74.45 55.33
N GLN D 101 -67.80 75.39 54.75
CA GLN D 101 -67.26 76.55 55.44
C GLN D 101 -66.41 76.18 56.64
N PRO D 102 -65.21 75.61 56.43
CA PRO D 102 -64.30 75.39 57.56
C PRO D 102 -63.54 76.66 57.90
N GLN D 103 -62.58 76.57 58.82
CA GLN D 103 -61.87 77.76 59.28
C GLN D 103 -60.99 78.33 58.17
N GLY D 104 -60.01 77.56 57.72
CA GLY D 104 -59.12 78.02 56.67
C GLY D 104 -59.00 77.02 55.54
N VAL D 105 -58.00 77.18 54.69
CA VAL D 105 -57.78 76.23 53.60
C VAL D 105 -57.34 74.91 54.20
N THR D 106 -58.09 73.86 53.88
CA THR D 106 -57.86 72.58 54.56
C THR D 106 -57.67 71.41 53.61
N TYR D 107 -58.36 71.39 52.48
CA TYR D 107 -58.39 70.22 51.61
C TYR D 107 -57.93 70.57 50.21
N TYR D 108 -57.46 69.55 49.50
CA TYR D 108 -57.01 69.72 48.12
C TYR D 108 -57.34 68.46 47.33
N THR D 109 -57.46 68.63 46.02
CA THR D 109 -57.72 67.53 45.11
C THR D 109 -57.02 67.82 43.79
N ARG D 110 -56.89 66.79 42.96
CA ARG D 110 -56.19 66.91 41.69
C ARG D 110 -57.19 66.88 40.54
N LEU D 111 -57.11 67.88 39.68
CA LEU D 111 -57.93 67.94 38.47
C LEU D 111 -57.04 68.34 37.31
N GLY D 112 -56.93 67.47 36.31
CA GLY D 112 -56.06 67.75 35.19
C GLY D 112 -54.63 67.89 35.67
N ASN D 113 -54.02 69.03 35.37
CA ASN D 113 -52.68 69.35 35.82
C ASN D 113 -52.68 70.41 36.92
N PHE D 114 -53.73 70.45 37.73
CA PHE D 114 -53.87 71.46 38.76
C PHE D 114 -54.32 70.84 40.07
N TRP D 115 -54.00 71.53 41.16
CA TRP D 115 -54.47 71.19 42.49
C TRP D 115 -55.50 72.23 42.90
N ARG D 116 -56.72 71.78 43.18
CA ARG D 116 -57.81 72.65 43.59
C ARG D 116 -58.02 72.55 45.09
N VAL D 117 -58.10 73.69 45.76
CA VAL D 117 -58.34 73.76 47.19
C VAL D 117 -59.80 74.09 47.43
N PHE D 118 -60.39 73.47 48.47
CA PHE D 118 -61.83 73.62 48.66
C PHE D 118 -62.23 75.02 49.13
N PRO D 119 -61.70 75.54 50.24
CA PRO D 119 -62.09 76.90 50.62
C PRO D 119 -61.49 77.89 49.65
N VAL D 120 -62.17 78.06 48.51
CA VAL D 120 -61.63 78.77 47.36
C VAL D 120 -61.05 80.11 47.80
N VAL D 121 -59.82 80.37 47.37
CA VAL D 121 -59.09 81.57 47.78
C VAL D 121 -58.96 82.50 46.59
N PRO D 122 -58.83 83.81 46.81
CA PRO D 122 -58.61 84.72 45.68
C PRO D 122 -57.24 84.49 45.05
N ASP D 123 -57.12 84.97 43.82
CA ASP D 123 -55.87 84.81 43.08
C ASP D 123 -54.72 85.47 43.81
N GLY D 124 -53.59 84.79 43.86
CA GLY D 124 -52.40 85.28 44.54
C GLY D 124 -52.16 84.71 45.91
N ALA D 125 -52.95 83.76 46.36
CA ALA D 125 -52.73 83.14 47.66
C ALA D 125 -51.45 82.32 47.64
N PRO D 126 -50.54 82.51 48.59
CA PRO D 126 -49.29 81.77 48.58
C PRO D 126 -49.37 80.45 49.33
N PHE D 127 -48.74 79.43 48.76
CA PHE D 127 -48.64 78.11 49.37
C PHE D 127 -47.18 77.66 49.34
N ILE D 128 -46.83 76.77 50.24
CA ILE D 128 -45.50 76.18 50.30
C ILE D 128 -45.64 74.71 49.92
N VAL D 129 -45.03 74.33 48.80
CA VAL D 129 -45.12 72.97 48.28
C VAL D 129 -43.75 72.32 48.41
N ASN D 130 -43.73 71.14 49.04
CA ASN D 130 -42.52 70.34 49.19
C ASN D 130 -42.74 69.05 48.41
N TYR D 131 -41.82 68.77 47.48
CA TYR D 131 -42.04 67.71 46.51
C TYR D 131 -40.70 67.21 45.98
N TRP D 132 -40.75 66.06 45.33
CA TRP D 132 -39.56 65.48 44.71
C TRP D 132 -39.53 65.79 43.23
N THR D 133 -38.31 65.94 42.71
CA THR D 133 -38.08 66.28 41.31
C THR D 133 -37.30 65.17 40.64
N VAL D 134 -36.94 65.39 39.38
CA VAL D 134 -36.17 64.42 38.61
C VAL D 134 -34.68 64.72 38.77
N LEU D 135 -33.86 63.69 38.54
CA LEU D 135 -32.43 63.84 38.68
C LEU D 135 -31.87 64.74 37.59
N PRO D 136 -30.81 65.49 37.87
CA PRO D 136 -30.20 66.32 36.84
C PRO D 136 -29.65 65.47 35.71
N GLU D 137 -29.76 65.97 34.48
CA GLU D 137 -29.31 65.24 33.32
C GLU D 137 -27.79 65.31 33.22
N LEU D 138 -27.16 64.14 33.10
CA LEU D 138 -25.71 64.04 33.01
C LEU D 138 -25.29 63.91 31.56
N SER D 139 -24.44 64.82 31.09
CA SER D 139 -24.00 64.82 29.71
C SER D 139 -22.72 65.65 29.63
N LEU D 140 -22.28 65.92 28.41
CA LEU D 140 -21.09 66.74 28.21
C LEU D 140 -21.32 68.17 28.70
N ALA D 141 -22.51 68.71 28.48
CA ALA D 141 -22.81 70.06 28.93
C ALA D 141 -22.89 70.15 30.45
N ASN D 142 -23.26 69.07 31.11
CA ASN D 142 -23.39 69.02 32.57
C ASN D 142 -22.57 67.84 33.07
N PRO D 143 -21.26 68.03 33.24
CA PRO D 143 -20.38 66.89 33.53
C PRO D 143 -20.44 66.37 34.95
N THR D 144 -21.04 67.10 35.89
CA THR D 144 -21.04 66.68 37.29
C THR D 144 -22.45 66.80 37.87
N THR D 145 -22.85 65.76 38.61
CA THR D 145 -24.13 65.76 39.32
C THR D 145 -23.91 65.14 40.69
N TRP D 146 -24.85 65.40 41.60
CA TRP D 146 -24.75 64.85 42.95
C TRP D 146 -24.89 63.33 42.94
N ALA D 147 -25.66 62.78 42.01
CA ALA D 147 -25.84 61.34 41.96
C ALA D 147 -24.53 60.62 41.67
N LEU D 148 -23.74 61.15 40.75
CA LEU D 148 -22.44 60.54 40.46
C LEU D 148 -21.50 60.63 41.66
N THR D 149 -21.50 61.76 42.36
CA THR D 149 -20.59 61.94 43.47
C THR D 149 -20.97 61.07 44.66
N LYS D 150 -22.26 60.91 44.91
CA LYS D 150 -22.68 60.19 46.11
C LYS D 150 -22.37 58.69 46.03
N TYR D 151 -22.58 58.08 44.86
CA TYR D 151 -22.44 56.64 44.74
C TYR D 151 -22.14 56.27 43.29
N PRO D 152 -20.87 56.33 42.87
CA PRO D 152 -20.55 56.09 41.45
C PRO D 152 -20.85 54.68 40.98
N GLN D 153 -20.90 53.71 41.88
CA GLN D 153 -21.14 52.33 41.46
C GLN D 153 -22.47 52.19 40.75
N ILE D 154 -23.47 52.99 41.13
CA ILE D 154 -24.77 52.92 40.48
C ILE D 154 -24.63 53.20 38.99
N TYR D 155 -23.98 54.32 38.66
CA TYR D 155 -23.83 54.69 37.26
C TYR D 155 -22.93 53.72 36.52
N LEU D 156 -21.85 53.26 37.16
CA LEU D 156 -20.95 52.32 36.50
C LEU D 156 -21.68 51.04 36.15
N TYR D 157 -22.42 50.47 37.10
CA TYR D 157 -23.12 49.22 36.85
C TYR D 157 -24.24 49.40 35.83
N GLY D 158 -24.96 50.53 35.89
CA GLY D 158 -26.00 50.77 34.90
C GLY D 158 -25.44 50.88 33.49
N VAL D 159 -24.32 51.58 33.35
CA VAL D 159 -23.72 51.72 32.02
C VAL D 159 -23.22 50.36 31.53
N LEU D 160 -22.64 49.55 32.42
CA LEU D 160 -22.18 48.23 32.00
C LEU D 160 -23.36 47.36 31.56
N GLU D 161 -24.46 47.41 32.29
CA GLU D 161 -25.64 46.64 31.91
C GLU D 161 -26.18 47.09 30.56
N GLN D 162 -26.22 48.41 30.32
CA GLN D 162 -26.66 48.89 29.02
C GLN D 162 -25.72 48.41 27.91
N ILE D 163 -24.42 48.44 28.17
CA ILE D 163 -23.45 48.02 27.16
C ILE D 163 -23.67 46.56 26.79
N TYR D 164 -23.83 45.71 27.80
CA TYR D 164 -24.02 44.29 27.52
C TYR D 164 -25.38 44.00 26.91
N LEU D 165 -26.38 44.85 27.18
CA LEU D 165 -27.63 44.74 26.44
C LEU D 165 -27.43 45.07 24.97
N TYR D 166 -26.59 46.08 24.69
CA TYR D 166 -26.38 46.51 23.31
C TYR D 166 -25.67 45.44 22.49
N THR D 167 -24.74 44.71 23.09
CA THR D 167 -23.96 43.70 22.37
C THR D 167 -24.65 42.35 22.32
N MET D 168 -25.96 42.30 22.59
CA MET D 168 -26.76 41.08 22.46
C MET D 168 -26.21 39.96 23.35
N ASP D 169 -26.09 40.26 24.63
CA ASP D 169 -25.72 39.28 25.64
C ASP D 169 -26.75 39.29 26.74
N GLU D 170 -27.01 38.11 27.31
CA GLU D 170 -28.06 37.94 28.31
C GLU D 170 -27.53 37.76 29.72
N ALA D 171 -26.66 36.78 29.94
CA ALA D 171 -26.24 36.45 31.31
C ALA D 171 -25.54 37.63 31.97
N ARG D 172 -24.61 38.26 31.26
CA ARG D 172 -23.90 39.39 31.84
C ARG D 172 -24.82 40.57 32.07
N SER D 173 -25.81 40.77 31.18
CA SER D 173 -26.77 41.84 31.37
C SER D 173 -27.57 41.64 32.66
N GLN D 174 -28.04 40.42 32.90
CA GLN D 174 -28.78 40.15 34.12
C GLN D 174 -27.88 40.31 35.34
N PHE D 175 -26.63 39.86 35.24
CA PHE D 175 -25.69 40.02 36.34
C PHE D 175 -25.53 41.49 36.74
N TRP D 176 -25.24 42.34 35.75
CA TRP D 176 -25.04 43.75 36.04
C TRP D 176 -26.33 44.43 36.48
N GLY D 177 -27.48 44.00 35.94
CA GLY D 177 -28.74 44.54 36.40
C GLY D 177 -29.00 44.24 37.86
N GLN D 178 -28.69 43.01 38.28
CA GLN D 178 -28.84 42.67 39.69
C GLN D 178 -27.91 43.49 40.56
N LYS D 179 -26.66 43.70 40.12
CA LYS D 179 -25.75 44.53 40.89
C LYS D 179 -26.29 45.95 41.03
N LEU D 180 -26.78 46.53 39.93
CA LEU D 180 -27.32 47.89 39.98
C LEU D 180 -28.53 47.97 40.90
N GLU D 181 -29.42 46.98 40.83
CA GLU D 181 -30.59 46.98 41.70
C GLU D 181 -30.20 46.90 43.16
N ARG D 182 -29.21 46.06 43.48
CA ARG D 182 -28.75 45.97 44.86
C ARG D 182 -28.18 47.30 45.34
N ALA D 183 -27.38 47.96 44.51
CA ALA D 183 -26.81 49.25 44.91
C ALA D 183 -27.92 50.29 45.14
N VAL D 184 -28.90 50.34 44.25
CA VAL D 184 -29.99 51.30 44.40
C VAL D 184 -30.77 51.02 45.68
N MET D 185 -31.05 49.74 45.95
CA MET D 185 -31.78 49.39 47.16
C MET D 185 -31.01 49.78 48.41
N GLU D 186 -29.69 49.57 48.40
CA GLU D 186 -28.87 49.95 49.56
C GLU D 186 -28.95 51.45 49.79
N LEU D 187 -28.79 52.24 48.74
CA LEU D 187 -28.83 53.70 48.91
C LEU D 187 -30.20 54.15 49.41
N GLN D 188 -31.27 53.62 48.82
CA GLN D 188 -32.61 54.03 49.23
C GLN D 188 -32.88 53.65 50.68
N ASN D 189 -32.46 52.45 51.10
CA ASN D 189 -32.69 52.02 52.47
C ASN D 189 -31.91 52.90 53.45
N GLU D 190 -30.67 53.23 53.11
CA GLU D 190 -29.89 54.11 53.99
C GLU D 190 -30.57 55.47 54.13
N GLU D 191 -31.03 56.03 53.02
CA GLU D 191 -31.70 57.33 53.10
C GLU D 191 -32.99 57.25 53.89
N ASN D 192 -33.74 56.15 53.74
CA ASN D 192 -34.97 55.98 54.49
C ASN D 192 -34.70 55.90 55.99
N ALA D 193 -33.68 55.14 56.38
CA ALA D 193 -33.39 54.93 57.80
C ALA D 193 -32.58 56.05 58.42
N ALA D 194 -32.11 57.02 57.63
CA ALA D 194 -31.26 58.07 58.17
C ALA D 194 -31.96 58.97 59.17
N ASP D 195 -33.30 59.05 59.12
CA ASP D 195 -34.02 60.09 59.85
C ASP D 195 -34.26 59.73 61.31
N PHE D 196 -35.01 58.67 61.58
CA PHE D 196 -35.45 58.37 62.94
C PHE D 196 -35.35 56.88 63.27
N ALA D 197 -34.44 56.15 62.63
CA ALA D 197 -34.33 54.72 62.92
C ALA D 197 -33.70 54.45 64.28
N SER D 198 -33.11 55.45 64.92
CA SER D 198 -32.44 55.27 66.20
C SER D 198 -32.95 56.25 67.24
N THR D 199 -34.21 56.64 67.14
CA THR D 199 -34.82 57.52 68.13
C THR D 199 -36.09 56.90 68.69
N ARG D 200 -36.85 57.66 69.47
CA ARG D 200 -38.06 57.16 70.12
C ARG D 200 -39.29 57.81 69.52
N LEU D 201 -40.35 57.03 69.40
CA LEU D 201 -41.63 57.49 68.85
C LEU D 201 -42.73 57.26 69.87
N ALA D 202 -43.73 58.15 69.87
CA ALA D 202 -44.69 58.18 70.96
C ALA D 202 -46.16 58.29 70.56
N ILE D 203 -46.47 58.60 69.29
CA ILE D 203 -47.84 58.78 68.81
C ILE D 203 -48.48 60.02 69.44
N LYS D 204 -48.85 60.98 68.61
CA LYS D 204 -49.47 62.22 69.06
C LYS D 204 -50.84 62.38 68.43
N ASP D 205 -51.67 63.21 69.07
CA ASP D 205 -53.04 63.44 68.64
C ASP D 205 -53.17 64.83 68.03
N ILE D 206 -53.83 64.92 66.88
CA ILE D 206 -54.08 66.20 66.23
C ILE D 206 -55.58 66.38 66.06
N GLU D 207 -55.99 67.49 65.45
CA GLU D 207 -57.39 67.82 65.31
C GLU D 207 -57.89 67.85 63.87
N ARG D 208 -57.00 68.07 62.90
CA ARG D 208 -57.37 68.22 61.50
C ARG D 208 -58.42 69.31 61.29
N ALA E 2 -0.76 46.20 62.53
CA ALA E 2 -0.62 44.77 62.32
C ALA E 2 -1.06 44.38 60.92
N THR E 3 -0.52 43.27 60.41
CA THR E 3 -0.80 42.78 59.07
C THR E 3 -0.64 43.89 58.04
N ILE E 4 -1.76 44.40 57.54
CA ILE E 4 -1.75 45.51 56.58
C ILE E 4 -1.68 46.81 57.37
N ASN E 5 -0.68 47.64 57.07
CA ASN E 5 -0.47 48.87 57.80
C ASN E 5 -0.87 50.11 57.02
N ASN E 6 -0.74 50.11 55.70
CA ASN E 6 -1.08 51.27 54.90
C ASN E 6 -1.56 50.80 53.53
N VAL E 7 -1.86 51.78 52.66
CA VAL E 7 -2.47 51.46 51.37
C VAL E 7 -1.50 50.70 50.48
N THR E 8 -0.20 51.01 50.56
CA THR E 8 0.78 50.35 49.70
C THR E 8 0.85 48.86 49.99
N ASP E 9 0.84 48.49 51.28
CA ASP E 9 0.84 47.08 51.64
C ASP E 9 -0.42 46.40 51.13
N LEU E 10 -1.56 47.08 51.21
CA LEU E 10 -2.80 46.51 50.69
C LEU E 10 -2.70 46.26 49.19
N ALA E 11 -2.16 47.22 48.45
CA ALA E 11 -2.00 47.04 47.01
C ALA E 11 -1.06 45.89 46.69
N ILE E 12 0.05 45.79 47.42
CA ILE E 12 0.99 44.70 47.19
C ILE E 12 0.34 43.35 47.47
N ALA E 13 -0.40 43.26 48.58
CA ALA E 13 -1.07 42.01 48.92
C ALA E 13 -2.11 41.65 47.87
N ALA E 14 -2.85 42.63 47.37
CA ALA E 14 -3.83 42.36 46.33
C ALA E 14 -3.16 41.85 45.06
N ILE E 15 -2.04 42.47 44.67
CA ILE E 15 -1.32 42.01 43.49
C ILE E 15 -0.82 40.59 43.68
N GLN E 16 -0.27 40.30 44.86
CA GLN E 16 0.25 38.96 45.11
C GLN E 16 -0.85 37.91 45.11
N TRP E 17 -1.99 38.20 45.73
CA TRP E 17 -3.04 37.21 45.84
C TRP E 17 -3.76 36.99 44.52
N SER E 18 -4.05 38.07 43.80
CA SER E 18 -4.76 37.93 42.53
C SER E 18 -3.86 37.39 41.44
N ASP E 19 -2.55 37.61 41.56
CA ASP E 19 -1.56 37.21 40.56
C ASP E 19 -1.92 37.82 39.20
N ARG E 20 -1.86 39.15 39.18
CA ARG E 20 -2.13 39.93 37.99
C ARG E 20 -1.14 41.09 37.96
N GLN E 21 -0.24 41.07 36.98
CA GLN E 21 0.79 42.10 36.87
C GLN E 21 0.38 43.26 35.97
N ASP E 22 -0.82 43.23 35.42
CA ASP E 22 -1.30 44.28 34.52
C ASP E 22 -2.10 45.36 35.22
N LEU E 23 -2.25 45.28 36.55
CA LEU E 23 -3.03 46.27 37.27
C LEU E 23 -2.21 47.53 37.51
N THR E 24 -2.79 48.68 37.19
CA THR E 24 -2.13 49.96 37.39
C THR E 24 -2.59 50.59 38.70
N GLN E 25 -1.99 51.72 39.04
CA GLN E 25 -2.34 52.41 40.27
C GLN E 25 -3.77 52.92 40.24
N GLU E 26 -4.21 53.44 39.09
CA GLU E 26 -5.54 54.02 38.98
C GLU E 26 -6.62 52.96 39.22
N LEU E 27 -6.45 51.77 38.65
CA LEU E 27 -7.44 50.72 38.84
C LEU E 27 -7.51 50.29 40.30
N LEU E 28 -6.36 50.17 40.97
CA LEU E 28 -6.37 49.80 42.37
C LEU E 28 -7.04 50.88 43.22
N MET E 29 -6.78 52.15 42.93
CA MET E 29 -7.44 53.22 43.64
C MET E 29 -8.94 53.19 43.42
N LEU E 30 -9.37 52.90 42.19
CA LEU E 30 -10.80 52.80 41.90
C LEU E 30 -11.43 51.66 42.68
N PHE E 31 -10.75 50.51 42.75
CA PHE E 31 -11.29 49.38 43.51
C PHE E 31 -11.40 49.71 44.99
N ILE E 32 -10.37 50.35 45.55
CA ILE E 32 -10.41 50.72 46.97
C ILE E 32 -11.53 51.70 47.24
N GLY E 33 -11.70 52.69 46.34
CA GLY E 33 -12.79 53.64 46.51
C GLY E 33 -14.14 52.98 46.44
N ASN E 34 -14.32 52.03 45.52
CA ASN E 34 -15.59 51.32 45.44
C ASN E 34 -15.87 50.54 46.72
N THR E 35 -14.85 49.88 47.26
CA THR E 35 -15.03 49.16 48.52
C THR E 35 -15.41 50.12 49.64
N THR E 36 -14.76 51.27 49.71
CA THR E 36 -15.06 52.25 50.76
C THR E 36 -16.49 52.76 50.63
N ASP E 37 -16.92 53.07 49.41
CA ASP E 37 -18.30 53.53 49.21
C ASP E 37 -19.31 52.45 49.57
N ARG E 38 -19.01 51.19 49.26
CA ARG E 38 -19.89 50.12 49.68
C ARG E 38 -19.97 50.02 51.20
N LEU E 39 -18.83 50.18 51.87
CA LEU E 39 -18.81 50.13 53.33
C LEU E 39 -19.57 51.28 53.95
N ASN E 40 -19.57 52.44 53.29
CA ASN E 40 -20.22 53.63 53.85
C ASN E 40 -21.70 53.44 54.09
N ARG E 41 -22.34 52.50 53.39
CA ARG E 41 -23.77 52.28 53.52
C ARG E 41 -24.12 51.18 54.53
N LEU E 42 -23.14 50.59 55.18
CA LEU E 42 -23.41 49.45 56.03
C LEU E 42 -22.92 49.60 57.46
N LEU E 43 -21.78 50.26 57.66
CA LEU E 43 -21.12 50.27 58.95
C LEU E 43 -21.65 51.39 59.83
N ARG E 44 -22.01 51.06 61.07
CA ARG E 44 -22.39 52.03 62.10
C ARG E 44 -21.72 51.56 63.39
N VAL E 45 -20.50 52.05 63.64
CA VAL E 45 -19.68 51.59 64.75
C VAL E 45 -19.24 52.79 65.57
N ARG E 46 -18.47 52.52 66.63
CA ARG E 46 -18.01 53.59 67.51
C ARG E 46 -17.08 54.55 66.80
N GLU E 47 -16.16 54.02 65.99
CA GLU E 47 -15.20 54.88 65.30
C GLU E 47 -15.87 55.77 64.26
N ASN E 48 -17.08 55.42 63.84
CA ASN E 48 -17.82 56.17 62.83
C ASN E 48 -18.72 57.24 63.43
N GLU E 49 -18.67 57.43 64.75
CA GLU E 49 -19.63 58.25 65.47
C GLU E 49 -18.96 59.53 65.96
N HIS E 50 -19.61 60.66 65.74
CA HIS E 50 -19.14 61.96 66.21
C HIS E 50 -20.29 62.70 66.87
N PHE E 51 -19.98 63.39 67.96
CA PHE E 51 -20.93 64.29 68.61
C PHE E 51 -20.32 65.68 68.69
N GLU E 52 -21.12 66.69 68.38
CA GLU E 52 -20.60 68.05 68.33
C GLU E 52 -21.72 69.05 68.57
N THR E 53 -21.34 70.29 68.86
CA THR E 53 -22.27 71.36 69.16
C THR E 53 -22.56 72.17 67.91
N LEU E 54 -23.85 72.38 67.64
CA LEU E 54 -24.30 73.14 66.49
C LEU E 54 -25.19 74.28 66.95
N MET E 55 -25.29 75.31 66.12
CA MET E 55 -26.10 76.48 66.42
C MET E 55 -27.36 76.48 65.56
N ALA E 56 -28.48 76.90 66.14
CA ALA E 56 -29.74 76.97 65.42
C ALA E 56 -29.88 78.34 64.78
N PHE E 57 -30.09 78.34 63.46
CA PHE E 57 -30.22 79.57 62.70
C PHE E 57 -31.54 79.55 61.95
N GLY E 58 -32.33 80.62 62.11
CA GLY E 58 -33.61 80.71 61.45
C GLY E 58 -34.58 79.62 61.87
N GLY E 59 -34.53 79.21 63.13
CA GLY E 59 -35.41 78.17 63.63
C GLY E 59 -35.04 76.77 63.21
N GLY E 60 -33.84 76.56 62.66
CA GLY E 60 -33.45 75.24 62.20
C GLY E 60 -31.97 75.01 62.34
N ILE E 61 -31.60 73.73 62.32
CA ILE E 61 -30.22 73.28 62.39
C ILE E 61 -29.85 72.68 61.04
N GLU E 62 -28.70 73.06 60.51
CA GLU E 62 -28.25 72.56 59.23
C GLU E 62 -27.61 71.19 59.38
N ILE E 63 -28.01 70.25 58.55
CA ILE E 63 -27.46 68.89 58.61
C ILE E 63 -26.00 68.92 58.20
N PRO E 64 -25.10 68.25 58.92
CA PRO E 64 -23.69 68.26 58.53
C PRO E 64 -23.48 67.60 57.17
N GLU E 65 -22.41 68.03 56.50
CA GLU E 65 -22.16 67.59 55.12
C GLU E 65 -21.79 66.11 55.06
N HIS E 66 -21.15 65.57 56.09
CA HIS E 66 -20.75 64.18 56.11
C HIS E 66 -21.75 63.30 56.84
N PHE E 67 -22.92 63.84 57.18
CA PHE E 67 -23.93 63.10 57.92
C PHE E 67 -24.43 61.93 57.09
N VAL E 68 -24.55 60.77 57.73
CA VAL E 68 -25.15 59.59 57.12
C VAL E 68 -26.34 59.07 57.92
N ALA E 69 -26.23 59.03 59.24
CA ALA E 69 -27.33 58.60 60.10
C ALA E 69 -27.26 59.38 61.40
N LEU E 70 -28.43 59.57 62.02
CA LEU E 70 -28.57 60.37 63.22
C LEU E 70 -28.79 59.47 64.42
N ARG E 71 -28.08 59.75 65.52
CA ARG E 71 -28.24 59.02 66.76
C ARG E 71 -29.09 59.77 67.78
N SER E 72 -28.78 61.05 68.03
CA SER E 72 -29.55 61.80 69.01
C SER E 72 -29.31 63.30 68.83
N ILE E 73 -30.29 64.08 69.24
CA ILE E 73 -30.19 65.53 69.33
C ILE E 73 -30.63 65.94 70.73
N THR E 74 -29.78 66.70 71.42
CA THR E 74 -30.05 67.12 72.78
C THR E 74 -29.99 68.62 72.89
N GLY E 75 -30.99 69.23 73.51
CA GLY E 75 -30.95 70.65 73.77
C GLY E 75 -29.91 70.98 74.82
N ASP E 76 -29.47 72.23 74.79
CA ASP E 76 -28.50 72.68 75.79
C ASP E 76 -29.21 72.98 77.10
N SER E 77 -28.43 73.01 78.19
CA SER E 77 -28.99 73.25 79.50
C SER E 77 -29.66 74.62 79.61
N LEU E 78 -29.26 75.58 78.79
CA LEU E 78 -29.88 76.91 78.84
C LEU E 78 -31.28 76.91 78.24
N ILE E 79 -31.64 75.90 77.46
CA ILE E 79 -32.95 75.86 76.82
C ILE E 79 -33.73 74.61 77.22
N GLY E 80 -33.37 73.99 78.34
CA GLY E 80 -34.11 72.85 78.83
C GLY E 80 -33.28 71.59 78.99
N GLY E 81 -32.35 71.36 78.06
CA GLY E 81 -31.52 70.18 78.11
C GLY E 81 -32.27 68.88 77.95
N ARG E 82 -33.23 68.82 77.03
CA ARG E 82 -34.00 67.62 76.79
C ARG E 82 -33.56 66.95 75.50
N THR E 83 -33.87 65.66 75.39
CA THR E 83 -33.62 64.90 74.18
C THR E 83 -34.84 65.02 73.26
N LEU E 84 -34.60 65.49 72.05
CA LEU E 84 -35.71 65.83 71.15
C LEU E 84 -36.38 64.57 70.62
N GLN E 85 -37.65 64.71 70.25
CA GLN E 85 -38.45 63.63 69.70
C GLN E 85 -38.92 64.00 68.30
N TYR E 86 -39.07 62.99 67.45
CA TYR E 86 -39.45 63.21 66.06
C TYR E 86 -40.96 63.30 65.92
N ILE E 87 -41.42 64.29 65.14
CA ILE E 87 -42.82 64.46 64.82
C ILE E 87 -42.94 64.73 63.33
N THR E 88 -44.13 64.46 62.80
CA THR E 88 -44.39 64.67 61.38
C THR E 88 -44.75 66.13 61.12
N GLN E 89 -44.94 66.46 59.84
CA GLN E 89 -45.24 67.84 59.47
C GLN E 89 -46.62 68.25 59.97
N ASP E 90 -47.60 67.35 59.91
CA ASP E 90 -48.95 67.69 60.35
C ASP E 90 -48.98 68.03 61.84
N ILE E 91 -48.29 67.23 62.65
CA ILE E 91 -48.24 67.49 64.08
C ILE E 91 -47.55 68.82 64.35
N PHE E 92 -46.46 69.10 63.62
CA PHE E 92 -45.76 70.37 63.77
C PHE E 92 -46.69 71.54 63.47
N THR E 93 -47.43 71.46 62.36
CA THR E 93 -48.32 72.55 61.99
C THR E 93 -49.43 72.72 63.01
N HIS E 94 -50.01 71.63 63.48
CA HIS E 94 -51.07 71.73 64.48
C HIS E 94 -50.56 72.34 65.77
N TYR E 95 -49.37 71.92 66.21
CA TYR E 95 -48.80 72.48 67.43
C TYR E 95 -48.52 73.98 67.28
N VAL E 96 -48.01 74.38 66.12
CA VAL E 96 -47.75 75.80 65.89
C VAL E 96 -49.06 76.58 65.91
N ASN E 97 -50.09 76.05 65.26
CA ASN E 97 -51.36 76.78 65.16
C ASN E 97 -52.05 76.90 66.51
N TYR E 98 -51.99 75.85 67.32
CA TYR E 98 -52.75 75.81 68.58
C TYR E 98 -51.97 76.32 69.77
N ASN E 99 -50.72 76.74 69.59
CA ASN E 99 -49.87 77.25 70.68
C ASN E 99 -49.78 76.23 71.81
N TYR E 100 -49.15 75.10 71.49
CA TYR E 100 -49.04 74.02 72.47
C TYR E 100 -48.25 74.45 73.70
N GLN E 101 -47.14 75.13 73.50
CA GLN E 101 -46.36 75.75 74.57
C GLN E 101 -45.91 74.75 75.64
N PRO E 102 -44.97 73.86 75.34
CA PRO E 102 -44.37 73.03 76.39
C PRO E 102 -43.28 73.82 77.11
N GLN E 103 -42.61 73.13 78.04
CA GLN E 103 -41.62 73.81 78.87
C GLN E 103 -40.42 74.28 78.05
N GLY E 104 -39.84 73.41 77.25
CA GLY E 104 -38.69 73.76 76.46
C GLY E 104 -38.69 73.10 75.09
N VAL E 105 -37.55 73.13 74.41
CA VAL E 105 -37.45 72.47 73.11
C VAL E 105 -37.64 70.98 73.29
N THR E 106 -38.63 70.41 72.61
CA THR E 106 -39.00 69.04 72.85
C THR E 106 -39.05 68.20 71.58
N TYR E 107 -39.45 68.81 70.46
CA TYR E 107 -39.72 68.07 69.24
C TYR E 107 -38.93 68.64 68.07
N TYR E 108 -38.68 67.80 67.09
CA TYR E 108 -37.98 68.21 65.88
C TYR E 108 -38.57 67.45 64.69
N THR E 109 -38.40 68.04 63.50
CA THR E 109 -38.81 67.43 62.25
C THR E 109 -37.81 67.81 61.18
N ARG E 110 -37.90 67.16 60.02
CA ARG E 110 -36.96 67.38 58.93
C ARG E 110 -37.66 68.08 57.78
N LEU E 111 -37.10 69.20 57.34
CA LEU E 111 -37.60 69.93 56.17
C LEU E 111 -36.42 70.27 55.28
N GLY E 112 -36.43 69.77 54.06
CA GLY E 112 -35.33 70.00 53.15
C GLY E 112 -34.05 69.43 53.72
N ASN E 113 -33.06 70.30 53.90
CA ASN E 113 -31.78 69.92 54.50
C ASN E 113 -31.62 70.48 55.91
N PHE E 114 -32.74 70.69 56.61
CA PHE E 114 -32.71 71.31 57.92
C PHE E 114 -33.58 70.52 58.90
N TRP E 115 -33.23 70.66 60.18
CA TRP E 115 -34.04 70.13 61.28
C TRP E 115 -34.71 71.31 61.96
N ARG E 116 -36.03 71.32 61.97
CA ARG E 116 -36.81 72.39 62.59
C ARG E 116 -37.35 71.92 63.93
N VAL E 117 -37.12 72.72 64.96
CA VAL E 117 -37.60 72.44 66.31
C VAL E 117 -38.89 73.21 66.54
N PHE E 118 -39.84 72.60 67.27
CA PHE E 118 -41.15 73.22 67.39
C PHE E 118 -41.14 74.47 68.25
N PRO E 119 -40.70 74.43 69.52
CA PRO E 119 -40.70 75.67 70.30
C PRO E 119 -39.63 76.61 69.77
N VAL E 120 -39.99 77.34 68.70
CA VAL E 120 -39.01 78.11 67.94
C VAL E 120 -38.17 78.96 68.87
N VAL E 121 -36.86 78.82 68.76
CA VAL E 121 -35.91 79.48 69.65
C VAL E 121 -35.22 80.60 68.89
N PRO E 122 -34.74 81.64 69.56
CA PRO E 122 -33.98 82.69 68.87
C PRO E 122 -32.67 82.15 68.33
N ASP E 123 -32.15 82.85 67.32
CA ASP E 123 -30.92 82.42 66.66
C ASP E 123 -29.77 82.36 67.65
N GLY E 124 -28.93 81.34 67.51
CA GLY E 124 -27.82 81.14 68.40
C GLY E 124 -28.03 80.09 69.47
N ALA E 125 -29.14 79.38 69.44
CA ALA E 125 -29.40 78.34 70.44
C ALA E 125 -28.50 77.15 70.17
N PRO E 126 -27.74 76.67 71.16
CA PRO E 126 -26.85 75.53 70.93
C PRO E 126 -27.52 74.19 71.19
N PHE E 127 -27.13 73.22 70.37
CA PHE E 127 -27.60 71.85 70.49
C PHE E 127 -26.42 70.90 70.39
N ILE E 128 -26.56 69.73 70.99
CA ILE E 128 -25.54 68.69 70.92
C ILE E 128 -26.09 67.58 70.03
N VAL E 129 -25.44 67.36 68.89
CA VAL E 129 -25.88 66.37 67.91
C VAL E 129 -24.88 65.24 67.90
N ASN E 130 -25.37 64.02 68.09
CA ASN E 130 -24.58 62.81 68.03
C ASN E 130 -25.05 62.01 66.81
N TYR E 131 -24.14 61.71 65.90
CA TYR E 131 -24.51 61.12 64.62
C TYR E 131 -23.33 60.37 64.04
N TRP E 132 -23.63 59.51 63.07
CA TRP E 132 -22.61 58.76 62.35
C TRP E 132 -22.21 59.52 61.08
N THR E 133 -20.98 59.29 60.65
CA THR E 133 -20.42 59.96 59.48
C THR E 133 -19.94 58.92 58.47
N VAL E 134 -19.28 59.38 57.43
CA VAL E 134 -18.76 58.50 56.39
C VAL E 134 -17.33 58.12 56.73
N LEU E 135 -16.88 56.99 56.18
CA LEU E 135 -15.54 56.52 56.45
C LEU E 135 -14.51 57.43 55.77
N PRO E 136 -13.32 57.57 56.37
CA PRO E 136 -12.29 58.40 55.75
C PRO E 136 -11.81 57.81 54.43
N GLU E 137 -11.41 58.69 53.53
CA GLU E 137 -10.91 58.26 52.23
C GLU E 137 -9.56 57.57 52.38
N LEU E 138 -9.37 56.48 51.64
CA LEU E 138 -8.12 55.74 51.63
C LEU E 138 -7.49 55.89 50.25
N SER E 139 -6.35 56.57 50.19
CA SER E 139 -5.68 56.83 48.93
C SER E 139 -4.21 57.12 49.22
N LEU E 140 -3.48 57.56 48.19
CA LEU E 140 -2.07 57.88 48.38
C LEU E 140 -1.89 59.08 49.30
N ALA E 141 -2.79 60.07 49.21
CA ALA E 141 -2.70 61.23 50.07
C ALA E 141 -3.02 60.88 51.52
N ASN E 142 -3.91 59.92 51.75
CA ASN E 142 -4.32 59.50 53.08
C ASN E 142 -4.09 57.99 53.18
N PRO E 143 -2.86 57.57 53.49
CA PRO E 143 -2.51 56.15 53.41
C PRO E 143 -2.93 55.31 54.60
N THR E 144 -3.47 55.91 55.66
CA THR E 144 -3.85 55.15 56.85
C THR E 144 -5.22 55.57 57.34
N THR E 145 -6.04 54.57 57.66
CA THR E 145 -7.36 54.80 58.24
C THR E 145 -7.60 53.77 59.34
N TRP E 146 -8.54 54.09 60.23
CA TRP E 146 -8.88 53.16 61.29
C TRP E 146 -9.52 51.89 60.76
N ALA E 147 -10.28 52.00 59.66
CA ALA E 147 -10.93 50.82 59.09
C ALA E 147 -9.90 49.80 58.61
N LEU E 148 -8.84 50.26 57.97
CA LEU E 148 -7.78 49.35 57.54
C LEU E 148 -7.06 48.74 58.72
N THR E 149 -6.81 49.53 59.77
CA THR E 149 -6.07 49.03 60.91
C THR E 149 -6.89 48.08 61.78
N LYS E 150 -8.22 48.15 61.71
CA LYS E 150 -9.04 47.30 62.57
C LYS E 150 -9.20 45.90 61.98
N TYR E 151 -9.78 45.81 60.79
CA TYR E 151 -10.09 44.53 60.16
C TYR E 151 -9.61 44.55 58.72
N PRO E 152 -8.31 44.30 58.49
CA PRO E 152 -7.78 44.39 57.12
C PRO E 152 -8.39 43.39 56.15
N GLN E 153 -8.92 42.27 56.65
CA GLN E 153 -9.53 41.29 55.77
C GLN E 153 -10.67 41.89 54.97
N ILE E 154 -11.39 42.85 55.54
CA ILE E 154 -12.50 43.48 54.83
C ILE E 154 -11.98 44.12 53.54
N TYR E 155 -10.95 44.96 53.66
CA TYR E 155 -10.42 45.64 52.49
C TYR E 155 -9.77 44.66 51.52
N LEU E 156 -9.06 43.66 52.04
CA LEU E 156 -8.42 42.69 51.15
C LEU E 156 -9.47 41.94 50.32
N TYR E 157 -10.52 41.45 50.97
CA TYR E 157 -11.55 40.70 50.25
C TYR E 157 -12.32 41.59 49.29
N GLY E 158 -12.61 42.84 49.70
CA GLY E 158 -13.30 43.74 48.80
C GLY E 158 -12.49 44.04 47.55
N VAL E 159 -11.19 44.28 47.71
CA VAL E 159 -10.34 44.55 46.56
C VAL E 159 -10.26 43.32 45.67
N LEU E 160 -10.15 42.13 46.26
CA LEU E 160 -10.09 40.92 45.44
C LEU E 160 -11.39 40.73 44.65
N GLU E 161 -12.53 40.99 45.29
CA GLU E 161 -13.81 40.88 44.59
C GLU E 161 -13.90 41.88 43.45
N GLN E 162 -13.45 43.12 43.68
CA GLN E 162 -13.47 44.10 42.61
C GLN E 162 -12.55 43.68 41.46
N ILE E 163 -11.38 43.13 41.78
CA ILE E 163 -10.45 42.69 40.75
C ILE E 163 -11.07 41.61 39.90
N TYR E 164 -11.68 40.62 40.53
CA TYR E 164 -12.29 39.54 39.76
C TYR E 164 -13.54 39.99 39.01
N LEU E 165 -14.20 41.04 39.49
CA LEU E 165 -15.25 41.65 38.69
C LEU E 165 -14.68 42.31 37.44
N TYR E 166 -13.51 42.94 37.58
CA TYR E 166 -12.90 43.65 36.46
C TYR E 166 -12.51 42.70 35.33
N THR E 167 -11.99 41.52 35.68
CA THR E 167 -11.51 40.57 34.68
C THR E 167 -12.62 39.68 34.14
N MET E 168 -13.89 40.08 34.27
CA MET E 168 -15.02 39.37 33.69
C MET E 168 -15.08 37.92 34.17
N ASP E 169 -14.95 37.74 35.48
CA ASP E 169 -15.10 36.43 36.10
C ASP E 169 -16.28 36.48 37.06
N GLU E 170 -17.08 35.41 37.07
CA GLU E 170 -18.33 35.38 37.82
C GLU E 170 -18.19 34.63 39.14
N ALA E 171 -17.78 33.37 39.09
CA ALA E 171 -17.79 32.52 40.28
C ALA E 171 -16.87 33.08 41.37
N ARG E 172 -15.65 33.45 41.00
CA ARG E 172 -14.70 33.93 41.99
C ARG E 172 -15.16 35.26 42.59
N SER E 173 -15.79 36.11 41.78
CA SER E 173 -16.33 37.37 42.30
C SER E 173 -17.38 37.11 43.37
N GLN E 174 -18.28 36.17 43.12
CA GLN E 174 -19.30 35.84 44.12
C GLN E 174 -18.67 35.24 45.37
N PHE E 175 -17.66 34.37 45.19
CA PHE E 175 -16.97 33.79 46.34
C PHE E 175 -16.37 34.88 47.23
N TRP E 176 -15.61 35.79 46.63
CA TRP E 176 -14.98 36.84 47.42
C TRP E 176 -16.01 37.81 48.00
N GLY E 177 -17.10 38.06 47.27
CA GLY E 177 -18.15 38.91 47.82
C GLY E 177 -18.80 38.30 49.05
N GLN E 178 -19.04 36.98 49.01
CA GLN E 178 -19.58 36.30 50.17
C GLN E 178 -18.62 36.40 51.35
N LYS E 179 -17.32 36.22 51.10
CA LYS E 179 -16.35 36.35 52.18
C LYS E 179 -16.37 37.75 52.77
N LEU E 180 -16.41 38.78 51.92
CA LEU E 180 -16.43 40.16 52.41
C LEU E 180 -17.68 40.44 53.22
N GLU E 181 -18.83 39.96 52.75
CA GLU E 181 -20.08 40.18 53.49
C GLU E 181 -20.03 39.49 54.84
N ARG E 182 -19.47 38.28 54.90
CA ARG E 182 -19.35 37.60 56.19
C ARG E 182 -18.46 38.39 57.14
N ALA E 183 -17.34 38.91 56.65
CA ALA E 183 -16.44 39.69 57.51
C ALA E 183 -17.14 40.95 58.02
N VAL E 184 -17.85 41.65 57.15
CA VAL E 184 -18.54 42.88 57.55
C VAL E 184 -19.60 42.55 58.60
N MET E 185 -20.36 41.48 58.38
CA MET E 185 -21.39 41.10 59.34
C MET E 185 -20.78 40.75 60.69
N GLU E 186 -19.65 40.04 60.69
CA GLU E 186 -18.99 39.71 61.95
C GLU E 186 -18.57 40.97 62.70
N LEU E 187 -17.96 41.92 61.98
CA LEU E 187 -17.53 43.15 62.64
C LEU E 187 -18.72 43.92 63.20
N GLN E 188 -19.79 44.05 62.42
CA GLN E 188 -20.96 44.79 62.88
C GLN E 188 -21.59 44.15 64.09
N ASN E 189 -21.71 42.81 64.08
CA ASN E 189 -22.30 42.13 65.23
C ASN E 189 -21.44 42.28 66.47
N GLU E 190 -20.12 42.18 66.31
CA GLU E 190 -19.23 42.34 67.45
C GLU E 190 -19.35 43.74 68.04
N GLU E 191 -19.44 44.76 67.18
CA GLU E 191 -19.63 46.11 67.69
C GLU E 191 -20.97 46.28 68.36
N ASN E 192 -22.02 45.68 67.81
CA ASN E 192 -23.36 45.82 68.37
C ASN E 192 -23.45 45.20 69.75
N ALA E 193 -22.86 44.02 69.93
CA ALA E 193 -23.02 43.29 71.18
C ALA E 193 -21.98 43.66 72.23
N ALA E 194 -21.29 44.78 72.08
CA ALA E 194 -20.20 45.14 72.97
C ALA E 194 -20.62 46.09 74.09
N ASP E 195 -21.89 46.49 74.16
CA ASP E 195 -22.33 47.49 75.13
C ASP E 195 -23.02 46.88 76.33
N PHE E 196 -24.07 46.09 76.11
CA PHE E 196 -24.84 45.55 77.23
C PHE E 196 -25.27 44.11 77.02
N ALA E 197 -24.58 43.36 76.16
CA ALA E 197 -24.97 41.98 75.92
C ALA E 197 -24.67 41.06 77.09
N SER E 198 -23.86 41.50 78.06
CA SER E 198 -23.51 40.68 79.21
C SER E 198 -23.88 41.35 80.53
N THR E 199 -24.83 42.28 80.51
CA THR E 199 -25.29 42.97 81.70
C THR E 199 -26.79 42.71 81.88
N ARG E 200 -27.39 43.40 82.84
CA ARG E 200 -28.79 43.21 83.19
C ARG E 200 -29.61 44.44 82.80
N LEU E 201 -30.83 44.20 82.33
CA LEU E 201 -31.74 45.26 81.92
C LEU E 201 -33.03 45.16 82.73
N ALA E 202 -33.64 46.32 82.99
CA ALA E 202 -34.73 46.39 83.96
C ALA E 202 -35.96 47.18 83.52
N ILE E 203 -35.89 47.96 82.44
CA ILE E 203 -37.00 48.80 81.97
C ILE E 203 -37.29 49.92 82.95
N LYS E 204 -37.13 51.16 82.51
CA LYS E 204 -37.39 52.33 83.32
C LYS E 204 -38.56 53.13 82.74
N ASP E 205 -39.12 54.01 83.56
CA ASP E 205 -40.29 54.79 83.19
C ASP E 205 -39.93 56.27 83.15
N ILE E 206 -40.32 56.93 82.06
CA ILE E 206 -40.16 58.37 81.90
C ILE E 206 -41.50 58.96 81.53
N GLU E 207 -41.51 60.27 81.28
CA GLU E 207 -42.73 60.98 80.94
C GLU E 207 -42.64 61.84 79.69
N ARG E 208 -41.43 62.20 79.24
CA ARG E 208 -41.23 63.03 78.06
C ARG E 208 -41.88 64.41 78.19
N ALA F 2 3.60 22.19 74.52
CA ALA F 2 2.93 20.98 74.07
C ALA F 2 2.56 21.08 72.60
N THR F 3 2.76 19.99 71.86
CA THR F 3 2.45 19.93 70.43
C THR F 3 3.19 21.03 69.68
N ILE F 4 2.51 22.15 69.42
CA ILE F 4 3.12 23.31 68.79
C ILE F 4 3.49 24.30 69.88
N ASN F 5 4.74 24.76 69.86
CA ASN F 5 5.28 25.59 70.94
C ASN F 5 5.41 27.06 70.58
N ASN F 6 5.83 27.40 69.37
CA ASN F 6 6.03 28.80 69.01
C ASN F 6 5.74 28.98 67.53
N VAL F 7 6.10 30.17 67.01
CA VAL F 7 5.77 30.51 65.62
C VAL F 7 6.55 29.65 64.65
N THR F 8 7.81 29.36 64.96
CA THR F 8 8.64 28.58 64.04
C THR F 8 8.08 27.19 63.83
N ASP F 9 7.63 26.53 64.90
CA ASP F 9 7.03 25.22 64.76
C ASP F 9 5.75 25.28 63.94
N LEU F 10 4.94 26.32 64.14
CA LEU F 10 3.72 26.48 63.36
C LEU F 10 4.04 26.65 61.88
N ALA F 11 5.04 27.48 61.56
CA ALA F 11 5.41 27.69 60.17
C ALA F 11 5.93 26.40 59.54
N ILE F 12 6.75 25.65 60.27
CA ILE F 12 7.27 24.39 59.75
C ILE F 12 6.14 23.41 59.51
N ALA F 13 5.20 23.32 60.46
CA ALA F 13 4.07 22.42 60.28
C ALA F 13 3.22 22.81 59.09
N ALA F 14 2.99 24.11 58.90
CA ALA F 14 2.22 24.57 57.74
C ALA F 14 2.94 24.22 56.44
N ILE F 15 4.25 24.42 56.39
CA ILE F 15 5.01 24.08 55.19
C ILE F 15 4.91 22.59 54.90
N GLN F 16 5.06 21.76 55.93
CA GLN F 16 5.04 20.32 55.73
C GLN F 16 3.65 19.84 55.30
N TRP F 17 2.60 20.36 55.93
CA TRP F 17 1.25 19.87 55.62
C TRP F 17 0.79 20.35 54.25
N SER F 18 1.00 21.63 53.94
CA SER F 18 0.54 22.15 52.65
C SER F 18 1.39 21.64 51.51
N ASP F 19 2.65 21.31 51.78
CA ASP F 19 3.62 20.89 50.76
C ASP F 19 3.69 22.00 49.70
N ARG F 20 4.24 23.12 50.14
CA ARG F 20 4.44 24.30 49.31
C ARG F 20 5.75 24.93 49.72
N GLN F 21 6.78 24.81 48.89
CA GLN F 21 8.10 25.32 49.22
C GLN F 21 8.32 26.76 48.76
N ASP F 22 7.30 27.39 48.18
CA ASP F 22 7.42 28.75 47.66
C ASP F 22 6.84 29.79 48.61
N LEU F 23 6.51 29.41 49.83
CA LEU F 23 5.90 30.34 50.79
C LEU F 23 7.00 31.06 51.56
N THR F 24 7.04 32.38 51.43
CA THR F 24 8.01 33.18 52.14
C THR F 24 7.53 33.48 53.57
N GLN F 25 8.40 34.12 54.34
CA GLN F 25 8.07 34.44 55.73
C GLN F 25 6.94 35.46 55.80
N GLU F 26 6.94 36.44 54.90
CA GLU F 26 5.94 37.50 54.95
C GLU F 26 4.54 36.95 54.74
N LEU F 27 4.39 36.02 53.79
CA LEU F 27 3.08 35.43 53.54
C LEU F 27 2.58 34.65 54.76
N LEU F 28 3.47 33.90 55.40
CA LEU F 28 3.08 33.16 56.59
C LEU F 28 2.68 34.11 57.72
N MET F 29 3.42 35.20 57.88
CA MET F 29 3.05 36.18 58.90
C MET F 29 1.68 36.78 58.59
N LEU F 30 1.41 37.07 57.32
CA LEU F 30 0.11 37.61 56.94
C LEU F 30 -1.00 36.61 57.24
N PHE F 31 -0.77 35.33 56.95
CA PHE F 31 -1.78 34.30 57.23
C PHE F 31 -2.06 34.20 58.72
N ILE F 32 -0.99 34.21 59.53
CA ILE F 32 -1.17 34.11 60.98
C ILE F 32 -1.91 35.33 61.52
N GLY F 33 -1.57 36.52 61.00
CA GLY F 33 -2.26 37.72 61.42
C GLY F 33 -3.74 37.69 61.05
N ASN F 34 -4.05 37.18 59.85
CA ASN F 34 -5.44 37.06 59.45
C ASN F 34 -6.20 36.11 60.37
N THR F 35 -5.59 34.98 60.72
CA THR F 35 -6.24 34.04 61.63
C THR F 35 -6.48 34.68 62.99
N THR F 36 -5.48 35.41 63.51
CA THR F 36 -5.65 36.06 64.80
C THR F 36 -6.76 37.12 64.74
N ASP F 37 -6.80 37.89 63.66
CA ASP F 37 -7.84 38.90 63.53
C ASP F 37 -9.23 38.28 63.48
N ARG F 38 -9.36 37.16 62.76
CA ARG F 38 -10.64 36.47 62.75
C ARG F 38 -11.01 35.95 64.13
N LEU F 39 -10.04 35.40 64.85
CA LEU F 39 -10.30 34.90 66.19
C LEU F 39 -10.70 36.02 67.15
N ASN F 40 -10.22 37.23 66.91
CA ASN F 40 -10.48 38.33 67.83
C ASN F 40 -11.97 38.64 67.97
N ARG F 41 -12.76 38.35 66.95
CA ARG F 41 -14.18 38.66 66.97
C ARG F 41 -15.05 37.51 67.46
N LEU F 42 -14.46 36.40 67.89
CA LEU F 42 -15.24 35.22 68.24
C LEU F 42 -15.02 34.74 69.66
N LEU F 43 -13.79 34.76 70.15
CA LEU F 43 -13.46 34.12 71.43
C LEU F 43 -13.68 35.06 72.59
N ARG F 44 -14.39 34.58 73.61
CA ARG F 44 -14.57 35.27 74.89
C ARG F 44 -14.35 34.24 75.98
N VAL F 45 -13.11 34.13 76.45
CA VAL F 45 -12.71 33.08 77.37
C VAL F 45 -12.06 33.72 78.59
N ARG F 46 -11.62 32.88 79.52
CA ARG F 46 -10.99 33.36 80.75
C ARG F 46 -9.68 34.08 80.46
N GLU F 47 -8.85 33.51 79.58
CA GLU F 47 -7.56 34.12 79.27
C GLU F 47 -7.71 35.45 78.54
N ASN F 48 -8.87 35.71 77.96
CA ASN F 48 -9.14 36.94 77.23
C ASN F 48 -9.73 38.03 78.10
N GLU F 49 -9.90 37.77 79.40
CA GLU F 49 -10.66 38.63 80.30
C GLU F 49 -9.73 39.30 81.29
N HIS F 50 -9.84 40.63 81.41
CA HIS F 50 -9.05 41.41 82.35
C HIS F 50 -9.98 42.30 83.15
N PHE F 51 -9.65 42.47 84.43
CA PHE F 51 -10.34 43.42 85.29
C PHE F 51 -9.32 44.38 85.89
N GLU F 52 -9.66 45.67 85.90
CA GLU F 52 -8.71 46.68 86.34
C GLU F 52 -9.46 47.90 86.85
N THR F 53 -8.72 48.75 87.57
CA THR F 53 -9.30 49.93 88.19
C THR F 53 -9.05 51.14 87.30
N LEU F 54 -10.12 51.90 87.03
CA LEU F 54 -10.06 53.10 86.22
C LEU F 54 -10.54 54.29 87.04
N MET F 55 -10.12 55.48 86.61
CA MET F 55 -10.47 56.73 87.28
C MET F 55 -11.40 57.53 86.37
N ALA F 56 -12.49 58.03 86.95
CA ALA F 56 -13.47 58.81 86.19
C ALA F 56 -13.06 60.27 86.19
N PHE F 57 -12.91 60.84 85.00
CA PHE F 57 -12.54 62.24 84.83
C PHE F 57 -13.57 62.92 83.93
N GLY F 58 -13.97 64.12 84.33
CA GLY F 58 -14.99 64.83 83.59
C GLY F 58 -16.33 64.14 83.56
N GLY F 59 -16.68 63.43 84.64
CA GLY F 59 -17.94 62.72 84.68
C GLY F 59 -18.02 61.53 83.74
N GLY F 60 -16.89 60.98 83.35
CA GLY F 60 -16.89 59.86 82.41
C GLY F 60 -15.69 58.96 82.60
N ILE F 61 -15.81 57.76 82.02
CA ILE F 61 -14.78 56.74 82.07
C ILE F 61 -14.34 56.46 80.64
N GLU F 62 -13.03 56.46 80.42
CA GLU F 62 -12.48 56.26 79.09
C GLU F 62 -12.39 54.77 78.77
N ILE F 63 -12.92 54.40 77.61
CA ILE F 63 -12.90 52.99 77.20
C ILE F 63 -11.46 52.59 76.89
N PRO F 64 -11.00 51.43 77.36
CA PRO F 64 -9.63 51.00 77.06
C PRO F 64 -9.43 50.75 75.57
N GLU F 65 -8.18 50.90 75.13
CA GLU F 65 -7.88 50.79 73.71
C GLU F 65 -8.03 49.36 73.19
N HIS F 66 -7.77 48.36 74.03
CA HIS F 66 -7.88 46.97 73.62
C HIS F 66 -9.24 46.37 73.93
N PHE F 67 -10.17 47.19 74.41
CA PHE F 67 -11.50 46.73 74.77
C PHE F 67 -12.21 46.13 73.57
N VAL F 68 -12.81 44.94 73.75
CA VAL F 68 -13.63 44.32 72.73
C VAL F 68 -15.06 44.10 73.21
N ALA F 69 -15.25 43.76 74.47
CA ALA F 69 -16.59 43.56 75.03
C ALA F 69 -16.53 43.79 76.53
N LEU F 70 -17.64 44.27 77.07
CA LEU F 70 -17.72 44.66 78.48
C LEU F 70 -18.46 43.58 79.27
N ARG F 71 -17.89 43.21 80.41
CA ARG F 71 -18.51 42.24 81.31
C ARG F 71 -19.22 42.89 82.47
N SER F 72 -18.56 43.79 83.20
CA SER F 72 -19.20 44.44 84.33
C SER F 72 -18.45 45.70 84.71
N ILE F 73 -19.19 46.64 85.31
CA ILE F 73 -18.64 47.85 85.91
C ILE F 73 -19.13 47.93 87.34
N THR F 74 -18.22 48.12 88.28
CA THR F 74 -18.57 48.17 89.70
C THR F 74 -17.97 49.41 90.33
N GLY F 75 -18.80 50.21 90.99
CA GLY F 75 -18.30 51.35 91.72
C GLY F 75 -17.49 50.92 92.93
N ASP F 76 -16.55 51.78 93.32
CA ASP F 76 -15.77 51.50 94.51
C ASP F 76 -16.62 51.72 95.76
N SER F 77 -16.22 51.05 96.85
CA SER F 77 -17.01 51.11 98.08
C SER F 77 -17.16 52.52 98.61
N LEU F 78 -16.22 53.42 98.32
CA LEU F 78 -16.32 54.78 98.82
C LEU F 78 -17.46 55.56 98.16
N ILE F 79 -17.91 55.15 96.98
CA ILE F 79 -18.97 55.84 96.27
C ILE F 79 -20.22 54.97 96.13
N GLY F 80 -20.34 53.94 96.97
CA GLY F 80 -21.52 53.10 96.95
C GLY F 80 -21.22 51.63 96.79
N GLY F 81 -20.22 51.31 95.97
CA GLY F 81 -19.86 49.91 95.76
C GLY F 81 -20.94 49.08 95.12
N ARG F 82 -21.62 49.62 94.11
CA ARG F 82 -22.70 48.93 93.44
C ARG F 82 -22.29 48.57 92.01
N THR F 83 -23.09 47.70 91.40
CA THR F 83 -22.90 47.29 90.03
C THR F 83 -23.81 48.13 89.14
N LEU F 84 -23.21 48.83 88.17
CA LEU F 84 -23.96 49.77 87.36
C LEU F 84 -24.88 49.04 86.38
N GLN F 85 -25.93 49.74 85.96
CA GLN F 85 -26.91 49.22 85.01
C GLN F 85 -27.01 50.16 83.82
N TYR F 86 -27.21 49.58 82.64
CA TYR F 86 -27.25 50.36 81.42
C TYR F 86 -28.60 51.04 81.25
N ILE F 87 -28.56 52.32 80.83
CA ILE F 87 -29.75 53.08 80.50
C ILE F 87 -29.52 53.83 79.20
N THR F 88 -30.62 54.20 78.55
CA THR F 88 -30.53 54.91 77.28
C THR F 88 -30.28 56.40 77.53
N GLN F 89 -30.09 57.14 76.43
CA GLN F 89 -29.84 58.57 76.54
C GLN F 89 -31.05 59.32 77.08
N ASP F 90 -32.26 58.93 76.64
CA ASP F 90 -33.46 59.61 77.09
C ASP F 90 -33.66 59.47 78.59
N ILE F 91 -33.47 58.26 79.12
CA ILE F 91 -33.60 58.05 80.56
C ILE F 91 -32.55 58.86 81.30
N PHE F 92 -31.32 58.89 80.77
CA PHE F 92 -30.24 59.65 81.40
C PHE F 92 -30.61 61.12 81.51
N THR F 93 -31.01 61.73 80.40
CA THR F 93 -31.31 63.16 80.43
C THR F 93 -32.56 63.46 81.25
N HIS F 94 -33.54 62.55 81.25
CA HIS F 94 -34.71 62.76 82.10
C HIS F 94 -34.34 62.73 83.57
N TYR F 95 -33.49 61.77 83.96
CA TYR F 95 -33.04 61.69 85.35
C TYR F 95 -32.25 62.94 85.73
N VAL F 96 -31.41 63.43 84.82
CA VAL F 96 -30.65 64.64 85.10
C VAL F 96 -31.58 65.83 85.29
N ASN F 97 -32.57 65.97 84.41
CA ASN F 97 -33.47 67.11 84.47
C ASN F 97 -34.34 67.07 85.73
N TYR F 98 -34.83 65.90 86.10
CA TYR F 98 -35.78 65.79 87.21
C TYR F 98 -35.11 65.58 88.55
N ASN F 99 -33.77 65.53 88.60
CA ASN F 99 -33.03 65.37 89.85
C ASN F 99 -33.48 64.11 90.59
N TYR F 100 -33.24 62.95 89.97
CA TYR F 100 -33.70 61.69 90.52
C TYR F 100 -33.07 61.43 91.88
N GLN F 101 -31.76 61.64 92.01
CA GLN F 101 -31.04 61.57 93.27
C GLN F 101 -31.19 60.22 93.96
N PRO F 102 -30.58 59.16 93.44
CA PRO F 102 -30.54 57.88 94.16
C PRO F 102 -29.42 57.93 95.20
N GLN F 103 -29.23 56.79 95.88
CA GLN F 103 -28.28 56.74 96.98
C GLN F 103 -26.84 56.88 96.48
N GLY F 104 -26.50 56.21 95.39
CA GLY F 104 -25.15 56.28 94.85
C GLY F 104 -25.10 56.05 93.36
N VAL F 105 -23.88 55.86 92.82
CA VAL F 105 -23.73 55.62 91.40
C VAL F 105 -24.41 54.30 91.04
N THR F 106 -25.37 54.36 90.12
CA THR F 106 -26.18 53.18 89.84
C THR F 106 -26.31 52.89 88.35
N TYR F 107 -26.20 53.92 87.51
CA TYR F 107 -26.49 53.77 86.10
C TYR F 107 -25.33 54.29 85.26
N TYR F 108 -25.25 53.77 84.04
CA TYR F 108 -24.23 54.19 83.09
C TYR F 108 -24.79 54.13 81.68
N THR F 109 -24.19 54.92 80.79
CA THR F 109 -24.57 54.95 79.39
C THR F 109 -23.32 55.23 78.56
N ARG F 110 -23.42 54.99 77.26
CA ARG F 110 -22.30 55.17 76.35
C ARG F 110 -22.51 56.40 75.49
N LEU F 111 -21.52 57.28 75.48
CA LEU F 111 -21.53 58.47 74.62
C LEU F 111 -20.17 58.60 73.97
N GLY F 112 -20.14 58.52 72.65
CA GLY F 112 -18.86 58.57 71.95
C GLY F 112 -17.97 57.42 72.38
N ASN F 113 -16.79 57.75 72.88
CA ASN F 113 -15.85 56.78 73.40
C ASN F 113 -15.76 56.82 74.92
N PHE F 114 -16.85 57.22 75.58
CA PHE F 114 -16.85 57.38 77.03
C PHE F 114 -18.08 56.74 77.64
N TRP F 115 -17.96 56.36 78.90
CA TRP F 115 -19.08 55.88 79.70
C TRP F 115 -19.45 56.96 80.71
N ARG F 116 -20.69 57.41 80.67
CA ARG F 116 -21.18 58.45 81.55
C ARG F 116 -22.07 57.84 82.63
N VAL F 117 -21.80 58.15 83.88
CA VAL F 117 -22.57 57.67 85.01
C VAL F 117 -23.53 58.77 85.44
N PHE F 118 -24.75 58.37 85.85
CA PHE F 118 -25.78 59.38 86.10
C PHE F 118 -25.50 60.19 87.37
N PRO F 119 -25.36 59.58 88.55
CA PRO F 119 -25.07 60.42 89.73
C PRO F 119 -23.67 60.97 89.62
N VAL F 120 -23.54 62.07 88.88
CA VAL F 120 -22.25 62.60 88.47
C VAL F 120 -21.31 62.70 89.67
N VAL F 121 -20.10 62.19 89.51
CA VAL F 121 -19.12 62.12 90.59
C VAL F 121 -17.98 63.08 90.30
N PRO F 122 -17.29 63.59 91.31
CA PRO F 122 -16.13 64.45 91.06
C PRO F 122 -15.00 63.66 90.41
N ASP F 123 -14.12 64.40 89.76
CA ASP F 123 -12.98 63.79 89.08
C ASP F 123 -12.12 63.01 90.06
N GLY F 124 -11.75 61.80 89.67
CA GLY F 124 -10.91 60.96 90.51
C GLY F 124 -11.68 59.87 91.23
N ALA F 125 -12.86 59.54 90.74
CA ALA F 125 -13.65 58.47 91.33
C ALA F 125 -13.22 57.13 90.78
N PRO F 126 -12.86 56.17 91.64
CA PRO F 126 -12.38 54.87 91.14
C PRO F 126 -13.51 53.90 90.85
N PHE F 127 -13.34 53.15 89.77
CA PHE F 127 -14.26 52.10 89.36
C PHE F 127 -13.46 50.85 89.00
N ILE F 128 -14.12 49.70 89.08
CA ILE F 128 -13.52 48.42 88.70
C ILE F 128 -14.25 47.93 87.47
N VAL F 129 -13.52 47.80 86.36
CA VAL F 129 -14.09 47.41 85.08
C VAL F 129 -13.54 46.04 84.71
N ASN F 130 -14.44 45.10 84.43
CA ASN F 130 -14.10 43.76 83.98
C ASN F 130 -14.58 43.62 82.54
N TYR F 131 -13.66 43.28 81.64
CA TYR F 131 -13.95 43.33 80.22
C TYR F 131 -13.01 42.40 79.47
N TRP F 132 -13.37 42.11 78.23
CA TRP F 132 -12.56 41.26 77.36
C TRP F 132 -11.71 42.12 76.43
N THR F 133 -10.54 41.61 76.09
CA THR F 133 -9.59 42.30 75.22
C THR F 133 -9.37 41.48 73.95
N VAL F 134 -8.43 41.93 73.13
CA VAL F 134 -8.08 41.22 71.91
C VAL F 134 -6.94 40.27 72.18
N LEU F 135 -6.80 39.27 71.33
CA LEU F 135 -5.75 38.27 71.51
C LEU F 135 -4.38 38.89 71.28
N PRO F 136 -3.35 38.41 71.98
CA PRO F 136 -2.00 38.94 71.76
C PRO F 136 -1.52 38.69 70.34
N GLU F 137 -0.77 39.65 69.81
CA GLU F 137 -0.25 39.53 68.45
C GLU F 137 0.83 38.46 68.39
N LEU F 138 0.71 37.57 67.42
CA LEU F 138 1.63 36.45 67.25
C LEU F 138 2.55 36.75 66.06
N SER F 139 3.86 36.81 66.31
CA SER F 139 4.83 37.13 65.28
C SER F 139 6.20 36.67 65.76
N LEU F 140 7.25 37.06 65.03
CA LEU F 140 8.60 36.74 65.44
C LEU F 140 8.97 37.44 66.74
N ALA F 141 8.52 38.68 66.91
CA ALA F 141 8.79 39.41 68.15
C ALA F 141 8.05 38.82 69.34
N ASN F 142 6.96 38.10 69.11
CA ASN F 142 6.17 37.48 70.16
C ASN F 142 5.99 36.02 69.80
N PRO F 143 7.02 35.19 70.00
CA PRO F 143 6.95 33.80 69.51
C PRO F 143 5.86 32.96 70.15
N THR F 144 5.48 33.23 71.40
CA THR F 144 4.56 32.37 72.13
C THR F 144 3.40 33.17 72.68
N THR F 145 2.20 32.60 72.59
CA THR F 145 0.99 33.17 73.18
C THR F 145 0.18 32.05 73.80
N TRP F 146 -0.74 32.43 74.69
CA TRP F 146 -1.58 31.44 75.35
C TRP F 146 -2.50 30.74 74.35
N ALA F 147 -2.92 31.43 73.30
CA ALA F 147 -3.81 30.82 72.32
C ALA F 147 -3.15 29.64 71.62
N LEU F 148 -1.88 29.79 71.27
CA LEU F 148 -1.16 28.69 70.62
C LEU F 148 -1.01 27.50 71.56
N THR F 149 -0.71 27.75 72.83
CA THR F 149 -0.48 26.66 73.78
C THR F 149 -1.78 25.94 74.11
N LYS F 150 -2.90 26.67 74.21
CA LYS F 150 -4.15 26.07 74.63
C LYS F 150 -4.66 25.05 73.61
N TYR F 151 -4.60 25.39 72.32
CA TYR F 151 -5.23 24.57 71.30
C TYR F 151 -4.59 24.83 69.94
N PRO F 152 -3.45 24.20 69.64
CA PRO F 152 -2.72 24.53 68.41
C PRO F 152 -3.49 24.22 67.12
N GLN F 153 -4.45 23.29 67.17
CA GLN F 153 -5.17 22.93 65.96
C GLN F 153 -5.88 24.13 65.35
N ILE F 154 -6.33 25.07 66.18
CA ILE F 154 -7.00 26.25 65.67
C ILE F 154 -6.08 27.02 64.72
N TYR F 155 -4.87 27.31 65.19
CA TYR F 155 -3.94 28.07 64.37
C TYR F 155 -3.49 27.26 63.15
N LEU F 156 -3.26 25.96 63.33
CA LEU F 156 -2.84 25.13 62.20
C LEU F 156 -3.90 25.13 61.10
N TYR F 157 -5.15 24.90 61.47
CA TYR F 157 -6.23 24.86 60.48
C TYR F 157 -6.46 26.23 59.85
N GLY F 158 -6.38 27.29 60.64
CA GLY F 158 -6.54 28.62 60.07
C GLY F 158 -5.47 28.96 59.06
N VAL F 159 -4.22 28.62 59.38
CA VAL F 159 -3.13 28.88 58.45
C VAL F 159 -3.29 28.05 57.19
N LEU F 160 -3.70 26.79 57.32
CA LEU F 160 -3.92 25.97 56.15
C LEU F 160 -5.02 26.53 55.26
N GLU F 161 -6.12 26.99 55.87
CA GLU F 161 -7.20 27.59 55.10
C GLU F 161 -6.72 28.84 54.38
N GLN F 162 -5.95 29.68 55.06
CA GLN F 162 -5.41 30.87 54.40
C GLN F 162 -4.50 30.50 53.23
N ILE F 163 -3.67 29.47 53.42
CA ILE F 163 -2.76 29.05 52.35
C ILE F 163 -3.56 28.61 51.14
N TYR F 164 -4.59 27.80 51.35
CA TYR F 164 -5.36 27.31 50.21
C TYR F 164 -6.20 28.41 49.59
N LEU F 165 -6.56 29.44 50.36
CA LEU F 165 -7.17 30.62 49.76
C LEU F 165 -6.18 31.35 48.86
N TYR F 166 -4.93 31.43 49.29
CA TYR F 166 -3.91 32.14 48.51
C TYR F 166 -3.65 31.46 47.18
N THR F 167 -3.62 30.14 47.15
CA THR F 167 -3.31 29.39 45.94
C THR F 167 -4.50 29.20 45.02
N MET F 168 -5.56 30.00 45.19
CA MET F 168 -6.71 30.00 44.30
C MET F 168 -7.38 28.62 44.24
N ASP F 169 -7.63 28.05 45.40
CA ASP F 169 -8.37 26.79 45.53
C ASP F 169 -9.60 27.03 46.37
N GLU F 170 -10.66 26.27 46.10
CA GLU F 170 -11.94 26.47 46.75
C GLU F 170 -12.33 25.33 47.68
N ALA F 171 -12.38 24.09 47.19
CA ALA F 171 -12.88 22.99 47.99
C ALA F 171 -12.04 22.77 49.24
N ARG F 172 -10.72 22.78 49.09
CA ARG F 172 -9.85 22.58 50.25
C ARG F 172 -9.96 23.76 51.22
N SER F 173 -10.13 24.96 50.69
CA SER F 173 -10.31 26.12 51.57
C SER F 173 -11.56 25.97 52.42
N GLN F 174 -12.68 25.55 51.80
CA GLN F 174 -13.90 25.35 52.56
C GLN F 174 -13.74 24.22 53.58
N PHE F 175 -13.06 23.15 53.20
CA PHE F 175 -12.81 22.04 54.12
C PHE F 175 -12.07 22.52 55.37
N TRP F 176 -10.96 23.24 55.16
CA TRP F 176 -10.18 23.69 56.30
C TRP F 176 -10.91 24.76 57.10
N GLY F 177 -11.68 25.62 56.45
CA GLY F 177 -12.47 26.60 57.18
C GLY F 177 -13.51 25.94 58.07
N GLN F 178 -14.17 24.90 57.57
CA GLN F 178 -15.12 24.17 58.39
C GLN F 178 -14.44 23.51 59.58
N LYS F 179 -13.25 22.94 59.35
CA LYS F 179 -12.51 22.34 60.47
C LYS F 179 -12.16 23.38 61.52
N LEU F 180 -11.68 24.55 61.09
CA LEU F 180 -11.33 25.60 62.04
C LEU F 180 -12.55 26.08 62.81
N GLU F 181 -13.67 26.25 62.13
CA GLU F 181 -14.90 26.67 62.81
C GLU F 181 -15.33 25.65 63.84
N ARG F 182 -15.24 24.37 63.51
CA ARG F 182 -15.60 23.34 64.47
C ARG F 182 -14.70 23.39 65.70
N ALA F 183 -13.39 23.55 65.49
CA ALA F 183 -12.47 23.62 66.63
C ALA F 183 -12.77 24.83 67.52
N VAL F 184 -13.02 25.99 66.89
CA VAL F 184 -13.32 27.20 67.66
C VAL F 184 -14.60 27.01 68.45
N MET F 185 -15.62 26.42 67.83
CA MET F 185 -16.88 26.19 68.54
C MET F 185 -16.69 25.25 69.71
N GLU F 186 -15.89 24.20 69.53
CA GLU F 186 -15.63 23.28 70.64
C GLU F 186 -14.96 23.99 71.81
N LEU F 187 -13.93 24.79 71.52
CA LEU F 187 -13.24 25.50 72.58
C LEU F 187 -14.17 26.47 73.32
N GLN F 188 -14.96 27.23 72.55
CA GLN F 188 -15.86 28.19 73.16
C GLN F 188 -16.91 27.52 74.02
N ASN F 189 -17.47 26.40 73.54
CA ASN F 189 -18.48 25.69 74.32
C ASN F 189 -17.88 25.13 75.60
N GLU F 190 -16.66 24.59 75.53
CA GLU F 190 -16.04 24.06 76.73
C GLU F 190 -15.80 25.17 77.76
N GLU F 191 -15.36 26.34 77.28
CA GLU F 191 -15.15 27.45 78.20
C GLU F 191 -16.48 27.93 78.80
N ASN F 192 -17.54 27.94 77.99
CA ASN F 192 -18.84 28.40 78.48
C ASN F 192 -19.38 27.48 79.56
N ALA F 193 -19.27 26.17 79.36
CA ALA F 193 -19.87 25.19 80.26
C ALA F 193 -18.95 24.77 81.39
N ALA F 194 -18.02 25.62 81.80
CA ALA F 194 -17.02 25.24 82.79
C ALA F 194 -17.26 25.85 84.17
N ASP F 195 -18.32 26.65 84.33
CA ASP F 195 -18.54 27.36 85.59
C ASP F 195 -19.65 26.76 86.43
N PHE F 196 -20.84 26.58 85.85
CA PHE F 196 -21.97 26.07 86.63
C PHE F 196 -22.77 25.01 85.88
N ALA F 197 -22.17 24.36 84.87
CA ALA F 197 -22.90 23.34 84.13
C ALA F 197 -23.14 22.08 84.93
N SER F 198 -22.49 21.92 86.08
CA SER F 198 -22.63 20.72 86.89
C SER F 198 -22.98 21.06 88.33
N THR F 199 -23.64 22.20 88.54
CA THR F 199 -24.07 22.59 89.88
C THR F 199 -25.56 22.89 89.89
N ARG F 200 -26.05 23.44 91.00
CA ARG F 200 -27.47 23.72 91.16
C ARG F 200 -27.72 25.22 91.18
N LEU F 201 -28.82 25.64 90.56
CA LEU F 201 -29.22 27.04 90.49
C LEU F 201 -30.57 27.22 91.15
N ALA F 202 -30.79 28.40 91.75
CA ALA F 202 -31.94 28.59 92.63
C ALA F 202 -32.73 29.87 92.42
N ILE F 203 -32.22 30.86 91.67
CA ILE F 203 -32.88 32.14 91.45
C ILE F 203 -32.92 32.95 92.74
N LYS F 204 -32.30 34.12 92.74
CA LYS F 204 -32.26 34.99 93.90
C LYS F 204 -32.93 36.33 93.56
N ASP F 205 -33.36 37.03 94.61
CA ASP F 205 -34.05 38.30 94.48
C ASP F 205 -33.15 39.44 94.94
N ILE F 206 -33.11 40.51 94.15
CA ILE F 206 -32.38 41.71 94.48
C ILE F 206 -33.32 42.91 94.37
N GLU F 207 -32.78 44.09 94.59
CA GLU F 207 -33.57 45.31 94.62
C GLU F 207 -33.11 46.39 93.64
N ARG F 208 -31.84 46.37 93.24
CA ARG F 208 -31.26 47.38 92.36
C ARG F 208 -31.42 48.78 92.94
N ALA G 2 -3.45 -4.72 77.54
CA ALA G 2 -4.18 -5.41 76.48
C ALA G 2 -4.03 -4.67 75.16
N THR G 3 -3.88 -5.43 74.07
CA THR G 3 -3.70 -4.88 72.74
C THR G 3 -2.56 -3.86 72.73
N ILE G 4 -2.88 -2.59 72.52
CA ILE G 4 -1.87 -1.54 72.57
C ILE G 4 -1.48 -1.30 74.02
N ASN G 5 -0.19 -1.30 74.30
CA ASN G 5 0.31 -1.15 75.66
C ASN G 5 1.09 0.14 75.89
N ASN G 6 1.73 0.70 74.88
CA ASN G 6 2.49 1.92 75.04
C ASN G 6 2.51 2.66 73.71
N VAL G 7 3.23 3.79 73.70
CA VAL G 7 3.22 4.66 72.53
C VAL G 7 3.90 3.99 71.34
N THR G 8 4.94 3.20 71.58
CA THR G 8 5.66 2.57 70.48
C THR G 8 4.78 1.58 69.73
N ASP G 9 3.98 0.79 70.47
CA ASP G 9 3.06 -0.13 69.82
C ASP G 9 2.02 0.63 69.01
N LEU G 10 1.54 1.76 69.53
CA LEU G 10 0.59 2.58 68.78
C LEU G 10 1.21 3.09 67.48
N ALA G 11 2.46 3.54 67.54
CA ALA G 11 3.13 4.02 66.33
C ALA G 11 3.30 2.90 65.32
N ILE G 12 3.70 1.71 65.79
CA ILE G 12 3.87 0.59 64.89
C ILE G 12 2.55 0.20 64.24
N ALA G 13 1.48 0.18 65.03
CA ALA G 13 0.18 -0.15 64.48
C ALA G 13 -0.27 0.88 63.46
N ALA G 14 -0.03 2.15 63.72
CA ALA G 14 -0.39 3.19 62.76
C ALA G 14 0.40 3.02 61.47
N ILE G 15 1.70 2.72 61.57
CA ILE G 15 2.51 2.51 60.38
C ILE G 15 1.97 1.33 59.59
N GLN G 16 1.64 0.23 60.27
CA GLN G 16 1.17 -0.96 59.58
C GLN G 16 -0.19 -0.73 58.91
N TRP G 17 -1.11 -0.07 59.61
CA TRP G 17 -2.45 0.10 59.07
C TRP G 17 -2.47 1.12 57.94
N SER G 18 -1.78 2.24 58.10
CA SER G 18 -1.80 3.26 57.05
C SER G 18 -0.97 2.85 55.85
N ASP G 19 0.03 2.00 56.06
CA ASP G 19 0.98 1.58 55.03
C ASP G 19 1.61 2.84 54.42
N ARG G 20 2.43 3.48 55.25
CA ARG G 20 3.18 4.66 54.87
C ARG G 20 4.54 4.59 55.55
N GLN G 21 5.59 4.38 54.77
CA GLN G 21 6.93 4.23 55.31
C GLN G 21 7.67 5.56 55.42
N ASP G 22 7.06 6.67 55.00
CA ASP G 22 7.71 7.97 55.02
C ASP G 22 7.39 8.78 56.28
N LEU G 23 6.62 8.23 57.20
CA LEU G 23 6.26 8.96 58.41
C LEU G 23 7.41 8.93 59.40
N THR G 24 7.76 10.10 59.93
CA THR G 24 8.84 10.23 60.90
C THR G 24 8.27 10.26 62.32
N GLN G 25 9.18 10.24 63.30
CA GLN G 25 8.78 10.27 64.70
C GLN G 25 8.06 11.57 65.04
N GLU G 26 8.56 12.70 64.52
CA GLU G 26 7.97 13.99 64.86
C GLU G 26 6.54 14.10 64.37
N LEU G 27 6.26 13.61 63.16
CA LEU G 27 4.90 13.67 62.65
C LEU G 27 3.96 12.80 63.47
N LEU G 28 4.42 11.61 63.87
CA LEU G 28 3.58 10.74 64.70
C LEU G 28 3.30 11.38 66.05
N MET G 29 4.32 12.01 66.65
CA MET G 29 4.10 12.70 67.92
C MET G 29 3.12 13.85 67.75
N LEU G 30 3.21 14.57 66.64
CA LEU G 30 2.27 15.66 66.38
C LEU G 30 0.85 15.13 66.24
N PHE G 31 0.68 14.02 65.52
CA PHE G 31 -0.66 13.44 65.38
C PHE G 31 -1.22 13.00 66.71
N ILE G 32 -0.40 12.34 67.53
CA ILE G 32 -0.85 11.87 68.84
C ILE G 32 -1.23 13.06 69.72
N GLY G 33 -0.41 14.12 69.69
CA GLY G 33 -0.74 15.30 70.47
C GLY G 33 -2.03 15.96 70.02
N ASN G 34 -2.26 16.03 68.70
CA ASN G 34 -3.50 16.59 68.20
C ASN G 34 -4.70 15.78 68.68
N THR G 35 -4.59 14.46 68.64
CA THR G 35 -5.67 13.61 69.13
C THR G 35 -5.91 13.86 70.62
N THR G 36 -4.83 13.99 71.40
CA THR G 36 -4.99 14.22 72.84
C THR G 36 -5.66 15.55 73.12
N ASP G 37 -5.27 16.61 72.41
CA ASP G 37 -5.93 17.90 72.61
C ASP G 37 -7.40 17.86 72.19
N ARG G 38 -7.72 17.13 71.12
CA ARG G 38 -9.12 16.98 70.76
C ARG G 38 -9.90 16.26 71.84
N LEU G 39 -9.29 15.22 72.43
CA LEU G 39 -9.95 14.47 73.49
C LEU G 39 -10.16 15.32 74.74
N ASN G 40 -9.20 16.21 75.04
CA ASN G 40 -9.30 17.05 76.23
C ASN G 40 -10.55 17.92 76.22
N ARG G 41 -11.13 18.18 75.05
CA ARG G 41 -12.29 19.04 74.92
C ARG G 41 -13.61 18.28 75.04
N LEU G 42 -13.57 16.96 75.19
CA LEU G 42 -14.81 16.18 75.12
C LEU G 42 -15.02 15.27 76.32
N LEU G 43 -13.96 14.69 76.88
CA LEU G 43 -14.10 13.62 77.85
C LEU G 43 -14.22 14.17 79.27
N ARG G 44 -15.21 13.66 80.00
CA ARG G 44 -15.38 13.93 81.44
C ARG G 44 -15.78 12.60 82.08
N VAL G 45 -14.78 11.87 82.58
CA VAL G 45 -14.99 10.52 83.09
C VAL G 45 -14.38 10.42 84.49
N ARG G 46 -14.47 9.23 85.07
CA ARG G 46 -13.99 9.01 86.43
C ARG G 46 -12.48 9.18 86.53
N GLU G 47 -11.73 8.66 85.56
CA GLU G 47 -10.28 8.79 85.59
C GLU G 47 -9.86 10.25 85.46
N ASN G 48 -10.61 11.03 84.67
CA ASN G 48 -10.32 12.43 84.52
C ASN G 48 -10.63 13.25 85.76
N GLU G 49 -11.42 12.70 86.68
CA GLU G 49 -11.83 13.44 87.86
C GLU G 49 -10.70 13.52 88.88
N HIS G 50 -10.79 14.52 89.76
CA HIS G 50 -9.78 14.75 90.78
C HIS G 50 -10.31 15.71 91.83
N PHE G 51 -10.15 15.38 93.10
CA PHE G 51 -10.60 16.25 94.18
C PHE G 51 -9.44 16.48 95.15
N GLU G 52 -9.35 17.71 95.65
CA GLU G 52 -8.22 18.10 96.49
C GLU G 52 -8.62 19.28 97.36
N THR G 53 -7.80 19.53 98.38
CA THR G 53 -8.05 20.60 99.33
C THR G 53 -7.25 21.84 98.95
N LEU G 54 -7.93 22.98 98.92
CA LEU G 54 -7.32 24.25 98.56
C LEU G 54 -7.55 25.27 99.67
N MET G 55 -6.60 26.19 99.80
CA MET G 55 -6.68 27.25 100.81
C MET G 55 -7.16 28.53 100.15
N ALA G 56 -8.05 29.24 100.83
CA ALA G 56 -8.58 30.51 100.32
C ALA G 56 -7.74 31.65 100.85
N PHE G 57 -7.18 32.44 99.95
CA PHE G 57 -6.33 33.56 100.32
C PHE G 57 -6.83 34.81 99.61
N GLY G 58 -6.88 35.92 100.34
CA GLY G 58 -7.36 37.16 99.77
C GLY G 58 -8.85 37.16 99.46
N GLY G 59 -9.63 36.33 100.13
CA GLY G 59 -11.05 36.24 99.88
C GLY G 59 -11.42 35.43 98.67
N GLY G 60 -10.48 34.67 98.09
CA GLY G 60 -10.78 33.90 96.91
C GLY G 60 -9.96 32.63 96.85
N ILE G 61 -10.34 31.76 95.91
CA ILE G 61 -9.69 30.49 95.67
C ILE G 61 -9.09 30.51 94.28
N GLU G 62 -7.82 30.12 94.17
CA GLU G 62 -7.14 30.09 92.89
C GLU G 62 -7.60 28.89 92.08
N ILE G 63 -7.93 29.13 90.81
CA ILE G 63 -8.32 28.03 89.92
C ILE G 63 -7.09 27.18 89.60
N PRO G 64 -7.18 25.86 89.69
CA PRO G 64 -6.00 25.02 89.39
C PRO G 64 -5.56 25.18 87.95
N GLU G 65 -4.26 24.95 87.73
CA GLU G 65 -3.68 25.18 86.41
C GLU G 65 -4.18 24.18 85.37
N HIS G 66 -4.49 22.95 85.78
CA HIS G 66 -4.98 21.93 84.86
C HIS G 66 -6.50 21.86 84.83
N PHE G 67 -7.18 22.82 85.44
CA PHE G 67 -8.63 22.80 85.52
C PHE G 67 -9.25 22.91 84.13
N VAL G 68 -10.28 22.11 83.89
CA VAL G 68 -11.06 22.18 82.67
C VAL G 68 -12.54 22.38 82.95
N ALA G 69 -13.10 21.64 83.92
CA ALA G 69 -14.50 21.79 84.29
C ALA G 69 -14.65 21.52 85.78
N LEU G 70 -15.61 22.20 86.40
CA LEU G 70 -15.82 22.13 87.83
C LEU G 70 -17.01 21.23 88.16
N ARG G 71 -16.83 20.36 89.16
CA ARG G 71 -17.88 19.48 89.62
C ARG G 71 -18.52 19.97 90.92
N SER G 72 -17.71 20.33 91.91
CA SER G 72 -18.27 20.74 93.19
C SER G 72 -17.23 21.48 94.02
N ILE G 73 -17.70 22.39 94.86
CA ILE G 73 -16.90 23.05 95.88
C ILE G 73 -17.61 22.90 97.22
N THR G 74 -16.89 22.42 98.23
CA THR G 74 -17.48 22.17 99.53
C THR G 74 -16.66 22.87 100.60
N GLY G 75 -17.34 23.59 101.49
CA GLY G 75 -16.66 24.18 102.62
C GLY G 75 -16.22 23.13 103.61
N ASP G 76 -15.21 23.48 104.41
CA ASP G 76 -14.71 22.55 105.40
C ASP G 76 -15.63 22.57 106.62
N SER G 77 -15.43 21.60 107.52
CA SER G 77 -16.31 21.45 108.67
C SER G 77 -16.29 22.69 109.57
N LEU G 78 -15.12 23.27 109.80
CA LEU G 78 -15.02 24.40 110.73
C LEU G 78 -15.62 25.68 110.17
N ILE G 79 -15.94 25.74 108.89
CA ILE G 79 -16.54 26.93 108.30
C ILE G 79 -17.96 26.66 107.80
N GLY G 80 -18.56 25.56 108.22
CA GLY G 80 -19.94 25.27 107.87
C GLY G 80 -20.13 23.93 107.19
N GLY G 81 -19.18 23.54 106.36
CA GLY G 81 -19.30 22.27 105.64
C GLY G 81 -20.46 22.24 104.67
N ARG G 82 -20.70 23.33 103.97
CA ARG G 82 -21.78 23.42 103.00
C ARG G 82 -21.26 23.25 101.59
N THR G 83 -22.16 22.92 100.67
CA THR G 83 -21.87 22.86 99.25
C THR G 83 -22.25 24.19 98.63
N LEU G 84 -21.27 24.86 98.03
CA LEU G 84 -21.47 26.23 97.57
C LEU G 84 -22.40 26.28 96.36
N GLN G 85 -23.01 27.44 96.18
CA GLN G 85 -23.93 27.68 95.07
C GLN G 85 -23.46 28.89 94.27
N TYR G 86 -23.73 28.86 92.97
CA TYR G 86 -23.27 29.91 92.07
C TYR G 86 -24.24 31.08 92.07
N ILE G 87 -23.69 32.29 92.13
CA ILE G 87 -24.46 33.52 92.02
C ILE G 87 -23.74 34.46 91.07
N THR G 88 -24.51 35.38 90.49
CA THR G 88 -23.95 36.35 89.57
C THR G 88 -23.29 37.50 90.33
N GLN G 89 -22.64 38.39 89.57
CA GLN G 89 -21.94 39.50 90.19
C GLN G 89 -22.90 40.46 90.89
N ASP G 90 -24.05 40.72 90.28
CA ASP G 90 -25.01 41.65 90.88
C ASP G 90 -25.52 41.15 92.22
N ILE G 91 -25.83 39.85 92.30
CA ILE G 91 -26.29 39.29 93.56
C ILE G 91 -25.19 39.36 94.61
N PHE G 92 -23.95 39.08 94.21
CA PHE G 92 -22.83 39.17 95.14
C PHE G 92 -22.69 40.60 95.69
N THR G 93 -22.77 41.59 94.81
CA THR G 93 -22.63 42.97 95.23
C THR G 93 -23.77 43.38 96.17
N HIS G 94 -25.00 42.98 95.83
CA HIS G 94 -26.13 43.30 96.69
C HIS G 94 -25.98 42.66 98.06
N TYR G 95 -25.56 41.40 98.10
CA TYR G 95 -25.38 40.72 99.38
C TYR G 95 -24.30 41.39 100.21
N VAL G 96 -23.21 41.80 99.57
CA VAL G 96 -22.14 42.49 100.30
C VAL G 96 -22.65 43.81 100.86
N ASN G 97 -23.40 44.56 100.05
CA ASN G 97 -23.83 45.89 100.47
C ASN G 97 -24.85 45.83 101.60
N TYR G 98 -25.65 44.78 101.65
CA TYR G 98 -26.73 44.67 102.63
C TYR G 98 -26.38 43.79 103.81
N ASN G 99 -25.12 43.34 103.91
CA ASN G 99 -24.63 42.44 104.96
C ASN G 99 -25.66 41.35 105.26
N TYR G 100 -25.89 40.51 104.24
CA TYR G 100 -26.91 39.47 104.32
C TYR G 100 -26.67 38.55 105.51
N GLN G 101 -25.42 38.14 105.73
CA GLN G 101 -25.01 37.36 106.90
C GLN G 101 -25.77 36.05 107.04
N PRO G 102 -25.51 35.07 106.18
CA PRO G 102 -26.04 33.72 106.41
C PRO G 102 -25.18 33.00 107.45
N GLN G 103 -25.51 31.73 107.68
CA GLN G 103 -24.81 30.98 108.73
C GLN G 103 -23.35 30.76 108.39
N GLY G 104 -23.07 30.28 107.19
CA GLY G 104 -21.69 30.02 106.79
C GLY G 104 -21.45 30.31 105.33
N VAL G 105 -20.30 29.88 104.82
CA VAL G 105 -19.99 30.08 103.41
C VAL G 105 -21.00 29.31 102.57
N THR G 106 -21.71 30.02 101.70
CA THR G 106 -22.82 29.40 100.99
C THR G 106 -22.75 29.63 99.48
N TYR G 107 -22.18 30.75 99.05
CA TYR G 107 -22.25 31.15 97.66
C TYR G 107 -20.85 31.44 97.12
N TYR G 108 -20.72 31.34 95.80
CA TYR G 108 -19.46 31.62 95.13
C TYR G 108 -19.74 32.18 93.75
N THR G 109 -18.76 32.91 93.23
CA THR G 109 -18.83 33.48 91.89
C THR G 109 -17.43 33.49 91.31
N ARG G 110 -17.33 33.76 90.01
CA ARG G 110 -16.05 33.75 89.31
C ARG G 110 -15.65 35.16 88.94
N LEU G 111 -14.42 35.53 89.30
CA LEU G 111 -13.85 36.82 88.92
C LEU G 111 -12.43 36.59 88.43
N GLY G 112 -12.18 36.88 87.16
CA GLY G 112 -10.88 36.63 86.59
C GLY G 112 -10.54 35.16 86.66
N ASN G 113 -9.44 34.83 87.33
CA ASN G 113 -9.02 33.46 87.55
C ASN G 113 -9.28 32.98 88.97
N PHE G 114 -10.21 33.59 89.67
CA PHE G 114 -10.45 33.28 91.07
C PHE G 114 -11.92 33.00 91.32
N TRP G 115 -12.18 32.21 92.36
CA TRP G 115 -13.53 31.98 92.86
C TRP G 115 -13.69 32.76 94.16
N ARG G 116 -14.62 33.72 94.16
CA ARG G 116 -14.87 34.55 95.33
C ARG G 116 -16.10 34.05 96.06
N VAL G 117 -15.97 33.84 97.36
CA VAL G 117 -17.07 33.41 98.21
C VAL G 117 -17.65 34.62 98.93
N PHE G 118 -18.97 34.59 99.16
CA PHE G 118 -19.63 35.78 99.70
C PHE G 118 -19.30 36.02 101.17
N PRO G 119 -19.58 35.09 102.09
CA PRO G 119 -19.23 35.37 103.49
C PRO G 119 -17.73 35.35 103.66
N VAL G 120 -17.10 36.48 103.33
CA VAL G 120 -15.64 36.57 103.23
C VAL G 120 -15.00 36.01 104.48
N VAL G 121 -14.07 35.07 104.28
CA VAL G 121 -13.44 34.36 105.38
C VAL G 121 -11.98 34.78 105.47
N PRO G 122 -11.37 34.69 106.65
CA PRO G 122 -9.94 35.02 106.76
C PRO G 122 -9.09 34.02 105.98
N ASP G 123 -7.88 34.46 105.62
CA ASP G 123 -6.98 33.64 104.84
C ASP G 123 -6.65 32.35 105.58
N GLY G 124 -6.56 31.25 104.83
CA GLY G 124 -6.31 29.95 105.39
C GLY G 124 -7.53 29.06 105.50
N ALA G 125 -8.68 29.52 105.02
CA ALA G 125 -9.88 28.70 105.06
C ALA G 125 -9.77 27.55 104.07
N PRO G 126 -9.95 26.30 104.50
CA PRO G 126 -9.83 25.17 103.58
C PRO G 126 -11.15 24.84 102.89
N PHE G 127 -11.03 24.44 101.63
CA PHE G 127 -12.16 24.01 100.82
C PHE G 127 -11.78 22.72 100.12
N ILE G 128 -12.78 21.91 99.81
CA ILE G 128 -12.60 20.68 99.05
C ILE G 128 -13.19 20.90 97.66
N VAL G 129 -12.34 20.85 96.65
CA VAL G 129 -12.74 21.13 95.28
C VAL G 129 -12.64 19.83 94.49
N ASN G 130 -13.74 19.45 93.83
CA ASN G 130 -13.80 18.30 92.97
C ASN G 130 -14.01 18.80 91.55
N TYR G 131 -13.10 18.43 90.64
CA TYR G 131 -13.10 18.98 89.30
C TYR G 131 -12.42 18.01 88.36
N TRP G 132 -12.61 18.25 87.06
CA TRP G 132 -11.96 17.47 86.02
C TRP G 132 -10.70 18.18 85.55
N THR G 133 -9.76 17.41 85.02
CA THR G 133 -8.49 17.94 84.54
C THR G 133 -8.28 17.51 83.09
N VAL G 134 -7.09 17.79 82.56
CA VAL G 134 -6.75 17.43 81.20
C VAL G 134 -6.09 16.05 81.20
N LEU G 135 -6.15 15.38 80.06
CA LEU G 135 -5.57 14.07 79.93
C LEU G 135 -4.04 14.17 79.98
N PRO G 136 -3.37 13.14 80.51
CA PRO G 136 -1.91 13.15 80.53
C PRO G 136 -1.33 13.09 79.14
N GLU G 137 -0.16 13.72 78.98
CA GLU G 137 0.50 13.72 77.68
C GLU G 137 1.02 12.33 77.34
N LEU G 138 0.87 11.95 76.07
CA LEU G 138 1.37 10.69 75.56
C LEU G 138 2.54 10.99 74.63
N SER G 139 3.74 10.59 75.04
CA SER G 139 4.95 10.85 74.27
C SER G 139 6.00 9.82 74.66
N LEU G 140 7.21 10.01 74.13
CA LEU G 140 8.30 9.11 74.46
C LEU G 140 8.70 9.22 75.92
N ALA G 141 8.63 10.42 76.50
CA ALA G 141 8.94 10.59 77.91
C ALA G 141 7.91 9.92 78.81
N ASN G 142 6.63 9.94 78.40
CA ASN G 142 5.54 9.34 79.16
C ASN G 142 4.82 8.34 78.25
N PRO G 143 5.31 7.10 78.18
CA PRO G 143 4.81 6.18 77.16
C PRO G 143 3.51 5.48 77.52
N THR G 144 2.99 5.63 78.73
CA THR G 144 1.79 4.92 79.14
C THR G 144 0.82 5.88 79.82
N THR G 145 -0.44 5.85 79.40
CA THR G 145 -1.51 6.60 80.03
C THR G 145 -2.72 5.71 80.19
N TRP G 146 -3.63 6.11 81.09
CA TRP G 146 -4.85 5.33 81.29
C TRP G 146 -5.75 5.36 80.07
N ALA G 147 -5.75 6.46 79.31
CA ALA G 147 -6.59 6.56 78.14
C ALA G 147 -6.22 5.51 77.10
N LEU G 148 -4.92 5.31 76.88
CA LEU G 148 -4.48 4.29 75.95
C LEU G 148 -4.86 2.89 76.43
N THR G 149 -4.72 2.64 77.73
CA THR G 149 -5.00 1.31 78.26
C THR G 149 -6.49 1.00 78.32
N LYS G 150 -7.34 2.02 78.34
CA LYS G 150 -8.78 1.77 78.44
C LYS G 150 -9.38 1.40 77.09
N TYR G 151 -9.30 2.32 76.12
CA TYR G 151 -9.93 2.16 74.81
C TYR G 151 -8.91 2.51 73.72
N PRO G 152 -8.03 1.58 73.37
CA PRO G 152 -6.98 1.89 72.39
C PRO G 152 -7.52 2.26 71.01
N GLN G 153 -8.72 1.80 70.66
CA GLN G 153 -9.28 2.12 69.37
C GLN G 153 -9.42 3.63 69.17
N ILE G 154 -9.67 4.37 70.25
CA ILE G 154 -9.80 5.81 70.14
C ILE G 154 -8.51 6.41 69.59
N TYR G 155 -7.37 6.07 70.20
CA TYR G 155 -6.11 6.62 69.77
C TYR G 155 -5.74 6.12 68.38
N LEU G 156 -5.99 4.84 68.09
CA LEU G 156 -5.66 4.30 66.78
C LEU G 156 -6.43 5.04 65.69
N TYR G 157 -7.74 5.21 65.87
CA TYR G 157 -8.56 5.88 64.87
C TYR G 157 -8.20 7.35 64.75
N GLY G 158 -7.91 8.01 65.87
CA GLY G 158 -7.50 9.40 65.79
C GLY G 158 -6.20 9.59 65.02
N VAL G 159 -5.22 8.71 65.27
CA VAL G 159 -3.96 8.79 64.55
C VAL G 159 -4.17 8.53 63.08
N LEU G 160 -5.00 7.55 62.74
CA LEU G 160 -5.28 7.28 61.33
C LEU G 160 -5.94 8.47 60.64
N GLU G 161 -6.89 9.10 61.32
CA GLU G 161 -7.54 10.28 60.76
C GLU G 161 -6.55 11.41 60.53
N GLN G 162 -5.66 11.63 61.51
CA GLN G 162 -4.64 12.66 61.33
C GLN G 162 -3.72 12.34 60.17
N ILE G 163 -3.34 11.06 60.03
CA ILE G 163 -2.46 10.66 58.94
C ILE G 163 -3.11 10.94 57.60
N TYR G 164 -4.38 10.55 57.45
CA TYR G 164 -5.06 10.77 56.18
C TYR G 164 -5.35 12.24 55.94
N LEU G 165 -5.44 13.05 56.99
CA LEU G 165 -5.50 14.50 56.79
C LEU G 165 -4.16 15.02 56.28
N TYR G 166 -3.06 14.45 56.76
CA TYR G 166 -1.73 14.91 56.37
C TYR G 166 -1.48 14.69 54.89
N THR G 167 -1.94 13.56 54.35
CA THR G 167 -1.72 13.22 52.96
C THR G 167 -2.79 13.80 52.04
N MET G 168 -3.45 14.88 52.47
CA MET G 168 -4.53 15.56 51.73
C MET G 168 -5.46 14.57 51.03
N ASP G 169 -6.06 13.72 51.85
CA ASP G 169 -7.13 12.82 51.41
C ASP G 169 -8.39 13.16 52.18
N GLU G 170 -9.53 13.19 51.49
CA GLU G 170 -10.77 13.70 52.06
C GLU G 170 -11.69 12.58 52.56
N ALA G 171 -12.04 11.63 51.70
CA ALA G 171 -13.04 10.63 52.06
C ALA G 171 -12.58 9.78 53.24
N ARG G 172 -11.35 9.27 53.18
CA ARG G 172 -10.87 8.40 54.24
C ARG G 172 -10.71 9.15 55.55
N SER G 173 -10.33 10.42 55.49
CA SER G 173 -10.23 11.22 56.71
C SER G 173 -11.58 11.32 57.40
N GLN G 174 -12.64 11.60 56.63
CA GLN G 174 -13.97 11.67 57.22
C GLN G 174 -14.43 10.32 57.74
N PHE G 175 -14.10 9.24 57.04
CA PHE G 175 -14.45 7.90 57.48
C PHE G 175 -13.83 7.61 58.85
N TRP G 176 -12.52 7.84 58.98
CA TRP G 176 -11.86 7.58 60.25
C TRP G 176 -12.31 8.54 61.34
N GLY G 177 -12.64 9.79 60.98
CA GLY G 177 -13.16 10.72 61.97
C GLY G 177 -14.50 10.27 62.52
N GLN G 178 -15.38 9.76 61.64
CA GLN G 178 -16.65 9.22 62.11
C GLN G 178 -16.43 8.03 63.03
N LYS G 179 -15.48 7.15 62.69
CA LYS G 179 -15.17 6.02 63.57
C LYS G 179 -14.72 6.50 64.94
N LEU G 180 -13.81 7.48 64.96
CA LEU G 180 -13.30 8.00 66.23
C LEU G 180 -14.42 8.64 67.05
N GLU G 181 -15.29 9.41 66.40
CA GLU G 181 -16.39 10.05 67.13
C GLU G 181 -17.33 9.00 67.72
N ARG G 182 -17.61 7.94 66.96
CA ARG G 182 -18.47 6.88 67.49
C ARG G 182 -17.84 6.22 68.70
N ALA G 183 -16.53 5.95 68.63
CA ALA G 183 -15.87 5.32 69.78
C ALA G 183 -15.91 6.22 71.01
N VAL G 184 -15.63 7.52 70.82
CA VAL G 184 -15.63 8.44 71.95
C VAL G 184 -17.03 8.54 72.55
N MET G 185 -18.05 8.62 71.70
CA MET G 185 -19.42 8.70 72.20
C MET G 185 -19.79 7.45 72.98
N GLU G 186 -19.39 6.27 72.49
CA GLU G 186 -19.67 5.04 73.20
C GLU G 186 -19.04 5.04 74.58
N LEU G 187 -17.76 5.44 74.65
CA LEU G 187 -17.08 5.47 75.95
C LEU G 187 -17.75 6.45 76.91
N GLN G 188 -18.09 7.64 76.41
CA GLN G 188 -18.70 8.65 77.27
C GLN G 188 -20.06 8.18 77.78
N ASN G 189 -20.87 7.57 76.91
CA ASN G 189 -22.17 7.08 77.34
C ASN G 189 -22.03 5.96 78.36
N GLU G 190 -21.08 5.06 78.15
CA GLU G 190 -20.87 3.97 79.11
C GLU G 190 -20.45 4.51 80.47
N GLU G 191 -19.59 5.53 80.49
CA GLU G 191 -19.21 6.13 81.75
C GLU G 191 -20.38 6.85 82.41
N ASN G 192 -21.19 7.54 81.60
CA ASN G 192 -22.31 8.29 82.15
C ASN G 192 -23.33 7.37 82.81
N ALA G 193 -23.65 6.25 82.15
CA ALA G 193 -24.71 5.37 82.62
C ALA G 193 -24.23 4.32 83.61
N ALA G 194 -23.12 4.57 84.31
CA ALA G 194 -22.52 3.56 85.17
C ALA G 194 -22.79 3.80 86.65
N ASP G 195 -23.52 4.85 87.01
CA ASP G 195 -23.70 5.21 88.42
C ASP G 195 -25.08 4.82 88.95
N PHE G 196 -26.14 5.26 88.28
CA PHE G 196 -27.48 5.00 88.78
C PHE G 196 -28.46 4.63 87.66
N ALA G 197 -27.97 4.16 86.53
CA ALA G 197 -28.87 3.82 85.43
C ALA G 197 -29.69 2.56 85.69
N SER G 198 -29.32 1.77 86.70
CA SER G 198 -30.05 0.54 87.01
C SER G 198 -30.50 0.53 88.48
N THR G 199 -30.77 1.71 89.04
CA THR G 199 -31.27 1.80 90.41
C THR G 199 -32.53 2.66 90.44
N ARG G 200 -32.98 3.01 91.63
CA ARG G 200 -34.24 3.75 91.80
C ARG G 200 -33.97 5.15 92.33
N LEU G 201 -34.76 6.11 91.87
CA LEU G 201 -34.65 7.50 92.26
C LEU G 201 -35.96 7.96 92.87
N ALA G 202 -35.89 8.87 93.84
CA ALA G 202 -37.05 9.22 94.64
C ALA G 202 -37.30 10.70 94.84
N ILE G 203 -36.33 11.58 94.57
CA ILE G 203 -36.45 13.02 94.77
C ILE G 203 -36.49 13.36 96.26
N LYS G 204 -35.55 14.18 96.72
CA LYS G 204 -35.47 14.60 98.11
C LYS G 204 -35.57 16.12 98.18
N ASP G 205 -35.73 16.62 99.41
CA ASP G 205 -35.90 18.05 99.66
C ASP G 205 -34.77 18.55 100.53
N ILE G 206 -34.25 19.74 100.19
CA ILE G 206 -33.22 20.41 100.95
C ILE G 206 -33.68 21.83 101.24
N GLU G 207 -32.80 22.61 101.88
CA GLU G 207 -33.13 23.96 102.30
C GLU G 207 -32.17 25.01 101.76
N ARG G 208 -30.94 24.65 101.39
CA ARG G 208 -29.92 25.59 100.94
C ARG G 208 -29.67 26.70 101.96
N ALA H 2 -19.28 -25.85 70.70
CA ALA H 2 -19.83 -26.09 69.36
C ALA H 2 -19.25 -25.11 68.36
N THR H 3 -19.20 -25.52 67.10
CA THR H 3 -18.61 -24.73 66.02
C THR H 3 -17.21 -24.27 66.40
N ILE H 4 -17.05 -23.00 66.72
CA ILE H 4 -15.76 -22.48 67.16
C ILE H 4 -15.58 -22.82 68.63
N ASN H 5 -14.45 -23.45 68.97
CA ASN H 5 -14.19 -23.90 70.33
C ASN H 5 -13.13 -23.08 71.05
N ASN H 6 -12.05 -22.70 70.38
CA ASN H 6 -10.99 -21.94 71.01
C ASN H 6 -10.48 -20.89 70.03
N VAL H 7 -9.43 -20.18 70.44
CA VAL H 7 -8.95 -19.05 69.65
C VAL H 7 -8.32 -19.51 68.33
N THR H 8 -7.66 -20.67 68.34
CA THR H 8 -7.02 -21.15 67.13
C THR H 8 -8.04 -21.45 66.04
N ASP H 9 -9.17 -22.03 66.41
CA ASP H 9 -10.23 -22.29 65.43
C ASP H 9 -10.76 -20.97 64.88
N LEU H 10 -10.89 -19.95 65.73
CA LEU H 10 -11.34 -18.65 65.25
C LEU H 10 -10.35 -18.06 64.25
N ALA H 11 -9.06 -18.17 64.54
CA ALA H 11 -8.05 -17.66 63.62
C ALA H 11 -8.09 -18.39 62.29
N ILE H 12 -8.23 -19.72 62.34
CA ILE H 12 -8.29 -20.51 61.11
C ILE H 12 -9.52 -20.12 60.30
N ALA H 13 -10.67 -19.96 60.97
CA ALA H 13 -11.89 -19.58 60.26
C ALA H 13 -11.75 -18.21 59.63
N ALA H 14 -11.12 -17.26 60.34
CA ALA H 14 -10.90 -15.93 59.78
C ALA H 14 -10.01 -16.00 58.55
N ILE H 15 -8.93 -16.78 58.63
CA ILE H 15 -8.03 -16.92 57.48
C ILE H 15 -8.78 -17.52 56.30
N GLN H 16 -9.59 -18.56 56.54
CA GLN H 16 -10.30 -19.22 55.45
C GLN H 16 -11.34 -18.30 54.83
N TRP H 17 -12.10 -17.57 55.64
CA TRP H 17 -13.17 -16.74 55.11
C TRP H 17 -12.63 -15.50 54.40
N SER H 18 -11.63 -14.84 54.99
CA SER H 18 -11.11 -13.63 54.38
C SER H 18 -10.26 -13.94 53.16
N ASP H 19 -9.67 -15.13 53.11
CA ASP H 19 -8.75 -15.53 52.05
C ASP H 19 -7.58 -14.53 51.98
N ARG H 20 -6.82 -14.49 53.06
CA ARG H 20 -5.65 -13.63 53.17
C ARG H 20 -4.56 -14.42 53.88
N GLN H 21 -3.53 -14.82 53.14
CA GLN H 21 -2.46 -15.63 53.69
C GLN H 21 -1.33 -14.81 54.27
N ASP H 22 -1.43 -13.49 54.28
CA ASP H 22 -0.38 -12.62 54.78
C ASP H 22 -0.66 -12.09 56.17
N LEU H 23 -1.64 -12.66 56.87
CA LEU H 23 -2.00 -12.20 58.20
C LEU H 23 -1.18 -12.95 59.25
N THR H 24 -0.38 -12.21 60.01
CA THR H 24 0.44 -12.81 61.05
C THR H 24 -0.38 -12.99 62.32
N GLN H 25 0.24 -13.63 63.31
CA GLN H 25 -0.44 -13.89 64.58
C GLN H 25 -0.74 -12.58 65.32
N GLU H 26 0.19 -11.63 65.27
CA GLU H 26 0.02 -10.39 66.02
C GLU H 26 -1.17 -9.59 65.52
N LEU H 27 -1.35 -9.53 64.20
CA LEU H 27 -2.49 -8.80 63.64
C LEU H 27 -3.80 -9.44 64.05
N LEU H 28 -3.87 -10.77 64.03
CA LEU H 28 -5.09 -11.46 64.45
C LEU H 28 -5.38 -11.21 65.93
N MET H 29 -4.33 -11.25 66.76
CA MET H 29 -4.53 -10.94 68.18
C MET H 29 -5.02 -9.52 68.37
N LEU H 30 -4.49 -8.57 67.59
CA LEU H 30 -4.96 -7.19 67.68
C LEU H 30 -6.43 -7.09 67.28
N PHE H 31 -6.82 -7.78 66.21
CA PHE H 31 -8.22 -7.73 65.77
C PHE H 31 -9.14 -8.30 66.84
N ILE H 32 -8.77 -9.44 67.41
CA ILE H 32 -9.61 -10.07 68.44
C ILE H 32 -9.70 -9.17 69.65
N GLY H 33 -8.58 -8.56 70.06
CA GLY H 33 -8.62 -7.64 71.18
C GLY H 33 -9.52 -6.46 70.92
N ASN H 34 -9.44 -5.88 69.71
CA ASN H 34 -10.28 -4.74 69.38
C ASN H 34 -11.75 -5.12 69.46
N THR H 35 -12.11 -6.30 68.95
CA THR H 35 -13.48 -6.76 69.08
C THR H 35 -13.87 -6.91 70.55
N THR H 36 -12.93 -7.37 71.39
CA THR H 36 -13.23 -7.54 72.80
C THR H 36 -13.54 -6.21 73.49
N ASP H 37 -12.69 -5.21 73.28
CA ASP H 37 -13.00 -3.91 73.90
C ASP H 37 -14.24 -3.27 73.30
N ARG H 38 -14.54 -3.52 72.03
CA ARG H 38 -15.79 -3.02 71.49
C ARG H 38 -16.98 -3.66 72.18
N LEU H 39 -16.90 -4.97 72.44
CA LEU H 39 -17.98 -5.66 73.15
C LEU H 39 -18.09 -5.21 74.60
N ASN H 40 -16.96 -4.79 75.19
CA ASN H 40 -16.95 -4.48 76.62
C ASN H 40 -17.91 -3.34 76.96
N ARG H 41 -18.18 -2.44 76.02
CA ARG H 41 -19.02 -1.29 76.27
C ARG H 41 -20.48 -1.52 75.90
N LEU H 42 -20.85 -2.73 75.50
CA LEU H 42 -22.20 -2.98 75.00
C LEU H 42 -22.94 -4.06 75.74
N LEU H 43 -22.28 -5.13 76.16
CA LEU H 43 -22.96 -6.31 76.68
C LEU H 43 -23.14 -6.21 78.20
N ARG H 44 -24.37 -6.47 78.66
CA ARG H 44 -24.69 -6.58 80.08
C ARG H 44 -25.59 -7.80 80.23
N VAL H 45 -24.99 -8.95 80.49
CA VAL H 45 -25.69 -10.22 80.50
C VAL H 45 -25.41 -10.94 81.82
N ARG H 46 -25.97 -12.15 81.95
CA ARG H 46 -25.82 -12.92 83.17
C ARG H 46 -24.37 -13.32 83.39
N GLU H 47 -23.68 -13.78 82.35
CA GLU H 47 -22.29 -14.20 82.50
C GLU H 47 -21.37 -13.04 82.83
N ASN H 48 -21.80 -11.82 82.60
CA ASN H 48 -21.02 -10.63 82.90
C ASN H 48 -21.28 -10.08 84.29
N GLU H 49 -22.09 -10.76 85.09
CA GLU H 49 -22.57 -10.25 86.36
C GLU H 49 -21.84 -10.94 87.51
N HIS H 50 -21.35 -10.15 88.45
CA HIS H 50 -20.68 -10.66 89.64
C HIS H 50 -21.26 -9.96 90.87
N PHE H 51 -21.52 -10.74 91.91
CA PHE H 51 -21.93 -10.19 93.20
C PHE H 51 -20.97 -10.69 94.26
N GLU H 52 -20.52 -9.80 95.12
CA GLU H 52 -19.51 -10.14 96.10
C GLU H 52 -19.59 -9.21 97.30
N THR H 53 -18.94 -9.62 98.39
CA THR H 53 -18.95 -8.87 99.63
C THR H 53 -17.73 -7.96 99.69
N LEU H 54 -17.98 -6.69 99.96
CA LEU H 54 -16.94 -5.67 100.07
C LEU H 54 -16.91 -5.08 101.47
N MET H 55 -15.75 -4.57 101.84
CA MET H 55 -15.50 -4.01 103.16
C MET H 55 -15.54 -2.50 103.07
N ALA H 56 -16.10 -1.85 104.08
CA ALA H 56 -16.16 -0.39 104.13
C ALA H 56 -15.03 0.12 105.00
N PHE H 57 -14.18 0.96 104.44
CA PHE H 57 -13.05 1.54 105.16
C PHE H 57 -13.04 3.04 104.94
N GLY H 58 -12.84 3.79 106.02
CA GLY H 58 -12.84 5.23 105.94
C GLY H 58 -14.16 5.82 105.51
N GLY H 59 -15.27 5.18 105.87
CA GLY H 59 -16.57 5.66 105.47
C GLY H 59 -16.86 5.53 104.00
N GLY H 60 -16.17 4.65 103.29
CA GLY H 60 -16.36 4.51 101.87
C GLY H 60 -16.10 3.09 101.39
N ILE H 61 -16.55 2.82 100.18
CA ILE H 61 -16.40 1.53 99.52
C ILE H 61 -15.59 1.74 98.25
N GLU H 62 -14.55 0.92 98.08
CA GLU H 62 -13.67 1.05 96.93
C GLU H 62 -14.28 0.37 95.72
N ILE H 63 -14.32 1.09 94.60
CA ILE H 63 -14.90 0.54 93.36
C ILE H 63 -13.99 -0.57 92.84
N PRO H 64 -14.53 -1.71 92.42
CA PRO H 64 -13.68 -2.78 91.89
C PRO H 64 -12.99 -2.36 90.60
N GLU H 65 -11.83 -2.99 90.34
CA GLU H 65 -11.01 -2.59 89.21
C GLU H 65 -11.64 -2.98 87.87
N HIS H 66 -12.39 -4.08 87.82
CA HIS H 66 -13.02 -4.53 86.60
C HIS H 66 -14.46 -4.04 86.46
N PHE H 67 -14.90 -3.19 87.38
CA PHE H 67 -16.25 -2.66 87.36
C PHE H 67 -16.51 -1.89 86.08
N VAL H 68 -17.70 -2.10 85.49
CA VAL H 68 -18.16 -1.30 84.36
C VAL H 68 -19.52 -0.67 84.64
N ALA H 69 -20.45 -1.45 85.20
CA ALA H 69 -21.76 -0.93 85.56
C ALA H 69 -22.20 -1.54 86.88
N LEU H 70 -23.01 -0.80 87.62
CA LEU H 70 -23.46 -1.20 88.95
C LEU H 70 -24.92 -1.61 88.90
N ARG H 71 -25.23 -2.74 89.53
CA ARG H 71 -26.61 -3.23 89.59
C ARG H 71 -27.27 -2.92 90.94
N SER H 72 -26.63 -3.25 92.05
CA SER H 72 -27.23 -2.97 93.34
C SER H 72 -26.18 -3.00 94.44
N ILE H 73 -26.46 -2.28 95.52
CA ILE H 73 -25.68 -2.32 96.75
C ILE H 73 -26.62 -2.60 97.90
N THR H 74 -26.30 -3.60 98.71
CA THR H 74 -27.16 -3.99 99.82
C THR H 74 -26.35 -4.06 101.10
N GLY H 75 -26.81 -3.40 102.14
CA GLY H 75 -26.16 -3.50 103.42
C GLY H 75 -26.33 -4.88 104.03
N ASP H 76 -25.38 -5.24 104.89
CA ASP H 76 -25.49 -6.50 105.60
C ASP H 76 -26.58 -6.38 106.66
N SER H 77 -27.15 -7.53 107.03
CA SER H 77 -28.24 -7.55 108.00
C SER H 77 -27.81 -6.98 109.35
N LEU H 78 -26.52 -6.99 109.66
CA LEU H 78 -26.05 -6.44 110.93
C LEU H 78 -26.16 -4.93 110.98
N ILE H 79 -26.27 -4.27 109.82
CA ILE H 79 -26.35 -2.82 109.77
C ILE H 79 -27.63 -2.35 109.09
N GLY H 80 -28.66 -3.19 109.07
CA GLY H 80 -29.94 -2.81 108.50
C GLY H 80 -30.41 -3.71 107.40
N GLY H 81 -29.48 -4.17 106.56
CA GLY H 81 -29.86 -5.03 105.44
C GLY H 81 -30.78 -4.39 104.44
N ARG H 82 -30.53 -3.13 104.09
CA ARG H 82 -31.36 -2.39 103.16
C ARG H 82 -30.64 -2.22 101.83
N THR H 83 -31.41 -1.85 100.81
CA THR H 83 -30.89 -1.56 99.48
C THR H 83 -30.65 -0.06 99.38
N LEU H 84 -29.42 0.34 99.09
CA LEU H 84 -29.06 1.74 99.11
C LEU H 84 -29.67 2.48 97.93
N GLN H 85 -29.87 3.79 98.10
CA GLN H 85 -30.46 4.64 97.08
C GLN H 85 -29.53 5.80 96.79
N TYR H 86 -29.37 6.12 95.51
CA TYR H 86 -28.44 7.16 95.10
C TYR H 86 -28.95 8.55 95.48
N ILE H 87 -28.05 9.40 95.96
CA ILE H 87 -28.35 10.80 96.23
C ILE H 87 -27.19 11.65 95.73
N THR H 88 -27.46 12.94 95.53
CA THR H 88 -26.46 13.86 95.04
C THR H 88 -25.59 14.36 96.18
N GLN H 89 -24.58 15.17 95.83
CA GLN H 89 -23.67 15.69 96.85
C GLN H 89 -24.36 16.69 97.76
N ASP H 90 -25.23 17.54 97.20
CA ASP H 90 -25.93 18.53 98.01
C ASP H 90 -26.82 17.88 99.05
N ILE H 91 -27.57 16.85 98.65
CA ILE H 91 -28.42 16.14 99.61
C ILE H 91 -27.56 15.48 100.68
N PHE H 92 -26.43 14.89 100.27
CA PHE H 92 -25.54 14.24 101.22
C PHE H 92 -25.04 15.22 102.28
N THR H 93 -24.54 16.38 101.83
CA THR H 93 -23.98 17.33 102.78
C THR H 93 -25.07 17.96 103.64
N HIS H 94 -26.27 18.18 103.09
CA HIS H 94 -27.36 18.69 103.91
C HIS H 94 -27.75 17.68 104.99
N TYR H 95 -27.84 16.40 104.62
CA TYR H 95 -28.17 15.38 105.60
C TYR H 95 -27.10 15.30 106.68
N VAL H 96 -25.82 15.40 106.30
CA VAL H 96 -24.75 15.38 107.29
C VAL H 96 -24.86 16.57 108.21
N ASN H 97 -25.11 17.76 107.67
CA ASN H 97 -25.15 18.97 108.49
C ASN H 97 -26.33 18.96 109.44
N TYR H 98 -27.49 18.49 108.99
CA TYR H 98 -28.70 18.57 109.79
C TYR H 98 -28.94 17.35 110.65
N ASN H 99 -28.05 16.37 110.63
CA ASN H 99 -28.17 15.15 111.45
C ASN H 99 -29.51 14.46 111.20
N TYR H 100 -29.68 13.98 109.96
CA TYR H 100 -30.94 13.36 109.58
C TYR H 100 -31.23 12.11 110.41
N GLN H 101 -30.22 11.26 110.61
CA GLN H 101 -30.31 10.09 111.46
C GLN H 101 -31.46 9.17 111.10
N PRO H 102 -31.40 8.47 109.96
CA PRO H 102 -32.40 7.43 109.68
C PRO H 102 -32.11 6.17 110.48
N GLN H 103 -32.87 5.10 110.22
CA GLN H 103 -32.70 3.88 110.99
C GLN H 103 -31.36 3.21 110.71
N GLY H 104 -31.13 2.81 109.47
CA GLY H 104 -29.87 2.18 109.09
C GLY H 104 -29.24 2.83 107.89
N VAL H 105 -28.24 2.18 107.30
CA VAL H 105 -27.59 2.70 106.11
C VAL H 105 -28.59 2.69 104.96
N THR H 106 -28.81 3.84 104.36
CA THR H 106 -29.88 3.96 103.37
C THR H 106 -29.44 4.56 102.05
N TYR H 107 -28.50 5.51 102.06
CA TYR H 107 -28.16 6.26 100.86
C TYR H 107 -26.67 6.15 100.56
N TYR H 108 -26.33 6.33 99.29
CA TYR H 108 -24.95 6.30 98.83
C TYR H 108 -24.76 7.34 97.73
N THR H 109 -23.52 7.79 97.60
CA THR H 109 -23.14 8.73 96.55
C THR H 109 -21.74 8.39 96.09
N ARG H 110 -21.36 8.94 94.93
CA ARG H 110 -20.06 8.67 94.34
C ARG H 110 -19.15 9.88 94.49
N LEU H 111 -17.94 9.65 95.01
CA LEU H 111 -16.93 10.70 95.12
C LEU H 111 -15.60 10.11 94.70
N GLY H 112 -15.02 10.68 93.65
CA GLY H 112 -13.76 10.13 93.13
C GLY H 112 -13.96 8.70 92.69
N ASN H 113 -13.15 7.80 93.25
CA ASN H 113 -13.26 6.37 93.00
C ASN H 113 -13.86 5.63 94.18
N PHE H 114 -14.72 6.28 94.96
CA PHE H 114 -15.28 5.69 96.16
C PHE H 114 -16.78 5.93 96.22
N TRP H 115 -17.46 5.04 96.93
CA TRP H 115 -18.88 5.19 97.25
C TRP H 115 -19.00 5.53 98.72
N ARG H 116 -19.60 6.68 99.01
CA ARG H 116 -19.79 7.14 100.38
C ARG H 116 -21.23 6.92 100.80
N VAL H 117 -21.43 6.23 101.91
CA VAL H 117 -22.75 5.96 102.46
C VAL H 117 -23.07 7.05 103.48
N PHE H 118 -24.35 7.45 103.54
CA PHE H 118 -24.65 8.61 104.37
C PHE H 118 -24.52 8.29 105.86
N PRO H 119 -25.30 7.35 106.42
CA PRO H 119 -25.12 7.10 107.86
C PRO H 119 -23.78 6.47 108.08
N VAL H 120 -22.83 7.26 108.60
CA VAL H 120 -21.43 6.86 108.58
C VAL H 120 -21.23 5.62 109.44
N VAL H 121 -20.61 4.61 108.85
CA VAL H 121 -20.36 3.33 109.54
C VAL H 121 -18.88 3.25 109.87
N PRO H 122 -18.49 2.56 110.93
CA PRO H 122 -17.06 2.40 111.23
C PRO H 122 -16.43 1.41 110.28
N ASP H 123 -15.09 1.40 110.30
CA ASP H 123 -14.35 0.50 109.42
C ASP H 123 -14.70 -0.94 109.72
N GLY H 124 -14.91 -1.71 108.66
CA GLY H 124 -15.31 -3.10 108.79
C GLY H 124 -16.76 -3.39 108.53
N ALA H 125 -17.50 -2.45 107.96
CA ALA H 125 -18.91 -2.68 107.63
C ALA H 125 -19.00 -3.48 106.33
N PRO H 126 -19.67 -4.63 106.32
CA PRO H 126 -19.76 -5.43 105.10
C PRO H 126 -20.97 -5.04 104.25
N PHE H 127 -20.75 -5.03 102.94
CA PHE H 127 -21.80 -4.76 101.98
C PHE H 127 -21.77 -5.82 100.89
N ILE H 128 -22.89 -6.00 100.22
CA ILE H 128 -23.00 -6.92 99.10
C ILE H 128 -23.22 -6.08 97.84
N VAL H 129 -22.27 -6.15 96.91
CA VAL H 129 -22.31 -5.35 95.70
C VAL H 129 -22.51 -6.28 94.52
N ASN H 130 -23.54 -6.01 93.71
CA ASN H 130 -23.82 -6.75 92.50
C ASN H 130 -23.60 -5.80 91.33
N TYR H 131 -22.73 -6.19 90.41
CA TYR H 131 -22.26 -5.27 89.37
C TYR H 131 -21.78 -6.06 88.17
N TRP H 132 -21.63 -5.36 87.05
CA TRP H 132 -21.11 -5.95 85.83
C TRP H 132 -19.62 -5.68 85.69
N THR H 133 -18.92 -6.63 85.10
CA THR H 133 -17.48 -6.55 84.88
C THR H 133 -17.18 -6.59 83.38
N VAL H 134 -15.91 -6.60 83.04
CA VAL H 134 -15.49 -6.63 81.65
C VAL H 134 -15.33 -8.08 81.20
N LEU H 135 -15.39 -8.28 79.89
CA LEU H 135 -15.29 -9.63 79.35
C LEU H 135 -13.86 -10.16 79.53
N PRO H 136 -13.71 -11.47 79.70
CA PRO H 136 -12.36 -12.04 79.80
C PRO H 136 -11.58 -11.83 78.52
N GLU H 137 -10.28 -11.61 78.68
CA GLU H 137 -9.40 -11.37 77.54
C GLU H 137 -9.14 -12.69 76.80
N LEU H 138 -9.31 -12.67 75.49
CA LEU H 138 -9.11 -13.85 74.65
C LEU H 138 -7.75 -13.73 73.97
N SER H 139 -6.90 -14.73 74.18
CA SER H 139 -5.55 -14.73 73.60
C SER H 139 -5.04 -16.16 73.64
N LEU H 140 -3.74 -16.32 73.35
CA LEU H 140 -3.14 -17.65 73.42
C LEU H 140 -3.08 -18.15 74.85
N ALA H 141 -2.84 -17.25 75.80
CA ALA H 141 -2.81 -17.65 77.21
C ALA H 141 -4.19 -18.03 77.72
N ASN H 142 -5.23 -17.46 77.13
CA ASN H 142 -6.62 -17.74 77.53
C ASN H 142 -7.39 -18.14 76.28
N PRO H 143 -7.27 -19.39 75.84
CA PRO H 143 -7.84 -19.79 74.55
C PRO H 143 -9.35 -19.95 74.55
N THR H 144 -10.01 -20.00 75.70
CA THR H 144 -11.45 -20.23 75.74
C THR H 144 -12.11 -19.24 76.68
N THR H 145 -13.24 -18.68 76.23
CA THR H 145 -14.07 -17.80 77.04
C THR H 145 -15.53 -18.14 76.80
N TRP H 146 -16.39 -17.73 77.74
CA TRP H 146 -17.81 -17.98 77.59
C TRP H 146 -18.40 -17.23 76.40
N ALA H 147 -17.85 -16.06 76.07
CA ALA H 147 -18.37 -15.29 74.95
C ALA H 147 -18.20 -16.03 73.64
N LEU H 148 -17.05 -16.68 73.45
CA LEU H 148 -16.83 -17.46 72.24
C LEU H 148 -17.76 -18.66 72.19
N THR H 149 -18.00 -19.30 73.34
CA THR H 149 -18.82 -20.50 73.36
C THR H 149 -20.30 -20.17 73.12
N LYS H 150 -20.77 -19.01 73.58
CA LYS H 150 -22.19 -18.69 73.46
C LYS H 150 -22.56 -18.38 72.01
N TYR H 151 -21.96 -17.33 71.44
CA TYR H 151 -22.32 -16.84 70.11
C TYR H 151 -21.05 -16.63 69.29
N PRO H 152 -20.51 -17.70 68.68
CA PRO H 152 -19.25 -17.55 67.93
C PRO H 152 -19.35 -16.58 66.75
N GLN H 153 -20.53 -16.44 66.16
CA GLN H 153 -20.68 -15.55 65.01
C GLN H 153 -20.29 -14.13 65.36
N ILE H 154 -20.49 -13.72 66.62
CA ILE H 154 -20.11 -12.37 67.02
C ILE H 154 -18.63 -12.15 66.80
N TYR H 155 -17.81 -13.06 67.31
CA TYR H 155 -16.36 -12.92 67.17
C TYR H 155 -15.94 -13.07 65.72
N LEU H 156 -16.56 -14.01 65.00
CA LEU H 156 -16.19 -14.21 63.60
C LEU H 156 -16.45 -12.94 62.78
N TYR H 157 -17.63 -12.35 62.94
CA TYR H 157 -17.97 -11.15 62.18
C TYR H 157 -17.12 -9.97 62.61
N GLY H 158 -16.84 -9.83 63.91
CA GLY H 158 -15.98 -8.74 64.34
C GLY H 158 -14.59 -8.85 63.77
N VAL H 159 -14.02 -10.06 63.77
CA VAL H 159 -12.69 -10.25 63.21
C VAL H 159 -12.68 -9.97 61.72
N LEU H 160 -13.73 -10.40 61.01
CA LEU H 160 -13.80 -10.14 59.57
C LEU H 160 -13.88 -8.64 59.29
N GLU H 161 -14.69 -7.93 60.07
CA GLU H 161 -14.79 -6.48 59.90
C GLU H 161 -13.44 -5.80 60.16
N GLN H 162 -12.74 -6.22 61.21
CA GLN H 162 -11.42 -5.66 61.48
C GLN H 162 -10.46 -5.94 60.33
N ILE H 163 -10.51 -7.15 59.79
CA ILE H 163 -9.61 -7.52 58.69
C ILE H 163 -9.86 -6.62 57.49
N TYR H 164 -11.14 -6.44 57.14
CA TYR H 164 -11.44 -5.60 55.98
C TYR H 164 -11.17 -4.13 56.25
N LEU H 165 -11.21 -3.69 57.50
CA LEU H 165 -10.74 -2.35 57.83
C LEU H 165 -9.24 -2.24 57.60
N TYR H 166 -8.49 -3.29 57.94
CA TYR H 166 -7.03 -3.26 57.81
C TYR H 166 -6.61 -3.18 56.35
N THR H 167 -7.32 -3.86 55.46
CA THR H 167 -6.96 -3.89 54.05
C THR H 167 -7.51 -2.71 53.26
N MET H 168 -7.87 -1.62 53.94
CA MET H 168 -8.29 -0.38 53.29
C MET H 168 -9.49 -0.60 52.37
N ASP H 169 -10.44 -1.40 52.83
CA ASP H 169 -11.71 -1.60 52.14
C ASP H 169 -12.84 -1.02 52.98
N GLU H 170 -13.82 -0.42 52.30
CA GLU H 170 -14.89 0.29 52.99
C GLU H 170 -16.21 -0.48 52.97
N ALA H 171 -16.71 -0.86 51.80
CA ALA H 171 -18.06 -1.43 51.71
C ALA H 171 -18.17 -2.72 52.50
N ARG H 172 -17.19 -3.61 52.33
CA ARG H 172 -17.24 -4.88 53.06
C ARG H 172 -17.10 -4.67 54.56
N SER H 173 -16.33 -3.66 54.97
CA SER H 173 -16.23 -3.35 56.40
C SER H 173 -17.58 -2.95 56.96
N GLN H 174 -18.33 -2.10 56.24
CA GLN H 174 -19.65 -1.72 56.71
C GLN H 174 -20.60 -2.91 56.73
N PHE H 175 -20.51 -3.78 55.72
CA PHE H 175 -21.35 -4.97 55.69
C PHE H 175 -21.12 -5.84 56.93
N TRP H 176 -19.86 -6.15 57.22
CA TRP H 176 -19.56 -6.99 58.36
C TRP H 176 -19.87 -6.29 59.68
N GLY H 177 -19.69 -4.97 59.74
CA GLY H 177 -20.05 -4.25 60.94
C GLY H 177 -21.55 -4.31 61.22
N GLN H 178 -22.36 -4.17 60.18
CA GLN H 178 -23.80 -4.30 60.35
C GLN H 178 -24.17 -5.70 60.82
N LYS H 179 -23.53 -6.73 60.25
CA LYS H 179 -23.81 -8.09 60.70
C LYS H 179 -23.46 -8.27 62.17
N LEU H 180 -22.29 -7.76 62.58
CA LEU H 180 -21.89 -7.88 63.97
C LEU H 180 -22.85 -7.15 64.90
N GLU H 181 -23.28 -5.95 64.51
CA GLU H 181 -24.21 -5.19 65.33
C GLU H 181 -25.54 -5.93 65.47
N ARG H 182 -26.02 -6.52 64.37
CA ARG H 182 -27.26 -7.28 64.45
C ARG H 182 -27.12 -8.47 65.40
N ALA H 183 -26.00 -9.19 65.32
CA ALA H 183 -25.80 -10.34 66.21
C ALA H 183 -25.76 -9.89 67.67
N VAL H 184 -25.05 -8.80 67.96
CA VAL H 184 -24.96 -8.32 69.34
C VAL H 184 -26.32 -7.90 69.85
N MET H 185 -27.09 -7.20 69.01
CA MET H 185 -28.43 -6.78 69.42
C MET H 185 -29.33 -7.98 69.69
N GLU H 186 -29.23 -9.01 68.85
CA GLU H 186 -30.03 -10.21 69.07
C GLU H 186 -29.69 -10.86 70.41
N LEU H 187 -28.40 -11.01 70.71
CA LEU H 187 -28.01 -11.63 71.97
C LEU H 187 -28.48 -10.80 73.16
N GLN H 188 -28.29 -9.48 73.09
CA GLN H 188 -28.69 -8.63 74.20
C GLN H 188 -30.20 -8.67 74.42
N ASN H 189 -30.97 -8.65 73.34
CA ASN H 189 -32.43 -8.71 73.48
C ASN H 189 -32.87 -10.04 74.08
N GLU H 190 -32.26 -11.14 73.63
CA GLU H 190 -32.60 -12.44 74.21
C GLU H 190 -32.31 -12.46 75.70
N GLU H 191 -31.17 -11.92 76.11
CA GLU H 191 -30.85 -11.89 77.54
C GLU H 191 -31.82 -11.00 78.30
N ASN H 192 -32.19 -9.85 77.71
CA ASN H 192 -33.09 -8.93 78.39
C ASN H 192 -34.47 -9.54 78.61
N ALA H 193 -35.00 -10.24 77.61
CA ALA H 193 -36.36 -10.74 77.64
C ALA H 193 -36.46 -12.16 78.18
N ALA H 194 -35.58 -12.56 79.09
CA ALA H 194 -35.53 -13.93 79.57
C ALA H 194 -36.03 -14.12 80.99
N ASP H 195 -36.23 -13.04 81.74
CA ASP H 195 -36.59 -13.16 83.16
C ASP H 195 -38.09 -13.06 83.41
N PHE H 196 -38.75 -12.04 82.87
CA PHE H 196 -40.17 -11.86 83.15
C PHE H 196 -40.96 -11.50 81.90
N ALA H 197 -40.47 -11.81 80.71
CA ALA H 197 -41.21 -11.48 79.50
C ALA H 197 -42.44 -12.35 79.29
N SER H 198 -42.56 -13.45 80.04
CA SER H 198 -43.71 -14.35 79.88
C SER H 198 -44.40 -14.59 81.22
N THR H 199 -44.33 -13.62 82.13
CA THR H 199 -45.01 -13.74 83.42
C THR H 199 -45.90 -12.52 83.64
N ARG H 200 -46.44 -12.38 84.85
CA ARG H 200 -47.39 -11.32 85.17
C ARG H 200 -46.76 -10.34 86.15
N LEU H 201 -47.05 -9.06 85.96
CA LEU H 201 -46.55 -7.99 86.82
C LEU H 201 -47.73 -7.30 87.51
N ALA H 202 -47.49 -6.80 88.72
CA ALA H 202 -48.59 -6.33 89.55
C ALA H 202 -48.38 -4.97 90.21
N ILE H 203 -47.15 -4.44 90.28
CA ILE H 203 -46.83 -3.19 90.96
C ILE H 203 -47.02 -3.32 92.46
N LYS H 204 -45.94 -3.17 93.22
CA LYS H 204 -45.98 -3.28 94.67
C LYS H 204 -45.56 -1.96 95.30
N ASP H 205 -45.85 -1.82 96.60
CA ASP H 205 -45.58 -0.60 97.35
C ASP H 205 -44.50 -0.87 98.38
N ILE H 206 -43.57 0.07 98.50
CA ILE H 206 -42.51 0.02 99.50
C ILE H 206 -42.51 1.35 100.26
N GLU H 207 -41.55 1.49 101.17
CA GLU H 207 -41.49 2.66 102.04
C GLU H 207 -40.17 3.40 101.98
N ARG H 208 -39.09 2.75 101.55
CA ARG H 208 -37.75 3.35 101.52
C ARG H 208 -37.34 3.91 102.88
N ALA I 2 -39.47 -36.84 55.86
CA ALA I 2 -39.95 -36.24 54.61
C ALA I 2 -38.89 -35.32 54.03
N THR I 3 -38.82 -35.26 52.70
CA THR I 3 -37.85 -34.46 51.98
C THR I 3 -36.44 -34.76 52.45
N ILE I 4 -35.92 -33.93 53.36
CA ILE I 4 -34.60 -34.13 53.94
C ILE I 4 -34.77 -34.80 55.30
N ASN I 5 -34.07 -35.92 55.49
CA ASN I 5 -34.25 -36.74 56.68
C ASN I 5 -33.10 -36.69 57.66
N ASN I 6 -31.89 -36.35 57.22
CA ASN I 6 -30.74 -36.31 58.11
C ASN I 6 -29.72 -35.32 57.57
N VAL I 7 -28.60 -35.20 58.27
CA VAL I 7 -27.61 -34.18 57.95
C VAL I 7 -26.96 -34.45 56.61
N THR I 8 -26.75 -35.73 56.26
CA THR I 8 -26.09 -36.05 55.00
C THR I 8 -26.92 -35.60 53.81
N ASP I 9 -28.23 -35.82 53.85
CA ASP I 9 -29.09 -35.34 52.77
C ASP I 9 -29.06 -33.82 52.68
N LEU I 10 -29.01 -33.14 53.83
CA LEU I 10 -28.92 -31.69 53.82
C LEU I 10 -27.63 -31.23 53.16
N ALA I 11 -26.51 -31.89 53.48
CA ALA I 11 -25.24 -31.53 52.85
C ALA I 11 -25.27 -31.77 51.35
N ILE I 12 -25.84 -32.89 50.93
CA ILE I 12 -25.93 -33.20 49.50
C ILE I 12 -26.78 -32.16 48.79
N ALA I 13 -27.91 -31.81 49.38
CA ALA I 13 -28.79 -30.80 48.78
C ALA I 13 -28.10 -29.45 48.69
N ALA I 14 -27.36 -29.07 49.74
CA ALA I 14 -26.64 -27.80 49.70
C ALA I 14 -25.60 -27.79 48.60
N ILE I 15 -24.85 -28.90 48.47
CA ILE I 15 -23.84 -28.97 47.42
C ILE I 15 -24.49 -28.89 46.04
N GLN I 16 -25.61 -29.59 45.85
CA GLN I 16 -26.28 -29.58 44.56
C GLN I 16 -26.83 -28.19 44.22
N TRP I 17 -27.45 -27.53 45.19
CA TRP I 17 -28.07 -26.24 44.91
C TRP I 17 -27.03 -25.15 44.71
N SER I 18 -26.00 -25.11 45.56
CA SER I 18 -24.99 -24.07 45.43
C SER I 18 -24.09 -24.33 44.23
N ASP I 19 -23.96 -25.58 43.81
CA ASP I 19 -23.07 -25.99 42.73
C ASP I 19 -21.65 -25.51 43.04
N ARG I 20 -21.09 -26.10 44.11
CA ARG I 20 -19.75 -25.81 44.56
C ARG I 20 -19.13 -27.11 45.04
N GLN I 21 -18.15 -27.61 44.30
CA GLN I 21 -17.52 -28.88 44.63
C GLN I 21 -16.31 -28.73 45.54
N ASP I 22 -15.96 -27.52 45.93
CA ASP I 22 -14.80 -27.28 46.77
C ASP I 22 -15.14 -27.24 48.26
N LEU I 23 -16.41 -27.39 48.62
CA LEU I 23 -16.81 -27.36 50.02
C LEU I 23 -16.41 -28.66 50.71
N THR I 24 -15.81 -28.53 51.88
CA THR I 24 -15.41 -29.68 52.68
C THR I 24 -16.41 -29.91 53.80
N GLN I 25 -16.21 -31.03 54.51
CA GLN I 25 -17.10 -31.38 55.61
C GLN I 25 -17.06 -30.34 56.73
N GLU I 26 -15.85 -29.84 57.05
CA GLU I 26 -15.71 -28.90 58.15
C GLU I 26 -16.47 -27.61 57.88
N LEU I 27 -16.39 -27.09 56.65
CA LEU I 27 -17.10 -25.87 56.31
C LEU I 27 -18.61 -26.06 56.39
N LEU I 28 -19.10 -27.19 55.90
CA LEU I 28 -20.53 -27.46 55.98
C LEU I 28 -21.00 -27.56 57.41
N MET I 29 -20.22 -28.23 58.26
CA MET I 29 -20.58 -28.32 59.68
C MET I 29 -20.56 -26.94 60.34
N LEU I 30 -19.60 -26.10 59.97
CA LEU I 30 -19.56 -24.75 60.50
C LEU I 30 -20.81 -23.98 60.08
N PHE I 31 -21.22 -24.10 58.82
CA PHE I 31 -22.41 -23.40 58.35
C PHE I 31 -23.66 -23.89 59.09
N ILE I 32 -23.79 -25.20 59.27
CA ILE I 32 -24.95 -25.75 59.95
C ILE I 32 -24.98 -25.28 61.41
N GLY I 33 -23.82 -25.29 62.07
CA GLY I 33 -23.76 -24.81 63.44
C GLY I 33 -24.13 -23.34 63.54
N ASN I 34 -23.65 -22.52 62.61
CA ASN I 34 -23.99 -21.10 62.62
C ASN I 34 -25.49 -20.91 62.48
N THR I 35 -26.11 -21.66 61.56
CA THR I 35 -27.56 -21.58 61.42
C THR I 35 -28.26 -21.99 62.71
N THR I 36 -27.76 -23.02 63.37
CA THR I 36 -28.38 -23.46 64.62
C THR I 36 -28.28 -22.39 65.71
N ASP I 37 -27.11 -21.77 65.85
CA ASP I 37 -26.99 -20.71 66.85
C ASP I 37 -27.89 -19.53 66.51
N ARG I 38 -28.01 -19.18 65.23
CA ARG I 38 -28.94 -18.12 64.86
C ARG I 38 -30.36 -18.48 65.22
N LEU I 39 -30.76 -19.73 64.99
CA LEU I 39 -32.11 -20.16 65.33
C LEU I 39 -32.34 -20.16 66.83
N ASN I 40 -31.31 -20.45 67.63
CA ASN I 40 -31.48 -20.54 69.07
C ASN I 40 -31.96 -19.24 69.70
N ARG I 41 -31.74 -18.10 69.04
CA ARG I 41 -32.13 -16.81 69.58
C ARG I 41 -33.52 -16.37 69.12
N LEU I 42 -34.21 -17.16 68.33
CA LEU I 42 -35.47 -16.71 67.75
C LEU I 42 -36.65 -17.62 68.03
N LEU I 43 -36.42 -18.94 68.09
CA LEU I 43 -37.52 -19.89 68.15
C LEU I 43 -37.94 -20.16 69.59
N ARG I 44 -39.25 -20.05 69.85
CA ARG I 44 -39.85 -20.44 71.11
C ARG I 44 -41.13 -21.20 70.76
N VAL I 45 -41.03 -22.52 70.62
CA VAL I 45 -42.12 -23.35 70.15
C VAL I 45 -42.36 -24.48 71.14
N ARG I 46 -43.33 -25.33 70.82
CA ARG I 46 -43.68 -26.43 71.72
C ARG I 46 -42.54 -27.42 71.87
N GLU I 47 -41.87 -27.76 70.76
CA GLU I 47 -40.77 -28.72 70.82
C GLU I 47 -39.62 -28.19 71.66
N ASN I 48 -39.39 -26.87 71.63
CA ASN I 48 -38.32 -26.27 72.42
C ASN I 48 -38.65 -26.23 73.91
N GLU I 49 -39.92 -26.42 74.27
CA GLU I 49 -40.35 -26.30 75.65
C GLU I 49 -39.93 -27.52 76.46
N HIS I 50 -39.87 -27.33 77.78
CA HIS I 50 -39.44 -28.37 78.70
C HIS I 50 -39.80 -28.00 80.12
N PHE I 51 -40.43 -28.90 80.86
CA PHE I 51 -40.77 -28.64 82.26
C PHE I 51 -40.25 -29.78 83.12
N GLU I 52 -39.74 -29.44 84.30
CA GLU I 52 -39.13 -30.43 85.18
C GLU I 52 -39.15 -29.92 86.61
N THR I 53 -38.87 -30.83 87.53
CA THR I 53 -38.90 -30.55 88.97
C THR I 53 -37.49 -30.26 89.47
N LEU I 54 -37.34 -29.16 90.20
CA LEU I 54 -36.06 -28.75 90.76
C LEU I 54 -36.20 -28.54 92.26
N MET I 55 -35.17 -28.94 93.00
CA MET I 55 -35.16 -28.80 94.46
C MET I 55 -34.38 -27.56 94.84
N ALA I 56 -35.05 -26.62 95.50
CA ALA I 56 -34.39 -25.41 95.94
C ALA I 56 -33.41 -25.71 97.07
N PHE I 57 -32.21 -25.14 96.98
CA PHE I 57 -31.17 -25.35 97.98
C PHE I 57 -30.55 -24.01 98.33
N GLY I 58 -30.33 -23.80 99.63
CA GLY I 58 -29.77 -22.54 100.09
C GLY I 58 -30.62 -21.34 99.80
N GLY I 59 -31.95 -21.49 99.87
CA GLY I 59 -32.85 -20.39 99.61
C GLY I 59 -32.98 -20.00 98.16
N GLY I 60 -32.49 -20.82 97.23
CA GLY I 60 -32.55 -20.47 95.83
C GLY I 60 -32.63 -21.69 94.93
N ILE I 61 -32.95 -21.43 93.68
CA ILE I 61 -33.08 -22.44 92.64
C ILE I 61 -32.03 -22.18 91.59
N GLU I 62 -31.31 -23.23 91.19
CA GLU I 62 -30.24 -23.11 90.21
C GLU I 62 -30.82 -23.10 88.80
N ILE I 63 -30.42 -22.12 88.01
CA ILE I 63 -30.91 -22.02 86.63
C ILE I 63 -30.35 -23.17 85.81
N PRO I 64 -31.16 -23.85 85.00
CA PRO I 64 -30.63 -24.96 84.19
C PRO I 64 -29.60 -24.48 83.19
N GLU I 65 -28.69 -25.38 82.82
CA GLU I 65 -27.58 -25.03 81.95
C GLU I 65 -28.04 -24.70 80.53
N HIS I 66 -29.08 -25.36 80.05
CA HIS I 66 -29.60 -25.11 78.71
C HIS I 66 -30.70 -24.07 78.67
N PHE I 67 -30.96 -23.41 79.80
CA PHE I 67 -32.03 -22.43 79.89
C PHE I 67 -31.79 -21.28 78.91
N VAL I 68 -32.83 -20.94 78.15
CA VAL I 68 -32.81 -19.78 77.26
C VAL I 68 -33.86 -18.74 77.64
N ALA I 69 -35.05 -19.19 78.05
CA ALA I 69 -36.11 -18.29 78.45
C ALA I 69 -37.06 -19.02 79.40
N LEU I 70 -37.65 -18.27 80.32
CA LEU I 70 -38.49 -18.82 81.37
C LEU I 70 -39.96 -18.62 81.04
N ARG I 71 -40.75 -19.68 81.21
CA ARG I 71 -42.19 -19.61 81.00
C ARG I 71 -42.97 -19.54 82.31
N SER I 72 -42.64 -20.39 83.28
CA SER I 72 -43.40 -20.39 84.53
C SER I 72 -42.63 -21.12 85.61
N ILE I 73 -42.85 -20.71 86.86
CA ILE I 73 -42.37 -21.39 88.04
C ILE I 73 -43.55 -21.60 88.98
N THR I 74 -43.77 -22.85 89.40
CA THR I 74 -44.89 -23.18 90.25
C THR I 74 -44.40 -23.91 91.49
N GLY I 75 -44.83 -23.45 92.66
CA GLY I 75 -44.51 -24.15 93.88
C GLY I 75 -45.25 -25.48 93.96
N ASP I 76 -44.66 -26.42 94.69
CA ASP I 76 -45.30 -27.71 94.88
C ASP I 76 -46.50 -27.54 95.81
N SER I 77 -47.47 -28.45 95.67
CA SER I 77 -48.67 -28.40 96.50
C SER I 77 -48.35 -28.56 97.99
N LEU I 78 -47.20 -29.17 98.31
CA LEU I 78 -46.82 -29.30 99.71
C LEU I 78 -46.50 -27.95 100.33
N ILE I 79 -45.89 -27.05 99.57
CA ILE I 79 -45.47 -25.76 100.09
C ILE I 79 -46.42 -24.64 99.63
N GLY I 80 -47.61 -24.98 99.16
CA GLY I 80 -48.57 -23.97 98.78
C GLY I 80 -49.17 -24.18 97.41
N GLY I 81 -48.37 -24.66 96.46
CA GLY I 81 -48.85 -24.89 95.12
C GLY I 81 -49.28 -23.63 94.40
N ARG I 82 -48.49 -22.55 94.53
CA ARG I 82 -48.81 -21.28 93.92
C ARG I 82 -47.88 -21.01 92.73
N THR I 83 -48.31 -20.10 91.87
CA THR I 83 -47.51 -19.66 90.74
C THR I 83 -46.78 -18.38 91.13
N LEU I 84 -45.46 -18.40 91.07
CA LEU I 84 -44.67 -17.32 91.59
C LEU I 84 -44.76 -16.08 90.71
N GLN I 85 -44.45 -14.93 91.30
CA GLN I 85 -44.48 -13.64 90.62
C GLN I 85 -43.13 -12.95 90.79
N TYR I 86 -42.78 -12.15 89.79
CA TYR I 86 -41.49 -11.48 89.77
C TYR I 86 -41.53 -10.18 90.56
N ILE I 87 -40.51 -9.95 91.39
CA ILE I 87 -40.34 -8.72 92.13
C ILE I 87 -38.89 -8.26 92.00
N THR I 88 -38.68 -6.97 92.23
CA THR I 88 -37.35 -6.40 92.16
C THR I 88 -36.57 -6.68 93.44
N GLN I 89 -35.31 -6.23 93.48
CA GLN I 89 -34.45 -6.52 94.62
C GLN I 89 -34.86 -5.74 95.86
N ASP I 90 -35.16 -4.46 95.70
CA ASP I 90 -35.52 -3.64 96.85
C ASP I 90 -36.85 -4.06 97.45
N ILE I 91 -37.81 -4.47 96.63
CA ILE I 91 -39.04 -5.04 97.16
C ILE I 91 -38.74 -6.28 97.98
N PHE I 92 -37.83 -7.12 97.49
CA PHE I 92 -37.42 -8.32 98.22
C PHE I 92 -36.84 -7.95 99.58
N THR I 93 -35.94 -6.98 99.61
CA THR I 93 -35.32 -6.59 100.87
C THR I 93 -36.33 -5.99 101.83
N HIS I 94 -37.26 -5.17 101.33
CA HIS I 94 -38.29 -4.60 102.19
C HIS I 94 -39.18 -5.68 102.77
N TYR I 95 -39.58 -6.65 101.95
CA TYR I 95 -40.41 -7.75 102.43
C TYR I 95 -39.67 -8.55 103.49
N VAL I 96 -38.38 -8.81 103.28
CA VAL I 96 -37.60 -9.53 104.28
C VAL I 96 -37.53 -8.74 105.58
N ASN I 97 -37.29 -7.44 105.49
CA ASN I 97 -37.10 -6.62 106.69
C ASN I 97 -38.39 -6.47 107.48
N TYR I 98 -39.54 -6.38 106.80
CA TYR I 98 -40.80 -6.11 107.48
C TYR I 98 -41.56 -7.37 107.86
N ASN I 99 -41.04 -8.55 107.53
CA ASN I 99 -41.71 -9.83 107.81
C ASN I 99 -43.14 -9.82 107.26
N TYR I 100 -43.21 -9.74 105.93
CA TYR I 100 -44.49 -9.71 105.24
C TYR I 100 -45.29 -10.98 105.49
N GLN I 101 -44.62 -12.14 105.45
CA GLN I 101 -45.14 -13.48 105.73
C GLN I 101 -46.52 -13.71 105.13
N PRO I 102 -46.62 -13.88 103.81
CA PRO I 102 -47.90 -14.33 103.24
C PRO I 102 -48.11 -15.81 103.49
N GLN I 103 -49.19 -16.38 102.94
CA GLN I 103 -49.54 -17.76 103.26
C GLN I 103 -48.48 -18.74 102.77
N GLY I 104 -47.97 -18.54 101.54
CA GLY I 104 -47.00 -19.46 101.00
C GLY I 104 -45.99 -18.79 100.08
N VAL I 105 -45.18 -19.59 99.39
CA VAL I 105 -44.20 -19.02 98.47
C VAL I 105 -44.95 -18.33 97.33
N THR I 106 -44.67 -17.05 97.13
CA THR I 106 -45.46 -16.27 96.21
C THR I 106 -44.60 -15.48 95.22
N TYR I 107 -43.40 -15.10 95.62
CA TYR I 107 -42.58 -14.18 94.83
C TYR I 107 -41.20 -14.78 94.58
N TYR I 108 -40.56 -14.30 93.52
CA TYR I 108 -39.22 -14.72 93.17
C TYR I 108 -38.50 -13.56 92.48
N THR I 109 -37.18 -13.62 92.53
CA THR I 109 -36.32 -12.65 91.87
C THR I 109 -35.06 -13.35 91.40
N ARG I 110 -34.25 -12.65 90.61
CA ARG I 110 -33.05 -13.22 90.04
C ARG I 110 -31.82 -12.56 90.66
N LEU I 111 -30.91 -13.39 91.18
CA LEU I 111 -29.64 -12.91 91.72
C LEU I 111 -28.53 -13.79 91.18
N GLY I 112 -27.63 -13.19 90.42
CA GLY I 112 -26.57 -13.97 89.80
C GLY I 112 -27.14 -15.02 88.88
N ASN I 113 -26.83 -16.28 89.15
CA ASN I 113 -27.34 -17.41 88.40
C ASN I 113 -28.42 -18.17 89.15
N PHE I 114 -29.08 -17.53 90.12
CA PHE I 114 -30.04 -18.20 90.97
C PHE I 114 -31.35 -17.44 91.01
N TRP I 115 -32.43 -18.18 91.29
CA TRP I 115 -33.74 -17.61 91.55
C TRP I 115 -34.00 -17.68 93.05
N ARG I 116 -34.22 -16.54 93.67
CA ARG I 116 -34.46 -16.45 95.11
C ARG I 116 -35.94 -16.21 95.36
N VAL I 117 -36.54 -17.04 96.19
CA VAL I 117 -37.94 -16.91 96.58
C VAL I 117 -38.01 -16.19 97.91
N PHE I 118 -39.06 -15.38 98.09
CA PHE I 118 -39.11 -14.53 99.29
C PHE I 118 -39.40 -15.33 100.54
N PRO I 119 -40.53 -16.05 100.66
CA PRO I 119 -40.77 -16.78 101.91
C PRO I 119 -39.79 -17.95 102.01
N VAL I 120 -38.58 -17.65 102.47
CA VAL I 120 -37.48 -18.60 102.44
C VAL I 120 -37.92 -19.94 102.99
N VAL I 121 -37.58 -21.00 102.27
CA VAL I 121 -38.04 -22.35 102.61
C VAL I 121 -36.84 -23.20 102.96
N PRO I 122 -37.01 -24.26 103.75
CA PRO I 122 -35.89 -25.17 104.02
C PRO I 122 -35.43 -25.86 102.75
N ASP I 123 -34.15 -26.23 102.74
CA ASP I 123 -33.57 -26.87 101.56
C ASP I 123 -34.31 -28.16 101.23
N GLY I 124 -34.51 -28.40 99.93
CA GLY I 124 -35.22 -29.56 99.46
C GLY I 124 -36.65 -29.29 99.02
N ALA I 125 -37.09 -28.04 99.05
CA ALA I 125 -38.45 -27.73 98.60
C ALA I 125 -38.54 -27.90 97.09
N PRO I 126 -39.51 -28.67 96.59
CA PRO I 126 -39.60 -28.89 95.14
C PRO I 126 -40.42 -27.82 94.44
N PHE I 127 -40.00 -27.52 93.21
CA PHE I 127 -40.70 -26.58 92.34
C PHE I 127 -40.80 -27.19 90.95
N ILE I 128 -41.81 -26.77 90.21
CA ILE I 128 -42.01 -27.19 88.83
C ILE I 128 -41.68 -26.00 87.93
N VAL I 129 -40.65 -26.14 87.12
CA VAL I 129 -40.17 -25.06 86.26
C VAL I 129 -40.44 -25.45 84.81
N ASN I 130 -41.12 -24.56 84.09
CA ASN I 130 -41.41 -24.73 82.68
C ASN I 130 -40.68 -23.63 81.92
N TYR I 131 -39.85 -24.03 80.96
CA TYR I 131 -38.95 -23.07 80.30
C TYR I 131 -38.56 -23.63 78.94
N TRP I 132 -37.98 -22.76 78.13
CA TRP I 132 -37.47 -23.12 76.81
C TRP I 132 -35.97 -23.36 76.88
N THR I 133 -35.49 -24.26 76.02
CA THR I 133 -34.08 -24.62 75.96
C THR I 133 -33.52 -24.26 74.59
N VAL I 134 -32.29 -24.69 74.33
CA VAL I 134 -31.64 -24.47 73.05
C VAL I 134 -31.92 -25.66 72.14
N LEU I 135 -31.79 -25.43 70.84
CA LEU I 135 -32.03 -26.48 69.88
C LEU I 135 -30.94 -27.54 69.97
N PRO I 136 -31.26 -28.81 69.68
CA PRO I 136 -30.24 -29.86 69.71
C PRO I 136 -29.20 -29.66 68.62
N GLU I 137 -27.99 -30.12 68.91
CA GLU I 137 -26.90 -30.02 67.94
C GLU I 137 -27.15 -30.94 66.75
N LEU I 138 -26.74 -30.48 65.57
CA LEU I 138 -26.87 -31.24 64.34
C LEU I 138 -25.47 -31.47 63.78
N SER I 139 -25.05 -32.73 63.74
CA SER I 139 -23.71 -33.09 63.28
C SER I 139 -23.71 -34.57 62.93
N LEU I 140 -22.50 -35.12 62.69
CA LEU I 140 -22.40 -36.54 62.39
C LEU I 140 -22.82 -37.39 63.60
N ALA I 141 -22.46 -36.96 64.81
CA ALA I 141 -22.83 -37.71 66.00
C ALA I 141 -24.33 -37.68 66.22
N ASN I 142 -25.00 -36.58 65.87
CA ASN I 142 -26.44 -36.43 66.06
C ASN I 142 -27.04 -36.03 64.71
N PRO I 143 -27.28 -37.00 63.84
CA PRO I 143 -27.68 -36.68 62.46
C PRO I 143 -29.16 -36.34 62.29
N THR I 144 -29.99 -36.45 63.33
CA THR I 144 -31.41 -36.18 63.19
C THR I 144 -31.88 -35.32 64.36
N THR I 145 -32.61 -34.25 64.04
CA THR I 145 -33.25 -33.40 65.03
C THR I 145 -34.67 -33.09 64.60
N TRP I 146 -35.50 -32.71 65.56
CA TRP I 146 -36.88 -32.36 65.24
C TRP I 146 -36.96 -31.12 64.35
N ALA I 147 -36.01 -30.18 64.50
CA ALA I 147 -36.04 -28.98 63.69
C ALA I 147 -35.86 -29.30 62.21
N LEU I 148 -34.94 -30.21 61.89
CA LEU I 148 -34.75 -30.60 60.50
C LEU I 148 -35.98 -31.33 59.95
N THR I 149 -36.58 -32.18 60.77
CA THR I 149 -37.75 -32.95 60.32
C THR I 149 -38.98 -32.06 60.11
N LYS I 150 -39.14 -31.00 60.91
CA LYS I 150 -40.34 -30.20 60.82
C LYS I 150 -40.34 -29.32 59.58
N TYR I 151 -39.36 -28.42 59.46
CA TYR I 151 -39.31 -27.44 58.38
C TYR I 151 -37.91 -27.44 57.76
N PRO I 152 -37.63 -28.38 56.86
CA PRO I 152 -36.27 -28.46 56.29
C PRO I 152 -35.84 -27.24 55.51
N GLN I 153 -36.80 -26.48 54.96
CA GLN I 153 -36.45 -25.30 54.19
C GLN I 153 -35.65 -24.31 55.03
N ILE I 154 -35.91 -24.24 56.33
CA ILE I 154 -35.17 -23.33 57.19
C ILE I 154 -33.68 -23.64 57.14
N TYR I 155 -33.33 -24.92 57.36
CA TYR I 155 -31.93 -25.30 57.35
C TYR I 155 -31.32 -25.17 55.97
N LEU I 156 -32.07 -25.54 54.93
CA LEU I 156 -31.53 -25.43 53.57
C LEU I 156 -31.20 -23.99 53.23
N TYR I 157 -32.12 -23.06 53.50
CA TYR I 157 -31.89 -21.66 53.19
C TYR I 157 -30.78 -21.08 54.05
N GLY I 158 -30.72 -21.46 55.33
CA GLY I 158 -29.64 -20.96 56.17
C GLY I 158 -28.27 -21.41 55.68
N VAL I 159 -28.16 -22.68 55.28
CA VAL I 159 -26.89 -23.19 54.77
C VAL I 159 -26.52 -22.49 53.47
N LEU I 160 -27.52 -22.26 52.60
CA LEU I 160 -27.22 -21.55 51.35
C LEU I 160 -26.74 -20.13 51.62
N GLU I 161 -27.38 -19.44 52.56
CA GLU I 161 -26.95 -18.09 52.91
C GLU I 161 -25.53 -18.09 53.45
N GLN I 162 -25.21 -19.06 54.32
CA GLN I 162 -23.85 -19.14 54.84
C GLN I 162 -22.85 -19.41 53.73
N ILE I 163 -23.21 -20.28 52.79
CA ILE I 163 -22.31 -20.60 51.68
C ILE I 163 -22.03 -19.35 50.86
N TYR I 164 -23.07 -18.60 50.53
CA TYR I 164 -22.86 -17.40 49.72
C TYR I 164 -22.15 -16.30 50.49
N LEU I 165 -22.28 -16.29 51.83
CA LEU I 165 -21.43 -15.40 52.62
C LEU I 165 -19.97 -15.82 52.53
N TYR I 166 -19.71 -17.12 52.53
CA TYR I 166 -18.33 -17.61 52.49
C TYR I 166 -17.63 -17.24 51.19
N THR I 167 -18.34 -17.30 50.07
CA THR I 167 -17.73 -17.04 48.77
C THR I 167 -17.67 -15.56 48.42
N MET I 168 -17.78 -14.67 49.41
CA MET I 168 -17.63 -13.23 49.22
C MET I 168 -18.62 -12.69 48.20
N ASP I 169 -19.89 -13.00 48.42
CA ASP I 169 -20.99 -12.48 47.61
C ASP I 169 -21.95 -11.72 48.51
N GLU I 170 -22.66 -10.76 47.92
CA GLU I 170 -23.53 -9.88 48.70
C GLU I 170 -25.00 -10.04 48.34
N ALA I 171 -25.35 -9.93 47.05
CA ALA I 171 -26.76 -9.93 46.67
C ALA I 171 -27.42 -11.26 46.99
N ARG I 172 -26.79 -12.37 46.60
CA ARG I 172 -27.39 -13.67 46.82
C ARG I 172 -27.45 -14.02 48.30
N SER I 173 -26.47 -13.59 49.09
CA SER I 173 -26.52 -13.81 50.52
C SER I 173 -27.73 -13.11 51.13
N GLN I 174 -27.99 -11.87 50.74
CA GLN I 174 -29.15 -11.15 51.25
C GLN I 174 -30.44 -11.81 50.79
N PHE I 175 -30.49 -12.27 49.54
CA PHE I 175 -31.67 -12.96 49.03
C PHE I 175 -31.99 -14.19 49.88
N TRP I 176 -31.00 -15.04 50.10
CA TRP I 176 -31.23 -16.26 50.86
C TRP I 176 -31.52 -15.96 52.33
N GLY I 177 -30.88 -14.94 52.89
CA GLY I 177 -31.17 -14.57 54.27
C GLY I 177 -32.59 -14.08 54.44
N GLN I 178 -33.08 -13.30 53.48
CA GLN I 178 -34.48 -12.86 53.53
C GLN I 178 -35.43 -14.03 53.43
N LYS I 179 -35.12 -14.99 52.55
CA LYS I 179 -35.96 -16.18 52.46
C LYS I 179 -35.98 -16.95 53.78
N LEU I 180 -34.81 -17.11 54.40
CA LEU I 180 -34.74 -17.82 55.69
C LEU I 180 -35.54 -17.09 56.76
N GLU I 181 -35.44 -15.77 56.81
CA GLU I 181 -36.19 -15.01 57.79
C GLU I 181 -37.68 -15.16 57.58
N ARG I 182 -38.12 -15.16 56.32
CA ARG I 182 -39.54 -15.36 56.04
C ARG I 182 -40.00 -16.73 56.52
N ALA I 183 -39.22 -17.77 56.25
CA ALA I 183 -39.60 -19.11 56.68
C ALA I 183 -39.69 -19.20 58.21
N VAL I 184 -38.70 -18.63 58.90
CA VAL I 184 -38.69 -18.67 60.36
C VAL I 184 -39.90 -17.92 60.92
N MET I 185 -40.21 -16.76 60.35
CA MET I 185 -41.37 -16.00 60.81
C MET I 185 -42.66 -16.79 60.59
N GLU I 186 -42.78 -17.45 59.44
CA GLU I 186 -43.97 -18.25 59.18
C GLU I 186 -44.13 -19.36 60.22
N LEU I 187 -43.04 -20.08 60.51
CA LEU I 187 -43.12 -21.15 61.49
C LEU I 187 -43.49 -20.62 62.86
N GLN I 188 -42.86 -19.51 63.29
CA GLN I 188 -43.14 -18.96 64.60
C GLN I 188 -44.59 -18.50 64.72
N ASN I 189 -45.11 -17.84 63.68
CA ASN I 189 -46.50 -17.40 63.71
C ASN I 189 -47.46 -18.58 63.75
N GLU I 190 -47.17 -19.62 62.98
CA GLU I 190 -48.03 -20.79 62.99
C GLU I 190 -48.05 -21.44 64.36
N GLU I 191 -46.90 -21.52 65.02
CA GLU I 191 -46.88 -22.09 66.36
C GLU I 191 -47.58 -21.19 67.37
N ASN I 192 -47.44 -19.87 67.21
CA ASN I 192 -48.07 -18.95 68.15
C ASN I 192 -49.59 -19.02 68.06
N ALA I 193 -50.14 -19.08 66.85
CA ALA I 193 -51.58 -19.02 66.66
C ALA I 193 -52.26 -20.39 66.72
N ALA I 194 -51.63 -21.37 67.37
CA ALA I 194 -52.15 -22.73 67.37
C ALA I 194 -52.88 -23.11 68.65
N ASP I 195 -52.98 -22.20 69.62
CA ASP I 195 -53.55 -22.54 70.92
C ASP I 195 -54.97 -22.01 71.09
N PHE I 196 -55.19 -20.71 70.89
CA PHE I 196 -56.53 -20.15 71.12
C PHE I 196 -56.92 -19.13 70.06
N ALA I 197 -56.31 -19.18 68.87
CA ALA I 197 -56.65 -18.22 67.83
C ALA I 197 -58.03 -18.45 67.24
N SER I 198 -58.66 -19.59 67.50
CA SER I 198 -59.98 -19.90 66.96
C SER I 198 -60.96 -20.27 68.06
N THR I 199 -60.77 -19.74 69.26
CA THR I 199 -61.67 -19.99 70.36
C THR I 199 -62.15 -18.67 70.97
N ARG I 200 -62.83 -18.73 72.11
CA ARG I 200 -63.42 -17.56 72.74
C ARG I 200 -62.69 -17.23 74.03
N LEU I 201 -62.54 -15.94 74.30
CA LEU I 201 -61.86 -15.44 75.49
C LEU I 201 -62.83 -14.61 76.31
N ALA I 202 -62.63 -14.61 77.63
CA ALA I 202 -63.65 -14.05 78.52
C ALA I 202 -63.12 -13.09 79.57
N ILE I 203 -61.83 -13.17 79.89
CA ILE I 203 -61.21 -12.38 80.95
C ILE I 203 -61.72 -12.82 82.32
N LYS I 204 -60.84 -13.39 83.13
CA LYS I 204 -61.17 -13.81 84.48
C LYS I 204 -60.34 -13.01 85.48
N ASP I 205 -60.76 -13.06 86.74
CA ASP I 205 -60.13 -12.29 87.81
C ASP I 205 -59.64 -13.21 88.90
N ILE I 206 -58.47 -12.90 89.44
CA ILE I 206 -57.83 -13.67 90.50
C ILE I 206 -57.46 -12.72 91.63
N GLU I 207 -56.79 -13.27 92.65
CA GLU I 207 -56.41 -12.49 93.83
C GLU I 207 -54.91 -12.37 94.01
N ARG I 208 -54.13 -13.34 93.52
CA ARG I 208 -52.67 -13.35 93.66
C ARG I 208 -52.24 -13.21 95.13
N ALA J 2 -59.40 -34.04 37.32
CA ALA J 2 -59.31 -33.29 36.08
C ALA J 2 -58.00 -32.52 36.01
N THR J 3 -57.72 -31.94 34.84
CA THR J 3 -56.49 -31.17 34.61
C THR J 3 -55.27 -32.03 34.90
N ILE J 4 -54.73 -31.94 36.11
CA ILE J 4 -53.63 -32.77 36.56
C ILE J 4 -54.17 -33.77 37.56
N ASN J 5 -53.92 -35.05 37.32
CA ASN J 5 -54.54 -36.12 38.10
C ASN J 5 -53.63 -36.71 39.15
N ASN J 6 -52.36 -36.97 38.84
CA ASN J 6 -51.46 -37.61 39.79
C ASN J 6 -50.09 -36.94 39.71
N VAL J 7 -49.14 -37.49 40.45
CA VAL J 7 -47.82 -36.86 40.59
C VAL J 7 -47.05 -36.92 39.27
N THR J 8 -47.21 -38.01 38.52
CA THR J 8 -46.46 -38.15 37.27
C THR J 8 -46.86 -37.07 36.27
N ASP J 9 -48.16 -36.76 36.19
CA ASP J 9 -48.61 -35.68 35.31
C ASP J 9 -48.03 -34.34 35.76
N LEU J 10 -47.95 -34.11 37.07
CA LEU J 10 -47.35 -32.88 37.57
C LEU J 10 -45.88 -32.79 37.17
N ALA J 11 -45.14 -33.89 37.30
CA ALA J 11 -43.74 -33.88 36.92
C ALA J 11 -43.57 -33.63 35.43
N ILE J 12 -44.40 -34.26 34.60
CA ILE J 12 -44.31 -34.05 33.16
C ILE J 12 -44.63 -32.60 32.81
N ALA J 13 -45.66 -32.04 33.44
CA ALA J 13 -46.01 -30.65 33.17
C ALA J 13 -44.89 -29.71 33.59
N ALA J 14 -44.26 -29.97 34.73
CA ALA J 14 -43.14 -29.13 35.15
C ALA J 14 -41.99 -29.23 34.17
N ILE J 15 -41.67 -30.44 33.70
CA ILE J 15 -40.59 -30.60 32.73
C ILE J 15 -40.91 -29.83 31.46
N GLN J 16 -42.15 -29.95 30.97
CA GLN J 16 -42.52 -29.29 29.72
C GLN J 16 -42.50 -27.77 29.86
N TRP J 17 -43.01 -27.24 30.98
CA TRP J 17 -43.10 -25.80 31.13
C TRP J 17 -41.73 -25.18 31.37
N SER J 18 -40.92 -25.78 32.24
CA SER J 18 -39.62 -25.21 32.55
C SER J 18 -38.63 -25.41 31.40
N ASP J 19 -38.83 -26.45 30.59
CA ASP J 19 -37.93 -26.83 29.51
C ASP J 19 -36.52 -27.02 30.10
N ARG J 20 -36.43 -28.09 30.89
CA ARG J 20 -35.18 -28.48 31.53
C ARG J 20 -35.14 -30.01 31.53
N GLN J 21 -34.28 -30.59 30.70
CA GLN J 21 -34.19 -32.03 30.58
C GLN J 21 -33.20 -32.65 31.55
N ASP J 22 -32.57 -31.86 32.41
CA ASP J 22 -31.58 -32.36 33.35
C ASP J 22 -32.13 -32.55 34.75
N LEU J 23 -33.45 -32.49 34.93
CA LEU J 23 -34.07 -32.63 36.24
C LEU J 23 -34.35 -34.11 36.51
N THR J 24 -33.73 -34.64 37.55
CA THR J 24 -33.94 -36.03 37.92
C THR J 24 -35.19 -36.16 38.80
N GLN J 25 -35.53 -37.41 39.11
CA GLN J 25 -36.71 -37.69 39.93
C GLN J 25 -36.53 -37.13 41.34
N GLU J 26 -35.32 -37.25 41.90
CA GLU J 26 -35.10 -36.84 43.28
C GLU J 26 -35.30 -35.33 43.44
N LEU J 27 -34.81 -34.54 42.48
CA LEU J 27 -34.99 -33.09 42.56
C LEU J 27 -36.47 -32.72 42.48
N LEU J 28 -37.22 -33.38 41.61
CA LEU J 28 -38.64 -33.11 41.51
C LEU J 28 -39.36 -33.46 42.81
N MET J 29 -39.00 -34.60 43.41
CA MET J 29 -39.61 -34.97 44.69
C MET J 29 -39.28 -33.95 45.77
N LEU J 30 -38.04 -33.46 45.77
CA LEU J 30 -37.66 -32.44 46.75
C LEU J 30 -38.46 -31.16 46.55
N PHE J 31 -38.65 -30.75 45.29
CA PHE J 31 -39.44 -29.54 45.01
C PHE J 31 -40.87 -29.71 45.48
N ILE J 32 -41.48 -30.86 45.18
CA ILE J 32 -42.86 -31.10 45.58
C ILE J 32 -42.98 -31.13 47.10
N GLY J 33 -42.03 -31.77 47.77
CA GLY J 33 -42.05 -31.78 49.22
C GLY J 33 -41.91 -30.40 49.82
N ASN J 34 -41.04 -29.57 49.24
CA ASN J 34 -40.88 -28.20 49.73
C ASN J 34 -42.18 -27.42 49.57
N THR J 35 -42.85 -27.58 48.43
CA THR J 35 -44.13 -26.90 48.24
C THR J 35 -45.15 -27.38 49.26
N THR J 36 -45.19 -28.69 49.54
CA THR J 36 -46.14 -29.20 50.51
C THR J 36 -45.86 -28.65 51.91
N ASP J 37 -44.59 -28.62 52.32
CA ASP J 37 -44.28 -28.06 53.63
C ASP J 37 -44.64 -26.59 53.72
N ARG J 38 -44.40 -25.83 52.64
CA ARG J 38 -44.81 -24.43 52.66
C ARG J 38 -46.32 -24.30 52.77
N LEU J 39 -47.06 -25.15 52.07
CA LEU J 39 -48.52 -25.10 52.15
C LEU J 39 -49.02 -25.48 53.54
N ASN J 40 -48.27 -26.33 54.26
CA ASN J 40 -48.74 -26.82 55.55
C ASN J 40 -48.96 -25.70 56.55
N ARG J 41 -48.27 -24.58 56.41
CA ARG J 41 -48.36 -23.50 57.37
C ARG J 41 -49.36 -22.42 56.96
N LEU J 42 -50.09 -22.62 55.88
CA LEU J 42 -50.96 -21.57 55.35
C LEU J 42 -52.41 -21.98 55.22
N LEU J 43 -52.69 -23.22 54.83
CA LEU J 43 -54.04 -23.63 54.49
C LEU J 43 -54.79 -24.17 55.71
N ARG J 44 -56.01 -23.68 55.91
CA ARG J 44 -56.93 -24.19 56.94
C ARG J 44 -58.30 -24.28 56.28
N VAL J 45 -58.60 -25.44 55.71
CA VAL J 45 -59.79 -25.63 54.89
C VAL J 45 -60.58 -26.81 55.42
N ARG J 46 -61.69 -27.10 54.74
CA ARG J 46 -62.56 -28.20 55.16
C ARG J 46 -61.87 -29.55 55.05
N GLU J 47 -61.14 -29.77 53.94
CA GLU J 47 -60.47 -31.05 53.75
C GLU J 47 -59.31 -31.24 54.72
N ASN J 48 -58.85 -30.18 55.35
CA ASN J 48 -57.76 -30.23 56.31
C ASN J 48 -58.23 -30.41 57.74
N GLU J 49 -59.54 -30.58 57.95
CA GLU J 49 -60.14 -30.57 59.26
C GLU J 49 -60.55 -31.99 59.67
N HIS J 50 -60.27 -32.33 60.93
CA HIS J 50 -60.64 -33.63 61.46
C HIS J 50 -61.18 -33.46 62.87
N PHE J 51 -62.28 -34.17 63.17
CA PHE J 51 -62.82 -34.23 64.51
C PHE J 51 -62.84 -35.69 64.96
N GLU J 52 -62.40 -35.93 66.18
CA GLU J 52 -62.27 -37.29 66.67
C GLU J 52 -62.36 -37.30 68.19
N THR J 53 -62.59 -38.48 68.74
CA THR J 53 -62.75 -38.66 70.17
C THR J 53 -61.41 -39.04 70.79
N LEU J 54 -60.99 -38.28 71.78
CA LEU J 54 -59.75 -38.54 72.51
C LEU J 54 -60.06 -38.93 73.95
N MET J 55 -59.14 -39.65 74.55
CA MET J 55 -59.39 -40.35 75.80
C MET J 55 -58.48 -39.72 76.85
N ALA J 56 -59.03 -38.88 77.72
CA ALA J 56 -58.22 -38.19 78.71
C ALA J 56 -57.61 -39.18 79.70
N PHE J 57 -56.32 -39.00 79.98
CA PHE J 57 -55.60 -39.86 80.90
C PHE J 57 -54.67 -39.01 81.74
N GLY J 58 -54.60 -39.32 83.04
CA GLY J 58 -53.74 -38.57 83.93
C GLY J 58 -54.09 -37.10 84.05
N GLY J 59 -55.37 -36.77 83.97
CA GLY J 59 -55.79 -35.39 84.05
C GLY J 59 -55.43 -34.54 82.85
N GLY J 60 -55.12 -35.16 81.71
CA GLY J 60 -54.73 -34.41 80.54
C GLY J 60 -55.10 -35.14 79.26
N ILE J 61 -55.03 -34.39 78.17
CA ILE J 61 -55.32 -34.88 76.83
C ILE J 61 -54.06 -34.73 75.98
N GLU J 62 -53.69 -35.80 75.28
CA GLU J 62 -52.48 -35.80 74.48
C GLU J 62 -52.74 -35.16 73.12
N ILE J 63 -51.88 -34.22 72.75
CA ILE J 63 -52.03 -33.54 71.46
C ILE J 63 -51.73 -34.53 70.33
N PRO J 64 -52.55 -34.57 69.28
CA PRO J 64 -52.29 -35.50 68.18
C PRO J 64 -51.00 -35.17 67.45
N GLU J 65 -50.43 -36.20 66.82
CA GLU J 65 -49.12 -36.07 66.19
C GLU J 65 -49.16 -35.16 64.96
N HIS J 66 -50.27 -35.14 64.22
CA HIS J 66 -50.39 -34.33 63.01
C HIS J 66 -51.10 -33.01 63.27
N PHE J 67 -51.33 -32.68 64.54
CA PHE J 67 -52.01 -31.46 64.90
C PHE J 67 -51.25 -30.23 64.41
N VAL J 68 -51.95 -29.29 63.78
CA VAL J 68 -51.37 -28.01 63.40
C VAL J 68 -52.09 -26.84 64.04
N ALA J 69 -53.42 -26.90 64.16
CA ALA J 69 -54.18 -25.85 64.80
C ALA J 69 -55.46 -26.45 65.37
N LEU J 70 -55.93 -25.86 66.47
CA LEU J 70 -57.06 -26.38 67.21
C LEU J 70 -58.31 -25.56 66.90
N ARG J 71 -59.42 -26.25 66.63
CA ARG J 71 -60.69 -25.58 66.38
C ARG J 71 -61.58 -25.57 67.61
N SER J 72 -61.81 -26.72 68.25
CA SER J 72 -62.66 -26.74 69.43
C SER J 72 -62.42 -28.02 70.21
N ILE J 73 -62.75 -27.96 71.51
CA ILE J 73 -62.76 -29.11 72.39
C ILE J 73 -64.11 -29.15 73.10
N THR J 74 -64.77 -30.30 73.07
CA THR J 74 -66.09 -30.44 73.68
C THR J 74 -66.11 -31.66 74.58
N GLY J 75 -66.58 -31.47 75.80
CA GLY J 75 -66.74 -32.60 76.69
C GLY J 75 -67.88 -33.51 76.27
N ASP J 76 -67.81 -34.76 76.73
CA ASP J 76 -68.88 -35.69 76.43
C ASP J 76 -70.12 -35.29 77.22
N SER J 77 -71.28 -35.70 76.69
CA SER J 77 -72.55 -35.33 77.33
C SER J 77 -72.67 -35.87 78.75
N LEU J 78 -71.96 -36.93 79.08
CA LEU J 78 -72.04 -37.51 80.41
C LEU J 78 -71.08 -36.87 81.41
N ILE J 79 -70.25 -35.93 80.97
CA ILE J 79 -69.41 -35.15 81.87
C ILE J 79 -69.71 -33.66 81.75
N GLY J 80 -70.83 -33.31 81.13
CA GLY J 80 -71.23 -31.92 81.03
C GLY J 80 -71.59 -31.50 79.61
N GLY J 81 -70.84 -32.01 78.64
CA GLY J 81 -71.11 -31.69 77.24
C GLY J 81 -70.97 -30.22 76.93
N ARG J 82 -69.93 -29.57 77.45
CA ARG J 82 -69.72 -28.15 77.26
C ARG J 82 -68.47 -27.90 76.43
N THR J 83 -68.45 -26.75 75.75
CA THR J 83 -67.30 -26.33 74.96
C THR J 83 -66.28 -25.67 75.89
N LEU J 84 -65.07 -26.20 75.91
CA LEU J 84 -64.06 -25.74 76.85
C LEU J 84 -63.55 -24.34 76.46
N GLN J 85 -63.02 -23.63 77.46
CA GLN J 85 -62.47 -22.31 77.27
C GLN J 85 -61.04 -22.25 77.77
N TYR J 86 -60.23 -21.43 77.12
CA TYR J 86 -58.82 -21.34 77.45
C TYR J 86 -58.57 -20.40 78.62
N ILE J 87 -57.70 -20.82 79.53
CA ILE J 87 -57.27 -19.99 80.66
C ILE J 87 -55.76 -20.11 80.80
N THR J 88 -55.18 -19.10 81.44
CA THR J 88 -53.74 -19.08 81.65
C THR J 88 -53.36 -20.00 82.81
N GLN J 89 -52.04 -20.14 83.01
CA GLN J 89 -51.54 -21.01 84.07
C GLN J 89 -51.90 -20.47 85.45
N ASP J 90 -51.79 -19.15 85.64
CA ASP J 90 -52.09 -18.57 86.94
C ASP J 90 -53.55 -18.74 87.31
N ILE J 91 -54.46 -18.55 86.35
CA ILE J 91 -55.89 -18.76 86.64
C ILE J 91 -56.15 -20.22 87.00
N PHE J 92 -55.52 -21.14 86.27
CA PHE J 92 -55.67 -22.56 86.58
C PHE J 92 -55.20 -22.86 88.00
N THR J 93 -54.02 -22.35 88.37
CA THR J 93 -53.50 -22.61 89.70
C THR J 93 -54.39 -22.01 90.78
N HIS J 94 -54.88 -20.79 90.57
CA HIS J 94 -55.77 -20.18 91.55
C HIS J 94 -57.06 -20.97 91.69
N TYR J 95 -57.63 -21.41 90.58
CA TYR J 95 -58.86 -22.20 90.64
C TYR J 95 -58.64 -23.51 91.38
N VAL J 96 -57.49 -24.15 91.15
CA VAL J 96 -57.18 -25.39 91.86
C VAL J 96 -57.05 -25.13 93.35
N ASN J 97 -56.33 -24.07 93.72
CA ASN J 97 -56.08 -23.79 95.13
C ASN J 97 -57.36 -23.44 95.89
N TYR J 98 -58.30 -22.77 95.23
CA TYR J 98 -59.52 -22.31 95.88
C TYR J 98 -60.70 -23.24 95.67
N ASN J 99 -60.49 -24.39 95.05
CA ASN J 99 -61.53 -25.37 94.71
C ASN J 99 -62.79 -24.66 94.19
N TYR J 100 -62.60 -23.98 93.05
CA TYR J 100 -63.68 -23.20 92.45
C TYR J 100 -64.95 -24.02 92.26
N GLN J 101 -64.81 -25.26 91.80
CA GLN J 101 -65.90 -26.22 91.71
C GLN J 101 -67.07 -25.71 90.86
N PRO J 102 -66.90 -25.63 89.53
CA PRO J 102 -68.06 -25.33 88.68
C PRO J 102 -68.89 -26.56 88.41
N GLN J 103 -69.88 -26.45 87.53
CA GLN J 103 -70.78 -27.57 87.28
C GLN J 103 -70.04 -28.75 86.65
N GLY J 104 -69.52 -28.56 85.44
CA GLY J 104 -68.80 -29.61 84.76
C GLY J 104 -67.46 -29.16 84.25
N VAL J 105 -66.85 -29.94 83.35
CA VAL J 105 -65.57 -29.55 82.77
C VAL J 105 -65.77 -28.31 81.91
N THR J 106 -65.03 -27.25 82.22
CA THR J 106 -65.29 -25.98 81.58
C THR J 106 -64.06 -25.34 80.96
N TYR J 107 -62.89 -25.49 81.57
CA TYR J 107 -61.70 -24.75 81.15
C TYR J 107 -60.58 -25.71 80.80
N TYR J 108 -59.65 -25.21 79.98
CA TYR J 108 -58.49 -25.99 79.58
C TYR J 108 -57.30 -25.06 79.41
N THR J 109 -56.11 -25.63 79.54
CA THR J 109 -54.87 -24.89 79.36
C THR J 109 -53.84 -25.84 78.76
N ARG J 110 -52.75 -25.28 78.24
CA ARG J 110 -51.71 -26.06 77.59
C ARG J 110 -50.48 -26.12 78.48
N LEU J 111 -49.98 -27.33 78.71
CA LEU J 111 -48.75 -27.54 79.47
C LEU J 111 -47.92 -28.59 78.74
N GLY J 112 -46.73 -28.21 78.31
CA GLY J 112 -45.90 -29.12 77.55
C GLY J 112 -46.61 -29.54 76.28
N ASN J 113 -46.78 -30.85 76.12
CA ASN J 113 -47.52 -31.41 74.99
C ASN J 113 -48.89 -31.94 75.40
N PHE J 114 -49.50 -31.36 76.42
CA PHE J 114 -50.76 -31.84 76.93
C PHE J 114 -51.72 -30.69 77.17
N TRP J 115 -53.02 -31.03 77.15
CA TRP J 115 -54.08 -30.10 77.52
C TRP J 115 -54.63 -30.54 78.87
N ARG J 116 -54.57 -29.64 79.84
CA ARG J 116 -55.05 -29.92 81.19
C ARG J 116 -56.38 -29.21 81.42
N VAL J 117 -57.37 -29.96 81.90
CA VAL J 117 -58.69 -29.42 82.19
C VAL J 117 -58.79 -29.16 83.68
N PHE J 118 -59.51 -28.09 84.07
CA PHE J 118 -59.51 -27.69 85.47
C PHE J 118 -60.34 -28.63 86.34
N PRO J 119 -61.62 -28.86 86.08
CA PRO J 119 -62.37 -29.78 86.95
C PRO J 119 -61.86 -31.19 86.72
N VAL J 120 -60.74 -31.51 87.38
CA VAL J 120 -59.97 -32.71 87.09
C VAL J 120 -60.88 -33.92 87.04
N VAL J 121 -60.77 -34.68 85.96
CA VAL J 121 -61.62 -35.86 85.73
C VAL J 121 -60.74 -37.09 85.88
N PRO J 122 -61.30 -38.23 86.27
CA PRO J 122 -60.50 -39.45 86.37
C PRO J 122 -60.15 -39.97 84.98
N ASP J 123 -59.20 -40.89 84.95
CA ASP J 123 -58.82 -41.51 83.68
C ASP J 123 -60.01 -42.22 83.07
N GLY J 124 -60.23 -41.99 81.78
CA GLY J 124 -61.39 -42.51 81.10
C GLY J 124 -62.42 -41.49 80.68
N ALA J 125 -62.13 -40.20 80.79
CA ALA J 125 -63.05 -39.18 80.33
C ALA J 125 -62.96 -39.04 78.81
N PRO J 126 -64.06 -39.17 78.08
CA PRO J 126 -64.01 -38.97 76.63
C PRO J 126 -64.25 -37.52 76.23
N PHE J 127 -63.47 -37.02 75.27
CA PHE J 127 -63.64 -35.68 74.74
C PHE J 127 -63.71 -35.75 73.22
N ILE J 128 -64.30 -34.72 72.61
CA ILE J 128 -64.37 -34.59 71.16
C ILE J 128 -63.52 -33.39 70.76
N VAL J 129 -62.48 -33.63 69.98
CA VAL J 129 -61.53 -32.60 69.58
C VAL J 129 -61.66 -32.39 68.09
N ASN J 130 -61.86 -31.14 67.68
CA ASN J 130 -61.90 -30.75 66.28
C ASN J 130 -60.69 -29.86 66.01
N TYR J 131 -59.89 -30.24 65.03
CA TYR J 131 -58.60 -29.60 64.82
C TYR J 131 -58.16 -29.78 63.37
N TRP J 132 -57.18 -28.98 62.98
CA TRP J 132 -56.62 -29.06 61.64
C TRP J 132 -55.32 -29.88 61.66
N THR J 133 -55.07 -30.56 60.54
CA THR J 133 -53.90 -31.40 60.41
C THR J 133 -53.00 -30.93 59.27
N VAL J 134 -51.97 -31.71 58.96
CA VAL J 134 -51.07 -31.37 57.87
C VAL J 134 -51.55 -32.06 56.60
N LEU J 135 -51.13 -31.50 55.47
CA LEU J 135 -51.54 -32.04 54.18
C LEU J 135 -50.92 -33.41 53.94
N PRO J 136 -51.60 -34.29 53.22
CA PRO J 136 -51.02 -35.61 52.92
C PRO J 136 -49.77 -35.48 52.07
N GLU J 137 -48.84 -36.38 52.31
CA GLU J 137 -47.58 -36.37 51.58
C GLU J 137 -47.80 -36.83 50.15
N LEU J 138 -47.22 -36.10 49.20
CA LEU J 138 -47.33 -36.40 47.78
C LEU J 138 -46.00 -36.97 47.30
N SER J 139 -46.04 -38.19 46.78
CA SER J 139 -44.84 -38.87 46.30
C SER J 139 -45.28 -40.02 45.40
N LEU J 140 -44.32 -40.87 45.03
CA LEU J 140 -44.66 -42.05 44.23
C LEU J 140 -45.49 -43.04 45.02
N ALA J 141 -45.26 -43.15 46.33
CA ALA J 141 -46.06 -44.04 47.16
C ALA J 141 -47.49 -43.54 47.30
N ASN J 142 -47.70 -42.22 47.27
CA ASN J 142 -49.01 -41.62 47.41
C ASN J 142 -49.21 -40.68 46.22
N PRO J 143 -49.58 -41.21 45.05
CA PRO J 143 -49.60 -40.40 43.84
C PRO J 143 -50.76 -39.41 43.73
N THR J 144 -51.79 -39.52 44.58
CA THR J 144 -52.94 -38.65 44.49
C THR J 144 -53.32 -38.11 45.86
N THR J 145 -53.61 -36.81 45.91
CA THR J 145 -54.08 -36.16 47.12
C THR J 145 -55.20 -35.19 46.76
N TRP J 146 -55.99 -34.81 47.76
CA TRP J 146 -57.08 -33.88 47.53
C TRP J 146 -56.57 -32.50 47.12
N ALA J 147 -55.39 -32.11 47.59
CA ALA J 147 -54.84 -30.81 47.26
C ALA J 147 -54.57 -30.69 45.77
N LEU J 148 -54.05 -31.75 45.16
CA LEU J 148 -53.78 -31.73 43.72
C LEU J 148 -55.08 -31.62 42.93
N THR J 149 -56.12 -32.33 43.36
CA THR J 149 -57.38 -32.34 42.62
C THR J 149 -58.12 -31.02 42.77
N LYS J 150 -58.04 -30.39 43.94
CA LYS J 150 -58.79 -29.16 44.18
C LYS J 150 -58.29 -28.02 43.32
N TYR J 151 -56.97 -27.86 43.20
CA TYR J 151 -56.40 -26.70 42.53
C TYR J 151 -54.99 -27.02 42.04
N PRO J 152 -54.85 -27.64 40.87
CA PRO J 152 -53.51 -28.04 40.40
C PRO J 152 -52.56 -26.88 40.17
N GLN J 153 -53.09 -25.68 39.89
CA GLN J 153 -52.21 -24.55 39.63
C GLN J 153 -51.30 -24.26 40.81
N ILE J 154 -51.77 -24.51 42.03
CA ILE J 154 -50.94 -24.26 43.21
C ILE J 154 -49.66 -25.08 43.14
N TYR J 155 -49.81 -26.39 42.91
CA TYR J 155 -48.64 -27.25 42.86
C TYR J 155 -47.78 -26.95 41.65
N LEU J 156 -48.40 -26.67 40.50
CA LEU J 156 -47.62 -26.36 39.31
C LEU J 156 -46.76 -25.12 39.52
N TYR J 157 -47.35 -24.05 40.05
CA TYR J 157 -46.61 -22.81 40.26
C TYR J 157 -45.55 -22.99 41.33
N GLY J 158 -45.86 -23.72 42.40
CA GLY J 158 -44.86 -23.95 43.43
C GLY J 158 -43.66 -24.72 42.90
N VAL J 159 -43.91 -25.76 42.10
CA VAL J 159 -42.82 -26.53 41.53
C VAL J 159 -41.99 -25.67 40.58
N LEU J 160 -42.65 -24.83 39.77
CA LEU J 160 -41.92 -23.96 38.87
C LEU J 160 -41.04 -22.98 39.65
N GLU J 161 -41.57 -22.41 40.72
CA GLU J 161 -40.79 -21.49 41.54
C GLU J 161 -39.58 -22.20 42.15
N GLN J 162 -39.78 -23.42 42.65
CA GLN J 162 -38.65 -24.17 43.19
C GLN J 162 -37.61 -24.44 42.11
N ILE J 163 -38.05 -24.79 40.90
CA ILE J 163 -37.12 -25.08 39.82
C ILE J 163 -36.29 -23.85 39.50
N TYR J 164 -36.94 -22.70 39.38
CA TYR J 164 -36.18 -21.49 39.04
C TYR J 164 -35.31 -21.03 40.19
N LEU J 165 -35.67 -21.36 41.43
CA LEU J 165 -34.75 -21.14 42.54
C LEU J 165 -33.51 -22.02 42.40
N TYR J 166 -33.70 -23.27 41.98
CA TYR J 166 -32.59 -24.20 41.88
C TYR J 166 -31.60 -23.78 40.80
N THR J 167 -32.09 -23.24 39.68
CA THR J 167 -31.23 -22.85 38.58
C THR J 167 -30.62 -21.47 38.75
N MET J 168 -30.58 -20.96 39.99
CA MET J 168 -29.90 -19.70 40.31
C MET J 168 -30.47 -18.52 39.52
N ASP J 169 -31.77 -18.51 39.28
CA ASP J 169 -32.46 -17.38 38.69
C ASP J 169 -33.29 -16.68 39.75
N GLU J 170 -33.49 -15.38 39.59
CA GLU J 170 -34.15 -14.58 40.61
C GLU J 170 -35.49 -14.02 40.16
N ALA J 171 -35.52 -13.28 39.04
CA ALA J 171 -36.73 -12.59 38.64
C ALA J 171 -37.88 -13.57 38.39
N ARG J 172 -37.61 -14.64 37.65
CA ARG J 172 -38.64 -15.62 37.38
C ARG J 172 -39.10 -16.34 38.64
N SER J 173 -38.18 -16.54 39.60
CA SER J 173 -38.57 -17.12 40.87
C SER J 173 -39.56 -16.24 41.60
N GLN J 174 -39.32 -14.93 41.63
CA GLN J 174 -40.27 -14.02 42.27
C GLN J 174 -41.60 -14.01 41.52
N PHE J 175 -41.56 -14.04 40.19
CA PHE J 175 -42.78 -14.07 39.41
C PHE J 175 -43.64 -15.27 39.78
N TRP J 176 -43.04 -16.47 39.76
CA TRP J 176 -43.80 -17.67 40.08
C TRP J 176 -44.22 -17.70 41.54
N GLY J 177 -43.41 -17.15 42.44
CA GLY J 177 -43.81 -17.08 43.83
C GLY J 177 -45.03 -16.21 44.04
N GLN J 178 -45.08 -15.06 43.36
CA GLN J 178 -46.26 -14.21 43.43
C GLN J 178 -47.48 -14.92 42.88
N LYS J 179 -47.32 -15.64 41.77
CA LYS J 179 -48.44 -16.39 41.21
C LYS J 179 -48.96 -17.42 42.21
N LEU J 180 -48.05 -18.16 42.84
CA LEU J 180 -48.45 -19.17 43.80
C LEU J 180 -49.15 -18.54 45.00
N GLU J 181 -48.63 -17.42 45.49
CA GLU J 181 -49.26 -16.75 46.62
C GLU J 181 -50.65 -16.27 46.27
N ARG J 182 -50.84 -15.74 45.06
CA ARG J 182 -52.18 -15.31 44.65
C ARG J 182 -53.14 -16.49 44.60
N ALA J 183 -52.69 -17.62 44.04
CA ALA J 183 -53.56 -18.79 43.99
C ALA J 183 -53.96 -19.27 45.38
N VAL J 184 -52.99 -19.33 46.29
CA VAL J 184 -53.27 -19.78 47.65
C VAL J 184 -54.24 -18.83 48.33
N MET J 185 -54.04 -17.52 48.16
CA MET J 185 -54.93 -16.55 48.75
C MET J 185 -56.35 -16.69 48.22
N GLU J 186 -56.48 -16.91 46.91
CA GLU J 186 -57.81 -17.10 46.33
C GLU J 186 -58.51 -18.30 46.93
N LEU J 187 -57.80 -19.44 47.02
CA LEU J 187 -58.41 -20.64 47.58
C LEU J 187 -58.82 -20.43 49.03
N GLN J 188 -57.94 -19.83 49.83
CA GLN J 188 -58.25 -19.62 51.24
C GLN J 188 -59.43 -18.68 51.41
N ASN J 189 -59.50 -17.61 50.61
CA ASN J 189 -60.62 -16.68 50.71
C ASN J 189 -61.93 -17.36 50.32
N GLU J 190 -61.91 -18.18 49.28
CA GLU J 190 -63.12 -18.90 48.90
C GLU J 190 -63.58 -19.82 50.02
N GLU J 191 -62.64 -20.53 50.64
CA GLU J 191 -63.02 -21.41 51.75
C GLU J 191 -63.57 -20.62 52.92
N ASN J 192 -62.96 -19.47 53.22
CA ASN J 192 -63.42 -18.65 54.35
C ASN J 192 -64.83 -18.14 54.11
N ALA J 193 -65.13 -17.67 52.91
CA ALA J 193 -66.40 -17.02 52.62
C ALA J 193 -67.46 -17.98 52.12
N ALA J 194 -67.43 -19.24 52.53
CA ALA J 194 -68.33 -20.26 52.01
C ALA J 194 -69.43 -20.66 52.98
N ASP J 195 -69.38 -20.23 54.23
CA ASP J 195 -70.32 -20.70 55.24
C ASP J 195 -71.46 -19.73 55.50
N PHE J 196 -71.15 -18.47 55.82
CA PHE J 196 -72.18 -17.49 56.17
C PHE J 196 -71.96 -16.16 55.46
N ALA J 197 -71.29 -16.15 54.32
CA ALA J 197 -71.05 -14.90 53.61
C ALA J 197 -72.31 -14.37 52.93
N SER J 198 -73.34 -15.20 52.79
CA SER J 198 -74.57 -14.79 52.12
C SER J 198 -75.80 -15.11 52.97
N THR J 199 -75.65 -15.04 54.29
CA THR J 199 -76.78 -15.26 55.19
C THR J 199 -76.89 -14.10 56.17
N ARG J 200 -77.74 -14.24 57.19
CA ARG J 200 -77.99 -13.18 58.15
C ARG J 200 -77.46 -13.58 59.51
N LEU J 201 -76.86 -12.61 60.21
CA LEU J 201 -76.30 -12.81 61.54
C LEU J 201 -77.04 -11.92 62.54
N ALA J 202 -77.15 -12.40 63.78
CA ALA J 202 -78.05 -11.77 64.74
C ALA J 202 -77.46 -11.52 66.12
N ILE J 203 -76.33 -12.13 66.49
CA ILE J 203 -75.74 -12.01 67.82
C ILE J 203 -76.62 -12.67 68.87
N LYS J 204 -76.10 -13.70 69.53
CA LYS J 204 -76.84 -14.43 70.55
C LYS J 204 -76.11 -14.30 71.88
N ASP J 205 -76.85 -14.54 72.97
CA ASP J 205 -76.34 -14.39 74.32
C ASP J 205 -76.21 -15.75 74.99
N ILE J 206 -75.05 -16.00 75.59
CA ILE J 206 -74.81 -17.19 76.39
C ILE J 206 -74.20 -16.75 77.71
N GLU J 207 -74.28 -17.64 78.71
CA GLU J 207 -73.79 -17.32 80.04
C GLU J 207 -72.51 -18.06 80.41
N ARG J 208 -72.17 -19.13 79.69
CA ARG J 208 -70.97 -19.93 79.97
C ARG J 208 -70.99 -20.52 81.39
N ALA K 2 -73.02 -18.28 19.15
CA ALA K 2 -72.42 -17.10 18.53
C ALA K 2 -70.92 -17.09 18.72
N THR K 3 -70.22 -16.48 17.76
CA THR K 3 -68.76 -16.39 17.77
C THR K 3 -68.13 -17.78 17.92
N ILE K 4 -67.76 -18.14 19.14
CA ILE K 4 -67.21 -19.46 19.44
C ILE K 4 -68.33 -20.33 19.97
N ASN K 5 -68.54 -21.48 19.34
CA ASN K 5 -69.65 -22.35 19.69
C ASN K 5 -69.25 -23.59 20.47
N ASN K 6 -68.02 -24.07 20.31
CA ASN K 6 -67.58 -25.27 21.01
C ASN K 6 -66.07 -25.18 21.23
N VAL K 7 -65.51 -26.25 21.82
CA VAL K 7 -64.12 -26.24 22.21
C VAL K 7 -63.19 -26.21 21.00
N THR K 8 -63.57 -26.87 19.91
CA THR K 8 -62.71 -26.91 18.73
C THR K 8 -62.51 -25.52 18.14
N ASP K 9 -63.59 -24.74 18.06
CA ASP K 9 -63.46 -23.36 17.58
C ASP K 9 -62.58 -22.54 18.50
N LEU K 10 -62.70 -22.75 19.81
CA LEU K 10 -61.84 -22.04 20.75
C LEU K 10 -60.37 -22.38 20.53
N ALA K 11 -60.07 -23.67 20.32
CA ALA K 11 -58.69 -24.07 20.08
C ALA K 11 -58.16 -23.47 18.78
N ILE K 12 -58.99 -23.49 17.73
CA ILE K 12 -58.57 -22.92 16.45
C ILE K 12 -58.30 -21.43 16.59
N ALA K 13 -59.18 -20.71 17.29
CA ALA K 13 -58.99 -19.28 17.47
C ALA K 13 -57.75 -18.99 18.29
N ALA K 14 -57.48 -19.80 19.32
CA ALA K 14 -56.27 -19.61 20.11
C ALA K 14 -55.03 -19.82 19.27
N ILE K 15 -55.03 -20.85 18.43
CA ILE K 15 -53.89 -21.12 17.57
C ILE K 15 -53.68 -19.96 16.59
N GLN K 16 -54.78 -19.46 16.01
CA GLN K 16 -54.67 -18.36 15.05
C GLN K 16 -54.15 -17.09 15.72
N TRP K 17 -54.66 -16.77 16.90
CA TRP K 17 -54.29 -15.51 17.54
C TRP K 17 -52.87 -15.56 18.08
N SER K 18 -52.50 -16.67 18.74
CA SER K 18 -51.16 -16.77 19.30
C SER K 18 -50.10 -16.96 18.22
N ASP K 19 -50.49 -17.53 17.08
CA ASP K 19 -49.58 -17.84 15.98
C ASP K 19 -48.45 -18.75 16.49
N ARG K 20 -48.87 -19.94 16.89
CA ARG K 20 -47.95 -20.97 17.39
C ARG K 20 -48.46 -22.31 16.87
N GLN K 21 -47.68 -22.93 15.99
CA GLN K 21 -48.07 -24.19 15.38
C GLN K 21 -47.55 -25.40 16.14
N ASP K 22 -46.82 -25.21 17.24
CA ASP K 22 -46.25 -26.30 18.00
C ASP K 22 -47.14 -26.75 19.15
N LEU K 23 -48.29 -26.13 19.35
CA LEU K 23 -49.18 -26.50 20.44
C LEU K 23 -49.92 -27.78 20.12
N THR K 24 -49.93 -28.71 21.06
CA THR K 24 -50.63 -29.97 20.90
C THR K 24 -51.99 -29.92 21.60
N GLN K 25 -52.76 -31.00 21.43
CA GLN K 25 -54.07 -31.07 22.05
C GLN K 25 -53.99 -31.08 23.56
N GLU K 26 -53.01 -31.81 24.11
CA GLU K 26 -52.89 -31.93 25.56
C GLU K 26 -52.60 -30.58 26.20
N LEU K 27 -51.72 -29.78 25.60
CA LEU K 27 -51.41 -28.48 26.16
C LEU K 27 -52.62 -27.55 26.13
N LEU K 28 -53.38 -27.58 25.03
CA LEU K 28 -54.58 -26.75 24.94
C LEU K 28 -55.60 -27.18 25.99
N MET K 29 -55.78 -28.48 26.17
CA MET K 29 -56.69 -28.96 27.20
C MET K 29 -56.23 -28.53 28.59
N LEU K 30 -54.93 -28.58 28.84
CA LEU K 30 -54.39 -28.12 30.12
C LEU K 30 -54.67 -26.64 30.34
N PHE K 31 -54.47 -25.83 29.30
CA PHE K 31 -54.71 -24.39 29.43
C PHE K 31 -56.19 -24.11 29.71
N ILE K 32 -57.08 -24.79 28.98
CA ILE K 32 -58.50 -24.59 29.18
C ILE K 32 -58.91 -25.02 30.58
N GLY K 33 -58.39 -26.14 31.05
CA GLY K 33 -58.69 -26.58 32.40
C GLY K 33 -58.21 -25.59 33.44
N ASN K 34 -56.99 -25.06 33.26
CA ASN K 34 -56.48 -24.07 34.21
C ASN K 34 -57.37 -22.84 34.26
N THR K 35 -57.82 -22.37 33.10
CA THR K 35 -58.76 -21.25 33.06
C THR K 35 -60.05 -21.60 33.80
N THR K 36 -60.54 -22.83 33.62
CA THR K 36 -61.78 -23.22 34.27
C THR K 36 -61.65 -23.23 35.79
N ASP K 37 -60.55 -23.80 36.30
CA ASP K 37 -60.37 -23.77 37.76
C ASP K 37 -60.15 -22.35 38.27
N ARG K 38 -59.51 -21.49 37.49
CA ARG K 38 -59.40 -20.10 37.91
C ARG K 38 -60.77 -19.45 38.01
N LEU K 39 -61.64 -19.72 37.02
CA LEU K 39 -62.99 -19.16 37.05
C LEU K 39 -63.82 -19.71 38.20
N ASN K 40 -63.60 -20.97 38.56
CA ASN K 40 -64.41 -21.60 39.61
C ASN K 40 -64.28 -20.90 40.95
N ARG K 41 -63.21 -20.14 41.16
CA ARG K 41 -63.00 -19.46 42.43
C ARG K 41 -63.54 -18.04 42.45
N LEU K 42 -64.15 -17.58 41.37
CA LEU K 42 -64.53 -16.18 41.27
C LEU K 42 -66.00 -15.95 40.92
N LEU K 43 -66.59 -16.82 40.10
CA LEU K 43 -67.91 -16.55 39.53
C LEU K 43 -69.01 -17.07 40.44
N ARG K 44 -70.01 -16.23 40.70
CA ARG K 44 -71.23 -16.59 41.42
C ARG K 44 -72.38 -15.93 40.66
N VAL K 45 -72.96 -16.65 39.71
CA VAL K 45 -73.97 -16.12 38.81
C VAL K 45 -75.20 -17.02 38.85
N ARG K 46 -76.22 -16.65 38.08
CA ARG K 46 -77.46 -17.41 38.04
C ARG K 46 -77.25 -18.81 37.49
N GLU K 47 -76.47 -18.92 36.41
CA GLU K 47 -76.25 -20.23 35.79
C GLU K 47 -75.47 -21.17 36.70
N ASN K 48 -74.78 -20.64 37.70
CA ASN K 48 -73.97 -21.43 38.61
C ASN K 48 -74.72 -21.87 39.85
N GLU K 49 -76.02 -21.55 39.95
CA GLU K 49 -76.78 -21.71 41.18
C GLU K 49 -77.80 -22.82 41.01
N HIS K 50 -77.82 -23.75 41.96
CA HIS K 50 -78.76 -24.86 41.98
C HIS K 50 -79.43 -24.92 43.35
N PHE K 51 -80.72 -25.25 43.36
CA PHE K 51 -81.45 -25.52 44.59
C PHE K 51 -82.07 -26.91 44.49
N GLU K 52 -81.98 -27.66 45.59
CA GLU K 52 -82.43 -29.04 45.58
C GLU K 52 -82.81 -29.46 46.99
N THR K 53 -83.52 -30.58 47.07
CA THR K 53 -84.03 -31.08 48.33
C THR K 53 -83.10 -32.16 48.87
N LEU K 54 -82.65 -32.00 50.10
CA LEU K 54 -81.80 -32.96 50.79
C LEU K 54 -82.53 -33.52 52.00
N MET K 55 -82.06 -34.68 52.46
CA MET K 55 -82.66 -35.36 53.60
C MET K 55 -81.64 -35.41 54.73
N ALA K 56 -82.01 -34.85 55.87
CA ALA K 56 -81.13 -34.87 57.03
C ALA K 56 -81.08 -36.27 57.64
N PHE K 57 -79.87 -36.76 57.90
CA PHE K 57 -79.69 -38.07 58.48
C PHE K 57 -78.67 -37.97 59.61
N GLY K 58 -78.97 -38.61 60.73
CA GLY K 58 -78.10 -38.54 61.89
C GLY K 58 -77.94 -37.15 62.46
N GLY K 59 -79.00 -36.35 62.41
CA GLY K 59 -78.95 -35.00 62.94
C GLY K 59 -78.20 -34.00 62.08
N GLY K 60 -77.84 -34.35 60.85
CA GLY K 60 -77.08 -33.45 60.01
C GLY K 60 -77.40 -33.64 58.54
N ILE K 61 -76.94 -32.65 57.76
CA ILE K 61 -77.12 -32.63 56.32
C ILE K 61 -75.75 -32.73 55.67
N GLU K 62 -75.63 -33.63 54.69
CA GLU K 62 -74.37 -33.84 54.00
C GLU K 62 -74.15 -32.75 52.96
N ILE K 63 -72.97 -32.16 52.98
CA ILE K 63 -72.63 -31.10 52.02
C ILE K 63 -72.50 -31.72 50.63
N PRO K 64 -73.07 -31.11 49.59
CA PRO K 64 -72.96 -31.68 48.24
C PRO K 64 -71.52 -31.69 47.75
N GLU K 65 -71.25 -32.62 46.83
CA GLU K 65 -69.87 -32.83 46.38
C GLU K 65 -69.36 -31.64 45.56
N HIS K 66 -70.24 -31.01 44.78
CA HIS K 66 -69.85 -29.88 43.94
C HIS K 66 -70.06 -28.55 44.62
N PHE K 67 -70.36 -28.55 45.92
CA PHE K 67 -70.63 -27.32 46.64
C PHE K 67 -69.40 -26.41 46.65
N VAL K 68 -69.62 -25.13 46.38
CA VAL K 68 -68.58 -24.11 46.48
C VAL K 68 -68.97 -23.00 47.43
N ALA K 69 -70.22 -22.53 47.38
CA ALA K 69 -70.71 -21.51 48.28
C ALA K 69 -72.19 -21.74 48.54
N LEU K 70 -72.65 -21.32 49.72
CA LEU K 70 -74.01 -21.55 50.17
C LEU K 70 -74.81 -20.26 50.10
N ARG K 71 -76.03 -20.35 49.58
CA ARG K 71 -76.93 -19.22 49.52
C ARG K 71 -78.00 -19.26 50.62
N SER K 72 -78.69 -20.38 50.76
CA SER K 72 -79.73 -20.45 51.78
C SER K 72 -80.10 -21.91 52.08
N ILE K 73 -80.59 -22.12 53.29
CA ILE K 73 -81.16 -23.40 53.71
C ILE K 73 -82.53 -23.12 54.30
N THR K 74 -83.54 -23.84 53.82
CA THR K 74 -84.91 -23.64 54.27
C THR K 74 -85.50 -24.96 54.73
N GLY K 75 -86.15 -24.95 55.89
CA GLY K 75 -86.85 -26.12 56.34
C GLY K 75 -88.10 -26.39 55.54
N ASP K 76 -88.55 -27.64 55.59
CA ASP K 76 -89.76 -28.00 54.88
C ASP K 76 -90.98 -27.43 55.61
N SER K 77 -92.07 -27.26 54.86
CA SER K 77 -93.28 -26.67 55.43
C SER K 77 -93.85 -27.47 56.59
N LEU K 78 -93.56 -28.77 56.66
CA LEU K 78 -94.11 -29.61 57.72
C LEU K 78 -93.21 -29.65 58.96
N ILE K 79 -92.04 -29.02 58.92
CA ILE K 79 -91.18 -28.92 60.09
C ILE K 79 -90.94 -27.47 60.47
N GLY K 80 -91.77 -26.56 59.98
CA GLY K 80 -91.65 -25.15 60.32
C GLY K 80 -91.53 -24.25 59.12
N GLY K 81 -90.79 -24.69 58.11
CA GLY K 81 -90.61 -23.90 56.91
C GLY K 81 -89.91 -22.59 57.14
N ARG K 82 -88.88 -22.57 57.97
CA ARG K 82 -88.14 -21.36 58.29
C ARG K 82 -86.78 -21.36 57.58
N THR K 83 -86.22 -20.17 57.43
CA THR K 83 -84.89 -20.01 56.89
C THR K 83 -83.89 -20.06 58.04
N LEU K 84 -82.95 -20.99 57.96
CA LEU K 84 -82.06 -21.24 59.07
C LEU K 84 -81.04 -20.12 59.22
N GLN K 85 -80.54 -19.97 60.44
CA GLN K 85 -79.55 -18.95 60.78
C GLN K 85 -78.29 -19.61 61.32
N TYR K 86 -77.15 -18.98 61.07
CA TYR K 86 -75.86 -19.54 61.45
C TYR K 86 -75.54 -19.19 62.90
N ILE K 87 -75.06 -20.20 63.64
CA ILE K 87 -74.59 -20.01 65.02
C ILE K 87 -73.27 -20.75 65.17
N THR K 88 -72.50 -20.33 66.18
CA THR K 88 -71.21 -20.94 66.44
C THR K 88 -71.39 -22.20 67.29
N GLN K 89 -70.27 -22.89 67.54
CA GLN K 89 -70.33 -24.14 68.30
C GLN K 89 -70.72 -23.89 69.75
N ASP K 90 -70.21 -22.82 70.35
CA ASP K 90 -70.52 -22.54 71.75
C ASP K 90 -72.01 -22.30 71.95
N ILE K 91 -72.62 -21.52 71.06
CA ILE K 91 -74.05 -21.28 71.14
C ILE K 91 -74.83 -22.58 70.96
N PHE K 92 -74.36 -23.43 70.05
CA PHE K 92 -75.01 -24.71 69.82
C PHE K 92 -75.01 -25.56 71.08
N THR K 93 -73.84 -25.69 71.71
CA THR K 93 -73.76 -26.50 72.92
C THR K 93 -74.57 -25.91 74.05
N HIS K 94 -74.56 -24.58 74.19
CA HIS K 94 -75.37 -23.96 75.24
C HIS K 94 -76.85 -24.20 75.02
N TYR K 95 -77.32 -24.06 73.79
CA TYR K 95 -78.72 -24.31 73.48
C TYR K 95 -79.10 -25.75 73.74
N VAL K 96 -78.22 -26.69 73.38
CA VAL K 96 -78.50 -28.09 73.63
C VAL K 96 -78.58 -28.36 75.12
N ASN K 97 -77.66 -27.78 75.89
CA ASN K 97 -77.63 -28.04 77.33
C ASN K 97 -78.83 -27.43 78.05
N TYR K 98 -79.30 -26.27 77.61
CA TYR K 98 -80.36 -25.57 78.32
C TYR K 98 -81.76 -25.86 77.79
N ASN K 99 -81.88 -26.67 76.75
CA ASN K 99 -83.17 -27.02 76.14
C ASN K 99 -83.94 -25.75 75.76
N TYR K 100 -83.36 -25.00 74.82
CA TYR K 100 -83.96 -23.73 74.41
C TYR K 100 -85.28 -23.95 73.69
N GLN K 101 -85.38 -25.04 72.92
CA GLN K 101 -86.59 -25.56 72.26
C GLN K 101 -87.46 -24.48 71.62
N PRO K 102 -87.05 -23.94 70.46
CA PRO K 102 -87.94 -23.02 69.73
C PRO K 102 -89.09 -23.77 69.07
N GLN K 103 -89.89 -23.07 68.28
CA GLN K 103 -91.04 -23.71 67.64
C GLN K 103 -90.61 -24.77 66.64
N GLY K 104 -89.67 -24.44 65.76
CA GLY K 104 -89.21 -25.38 64.76
C GLY K 104 -87.71 -25.31 64.54
N VAL K 105 -87.24 -25.92 63.45
CA VAL K 105 -85.81 -25.86 63.13
C VAL K 105 -85.46 -24.42 62.79
N THR K 106 -84.47 -23.88 63.48
CA THR K 106 -84.18 -22.46 63.34
C THR K 106 -82.71 -22.16 63.04
N TYR K 107 -81.79 -22.94 63.60
CA TYR K 107 -80.37 -22.62 63.52
C TYR K 107 -79.59 -23.79 62.95
N TYR K 108 -78.42 -23.47 62.39
CA TYR K 108 -77.53 -24.47 61.82
C TYR K 108 -76.09 -24.05 62.07
N THR K 109 -75.20 -25.05 62.07
CA THR K 109 -73.77 -24.81 62.20
C THR K 109 -73.05 -25.85 61.36
N ARG K 110 -71.75 -25.67 61.18
CA ARG K 110 -70.94 -26.54 60.34
C ARG K 110 -69.98 -27.34 61.21
N LEU K 111 -70.01 -28.67 61.04
CA LEU K 111 -69.08 -29.56 61.72
C LEU K 111 -68.54 -30.55 60.71
N GLY K 112 -67.23 -30.52 60.49
CA GLY K 112 -66.63 -31.40 59.51
C GLY K 112 -67.20 -31.11 58.13
N ASN K 113 -67.80 -32.14 57.52
CA ASN K 113 -68.44 -32.00 56.22
C ASN K 113 -69.96 -32.05 56.34
N PHE K 114 -70.50 -31.64 57.48
CA PHE K 114 -71.93 -31.73 57.74
C PHE K 114 -72.46 -30.41 58.29
N TRP K 115 -73.75 -30.19 58.08
CA TRP K 115 -74.48 -29.08 58.68
C TRP K 115 -75.40 -29.64 59.76
N ARG K 116 -75.19 -29.21 60.99
CA ARG K 116 -75.98 -29.68 62.12
C ARG K 116 -77.00 -28.62 62.51
N VAL K 117 -78.27 -29.03 62.58
CA VAL K 117 -79.35 -28.15 62.98
C VAL K 117 -79.62 -28.34 64.46
N PHE K 118 -79.95 -27.25 65.16
CA PHE K 118 -80.06 -27.34 66.62
C PHE K 118 -81.28 -28.14 67.07
N PRO K 119 -82.51 -27.79 66.70
CA PRO K 119 -83.64 -28.60 67.14
C PRO K 119 -83.62 -29.95 66.46
N VAL K 120 -82.82 -30.87 67.00
CA VAL K 120 -82.52 -32.13 66.34
C VAL K 120 -83.81 -32.80 65.91
N VAL K 121 -83.83 -33.28 64.67
CA VAL K 121 -85.03 -33.83 64.06
C VAL K 121 -84.79 -35.30 63.74
N PRO K 122 -85.84 -36.12 63.66
CA PRO K 122 -85.63 -37.52 63.26
C PRO K 122 -85.13 -37.61 61.83
N ASP K 123 -84.45 -38.71 61.53
CA ASP K 123 -83.88 -38.91 60.21
C ASP K 123 -84.96 -38.90 59.14
N GLY K 124 -84.64 -38.30 58.00
CA GLY K 124 -85.58 -38.16 56.91
C GLY K 124 -86.23 -36.80 56.79
N ALA K 125 -85.82 -35.84 57.61
CA ALA K 125 -86.39 -34.50 57.52
C ALA K 125 -85.91 -33.83 56.24
N PRO K 126 -86.82 -33.30 55.41
CA PRO K 126 -86.38 -32.68 54.15
C PRO K 126 -86.07 -31.19 54.31
N PHE K 127 -85.04 -30.77 53.60
CA PHE K 127 -84.63 -29.37 53.56
C PHE K 127 -84.41 -28.96 52.12
N ILE K 128 -84.58 -27.67 51.84
CA ILE K 128 -84.33 -27.10 50.53
C ILE K 128 -83.06 -26.27 50.62
N VAL K 129 -82.03 -26.67 49.89
CA VAL K 129 -80.73 -26.01 49.93
C VAL K 129 -80.50 -25.34 48.59
N ASN K 130 -80.21 -24.04 48.63
CA ASN K 130 -79.88 -23.25 47.45
C ASN K 130 -78.41 -22.84 47.57
N TYR K 131 -77.60 -23.18 46.57
CA TYR K 131 -76.16 -23.02 46.68
C TYR K 131 -75.56 -22.96 45.29
N TRP K 132 -74.32 -22.47 45.22
CA TRP K 132 -73.57 -22.41 43.97
C TRP K 132 -72.69 -23.65 43.83
N THR K 133 -72.42 -24.03 42.59
CA THR K 133 -71.59 -25.19 42.28
C THR K 133 -70.39 -24.74 41.45
N VAL K 134 -69.63 -25.72 40.96
CA VAL K 134 -68.48 -25.45 40.12
C VAL K 134 -68.92 -25.44 38.65
N LEU K 135 -68.12 -24.79 37.81
CA LEU K 135 -68.42 -24.72 36.40
C LEU K 135 -68.26 -26.09 35.74
N PRO K 136 -69.05 -26.37 34.70
CA PRO K 136 -68.90 -27.65 34.01
C PRO K 136 -67.55 -27.76 33.30
N GLU K 137 -67.06 -28.99 33.21
CA GLU K 137 -65.79 -29.23 32.54
C GLU K 137 -65.91 -28.99 31.04
N LEU K 138 -64.89 -28.37 30.47
CA LEU K 138 -64.82 -28.10 29.03
C LEU K 138 -63.68 -28.95 28.46
N SER K 139 -64.03 -29.92 27.63
CA SER K 139 -63.05 -30.83 27.05
C SER K 139 -63.65 -31.43 25.78
N LEU K 140 -62.95 -32.42 25.22
CA LEU K 140 -63.44 -33.09 24.03
C LEU K 140 -64.73 -33.85 24.31
N ALA K 141 -64.82 -34.47 25.48
CA ALA K 141 -66.03 -35.21 25.83
C ALA K 141 -67.20 -34.28 26.11
N ASN K 142 -66.93 -33.05 26.56
CA ASN K 142 -67.96 -32.06 26.87
C ASN K 142 -67.62 -30.79 26.10
N PRO K 143 -67.97 -30.73 24.82
CA PRO K 143 -67.50 -29.62 23.97
C PRO K 143 -68.30 -28.32 24.11
N THR K 144 -69.40 -28.31 24.85
CA THR K 144 -70.20 -27.11 24.98
C THR K 144 -70.57 -26.87 26.44
N THR K 145 -70.44 -25.61 26.87
CA THR K 145 -70.84 -25.19 28.20
C THR K 145 -71.50 -23.83 28.11
N TRP K 146 -72.29 -23.49 29.13
CA TRP K 146 -72.94 -22.18 29.15
C TRP K 146 -71.92 -21.06 29.28
N ALA K 147 -70.81 -21.29 29.99
CA ALA K 147 -69.81 -20.26 30.16
C ALA K 147 -69.21 -19.85 28.82
N LEU K 148 -68.90 -20.82 27.97
CA LEU K 148 -68.38 -20.52 26.64
C LEU K 148 -69.41 -19.78 25.80
N THR K 149 -70.67 -20.18 25.89
CA THR K 149 -71.71 -19.57 25.07
C THR K 149 -72.07 -18.16 25.53
N LYS K 150 -71.83 -17.83 26.80
CA LYS K 150 -72.22 -16.52 27.29
C LYS K 150 -71.20 -15.45 26.92
N TYR K 151 -69.96 -15.60 27.39
CA TYR K 151 -68.91 -14.60 27.20
C TYR K 151 -67.65 -15.29 26.70
N PRO K 152 -67.56 -15.56 25.40
CA PRO K 152 -66.40 -16.29 24.87
C PRO K 152 -65.08 -15.57 25.06
N GLN K 153 -65.10 -14.23 25.17
CA GLN K 153 -63.87 -13.48 25.36
C GLN K 153 -63.14 -13.93 26.61
N ILE K 154 -63.87 -14.35 27.65
CA ILE K 154 -63.23 -14.81 28.87
C ILE K 154 -62.32 -16.00 28.58
N TYR K 155 -62.85 -17.01 27.91
CA TYR K 155 -62.06 -18.19 27.62
C TYR K 155 -60.94 -17.89 26.64
N LEU K 156 -61.21 -17.05 25.64
CA LEU K 156 -60.17 -16.71 24.67
C LEU K 156 -58.99 -16.03 25.36
N TYR K 157 -59.27 -15.02 26.19
CA TYR K 157 -58.21 -14.29 26.86
C TYR K 157 -57.48 -15.17 27.87
N GLY K 158 -58.22 -16.03 28.59
CA GLY K 158 -57.56 -16.92 29.52
C GLY K 158 -56.61 -17.88 28.84
N VAL K 159 -57.05 -18.45 27.71
CA VAL K 159 -56.18 -19.37 26.97
C VAL K 159 -54.96 -18.64 26.43
N LEU K 160 -55.16 -17.41 25.93
CA LEU K 160 -54.00 -16.66 25.44
C LEU K 160 -53.01 -16.36 26.55
N GLU K 161 -53.51 -15.99 27.74
CA GLU K 161 -52.63 -15.73 28.87
C GLU K 161 -51.87 -16.99 29.27
N GLN K 162 -52.55 -18.14 29.29
CA GLN K 162 -51.86 -19.39 29.61
C GLN K 162 -50.80 -19.71 28.58
N ILE K 163 -51.10 -19.49 27.29
CA ILE K 163 -50.14 -19.76 26.24
C ILE K 163 -48.89 -18.91 26.41
N TYR K 164 -49.08 -17.62 26.66
CA TYR K 164 -47.92 -16.75 26.82
C TYR K 164 -47.17 -17.01 28.11
N LEU K 165 -47.83 -17.55 29.13
CA LEU K 165 -47.11 -18.05 30.29
C LEU K 165 -46.27 -19.26 29.94
N TYR K 166 -46.78 -20.12 29.07
CA TYR K 166 -46.07 -21.34 28.71
C TYR K 166 -44.77 -21.04 27.99
N THR K 167 -44.77 -20.05 27.10
CA THR K 167 -43.62 -19.72 26.28
C THR K 167 -42.64 -18.80 26.99
N MET K 168 -42.69 -18.72 28.32
CA MET K 168 -41.74 -17.95 29.12
C MET K 168 -41.73 -16.48 28.69
N ASP K 169 -42.91 -15.86 28.69
CA ASP K 169 -43.05 -14.44 28.44
C ASP K 169 -43.74 -13.79 29.62
N GLU K 170 -43.44 -12.51 29.84
CA GLU K 170 -43.93 -11.79 31.02
C GLU K 170 -44.88 -10.66 30.66
N ALA K 171 -44.49 -9.77 29.75
CA ALA K 171 -45.30 -8.60 29.46
C ALA K 171 -46.64 -8.99 28.85
N ARG K 172 -46.61 -9.83 27.81
CA ARG K 172 -47.85 -10.19 27.14
C ARG K 172 -48.75 -11.03 28.04
N SER K 173 -48.16 -11.88 28.89
CA SER K 173 -48.96 -12.64 29.84
C SER K 173 -49.72 -11.72 30.78
N GLN K 174 -49.05 -10.69 31.30
CA GLN K 174 -49.72 -9.74 32.19
C GLN K 174 -50.79 -8.96 31.44
N PHE K 175 -50.51 -8.58 30.19
CA PHE K 175 -51.50 -7.86 29.38
C PHE K 175 -52.77 -8.69 29.22
N TRP K 176 -52.62 -9.94 28.81
CA TRP K 176 -53.79 -10.79 28.62
C TRP K 176 -54.48 -11.12 29.94
N GLY K 177 -53.72 -11.26 31.03
CA GLY K 177 -54.33 -11.47 32.32
C GLY K 177 -55.19 -10.29 32.76
N GLN K 178 -54.69 -9.07 32.52
CA GLN K 178 -55.49 -7.89 32.82
C GLN K 178 -56.77 -7.87 31.99
N LYS K 179 -56.67 -8.22 30.71
CA LYS K 179 -57.88 -8.28 29.89
C LYS K 179 -58.88 -9.29 30.43
N LEU K 180 -58.40 -10.48 30.81
CA LEU K 180 -59.27 -11.50 31.36
C LEU K 180 -59.93 -11.04 32.65
N GLU K 181 -59.16 -10.40 33.54
CA GLU K 181 -59.73 -9.92 34.79
C GLU K 181 -60.80 -8.87 34.54
N ARG K 182 -60.55 -7.97 33.59
CA ARG K 182 -61.55 -6.97 33.26
C ARG K 182 -62.84 -7.61 32.74
N ALA K 183 -62.71 -8.60 31.86
CA ALA K 183 -63.90 -9.26 31.34
C ALA K 183 -64.68 -9.97 32.45
N VAL K 184 -63.98 -10.66 33.34
CA VAL K 184 -64.65 -11.38 34.43
C VAL K 184 -65.35 -10.39 35.35
N MET K 185 -64.69 -9.27 35.67
CA MET K 185 -65.30 -8.28 36.53
C MET K 185 -66.55 -7.68 35.88
N GLU K 186 -66.49 -7.43 34.58
CA GLU K 186 -67.66 -6.89 33.88
C GLU K 186 -68.83 -7.87 33.96
N LEU K 187 -68.56 -9.15 33.69
CA LEU K 187 -69.64 -10.13 33.75
C LEU K 187 -70.23 -10.24 35.15
N GLN K 188 -69.37 -10.28 36.17
CA GLN K 188 -69.85 -10.42 37.54
C GLN K 188 -70.68 -9.21 37.95
N ASN K 189 -70.23 -8.00 37.59
CA ASN K 189 -70.99 -6.81 37.95
C ASN K 189 -72.33 -6.78 37.24
N GLU K 190 -72.35 -7.16 35.96
CA GLU K 190 -73.61 -7.18 35.23
C GLU K 190 -74.59 -8.16 35.85
N GLU K 191 -74.10 -9.33 36.27
CA GLU K 191 -74.99 -10.29 36.93
C GLU K 191 -75.45 -9.77 38.28
N ASN K 192 -74.57 -9.11 39.03
CA ASN K 192 -74.93 -8.62 40.36
C ASN K 192 -76.02 -7.56 40.28
N ALA K 193 -75.91 -6.63 39.32
CA ALA K 193 -76.81 -5.49 39.24
C ALA K 193 -78.03 -5.76 38.38
N ALA K 194 -78.47 -7.02 38.27
CA ALA K 194 -79.55 -7.38 37.36
C ALA K 194 -80.84 -7.75 38.08
N ASP K 195 -80.92 -7.53 39.40
CA ASP K 195 -82.08 -7.93 40.17
C ASP K 195 -82.88 -6.76 40.71
N PHE K 196 -82.23 -5.83 41.41
CA PHE K 196 -82.95 -4.70 41.99
C PHE K 196 -82.21 -3.38 41.84
N ALA K 197 -81.28 -3.28 40.90
CA ALA K 197 -80.53 -2.04 40.73
C ALA K 197 -81.37 -0.91 40.14
N SER K 198 -82.55 -1.21 39.61
CA SER K 198 -83.43 -0.20 39.02
C SER K 198 -84.81 -0.22 39.63
N THR K 199 -84.92 -0.66 40.89
CA THR K 199 -86.20 -0.69 41.58
C THR K 199 -86.08 0.07 42.91
N ARG K 200 -87.10 -0.02 43.74
CA ARG K 200 -87.16 0.72 44.99
C ARG K 200 -87.04 -0.22 46.18
N LEU K 201 -86.31 0.22 47.21
CA LEU K 201 -86.08 -0.56 48.41
C LEU K 201 -86.68 0.17 49.61
N ALA K 202 -87.16 -0.59 50.59
CA ALA K 202 -87.97 -0.02 51.66
C ALA K 202 -87.59 -0.43 53.08
N ILE K 203 -86.85 -1.52 53.27
CA ILE K 203 -86.49 -2.04 54.60
C ILE K 203 -87.74 -2.58 55.31
N LYS K 204 -87.73 -3.87 55.62
CA LYS K 204 -88.83 -4.52 56.31
C LYS K 204 -88.34 -5.07 57.65
N ASP K 205 -89.30 -5.46 58.49
CA ASP K 205 -89.01 -5.97 59.82
C ASP K 205 -89.49 -7.41 59.94
N ILE K 206 -88.66 -8.25 60.57
CA ILE K 206 -88.98 -9.64 60.83
C ILE K 206 -88.78 -9.92 62.31
N GLU K 207 -88.96 -11.18 62.69
CA GLU K 207 -88.88 -11.60 64.08
C GLU K 207 -87.86 -12.68 64.36
N ARG K 208 -87.45 -13.45 63.35
CA ARG K 208 -86.50 -14.55 63.52
C ARG K 208 -86.98 -15.57 64.54
N ALA L 2 -77.36 5.93 7.36
CA ALA L 2 -76.34 6.90 6.99
C ALA L 2 -74.95 6.41 7.38
N THR L 3 -73.92 7.07 6.85
CA THR L 3 -72.54 6.72 7.11
C THR L 3 -72.27 5.27 6.73
N ILE L 4 -72.36 4.36 7.70
CA ILE L 4 -72.23 2.92 7.46
C ILE L 4 -73.60 2.30 7.60
N ASN L 5 -74.04 1.59 6.58
CA ASN L 5 -75.41 1.09 6.50
C ASN L 5 -75.57 -0.37 6.88
N ASN L 6 -74.64 -1.23 6.48
CA ASN L 6 -74.78 -2.65 6.76
C ASN L 6 -73.40 -3.23 7.09
N VAL L 7 -73.36 -4.55 7.27
CA VAL L 7 -72.15 -5.22 7.75
C VAL L 7 -71.05 -5.17 6.70
N THR L 8 -71.41 -5.28 5.42
CA THR L 8 -70.40 -5.28 4.37
C THR L 8 -69.66 -3.95 4.32
N ASP L 9 -70.38 -2.83 4.49
CA ASP L 9 -69.72 -1.54 4.53
C ASP L 9 -68.78 -1.45 5.73
N LEU L 10 -69.19 -2.01 6.87
CA LEU L 10 -68.31 -2.01 8.04
C LEU L 10 -67.04 -2.81 7.77
N ALA L 11 -67.17 -3.98 7.13
CA ALA L 11 -66.00 -4.78 6.82
C ALA L 11 -65.07 -4.06 5.85
N ILE L 12 -65.64 -3.41 4.83
CA ILE L 12 -64.82 -2.67 3.88
C ILE L 12 -64.11 -1.52 4.56
N ALA L 13 -64.80 -0.79 5.44
CA ALA L 13 -64.18 0.31 6.14
C ALA L 13 -63.05 -0.18 7.05
N ALA L 14 -63.26 -1.31 7.73
CA ALA L 14 -62.21 -1.86 8.57
C ALA L 14 -60.99 -2.25 7.73
N ILE L 15 -61.22 -2.88 6.58
CA ILE L 15 -60.11 -3.25 5.71
C ILE L 15 -59.34 -2.02 5.26
N GLN L 16 -60.07 -0.97 4.86
CA GLN L 16 -59.41 0.23 4.36
C GLN L 16 -58.63 0.94 5.46
N TRP L 17 -59.22 1.06 6.65
CA TRP L 17 -58.56 1.81 7.72
C TRP L 17 -57.36 1.05 8.28
N SER L 18 -57.53 -0.25 8.53
CA SER L 18 -56.42 -1.01 9.10
C SER L 18 -55.31 -1.23 8.09
N ASP L 19 -55.64 -1.25 6.80
CA ASP L 19 -54.70 -1.54 5.72
C ASP L 19 -54.06 -2.91 6.02
N ARG L 20 -54.91 -3.93 5.92
CA ARG L 20 -54.53 -5.32 6.14
C ARG L 20 -55.34 -6.15 5.15
N GLN L 21 -54.70 -6.61 4.09
CA GLN L 21 -55.37 -7.35 3.04
C GLN L 21 -55.44 -8.84 3.31
N ASP L 22 -54.90 -9.30 4.44
CA ASP L 22 -54.87 -10.72 4.76
C ASP L 22 -55.99 -11.15 5.70
N LEU L 23 -56.95 -10.28 5.98
CA LEU L 23 -58.04 -10.59 6.89
C LEU L 23 -59.16 -11.29 6.14
N THR L 24 -59.52 -12.48 6.60
CA THR L 24 -60.60 -13.25 5.99
C THR L 24 -61.94 -12.85 6.59
N GLN L 25 -63.00 -13.43 6.03
CA GLN L 25 -64.35 -13.12 6.50
C GLN L 25 -64.58 -13.63 7.92
N GLU L 26 -64.04 -14.82 8.24
CA GLU L 26 -64.28 -15.41 9.55
C GLU L 26 -63.68 -14.55 10.66
N LEU L 27 -62.48 -14.02 10.44
CA LEU L 27 -61.86 -13.17 11.45
C LEU L 27 -62.66 -11.90 11.68
N LEU L 28 -63.16 -11.30 10.60
CA LEU L 28 -63.99 -10.10 10.75
C LEU L 28 -65.28 -10.41 11.50
N MET L 29 -65.90 -11.55 11.19
CA MET L 29 -67.11 -11.94 11.92
C MET L 29 -66.81 -12.14 13.39
N LEU L 30 -65.67 -12.76 13.70
CA LEU L 30 -65.29 -12.95 15.10
C LEU L 30 -65.07 -11.61 15.80
N PHE L 31 -64.42 -10.67 15.12
CA PHE L 31 -64.21 -9.35 15.71
C PHE L 31 -65.52 -8.64 15.99
N ILE L 32 -66.45 -8.70 15.03
CA ILE L 32 -67.74 -8.03 15.22
C ILE L 32 -68.51 -8.70 16.35
N GLY L 33 -68.46 -10.02 16.43
CA GLY L 33 -69.12 -10.71 17.53
C GLY L 33 -68.54 -10.35 18.88
N ASN L 34 -67.22 -10.22 18.95
CA ASN L 34 -66.58 -9.81 20.21
C ASN L 34 -67.02 -8.41 20.60
N THR L 35 -67.08 -7.49 19.64
CA THR L 35 -67.53 -6.14 19.95
C THR L 35 -68.97 -6.13 20.44
N THR L 36 -69.84 -6.90 19.79
CA THR L 36 -71.23 -6.96 20.22
C THR L 36 -71.35 -7.56 21.62
N ASP L 37 -70.58 -8.61 21.91
CA ASP L 37 -70.62 -9.21 23.23
C ASP L 37 -70.15 -8.23 24.29
N ARG L 38 -69.10 -7.46 24.00
CA ARG L 38 -68.67 -6.44 24.95
C ARG L 38 -69.74 -5.38 25.16
N LEU L 39 -70.40 -4.96 24.07
CA LEU L 39 -71.46 -3.96 24.20
C LEU L 39 -72.64 -4.47 25.00
N ASN L 40 -72.88 -5.78 24.96
CA ASN L 40 -74.06 -6.34 25.62
C ASN L 40 -74.05 -6.08 27.13
N ARG L 41 -72.88 -5.92 27.73
CA ARG L 41 -72.77 -5.74 29.17
C ARG L 41 -72.72 -4.28 29.59
N LEU L 42 -72.87 -3.34 28.66
CA LEU L 42 -72.68 -1.93 28.98
C LEU L 42 -73.89 -1.06 28.64
N LEU L 43 -74.57 -1.32 27.54
CA LEU L 43 -75.60 -0.42 27.04
C LEU L 43 -76.96 -0.76 27.64
N ARG L 44 -77.65 0.26 28.15
CA ARG L 44 -79.04 0.16 28.60
C ARG L 44 -79.77 1.38 28.07
N VAL L 45 -80.34 1.25 26.88
CA VAL L 45 -80.94 2.37 26.16
C VAL L 45 -82.39 2.03 25.82
N ARG L 46 -83.06 2.97 25.15
CA ARG L 46 -84.45 2.77 24.77
C ARG L 46 -84.62 1.62 23.79
N GLU L 47 -83.74 1.54 22.79
CA GLU L 47 -83.84 0.47 21.80
C GLU L 47 -83.57 -0.90 22.39
N ASN L 48 -82.92 -0.96 23.55
CA ASN L 48 -82.61 -2.21 24.22
C ASN L 48 -83.69 -2.65 25.19
N GLU L 49 -84.78 -1.91 25.28
CA GLU L 49 -85.79 -2.10 26.31
C GLU L 49 -87.06 -2.68 25.70
N HIS L 50 -87.60 -3.72 26.34
CA HIS L 50 -88.82 -4.38 25.91
C HIS L 50 -89.74 -4.58 27.10
N PHE L 51 -91.04 -4.36 26.89
CA PHE L 51 -92.05 -4.66 27.89
C PHE L 51 -93.06 -5.62 27.29
N GLU L 52 -93.43 -6.63 28.05
CA GLU L 52 -94.31 -7.68 27.55
C GLU L 52 -95.06 -8.33 28.69
N THR L 53 -96.13 -9.06 28.32
CA THR L 53 -97.00 -9.70 29.29
C THR L 53 -96.61 -11.15 29.45
N LEU L 54 -96.37 -11.56 30.69
CA LEU L 54 -96.03 -12.94 31.05
C LEU L 54 -97.11 -13.53 31.94
N MET L 55 -97.16 -14.86 31.96
CA MET L 55 -98.12 -15.59 32.76
C MET L 55 -97.40 -16.31 33.89
N ALA L 56 -97.93 -16.18 35.11
CA ALA L 56 -97.32 -16.81 36.28
C ALA L 56 -97.87 -18.21 36.43
N PHE L 57 -96.99 -19.20 36.37
CA PHE L 57 -97.37 -20.60 36.51
C PHE L 57 -96.58 -21.21 37.66
N GLY L 58 -97.28 -21.98 38.50
CA GLY L 58 -96.65 -22.56 39.66
C GLY L 58 -96.17 -21.55 40.67
N GLY L 59 -96.88 -20.45 40.83
CA GLY L 59 -96.47 -19.42 41.77
C GLY L 59 -95.20 -18.69 41.40
N GLY L 60 -94.83 -18.70 40.13
CA GLY L 60 -93.60 -18.06 39.71
C GLY L 60 -93.67 -17.57 38.29
N ILE L 61 -92.74 -16.67 37.96
CA ILE L 61 -92.60 -16.08 36.64
C ILE L 61 -91.26 -16.48 36.07
N GLU L 62 -91.25 -16.98 34.84
CA GLU L 62 -90.03 -17.45 34.21
C GLU L 62 -89.26 -16.29 33.60
N ILE L 63 -87.98 -16.20 33.93
CA ILE L 63 -87.14 -15.12 33.39
C ILE L 63 -86.96 -15.31 31.90
N PRO L 64 -87.09 -14.27 31.08
CA PRO L 64 -86.92 -14.42 29.64
C PRO L 64 -85.49 -14.81 29.28
N GLU L 65 -85.36 -15.48 28.13
CA GLU L 65 -84.07 -16.02 27.73
C GLU L 65 -83.06 -14.93 27.38
N HIS L 66 -83.52 -13.80 26.84
CA HIS L 66 -82.65 -12.71 26.45
C HIS L 66 -82.55 -11.64 27.52
N PHE L 67 -83.09 -11.89 28.70
CA PHE L 67 -83.08 -10.92 29.78
C PHE L 67 -81.65 -10.59 30.19
N VAL L 68 -81.35 -9.30 30.33
CA VAL L 68 -80.07 -8.84 30.85
C VAL L 68 -80.22 -8.03 32.13
N ALA L 69 -81.28 -7.22 32.23
CA ALA L 69 -81.52 -6.42 33.42
C ALA L 69 -83.01 -6.11 33.50
N LEU L 70 -83.52 -5.99 34.73
CA LEU L 70 -84.93 -5.81 34.99
C LEU L 70 -85.21 -4.35 35.33
N ARG L 71 -86.25 -3.80 34.70
CA ARG L 71 -86.67 -2.42 34.98
C ARG L 71 -87.88 -2.36 35.91
N SER L 72 -88.93 -3.12 35.63
CA SER L 72 -90.09 -3.08 36.50
C SER L 72 -90.98 -4.30 36.26
N ILE L 73 -91.72 -4.68 37.30
CA ILE L 73 -92.76 -5.70 37.22
C ILE L 73 -94.04 -5.11 37.76
N THR L 74 -95.13 -5.23 36.99
CA THR L 74 -96.41 -4.65 37.38
C THR L 74 -97.49 -5.71 37.28
N GLY L 75 -98.26 -5.86 38.35
CA GLY L 75 -99.39 -6.78 38.31
C GLY L 75 -100.49 -6.26 37.42
N ASP L 76 -101.32 -7.19 36.95
CA ASP L 76 -102.48 -6.80 36.16
C ASP L 76 -103.55 -6.20 37.06
N SER L 77 -104.42 -5.39 36.46
CA SER L 77 -105.48 -4.74 37.22
C SER L 77 -106.41 -5.74 37.89
N LEU L 78 -106.53 -6.94 37.31
CA LEU L 78 -107.39 -7.95 37.91
C LEU L 78 -106.85 -8.50 39.21
N ILE L 79 -105.56 -8.35 39.47
CA ILE L 79 -104.94 -8.86 40.68
C ILE L 79 -104.31 -7.74 41.51
N GLY L 80 -104.75 -6.51 41.31
CA GLY L 80 -104.26 -5.40 42.10
C GLY L 80 -103.68 -4.28 41.26
N GLY L 81 -102.97 -4.63 40.18
CA GLY L 81 -102.39 -3.62 39.32
C GLY L 81 -101.34 -2.76 40.00
N ARG L 82 -100.45 -3.37 40.77
CA ARG L 82 -99.43 -2.64 41.53
C ARG L 82 -98.04 -2.95 40.98
N THR L 83 -97.07 -2.17 41.44
CA THR L 83 -95.68 -2.35 41.08
C THR L 83 -95.00 -3.12 42.21
N LEU L 84 -94.41 -4.26 41.87
CA LEU L 84 -93.86 -5.14 42.88
C LEU L 84 -92.57 -4.57 43.47
N GLN L 85 -92.25 -5.01 44.68
CA GLN L 85 -91.06 -4.58 45.38
C GLN L 85 -90.22 -5.79 45.79
N TYR L 86 -88.91 -5.63 45.75
CA TYR L 86 -88.00 -6.73 46.03
C TYR L 86 -87.86 -6.97 47.52
N ILE L 87 -87.88 -8.25 47.91
CA ILE L 87 -87.63 -8.66 49.29
C ILE L 87 -86.69 -9.84 49.28
N THR L 88 -86.05 -10.08 50.43
CA THR L 88 -85.11 -11.17 50.56
C THR L 88 -85.85 -12.48 50.85
N GLN L 89 -85.09 -13.57 50.93
CA GLN L 89 -85.68 -14.87 51.18
C GLN L 89 -86.24 -14.97 52.60
N ASP L 90 -85.54 -14.39 53.58
CA ASP L 90 -85.99 -14.46 54.96
C ASP L 90 -87.32 -13.75 55.14
N ILE L 91 -87.46 -12.56 54.54
CA ILE L 91 -88.72 -11.82 54.63
C ILE L 91 -89.84 -12.61 53.96
N PHE L 92 -89.54 -13.23 52.82
CA PHE L 92 -90.55 -14.03 52.13
C PHE L 92 -91.03 -15.18 53.00
N THR L 93 -90.09 -15.92 53.60
CA THR L 93 -90.49 -17.05 54.44
C THR L 93 -91.25 -16.59 55.67
N HIS L 94 -90.83 -15.48 56.27
CA HIS L 94 -91.55 -14.97 57.44
C HIS L 94 -92.98 -14.57 57.07
N TYR L 95 -93.15 -13.88 55.94
CA TYR L 95 -94.48 -13.48 55.52
C TYR L 95 -95.35 -14.70 55.23
N VAL L 96 -94.77 -15.73 54.61
CA VAL L 96 -95.54 -16.94 54.34
C VAL L 96 -95.95 -17.61 55.65
N ASN L 97 -95.02 -17.73 56.59
CA ASN L 97 -95.31 -18.42 57.85
C ASN L 97 -96.35 -17.69 58.68
N TYR L 98 -96.26 -16.36 58.75
CA TYR L 98 -97.12 -15.59 59.62
C TYR L 98 -98.43 -15.18 58.97
N ASN L 99 -98.65 -15.55 57.70
CA ASN L 99 -99.87 -15.23 56.98
C ASN L 99 -100.13 -13.72 56.99
N TYR L 100 -99.21 -12.99 56.34
CA TYR L 100 -99.26 -11.54 56.34
C TYR L 100 -100.56 -11.03 55.73
N GLN L 101 -100.98 -11.62 54.61
CA GLN L 101 -102.27 -11.35 53.99
C GLN L 101 -102.46 -9.87 53.64
N PRO L 102 -101.74 -9.34 52.67
CA PRO L 102 -102.06 -8.02 52.14
C PRO L 102 -103.17 -8.11 51.10
N GLN L 103 -103.68 -6.94 50.71
CA GLN L 103 -104.83 -6.89 49.82
C GLN L 103 -104.48 -7.23 48.38
N GLY L 104 -103.25 -6.97 47.93
CA GLY L 104 -102.86 -7.25 46.56
C GLY L 104 -101.46 -7.82 46.50
N VAL L 105 -101.10 -8.26 45.29
CA VAL L 105 -99.75 -8.76 45.06
C VAL L 105 -98.78 -7.59 45.16
N THR L 106 -97.80 -7.71 46.04
CA THR L 106 -96.97 -6.55 46.34
C THR L 106 -95.48 -6.82 46.24
N TYR L 107 -95.02 -8.03 46.58
CA TYR L 107 -93.60 -8.29 46.71
C TYR L 107 -93.17 -9.42 45.78
N TYR L 108 -91.88 -9.45 45.49
CA TYR L 108 -91.30 -10.48 44.65
C TYR L 108 -89.86 -10.74 45.09
N THR L 109 -89.37 -11.93 44.75
CA THR L 109 -88.01 -12.32 45.07
C THR L 109 -87.52 -13.26 43.97
N ARG L 110 -86.21 -13.48 43.94
CA ARG L 110 -85.59 -14.32 42.92
C ARG L 110 -85.15 -15.64 43.52
N LEU L 111 -85.55 -16.74 42.90
CA LEU L 111 -85.13 -18.07 43.30
C LEU L 111 -84.78 -18.86 42.05
N GLY L 112 -83.52 -19.26 41.94
CA GLY L 112 -83.08 -19.97 40.75
C GLY L 112 -83.26 -19.10 39.53
N ASN L 113 -84.03 -19.59 38.56
CA ASN L 113 -84.35 -18.85 37.35
C ASN L 113 -85.79 -18.37 37.34
N PHE L 114 -86.37 -18.15 38.52
CA PHE L 114 -87.77 -17.77 38.63
C PHE L 114 -87.94 -16.60 39.58
N TRP L 115 -89.02 -15.85 39.37
CA TRP L 115 -89.44 -14.79 40.27
C TRP L 115 -90.67 -15.28 41.03
N ARG L 116 -90.60 -15.27 42.35
CA ARG L 116 -91.68 -15.72 43.21
C ARG L 116 -92.34 -14.51 43.85
N VAL L 117 -93.66 -14.44 43.74
CA VAL L 117 -94.45 -13.37 44.33
C VAL L 117 -95.06 -13.87 45.64
N PHE L 118 -95.13 -13.00 46.65
CA PHE L 118 -95.54 -13.47 47.97
C PHE L 118 -97.02 -13.81 48.03
N PRO L 119 -97.96 -12.91 47.73
CA PRO L 119 -99.37 -13.31 47.80
C PRO L 119 -99.67 -14.29 46.68
N VAL L 120 -99.34 -15.56 46.93
CA VAL L 120 -99.33 -16.59 45.89
C VAL L 120 -100.60 -16.55 45.08
N VAL L 121 -100.45 -16.56 43.76
CA VAL L 121 -101.56 -16.45 42.82
C VAL L 121 -101.73 -17.78 42.11
N PRO L 122 -102.93 -18.12 41.63
CA PRO L 122 -103.09 -19.34 40.85
C PRO L 122 -102.50 -19.18 39.46
N ASP L 123 -102.27 -20.32 38.80
CA ASP L 123 -101.68 -20.31 37.48
C ASP L 123 -102.55 -19.55 36.50
N GLY L 124 -101.92 -18.71 35.68
CA GLY L 124 -102.64 -17.94 34.68
C GLY L 124 -102.79 -16.48 35.05
N ALA L 125 -102.00 -16.02 36.02
CA ALA L 125 -102.04 -14.63 36.45
C ALA L 125 -101.15 -13.80 35.53
N PRO L 126 -101.67 -12.76 34.90
CA PRO L 126 -100.84 -11.96 33.98
C PRO L 126 -100.08 -10.85 34.67
N PHE L 127 -98.84 -10.67 34.25
CA PHE L 127 -97.98 -9.61 34.73
C PHE L 127 -97.38 -8.88 33.53
N ILE L 128 -97.01 -7.62 33.74
CA ILE L 128 -96.33 -6.82 32.72
C ILE L 128 -94.90 -6.60 33.19
N VAL L 129 -93.94 -7.12 32.43
CA VAL L 129 -92.54 -7.06 32.77
C VAL L 129 -91.84 -6.15 31.78
N ASN L 130 -91.14 -5.14 32.28
CA ASN L 130 -90.34 -4.23 31.48
C ASN L 130 -88.88 -4.46 31.84
N TYR L 131 -88.07 -4.78 30.83
CA TYR L 131 -86.71 -5.25 31.08
C TYR L 131 -85.85 -4.97 29.85
N TRP L 132 -84.54 -5.03 30.06
CA TRP L 132 -83.59 -4.85 28.98
C TRP L 132 -83.13 -6.20 28.44
N THR L 133 -82.85 -6.23 27.15
CA THR L 133 -82.43 -7.44 26.45
C THR L 133 -81.02 -7.25 25.91
N VAL L 134 -80.56 -8.23 25.13
CA VAL L 134 -79.24 -8.17 24.52
C VAL L 134 -79.35 -7.60 23.13
N LEU L 135 -78.24 -7.07 22.62
CA LEU L 135 -78.23 -6.48 21.30
C LEU L 135 -78.41 -7.56 20.22
N PRO L 136 -79.06 -7.21 19.11
CA PRO L 136 -79.20 -8.19 18.02
C PRO L 136 -77.84 -8.57 17.45
N GLU L 137 -77.73 -9.83 17.06
CA GLU L 137 -76.47 -10.33 16.50
C GLU L 137 -76.28 -9.80 15.08
N LEU L 138 -75.10 -9.27 14.82
CA LEU L 138 -74.77 -8.70 13.52
C LEU L 138 -73.91 -9.71 12.75
N SER L 139 -74.38 -10.09 11.56
CA SER L 139 -73.67 -11.06 10.74
C SER L 139 -74.20 -10.94 9.32
N LEU L 140 -73.82 -11.90 8.47
CA LEU L 140 -74.32 -11.90 7.10
C LEU L 140 -75.82 -12.19 7.05
N ALA L 141 -76.32 -13.05 7.94
CA ALA L 141 -77.74 -13.34 7.99
C ALA L 141 -78.54 -12.14 8.49
N ASN L 142 -77.92 -11.28 9.29
CA ASN L 142 -78.58 -10.09 9.83
C ASN L 142 -77.70 -8.89 9.51
N PRO L 143 -77.76 -8.39 8.28
CA PRO L 143 -76.81 -7.35 7.86
C PRO L 143 -77.02 -6.00 8.51
N THR L 144 -78.20 -5.72 9.08
CA THR L 144 -78.49 -4.41 9.63
C THR L 144 -79.07 -4.53 11.03
N THR L 145 -78.61 -3.66 11.93
CA THR L 145 -79.15 -3.57 13.28
C THR L 145 -79.25 -2.09 13.65
N TRP L 146 -80.07 -1.83 14.67
CA TRP L 146 -80.24 -0.46 15.14
C TRP L 146 -78.94 0.10 15.71
N ALA L 147 -78.11 -0.76 16.31
CA ALA L 147 -76.87 -0.29 16.91
C ALA L 147 -75.94 0.30 15.88
N LEU L 148 -75.84 -0.34 14.71
CA LEU L 148 -74.97 0.16 13.65
C LEU L 148 -75.49 1.49 13.10
N THR L 149 -76.81 1.62 12.96
CA THR L 149 -77.37 2.84 12.40
C THR L 149 -77.27 4.01 13.37
N LYS L 150 -77.43 3.74 14.66
CA LYS L 150 -77.42 4.83 15.65
C LYS L 150 -76.06 5.50 15.74
N TYR L 151 -74.99 4.70 15.74
CA TYR L 151 -73.65 5.24 15.99
C TYR L 151 -72.59 4.32 15.38
N PRO L 152 -72.29 4.45 14.09
CA PRO L 152 -71.33 3.52 13.45
C PRO L 152 -69.93 3.60 14.03
N GLN L 153 -69.55 4.74 14.62
CA GLN L 153 -68.20 4.88 15.17
C GLN L 153 -67.91 3.81 16.21
N ILE L 154 -68.92 3.41 16.98
CA ILE L 154 -68.70 2.41 18.02
C ILE L 154 -68.21 1.12 17.39
N TYR L 155 -68.93 0.63 16.39
CA TYR L 155 -68.54 -0.63 15.76
C TYR L 155 -67.22 -0.49 15.02
N LEU L 156 -67.00 0.64 14.34
CA LEU L 156 -65.75 0.83 13.63
C LEU L 156 -64.55 0.77 14.57
N TYR L 157 -64.64 1.51 15.69
CA TYR L 157 -63.53 1.54 16.64
C TYR L 157 -63.34 0.20 17.31
N GLY L 158 -64.45 -0.49 17.65
CA GLY L 158 -64.31 -1.81 18.25
C GLY L 158 -63.63 -2.81 17.33
N VAL L 159 -64.03 -2.79 16.05
CA VAL L 159 -63.41 -3.70 15.08
C VAL L 159 -61.93 -3.36 14.91
N LEU L 160 -61.59 -2.07 14.86
CA LEU L 160 -60.19 -1.70 14.73
C LEU L 160 -59.38 -2.16 15.93
N GLU L 161 -59.93 -2.00 17.13
CA GLU L 161 -59.23 -2.46 18.34
C GLU L 161 -59.03 -3.97 18.31
N GLN L 162 -60.06 -4.72 17.89
CA GLN L 162 -59.91 -6.17 17.78
C GLN L 162 -58.84 -6.53 16.77
N ILE L 163 -58.81 -5.83 15.63
CA ILE L 163 -57.81 -6.12 14.61
C ILE L 163 -56.41 -5.91 15.15
N TYR L 164 -56.19 -4.80 15.84
CA TYR L 164 -54.85 -4.54 16.36
C TYR L 164 -54.50 -5.45 17.53
N LEU L 165 -55.50 -5.96 18.26
CA LEU L 165 -55.23 -7.02 19.22
C LEU L 165 -54.76 -8.28 18.52
N TYR L 166 -55.39 -8.62 17.38
CA TYR L 166 -55.04 -9.85 16.67
C TYR L 166 -53.62 -9.81 16.14
N THR L 167 -53.18 -8.66 15.63
CA THR L 167 -51.86 -8.54 15.02
C THR L 167 -50.75 -8.31 16.03
N MET L 168 -51.00 -8.58 17.32
CA MET L 168 -49.98 -8.51 18.35
C MET L 168 -49.37 -7.11 18.45
N ASP L 169 -50.25 -6.13 18.65
CA ASP L 169 -49.84 -4.75 18.88
C ASP L 169 -50.49 -4.25 20.16
N GLU L 170 -49.81 -3.34 20.85
CA GLU L 170 -50.25 -2.87 22.15
C GLU L 170 -50.73 -1.42 22.13
N ALA L 171 -49.88 -0.50 21.67
CA ALA L 171 -50.21 0.92 21.78
C ALA L 171 -51.46 1.26 20.97
N ARG L 172 -51.54 0.78 19.74
CA ARG L 172 -52.69 1.09 18.89
C ARG L 172 -53.95 0.44 19.45
N SER L 173 -53.83 -0.75 20.03
CA SER L 173 -54.97 -1.41 20.64
C SER L 173 -55.53 -0.58 21.78
N GLN L 174 -54.65 -0.05 22.64
CA GLN L 174 -55.12 0.79 23.74
C GLN L 174 -55.74 2.08 23.22
N PHE L 175 -55.14 2.67 22.17
CA PHE L 175 -55.68 3.88 21.59
C PHE L 175 -57.11 3.67 21.10
N TRP L 176 -57.32 2.62 20.32
CA TRP L 176 -58.66 2.36 19.78
C TRP L 176 -59.63 1.95 20.88
N GLY L 177 -59.15 1.23 21.89
CA GLY L 177 -60.02 0.88 23.00
C GLY L 177 -60.51 2.10 23.76
N GLN L 178 -59.61 3.07 23.98
CA GLN L 178 -60.01 4.32 24.63
C GLN L 178 -61.02 5.07 23.79
N LYS L 179 -60.80 5.11 22.46
CA LYS L 179 -61.77 5.78 21.59
C LYS L 179 -63.14 5.12 21.68
N LEU L 180 -63.17 3.79 21.64
CA LEU L 180 -64.44 3.07 21.72
C LEU L 180 -65.13 3.32 23.04
N GLU L 181 -64.37 3.30 24.14
CA GLU L 181 -64.97 3.55 25.45
C GLU L 181 -65.54 4.95 25.53
N ARG L 182 -64.83 5.94 24.98
CA ARG L 182 -65.35 7.30 24.99
C ARG L 182 -66.65 7.41 24.19
N ALA L 183 -66.71 6.76 23.03
CA ALA L 183 -67.94 6.80 22.23
C ALA L 183 -69.11 6.14 22.97
N VAL L 184 -68.85 5.00 23.59
CA VAL L 184 -69.91 4.30 24.33
C VAL L 184 -70.40 5.15 25.49
N MET L 185 -69.47 5.78 26.22
CA MET L 185 -69.85 6.63 27.34
C MET L 185 -70.68 7.82 26.86
N GLU L 186 -70.31 8.43 25.74
CA GLU L 186 -71.08 9.54 25.20
C GLU L 186 -72.51 9.11 24.88
N LEU L 187 -72.65 7.97 24.19
CA LEU L 187 -73.98 7.50 23.83
C LEU L 187 -74.83 7.21 25.07
N GLN L 188 -74.23 6.54 26.05
CA GLN L 188 -74.97 6.20 27.26
C GLN L 188 -75.39 7.44 28.02
N ASN L 189 -74.49 8.43 28.12
CA ASN L 189 -74.84 9.66 28.83
C ASN L 189 -75.95 10.41 28.12
N GLU L 190 -75.91 10.47 26.79
CA GLU L 190 -76.98 11.14 26.06
C GLU L 190 -78.31 10.43 26.29
N GLU L 191 -78.31 9.11 26.28
CA GLU L 191 -79.55 8.37 26.54
C GLU L 191 -80.04 8.62 27.95
N ASN L 192 -79.14 8.66 28.93
CA ASN L 192 -79.54 8.87 30.32
C ASN L 192 -80.15 10.24 30.52
N ALA L 193 -79.57 11.27 29.91
CA ALA L 193 -79.98 12.65 30.16
C ALA L 193 -81.05 13.13 29.19
N ALA L 194 -81.91 12.24 28.69
CA ALA L 194 -82.87 12.59 27.67
C ALA L 194 -84.30 12.69 28.16
N ASP L 195 -84.60 12.23 29.37
CA ASP L 195 -85.97 12.16 29.85
C ASP L 195 -86.36 13.37 30.70
N PHE L 196 -85.60 13.65 31.75
CA PHE L 196 -85.96 14.72 32.68
C PHE L 196 -84.79 15.62 33.01
N ALA L 197 -83.75 15.64 32.17
CA ALA L 197 -82.59 16.49 32.44
C ALA L 197 -82.89 17.96 32.28
N SER L 198 -84.00 18.33 31.66
CA SER L 198 -84.35 19.73 31.43
C SER L 198 -85.76 20.04 31.91
N THR L 199 -86.21 19.37 32.97
CA THR L 199 -87.52 19.64 33.54
C THR L 199 -87.41 19.87 35.04
N ARG L 200 -88.54 19.92 35.73
CA ARG L 200 -88.57 20.19 37.16
C ARG L 200 -89.03 18.96 37.92
N LEU L 201 -88.45 18.75 39.10
CA LEU L 201 -88.76 17.62 39.95
C LEU L 201 -89.22 18.13 41.31
N ALA L 202 -90.11 17.36 41.97
CA ALA L 202 -90.79 17.87 43.15
C ALA L 202 -90.87 16.91 44.33
N ILE L 203 -90.58 15.62 44.16
CA ILE L 203 -90.68 14.61 45.22
C ILE L 203 -92.14 14.39 45.60
N LYS L 204 -92.62 13.17 45.42
CA LYS L 204 -94.00 12.81 45.73
C LYS L 204 -94.03 11.72 46.80
N ASP L 205 -95.16 11.62 47.48
CA ASP L 205 -95.34 10.68 48.58
C ASP L 205 -96.26 9.55 48.18
N ILE L 206 -95.85 8.32 48.48
CA ILE L 206 -96.67 7.14 48.27
C ILE L 206 -96.66 6.32 49.55
N GLU L 207 -97.65 5.43 49.67
CA GLU L 207 -97.79 4.63 50.88
C GLU L 207 -97.40 3.17 50.68
N ARG L 208 -97.31 2.69 49.44
CA ARG L 208 -96.96 1.30 49.13
C ARG L 208 -97.95 0.31 49.73
N ALA M 2 6.14 49.63 -14.23
CA ALA M 2 7.43 49.43 -14.85
C ALA M 2 7.51 48.06 -15.52
N THR M 3 8.71 47.49 -15.55
CA THR M 3 8.97 46.20 -16.19
C THR M 3 8.49 46.23 -17.63
N ILE M 4 7.32 45.65 -17.88
CA ILE M 4 6.68 45.71 -19.20
C ILE M 4 5.73 46.90 -19.19
N ASN M 5 5.90 47.80 -20.15
CA ASN M 5 5.14 49.05 -20.18
C ASN M 5 3.97 49.01 -21.16
N ASN M 6 4.15 48.44 -22.35
CA ASN M 6 3.09 48.41 -23.34
C ASN M 6 3.10 47.04 -24.02
N VAL M 7 2.24 46.90 -25.03
CA VAL M 7 2.01 45.60 -25.65
C VAL M 7 3.24 45.13 -26.41
N THR M 8 3.96 46.04 -27.06
CA THR M 8 5.12 45.65 -27.85
C THR M 8 6.21 45.03 -26.99
N ASP M 9 6.48 45.63 -25.82
CA ASP M 9 7.46 45.05 -24.91
C ASP M 9 7.01 43.69 -24.42
N LEU M 10 5.71 43.53 -24.16
CA LEU M 10 5.19 42.23 -23.73
C LEU M 10 5.42 41.18 -24.81
N ALA M 11 5.14 41.52 -26.06
CA ALA M 11 5.34 40.57 -27.15
C ALA M 11 6.81 40.22 -27.30
N ILE M 12 7.69 41.22 -27.21
CA ILE M 12 9.13 40.97 -27.33
C ILE M 12 9.60 40.05 -26.21
N ALA M 13 9.15 40.32 -24.98
CA ALA M 13 9.56 39.49 -23.85
C ALA M 13 9.04 38.06 -24.00
N ALA M 14 7.80 37.91 -24.45
CA ALA M 14 7.25 36.57 -24.65
C ALA M 14 8.03 35.81 -25.72
N ILE M 15 8.38 36.48 -26.81
CA ILE M 15 9.16 35.83 -27.86
C ILE M 15 10.52 35.42 -27.32
N GLN M 16 11.16 36.30 -26.56
CA GLN M 16 12.48 35.98 -25.99
C GLN M 16 12.40 34.79 -25.06
N TRP M 17 11.40 34.76 -24.17
CA TRP M 17 11.31 33.68 -23.19
C TRP M 17 10.96 32.37 -23.85
N SER M 18 10.05 32.38 -24.82
CA SER M 18 9.63 31.14 -25.47
C SER M 18 10.65 30.62 -26.45
N ASP M 19 11.59 31.45 -26.89
CA ASP M 19 12.66 31.14 -27.83
C ASP M 19 12.15 30.81 -29.24
N ARG M 20 10.86 30.88 -29.47
CA ARG M 20 10.33 30.64 -30.81
C ARG M 20 10.50 31.87 -31.69
N GLN M 21 10.47 31.64 -33.00
CA GLN M 21 10.54 32.72 -33.98
C GLN M 21 9.48 32.62 -35.06
N ASP M 22 8.61 31.63 -34.99
CA ASP M 22 7.56 31.45 -35.99
C ASP M 22 6.26 32.15 -35.62
N LEU M 23 6.23 32.88 -34.51
CA LEU M 23 5.02 33.54 -34.04
C LEU M 23 4.90 34.90 -34.70
N THR M 24 3.79 35.13 -35.38
CA THR M 24 3.53 36.40 -36.05
C THR M 24 2.79 37.34 -35.11
N GLN M 25 2.48 38.53 -35.62
CA GLN M 25 1.75 39.51 -34.82
C GLN M 25 0.33 39.03 -34.54
N GLU M 26 -0.31 38.40 -35.53
CA GLU M 26 -1.69 37.95 -35.36
C GLU M 26 -1.80 36.92 -34.25
N LEU M 27 -0.87 35.97 -34.20
CA LEU M 27 -0.92 34.95 -33.17
C LEU M 27 -0.71 35.55 -31.78
N LEU M 28 0.20 36.51 -31.66
CA LEU M 28 0.41 37.16 -30.37
C LEU M 28 -0.82 37.93 -29.93
N MET M 29 -1.48 38.62 -30.87
CA MET M 29 -2.71 39.31 -30.54
C MET M 29 -3.79 38.33 -30.10
N LEU M 30 -3.87 37.18 -30.78
CA LEU M 30 -4.82 36.14 -30.39
C LEU M 30 -4.56 35.64 -28.98
N PHE M 31 -3.29 35.41 -28.65
CA PHE M 31 -2.94 34.92 -27.31
C PHE M 31 -3.29 35.96 -26.25
N ILE M 32 -2.98 37.23 -26.53
CA ILE M 32 -3.29 38.29 -25.57
C ILE M 32 -4.80 38.40 -25.37
N GLY M 33 -5.57 38.33 -26.46
CA GLY M 33 -7.01 38.35 -26.32
C GLY M 33 -7.53 37.18 -25.51
N ASN M 34 -6.97 35.98 -25.74
CA ASN M 34 -7.41 34.81 -24.99
C ASN M 34 -7.15 34.97 -23.50
N THR M 35 -5.95 35.44 -23.14
CA THR M 35 -5.66 35.57 -21.72
C THR M 35 -6.48 36.69 -21.07
N THR M 36 -6.76 37.77 -21.82
CA THR M 36 -7.63 38.81 -21.28
C THR M 36 -9.04 38.27 -21.06
N ASP M 37 -9.56 37.49 -22.01
CA ASP M 37 -10.89 36.91 -21.87
C ASP M 37 -10.94 35.98 -20.66
N ARG M 38 -9.90 35.18 -20.46
CA ARG M 38 -9.85 34.33 -19.28
C ARG M 38 -9.83 35.16 -18.00
N LEU M 39 -9.05 36.24 -17.99
CA LEU M 39 -9.00 37.08 -16.80
C LEU M 39 -10.34 37.74 -16.50
N ASN M 40 -11.12 38.04 -17.55
CA ASN M 40 -12.39 38.72 -17.35
C ASN M 40 -13.34 37.95 -16.46
N ARG M 41 -13.19 36.64 -16.36
CA ARG M 41 -14.10 35.82 -15.58
C ARG M 41 -13.65 35.57 -14.15
N LEU M 42 -12.52 36.14 -13.75
CA LEU M 42 -11.98 35.82 -12.43
C LEU M 42 -11.73 37.03 -11.55
N LEU M 43 -11.32 38.15 -12.12
CA LEU M 43 -10.89 39.30 -11.34
C LEU M 43 -12.07 40.18 -10.96
N ARG M 44 -12.19 40.47 -9.67
CA ARG M 44 -13.14 41.45 -9.14
C ARG M 44 -12.35 42.30 -8.15
N VAL M 45 -11.73 43.37 -8.65
CA VAL M 45 -10.84 44.17 -7.83
C VAL M 45 -11.28 45.64 -7.85
N ARG M 46 -10.54 46.48 -7.13
CA ARG M 46 -10.92 47.89 -7.02
C ARG M 46 -10.85 48.60 -8.36
N GLU M 47 -9.80 48.35 -9.15
CA GLU M 47 -9.67 49.00 -10.45
C GLU M 47 -10.74 48.54 -11.43
N ASN M 48 -11.34 47.37 -11.19
CA ASN M 48 -12.41 46.87 -12.04
C ASN M 48 -13.76 47.49 -11.74
N GLU M 49 -13.90 48.18 -10.61
CA GLU M 49 -15.17 48.74 -10.21
C GLU M 49 -15.53 49.94 -11.07
N HIS M 50 -16.83 50.28 -11.06
CA HIS M 50 -17.31 51.44 -11.79
C HIS M 50 -18.70 51.79 -11.28
N PHE M 51 -18.90 53.05 -10.92
CA PHE M 51 -20.20 53.55 -10.49
C PHE M 51 -20.61 54.72 -11.37
N GLU M 52 -21.88 54.73 -11.77
CA GLU M 52 -22.34 55.75 -12.70
C GLU M 52 -23.84 55.94 -12.55
N THR M 53 -24.33 57.05 -13.11
CA THR M 53 -25.74 57.40 -13.05
C THR M 53 -26.44 56.89 -14.30
N LEU M 54 -27.45 56.05 -14.11
CA LEU M 54 -28.24 55.49 -15.20
C LEU M 54 -29.68 55.97 -15.09
N MET M 55 -30.26 56.34 -16.22
CA MET M 55 -31.65 56.75 -16.26
C MET M 55 -32.56 55.53 -16.31
N ALA M 56 -33.83 55.76 -16.02
CA ALA M 56 -34.85 54.73 -16.03
C ALA M 56 -35.85 55.02 -17.13
N PHE M 57 -36.15 54.00 -17.94
CA PHE M 57 -37.10 54.15 -19.04
C PHE M 57 -38.01 52.94 -19.06
N GLY M 58 -39.31 53.19 -19.19
CA GLY M 58 -40.28 52.12 -19.21
C GLY M 58 -40.33 51.32 -17.93
N GLY M 59 -40.12 51.97 -16.79
CA GLY M 59 -40.15 51.28 -15.52
C GLY M 59 -38.99 50.32 -15.30
N GLY M 60 -37.87 50.51 -15.98
CA GLY M 60 -36.75 49.61 -15.83
C GLY M 60 -35.45 50.28 -16.20
N ILE M 61 -34.36 49.65 -15.77
CA ILE M 61 -33.01 50.09 -16.04
C ILE M 61 -32.33 49.03 -16.89
N GLU M 62 -31.72 49.45 -18.00
CA GLU M 62 -31.05 48.51 -18.88
C GLU M 62 -29.66 48.20 -18.36
N ILE M 63 -29.31 46.92 -18.33
CA ILE M 63 -28.00 46.49 -17.84
C ILE M 63 -26.93 46.95 -18.83
N PRO M 64 -25.85 47.58 -18.36
CA PRO M 64 -24.79 48.01 -19.29
C PRO M 64 -24.14 46.84 -19.99
N GLU M 65 -23.66 47.08 -21.21
CA GLU M 65 -23.05 46.03 -22.00
C GLU M 65 -21.73 45.54 -21.41
N HIS M 66 -21.04 46.35 -20.62
CA HIS M 66 -19.79 45.96 -19.98
C HIS M 66 -20.01 45.31 -18.62
N PHE M 67 -21.27 45.18 -18.20
CA PHE M 67 -21.56 44.66 -16.87
C PHE M 67 -21.08 43.22 -16.71
N VAL M 68 -20.47 42.93 -15.57
CA VAL M 68 -20.11 41.56 -15.24
C VAL M 68 -20.57 41.13 -13.86
N ALA M 69 -20.81 42.05 -12.93
CA ALA M 69 -21.25 41.73 -11.58
C ALA M 69 -21.75 43.00 -10.90
N LEU M 70 -22.86 42.88 -10.18
CA LEU M 70 -23.51 44.03 -9.58
C LEU M 70 -23.15 44.16 -8.11
N ARG M 71 -22.87 45.39 -7.68
CA ARG M 71 -22.60 45.66 -6.28
C ARG M 71 -23.76 46.34 -5.58
N SER M 72 -24.27 47.45 -6.12
CA SER M 72 -25.37 48.14 -5.46
C SER M 72 -26.12 49.02 -6.44
N ILE M 73 -27.40 49.25 -6.15
CA ILE M 73 -28.23 50.21 -6.86
C ILE M 73 -28.86 51.12 -5.82
N THR M 74 -28.74 52.43 -6.02
CA THR M 74 -29.27 53.41 -5.08
C THR M 74 -30.11 54.43 -5.82
N GLY M 75 -31.32 54.69 -5.32
CA GLY M 75 -32.15 55.70 -5.92
C GLY M 75 -31.62 57.10 -5.65
N ASP M 76 -32.02 58.03 -6.51
CA ASP M 76 -31.66 59.42 -6.32
C ASP M 76 -32.42 59.98 -5.12
N SER M 77 -31.82 60.98 -4.47
CA SER M 77 -32.46 61.58 -3.30
C SER M 77 -33.79 62.21 -3.65
N LEU M 78 -33.94 62.71 -4.89
CA LEU M 78 -35.21 63.28 -5.32
C LEU M 78 -36.29 62.20 -5.37
N ILE M 79 -35.94 61.00 -5.84
CA ILE M 79 -36.90 59.92 -5.96
C ILE M 79 -37.02 59.09 -4.68
N GLY M 80 -36.26 59.41 -3.65
CA GLY M 80 -36.35 58.71 -2.39
C GLY M 80 -35.03 58.46 -1.73
N GLY M 81 -33.98 58.28 -2.53
CA GLY M 81 -32.65 58.08 -1.98
C GLY M 81 -32.51 56.84 -1.12
N ARG M 82 -33.08 55.73 -1.56
CA ARG M 82 -33.03 54.47 -0.82
C ARG M 82 -32.19 53.46 -1.58
N THR M 83 -31.46 52.64 -0.83
CA THR M 83 -30.73 51.53 -1.42
C THR M 83 -31.70 50.38 -1.70
N LEU M 84 -31.80 49.99 -2.96
CA LEU M 84 -32.82 49.04 -3.38
C LEU M 84 -32.52 47.65 -2.85
N GLN M 85 -33.57 46.84 -2.76
CA GLN M 85 -33.47 45.47 -2.29
C GLN M 85 -34.07 44.53 -3.33
N TYR M 86 -33.51 43.32 -3.40
CA TYR M 86 -33.92 42.35 -4.40
C TYR M 86 -35.11 41.54 -3.90
N ILE M 87 -36.09 41.35 -4.78
CA ILE M 87 -37.25 40.52 -4.50
C ILE M 87 -37.49 39.61 -5.70
N THR M 88 -38.13 38.48 -5.44
CA THR M 88 -38.43 37.52 -6.49
C THR M 88 -39.60 37.99 -7.32
N GLN M 89 -39.94 37.22 -8.36
CA GLN M 89 -41.04 37.59 -9.24
C GLN M 89 -42.38 37.47 -8.51
N ASP M 90 -42.53 36.44 -7.67
CA ASP M 90 -43.79 36.24 -6.96
C ASP M 90 -44.10 37.41 -6.04
N ILE M 91 -43.09 37.88 -5.29
CA ILE M 91 -43.30 39.01 -4.41
C ILE M 91 -43.63 40.26 -5.21
N PHE M 92 -42.98 40.42 -6.37
CA PHE M 92 -43.28 41.55 -7.23
C PHE M 92 -44.73 41.53 -7.69
N THR M 93 -45.22 40.36 -8.11
CA THR M 93 -46.60 40.25 -8.55
C THR M 93 -47.56 40.52 -7.40
N HIS M 94 -47.26 39.99 -6.21
CA HIS M 94 -48.13 40.24 -5.06
C HIS M 94 -48.17 41.73 -4.72
N TYR M 95 -47.02 42.40 -4.73
CA TYR M 95 -47.00 43.83 -4.45
C TYR M 95 -47.78 44.62 -5.48
N VAL M 96 -47.65 44.25 -6.75
CA VAL M 96 -48.38 44.94 -7.81
C VAL M 96 -49.88 44.75 -7.63
N ASN M 97 -50.31 43.52 -7.35
CA ASN M 97 -51.74 43.24 -7.27
C ASN M 97 -52.38 43.85 -6.04
N TYR M 98 -51.65 43.90 -4.93
CA TYR M 98 -52.21 44.38 -3.67
C TYR M 98 -51.99 45.88 -3.45
N ASN M 99 -51.32 46.57 -4.37
CA ASN M 99 -51.11 48.02 -4.29
C ASN M 99 -50.39 48.40 -2.99
N TYR M 100 -49.13 47.94 -2.88
CA TYR M 100 -48.37 48.17 -1.65
C TYR M 100 -48.18 49.66 -1.38
N GLN M 101 -47.77 50.42 -2.39
CA GLN M 101 -47.62 51.86 -2.31
C GLN M 101 -46.72 52.30 -1.16
N PRO M 102 -45.42 52.03 -1.22
CA PRO M 102 -44.51 52.62 -0.24
C PRO M 102 -44.16 54.05 -0.60
N GLN M 103 -43.25 54.67 0.16
CA GLN M 103 -42.94 56.08 -0.07
C GLN M 103 -42.12 56.27 -1.34
N GLY M 104 -40.92 55.69 -1.38
CA GLY M 104 -40.03 55.80 -2.51
C GLY M 104 -39.75 54.45 -3.14
N VAL M 105 -38.86 54.47 -4.14
CA VAL M 105 -38.44 53.24 -4.79
C VAL M 105 -37.65 52.40 -3.80
N THR M 106 -38.04 51.14 -3.62
CA THR M 106 -37.47 50.33 -2.57
C THR M 106 -36.97 48.97 -3.07
N TYR M 107 -37.64 48.41 -4.07
CA TYR M 107 -37.36 47.04 -4.49
C TYR M 107 -37.05 47.00 -5.97
N TYR M 108 -36.35 45.94 -6.37
CA TYR M 108 -36.04 45.70 -7.77
C TYR M 108 -35.92 44.20 -8.01
N THR M 109 -36.12 43.83 -9.27
CA THR M 109 -35.99 42.44 -9.69
C THR M 109 -35.41 42.42 -11.10
N ARG M 110 -34.93 41.26 -11.52
CA ARG M 110 -34.31 41.11 -12.83
C ARG M 110 -35.26 40.39 -13.77
N LEU M 111 -35.54 41.01 -14.92
CA LEU M 111 -36.37 40.42 -15.96
C LEU M 111 -35.63 40.55 -17.28
N GLY M 112 -35.25 39.42 -17.86
CA GLY M 112 -34.50 39.42 -19.10
C GLY M 112 -33.20 40.17 -18.98
N ASN M 113 -33.12 41.34 -19.62
CA ASN M 113 -31.94 42.18 -19.59
C ASN M 113 -32.21 43.51 -18.90
N PHE M 114 -33.19 43.53 -17.98
CA PHE M 114 -33.58 44.77 -17.34
C PHE M 114 -33.75 44.56 -15.84
N TRP M 115 -33.57 45.65 -15.10
CA TRP M 115 -33.89 45.70 -13.67
C TRP M 115 -35.19 46.50 -13.53
N ARG M 116 -36.24 45.84 -13.11
CA ARG M 116 -37.55 46.47 -12.91
C ARG M 116 -37.73 46.82 -11.45
N VAL M 117 -38.08 48.07 -11.19
CA VAL M 117 -38.31 48.57 -9.84
C VAL M 117 -39.80 48.53 -9.55
N PHE M 118 -40.17 48.17 -8.31
CA PHE M 118 -41.59 47.96 -8.03
C PHE M 118 -42.39 49.25 -8.03
N PRO M 119 -42.08 50.27 -7.21
CA PRO M 119 -42.91 51.47 -7.24
C PRO M 119 -42.69 52.21 -8.54
N VAL M 120 -43.38 51.74 -9.59
CA VAL M 120 -43.13 52.13 -10.97
C VAL M 120 -43.01 53.64 -11.09
N VAL M 121 -41.91 54.09 -11.67
CA VAL M 121 -41.58 55.51 -11.72
C VAL M 121 -41.63 55.96 -13.18
N PRO M 122 -42.05 57.19 -13.47
CA PRO M 122 -42.02 57.67 -14.86
C PRO M 122 -40.60 57.76 -15.38
N ASP M 123 -40.50 57.74 -16.72
CA ASP M 123 -39.21 57.75 -17.37
C ASP M 123 -38.40 58.99 -17.00
N GLY M 124 -37.10 58.80 -16.82
CA GLY M 124 -36.21 59.88 -16.45
C GLY M 124 -35.77 59.90 -15.00
N ALA M 125 -36.09 58.88 -14.23
CA ALA M 125 -35.68 58.85 -12.82
C ALA M 125 -34.25 58.36 -12.73
N PRO M 126 -33.33 59.15 -12.19
CA PRO M 126 -31.93 58.73 -12.13
C PRO M 126 -31.65 57.76 -11.00
N PHE M 127 -30.70 56.86 -11.26
CA PHE M 127 -30.22 55.91 -10.27
C PHE M 127 -28.71 55.88 -10.31
N ILE M 128 -28.10 55.49 -9.19
CA ILE M 128 -26.65 55.34 -9.10
C ILE M 128 -26.36 53.85 -8.99
N VAL M 129 -25.66 53.31 -9.98
CA VAL M 129 -25.36 51.88 -10.05
C VAL M 129 -23.86 51.71 -9.88
N ASN M 130 -23.47 50.86 -8.93
CA ASN M 130 -22.08 50.51 -8.71
C ASN M 130 -21.92 49.04 -9.02
N TYR M 131 -21.01 48.72 -9.94
CA TYR M 131 -20.88 47.36 -10.45
C TYR M 131 -19.45 47.14 -10.92
N TRP M 132 -19.22 45.99 -11.56
CA TRP M 132 -17.92 45.61 -12.09
C TRP M 132 -18.01 45.48 -13.60
N THR M 133 -16.96 45.88 -14.29
CA THR M 133 -16.88 45.81 -15.74
C THR M 133 -15.85 44.77 -16.16
N VAL M 134 -15.66 44.67 -17.47
CA VAL M 134 -14.65 43.77 -18.02
C VAL M 134 -13.34 44.53 -18.15
N LEU M 135 -12.24 43.79 -18.24
CA LEU M 135 -10.94 44.41 -18.37
C LEU M 135 -10.81 45.08 -19.74
N PRO M 136 -10.09 46.18 -19.82
CA PRO M 136 -9.90 46.85 -21.12
C PRO M 136 -9.13 45.97 -22.08
N GLU M 137 -9.45 46.13 -23.37
CA GLU M 137 -8.80 45.34 -24.40
C GLU M 137 -7.36 45.80 -24.60
N LEU M 138 -6.43 44.85 -24.62
CA LEU M 138 -5.03 45.13 -24.88
C LEU M 138 -4.72 44.78 -26.32
N SER M 139 -4.34 45.77 -27.11
CA SER M 139 -4.09 45.57 -28.53
C SER M 139 -3.20 46.71 -29.03
N LEU M 140 -2.97 46.74 -30.34
CA LEU M 140 -2.17 47.81 -30.92
C LEU M 140 -2.82 49.17 -30.76
N ALA M 141 -4.14 49.23 -30.92
CA ALA M 141 -4.86 50.49 -30.75
C ALA M 141 -4.92 50.93 -29.29
N ASN M 142 -4.82 50.00 -28.35
CA ASN M 142 -4.85 50.30 -26.92
C ASN M 142 -3.62 49.66 -26.30
N PRO M 143 -2.45 50.28 -26.43
CA PRO M 143 -1.20 49.62 -26.05
C PRO M 143 -0.98 49.50 -24.55
N THR M 144 -1.75 50.22 -23.72
CA THR M 144 -1.50 50.20 -22.28
C THR M 144 -2.81 50.05 -21.52
N THR M 145 -2.77 49.25 -20.46
CA THR M 145 -3.90 49.08 -19.56
C THR M 145 -3.38 49.04 -18.12
N TRP M 146 -4.29 49.26 -17.18
CA TRP M 146 -3.90 49.21 -15.76
C TRP M 146 -3.48 47.81 -15.35
N ALA M 147 -4.09 46.78 -15.93
CA ALA M 147 -3.75 45.41 -15.56
C ALA M 147 -2.29 45.09 -15.90
N LEU M 148 -1.83 45.53 -17.07
CA LEU M 148 -0.45 45.29 -17.46
C LEU M 148 0.52 46.01 -16.52
N THR M 149 0.22 47.26 -16.18
CA THR M 149 1.11 48.04 -15.34
C THR M 149 1.04 47.65 -13.87
N LYS M 150 0.02 46.90 -13.46
CA LYS M 150 -0.09 46.51 -12.06
C LYS M 150 0.62 45.19 -11.76
N TYR M 151 0.64 44.26 -12.71
CA TYR M 151 1.23 42.94 -12.48
C TYR M 151 1.56 42.28 -13.80
N PRO M 152 2.69 42.64 -14.42
CA PRO M 152 3.01 42.10 -15.76
C PRO M 152 3.20 40.60 -15.80
N GLN M 153 3.54 39.97 -14.67
CA GLN M 153 3.77 38.54 -14.66
C GLN M 153 2.53 37.77 -15.11
N ILE M 154 1.34 38.28 -14.79
CA ILE M 154 0.12 37.59 -15.19
C ILE M 154 0.04 37.48 -16.71
N TYR M 155 0.23 38.59 -17.40
CA TYR M 155 0.14 38.58 -18.86
C TYR M 155 1.28 37.78 -19.46
N LEU M 156 2.49 37.90 -18.90
CA LEU M 156 3.61 37.15 -19.43
C LEU M 156 3.36 35.64 -19.34
N TYR M 157 2.92 35.18 -18.17
CA TYR M 157 2.67 33.75 -17.99
C TYR M 157 1.51 33.27 -18.85
N GLY M 158 0.45 34.08 -18.97
CA GLY M 158 -0.65 33.68 -19.82
C GLY M 158 -0.25 33.55 -21.27
N VAL M 159 0.54 34.50 -21.78
CA VAL M 159 1.00 34.42 -23.16
C VAL M 159 1.91 33.24 -23.36
N LEU M 160 2.79 32.96 -22.39
CA LEU M 160 3.66 31.79 -22.51
C LEU M 160 2.85 30.49 -22.55
N GLU M 161 1.83 30.39 -21.69
CA GLU M 161 0.98 29.21 -21.70
C GLU M 161 0.25 29.05 -23.03
N GLN M 162 -0.27 30.15 -23.58
CA GLN M 162 -0.92 30.08 -24.87
C GLN M 162 0.05 29.67 -25.96
N ILE M 163 1.28 30.19 -25.92
CA ILE M 163 2.27 29.85 -26.92
C ILE M 163 2.56 28.36 -26.89
N TYR M 164 2.78 27.82 -25.70
CA TYR M 164 3.09 26.39 -25.60
C TYR M 164 1.88 25.54 -25.96
N LEU M 165 0.66 26.06 -25.76
CA LEU M 165 -0.52 25.36 -26.25
C LEU M 165 -0.53 25.32 -27.78
N TYR M 166 -0.11 26.41 -28.41
CA TYR M 166 -0.14 26.49 -29.87
C TYR M 166 0.81 25.48 -30.51
N THR M 167 1.99 25.29 -29.93
CA THR M 167 3.00 24.42 -30.50
C THR M 167 2.80 22.95 -30.12
N MET M 168 1.60 22.59 -29.68
CA MET M 168 1.24 21.19 -29.41
C MET M 168 2.17 20.56 -28.38
N ASP M 169 2.55 21.33 -27.36
CA ASP M 169 3.28 20.83 -26.21
C ASP M 169 2.43 21.08 -24.97
N GLU M 170 2.21 20.02 -24.18
CA GLU M 170 1.23 20.07 -23.11
C GLU M 170 1.84 20.25 -21.73
N ALA M 171 2.96 19.59 -21.44
CA ALA M 171 3.53 19.66 -20.09
C ALA M 171 3.92 21.08 -19.72
N ARG M 172 4.64 21.76 -20.61
CA ARG M 172 5.00 23.15 -20.34
C ARG M 172 3.76 24.04 -20.27
N SER M 173 2.72 23.69 -21.02
CA SER M 173 1.46 24.43 -20.92
C SER M 173 0.89 24.33 -19.51
N GLN M 174 0.90 23.13 -18.92
CA GLN M 174 0.43 22.98 -17.56
C GLN M 174 1.32 23.74 -16.58
N PHE M 175 2.63 23.70 -16.80
CA PHE M 175 3.56 24.44 -15.94
C PHE M 175 3.21 25.92 -15.91
N TRP M 176 3.10 26.53 -17.09
CA TRP M 176 2.82 27.97 -17.15
C TRP M 176 1.41 28.28 -16.68
N GLY M 177 0.45 27.36 -16.89
CA GLY M 177 -0.89 27.58 -16.37
C GLY M 177 -0.92 27.60 -14.86
N GLN M 178 -0.17 26.70 -14.23
CA GLN M 178 -0.06 26.73 -12.77
C GLN M 178 0.56 28.04 -12.30
N LYS M 179 1.61 28.50 -12.98
CA LYS M 179 2.22 29.78 -12.60
C LYS M 179 1.21 30.92 -12.70
N LEU M 180 0.45 30.97 -13.80
CA LEU M 180 -0.51 32.03 -14.00
C LEU M 180 -1.62 31.98 -12.95
N GLU M 181 -2.10 30.78 -12.62
CA GLU M 181 -3.13 30.65 -11.61
C GLU M 181 -2.63 31.12 -10.26
N ARG M 182 -1.39 30.78 -9.92
CA ARG M 182 -0.83 31.25 -8.65
C ARG M 182 -0.75 32.77 -8.62
N ALA M 183 -0.31 33.39 -9.73
CA ALA M 183 -0.24 34.84 -9.76
C ALA M 183 -1.61 35.48 -9.60
N VAL M 184 -2.62 34.93 -10.29
CA VAL M 184 -3.96 35.49 -10.19
C VAL M 184 -4.49 35.36 -8.77
N MET M 185 -4.26 34.20 -8.14
CA MET M 185 -4.72 34.02 -6.77
C MET M 185 -4.03 35.00 -5.82
N GLU M 186 -2.73 35.24 -6.03
CA GLU M 186 -2.02 36.21 -5.20
C GLU M 186 -2.63 37.60 -5.34
N LEU M 187 -2.89 38.02 -6.57
CA LEU M 187 -3.48 39.34 -6.77
C LEU M 187 -4.85 39.45 -6.13
N GLN M 188 -5.69 38.42 -6.30
CA GLN M 188 -7.02 38.46 -5.73
C GLN M 188 -6.98 38.48 -4.21
N ASN M 189 -6.08 37.71 -3.61
CA ASN M 189 -5.95 37.72 -2.15
C ASN M 189 -5.49 39.07 -1.65
N GLU M 190 -4.54 39.69 -2.35
CA GLU M 190 -4.10 41.03 -1.94
C GLU M 190 -5.24 42.02 -2.01
N GLU M 191 -6.06 41.95 -3.06
CA GLU M 191 -7.22 42.84 -3.14
C GLU M 191 -8.20 42.57 -2.01
N ASN M 192 -8.44 41.29 -1.70
CA ASN M 192 -9.40 40.95 -0.66
C ASN M 192 -8.95 41.45 0.71
N ALA M 193 -7.65 41.35 1.00
CA ALA M 193 -7.12 41.75 2.29
C ALA M 193 -6.76 43.22 2.36
N ALA M 194 -7.32 44.05 1.47
CA ALA M 194 -6.97 45.47 1.46
C ALA M 194 -7.42 46.16 2.74
N ASP M 195 -8.63 45.86 3.21
CA ASP M 195 -9.17 46.46 4.42
C ASP M 195 -9.66 45.36 5.35
N PHE M 196 -9.03 45.25 6.52
CA PHE M 196 -9.43 44.21 7.47
C PHE M 196 -10.84 44.43 7.98
N ALA M 197 -11.21 45.67 8.26
CA ALA M 197 -12.54 45.95 8.80
C ALA M 197 -13.64 45.56 7.82
N SER M 198 -13.43 45.85 6.53
CA SER M 198 -14.47 45.58 5.54
C SER M 198 -14.64 44.09 5.27
N THR M 199 -13.66 43.27 5.66
CA THR M 199 -13.75 41.84 5.37
C THR M 199 -14.89 41.17 6.14
N ARG M 200 -15.09 41.56 7.40
CA ARG M 200 -16.12 40.92 8.21
C ARG M 200 -17.51 41.14 7.62
N LEU M 201 -17.79 42.35 7.16
CA LEU M 201 -19.08 42.65 6.56
C LEU M 201 -19.13 42.10 5.13
N ALA M 202 -20.25 42.36 4.46
CA ALA M 202 -20.51 41.91 3.09
C ALA M 202 -20.44 40.38 2.96
N ILE M 203 -20.69 39.66 4.05
CA ILE M 203 -20.68 38.21 4.07
C ILE M 203 -22.00 37.65 4.58
N LYS M 204 -22.44 38.11 5.76
CA LYS M 204 -23.69 37.67 6.36
C LYS M 204 -24.78 38.70 6.08
N ASP M 205 -25.83 38.27 5.40
CA ASP M 205 -26.93 39.16 5.05
C ASP M 205 -28.23 38.38 5.07
N ILE M 206 -29.31 39.07 5.47
CA ILE M 206 -30.69 38.56 5.57
C ILE M 206 -30.74 37.06 5.84
N GLU M 207 -30.71 36.68 7.12
CA GLU M 207 -30.76 35.28 7.52
C GLU M 207 -32.19 34.83 7.83
N ARG M 208 -32.85 35.51 8.76
CA ARG M 208 -34.21 35.17 9.20
C ARG M 208 -34.30 33.71 9.64
N ALA N 2 -13.98 41.25 -31.53
CA ALA N 2 -12.88 40.99 -30.59
C ALA N 2 -12.44 39.54 -30.66
N THR N 3 -11.12 39.33 -30.74
CA THR N 3 -10.52 38.00 -30.82
C THR N 3 -11.07 37.32 -32.06
N ILE N 4 -11.73 36.16 -31.95
CA ILE N 4 -12.39 35.57 -33.12
C ILE N 4 -13.67 36.34 -33.39
N ASN N 5 -13.92 36.63 -34.67
CA ASN N 5 -15.05 37.46 -35.07
C ASN N 5 -16.22 36.65 -35.63
N ASN N 6 -15.99 35.82 -36.62
CA ASN N 6 -17.06 35.03 -37.22
C ASN N 6 -16.57 33.62 -37.48
N VAL N 7 -17.39 32.85 -38.19
CA VAL N 7 -17.13 31.41 -38.33
C VAL N 7 -15.89 31.14 -39.18
N THR N 8 -15.67 31.96 -40.21
CA THR N 8 -14.52 31.72 -41.08
C THR N 8 -13.21 31.86 -40.33
N ASP N 9 -13.08 32.90 -39.50
CA ASP N 9 -11.88 33.04 -38.70
C ASP N 9 -11.73 31.91 -37.70
N LEU N 10 -12.85 31.42 -37.16
CA LEU N 10 -12.79 30.27 -36.25
C LEU N 10 -12.24 29.04 -36.96
N ALA N 11 -12.72 28.78 -38.18
CA ALA N 11 -12.22 27.63 -38.94
C ALA N 11 -10.74 27.81 -39.27
N ILE N 12 -10.34 29.02 -39.66
CA ILE N 12 -8.94 29.27 -39.99
C ILE N 12 -8.06 29.04 -38.76
N ALA N 13 -8.49 29.55 -37.61
CA ALA N 13 -7.71 29.37 -36.38
C ALA N 13 -7.63 27.90 -35.99
N ALA N 14 -8.73 27.16 -36.15
CA ALA N 14 -8.69 25.73 -35.83
C ALA N 14 -7.72 25.00 -36.73
N ILE N 15 -7.74 25.31 -38.03
CA ILE N 15 -6.81 24.67 -38.95
C ILE N 15 -5.38 25.02 -38.59
N GLN N 16 -5.12 26.29 -38.26
CA GLN N 16 -3.77 26.71 -37.92
C GLN N 16 -3.27 26.00 -36.66
N TRP N 17 -4.13 25.89 -35.64
CA TRP N 17 -3.69 25.30 -34.38
C TRP N 17 -3.50 23.80 -34.52
N SER N 18 -4.39 23.12 -35.25
CA SER N 18 -4.29 21.67 -35.38
C SER N 18 -3.34 21.25 -36.50
N ASP N 19 -3.02 22.15 -37.43
CA ASP N 19 -2.15 21.92 -38.58
C ASP N 19 -2.76 20.95 -39.60
N ARG N 20 -3.96 20.43 -39.36
CA ARG N 20 -4.57 19.48 -40.28
C ARG N 20 -5.22 20.27 -41.41
N GLN N 21 -4.46 20.48 -42.48
CA GLN N 21 -4.97 21.21 -43.64
C GLN N 21 -5.84 20.34 -44.54
N ASP N 22 -5.93 19.05 -44.28
CA ASP N 22 -6.73 18.16 -45.11
C ASP N 22 -8.21 18.17 -44.75
N LEU N 23 -8.59 18.84 -43.66
CA LEU N 23 -9.99 18.87 -43.25
C LEU N 23 -10.80 19.77 -44.17
N THR N 24 -11.93 19.26 -44.64
CA THR N 24 -12.80 20.04 -45.50
C THR N 24 -13.70 20.95 -44.67
N GLN N 25 -14.47 21.78 -45.37
CA GLN N 25 -15.38 22.69 -44.68
C GLN N 25 -16.51 21.95 -44.01
N GLU N 26 -17.00 20.87 -44.62
CA GLU N 26 -18.11 20.12 -44.04
C GLU N 26 -17.74 19.52 -42.70
N LEU N 27 -16.53 18.99 -42.57
CA LEU N 27 -16.09 18.44 -41.30
C LEU N 27 -16.04 19.51 -40.22
N LEU N 28 -15.54 20.69 -40.56
CA LEU N 28 -15.48 21.78 -39.59
C LEU N 28 -16.89 22.22 -39.20
N MET N 29 -17.81 22.27 -40.16
CA MET N 29 -19.19 22.60 -39.84
C MET N 29 -19.80 21.56 -38.90
N LEU N 30 -19.51 20.28 -39.14
CA LEU N 30 -20.01 19.24 -38.26
C LEU N 30 -19.43 19.39 -36.85
N PHE N 31 -18.14 19.70 -36.75
CA PHE N 31 -17.53 19.89 -35.44
C PHE N 31 -18.17 21.05 -34.69
N ILE N 32 -18.39 22.16 -35.39
CA ILE N 32 -19.01 23.33 -34.76
C ILE N 32 -20.43 23.01 -34.32
N GLY N 33 -21.17 22.28 -35.16
CA GLY N 33 -22.52 21.88 -34.78
C GLY N 33 -22.52 20.98 -33.55
N ASN N 34 -21.57 20.05 -33.48
CA ASN N 34 -21.48 19.19 -32.31
C ASN N 34 -21.19 20.01 -31.06
N THR N 35 -20.27 20.97 -31.16
CA THR N 35 -19.96 21.81 -30.01
C THR N 35 -21.18 22.61 -29.56
N THR N 36 -21.92 23.18 -30.51
CA THR N 36 -23.11 23.94 -30.16
C THR N 36 -24.17 23.05 -29.52
N ASP N 37 -24.34 21.84 -30.06
CA ASP N 37 -25.32 20.91 -29.49
C ASP N 37 -24.95 20.55 -28.05
N ARG N 38 -23.66 20.31 -27.79
CA ARG N 38 -23.23 20.03 -26.43
C ARG N 38 -23.47 21.23 -25.53
N LEU N 39 -23.19 22.43 -26.02
CA LEU N 39 -23.42 23.63 -25.23
C LEU N 39 -24.90 23.83 -24.90
N ASN N 40 -25.79 23.42 -25.80
CA ASN N 40 -27.21 23.63 -25.58
C ASN N 40 -27.73 22.91 -24.35
N ARG N 41 -27.02 21.89 -23.87
CA ARG N 41 -27.47 21.09 -22.74
C ARG N 41 -26.87 21.53 -21.41
N LEU N 42 -26.07 22.60 -21.39
CA LEU N 42 -25.33 22.92 -20.18
C LEU N 42 -25.51 24.37 -19.74
N LEU N 43 -25.72 25.28 -20.67
CA LEU N 43 -25.68 26.70 -20.39
C LEU N 43 -27.08 27.25 -20.11
N ARG N 44 -27.22 27.94 -18.97
CA ARG N 44 -28.44 28.66 -18.62
C ARG N 44 -27.97 30.03 -18.09
N VAL N 45 -27.83 31.00 -18.99
CA VAL N 45 -27.27 32.30 -18.66
C VAL N 45 -28.24 33.37 -19.11
N ARG N 46 -27.89 34.63 -18.80
CA ARG N 46 -28.78 35.75 -19.08
C ARG N 46 -29.00 35.92 -20.58
N GLU N 47 -27.96 35.78 -21.38
CA GLU N 47 -28.09 35.90 -22.82
C GLU N 47 -28.96 34.81 -23.41
N ASN N 48 -29.12 33.69 -22.71
CA ASN N 48 -29.96 32.60 -23.17
C ASN N 48 -31.42 32.77 -22.80
N GLU N 49 -31.74 33.73 -21.94
CA GLU N 49 -33.10 33.91 -21.47
C GLU N 49 -33.96 34.60 -22.52
N HIS N 50 -35.27 34.44 -22.39
CA HIS N 50 -36.21 35.05 -23.32
C HIS N 50 -37.59 35.05 -22.69
N PHE N 51 -38.26 36.20 -22.71
CA PHE N 51 -39.62 36.32 -22.22
C PHE N 51 -40.49 36.91 -23.31
N GLU N 52 -41.69 36.37 -23.46
CA GLU N 52 -42.58 36.79 -24.54
C GLU N 52 -44.02 36.48 -24.18
N THR N 53 -44.93 37.09 -24.95
CA THR N 53 -46.35 36.92 -24.73
C THR N 53 -46.88 35.79 -25.62
N LEU N 54 -47.48 34.78 -25.00
CA LEU N 54 -48.04 33.64 -25.68
C LEU N 54 -49.54 33.60 -25.47
N MET N 55 -50.28 33.24 -26.51
CA MET N 55 -51.73 33.14 -26.44
C MET N 55 -52.15 31.77 -25.93
N ALA N 56 -53.37 31.68 -25.45
CA ALA N 56 -53.95 30.44 -24.95
C ALA N 56 -55.03 29.96 -25.90
N PHE N 57 -54.91 28.72 -26.36
CA PHE N 57 -55.84 28.15 -27.32
C PHE N 57 -56.29 26.79 -26.82
N GLY N 58 -57.61 26.58 -26.81
CA GLY N 58 -58.16 25.31 -26.35
C GLY N 58 -57.88 25.03 -24.89
N GLY N 59 -57.84 26.06 -24.05
CA GLY N 59 -57.56 25.85 -22.65
C GLY N 59 -56.13 25.47 -22.34
N GLY N 60 -55.20 25.74 -23.25
CA GLY N 60 -53.81 25.38 -23.03
C GLY N 60 -52.87 26.29 -23.78
N ILE N 61 -51.61 26.25 -23.37
CA ILE N 61 -50.54 27.01 -23.99
C ILE N 61 -49.55 26.03 -24.60
N GLU N 62 -49.21 26.24 -25.88
CA GLU N 62 -48.28 25.36 -26.55
C GLU N 62 -46.85 25.72 -26.19
N ILE N 63 -46.05 24.72 -25.90
CA ILE N 63 -44.64 24.95 -25.52
C ILE N 63 -43.87 25.39 -26.76
N PRO N 64 -43.05 26.45 -26.69
CA PRO N 64 -42.30 26.88 -27.86
C PRO N 64 -41.32 25.81 -28.33
N GLU N 65 -41.05 25.81 -29.62
CA GLU N 65 -40.18 24.79 -30.21
C GLU N 65 -38.73 24.93 -29.73
N HIS N 66 -38.31 26.14 -29.36
CA HIS N 66 -36.96 26.36 -28.87
C HIS N 66 -36.85 26.24 -27.37
N PHE N 67 -37.92 25.86 -26.69
CA PHE N 67 -37.94 25.79 -25.23
C PHE N 67 -36.93 24.76 -24.73
N VAL N 68 -36.17 25.16 -23.71
CA VAL N 68 -35.26 24.24 -23.04
C VAL N 68 -35.42 24.22 -21.53
N ALA N 69 -35.96 25.27 -20.90
CA ALA N 69 -36.15 25.31 -19.46
C ALA N 69 -37.11 26.45 -19.13
N LEU N 70 -38.03 26.20 -18.20
CA LEU N 70 -39.06 27.15 -17.84
C LEU N 70 -38.67 27.90 -16.57
N ARG N 71 -38.91 29.21 -16.59
CA ARG N 71 -38.66 30.05 -15.42
C ARG N 71 -39.95 30.54 -14.77
N SER N 72 -40.85 31.15 -15.54
CA SER N 72 -42.07 31.67 -14.93
C SER N 72 -43.16 31.86 -15.97
N ILE N 73 -44.41 31.72 -15.50
CA ILE N 73 -45.59 32.02 -16.30
C ILE N 73 -46.46 32.97 -15.49
N THR N 74 -46.90 34.06 -16.14
CA THR N 74 -47.69 35.08 -15.46
C THR N 74 -48.92 35.39 -16.31
N GLY N 75 -50.09 35.37 -15.69
CA GLY N 75 -51.31 35.74 -16.40
C GLY N 75 -51.38 37.22 -16.64
N ASP N 76 -52.18 37.59 -17.63
CA ASP N 76 -52.40 39.00 -17.93
C ASP N 76 -53.28 39.64 -16.87
N SER N 77 -53.19 40.97 -16.77
CA SER N 77 -53.99 41.69 -15.78
C SER N 77 -55.47 41.55 -16.05
N LEU N 78 -55.87 41.34 -17.31
CA LEU N 78 -57.28 41.16 -17.63
C LEU N 78 -57.83 39.85 -17.10
N ILE N 79 -56.99 38.87 -16.82
CA ILE N 79 -57.43 37.56 -16.35
C ILE N 79 -56.90 37.27 -14.96
N GLY N 80 -56.56 38.30 -14.19
CA GLY N 80 -56.12 38.10 -12.83
C GLY N 80 -54.75 38.67 -12.54
N GLY N 81 -53.84 38.55 -13.50
CA GLY N 81 -52.49 39.05 -13.31
C GLY N 81 -51.74 38.37 -12.18
N ARG N 82 -51.85 37.04 -12.09
CA ARG N 82 -51.21 36.28 -11.04
C ARG N 82 -50.11 35.40 -11.62
N THR N 83 -49.10 35.12 -10.79
CA THR N 83 -48.05 34.18 -11.17
C THR N 83 -48.56 32.76 -10.92
N LEU N 84 -48.55 31.94 -11.96
CA LEU N 84 -49.15 30.62 -11.88
C LEU N 84 -48.32 29.69 -11.00
N GLN N 85 -48.98 28.67 -10.47
CA GLN N 85 -48.34 27.66 -9.63
C GLN N 85 -48.57 26.28 -10.23
N TYR N 86 -47.65 25.37 -9.95
CA TYR N 86 -47.69 24.03 -10.52
C TYR N 86 -48.47 23.10 -9.60
N ILE N 87 -49.35 22.29 -10.21
CA ILE N 87 -50.11 21.27 -9.50
C ILE N 87 -50.03 19.98 -10.29
N THR N 88 -50.23 18.87 -9.60
CA THR N 88 -50.18 17.56 -10.24
C THR N 88 -51.50 17.25 -10.94
N GLN N 89 -51.55 16.10 -11.60
CA GLN N 89 -52.75 15.72 -12.34
C GLN N 89 -53.91 15.43 -11.40
N ASP N 90 -53.64 14.78 -10.26
CA ASP N 90 -54.70 14.45 -9.33
C ASP N 90 -55.35 15.70 -8.74
N ILE N 91 -54.53 16.69 -8.38
CA ILE N 91 -55.07 17.94 -7.85
C ILE N 91 -55.90 18.64 -8.91
N PHE N 92 -55.44 18.60 -10.16
CA PHE N 92 -56.21 19.19 -11.26
C PHE N 92 -57.56 18.51 -11.40
N THR N 93 -57.59 17.18 -11.34
CA THR N 93 -58.84 16.45 -11.46
C THR N 93 -59.78 16.77 -10.31
N HIS N 94 -59.24 16.84 -9.09
CA HIS N 94 -60.07 17.18 -7.94
C HIS N 94 -60.66 18.58 -8.08
N TYR N 95 -59.84 19.54 -8.50
CA TYR N 95 -60.33 20.90 -8.68
C TYR N 95 -61.41 20.96 -9.74
N VAL N 96 -61.23 20.23 -10.84
CA VAL N 96 -62.23 20.23 -11.90
C VAL N 96 -63.53 19.61 -11.39
N ASN N 97 -63.44 18.49 -10.68
CA ASN N 97 -64.64 17.78 -10.25
C ASN N 97 -65.41 18.57 -9.19
N TYR N 98 -64.71 19.25 -8.30
CA TYR N 98 -65.36 19.94 -7.19
C TYR N 98 -65.70 21.39 -7.48
N ASN N 99 -65.38 21.89 -8.68
CA ASN N 99 -65.69 23.26 -9.09
C ASN N 99 -65.12 24.28 -8.09
N TYR N 100 -63.79 24.30 -8.03
CA TYR N 100 -63.11 25.18 -7.09
C TYR N 100 -63.48 26.64 -7.32
N GLN N 101 -63.41 27.09 -8.56
CA GLN N 101 -63.84 28.43 -8.97
C GLN N 101 -63.14 29.53 -8.19
N PRO N 102 -61.84 29.74 -8.38
CA PRO N 102 -61.19 30.91 -7.78
C PRO N 102 -61.43 32.16 -8.61
N GLN N 103 -60.80 33.28 -8.24
CA GLN N 103 -61.04 34.53 -8.94
C GLN N 103 -60.43 34.51 -10.33
N GLY N 104 -59.12 34.35 -10.43
CA GLY N 104 -58.45 34.33 -11.72
C GLY N 104 -57.66 33.06 -11.97
N VAL N 105 -56.88 33.03 -13.04
CA VAL N 105 -56.05 31.87 -13.33
C VAL N 105 -54.93 31.78 -12.31
N THR N 106 -54.78 30.62 -11.68
CA THR N 106 -53.82 30.48 -10.60
C THR N 106 -52.89 29.29 -10.77
N TYR N 107 -53.38 28.21 -11.40
CA TYR N 107 -52.65 26.97 -11.44
C TYR N 107 -52.40 26.53 -12.88
N TYR N 108 -51.36 25.71 -13.05
CA TYR N 108 -51.05 25.14 -14.34
C TYR N 108 -50.40 23.78 -14.14
N THR N 109 -50.49 22.95 -15.18
CA THR N 109 -49.88 21.63 -15.17
C THR N 109 -49.43 21.31 -16.59
N ARG N 110 -48.56 20.31 -16.70
CA ARG N 110 -48.00 19.91 -17.99
C ARG N 110 -48.68 18.63 -18.45
N LEU N 111 -49.24 18.66 -19.66
CA LEU N 111 -49.88 17.51 -20.26
C LEU N 111 -49.36 17.40 -21.69
N GLY N 112 -48.60 16.34 -21.96
CA GLY N 112 -48.02 16.18 -23.29
C GLY N 112 -47.10 17.34 -23.60
N ASN N 113 -47.40 18.04 -24.69
CA ASN N 113 -46.65 19.22 -25.11
C ASN N 113 -47.38 20.51 -24.80
N PHE N 114 -48.27 20.52 -23.82
CA PHE N 114 -49.08 21.69 -23.52
C PHE N 114 -49.08 21.98 -22.03
N TRP N 115 -49.32 23.25 -21.71
CA TRP N 115 -49.54 23.69 -20.34
C TRP N 115 -51.02 23.99 -20.18
N ARG N 116 -51.69 23.24 -19.33
CA ARG N 116 -53.12 23.41 -19.07
C ARG N 116 -53.31 24.21 -17.79
N VAL N 117 -54.12 25.27 -17.87
CA VAL N 117 -54.43 26.11 -16.73
C VAL N 117 -55.78 25.70 -16.18
N PHE N 118 -55.90 25.68 -14.84
CA PHE N 118 -57.11 25.11 -14.24
C PHE N 118 -58.34 25.99 -14.48
N PRO N 119 -58.38 27.26 -14.08
CA PRO N 119 -59.60 28.03 -14.29
C PRO N 119 -59.78 28.30 -15.77
N VAL N 120 -60.32 27.29 -16.47
CA VAL N 120 -60.37 27.24 -17.93
C VAL N 120 -60.84 28.56 -18.50
N VAL N 121 -60.04 29.13 -19.40
CA VAL N 121 -60.27 30.47 -19.92
C VAL N 121 -60.62 30.35 -21.39
N PRO N 122 -61.50 31.21 -21.93
CA PRO N 122 -61.79 31.17 -23.37
C PRO N 122 -60.55 31.49 -24.19
N ASP N 123 -60.58 31.02 -25.44
CA ASP N 123 -59.43 31.18 -26.33
C ASP N 123 -59.08 32.64 -26.51
N GLY N 124 -57.78 32.93 -26.50
CA GLY N 124 -57.31 34.28 -26.71
C GLY N 124 -56.90 34.99 -25.43
N ALA N 125 -56.44 34.22 -24.44
CA ALA N 125 -56.01 34.78 -23.16
C ALA N 125 -54.50 34.97 -23.17
N PRO N 126 -54.01 36.20 -23.09
CA PRO N 126 -52.56 36.42 -23.15
C PRO N 126 -51.86 36.01 -21.85
N PHE N 127 -50.67 35.45 -22.00
CA PHE N 127 -49.82 35.10 -20.89
C PHE N 127 -48.41 35.58 -21.19
N ILE N 128 -47.63 35.81 -20.14
CA ILE N 128 -46.23 36.21 -20.26
C ILE N 128 -45.39 35.04 -19.77
N VAL N 129 -44.61 34.45 -20.66
CA VAL N 129 -43.78 33.30 -20.35
C VAL N 129 -42.33 33.71 -20.43
N ASN N 130 -41.59 33.49 -19.35
CA ASN N 130 -40.15 33.74 -19.29
C ASN N 130 -39.46 32.39 -19.15
N TYR N 131 -38.55 32.10 -20.07
CA TYR N 131 -37.94 30.78 -20.15
C TYR N 131 -36.55 30.90 -20.76
N TRP N 132 -35.94 29.76 -21.04
CA TRP N 132 -34.61 29.68 -21.65
C TRP N 132 -34.73 29.00 -23.00
N THR N 133 -34.01 29.53 -23.99
CA THR N 133 -34.01 28.98 -25.34
C THR N 133 -32.70 28.27 -25.61
N VAL N 134 -32.55 27.78 -26.83
CA VAL N 134 -31.32 27.13 -27.25
C VAL N 134 -30.42 28.16 -27.91
N LEU N 135 -29.13 27.85 -27.96
CA LEU N 135 -28.17 28.77 -28.56
C LEU N 135 -28.40 28.86 -30.06
N PRO N 136 -28.18 30.04 -30.65
CA PRO N 136 -28.32 30.18 -32.10
C PRO N 136 -27.32 29.30 -32.83
N GLU N 137 -27.76 28.74 -33.95
CA GLU N 137 -26.89 27.85 -34.73
C GLU N 137 -25.82 28.66 -35.45
N LEU N 138 -24.58 28.18 -35.38
CA LEU N 138 -23.45 28.83 -36.02
C LEU N 138 -23.16 28.09 -37.33
N SER N 139 -23.21 28.82 -38.45
CA SER N 139 -22.97 28.22 -39.76
C SER N 139 -22.65 29.36 -40.73
N LEU N 140 -22.59 29.01 -42.02
CA LEU N 140 -22.32 30.03 -43.04
C LEU N 140 -23.45 31.05 -43.10
N ALA N 141 -24.70 30.59 -43.00
CA ALA N 141 -25.83 31.50 -43.03
C ALA N 141 -25.89 32.40 -41.81
N ASN N 142 -25.30 31.97 -40.69
CA ASN N 142 -25.28 32.74 -39.45
C ASN N 142 -23.83 32.88 -38.99
N PRO N 143 -23.07 33.79 -39.61
CA PRO N 143 -21.64 33.87 -39.31
C PRO N 143 -21.32 34.24 -37.87
N THR N 144 -22.16 35.03 -37.21
CA THR N 144 -21.85 35.54 -35.88
C THR N 144 -22.99 35.23 -34.90
N THR N 145 -22.62 34.90 -33.66
CA THR N 145 -23.55 34.70 -32.58
C THR N 145 -22.99 35.37 -31.32
N TRP N 146 -23.86 35.56 -30.33
CA TRP N 146 -23.41 36.18 -29.09
C TRP N 146 -22.41 35.30 -28.35
N ALA N 147 -22.57 33.98 -28.42
CA ALA N 147 -21.65 33.08 -27.73
C ALA N 147 -20.24 33.21 -28.27
N LEU N 148 -20.09 33.32 -29.59
CA LEU N 148 -18.77 33.44 -30.18
C LEU N 148 -18.09 34.73 -29.76
N THR N 149 -18.83 35.84 -29.74
CA THR N 149 -18.26 37.13 -29.36
C THR N 149 -18.09 37.29 -27.86
N LYS N 150 -18.73 36.44 -27.06
CA LYS N 150 -18.61 36.55 -25.61
C LYS N 150 -17.41 35.79 -25.06
N TYR N 151 -17.10 34.63 -25.63
CA TYR N 151 -16.05 33.77 -25.11
C TYR N 151 -15.56 32.83 -26.19
N PRO N 152 -14.70 33.28 -27.10
CA PRO N 152 -14.29 32.43 -28.23
C PRO N 152 -13.52 31.20 -27.83
N GLN N 153 -12.89 31.20 -26.65
CA GLN N 153 -12.12 30.04 -26.23
C GLN N 153 -12.98 28.79 -26.16
N ILE N 154 -14.26 28.93 -25.81
CA ILE N 154 -15.14 27.78 -25.73
C ILE N 154 -15.23 27.09 -27.09
N TYR N 155 -15.52 27.86 -28.13
CA TYR N 155 -15.65 27.28 -29.46
C TYR N 155 -14.32 26.74 -29.96
N LEU N 156 -13.23 27.48 -29.72
CA LEU N 156 -11.93 27.00 -30.17
C LEU N 156 -11.57 25.66 -29.54
N TYR N 157 -11.74 25.55 -28.22
CA TYR N 157 -11.41 24.31 -27.53
C TYR N 157 -12.33 23.17 -27.94
N GLY N 158 -13.63 23.47 -28.12
CA GLY N 158 -14.53 22.43 -28.56
C GLY N 158 -14.19 21.90 -29.94
N VAL N 159 -13.84 22.79 -30.86
CA VAL N 159 -13.47 22.36 -32.20
C VAL N 159 -12.18 21.56 -32.16
N LEU N 160 -11.22 21.99 -31.34
CA LEU N 160 -9.97 21.22 -31.23
C LEU N 160 -10.22 19.82 -30.69
N GLU N 161 -11.07 19.72 -29.67
CA GLU N 161 -11.39 18.40 -29.12
C GLU N 161 -12.09 17.53 -30.14
N GLN N 162 -13.03 18.10 -30.91
CA GLN N 162 -13.68 17.32 -31.96
C GLN N 162 -12.68 16.87 -33.00
N ILE N 163 -11.74 17.74 -33.38
CA ILE N 163 -10.74 17.38 -34.37
C ILE N 163 -9.89 16.21 -33.88
N TYR N 164 -9.45 16.29 -32.63
CA TYR N 164 -8.61 15.20 -32.11
C TYR N 164 -9.40 13.93 -31.89
N LEU N 165 -10.71 14.02 -31.66
CA LEU N 165 -11.54 12.82 -31.70
C LEU N 165 -11.59 12.24 -33.11
N TYR N 166 -11.67 13.11 -34.12
CA TYR N 166 -11.75 12.66 -35.50
C TYR N 166 -10.49 11.93 -35.94
N THR N 167 -9.31 12.42 -35.55
CA THR N 167 -8.05 11.82 -35.95
C THR N 167 -7.66 10.65 -35.05
N MET N 168 -8.55 10.24 -34.14
CA MET N 168 -8.36 9.05 -33.31
C MET N 168 -7.08 9.15 -32.48
N ASP N 169 -6.95 10.27 -31.77
CA ASP N 169 -5.91 10.48 -30.77
C ASP N 169 -6.58 10.57 -29.40
N GLU N 170 -5.95 9.96 -28.39
CA GLU N 170 -6.59 9.80 -27.08
C GLU N 170 -6.18 10.89 -26.10
N ALA N 171 -4.88 11.06 -25.86
CA ALA N 171 -4.43 11.97 -24.80
C ALA N 171 -4.84 13.41 -25.10
N ARG N 172 -4.61 13.86 -26.33
CA ARG N 172 -4.94 15.24 -26.66
C ARG N 172 -6.45 15.48 -26.63
N SER N 173 -7.23 14.50 -27.06
CA SER N 173 -8.68 14.64 -27.02
C SER N 173 -9.16 14.83 -25.58
N GLN N 174 -8.65 14.02 -24.66
CA GLN N 174 -9.02 14.18 -23.26
C GLN N 174 -8.57 15.52 -22.70
N PHE N 175 -7.36 15.95 -23.05
CA PHE N 175 -6.86 17.23 -22.59
C PHE N 175 -7.77 18.37 -23.04
N TRP N 176 -8.12 18.40 -24.32
CA TRP N 176 -8.95 19.48 -24.83
C TRP N 176 -10.39 19.38 -24.31
N GLY N 177 -10.88 18.17 -24.07
CA GLY N 177 -12.18 18.03 -23.45
C GLY N 177 -12.22 18.62 -22.05
N GLN N 178 -11.16 18.36 -21.27
CA GLN N 178 -11.07 18.96 -19.95
C GLN N 178 -10.99 20.48 -20.04
N LYS N 179 -10.24 21.00 -21.01
CA LYS N 179 -10.17 22.45 -21.19
C LYS N 179 -11.54 23.05 -21.49
N LEU N 180 -12.29 22.40 -22.39
CA LEU N 180 -13.62 22.89 -22.74
C LEU N 180 -14.56 22.84 -21.54
N GLU N 181 -14.50 21.76 -20.77
CA GLU N 181 -15.35 21.65 -19.59
C GLU N 181 -15.02 22.74 -18.57
N ARG N 182 -13.73 23.03 -18.38
CA ARG N 182 -13.35 24.09 -17.46
C ARG N 182 -13.86 25.44 -17.95
N ALA N 183 -13.76 25.70 -19.25
CA ALA N 183 -14.26 26.96 -19.79
C ALA N 183 -15.76 27.10 -19.56
N VAL N 184 -16.51 26.02 -19.81
CA VAL N 184 -17.96 26.07 -19.61
C VAL N 184 -18.28 26.32 -18.14
N MET N 185 -17.56 25.64 -17.24
CA MET N 185 -17.79 25.83 -15.82
C MET N 185 -17.52 27.27 -15.41
N GLU N 186 -16.44 27.86 -15.91
CA GLU N 186 -16.14 29.25 -15.59
C GLU N 186 -17.23 30.18 -16.09
N LEU N 187 -17.70 29.97 -17.32
CA LEU N 187 -18.75 30.83 -17.86
C LEU N 187 -20.03 30.72 -17.05
N GLN N 188 -20.40 29.51 -16.66
CA GLN N 188 -21.61 29.35 -15.84
C GLN N 188 -21.44 29.98 -14.47
N ASN N 189 -20.27 29.80 -13.85
CA ASN N 189 -20.03 30.34 -12.52
C ASN N 189 -20.05 31.87 -12.53
N GLU N 190 -19.58 32.49 -13.60
CA GLU N 190 -19.59 33.95 -13.67
C GLU N 190 -21.02 34.47 -13.60
N GLU N 191 -21.94 33.82 -14.31
CA GLU N 191 -23.34 34.25 -14.27
C GLU N 191 -24.03 33.87 -12.99
N ASN N 192 -23.66 32.73 -12.38
CA ASN N 192 -24.30 32.31 -11.15
C ASN N 192 -24.03 33.29 -10.02
N ALA N 193 -22.90 33.99 -10.05
CA ALA N 193 -22.53 34.97 -9.03
C ALA N 193 -22.69 36.39 -9.52
N ALA N 194 -23.52 36.61 -10.53
CA ALA N 194 -23.72 37.96 -11.04
C ALA N 194 -24.33 38.88 -9.99
N ASP N 195 -25.31 38.38 -9.25
CA ASP N 195 -25.95 39.14 -8.18
C ASP N 195 -25.93 38.29 -6.91
N PHE N 196 -25.23 38.79 -5.89
CA PHE N 196 -25.11 38.04 -4.65
C PHE N 196 -26.45 37.89 -3.94
N ALA N 197 -27.27 38.94 -3.96
CA ALA N 197 -28.54 38.89 -3.24
C ALA N 197 -29.47 37.84 -3.82
N SER N 198 -29.52 37.72 -5.14
CA SER N 198 -30.40 36.75 -5.78
C SER N 198 -29.97 35.31 -5.55
N THR N 199 -28.75 35.07 -5.10
CA THR N 199 -28.28 33.70 -4.89
C THR N 199 -29.08 33.01 -3.79
N ARG N 200 -29.37 33.73 -2.70
CA ARG N 200 -30.09 33.13 -1.58
C ARG N 200 -31.48 32.67 -1.99
N LEU N 201 -32.17 33.49 -2.79
CA LEU N 201 -33.53 33.17 -3.21
C LEU N 201 -33.52 32.10 -4.30
N ALA N 202 -34.71 31.72 -4.74
CA ALA N 202 -34.93 30.70 -5.77
C ALA N 202 -34.34 29.34 -5.37
N ILE N 203 -34.18 29.11 -4.06
CA ILE N 203 -33.64 27.85 -3.57
C ILE N 203 -34.62 27.24 -2.57
N LYS N 204 -34.96 28.01 -1.54
CA LYS N 204 -35.86 27.56 -0.48
C LYS N 204 -37.26 28.09 -0.79
N ASP N 205 -38.04 27.30 -1.51
CA ASP N 205 -39.39 27.69 -1.92
C ASP N 205 -40.34 26.52 -1.68
N ILE N 206 -41.35 26.75 -0.83
CA ILE N 206 -42.42 25.79 -0.55
C ILE N 206 -41.85 24.51 0.06
N GLU N 207 -41.94 24.39 1.38
CA GLU N 207 -41.44 23.22 2.09
C GLU N 207 -42.57 22.39 2.70
N ARG N 208 -43.41 23.01 3.53
CA ARG N 208 -44.52 22.34 4.21
C ARG N 208 -44.04 21.11 5.00
N ALA O 2 25.65 45.66 4.00
CA ALA O 2 26.87 45.05 3.51
C ALA O 2 26.57 44.06 2.39
N THR O 3 27.48 43.10 2.19
CA THR O 3 27.37 42.10 1.14
C THR O 3 27.10 42.75 -0.20
N ILE O 4 25.84 42.76 -0.62
CA ILE O 4 25.43 43.43 -1.85
C ILE O 4 24.89 44.81 -1.48
N ASN O 5 25.45 45.84 -2.11
CA ASN O 5 25.11 47.22 -1.78
C ASN O 5 24.13 47.86 -2.75
N ASN O 6 24.30 47.65 -4.05
CA ASN O 6 23.42 48.25 -5.04
C ASN O 6 23.22 47.28 -6.19
N VAL O 7 22.52 47.74 -7.23
CA VAL O 7 22.00 46.84 -8.25
C VAL O 7 23.11 46.25 -9.10
N THR O 8 24.17 47.01 -9.36
CA THR O 8 25.24 46.51 -10.23
C THR O 8 25.91 45.29 -9.63
N ASP O 9 26.22 45.33 -8.33
CA ASP O 9 26.81 44.17 -7.68
C ASP O 9 25.83 43.01 -7.61
N LEU O 10 24.53 43.29 -7.49
CA LEU O 10 23.55 42.23 -7.52
C LEU O 10 23.56 41.51 -8.86
N ALA O 11 23.61 42.27 -9.96
CA ALA O 11 23.67 41.66 -11.28
C ALA O 11 24.97 40.88 -11.45
N ILE O 12 26.08 41.43 -10.98
CA ILE O 12 27.36 40.74 -11.09
C ILE O 12 27.32 39.42 -10.34
N ALA O 13 26.79 39.44 -9.12
CA ALA O 13 26.71 38.22 -8.33
C ALA O 13 25.78 37.20 -8.97
N ALA O 14 24.66 37.65 -9.53
CA ALA O 14 23.75 36.72 -10.21
C ALA O 14 24.42 36.07 -11.39
N ILE O 15 25.16 36.84 -12.19
CA ILE O 15 25.87 36.28 -13.33
C ILE O 15 26.92 35.29 -12.86
N GLN O 16 27.66 35.64 -11.80
CA GLN O 16 28.71 34.76 -11.30
C GLN O 16 28.14 33.44 -10.80
N TRP O 17 27.02 33.50 -10.07
CA TRP O 17 26.45 32.27 -9.53
C TRP O 17 25.82 31.42 -10.62
N SER O 18 25.13 32.04 -11.58
CA SER O 18 24.47 31.28 -12.63
C SER O 18 25.41 30.91 -13.77
N ASP O 19 26.55 31.57 -13.88
CA ASP O 19 27.56 31.38 -14.93
C ASP O 19 27.07 31.81 -16.30
N ARG O 20 25.84 32.30 -16.43
CA ARG O 20 25.31 32.71 -17.74
C ARG O 20 25.82 34.11 -18.05
N GLN O 21 26.94 34.17 -18.76
CA GLN O 21 27.51 35.44 -19.16
C GLN O 21 26.84 36.04 -20.39
N ASP O 22 25.94 35.31 -21.04
CA ASP O 22 25.26 35.78 -22.24
C ASP O 22 24.04 36.63 -21.94
N LEU O 23 23.68 36.80 -20.67
CA LEU O 23 22.50 37.57 -20.31
C LEU O 23 22.79 39.06 -20.42
N THR O 24 21.93 39.78 -21.14
CA THR O 24 22.06 41.22 -21.26
C THR O 24 21.54 41.92 -20.01
N GLN O 25 21.78 43.22 -19.93
CA GLN O 25 21.32 43.98 -18.78
C GLN O 25 19.80 44.11 -18.78
N GLU O 26 19.16 44.11 -19.95
CA GLU O 26 17.71 44.23 -20.01
C GLU O 26 17.04 43.04 -19.35
N LEU O 27 17.55 41.83 -19.60
CA LEU O 27 16.97 40.64 -18.97
C LEU O 27 17.12 40.68 -17.46
N LEU O 28 18.29 41.13 -16.98
CA LEU O 28 18.48 41.24 -15.53
C LEU O 28 17.53 42.26 -14.93
N MET O 29 17.34 43.39 -15.62
CA MET O 29 16.39 44.38 -15.14
C MET O 29 14.98 43.81 -15.09
N LEU O 30 14.60 43.02 -16.11
CA LEU O 30 13.29 42.39 -16.11
C LEU O 30 13.14 41.41 -14.95
N PHE O 31 14.18 40.63 -14.66
CA PHE O 31 14.12 39.69 -13.55
C PHE O 31 13.97 40.42 -12.23
N ILE O 32 14.72 41.51 -12.05
CA ILE O 32 14.63 42.28 -10.81
C ILE O 32 13.24 42.90 -10.67
N GLY O 33 12.70 43.42 -11.76
CA GLY O 33 11.34 43.94 -11.72
C GLY O 33 10.33 42.88 -11.36
N ASN O 34 10.49 41.68 -11.92
CA ASN O 34 9.56 40.60 -11.61
C ASN O 34 9.60 40.22 -10.14
N THR O 35 10.81 40.10 -9.58
CA THR O 35 10.90 39.71 -8.18
C THR O 35 10.40 40.82 -7.26
N THR O 36 10.62 42.09 -7.62
CA THR O 36 10.06 43.18 -6.83
C THR O 36 8.53 43.18 -6.89
N ASP O 37 7.97 42.92 -8.07
CA ASP O 37 6.52 42.85 -8.18
C ASP O 37 5.95 41.72 -7.35
N ARG O 38 6.63 40.57 -7.35
CA ARG O 38 6.19 39.46 -6.50
C ARG O 38 6.27 39.84 -5.03
N LEU O 39 7.34 40.54 -4.63
CA LEU O 39 7.48 40.95 -3.24
C LEU O 39 6.38 41.92 -2.83
N ASN O 40 5.94 42.77 -3.76
CA ASN O 40 4.93 43.77 -3.43
C ASN O 40 3.62 43.18 -2.95
N ARG O 41 3.35 41.92 -3.27
CA ARG O 41 2.09 41.28 -2.93
C ARG O 41 2.13 40.52 -1.61
N LEU O 42 3.28 40.47 -0.94
CA LEU O 42 3.41 39.58 0.21
C LEU O 42 3.87 40.30 1.47
N LEU O 43 4.75 41.29 1.33
CA LEU O 43 5.41 41.89 2.47
C LEU O 43 4.54 43.00 3.07
N ARG O 44 4.31 42.92 4.38
CA ARG O 44 3.66 43.97 5.16
C ARG O 44 4.50 44.13 6.43
N VAL O 45 5.53 44.97 6.36
CA VAL O 45 6.49 45.12 7.45
C VAL O 45 6.56 46.59 7.84
N ARG O 46 7.37 46.87 8.86
CA ARG O 46 7.47 48.22 9.39
C ARG O 46 8.04 49.18 8.36
N GLU O 47 9.08 48.76 7.64
CA GLU O 47 9.68 49.62 6.64
C GLU O 47 8.72 49.94 5.49
N ASN O 48 7.71 49.11 5.30
CA ASN O 48 6.72 49.34 4.25
C ASN O 48 5.61 50.29 4.68
N GLU O 49 5.52 50.61 5.96
CA GLU O 49 4.45 51.44 6.48
C GLU O 49 4.68 52.91 6.14
N HIS O 50 3.60 53.68 6.19
CA HIS O 50 3.67 55.11 5.91
C HIS O 50 2.41 55.78 6.40
N PHE O 51 2.55 56.87 7.15
CA PHE O 51 1.43 57.66 7.62
C PHE O 51 1.62 59.10 7.20
N GLU O 52 0.53 59.74 6.76
CA GLU O 52 0.63 61.08 6.24
C GLU O 52 -0.73 61.77 6.34
N THR O 53 -0.71 63.09 6.19
CA THR O 53 -1.91 63.91 6.27
C THR O 53 -2.50 64.12 4.88
N LEU O 54 -3.80 63.83 4.76
CA LEU O 54 -4.51 63.93 3.50
C LEU O 54 -5.67 64.91 3.64
N MET O 55 -6.07 65.49 2.51
CA MET O 55 -7.14 66.46 2.45
C MET O 55 -8.42 65.80 1.97
N ALA O 56 -9.55 66.26 2.51
CA ALA O 56 -10.86 65.78 2.08
C ALA O 56 -11.40 66.74 1.04
N PHE O 57 -11.72 66.23 -0.14
CA PHE O 57 -12.22 67.03 -1.24
C PHE O 57 -13.52 66.45 -1.74
N GLY O 58 -14.56 67.28 -1.81
CA GLY O 58 -15.86 66.82 -2.27
C GLY O 58 -16.48 65.78 -1.38
N GLY O 59 -16.26 65.87 -0.07
CA GLY O 59 -16.81 64.89 0.85
C GLY O 59 -16.15 63.54 0.79
N GLY O 60 -14.93 63.47 0.28
CA GLY O 60 -14.24 62.19 0.17
C GLY O 60 -12.74 62.37 0.16
N ILE O 61 -12.04 61.26 0.40
CA ILE O 61 -10.59 61.21 0.40
C ILE O 61 -10.14 60.28 -0.72
N GLU O 62 -9.22 60.76 -1.54
CA GLU O 62 -8.72 59.96 -2.65
C GLU O 62 -7.66 58.97 -2.16
N ILE O 63 -7.78 57.73 -2.60
CA ILE O 63 -6.83 56.69 -2.19
C ILE O 63 -5.48 56.96 -2.84
N PRO O 64 -4.37 56.92 -2.11
CA PRO O 64 -3.06 57.14 -2.72
C PRO O 64 -2.73 56.06 -3.74
N GLU O 65 -1.91 56.44 -4.73
CA GLU O 65 -1.59 55.54 -5.82
C GLU O 65 -0.71 54.37 -5.38
N HIS O 66 0.05 54.52 -4.30
CA HIS O 66 0.90 53.45 -3.80
C HIS O 66 0.21 52.56 -2.78
N PHE O 67 -1.07 52.81 -2.51
CA PHE O 67 -1.79 52.08 -1.48
C PHE O 67 -1.89 50.60 -1.82
N VAL O 68 -1.61 49.75 -0.82
CA VAL O 68 -1.83 48.31 -0.96
C VAL O 68 -2.69 47.79 0.18
N ALA O 69 -2.66 48.46 1.32
CA ALA O 69 -3.40 48.01 2.49
C ALA O 69 -3.57 49.17 3.45
N LEU O 70 -4.74 49.21 4.09
CA LEU O 70 -5.09 50.29 5.01
C LEU O 70 -4.96 49.83 6.45
N ARG O 71 -4.39 50.68 7.29
CA ARG O 71 -4.27 50.41 8.71
C ARG O 71 -5.20 51.27 9.55
N SER O 72 -5.21 52.59 9.36
CA SER O 72 -6.05 53.43 10.18
C SER O 72 -6.28 54.78 9.53
N ILE O 73 -7.45 55.36 9.81
CA ILE O 73 -7.79 56.72 9.42
C ILE O 73 -8.25 57.46 10.67
N THR O 74 -7.67 58.63 10.92
CA THR O 74 -7.99 59.40 12.12
C THR O 74 -8.31 60.84 11.73
N GLY O 75 -9.44 61.35 12.20
CA GLY O 75 -9.78 62.72 11.95
C GLY O 75 -8.91 63.69 12.74
N ASP O 76 -8.82 64.91 12.23
CA ASP O 76 -8.07 65.94 12.92
C ASP O 76 -8.84 66.43 14.15
N SER O 77 -8.10 66.99 15.11
CA SER O 77 -8.73 67.49 16.34
C SER O 77 -9.73 68.59 16.05
N LEU O 78 -9.54 69.33 14.96
CA LEU O 78 -10.48 70.40 14.61
C LEU O 78 -11.84 69.86 14.18
N ILE O 79 -11.91 68.62 13.72
CA ILE O 79 -13.15 68.03 13.24
C ILE O 79 -13.60 66.86 14.11
N GLY O 80 -13.07 66.76 15.33
CA GLY O 80 -13.50 65.72 16.24
C GLY O 80 -12.35 64.90 16.80
N GLY O 81 -11.36 64.62 15.97
CA GLY O 81 -10.22 63.84 16.42
C GLY O 81 -10.56 62.43 16.82
N ARG O 82 -11.41 61.75 16.05
CA ARG O 82 -11.83 60.39 16.35
C ARG O 82 -11.32 59.43 15.29
N THR O 83 -11.04 58.20 15.71
CA THR O 83 -10.66 57.16 14.77
C THR O 83 -11.90 56.66 14.06
N LEU O 84 -11.88 56.69 12.73
CA LEU O 84 -13.06 56.38 11.95
C LEU O 84 -13.36 54.89 11.99
N GLN O 85 -14.62 54.55 11.72
CA GLN O 85 -15.09 53.17 11.69
C GLN O 85 -15.74 52.88 10.34
N TYR O 86 -15.68 51.63 9.93
CA TYR O 86 -16.19 51.21 8.63
C TYR O 86 -17.66 50.83 8.74
N ILE O 87 -18.45 51.31 7.78
CA ILE O 87 -19.86 50.97 7.66
C ILE O 87 -20.15 50.61 6.21
N THR O 88 -21.23 49.86 6.01
CA THR O 88 -21.62 49.43 4.68
C THR O 88 -22.41 50.52 3.98
N GLN O 89 -22.74 50.28 2.71
CA GLN O 89 -23.49 51.26 1.93
C GLN O 89 -24.89 51.46 2.49
N ASP O 90 -25.54 50.37 2.92
CA ASP O 90 -26.90 50.49 3.45
C ASP O 90 -26.94 51.33 4.72
N ILE O 91 -25.97 51.13 5.62
CA ILE O 91 -25.92 51.91 6.84
C ILE O 91 -25.67 53.38 6.51
N PHE O 92 -24.80 53.64 5.53
CA PHE O 92 -24.55 55.01 5.10
C PHE O 92 -25.82 55.66 4.58
N THR O 93 -26.58 54.94 3.75
CA THR O 93 -27.81 55.49 3.21
C THR O 93 -28.83 55.76 4.31
N HIS O 94 -28.94 54.83 5.28
CA HIS O 94 -29.87 55.04 6.39
C HIS O 94 -29.47 56.27 7.20
N TYR O 95 -28.18 56.41 7.49
CA TYR O 95 -27.72 57.57 8.25
C TYR O 95 -28.00 58.86 7.52
N VAL O 96 -27.77 58.88 6.20
CA VAL O 96 -28.03 60.08 5.42
C VAL O 96 -29.52 60.41 5.42
N ASN O 97 -30.36 59.40 5.20
CA ASN O 97 -31.79 59.65 5.07
C ASN O 97 -32.40 60.09 6.40
N TYR O 98 -32.00 59.48 7.50
CA TYR O 98 -32.59 59.78 8.80
C TYR O 98 -31.93 60.96 9.51
N ASN O 99 -30.90 61.55 8.91
CA ASN O 99 -30.23 62.73 9.47
C ASN O 99 -29.70 62.46 10.87
N TYR O 100 -28.74 61.54 10.93
CA TYR O 100 -28.20 61.09 12.21
C TYR O 100 -27.57 62.23 12.98
N GLN O 101 -26.71 63.00 12.33
CA GLN O 101 -26.10 64.19 12.92
C GLN O 101 -25.35 63.90 14.22
N PRO O 102 -24.23 63.17 14.17
CA PRO O 102 -23.41 63.01 15.37
C PRO O 102 -22.53 64.22 15.60
N GLN O 103 -21.63 64.16 16.58
CA GLN O 103 -20.82 65.32 16.93
C GLN O 103 -19.72 65.55 15.89
N GLY O 104 -18.83 64.59 15.72
CA GLY O 104 -17.75 64.73 14.75
C GLY O 104 -17.78 63.67 13.67
N VAL O 105 -16.72 63.59 12.87
CA VAL O 105 -16.63 62.58 11.83
C VAL O 105 -16.28 61.24 12.47
N THR O 106 -17.12 60.23 12.24
CA THR O 106 -16.96 58.96 12.94
C THR O 106 -16.92 57.77 11.99
N TYR O 107 -17.61 57.85 10.86
CA TYR O 107 -17.78 56.71 9.98
C TYR O 107 -17.19 56.99 8.62
N TYR O 108 -16.82 55.91 7.93
CA TYR O 108 -16.31 55.99 6.57
C TYR O 108 -16.66 54.72 5.82
N THR O 109 -16.67 54.82 4.50
CA THR O 109 -16.93 53.69 3.63
C THR O 109 -16.16 53.89 2.33
N ARG O 110 -16.04 52.82 1.55
CA ARG O 110 -15.30 52.87 0.30
C ARG O 110 -16.29 52.87 -0.86
N LEU O 111 -16.18 53.88 -1.73
CA LEU O 111 -16.99 53.96 -2.95
C LEU O 111 -16.03 54.14 -4.12
N GLY O 112 -15.97 53.14 -4.99
CA GLY O 112 -15.06 53.20 -6.12
C GLY O 112 -13.62 53.35 -5.70
N ASN O 113 -13.06 54.53 -5.95
CA ASN O 113 -11.67 54.84 -5.59
C ASN O 113 -11.59 55.93 -4.53
N PHE O 114 -12.63 56.11 -3.72
CA PHE O 114 -12.67 57.16 -2.72
C PHE O 114 -13.18 56.61 -1.40
N TRP O 115 -12.80 57.30 -0.33
CA TRP O 115 -13.32 57.03 1.00
C TRP O 115 -14.29 58.15 1.35
N ARG O 116 -15.56 57.80 1.54
CA ARG O 116 -16.61 58.75 1.87
C ARG O 116 -16.85 58.72 3.38
N VAL O 117 -16.84 59.90 4.00
CA VAL O 117 -17.10 60.04 5.42
C VAL O 117 -18.54 60.51 5.59
N PHE O 118 -19.24 59.98 6.62
CA PHE O 118 -20.67 60.26 6.73
C PHE O 118 -20.96 61.70 7.13
N PRO O 119 -20.45 62.21 8.26
CA PRO O 119 -20.78 63.60 8.60
C PRO O 119 -20.09 64.53 7.63
N VAL O 120 -20.72 64.71 6.47
CA VAL O 120 -20.10 65.39 5.34
C VAL O 120 -19.49 66.70 5.77
N VAL O 121 -18.20 66.86 5.52
CA VAL O 121 -17.43 68.01 5.99
C VAL O 121 -17.14 68.93 4.81
N PRO O 122 -16.92 70.23 5.04
CA PRO O 122 -16.55 71.11 3.93
C PRO O 122 -15.18 70.75 3.39
N ASP O 123 -14.91 71.24 2.18
CA ASP O 123 -13.66 70.93 1.49
C ASP O 123 -12.47 71.42 2.31
N GLY O 124 -11.45 70.58 2.39
CA GLY O 124 -10.24 70.93 3.12
C GLY O 124 -10.11 70.35 4.51
N ALA O 125 -10.88 69.33 4.85
CA ALA O 125 -10.75 68.70 6.16
C ALA O 125 -9.51 67.82 6.19
N PRO O 126 -8.64 68.00 7.19
CA PRO O 126 -7.43 67.17 7.27
C PRO O 126 -7.66 65.87 8.01
N PHE O 127 -7.06 64.79 7.49
CA PHE O 127 -7.09 63.49 8.11
C PHE O 127 -5.68 62.92 8.15
N ILE O 128 -5.46 61.99 9.07
CA ILE O 128 -4.19 61.28 9.18
C ILE O 128 -4.44 59.83 8.78
N VAL O 129 -3.80 59.40 7.71
CA VAL O 129 -3.97 58.06 7.17
C VAL O 129 -2.68 57.30 7.35
N ASN O 130 -2.77 56.14 8.00
CA ASN O 130 -1.65 55.24 8.18
C ASN O 130 -1.94 53.97 7.39
N TYR O 131 -1.03 53.60 6.49
CA TYR O 131 -1.27 52.53 5.54
C TYR O 131 0.06 51.92 5.12
N TRP O 132 0.00 51.05 4.13
CA TRP O 132 1.17 50.39 3.56
C TRP O 132 1.32 50.77 2.10
N THR O 133 2.55 50.86 1.63
CA THR O 133 2.85 51.22 0.25
C THR O 133 3.51 50.04 -0.46
N VAL O 134 3.90 50.27 -1.70
CA VAL O 134 4.64 49.29 -2.47
C VAL O 134 6.13 49.50 -2.21
N LEU O 135 6.92 48.47 -2.48
CA LEU O 135 8.35 48.57 -2.32
C LEU O 135 8.94 49.51 -3.38
N PRO O 136 9.99 50.24 -3.04
CA PRO O 136 10.61 51.12 -4.03
C PRO O 136 11.17 50.32 -5.19
N GLU O 137 11.05 50.89 -6.39
CA GLU O 137 11.52 50.21 -7.59
C GLU O 137 13.04 50.19 -7.63
N LEU O 138 13.60 49.02 -7.93
CA LEU O 138 15.04 48.84 -8.03
C LEU O 138 15.44 48.87 -9.50
N SER O 139 16.29 49.81 -9.86
CA SER O 139 16.73 49.98 -11.25
C SER O 139 18.02 50.79 -11.27
N LEU O 140 18.47 51.16 -12.46
CA LEU O 140 19.68 51.96 -12.57
C LEU O 140 19.48 53.34 -11.96
N ALA O 141 18.30 53.94 -12.16
CA ALA O 141 18.03 55.24 -11.57
C ALA O 141 17.88 55.18 -10.05
N ASN O 142 17.58 54.00 -9.50
CA ASN O 142 17.43 53.82 -8.06
C ASN O 142 18.32 52.66 -7.64
N PRO O 143 19.63 52.90 -7.53
CA PRO O 143 20.55 51.80 -7.24
C PRO O 143 20.33 51.11 -5.91
N THR O 144 19.87 51.82 -4.88
CA THR O 144 19.77 51.26 -3.55
C THR O 144 18.36 51.40 -3.00
N THR O 145 17.91 50.36 -2.30
CA THR O 145 16.64 50.38 -1.59
C THR O 145 16.85 49.74 -0.22
N TRP O 146 15.89 49.98 0.68
CA TRP O 146 15.99 49.41 2.02
C TRP O 146 15.88 47.88 1.98
N ALA O 147 15.09 47.34 1.06
CA ALA O 147 14.93 45.89 0.98
C ALA O 147 16.24 45.21 0.63
N LEU O 148 16.98 45.78 -0.32
CA LEU O 148 18.26 45.19 -0.72
C LEU O 148 19.26 45.25 0.43
N THR O 149 19.31 46.36 1.16
CA THR O 149 20.27 46.51 2.24
C THR O 149 19.88 45.73 3.50
N LYS O 150 18.61 45.33 3.62
CA LYS O 150 18.16 44.62 4.81
C LYS O 150 18.33 43.11 4.67
N TYR O 151 18.12 42.56 3.48
CA TYR O 151 18.15 41.12 3.30
C TYR O 151 18.44 40.78 1.84
N PRO O 152 19.71 40.84 1.41
CA PRO O 152 20.02 40.64 -0.01
C PRO O 152 19.72 39.24 -0.52
N GLN O 153 19.62 38.25 0.38
CA GLN O 153 19.34 36.89 -0.07
C GLN O 153 18.03 36.81 -0.82
N ILE O 154 17.04 37.61 -0.43
CA ILE O 154 15.74 37.58 -1.12
C ILE O 154 15.92 37.91 -2.59
N TYR O 155 16.60 39.03 -2.88
CA TYR O 155 16.78 39.45 -4.26
C TYR O 155 17.67 38.47 -5.01
N LEU O 156 18.74 37.99 -4.37
CA LEU O 156 19.62 37.03 -5.05
C LEU O 156 18.87 35.77 -5.45
N TYR O 157 18.10 35.21 -4.52
CA TYR O 157 17.37 33.99 -4.81
C TYR O 157 16.27 34.22 -5.84
N GLY O 158 15.58 35.35 -5.77
CA GLY O 158 14.56 35.65 -6.76
C GLY O 158 15.14 35.78 -8.16
N VAL O 159 16.28 36.46 -8.28
CA VAL O 159 16.92 36.60 -9.58
C VAL O 159 17.39 35.25 -10.10
N LEU O 160 17.94 34.42 -9.22
CA LEU O 160 18.37 33.09 -9.66
C LEU O 160 17.19 32.26 -10.15
N GLU O 161 16.07 32.32 -9.43
CA GLU O 161 14.88 31.59 -9.85
C GLU O 161 14.37 32.10 -11.20
N GLN O 162 14.37 33.41 -11.39
CA GLN O 162 13.95 33.96 -12.68
C GLN O 162 14.89 33.51 -13.79
N ILE O 163 16.19 33.48 -13.52
CA ILE O 163 17.15 33.05 -14.53
C ILE O 163 16.90 31.61 -14.93
N TYR O 164 16.70 30.74 -13.94
CA TYR O 164 16.48 29.34 -14.26
C TYR O 164 15.12 29.10 -14.90
N LEU O 165 14.14 29.98 -14.66
CA LEU O 165 12.91 29.92 -15.43
C LEU O 165 13.17 30.31 -16.87
N TYR O 166 14.01 31.32 -17.10
CA TYR O 166 14.29 31.77 -18.46
C TYR O 166 15.04 30.72 -19.26
N THR O 167 16.00 30.03 -18.64
CA THR O 167 16.77 28.99 -19.31
C THR O 167 16.02 27.68 -19.40
N MET O 168 14.76 27.65 -18.99
CA MET O 168 13.88 26.50 -19.18
C MET O 168 14.42 25.25 -18.49
N ASP O 169 14.89 25.44 -17.25
CA ASP O 169 15.25 24.35 -16.36
C ASP O 169 14.23 24.26 -15.24
N GLU O 170 13.80 23.03 -14.93
CA GLU O 170 12.66 22.83 -14.04
C GLU O 170 13.07 22.55 -12.59
N ALA O 171 14.06 21.68 -12.37
CA ALA O 171 14.40 21.31 -11.00
C ALA O 171 15.01 22.49 -10.25
N ARG O 172 15.99 23.15 -10.86
CA ARG O 172 16.66 24.26 -10.19
C ARG O 172 15.71 25.43 -9.99
N SER O 173 14.80 25.65 -10.93
CA SER O 173 13.82 26.73 -10.78
C SER O 173 12.95 26.49 -9.55
N GLN O 174 12.47 25.26 -9.38
CA GLN O 174 11.65 24.94 -8.22
C GLN O 174 12.46 25.06 -6.93
N PHE O 175 13.70 24.59 -6.95
CA PHE O 175 14.55 24.70 -5.77
C PHE O 175 14.72 26.15 -5.34
N TRP O 176 15.07 27.03 -6.28
CA TRP O 176 15.30 28.42 -5.94
C TRP O 176 14.01 29.13 -5.59
N GLY O 177 12.89 28.74 -6.19
CA GLY O 177 11.61 29.31 -5.78
C GLY O 177 11.27 28.96 -4.35
N GLN O 178 11.53 27.71 -3.94
CA GLN O 178 11.33 27.33 -2.55
C GLN O 178 12.23 28.12 -1.63
N LYS O 179 13.49 28.32 -2.02
CA LYS O 179 14.39 29.12 -1.20
C LYS O 179 13.88 30.54 -1.02
N LEU O 180 13.41 31.16 -2.11
CA LEU O 180 12.90 32.52 -2.03
C LEU O 180 11.66 32.59 -1.14
N GLU O 181 10.76 31.62 -1.29
CA GLU O 181 9.56 31.60 -0.46
C GLU O 181 9.92 31.46 1.01
N ARG O 182 10.89 30.59 1.32
CA ARG O 182 11.33 30.44 2.71
C ARG O 182 11.92 31.73 3.25
N ALA O 183 12.72 32.43 2.45
CA ALA O 183 13.28 33.70 2.91
C ALA O 183 12.20 34.72 3.19
N VAL O 184 11.21 34.82 2.30
CA VAL O 184 10.12 35.77 2.49
C VAL O 184 9.34 35.43 3.76
N MET O 185 9.06 34.15 3.96
CA MET O 185 8.33 33.73 5.16
C MET O 185 9.13 34.06 6.42
N GLU O 186 10.44 33.86 6.38
CA GLU O 186 11.28 34.18 7.53
C GLU O 186 11.22 35.66 7.86
N LEU O 187 11.32 36.50 6.82
CA LEU O 187 11.26 37.95 7.06
C LEU O 187 9.91 38.35 7.64
N GLN O 188 8.83 37.82 7.09
CA GLN O 188 7.51 38.16 7.60
C GLN O 188 7.32 37.69 9.04
N ASN O 189 7.81 36.49 9.35
CA ASN O 189 7.70 35.98 10.71
C ASN O 189 8.50 36.83 11.68
N GLU O 190 9.69 37.26 11.29
CA GLU O 190 10.46 38.15 12.15
C GLU O 190 9.72 39.44 12.40
N GLU O 191 9.09 40.00 11.36
CA GLU O 191 8.32 41.22 11.55
C GLU O 191 7.14 41.00 12.49
N ASN O 192 6.44 39.87 12.34
CA ASN O 192 5.25 39.63 13.16
C ASN O 192 5.58 39.52 14.64
N ALA O 193 6.68 38.84 14.97
CA ALA O 193 7.07 38.63 16.36
C ALA O 193 7.96 39.75 16.89
N ALA O 194 7.94 40.92 16.26
CA ALA O 194 8.77 42.03 16.73
C ALA O 194 8.37 42.46 18.14
N ASP O 195 7.07 42.56 18.39
CA ASP O 195 6.54 42.91 19.69
C ASP O 195 5.51 41.86 20.09
N PHE O 196 5.76 41.19 21.22
CA PHE O 196 4.89 40.09 21.63
C PHE O 196 3.56 40.60 22.16
N ALA O 197 3.56 41.76 22.83
CA ALA O 197 2.32 42.28 23.40
C ALA O 197 1.31 42.62 22.32
N SER O 198 1.77 43.21 21.22
CA SER O 198 0.86 43.60 20.14
C SER O 198 0.31 42.40 19.37
N THR O 199 0.88 41.21 19.54
CA THR O 199 0.40 40.06 18.81
C THR O 199 -1.03 39.69 19.20
N ARG O 200 -1.33 39.76 20.50
CA ARG O 200 -2.68 39.41 20.96
C ARG O 200 -3.72 40.35 20.39
N LEU O 201 -3.41 41.64 20.35
CA LEU O 201 -4.35 42.65 19.88
C LEU O 201 -4.47 42.60 18.36
N ALA O 202 -5.36 43.42 17.82
CA ALA O 202 -5.64 43.50 16.38
C ALA O 202 -6.07 42.15 15.83
N ILE O 203 -6.71 41.32 16.66
CA ILE O 203 -7.18 40.01 16.24
C ILE O 203 -8.67 39.91 16.51
N LYS O 204 -9.07 40.11 17.76
CA LYS O 204 -10.48 40.03 18.17
C LYS O 204 -11.02 41.45 18.27
N ASP O 205 -11.75 41.88 17.24
CA ASP O 205 -12.33 43.22 17.19
C ASP O 205 -13.76 43.11 16.68
N ILE O 206 -14.71 43.58 17.49
CA ILE O 206 -16.12 43.65 17.13
C ILE O 206 -16.66 42.26 16.82
N GLU O 207 -17.30 41.62 17.82
CA GLU O 207 -17.86 40.30 17.65
C GLU O 207 -19.39 40.33 17.69
N ARG O 208 -19.98 40.86 18.76
CA ARG O 208 -21.43 40.93 18.92
C ARG O 208 -22.12 39.59 18.74
N ALA P 2 39.74 28.54 21.04
CA ALA P 2 38.46 27.86 20.94
C ALA P 2 38.17 27.45 19.50
N THR P 3 38.80 26.35 19.07
CA THR P 3 38.66 25.84 17.71
C THR P 3 38.99 26.93 16.69
N ILE P 4 37.97 27.53 16.09
CA ILE P 4 38.15 28.64 15.17
C ILE P 4 38.09 29.93 15.97
N ASN P 5 39.09 30.79 15.77
CA ASN P 5 39.21 32.02 16.55
C ASN P 5 38.83 33.26 15.75
N ASN P 6 39.37 33.43 14.55
CA ASN P 6 39.11 34.61 13.74
C ASN P 6 38.55 34.21 12.39
N VAL P 7 38.28 35.20 11.55
CA VAL P 7 37.65 34.96 10.27
C VAL P 7 38.59 34.22 9.33
N THR P 8 39.89 34.51 9.39
CA THR P 8 40.84 33.85 8.50
C THR P 8 40.90 32.35 8.77
N ASP P 9 40.87 31.95 10.04
CA ASP P 9 40.86 30.54 10.37
C ASP P 9 39.59 29.87 9.84
N LEU P 10 38.45 30.56 9.94
CA LEU P 10 37.21 30.01 9.41
C LEU P 10 37.30 29.83 7.90
N ALA P 11 37.86 30.81 7.20
CA ALA P 11 38.01 30.69 5.75
C ALA P 11 38.92 29.53 5.37
N ILE P 12 40.03 29.38 6.10
CA ILE P 12 40.95 28.28 5.82
C ILE P 12 40.28 26.95 6.06
N ALA P 13 39.53 26.83 7.16
CA ALA P 13 38.84 25.58 7.45
C ALA P 13 37.79 25.26 6.40
N ALA P 14 37.05 26.28 5.94
CA ALA P 14 36.06 26.07 4.91
C ALA P 14 36.71 25.61 3.61
N ILE P 15 37.83 26.23 3.24
CA ILE P 15 38.55 25.82 2.04
C ILE P 15 39.01 24.37 2.16
N GLN P 16 39.56 24.01 3.31
CA GLN P 16 40.04 22.64 3.50
C GLN P 16 38.89 21.64 3.42
N TRP P 17 37.78 21.94 4.08
CA TRP P 17 36.67 20.98 4.12
C TRP P 17 36.00 20.83 2.76
N SER P 18 35.77 21.95 2.06
CA SER P 18 35.11 21.90 0.77
C SER P 18 36.01 21.32 -0.32
N ASP P 19 37.33 21.31 -0.09
CA ASP P 19 38.30 20.78 -1.04
C ASP P 19 38.26 21.53 -2.37
N ARG P 20 37.84 22.79 -2.35
CA ARG P 20 37.82 23.62 -3.55
C ARG P 20 38.88 24.71 -3.44
N GLN P 21 39.48 25.04 -4.57
CA GLN P 21 40.52 26.06 -4.63
C GLN P 21 40.18 27.22 -5.55
N ASP P 22 38.94 27.28 -6.05
CA ASP P 22 38.51 28.33 -6.95
C ASP P 22 37.73 29.43 -6.24
N LEU P 23 37.72 29.43 -4.91
CA LEU P 23 36.97 30.40 -4.13
C LEU P 23 37.90 31.53 -3.70
N THR P 24 37.56 32.76 -4.09
CA THR P 24 38.36 33.92 -3.75
C THR P 24 37.93 34.47 -2.40
N GLN P 25 38.56 35.59 -2.01
CA GLN P 25 38.20 36.22 -0.74
C GLN P 25 36.81 36.83 -0.79
N GLU P 26 36.44 37.42 -1.93
CA GLU P 26 35.14 38.07 -2.04
C GLU P 26 34.00 37.07 -1.88
N LEU P 27 34.14 35.89 -2.49
CA LEU P 27 33.10 34.87 -2.36
C LEU P 27 32.95 34.40 -0.93
N LEU P 28 34.08 34.21 -0.23
CA LEU P 28 34.01 33.79 1.17
C LEU P 28 33.35 34.86 2.03
N MET P 29 33.68 36.14 1.78
CA MET P 29 33.04 37.22 2.52
C MET P 29 31.54 37.24 2.25
N LEU P 30 31.14 37.03 1.00
CA LEU P 30 29.72 36.99 0.66
C LEU P 30 29.01 35.83 1.38
N PHE P 31 29.65 34.66 1.41
CA PHE P 31 29.05 33.52 2.09
C PHE P 31 28.89 33.79 3.58
N ILE P 32 29.92 34.37 4.22
CA ILE P 32 29.84 34.68 5.64
C ILE P 32 28.75 35.70 5.90
N GLY P 33 28.64 36.71 5.04
CA GLY P 33 27.57 37.70 5.20
C GLY P 33 26.20 37.08 5.07
N ASN P 34 26.03 36.16 4.11
CA ASN P 34 24.75 35.49 3.94
C ASN P 34 24.40 34.68 5.19
N THR P 35 25.38 33.96 5.73
CA THR P 35 25.12 33.19 6.95
C THR P 35 24.73 34.09 8.11
N THR P 36 25.43 35.22 8.27
CA THR P 36 25.10 36.14 9.35
C THR P 36 23.70 36.71 9.17
N ASP P 37 23.34 37.09 7.94
CA ASP P 37 22.01 37.62 7.69
C ASP P 37 20.93 36.59 8.00
N ARG P 38 21.16 35.33 7.62
CA ARG P 38 20.20 34.29 7.96
C ARG P 38 20.09 34.10 9.47
N LEU P 39 21.23 34.15 10.17
CA LEU P 39 21.19 33.99 11.62
C LEU P 39 20.47 35.14 12.29
N ASN P 40 20.52 36.34 11.70
CA ASN P 40 19.90 37.50 12.32
C ASN P 40 18.40 37.36 12.48
N ARG P 41 17.76 36.49 11.72
CA ARG P 41 16.31 36.31 11.77
C ARG P 41 15.88 35.12 12.62
N LEU P 42 16.81 34.49 13.34
CA LEU P 42 16.50 33.27 14.07
C LEU P 42 16.94 33.26 15.52
N LEU P 43 17.95 34.03 15.91
CA LEU P 43 18.56 33.91 17.23
C LEU P 43 18.07 35.03 18.13
N ARG P 44 17.56 34.67 19.31
CA ARG P 44 17.21 35.60 20.37
C ARG P 44 17.79 35.02 21.66
N VAL P 45 19.05 35.36 21.95
CA VAL P 45 19.75 34.76 23.07
C VAL P 45 20.24 35.85 24.02
N ARG P 46 20.92 35.43 25.09
CA ARG P 46 21.37 36.39 26.10
C ARG P 46 22.40 37.36 25.53
N GLU P 47 23.35 36.86 24.74
CA GLU P 47 24.37 37.74 24.17
C GLU P 47 23.78 38.71 23.15
N ASN P 48 22.61 38.41 22.59
CA ASN P 48 21.96 39.28 21.64
C ASN P 48 21.23 40.44 22.29
N GLU P 49 21.03 40.40 23.60
CA GLU P 49 20.24 41.40 24.30
C GLU P 49 21.02 42.70 24.46
N HIS P 50 20.28 43.77 24.71
CA HIS P 50 20.88 45.08 24.92
C HIS P 50 19.85 45.98 25.59
N PHE P 51 20.24 46.61 26.69
CA PHE P 51 19.38 47.58 27.37
C PHE P 51 20.11 48.90 27.49
N GLU P 52 19.40 49.99 27.22
CA GLU P 52 20.03 51.30 27.19
C GLU P 52 19.00 52.38 27.45
N THR P 53 19.51 53.58 27.75
CA THR P 53 18.67 54.73 28.04
C THR P 53 18.46 55.55 26.76
N LEU P 54 17.20 55.73 26.39
CA LEU P 54 16.81 56.49 25.21
C LEU P 54 16.03 57.72 25.63
N MET P 55 16.29 58.83 24.95
CA MET P 55 15.55 60.06 25.21
C MET P 55 14.23 60.07 24.45
N ALA P 56 13.35 60.98 24.83
CA ALA P 56 12.05 61.15 24.20
C ALA P 56 11.98 62.53 23.55
N PHE P 57 11.59 62.56 22.28
CA PHE P 57 11.50 63.80 21.54
C PHE P 57 10.18 63.83 20.79
N GLY P 58 9.47 64.95 20.88
CA GLY P 58 8.19 65.09 20.20
C GLY P 58 7.15 64.10 20.68
N GLY P 59 7.17 63.76 21.96
CA GLY P 59 6.21 62.80 22.48
C GLY P 59 6.41 61.38 21.99
N GLY P 60 7.62 61.04 21.56
CA GLY P 60 7.86 59.70 21.04
C GLY P 60 9.31 59.31 21.20
N ILE P 61 9.54 58.00 21.07
CA ILE P 61 10.87 57.41 21.14
C ILE P 61 11.16 56.77 19.79
N GLU P 62 12.33 57.10 19.22
CA GLU P 62 12.72 56.56 17.93
C GLU P 62 13.27 55.14 18.09
N ILE P 63 12.79 54.23 17.26
CA ILE P 63 13.25 52.84 17.32
C ILE P 63 14.71 52.77 16.85
N PRO P 64 15.59 52.09 17.59
CA PRO P 64 16.99 52.01 17.16
C PRO P 64 17.13 51.28 15.82
N GLU P 65 18.18 51.66 15.09
CA GLU P 65 18.40 51.07 13.77
C GLU P 65 18.80 49.60 13.86
N HIS P 66 19.41 49.19 14.97
CA HIS P 66 19.79 47.79 15.17
C HIS P 66 18.67 46.96 15.79
N PHE P 67 17.52 47.57 16.04
CA PHE P 67 16.42 46.89 16.72
C PHE P 67 15.92 45.72 15.88
N VAL P 68 15.70 44.58 16.55
CA VAL P 68 15.09 43.43 15.90
C VAL P 68 13.91 42.87 16.68
N ALA P 69 13.81 43.09 17.99
CA ALA P 69 12.71 42.58 18.79
C ALA P 69 12.72 43.30 20.13
N LEU P 70 11.54 43.67 20.62
CA LEU P 70 11.40 44.45 21.84
C LEU P 70 11.07 43.54 23.01
N ARG P 71 11.76 43.76 24.13
CA ARG P 71 11.50 43.04 25.36
C ARG P 71 10.73 43.87 26.37
N SER P 72 11.21 45.07 26.70
CA SER P 72 10.52 45.88 27.69
C SER P 72 10.91 47.34 27.56
N ILE P 73 10.00 48.21 27.99
CA ILE P 73 10.23 49.65 28.10
C ILE P 73 9.82 50.08 29.50
N THR P 74 10.67 50.85 30.16
CA THR P 74 10.41 51.31 31.52
C THR P 74 10.67 52.80 31.61
N GLY P 75 9.80 53.52 32.30
CA GLY P 75 10.03 54.93 32.52
C GLY P 75 11.05 55.18 33.60
N ASP P 76 11.61 56.38 33.59
CA ASP P 76 12.55 56.78 34.63
C ASP P 76 11.78 57.03 35.92
N SER P 77 12.46 56.85 37.05
CA SER P 77 11.82 57.07 38.34
C SER P 77 11.34 58.51 38.50
N LEU P 78 12.06 59.46 37.90
CA LEU P 78 11.63 60.86 37.95
C LEU P 78 10.31 61.06 37.23
N ILE P 79 10.13 60.40 36.07
CA ILE P 79 8.92 60.57 35.29
C ILE P 79 7.82 59.59 35.71
N GLY P 80 8.08 58.73 36.68
CA GLY P 80 7.07 57.82 37.17
C GLY P 80 7.57 56.43 37.48
N GLY P 81 8.59 55.99 36.74
CA GLY P 81 9.18 54.69 37.00
C GLY P 81 8.21 53.53 36.83
N ARG P 82 7.40 53.56 35.77
CA ARG P 82 6.41 52.53 35.51
C ARG P 82 6.80 51.73 34.27
N THR P 83 6.54 50.43 34.31
CA THR P 83 6.74 49.60 33.13
C THR P 83 5.57 49.80 32.19
N LEU P 84 5.86 50.24 30.97
CA LEU P 84 4.81 50.65 30.04
C LEU P 84 4.00 49.45 29.56
N GLN P 85 2.76 49.73 29.16
CA GLN P 85 1.86 48.71 28.63
C GLN P 85 1.40 49.11 27.24
N TYR P 86 1.20 48.12 26.38
CA TYR P 86 0.82 48.37 25.00
C TYR P 86 -0.69 48.56 24.88
N ILE P 87 -1.08 49.56 24.10
CA ILE P 87 -2.48 49.81 23.80
C ILE P 87 -2.61 50.04 22.29
N THR P 88 -3.81 49.80 21.78
CA THR P 88 -4.07 49.97 20.36
C THR P 88 -4.28 51.45 20.04
N GLN P 89 -4.51 51.74 18.76
CA GLN P 89 -4.70 53.13 18.34
C GLN P 89 -6.04 53.68 18.83
N ASP P 90 -7.09 52.85 18.81
CA ASP P 90 -8.40 53.32 19.24
C ASP P 90 -8.39 53.71 20.72
N ILE P 91 -7.76 52.88 21.56
CA ILE P 91 -7.67 53.20 22.98
C ILE P 91 -6.87 54.47 23.18
N PHE P 92 -5.81 54.66 22.39
CA PHE P 92 -5.02 55.88 22.49
C PHE P 92 -5.86 57.10 22.15
N THR P 93 -6.66 57.01 21.08
CA THR P 93 -7.50 58.13 20.70
C THR P 93 -8.55 58.42 21.77
N HIS P 94 -9.16 57.38 22.34
CA HIS P 94 -10.15 57.59 23.39
C HIS P 94 -9.52 58.25 24.61
N TYR P 95 -8.33 57.79 25.01
CA TYR P 95 -7.66 58.38 26.15
C TYR P 95 -7.31 59.84 25.90
N VAL P 96 -6.85 60.15 24.70
CA VAL P 96 -6.51 61.54 24.37
C VAL P 96 -7.77 62.41 24.41
N ASN P 97 -8.87 61.92 23.83
CA ASN P 97 -10.07 62.72 23.75
C ASN P 97 -10.71 62.95 25.11
N TYR P 98 -10.67 61.94 25.98
CA TYR P 98 -11.34 62.04 27.27
C TYR P 98 -10.47 62.56 28.39
N ASN P 99 -9.19 62.86 28.13
CA ASN P 99 -8.27 63.40 29.12
C ASN P 99 -8.16 62.48 30.34
N TYR P 100 -7.61 61.29 30.10
CA TYR P 100 -7.51 60.29 31.14
C TYR P 100 -6.68 60.79 32.31
N GLN P 101 -5.52 61.39 32.02
CA GLN P 101 -4.66 62.01 33.02
C GLN P 101 -4.29 61.07 34.15
N PRO P 102 -3.48 60.03 33.91
CA PRO P 102 -2.94 59.25 35.02
C PRO P 102 -1.79 59.98 35.70
N GLN P 103 -1.13 59.32 36.66
CA GLN P 103 -0.05 59.98 37.39
C GLN P 103 1.20 60.10 36.53
N GLY P 104 1.75 58.97 36.09
CA GLY P 104 2.94 58.95 35.26
C GLY P 104 2.67 58.40 33.88
N VAL P 105 3.76 58.10 33.18
CA VAL P 105 3.68 57.50 31.85
C VAL P 105 3.43 56.01 32.02
N THR P 106 2.33 55.51 31.46
CA THR P 106 1.96 54.12 31.68
C THR P 106 1.72 53.35 30.38
N TYR P 107 1.30 54.04 29.32
CA TYR P 107 0.91 53.39 28.09
C TYR P 107 1.81 53.80 26.94
N TYR P 108 1.84 52.96 25.90
CA TYR P 108 2.59 53.27 24.69
C TYR P 108 1.97 52.51 23.53
N THR P 109 2.22 53.00 22.33
CA THR P 109 1.77 52.38 21.10
C THR P 109 2.81 52.63 20.02
N ARG P 110 2.66 51.94 18.89
CA ARG P 110 3.61 52.04 17.79
C ARG P 110 2.98 52.76 16.61
N LEU P 111 3.65 53.80 16.14
CA LEU P 111 3.21 54.56 14.96
C LEU P 111 4.42 54.74 14.06
N GLY P 112 4.35 54.14 12.87
CA GLY P 112 5.47 54.24 11.94
C GLY P 112 6.72 53.65 12.57
N ASN P 113 7.76 54.47 12.68
CA ASN P 113 9.02 54.07 13.29
C ASN P 113 9.19 54.62 14.70
N PHE P 114 8.09 54.95 15.38
CA PHE P 114 8.17 55.59 16.67
C PHE P 114 7.26 54.89 17.68
N TRP P 115 7.65 55.00 18.95
CA TRP P 115 6.82 54.58 20.07
C TRP P 115 6.25 55.82 20.73
N ARG P 116 4.94 55.98 20.69
CA ARG P 116 4.27 57.13 21.27
C ARG P 116 3.68 56.75 22.62
N VAL P 117 4.02 57.53 23.64
CA VAL P 117 3.53 57.31 24.99
C VAL P 117 2.33 58.22 25.21
N PHE P 118 1.30 57.70 25.92
CA PHE P 118 0.04 58.44 26.02
C PHE P 118 0.18 59.71 26.87
N PRO P 119 0.57 59.64 28.14
CA PRO P 119 0.63 60.88 28.92
C PRO P 119 1.77 61.74 28.41
N VAL P 120 1.51 62.46 27.33
CA VAL P 120 2.52 63.16 26.54
C VAL P 120 3.47 63.93 27.44
N VAL P 121 4.76 63.66 27.30
CA VAL P 121 5.79 64.19 28.19
C VAL P 121 6.63 65.19 27.40
N PRO P 122 7.11 66.26 28.02
CA PRO P 122 8.00 67.18 27.31
C PRO P 122 9.31 66.52 26.92
N ASP P 123 9.93 67.09 25.90
CA ASP P 123 11.17 66.54 25.35
C ASP P 123 12.25 66.43 26.42
N GLY P 124 12.95 65.30 26.43
CA GLY P 124 14.03 65.10 27.36
C GLY P 124 13.67 64.17 28.51
N ALA P 125 12.71 63.28 28.27
CA ALA P 125 12.29 62.32 29.29
C ALA P 125 13.01 61.00 29.05
N PRO P 126 13.86 60.56 29.96
CA PRO P 126 14.62 59.32 29.72
C PRO P 126 13.78 58.07 29.96
N PHE P 127 14.05 57.06 29.14
CA PHE P 127 13.43 55.75 29.27
C PHE P 127 14.51 54.68 29.19
N ILE P 128 14.24 53.53 29.79
CA ILE P 128 15.14 52.38 29.72
C ILE P 128 14.48 51.35 28.83
N VAL P 129 15.14 51.04 27.71
CA VAL P 129 14.61 50.11 26.73
C VAL P 129 15.51 48.88 26.70
N ASN P 130 14.90 47.71 26.85
CA ASN P 130 15.60 46.43 26.77
C ASN P 130 15.06 45.69 25.56
N TYR P 131 15.94 45.30 24.64
CA TYR P 131 15.53 44.74 23.36
C TYR P 131 16.64 43.83 22.84
N TRP P 132 16.45 43.32 21.63
CA TRP P 132 17.41 42.46 20.96
C TRP P 132 17.93 43.17 19.72
N THR P 133 19.22 42.99 19.44
CA THR P 133 19.88 43.60 18.29
C THR P 133 20.23 42.53 17.27
N VAL P 134 20.89 42.95 16.21
CA VAL P 134 21.37 42.05 15.17
C VAL P 134 22.78 41.60 15.53
N LEU P 135 23.20 40.47 14.95
CA LEU P 135 24.52 39.94 15.23
C LEU P 135 25.59 40.87 14.66
N PRO P 136 26.74 40.96 15.31
CA PRO P 136 27.82 41.82 14.80
C PRO P 136 28.34 41.31 13.46
N GLU P 137 28.78 42.24 12.63
CA GLU P 137 29.28 41.89 11.31
C GLU P 137 30.64 41.21 11.42
N LEU P 138 30.80 40.10 10.69
CA LEU P 138 32.05 39.35 10.64
C LEU P 138 32.71 39.64 9.29
N SER P 139 33.86 40.30 9.33
CA SER P 139 34.56 40.68 8.10
C SER P 139 36.02 40.88 8.43
N LEU P 140 36.78 41.39 7.45
CA LEU P 140 38.20 41.64 7.67
C LEU P 140 38.42 42.70 8.73
N ALA P 141 37.61 43.76 8.71
CA ALA P 141 37.74 44.83 9.70
C ALA P 141 37.27 44.39 11.08
N ASN P 142 36.39 43.40 11.17
CA ASN P 142 35.87 42.89 12.43
C ASN P 142 36.08 41.38 12.44
N PRO P 143 37.30 40.94 12.75
CA PRO P 143 37.64 39.52 12.58
C PRO P 143 37.15 38.60 13.69
N THR P 144 36.53 39.13 14.75
CA THR P 144 36.10 38.27 15.84
C THR P 144 34.76 38.75 16.37
N THR P 145 33.86 37.79 16.64
CA THR P 145 32.58 38.06 17.26
C THR P 145 32.30 37.00 18.31
N TRP P 146 31.32 37.29 19.18
CA TRP P 146 30.95 36.32 20.20
C TRP P 146 30.31 35.08 19.59
N ALA P 147 29.59 35.24 18.48
CA ALA P 147 28.95 34.10 17.84
C ALA P 147 29.98 33.08 17.36
N LEU P 148 31.08 33.56 16.78
CA LEU P 148 32.11 32.64 16.31
C LEU P 148 32.76 31.89 17.47
N THR P 149 33.05 32.58 18.57
CA THR P 149 33.70 31.96 19.70
C THR P 149 32.75 31.11 20.55
N LYS P 150 31.44 31.25 20.35
CA LYS P 150 30.47 30.49 21.12
C LYS P 150 30.18 29.12 20.51
N TYR P 151 30.11 29.05 19.18
CA TYR P 151 29.72 27.81 18.50
C TYR P 151 30.18 27.85 17.05
N PRO P 152 31.45 27.57 16.78
CA PRO P 152 31.97 27.72 15.40
C PRO P 152 31.33 26.79 14.39
N GLN P 153 30.74 25.67 14.84
CA GLN P 153 30.12 24.75 13.90
C GLN P 153 29.03 25.43 13.08
N ILE P 154 28.32 26.39 13.67
CA ILE P 154 27.26 27.07 12.95
C ILE P 154 27.82 27.77 11.73
N TYR P 155 28.87 28.57 11.92
CA TYR P 155 29.46 29.30 10.81
C TYR P 155 30.10 28.35 9.81
N LEU P 156 30.77 27.30 10.30
CA LEU P 156 31.39 26.35 9.38
C LEU P 156 30.35 25.69 8.47
N TYR P 157 29.26 25.21 9.06
CA TYR P 157 28.23 24.54 8.28
C TYR P 157 27.53 25.51 7.33
N GLY P 158 27.28 26.74 7.80
CA GLY P 158 26.66 27.72 6.91
C GLY P 158 27.53 28.05 5.72
N VAL P 159 28.83 28.24 5.94
CA VAL P 159 29.72 28.54 4.84
C VAL P 159 29.82 27.36 3.89
N LEU P 160 29.86 26.14 4.42
CA LEU P 160 29.89 24.96 3.54
C LEU P 160 28.63 24.87 2.69
N GLU P 161 27.47 25.12 3.29
CA GLU P 161 26.23 25.10 2.53
C GLU P 161 26.22 26.16 1.43
N GLN P 162 26.69 27.36 1.76
CA GLN P 162 26.77 28.42 0.75
C GLN P 162 27.72 28.02 -0.37
N ILE P 163 28.86 27.41 -0.02
CA ILE P 163 29.83 27.01 -1.04
C ILE P 163 29.21 26.00 -1.99
N TYR P 164 28.53 24.99 -1.44
CA TYR P 164 27.93 23.98 -2.30
C TYR P 164 26.76 24.55 -3.11
N LEU P 165 26.08 25.57 -2.58
CA LEU P 165 25.09 26.27 -3.39
C LEU P 165 25.74 26.97 -4.57
N TYR P 166 26.93 27.55 -4.35
CA TYR P 166 27.59 28.31 -5.40
C TYR P 166 28.03 27.42 -6.56
N THR P 167 28.43 26.18 -6.27
CA THR P 167 28.95 25.29 -7.30
C THR P 167 27.88 24.42 -7.95
N MET P 168 26.63 24.89 -7.95
CA MET P 168 25.53 24.22 -8.66
C MET P 168 25.33 22.78 -8.20
N ASP P 169 25.56 22.51 -6.92
CA ASP P 169 25.29 21.21 -6.32
C ASP P 169 24.24 21.40 -5.24
N GLU P 170 23.18 20.59 -5.29
CA GLU P 170 22.03 20.78 -4.41
C GLU P 170 21.94 19.77 -3.29
N ALA P 171 22.28 18.50 -3.53
CA ALA P 171 22.14 17.49 -2.49
C ALA P 171 23.04 17.79 -1.29
N ARG P 172 24.32 18.08 -1.56
CA ARG P 172 25.22 18.43 -0.47
C ARG P 172 24.81 19.72 0.20
N SER P 173 24.25 20.65 -0.56
CA SER P 173 23.74 21.88 0.05
C SER P 173 22.63 21.58 1.04
N GLN P 174 21.71 20.68 0.69
CA GLN P 174 20.65 20.31 1.62
C GLN P 174 21.22 19.58 2.84
N PHE P 175 22.21 18.72 2.63
CA PHE P 175 22.87 18.03 3.74
C PHE P 175 23.43 19.03 4.74
N TRP P 176 24.22 19.97 4.26
CA TRP P 176 24.84 20.94 5.15
C TRP P 176 23.81 21.90 5.74
N GLY P 177 22.74 22.20 5.01
CA GLY P 177 21.68 23.02 5.56
C GLY P 177 20.97 22.35 6.72
N GLN P 178 20.72 21.05 6.59
CA GLN P 178 20.14 20.30 7.70
C GLN P 178 21.06 20.32 8.90
N LYS P 179 22.37 20.14 8.68
CA LYS P 179 23.30 20.19 9.79
C LYS P 179 23.29 21.55 10.48
N LEU P 180 23.28 22.63 9.69
CA LEU P 180 23.27 23.97 10.26
C LEU P 180 21.99 24.22 11.04
N GLU P 181 20.85 23.78 10.51
CA GLU P 181 19.59 23.97 11.22
C GLU P 181 19.59 23.22 12.53
N ARG P 182 20.13 22.00 12.54
CA ARG P 182 20.22 21.26 13.80
C ARG P 182 21.08 21.99 14.81
N ALA P 183 22.22 22.53 14.37
CA ALA P 183 23.08 23.26 15.29
C ALA P 183 22.38 24.49 15.86
N VAL P 184 21.68 25.24 15.00
CA VAL P 184 20.98 26.43 15.46
C VAL P 184 19.90 26.07 16.47
N MET P 185 19.14 25.01 16.18
CA MET P 185 18.11 24.57 17.11
C MET P 185 18.70 24.14 18.44
N GLU P 186 19.84 23.45 18.41
CA GLU P 186 20.50 23.06 19.66
C GLU P 186 20.88 24.28 20.48
N LEU P 187 21.48 25.28 19.83
CA LEU P 187 21.87 26.49 20.55
C LEU P 187 20.67 27.21 21.13
N GLN P 188 19.60 27.33 20.35
CA GLN P 188 18.42 28.04 20.84
C GLN P 188 17.78 27.30 22.02
N ASN P 189 17.70 25.96 21.94
CA ASN P 189 17.14 25.19 23.05
C ASN P 189 17.99 25.32 24.30
N GLU P 190 19.32 25.29 24.13
CA GLU P 190 20.21 25.45 25.28
C GLU P 190 20.01 26.81 25.93
N GLU P 191 19.86 27.86 25.13
CA GLU P 191 19.59 29.18 25.70
C GLU P 191 18.24 29.21 26.40
N ASN P 192 17.22 28.59 25.80
CA ASN P 192 15.89 28.63 26.39
C ASN P 192 15.84 27.92 27.73
N ALA P 193 16.54 26.79 27.85
CA ALA P 193 16.55 26.02 29.08
C ALA P 193 17.58 26.49 30.09
N ALA P 194 18.05 27.73 29.95
CA ALA P 194 19.08 28.23 30.86
C ALA P 194 18.56 28.34 32.30
N ASP P 195 17.34 28.87 32.46
CA ASP P 195 16.73 29.02 33.78
C ASP P 195 15.37 28.34 33.76
N PHE P 196 15.23 27.27 34.53
CA PHE P 196 13.98 26.52 34.55
C PHE P 196 12.85 27.36 35.13
N ALA P 197 13.12 28.12 36.18
CA ALA P 197 12.07 28.91 36.82
C ALA P 197 11.52 29.97 35.87
N SER P 198 12.40 30.63 35.11
CA SER P 198 11.95 31.70 34.23
C SER P 198 11.17 31.19 33.03
N THR P 199 11.27 29.90 32.71
CA THR P 199 10.59 29.38 31.53
C THR P 199 9.08 29.43 31.67
N ARG P 200 8.56 29.12 32.87
CA ARG P 200 7.12 29.11 33.06
C ARG P 200 6.51 30.48 32.83
N LEU P 201 7.18 31.54 33.31
CA LEU P 201 6.70 32.89 33.12
C LEU P 201 6.96 33.34 31.69
N ALA P 202 6.61 34.60 31.41
CA ALA P 202 6.78 35.22 30.09
C ALA P 202 6.06 34.45 28.99
N ILE P 203 5.01 33.71 29.35
CA ILE P 203 4.21 32.95 28.40
C ILE P 203 2.74 33.35 28.47
N LYS P 204 2.16 33.32 29.67
CA LYS P 204 0.77 33.70 29.89
C LYS P 204 0.73 35.13 30.42
N ASP P 205 0.08 36.02 29.68
CA ASP P 205 -0.01 37.43 30.06
C ASP P 205 -1.38 37.97 29.68
N ILE P 206 -2.01 38.67 30.62
CA ILE P 206 -3.32 39.31 30.53
C ILE P 206 -4.26 38.61 29.54
N GLU P 207 -5.10 37.73 30.06
CA GLU P 207 -6.03 36.96 29.24
C GLU P 207 -7.42 37.59 29.20
N ARG P 208 -7.99 37.89 30.37
CA ARG P 208 -9.33 38.48 30.48
C ARG P 208 -10.40 37.61 29.82
N ALA Q 2 40.80 4.42 32.38
CA ALA Q 2 41.80 3.69 31.62
C ALA Q 2 41.51 3.79 30.12
N THR Q 3 41.72 2.68 29.41
CA THR Q 3 41.51 2.62 27.97
C THR Q 3 42.33 3.68 27.26
N ILE Q 4 41.72 4.83 26.97
CA ILE Q 4 42.41 5.98 26.41
C ILE Q 4 42.68 6.96 27.54
N ASN Q 5 43.94 7.36 27.69
CA ASN Q 5 44.35 8.17 28.83
C ASN Q 5 44.40 9.67 28.54
N ASN Q 6 45.00 10.08 27.43
CA ASN Q 6 45.13 11.50 27.13
C ASN Q 6 44.91 11.70 25.63
N VAL Q 7 45.15 12.93 25.18
CA VAL Q 7 44.76 13.34 23.83
C VAL Q 7 45.59 12.62 22.78
N THR Q 8 46.89 12.40 23.05
CA THR Q 8 47.75 11.77 22.06
C THR Q 8 47.29 10.35 21.74
N ASP Q 9 46.94 9.58 22.77
CA ASP Q 9 46.43 8.24 22.53
C ASP Q 9 45.10 8.28 21.79
N LEU Q 10 44.27 9.27 22.07
CA LEU Q 10 43.00 9.41 21.34
C LEU Q 10 43.26 9.65 19.86
N ALA Q 11 44.20 10.54 19.55
CA ALA Q 11 44.52 10.80 18.15
C ALA Q 11 45.09 9.56 17.48
N ILE Q 12 45.97 8.84 18.17
CA ILE Q 12 46.55 7.62 17.61
C ILE Q 12 45.47 6.60 17.33
N ALA Q 13 44.54 6.41 18.28
CA ALA Q 13 43.46 5.45 18.08
C ALA Q 13 42.55 5.86 16.94
N ALA Q 14 42.26 7.15 16.81
CA ALA Q 14 41.44 7.61 15.70
C ALA Q 14 42.11 7.34 14.37
N ILE Q 15 43.41 7.62 14.28
CA ILE Q 15 44.14 7.35 13.05
C ILE Q 15 44.13 5.86 12.74
N GLN Q 16 44.35 5.03 13.75
CA GLN Q 16 44.37 3.58 13.53
C GLN Q 16 43.00 3.08 13.05
N TRP Q 17 41.92 3.56 13.66
CA TRP Q 17 40.60 3.07 13.29
C TRP Q 17 40.18 3.55 11.91
N SER Q 18 40.47 4.81 11.59
CA SER Q 18 40.07 5.37 10.31
C SER Q 18 41.05 5.07 9.18
N ASP Q 19 42.26 4.64 9.50
CA ASP Q 19 43.34 4.32 8.57
C ASP Q 19 43.83 5.53 7.79
N ARG Q 20 43.31 6.73 8.06
CA ARG Q 20 43.73 7.92 7.33
C ARG Q 20 44.97 8.49 8.00
N GLN Q 21 46.14 8.14 7.46
CA GLN Q 21 47.40 8.64 8.00
C GLN Q 21 47.78 10.01 7.44
N ASP Q 22 46.99 10.56 6.53
CA ASP Q 22 47.29 11.85 5.91
C ASP Q 22 46.74 13.03 6.71
N LEU Q 23 46.05 12.77 7.81
CA LEU Q 23 45.47 13.85 8.60
C LEU Q 23 46.52 14.48 9.50
N THR Q 24 46.65 15.80 9.43
CA THR Q 24 47.59 16.52 10.27
C THR Q 24 47.03 16.64 11.69
N GLN Q 25 47.88 17.10 12.60
CA GLN Q 25 47.46 17.27 13.98
C GLN Q 25 46.43 18.40 14.12
N GLU Q 26 46.51 19.41 13.25
CA GLU Q 26 45.56 20.51 13.33
C GLU Q 26 44.13 20.04 13.05
N LEU Q 27 43.97 19.17 12.06
CA LEU Q 27 42.64 18.64 11.76
C LEU Q 27 42.10 17.83 12.92
N LEU Q 28 42.94 17.02 13.56
CA LEU Q 28 42.50 16.25 14.72
C LEU Q 28 42.10 17.17 15.87
N MET Q 29 42.87 18.24 16.09
CA MET Q 29 42.52 19.21 17.12
C MET Q 29 41.18 19.85 16.81
N LEU Q 30 40.94 20.20 15.55
CA LEU Q 30 39.67 20.78 15.16
C LEU Q 30 38.52 19.80 15.40
N PHE Q 31 38.71 18.52 15.06
CA PHE Q 31 37.67 17.53 15.29
C PHE Q 31 37.35 17.38 16.77
N ILE Q 32 38.39 17.32 17.61
CA ILE Q 32 38.19 17.19 19.04
C ILE Q 32 37.47 18.42 19.59
N GLY Q 33 37.86 19.61 19.13
CA GLY Q 33 37.18 20.82 19.57
C GLY Q 33 35.71 20.83 19.16
N ASN Q 34 35.42 20.37 17.95
CA ASN Q 34 34.02 20.30 17.51
C ASN Q 34 33.22 19.34 18.38
N THR Q 35 33.81 18.19 18.70
CA THR Q 35 33.11 17.23 19.56
C THR Q 35 32.85 17.82 20.94
N THR Q 36 33.85 18.51 21.50
CA THR Q 36 33.65 19.13 22.82
C THR Q 36 32.59 20.21 22.77
N ASP Q 37 32.60 21.02 21.71
CA ASP Q 37 31.58 22.07 21.59
C ASP Q 37 30.18 21.48 21.49
N ARG Q 38 30.03 20.39 20.72
CA ARG Q 38 28.73 19.74 20.65
C ARG Q 38 28.33 19.17 22.00
N LEU Q 39 29.27 18.59 22.74
CA LEU Q 39 28.98 18.05 24.06
C LEU Q 39 28.54 19.15 25.03
N ASN Q 40 29.09 20.35 24.87
CA ASN Q 40 28.80 21.44 25.80
C ASN Q 40 27.33 21.83 25.82
N ARG Q 41 26.58 21.50 24.77
CA ARG Q 41 25.18 21.90 24.66
C ARG Q 41 24.21 20.78 25.03
N LEU Q 42 24.71 19.65 25.53
CA LEU Q 42 23.87 18.48 25.76
C LEU Q 42 24.02 17.85 27.13
N LEU Q 43 25.12 18.05 27.83
CA LEU Q 43 25.39 17.35 29.07
C LEU Q 43 25.14 18.23 30.28
N ARG Q 44 24.36 17.72 31.22
CA ARG Q 44 24.14 18.36 32.53
C ARG Q 44 24.30 17.25 33.57
N VAL Q 45 25.53 17.03 34.01
CA VAL Q 45 25.83 15.91 34.90
C VAL Q 45 26.47 16.41 36.18
N ARG Q 46 26.74 15.48 37.11
CA ARG Q 46 27.29 15.87 38.40
C ARG Q 46 28.68 16.47 38.26
N GLU Q 47 29.52 15.89 37.41
CA GLU Q 47 30.86 16.42 37.20
C GLU Q 47 30.85 17.79 36.55
N ASN Q 48 29.75 18.15 35.89
CA ASN Q 48 29.61 19.45 35.26
C ASN Q 48 29.14 20.53 36.23
N GLU Q 49 28.68 20.16 37.42
CA GLU Q 49 28.15 21.12 38.36
C GLU Q 49 29.26 21.90 39.04
N HIS Q 50 28.90 23.06 39.59
CA HIS Q 50 29.87 23.89 40.30
C HIS Q 50 29.11 24.89 41.15
N PHE Q 51 29.48 25.00 42.42
CA PHE Q 51 28.89 25.99 43.31
C PHE Q 51 30.00 26.82 43.94
N GLU Q 52 29.76 28.13 44.03
CA GLU Q 52 30.79 29.03 44.52
C GLU Q 52 30.14 30.30 45.06
N THR Q 53 30.95 31.08 45.77
CA THR Q 53 30.50 32.32 46.40
C THR Q 53 30.81 33.49 45.49
N LEU Q 54 29.81 34.33 45.23
CA LEU Q 54 29.93 35.48 44.36
C LEU Q 54 29.54 36.75 45.10
N MET Q 55 30.22 37.83 44.75
CA MET Q 55 29.98 39.14 45.35
C MET Q 55 28.87 39.85 44.60
N ALA Q 56 28.13 40.69 45.32
CA ALA Q 56 27.12 41.55 44.72
C ALA Q 56 27.69 42.95 44.57
N PHE Q 57 27.69 43.46 43.33
CA PHE Q 57 28.24 44.77 43.03
C PHE Q 57 27.21 45.58 42.28
N GLY Q 58 26.95 46.79 42.75
CA GLY Q 58 25.97 47.66 42.11
C GLY Q 58 24.56 47.09 42.13
N GLY Q 59 24.19 46.39 43.19
CA GLY Q 59 22.85 45.80 43.26
C GLY Q 59 22.62 44.65 42.33
N GLY Q 60 23.69 43.99 41.86
CA GLY Q 60 23.53 42.88 40.95
C GLY Q 60 24.69 41.92 41.04
N ILE Q 61 24.47 40.74 40.47
CA ILE Q 61 25.47 39.67 40.42
C ILE Q 61 25.80 39.41 38.96
N GLU Q 62 27.08 39.40 38.63
CA GLU Q 62 27.52 39.17 37.27
C GLU Q 62 27.54 37.67 36.97
N ILE Q 63 26.95 37.29 35.84
CA ILE Q 63 26.91 35.88 35.45
C ILE Q 63 28.32 35.42 35.09
N PRO Q 64 28.78 34.27 35.59
CA PRO Q 64 30.12 33.80 35.26
C PRO Q 64 30.25 33.52 33.76
N GLU Q 65 31.48 33.69 33.25
CA GLU Q 65 31.73 33.51 31.83
C GLU Q 65 31.54 32.07 31.38
N HIS Q 66 31.70 31.10 32.27
CA HIS Q 66 31.52 29.69 31.94
C HIS Q 66 30.11 29.19 32.18
N PHE Q 67 29.20 30.08 32.56
CA PHE Q 67 27.85 29.69 32.91
C PHE Q 67 27.13 29.07 31.71
N VAL Q 68 26.46 27.95 31.96
CA VAL Q 68 25.61 27.33 30.93
C VAL Q 68 24.20 27.03 31.41
N ALA Q 69 23.96 26.89 32.72
CA ALA Q 69 22.63 26.63 33.25
C ALA Q 69 22.66 26.87 34.74
N LEU Q 70 21.58 27.47 35.27
CA LEU Q 70 21.50 27.85 36.66
C LEU Q 70 20.67 26.84 37.44
N ARG Q 71 21.14 26.51 38.64
CA ARG Q 71 20.41 25.62 39.54
C ARG Q 71 19.83 26.35 40.74
N SER Q 72 20.64 27.12 41.47
CA SER Q 72 20.11 27.79 42.66
C SER Q 72 20.99 28.97 43.05
N ILE Q 73 20.35 29.96 43.66
CA ILE Q 73 21.03 31.09 44.27
C ILE Q 73 20.54 31.21 45.70
N THR Q 74 21.48 31.31 46.65
CA THR Q 74 21.14 31.38 48.07
C THR Q 74 21.85 32.57 48.69
N GLY Q 75 21.11 33.38 49.42
CA GLY Q 75 21.71 34.49 50.14
C GLY Q 75 22.52 34.01 51.34
N ASP Q 76 23.46 34.85 51.76
CA ASP Q 76 24.25 34.54 52.93
C ASP Q 76 23.42 34.75 54.19
N SER Q 77 23.84 34.08 55.27
CA SER Q 77 23.12 34.19 56.53
C SER Q 77 23.13 35.62 57.06
N LEU Q 78 24.15 36.40 56.73
CA LEU Q 78 24.21 37.78 57.20
C LEU Q 78 23.13 38.65 56.55
N ILE Q 79 22.73 38.32 55.32
CA ILE Q 79 21.74 39.09 54.59
C ILE Q 79 20.39 38.40 54.55
N GLY Q 80 20.21 37.34 55.31
CA GLY Q 80 18.92 36.68 55.39
C GLY Q 80 19.00 35.17 55.29
N GLY Q 81 19.96 34.67 54.52
CA GLY Q 81 20.11 33.23 54.37
C GLY Q 81 18.92 32.56 53.74
N ARG Q 82 18.32 33.19 52.74
CA ARG Q 82 17.16 32.65 52.05
C ARG Q 82 17.54 32.16 50.66
N THR Q 83 16.67 31.34 50.09
CA THR Q 83 16.82 30.88 48.71
C THR Q 83 15.98 31.79 47.82
N LEU Q 84 16.62 32.41 46.84
CA LEU Q 84 15.97 33.44 46.04
C LEU Q 84 14.93 32.82 45.12
N GLN Q 85 13.97 33.66 44.72
CA GLN Q 85 12.91 33.27 43.81
C GLN Q 85 12.89 34.21 42.61
N TYR Q 86 12.44 33.69 41.47
CA TYR Q 86 12.43 34.45 40.24
C TYR Q 86 11.12 35.22 40.09
N ILE Q 87 11.24 36.48 39.69
CA ILE Q 87 10.09 37.33 39.40
C ILE Q 87 10.34 38.06 38.08
N THR Q 88 9.26 38.50 37.47
CA THR Q 88 9.35 39.18 36.19
C THR Q 88 9.69 40.65 36.39
N GLN Q 89 9.86 41.37 35.28
CA GLN Q 89 10.22 42.79 35.35
C GLN Q 89 9.09 43.61 35.95
N ASP Q 90 7.85 43.30 35.59
CA ASP Q 90 6.71 44.06 36.10
C ASP Q 90 6.58 43.93 37.61
N ILE Q 91 6.75 42.72 38.13
CA ILE Q 91 6.67 42.52 39.58
C ILE Q 91 7.80 43.27 40.27
N PHE Q 92 8.99 43.26 39.67
CA PHE Q 92 10.11 44.00 40.22
C PHE Q 92 9.81 45.49 40.29
N THR Q 93 9.23 46.04 39.21
CA THR Q 93 8.90 47.46 39.19
C THR Q 93 7.83 47.79 40.23
N HIS Q 94 6.82 46.93 40.36
CA HIS Q 94 5.79 47.17 41.36
C HIS Q 94 6.37 47.14 42.78
N TYR Q 95 7.24 46.17 43.05
CA TYR Q 95 7.86 46.09 44.37
C TYR Q 95 8.70 47.33 44.66
N VAL Q 96 9.45 47.79 43.65
CA VAL Q 96 10.28 48.98 43.84
C VAL Q 96 9.40 50.20 44.11
N ASN Q 97 8.32 50.35 43.34
CA ASN Q 97 7.49 51.55 43.46
C ASN Q 97 6.73 51.58 44.78
N TYR Q 98 6.28 50.42 45.25
CA TYR Q 98 5.44 50.37 46.44
C TYR Q 98 6.22 50.16 47.74
N ASN Q 99 7.55 50.06 47.67
CA ASN Q 99 8.40 49.91 48.85
C ASN Q 99 7.98 48.71 49.70
N TYR Q 100 8.13 47.53 49.10
CA TYR Q 100 7.71 46.30 49.77
C TYR Q 100 8.45 46.10 51.09
N GLN Q 101 9.77 46.24 51.07
CA GLN Q 101 10.61 46.12 52.26
C GLN Q 101 10.36 44.82 53.02
N PRO Q 102 10.76 43.67 52.48
CA PRO Q 102 10.72 42.44 53.28
C PRO Q 102 11.91 42.35 54.22
N GLN Q 103 12.05 41.23 54.93
CA GLN Q 103 13.12 41.12 55.92
C GLN Q 103 14.49 41.02 55.26
N GLY Q 104 14.70 39.97 54.46
CA GLY Q 104 15.97 39.79 53.79
C GLY Q 104 15.84 39.74 52.29
N VAL Q 105 16.94 39.43 51.60
CA VAL Q 105 16.90 39.32 50.15
C VAL Q 105 16.09 38.08 49.77
N THR Q 106 15.10 38.28 48.92
CA THR Q 106 14.17 37.19 48.62
C THR Q 106 14.00 36.91 47.14
N TYR Q 107 13.99 37.94 46.30
CA TYR Q 107 13.67 37.78 44.89
C TYR Q 107 14.84 38.19 44.01
N TYR Q 108 14.83 37.69 42.78
CA TYR Q 108 15.84 38.04 41.79
C TYR Q 108 15.22 37.97 40.41
N THR Q 109 15.86 38.67 39.48
CA THR Q 109 15.44 38.69 38.08
C THR Q 109 16.67 38.85 37.20
N ARG Q 110 16.51 38.56 35.92
CA ARG Q 110 17.62 38.64 34.98
C ARG Q 110 17.47 39.88 34.13
N LEU Q 111 18.51 40.70 34.09
CA LEU Q 111 18.55 41.91 33.28
C LEU Q 111 19.88 41.93 32.56
N GLY Q 112 19.84 41.81 31.24
CA GLY Q 112 21.07 41.77 30.46
C GLY Q 112 21.91 40.58 30.87
N ASN Q 113 23.14 40.86 31.30
CA ASN Q 113 24.06 39.84 31.78
C ASN Q 113 24.20 39.87 33.30
N PHE Q 114 23.16 40.32 34.00
CA PHE Q 114 23.22 40.47 35.44
C PHE Q 114 21.97 39.89 36.10
N TRP Q 115 22.13 39.50 37.36
CA TRP Q 115 21.01 39.10 38.21
C TRP Q 115 20.77 40.21 39.21
N ARG Q 116 19.61 40.85 39.14
CA ARG Q 116 19.24 41.93 40.02
C ARG Q 116 18.35 41.39 41.14
N VAL Q 117 18.74 41.66 42.38
CA VAL Q 117 17.97 41.26 43.55
C VAL Q 117 17.12 42.44 44.01
N PHE Q 118 15.89 42.15 44.47
CA PHE Q 118 14.97 43.25 44.76
C PHE Q 118 15.37 44.02 46.01
N PRO Q 119 15.47 43.40 47.20
CA PRO Q 119 15.81 44.21 48.38
C PRO Q 119 17.23 44.70 48.27
N VAL Q 120 17.41 45.78 47.51
CA VAL Q 120 18.71 46.28 47.08
C VAL Q 120 19.69 46.32 48.26
N VAL Q 121 20.82 45.65 48.10
CA VAL Q 121 21.79 45.47 49.18
C VAL Q 121 23.04 46.25 48.83
N PRO Q 122 23.74 46.85 49.79
CA PRO Q 122 25.00 47.53 49.49
C PRO Q 122 26.03 46.57 48.91
N ASP Q 123 27.07 47.16 48.33
CA ASP Q 123 28.10 46.37 47.67
C ASP Q 123 28.81 45.48 48.67
N GLY Q 124 29.20 44.29 48.22
CA GLY Q 124 29.89 43.34 49.06
C GLY Q 124 29.03 42.26 49.68
N ALA Q 125 27.78 42.11 49.24
CA ALA Q 125 26.93 41.05 49.75
C ALA Q 125 27.32 39.72 49.13
N PRO Q 126 27.58 38.69 49.94
CA PRO Q 126 27.94 37.38 49.37
C PRO Q 126 26.74 36.51 49.10
N PHE Q 127 26.82 35.76 48.00
CA PHE Q 127 25.78 34.81 47.63
C PHE Q 127 26.44 33.49 47.25
N ILE Q 128 25.69 32.41 47.39
CA ILE Q 128 26.15 31.08 46.99
C ILE Q 128 25.36 30.68 45.75
N VAL Q 129 26.07 30.53 44.63
CA VAL Q 129 25.45 30.21 43.35
C VAL Q 129 25.89 28.80 42.96
N ASN Q 130 24.91 27.94 42.71
CA ASN Q 130 25.14 26.59 42.22
C ASN Q 130 24.60 26.51 40.81
N TYR Q 131 25.46 26.14 39.86
CA TYR Q 131 25.11 26.19 38.45
C TYR Q 131 25.90 25.11 37.71
N TRP Q 132 25.80 25.13 36.39
CA TRP Q 132 26.49 24.20 35.51
C TRP Q 132 27.46 24.97 34.64
N THR Q 133 28.65 24.41 34.45
CA THR Q 133 29.69 25.03 33.64
C THR Q 133 29.84 24.26 32.33
N VAL Q 134 30.80 24.69 31.52
CA VAL Q 134 31.09 24.03 30.27
C VAL Q 134 32.22 23.02 30.49
N LEU Q 135 32.30 22.04 29.60
CA LEU Q 135 33.33 21.03 29.72
C LEU Q 135 34.71 21.63 29.50
N PRO Q 136 35.73 21.13 30.20
CA PRO Q 136 37.09 21.64 29.99
C PRO Q 136 37.56 21.37 28.57
N GLU Q 137 38.31 22.32 28.03
CA GLU Q 137 38.81 22.19 26.66
C GLU Q 137 39.90 21.11 26.60
N LEU Q 138 39.80 20.24 25.60
CA LEU Q 138 40.77 19.18 25.40
C LEU Q 138 41.73 19.58 24.29
N SER Q 139 43.02 19.67 24.62
CA SER Q 139 44.02 20.12 23.65
C SER Q 139 45.38 19.65 24.15
N LEU Q 140 46.43 20.10 23.46
CA LEU Q 140 47.79 19.74 23.86
C LEU Q 140 48.12 20.31 25.23
N ALA Q 141 47.70 21.55 25.50
CA ALA Q 141 47.96 22.16 26.80
C ALA Q 141 47.16 21.50 27.92
N ASN Q 142 46.06 20.82 27.59
CA ASN Q 142 45.22 20.15 28.57
C ASN Q 142 45.05 18.70 28.13
N PRO Q 143 46.07 17.86 28.35
CA PRO Q 143 46.02 16.49 27.83
C PRO Q 143 44.89 15.64 28.38
N THR Q 144 44.47 15.86 29.63
CA THR Q 144 43.50 14.99 30.27
C THR Q 144 42.34 15.81 30.82
N THR Q 145 41.13 15.26 30.68
CA THR Q 145 39.93 15.84 31.26
C THR Q 145 39.09 14.72 31.88
N TRP Q 146 38.18 15.10 32.77
CA TRP Q 146 37.33 14.11 33.41
C TRP Q 146 36.44 13.40 32.40
N ALA Q 147 36.04 14.11 31.34
CA ALA Q 147 35.17 13.50 30.33
C ALA Q 147 35.87 12.36 29.62
N LEU Q 148 37.15 12.54 29.29
CA LEU Q 148 37.89 11.49 28.58
C LEU Q 148 38.02 10.24 29.43
N THR Q 149 38.33 10.39 30.72
CA THR Q 149 38.47 9.24 31.59
C THR Q 149 37.12 8.64 31.98
N LYS Q 150 36.04 9.40 31.91
CA LYS Q 150 34.74 8.89 32.29
C LYS Q 150 34.18 7.93 31.24
N TYR Q 151 34.34 8.27 29.96
CA TYR Q 151 33.70 7.52 28.89
C TYR Q 151 34.39 7.79 27.56
N PRO Q 152 35.52 7.14 27.29
CA PRO Q 152 36.29 7.46 26.06
C PRO Q 152 35.54 7.18 24.78
N GLN Q 153 34.55 6.29 24.79
CA GLN Q 153 33.81 5.98 23.58
C GLN Q 153 33.17 7.22 22.98
N ILE Q 154 32.72 8.15 23.83
CA ILE Q 154 32.09 9.37 23.32
C ILE Q 154 33.06 10.13 22.42
N TYR Q 155 34.27 10.37 22.91
CA TYR Q 155 35.24 11.12 22.14
C TYR Q 155 35.68 10.34 20.90
N LEU Q 156 35.88 9.03 21.04
CA LEU Q 156 36.30 8.24 19.89
C LEU Q 156 35.26 8.29 18.78
N TYR Q 157 33.99 8.10 19.13
CA TYR Q 157 32.93 8.10 18.13
C TYR Q 157 32.74 9.49 17.53
N GLY Q 158 32.85 10.55 18.35
CA GLY Q 158 32.73 11.89 17.81
C GLY Q 158 33.84 12.20 16.83
N VAL Q 159 35.08 11.82 17.15
CA VAL Q 159 36.18 12.06 16.24
C VAL Q 159 36.01 11.26 14.95
N LEU Q 160 35.54 10.02 15.06
CA LEU Q 160 35.31 9.22 13.85
C LEU Q 160 34.24 9.86 12.97
N GLU Q 161 33.16 10.35 13.58
CA GLU Q 161 32.11 11.00 12.80
C GLU Q 161 32.63 12.26 12.12
N GLN Q 162 33.44 13.04 12.84
CA GLN Q 162 34.02 14.24 12.23
C GLN Q 162 34.93 13.87 11.06
N ILE Q 163 35.72 12.80 11.23
CA ILE Q 163 36.63 12.37 10.17
C ILE Q 163 35.83 11.98 8.92
N TYR Q 164 34.77 11.20 9.11
CA TYR Q 164 34.00 10.76 7.96
C TYR Q 164 33.18 11.89 7.34
N LEU Q 165 32.85 12.93 8.12
CA LEU Q 165 32.29 14.13 7.52
C LEU Q 165 33.34 14.83 6.66
N TYR Q 166 34.58 14.88 7.14
CA TYR Q 166 35.64 15.56 6.40
C TYR Q 166 35.96 14.88 5.09
N THR Q 167 36.00 13.54 5.06
CA THR Q 167 36.30 12.80 3.85
C THR Q 167 35.09 12.69 2.92
N MET Q 168 34.02 13.41 3.22
CA MET Q 168 32.85 13.50 2.34
C MET Q 168 32.23 12.13 2.07
N ASP Q 169 32.12 11.33 3.13
CA ASP Q 169 31.38 10.08 3.12
C ASP Q 169 30.13 10.25 3.98
N GLU Q 170 29.00 9.75 3.48
CA GLU Q 170 27.71 10.03 4.10
C GLU Q 170 27.15 8.87 4.93
N ALA Q 171 27.26 7.63 4.47
CA ALA Q 171 26.68 6.52 5.22
C ALA Q 171 27.40 6.32 6.55
N ARG Q 172 28.73 6.23 6.52
CA ARG Q 172 29.49 6.01 7.74
C ARG Q 172 29.39 7.21 8.67
N SER Q 173 29.31 8.42 8.12
CA SER Q 173 29.14 9.60 8.96
C SER Q 173 27.85 9.52 9.76
N GLN Q 174 26.76 9.14 9.09
CA GLN Q 174 25.48 8.99 9.80
C GLN Q 174 25.55 7.87 10.82
N PHE Q 175 26.19 6.75 10.48
CA PHE Q 175 26.33 5.65 11.42
C PHE Q 175 27.04 6.09 12.69
N TRP Q 176 28.18 6.75 12.54
CA TRP Q 176 28.95 7.15 13.72
C TRP Q 176 28.26 8.29 14.47
N GLY Q 177 27.53 9.15 13.78
CA GLY Q 177 26.74 10.16 14.48
C GLY Q 177 25.67 9.53 15.35
N GLN Q 178 24.99 8.51 14.83
CA GLN Q 178 24.01 7.79 15.65
C GLN Q 178 24.67 7.13 16.84
N LYS Q 179 25.85 6.55 16.65
CA LYS Q 179 26.56 5.94 17.76
C LYS Q 179 26.90 6.96 18.84
N LEU Q 180 27.39 8.13 18.43
CA LEU Q 180 27.73 9.18 19.39
C LEU Q 180 26.49 9.66 20.14
N GLU Q 181 25.39 9.84 19.42
CA GLU Q 181 24.16 10.28 20.07
C GLU Q 181 23.68 9.25 21.09
N ARG Q 182 23.77 7.97 20.73
CA ARG Q 182 23.38 6.92 21.68
C ARG Q 182 24.26 6.94 22.91
N ALA Q 183 25.57 7.13 22.74
CA ALA Q 183 26.45 7.18 23.90
C ALA Q 183 26.11 8.36 24.81
N VAL Q 184 25.86 9.53 24.22
CA VAL Q 184 25.51 10.70 25.01
C VAL Q 184 24.21 10.47 25.77
N MET Q 185 23.21 9.89 25.09
CA MET Q 185 21.95 9.61 25.75
C MET Q 185 22.12 8.61 26.89
N GLU Q 186 22.98 7.61 26.69
CA GLU Q 186 23.24 6.65 27.77
C GLU Q 186 23.86 7.31 28.99
N LEU Q 187 24.84 8.19 28.77
CA LEU Q 187 25.47 8.87 29.90
C LEU Q 187 24.46 9.76 30.63
N GLN Q 188 23.67 10.51 29.88
CA GLN Q 188 22.67 11.37 30.51
C GLN Q 188 21.64 10.56 31.27
N ASN Q 189 21.23 9.42 30.72
CA ASN Q 189 20.27 8.56 31.40
C ASN Q 189 20.85 8.01 32.69
N GLU Q 190 22.13 7.60 32.68
CA GLU Q 190 22.74 7.14 33.91
C GLU Q 190 22.73 8.24 34.97
N GLU Q 191 23.08 9.46 34.57
CA GLU Q 191 23.09 10.56 35.54
C GLU Q 191 21.69 10.85 36.07
N ASN Q 192 20.68 10.77 35.20
CA ASN Q 192 19.32 11.10 35.61
C ASN Q 192 18.78 10.14 36.65
N ALA Q 193 19.17 8.86 36.57
CA ALA Q 193 18.67 7.84 37.49
C ALA Q 193 19.66 7.52 38.59
N ALA Q 194 20.58 8.44 38.91
CA ALA Q 194 21.54 8.20 39.97
C ALA Q 194 20.84 8.04 41.32
N ASP Q 195 19.87 8.90 41.60
CA ASP Q 195 19.07 8.80 42.82
C ASP Q 195 17.60 8.85 42.42
N PHE Q 196 16.84 7.84 42.84
CA PHE Q 196 15.44 7.74 42.43
C PHE Q 196 14.59 8.82 43.09
N ALA Q 197 14.85 9.12 44.36
CA ALA Q 197 14.01 10.06 45.09
C ALA Q 197 14.05 11.46 44.48
N SER Q 198 15.24 11.93 44.10
CA SER Q 198 15.38 13.28 43.58
C SER Q 198 14.74 13.47 42.22
N THR Q 199 14.38 12.39 41.52
CA THR Q 199 13.79 12.51 40.19
C THR Q 199 12.45 13.23 40.23
N ARG Q 200 11.60 12.89 41.20
CA ARG Q 200 10.27 13.49 41.27
C ARG Q 200 10.34 14.97 41.58
N LEU Q 201 11.23 15.37 42.48
CA LEU Q 201 11.31 16.76 42.90
C LEU Q 201 12.05 17.60 41.85
N ALA Q 202 12.23 18.88 42.17
CA ALA Q 202 12.89 19.84 41.28
C ALA Q 202 12.19 19.96 39.93
N ILE Q 203 10.89 19.67 39.91
CA ILE Q 203 10.10 19.74 38.68
C ILE Q 203 8.90 20.65 38.90
N LYS Q 204 8.09 20.34 39.92
CA LYS Q 204 6.87 21.08 40.20
C LYS Q 204 7.19 22.18 41.21
N ASP Q 205 7.32 23.41 40.72
CA ASP Q 205 7.60 24.56 41.58
C ASP Q 205 6.70 25.71 41.14
N ILE Q 206 5.91 26.23 42.09
CA ILE Q 206 5.03 27.37 41.88
C ILE Q 206 4.01 27.07 40.79
N GLU Q 207 2.81 26.68 41.20
CA GLU Q 207 1.73 26.35 40.27
C GLU Q 207 0.60 27.37 40.29
N ARG Q 208 0.02 27.63 41.46
CA ARG Q 208 -1.09 28.57 41.62
C ARG Q 208 -2.23 28.27 40.66
N ALA R 2 33.30 -21.60 34.25
CA ALA R 2 33.45 -22.52 33.13
C ALA R 2 33.53 -21.75 31.80
N THR R 3 33.50 -22.49 30.70
CA THR R 3 33.59 -21.92 29.36
C THR R 3 34.85 -21.08 29.22
N ILE R 4 34.74 -19.78 29.43
CA ILE R 4 35.87 -18.87 29.42
C ILE R 4 36.20 -18.50 30.85
N ASN R 5 37.45 -18.71 31.25
CA ASN R 5 37.86 -18.54 32.63
C ASN R 5 38.58 -17.22 32.89
N ASN R 6 39.51 -16.82 32.02
CA ASN R 6 40.27 -15.61 32.21
C ASN R 6 40.37 -14.85 30.90
N VAL R 7 41.12 -13.75 30.92
CA VAL R 7 41.13 -12.83 29.78
C VAL R 7 41.81 -13.47 28.57
N THR R 8 42.86 -14.26 28.80
CA THR R 8 43.60 -14.84 27.68
C THR R 8 42.72 -15.79 26.87
N ASP R 9 41.93 -16.62 27.54
CA ASP R 9 41.01 -17.49 26.83
C ASP R 9 39.97 -16.69 26.06
N LEU R 10 39.50 -15.58 26.64
CA LEU R 10 38.55 -14.73 25.93
C LEU R 10 39.17 -14.16 24.66
N ALA R 11 40.40 -13.69 24.74
CA ALA R 11 41.07 -13.15 23.57
C ALA R 11 41.27 -14.23 22.51
N ILE R 12 41.68 -15.42 22.93
CA ILE R 12 41.88 -16.51 21.98
C ILE R 12 40.57 -16.87 21.28
N ALA R 13 39.48 -16.96 22.06
CA ALA R 13 38.19 -17.29 21.47
C ALA R 13 37.73 -16.20 20.51
N ALA R 14 37.93 -14.94 20.87
CA ALA R 14 37.54 -13.86 19.98
C ALA R 14 38.31 -13.90 18.68
N ILE R 15 39.63 -14.15 18.76
CA ILE R 15 40.44 -14.25 17.56
C ILE R 15 39.97 -15.42 16.70
N GLN R 16 39.67 -16.56 17.33
CA GLN R 16 39.23 -17.73 16.58
C GLN R 16 37.91 -17.45 15.87
N TRP R 17 36.95 -16.83 16.57
CA TRP R 17 35.65 -16.59 15.97
C TRP R 17 35.72 -15.54 14.87
N SER R 18 36.55 -14.51 15.06
CA SER R 18 36.63 -13.44 14.08
C SER R 18 37.41 -13.84 12.84
N ASP R 19 38.25 -14.87 12.92
CA ASP R 19 39.13 -15.28 11.83
C ASP R 19 40.03 -14.15 11.37
N ARG R 20 40.53 -13.37 12.32
CA ARG R 20 41.45 -12.28 12.02
C ARG R 20 42.75 -12.49 12.78
N GLN R 21 43.86 -12.21 12.11
CA GLN R 21 45.18 -12.36 12.71
C GLN R 21 45.93 -11.04 12.81
N ASP R 22 45.32 -9.92 12.43
CA ASP R 22 45.96 -8.62 12.51
C ASP R 22 45.70 -7.91 13.83
N LEU R 23 45.01 -8.54 14.76
CA LEU R 23 44.66 -7.91 16.03
C LEU R 23 45.76 -8.16 17.04
N THR R 24 46.36 -7.08 17.54
CA THR R 24 47.41 -7.17 18.54
C THR R 24 46.79 -7.22 19.93
N GLN R 25 47.66 -7.31 20.95
CA GLN R 25 47.18 -7.32 22.33
C GLN R 25 46.55 -6.00 22.71
N GLU R 26 47.13 -4.88 22.25
CA GLU R 26 46.61 -3.57 22.61
C GLU R 26 45.20 -3.37 22.10
N LEU R 27 44.93 -3.79 20.86
CA LEU R 27 43.59 -3.63 20.30
C LEU R 27 42.58 -4.46 21.06
N LEU R 28 42.94 -5.69 21.44
CA LEU R 28 42.02 -6.52 22.21
C LEU R 28 41.75 -5.92 23.58
N MET R 29 42.79 -5.37 24.22
CA MET R 29 42.59 -4.70 25.51
C MET R 29 41.67 -3.50 25.35
N LEU R 30 41.83 -2.73 24.27
CA LEU R 30 40.96 -1.59 24.04
C LEU R 30 39.52 -2.04 23.82
N PHE R 31 39.31 -3.12 23.07
CA PHE R 31 37.96 -3.62 22.84
C PHE R 31 37.32 -4.07 24.15
N ILE R 32 38.08 -4.79 24.98
CA ILE R 32 37.55 -5.25 26.25
C ILE R 32 37.20 -4.06 27.15
N GLY R 33 38.07 -3.05 27.17
CA GLY R 33 37.77 -1.86 27.95
C GLY R 33 36.52 -1.14 27.48
N ASN R 34 36.34 -1.05 26.16
CA ASN R 34 35.14 -0.42 25.62
C ASN R 34 33.89 -1.21 26.03
N THR R 35 33.95 -2.53 25.95
CA THR R 35 32.81 -3.34 26.35
C THR R 35 32.49 -3.16 27.83
N THR R 36 33.52 -3.13 28.68
CA THR R 36 33.29 -2.93 30.11
C THR R 36 32.70 -1.55 30.38
N ASP R 37 33.20 -0.52 29.69
CA ASP R 37 32.67 0.82 29.88
C ASP R 37 31.21 0.89 29.48
N ARG R 38 30.83 0.24 28.37
CA ARG R 38 29.44 0.21 27.98
C ARG R 38 28.59 -0.55 29.01
N LEU R 39 29.11 -1.66 29.53
CA LEU R 39 28.37 -2.44 30.52
C LEU R 39 28.16 -1.66 31.81
N ASN R 40 29.10 -0.78 32.15
CA ASN R 40 28.98 -0.02 33.39
C ASN R 40 27.76 0.89 33.40
N ARG R 41 27.19 1.17 32.23
CA ARG R 41 26.08 2.11 32.10
C ARG R 41 24.72 1.42 32.14
N LEU R 42 24.68 0.09 32.25
CA LEU R 42 23.42 -0.62 32.05
C LEU R 42 23.10 -1.60 33.17
N LEU R 43 24.11 -2.13 33.85
CA LEU R 43 23.92 -3.23 34.77
C LEU R 43 23.74 -2.71 36.20
N ARG R 44 22.65 -3.14 36.84
CA ARG R 44 22.40 -2.90 38.25
C ARG R 44 21.92 -4.23 38.83
N VAL R 45 22.86 -5.07 39.27
CA VAL R 45 22.57 -6.42 39.72
C VAL R 45 23.11 -6.59 41.13
N ARG R 46 22.89 -7.79 41.69
CA ARG R 46 23.27 -8.05 43.07
C ARG R 46 24.78 -8.01 43.25
N GLU R 47 25.53 -8.59 42.31
CA GLU R 47 26.99 -8.60 42.43
C GLU R 47 27.58 -7.21 42.28
N ASN R 48 26.84 -6.27 41.71
CA ASN R 48 27.29 -4.90 41.54
C ASN R 48 27.10 -4.05 42.80
N GLU R 49 26.38 -4.55 43.79
CA GLU R 49 26.05 -3.78 44.97
C GLU R 49 27.22 -3.73 45.94
N HIS R 50 27.16 -2.75 46.84
CA HIS R 50 28.20 -2.58 47.85
C HIS R 50 27.66 -1.69 48.96
N PHE R 51 27.79 -2.14 50.19
CA PHE R 51 27.39 -1.36 51.36
C PHE R 51 28.58 -1.21 52.29
N GLU R 52 28.77 -0.01 52.82
CA GLU R 52 29.94 0.27 53.65
C GLU R 52 29.68 1.45 54.56
N THR R 53 30.54 1.59 55.56
CA THR R 53 30.43 2.64 56.56
C THR R 53 31.31 3.82 56.16
N LEU R 54 30.71 5.00 56.10
CA LEU R 54 31.40 6.23 55.73
C LEU R 54 31.28 7.23 56.87
N MET R 55 32.36 7.95 57.14
CA MET R 55 32.38 8.95 58.20
C MET R 55 32.10 10.33 57.62
N ALA R 56 31.16 11.04 58.22
CA ALA R 56 30.79 12.38 57.78
C ALA R 56 31.77 13.40 58.31
N PHE R 57 32.23 14.29 57.44
CA PHE R 57 33.17 15.34 57.80
C PHE R 57 32.66 16.66 57.25
N GLY R 58 32.73 17.70 58.07
CA GLY R 58 32.26 19.00 57.66
C GLY R 58 30.79 19.06 57.35
N GLY R 59 29.98 18.30 58.09
CA GLY R 59 28.55 18.31 57.85
C GLY R 59 28.12 17.67 56.55
N GLY R 60 28.93 16.78 55.99
CA GLY R 60 28.59 16.15 54.73
C GLY R 60 29.33 14.85 54.54
N ILE R 61 28.84 14.07 53.59
CA ILE R 61 29.43 12.78 53.22
C ILE R 61 29.90 12.87 51.78
N GLU R 62 31.14 12.48 51.54
CA GLU R 62 31.70 12.52 50.19
C GLU R 62 31.25 11.31 49.39
N ILE R 63 30.84 11.56 48.16
CA ILE R 63 30.38 10.47 47.28
C ILE R 63 31.59 9.62 46.87
N PRO R 64 31.51 8.29 46.95
CA PRO R 64 32.64 7.45 46.57
C PRO R 64 32.97 7.60 45.09
N GLU R 65 34.25 7.40 44.76
CA GLU R 65 34.69 7.55 43.39
C GLU R 65 34.14 6.46 42.48
N HIS R 66 33.83 5.29 43.04
CA HIS R 66 33.25 4.19 42.27
C HIS R 66 31.73 4.26 42.21
N PHE R 67 31.13 5.28 42.81
CA PHE R 67 29.68 5.37 42.89
C PHE R 67 29.06 5.50 41.51
N VAL R 68 27.99 4.73 41.28
CA VAL R 68 27.21 4.88 40.05
C VAL R 68 25.72 5.04 40.30
N ALA R 69 25.19 4.60 41.45
CA ALA R 69 23.76 4.72 41.75
C ALA R 69 23.57 4.44 43.22
N LEU R 70 22.71 5.22 43.86
CA LEU R 70 22.49 5.14 45.30
C LEU R 70 21.24 4.34 45.61
N ARG R 71 21.33 3.46 46.60
CA ARG R 71 20.20 2.69 47.07
C ARG R 71 19.66 3.19 48.39
N SER R 72 20.50 3.33 49.41
CA SER R 72 20.01 3.78 50.70
C SER R 72 21.14 4.35 51.54
N ILE R 73 20.77 5.27 52.44
CA ILE R 73 21.67 5.81 53.46
C ILE R 73 20.98 5.67 54.81
N THR R 74 21.69 5.13 55.79
CA THR R 74 21.14 4.92 57.11
C THR R 74 22.09 5.48 58.16
N GLY R 75 21.55 6.19 59.14
CA GLY R 75 22.37 6.67 60.22
C GLY R 75 22.75 5.56 61.18
N ASP R 76 23.82 5.80 61.93
CA ASP R 76 24.24 4.85 62.95
C ASP R 76 23.28 4.90 64.13
N SER R 77 23.20 3.79 64.86
CA SER R 77 22.31 3.73 66.03
C SER R 77 22.72 4.75 67.08
N LEU R 78 24.01 5.07 67.16
CA LEU R 78 24.46 6.07 68.13
C LEU R 78 23.94 7.46 67.78
N ILE R 79 23.87 7.78 66.48
CA ILE R 79 23.44 9.11 66.05
C ILE R 79 21.94 9.14 65.77
N GLY R 80 21.24 8.03 65.92
CA GLY R 80 19.80 8.02 65.74
C GLY R 80 19.28 6.79 65.02
N GLY R 81 20.08 6.22 64.13
CA GLY R 81 19.69 5.01 63.44
C GLY R 81 18.44 5.14 62.60
N ARG R 82 18.30 6.21 61.85
CA ARG R 82 17.14 6.44 61.00
C ARG R 82 17.55 6.40 59.53
N THR R 83 16.67 5.85 58.71
CA THR R 83 16.89 5.85 57.26
C THR R 83 16.58 7.24 56.73
N LEU R 84 17.56 7.86 56.10
CA LEU R 84 17.44 9.26 55.70
C LEU R 84 16.45 9.41 54.55
N GLN R 85 15.92 10.61 54.41
CA GLN R 85 14.98 10.96 53.35
C GLN R 85 15.50 12.15 52.58
N TYR R 86 15.16 12.20 51.30
CA TYR R 86 15.65 13.25 50.42
C TYR R 86 14.74 14.46 50.49
N ILE R 87 15.35 15.65 50.57
CA ILE R 87 14.62 16.91 50.53
C ILE R 87 15.34 17.84 49.55
N THR R 88 14.59 18.79 49.02
CA THR R 88 15.14 19.75 48.07
C THR R 88 15.94 20.82 48.81
N GLN R 89 16.51 21.75 48.04
CA GLN R 89 17.31 22.81 48.64
C GLN R 89 16.43 23.80 49.40
N ASP R 90 15.24 24.10 48.86
CA ASP R 90 14.35 25.06 49.53
C ASP R 90 13.92 24.56 50.89
N ILE R 91 13.57 23.27 50.99
CA ILE R 91 13.18 22.69 52.27
C ILE R 91 14.35 22.72 53.24
N PHE R 92 15.56 22.46 52.73
CA PHE R 92 16.74 22.53 53.57
C PHE R 92 16.94 23.92 54.13
N THR R 93 16.79 24.94 53.29
CA THR R 93 16.94 26.31 53.75
C THR R 93 15.89 26.67 54.78
N HIS R 94 14.64 26.26 54.54
CA HIS R 94 13.58 26.57 55.51
C HIS R 94 13.85 25.88 56.84
N TYR R 95 14.27 24.63 56.81
CA TYR R 95 14.58 23.91 58.05
C TYR R 95 15.71 24.57 58.80
N VAL R 96 16.76 25.00 58.08
CA VAL R 96 17.88 25.65 58.72
C VAL R 96 17.45 26.96 59.35
N ASN R 97 16.65 27.75 58.63
CA ASN R 97 16.26 29.07 59.12
C ASN R 97 15.30 28.98 60.30
N TYR R 98 14.42 27.99 60.33
CA TYR R 98 13.40 27.90 61.37
C TYR R 98 13.82 27.03 62.55
N ASN R 99 15.02 26.43 62.51
CA ASN R 99 15.53 25.60 63.60
C ASN R 99 14.56 24.45 63.92
N TYR R 100 14.41 23.56 62.94
CA TYR R 100 13.47 22.46 63.08
C TYR R 100 13.82 21.58 64.27
N GLN R 101 15.09 21.22 64.41
CA GLN R 101 15.59 20.43 65.53
C GLN R 101 14.81 19.15 65.77
N PRO R 102 14.92 18.15 64.89
CA PRO R 102 14.39 16.83 65.20
C PRO R 102 15.31 16.11 66.18
N GLN R 103 14.98 14.85 66.45
CA GLN R 103 15.78 14.08 67.41
C GLN R 103 17.11 13.65 66.81
N GLY R 104 17.06 12.86 65.73
CA GLY R 104 18.26 12.41 65.06
C GLY R 104 18.32 12.93 63.63
N VAL R 105 19.35 12.45 62.91
CA VAL R 105 19.51 12.82 61.51
C VAL R 105 18.39 12.18 60.70
N THR R 106 17.70 12.98 59.89
CA THR R 106 16.52 12.49 59.19
C THR R 106 16.56 12.78 57.70
N TYR R 107 17.18 13.89 57.30
CA TYR R 107 17.09 14.36 55.93
C TYR R 107 18.48 14.54 55.35
N TYR R 108 18.55 14.46 54.02
CA TYR R 108 19.79 14.69 53.29
C TYR R 108 19.45 15.28 51.93
N THR R 109 20.43 15.98 51.36
CA THR R 109 20.30 16.58 50.04
C THR R 109 21.65 16.51 49.35
N ARG R 110 21.66 16.73 48.04
CA ARG R 110 22.88 16.64 47.24
C ARG R 110 23.35 18.03 46.87
N LEU R 111 24.62 18.31 47.16
CA LEU R 111 25.25 19.57 46.81
C LEU R 111 26.62 19.26 46.23
N GLY R 112 26.80 19.54 44.95
CA GLY R 112 28.06 19.24 44.29
C GLY R 112 28.33 17.75 44.35
N ASN R 113 29.46 17.38 44.94
CA ASN R 113 29.83 15.99 45.13
C ASN R 113 29.65 15.53 46.56
N PHE R 114 28.72 16.13 47.30
CA PHE R 114 28.54 15.82 48.71
C PHE R 114 27.07 15.61 49.02
N TRP R 115 26.82 14.81 50.05
CA TRP R 115 25.50 14.65 50.64
C TRP R 115 25.48 15.41 51.96
N ARG R 116 24.66 16.43 52.05
CA ARG R 116 24.53 17.25 53.24
C ARG R 116 23.33 16.81 54.04
N VAL R 117 23.54 16.52 55.32
CA VAL R 117 22.47 16.12 56.23
C VAL R 117 22.01 17.34 57.01
N PHE R 118 20.69 17.42 57.28
CA PHE R 118 20.17 18.65 57.88
C PHE R 118 20.58 18.80 59.33
N PRO R 119 20.26 17.87 60.24
CA PRO R 119 20.67 18.09 61.64
C PRO R 119 22.19 17.96 61.75
N VAL R 120 22.88 19.05 61.42
CA VAL R 120 24.34 19.03 61.24
C VAL R 120 25.00 18.37 62.43
N VAL R 121 25.86 17.40 62.16
CA VAL R 121 26.49 16.59 63.20
C VAL R 121 27.99 16.88 63.20
N PRO R 122 28.68 16.67 64.33
CA PRO R 122 30.12 16.85 64.34
C PRO R 122 30.82 15.82 63.46
N ASP R 123 32.05 16.16 63.08
CA ASP R 123 32.83 15.27 62.22
C ASP R 123 33.05 13.92 62.90
N GLY R 124 32.99 12.86 62.11
CA GLY R 124 33.17 11.52 62.61
C GLY R 124 31.90 10.73 62.80
N ALA R 125 30.75 11.27 62.43
CA ALA R 125 29.50 10.52 62.54
C ALA R 125 29.47 9.42 61.50
N PRO R 126 29.25 8.17 61.89
CA PRO R 126 29.25 7.08 60.91
C PRO R 126 27.88 6.88 60.28
N PHE R 127 27.90 6.52 59.00
CA PHE R 127 26.69 6.21 58.25
C PHE R 127 26.92 4.93 57.47
N ILE R 128 25.84 4.21 57.18
CA ILE R 128 25.88 3.02 56.36
C ILE R 128 25.26 3.36 55.01
N VAL R 129 26.07 3.29 53.96
CA VAL R 129 25.64 3.64 52.61
C VAL R 129 25.63 2.37 51.78
N ASN R 130 24.50 2.09 51.14
CA ASN R 130 24.36 0.96 50.24
C ASN R 130 24.10 1.51 48.85
N TYR R 131 24.92 1.13 47.88
CA TYR R 131 24.89 1.73 46.56
C TYR R 131 25.42 0.71 45.54
N TRP R 132 25.55 1.17 44.30
CA TRP R 132 26.05 0.35 43.19
C TRP R 132 27.36 0.93 42.70
N THR R 133 28.31 0.07 42.37
CA THR R 133 29.61 0.47 41.88
C THR R 133 29.74 0.15 40.40
N VAL R 134 30.94 0.39 39.87
CA VAL R 134 31.23 0.05 38.49
C VAL R 134 31.86 -1.33 38.44
N LEU R 135 31.80 -1.95 37.26
CA LEU R 135 32.35 -3.29 37.09
C LEU R 135 33.88 -3.24 37.19
N PRO R 136 34.50 -4.30 37.73
CA PRO R 136 35.96 -4.32 37.83
C PRO R 136 36.60 -4.37 36.45
N GLU R 137 37.79 -3.77 36.36
CA GLU R 137 38.50 -3.75 35.09
C GLU R 137 39.04 -5.13 34.75
N LEU R 138 38.96 -5.48 33.47
CA LEU R 138 39.50 -6.72 32.95
C LEU R 138 40.74 -6.42 32.15
N SER R 139 41.88 -6.97 32.57
CA SER R 139 43.15 -6.70 31.92
C SER R 139 44.13 -7.80 32.33
N LEU R 140 45.39 -7.63 31.94
CA LEU R 140 46.41 -8.60 32.32
C LEU R 140 46.63 -8.61 33.83
N ALA R 141 46.61 -7.44 34.47
CA ALA R 141 46.81 -7.37 35.90
C ALA R 141 45.61 -7.95 36.66
N ASN R 142 44.41 -7.89 36.07
CA ASN R 142 43.20 -8.41 36.68
C ASN R 142 42.55 -9.35 35.69
N PRO R 143 43.04 -10.59 35.59
CA PRO R 143 42.61 -11.50 34.53
C PRO R 143 41.25 -12.15 34.76
N THR R 144 40.63 -11.97 35.92
CA THR R 144 39.36 -12.63 36.21
C THR R 144 38.42 -11.68 36.94
N THR R 145 37.15 -11.71 36.56
CA THR R 145 36.11 -10.94 37.21
C THR R 145 34.86 -11.80 37.33
N TRP R 146 33.95 -11.38 38.22
CA TRP R 146 32.70 -12.10 38.38
C TRP R 146 31.84 -12.00 37.12
N ALA R 147 31.90 -10.87 36.40
CA ALA R 147 31.10 -10.71 35.20
C ALA R 147 31.48 -11.73 34.13
N LEU R 148 32.78 -11.96 33.95
CA LEU R 148 33.22 -12.92 32.95
C LEU R 148 32.77 -14.34 33.30
N THR R 149 32.88 -14.72 34.57
CA THR R 149 32.51 -16.07 34.97
C THR R 149 31.00 -16.27 35.01
N LYS R 150 30.23 -15.20 35.20
CA LYS R 150 28.77 -15.35 35.29
C LYS R 150 28.16 -15.60 33.92
N TYR R 151 28.63 -14.90 32.89
CA TYR R 151 28.00 -14.96 31.58
C TYR R 151 29.00 -14.56 30.49
N PRO R 152 29.87 -15.47 30.06
CA PRO R 152 30.92 -15.10 29.10
C PRO R 152 30.40 -14.65 27.75
N GLN R 153 29.18 -15.03 27.37
CA GLN R 153 28.64 -14.64 26.08
C GLN R 153 28.61 -13.13 25.92
N ILE R 154 28.35 -12.40 26.99
CA ILE R 154 28.28 -10.95 26.91
C ILE R 154 29.61 -10.38 26.44
N TYR R 155 30.70 -10.80 27.09
CA TYR R 155 32.02 -10.29 26.72
C TYR R 155 32.41 -10.76 25.33
N LEU R 156 32.10 -12.01 25.00
CA LEU R 156 32.46 -12.52 23.67
C LEU R 156 31.77 -11.72 22.58
N TYR R 157 30.46 -11.49 22.73
CA TYR R 157 29.72 -10.75 21.71
C TYR R 157 30.16 -9.29 21.64
N GLY R 158 30.44 -8.68 22.79
CA GLY R 158 30.92 -7.32 22.78
C GLY R 158 32.25 -7.18 22.07
N VAL R 159 33.17 -8.10 22.34
CA VAL R 159 34.48 -8.05 21.69
C VAL R 159 34.33 -8.29 20.19
N LEU R 160 33.45 -9.21 19.80
CA LEU R 160 33.23 -9.45 18.37
C LEU R 160 32.67 -8.21 17.68
N GLU R 161 31.71 -7.55 18.32
CA GLU R 161 31.15 -6.33 17.74
C GLU R 161 32.22 -5.24 17.61
N GLN R 162 33.05 -5.08 18.63
CA GLN R 162 34.13 -4.10 18.55
C GLN R 162 35.10 -4.44 17.43
N ILE R 163 35.43 -5.73 17.28
CA ILE R 163 36.34 -6.15 16.24
C ILE R 163 35.79 -5.80 14.88
N TYR R 164 34.51 -6.12 14.64
CA TYR R 164 33.93 -5.84 13.33
C TYR R 164 33.78 -4.33 13.11
N LEU R 165 33.61 -3.56 14.18
CA LEU R 165 33.64 -2.10 14.04
C LEU R 165 35.01 -1.63 13.60
N TYR R 166 36.07 -2.22 14.15
CA TYR R 166 37.43 -1.78 13.83
C TYR R 166 37.78 -2.08 12.37
N THR R 167 37.30 -3.21 11.84
CA THR R 167 37.65 -3.65 10.50
C THR R 167 36.82 -2.99 9.41
N MET R 168 36.22 -1.84 9.69
CA MET R 168 35.51 -1.02 8.70
C MET R 168 34.29 -1.73 8.11
N ASP R 169 33.73 -2.69 8.85
CA ASP R 169 32.51 -3.37 8.45
C ASP R 169 31.40 -3.00 9.42
N GLU R 170 30.19 -2.79 8.88
CA GLU R 170 29.09 -2.26 9.67
C GLU R 170 27.96 -3.25 9.92
N ALA R 171 27.56 -4.02 8.91
CA ALA R 171 26.39 -4.89 9.05
C ALA R 171 26.62 -5.93 10.15
N ARG R 172 27.75 -6.63 10.09
CA ARG R 172 28.03 -7.64 11.12
C ARG R 172 28.21 -7.00 12.48
N SER R 173 28.66 -5.75 12.51
CA SER R 173 28.72 -5.03 13.78
C SER R 173 27.33 -4.88 14.38
N GLN R 174 26.34 -4.53 13.56
CA GLN R 174 24.97 -4.45 14.04
C GLN R 174 24.45 -5.81 14.49
N PHE R 175 24.78 -6.86 13.73
CA PHE R 175 24.38 -8.21 14.10
C PHE R 175 24.87 -8.57 15.50
N TRP R 176 26.18 -8.40 15.73
CA TRP R 176 26.74 -8.75 17.02
C TRP R 176 26.26 -7.82 18.12
N GLY R 177 26.01 -6.55 17.80
CA GLY R 177 25.47 -5.64 18.79
C GLY R 177 24.08 -6.04 19.24
N GLN R 178 23.24 -6.48 18.30
CA GLN R 178 21.92 -6.99 18.67
C GLN R 178 22.05 -8.22 19.57
N LYS R 179 22.97 -9.13 19.24
CA LYS R 179 23.17 -10.30 20.08
C LYS R 179 23.59 -9.89 21.49
N LEU R 180 24.53 -8.96 21.59
CA LEU R 180 25.01 -8.52 22.90
C LEU R 180 23.92 -7.85 23.71
N GLU R 181 23.12 -6.99 23.08
CA GLU R 181 22.06 -6.31 23.81
C GLU R 181 20.99 -7.31 24.27
N ARG R 182 20.72 -8.33 23.45
CA ARG R 182 19.78 -9.36 23.89
C ARG R 182 20.32 -10.11 25.10
N ALA R 183 21.60 -10.43 25.10
CA ALA R 183 22.19 -11.12 26.25
C ALA R 183 22.12 -10.25 27.51
N VAL R 184 22.42 -8.95 27.37
CA VAL R 184 22.39 -8.05 28.51
C VAL R 184 20.97 -7.94 29.06
N MET R 185 19.99 -7.83 28.17
CA MET R 185 18.61 -7.75 28.62
C MET R 185 18.19 -9.03 29.33
N GLU R 186 18.62 -10.18 28.82
CA GLU R 186 18.31 -11.45 29.48
C GLU R 186 18.87 -11.49 30.89
N LEU R 187 20.14 -11.09 31.05
CA LEU R 187 20.75 -11.10 32.37
C LEU R 187 20.03 -10.14 33.31
N GLN R 188 19.70 -8.94 32.84
CA GLN R 188 19.03 -7.97 33.70
C GLN R 188 17.65 -8.45 34.12
N ASN R 189 16.90 -9.05 33.20
CA ASN R 189 15.58 -9.57 33.55
C ASN R 189 15.69 -10.72 34.54
N GLU R 190 16.69 -11.59 34.36
CA GLU R 190 16.88 -12.67 35.32
C GLU R 190 17.20 -12.14 36.70
N GLU R 191 18.03 -11.10 36.78
CA GLU R 191 18.30 -10.48 38.07
C GLU R 191 17.04 -9.86 38.67
N ASN R 192 16.25 -9.18 37.83
CA ASN R 192 15.05 -8.52 38.32
C ASN R 192 14.05 -9.51 38.89
N ALA R 193 13.88 -10.65 38.23
CA ALA R 193 12.91 -11.65 38.65
C ALA R 193 13.46 -12.60 39.71
N ALA R 194 14.53 -12.21 40.40
CA ALA R 194 15.13 -13.09 41.41
C ALA R 194 14.17 -13.34 42.57
N ASP R 195 13.49 -12.29 43.03
CA ASP R 195 12.53 -12.41 44.13
C ASP R 195 11.24 -11.72 43.70
N PHE R 196 10.17 -12.52 43.56
CA PHE R 196 8.91 -11.96 43.09
C PHE R 196 8.28 -11.03 44.11
N ALA R 197 8.44 -11.34 45.40
CA ALA R 197 7.84 -10.50 46.44
C ALA R 197 8.45 -9.10 46.45
N SER R 198 9.77 -9.01 46.28
CA SER R 198 10.45 -7.73 46.33
C SER R 198 10.22 -6.87 45.11
N THR R 199 9.66 -7.44 44.03
CA THR R 199 9.48 -6.67 42.80
C THR R 199 8.47 -5.55 42.97
N ARG R 200 7.38 -5.81 43.69
CA ARG R 200 6.31 -4.82 43.82
C ARG R 200 6.79 -3.56 44.51
N LEU R 201 7.61 -3.71 45.56
CA LEU R 201 8.11 -2.56 46.28
C LEU R 201 9.25 -1.90 45.51
N ALA R 202 9.86 -0.89 46.13
CA ALA R 202 10.94 -0.10 45.52
C ALA R 202 10.51 0.51 44.20
N ILE R 203 9.24 0.92 44.11
CA ILE R 203 8.67 1.52 42.90
C ILE R 203 8.07 2.89 43.20
N LYS R 204 7.20 2.97 44.21
CA LYS R 204 6.51 4.19 44.57
C LYS R 204 6.90 4.59 45.99
N ASP R 205 7.29 5.85 46.16
CA ASP R 205 7.68 6.38 47.47
C ASP R 205 7.15 7.80 47.60
N ILE R 206 6.61 8.11 48.79
CA ILE R 206 6.03 9.41 49.17
C ILE R 206 5.38 10.11 47.99
N GLU R 207 4.09 9.87 47.80
CA GLU R 207 3.34 10.44 46.67
C GLU R 207 2.51 11.64 47.08
N ARG R 208 1.75 11.53 48.16
CA ARG R 208 0.90 12.61 48.66
C ARG R 208 -0.08 13.11 47.60
N ALA S 2 18.47 -43.36 26.17
CA ALA S 2 17.36 -42.56 25.67
C ALA S 2 17.86 -41.51 24.69
N THR S 3 17.83 -41.85 23.40
CA THR S 3 18.27 -40.97 22.31
C THR S 3 19.73 -40.62 22.57
N ILE S 4 20.10 -39.35 22.74
CA ILE S 4 21.46 -39.01 23.11
C ILE S 4 21.68 -39.35 24.57
N ASN S 5 22.77 -40.05 24.86
CA ASN S 5 23.05 -40.53 26.21
C ASN S 5 24.01 -39.63 26.98
N ASN S 6 25.17 -39.32 26.40
CA ASN S 6 26.17 -38.51 27.10
C ASN S 6 26.80 -37.54 26.12
N VAL S 7 27.84 -36.84 26.59
CA VAL S 7 28.38 -35.71 25.85
C VAL S 7 29.07 -36.17 24.57
N THR S 8 29.75 -37.32 24.61
CA THR S 8 30.48 -37.78 23.43
C THR S 8 29.53 -38.06 22.26
N ASP S 9 28.40 -38.71 22.54
CA ASP S 9 27.42 -38.95 21.49
C ASP S 9 26.83 -37.63 20.99
N LEU S 10 26.66 -36.66 21.87
CA LEU S 10 26.17 -35.35 21.45
C LEU S 10 27.15 -34.70 20.48
N ALA S 11 28.44 -34.74 20.80
CA ALA S 11 29.45 -34.17 19.90
C ALA S 11 29.47 -34.91 18.56
N ILE S 12 29.37 -36.24 18.60
CA ILE S 12 29.38 -37.02 17.38
C ILE S 12 28.17 -36.67 16.52
N ALA S 13 27.00 -36.56 17.12
CA ALA S 13 25.80 -36.21 16.38
C ALA S 13 25.90 -34.81 15.79
N ALA S 14 26.45 -33.86 16.56
CA ALA S 14 26.62 -32.50 16.03
C ALA S 14 27.55 -32.49 14.84
N ILE S 15 28.66 -33.22 14.91
CA ILE S 15 29.58 -33.30 13.78
C ILE S 15 28.89 -33.93 12.58
N GLN S 16 28.13 -35.00 12.82
CA GLN S 16 27.45 -35.68 11.71
C GLN S 16 26.44 -34.77 11.04
N TRP S 17 25.65 -34.04 11.82
CA TRP S 17 24.62 -33.19 11.25
C TRP S 17 25.22 -31.99 10.53
N SER S 18 26.23 -31.36 11.13
CA SER S 18 26.82 -30.17 10.52
C SER S 18 27.83 -30.50 9.43
N ASP S 19 28.35 -31.73 9.40
CA ASP S 19 29.36 -32.22 8.48
C ASP S 19 30.72 -31.56 8.66
N ARG S 20 30.86 -30.63 9.61
CA ARG S 20 32.13 -29.95 9.83
C ARG S 20 33.03 -30.84 10.67
N GLN S 21 33.88 -31.62 10.00
CA GLN S 21 34.81 -32.51 10.70
C GLN S 21 36.06 -31.80 11.17
N ASP S 22 36.23 -30.52 10.85
CA ASP S 22 37.40 -29.76 11.24
C ASP S 22 37.29 -29.17 12.64
N LEU S 23 36.13 -29.27 13.28
CA LEU S 23 35.94 -28.70 14.60
C LEU S 23 36.65 -29.55 15.65
N THR S 24 37.42 -28.89 16.51
CA THR S 24 38.13 -29.57 17.58
C THR S 24 37.20 -29.80 18.77
N GLN S 25 37.69 -30.58 19.73
CA GLN S 25 36.89 -30.88 20.91
C GLN S 25 36.68 -29.65 21.77
N GLU S 26 37.68 -28.77 21.85
CA GLU S 26 37.54 -27.55 22.66
C GLU S 26 36.44 -26.66 22.12
N LEU S 27 36.31 -26.56 20.79
CA LEU S 27 35.25 -25.75 20.21
C LEU S 27 33.88 -26.29 20.57
N LEU S 28 33.72 -27.62 20.52
CA LEU S 28 32.44 -28.22 20.90
C LEU S 28 32.17 -28.01 22.38
N MET S 29 33.20 -28.11 23.22
CA MET S 29 33.01 -27.84 24.64
C MET S 29 32.54 -26.42 24.86
N LEU S 30 33.14 -25.47 24.14
CA LEU S 30 32.72 -24.07 24.25
C LEU S 30 31.28 -23.89 23.81
N PHE S 31 30.89 -24.54 22.72
CA PHE S 31 29.51 -24.43 22.24
C PHE S 31 28.52 -24.98 23.28
N ILE S 32 28.84 -26.14 23.85
CA ILE S 32 27.95 -26.73 24.85
C ILE S 32 27.88 -25.84 26.09
N GLY S 33 29.01 -25.27 26.50
CA GLY S 33 28.99 -24.35 27.63
C GLY S 33 28.15 -23.13 27.37
N ASN S 34 28.23 -22.59 26.15
CA ASN S 34 27.40 -21.44 25.79
C ASN S 34 25.92 -21.80 25.85
N THR S 35 25.56 -22.97 25.32
CA THR S 35 24.16 -23.39 25.37
C THR S 35 23.68 -23.54 26.80
N THR S 36 24.50 -24.16 27.66
CA THR S 36 24.11 -24.32 29.06
C THR S 36 23.97 -22.98 29.76
N ASP S 37 24.89 -22.04 29.48
CA ASP S 37 24.80 -20.72 30.10
C ASP S 37 23.53 -20.00 29.66
N ARG S 38 23.18 -20.10 28.39
CA ARG S 38 21.93 -19.50 27.93
C ARG S 38 20.73 -20.15 28.60
N LEU S 39 20.75 -21.48 28.76
CA LEU S 39 19.65 -22.18 29.41
C LEU S 39 19.52 -21.76 30.86
N ASN S 40 20.64 -21.45 31.53
CA ASN S 40 20.60 -21.11 32.95
C ASN S 40 19.74 -19.90 33.25
N ARG S 41 19.52 -19.01 32.27
CA ARG S 41 18.77 -17.78 32.49
C ARG S 41 17.33 -17.87 32.02
N LEU S 42 16.85 -19.06 31.67
CA LEU S 42 15.52 -19.19 31.07
C LEU S 42 14.65 -20.27 31.68
N LEU S 43 15.21 -21.26 32.35
CA LEU S 43 14.46 -22.43 32.80
C LEU S 43 14.24 -22.37 34.30
N ARG S 44 12.99 -22.54 34.72
CA ARG S 44 12.61 -22.69 36.13
C ARG S 44 11.63 -23.85 36.19
N VAL S 45 12.16 -25.06 36.34
CA VAL S 45 11.37 -26.28 36.27
C VAL S 45 11.55 -27.06 37.56
N ARG S 46 10.81 -28.16 37.68
CA ARG S 46 10.83 -28.95 38.90
C ARG S 46 12.20 -29.57 39.13
N GLU S 47 12.84 -30.07 38.07
CA GLU S 47 14.17 -30.66 38.21
C GLU S 47 15.21 -29.63 38.62
N ASN S 48 14.94 -28.35 38.38
CA ASN S 48 15.85 -27.29 38.76
C ASN S 48 15.67 -26.83 40.19
N GLU S 49 14.60 -27.26 40.86
CA GLU S 49 14.32 -26.80 42.21
C GLU S 49 15.23 -27.51 43.22
N HIS S 50 15.34 -26.91 44.40
CA HIS S 50 16.17 -27.47 45.47
C HIS S 50 15.79 -26.80 46.78
N PHE S 51 15.53 -27.60 47.80
CA PHE S 51 15.24 -27.10 49.14
C PHE S 51 16.21 -27.73 50.12
N GLU S 52 16.71 -26.92 51.05
CA GLU S 52 17.71 -27.40 51.99
C GLU S 52 17.71 -26.54 53.24
N THR S 53 18.35 -27.05 54.28
CA THR S 53 18.44 -26.37 55.57
C THR S 53 19.70 -25.53 55.61
N LEU S 54 19.56 -24.25 55.90
CA LEU S 54 20.66 -23.32 55.97
C LEU S 54 20.80 -22.77 57.38
N MET S 55 22.04 -22.51 57.79
CA MET S 55 22.33 -22.01 59.11
C MET S 55 22.24 -20.48 59.11
N ALA S 56 21.87 -19.91 60.25
CA ALA S 56 21.84 -18.46 60.39
C ALA S 56 23.01 -18.03 61.27
N PHE S 57 23.86 -17.17 60.74
CA PHE S 57 25.04 -16.72 61.47
C PHE S 57 25.15 -15.21 61.32
N GLY S 58 25.48 -14.53 62.42
CA GLY S 58 25.61 -13.09 62.41
C GLY S 58 24.32 -12.36 62.09
N GLY S 59 23.17 -12.91 62.48
CA GLY S 59 21.91 -12.27 62.21
C GLY S 59 21.49 -12.30 60.76
N GLY S 60 22.04 -13.20 59.96
CA GLY S 60 21.70 -13.26 58.55
C GLY S 60 21.96 -14.63 57.97
N ILE S 61 21.45 -14.81 56.76
CA ILE S 61 21.60 -16.05 56.00
C ILE S 61 22.34 -15.72 54.72
N GLU S 62 23.39 -16.47 54.42
CA GLU S 62 24.18 -16.25 53.22
C GLU S 62 23.51 -16.90 52.02
N ILE S 63 23.40 -16.16 50.93
CA ILE S 63 22.77 -16.68 49.72
C ILE S 63 23.66 -17.75 49.11
N PRO S 64 23.12 -18.90 48.72
CA PRO S 64 23.96 -19.95 48.13
C PRO S 64 24.59 -19.49 46.82
N GLU S 65 25.77 -20.06 46.53
CA GLU S 65 26.51 -19.66 45.35
C GLU S 65 25.80 -20.06 44.06
N HIS S 66 24.98 -21.11 44.10
CA HIS S 66 24.26 -21.58 42.93
C HIS S 66 22.87 -20.96 42.82
N PHE S 67 22.54 -20.03 43.70
CA PHE S 67 21.20 -19.45 43.74
C PHE S 67 20.90 -18.71 42.45
N VAL S 68 19.70 -18.93 41.91
CA VAL S 68 19.23 -18.19 40.75
C VAL S 68 17.85 -17.58 40.93
N ALA S 69 17.03 -18.09 41.85
CA ALA S 69 15.70 -17.55 42.10
C ALA S 69 15.18 -18.12 43.40
N LEU S 70 14.51 -17.29 44.20
CA LEU S 70 14.03 -17.68 45.51
C LEU S 70 12.54 -18.01 45.46
N ARG S 71 12.17 -19.09 46.13
CA ARG S 71 10.77 -19.49 46.24
C ARG S 71 10.21 -19.29 47.63
N SER S 72 10.86 -19.79 48.67
CA SER S 72 10.31 -19.66 50.01
C SER S 72 11.40 -19.83 51.06
N ILE S 73 11.20 -19.14 52.19
CA ILE S 73 12.03 -19.29 53.38
C ILE S 73 11.11 -19.58 54.55
N THR S 74 11.42 -20.61 55.31
CA THR S 74 10.59 -21.01 56.44
C THR S 74 11.44 -21.21 57.68
N GLY S 75 11.05 -20.58 58.78
CA GLY S 75 11.75 -20.80 60.02
C GLY S 75 11.51 -22.18 60.57
N ASP S 76 12.45 -22.65 61.38
CA ASP S 76 12.32 -23.97 61.99
C ASP S 76 11.24 -23.90 63.08
N SER S 77 10.62 -25.05 63.34
CA SER S 77 9.56 -25.09 64.34
C SER S 77 10.06 -24.66 65.71
N LEU S 78 11.31 -24.94 66.03
CA LEU S 78 11.86 -24.56 67.32
C LEU S 78 11.99 -23.05 67.46
N ILE S 79 12.30 -22.35 66.35
CA ILE S 79 12.48 -20.91 66.40
C ILE S 79 11.18 -20.17 66.04
N GLY S 80 10.10 -20.90 65.77
CA GLY S 80 8.82 -20.28 65.50
C GLY S 80 8.03 -20.95 64.40
N GLY S 81 8.72 -21.54 63.44
CA GLY S 81 8.04 -22.29 62.39
C GLY S 81 7.10 -21.47 61.54
N ARG S 82 7.51 -20.26 61.15
CA ARG S 82 6.68 -19.37 60.36
C ARG S 82 7.31 -19.14 58.99
N THR S 83 6.47 -18.94 57.99
CA THR S 83 6.93 -18.59 56.66
C THR S 83 7.24 -17.10 56.62
N LEU S 84 8.47 -16.75 56.28
CA LEU S 84 8.91 -15.37 56.38
C LEU S 84 8.25 -14.51 55.30
N GLN S 85 8.20 -13.21 55.57
CA GLN S 85 7.64 -12.23 54.64
C GLN S 85 8.68 -11.15 54.36
N TYR S 86 8.59 -10.59 53.16
CA TYR S 86 9.54 -9.58 52.72
C TYR S 86 9.10 -8.19 53.17
N ILE S 87 10.05 -7.40 53.67
CA ILE S 87 9.80 -6.02 54.06
C ILE S 87 10.90 -5.15 53.49
N THR S 88 10.60 -3.85 53.39
CA THR S 88 11.54 -2.89 52.85
C THR S 88 12.54 -2.48 53.93
N GLN S 89 13.62 -1.82 53.50
CA GLN S 89 14.68 -1.44 54.42
C GLN S 89 14.19 -0.46 55.49
N ASP S 90 13.39 0.53 55.09
CA ASP S 90 12.91 1.50 56.07
C ASP S 90 11.90 0.90 57.03
N ILE S 91 11.10 -0.06 56.58
CA ILE S 91 10.22 -0.77 57.50
C ILE S 91 11.05 -1.55 58.51
N PHE S 92 12.14 -2.17 58.05
CA PHE S 92 13.06 -2.85 58.94
C PHE S 92 13.63 -1.88 59.98
N THR S 93 14.02 -0.68 59.53
CA THR S 93 14.57 0.30 60.46
C THR S 93 13.53 0.73 61.49
N HIS S 94 12.30 0.95 61.05
CA HIS S 94 11.24 1.32 61.99
C HIS S 94 11.00 0.22 63.01
N TYR S 95 10.94 -1.02 62.55
CA TYR S 95 10.74 -2.14 63.47
C TYR S 95 11.87 -2.24 64.48
N VAL S 96 13.11 -2.04 64.03
CA VAL S 96 14.25 -2.10 64.94
C VAL S 96 14.18 -0.97 65.95
N ASN S 97 13.86 0.24 65.50
CA ASN S 97 13.87 1.39 66.39
C ASN S 97 12.76 1.32 67.43
N TYR S 98 11.59 0.82 67.04
CA TYR S 98 10.43 0.82 67.93
C TYR S 98 10.29 -0.46 68.74
N ASN S 99 11.20 -1.43 68.59
CA ASN S 99 11.18 -2.66 69.36
C ASN S 99 9.84 -3.40 69.20
N TYR S 100 9.58 -3.84 67.97
CA TYR S 100 8.30 -4.48 67.68
C TYR S 100 8.10 -5.73 68.54
N GLN S 101 9.11 -6.59 68.62
CA GLN S 101 9.10 -7.78 69.46
C GLN S 101 7.90 -8.68 69.20
N PRO S 102 7.82 -9.34 68.05
CA PRO S 102 6.80 -10.36 67.85
C PRO S 102 7.23 -11.67 68.51
N GLN S 103 6.42 -12.71 68.29
CA GLN S 103 6.68 -13.99 68.94
C GLN S 103 7.92 -14.67 68.35
N GLY S 104 7.88 -14.96 67.05
CA GLY S 104 9.01 -15.60 66.40
C GLY S 104 9.52 -14.82 65.21
N VAL S 105 10.37 -15.44 64.40
CA VAL S 105 10.89 -14.78 63.21
C VAL S 105 9.79 -14.69 62.17
N THR S 106 9.56 -13.49 61.64
CA THR S 106 8.44 -13.29 60.73
C THR S 106 8.85 -12.60 59.43
N TYR S 107 9.86 -11.73 59.49
CA TYR S 107 10.19 -10.88 58.37
C TYR S 107 11.63 -11.10 57.93
N TYR S 108 11.90 -10.76 56.67
CA TYR S 108 13.25 -10.83 56.13
C TYR S 108 13.39 -9.76 55.06
N THR S 109 14.64 -9.38 54.81
CA THR S 109 14.96 -8.41 53.77
C THR S 109 16.31 -8.77 53.18
N ARG S 110 16.62 -8.21 52.02
CA ARG S 110 17.86 -8.48 51.31
C ARG S 110 18.81 -7.30 51.48
N LEU S 111 20.01 -7.60 51.98
CA LEU S 111 21.06 -6.58 52.14
C LEU S 111 22.34 -7.18 51.57
N GLY S 112 22.82 -6.59 50.48
CA GLY S 112 24.02 -7.11 49.84
C GLY S 112 23.79 -8.54 49.37
N ASN S 113 24.64 -9.44 49.86
CA ASN S 113 24.53 -10.86 49.55
C ASN S 113 23.94 -11.66 50.70
N PHE S 114 23.17 -11.01 51.58
CA PHE S 114 22.64 -11.68 52.76
C PHE S 114 21.16 -11.40 52.91
N TRP S 115 20.48 -12.33 53.59
CA TRP S 115 19.10 -12.15 54.00
C TRP S 115 19.09 -11.87 55.50
N ARG S 116 18.59 -10.71 55.88
CA ARG S 116 18.52 -10.31 57.29
C ARG S 116 17.10 -10.49 57.80
N VAL S 117 16.97 -11.21 58.91
CA VAL S 117 15.68 -11.45 59.54
C VAL S 117 15.51 -10.44 60.67
N PHE S 118 14.27 -9.96 60.87
CA PHE S 118 14.08 -8.87 61.82
C PHE S 118 14.23 -9.32 63.27
N PRO S 119 13.46 -10.28 63.77
CA PRO S 119 13.63 -10.65 65.18
C PRO S 119 14.96 -11.36 65.36
N VAL S 120 16.02 -10.55 65.47
CA VAL S 120 17.40 -11.01 65.42
C VAL S 120 17.60 -12.20 66.34
N VAL S 121 18.08 -13.30 65.77
CA VAL S 121 18.23 -14.56 66.51
C VAL S 121 19.71 -14.82 66.73
N PRO S 122 20.08 -15.56 67.78
CA PRO S 122 21.49 -15.91 67.98
C PRO S 122 21.96 -16.85 66.88
N ASP S 123 23.29 -16.92 66.74
CA ASP S 123 23.88 -17.79 65.74
C ASP S 123 23.48 -19.25 65.99
N GLY S 124 23.14 -19.94 64.91
CA GLY S 124 22.69 -21.32 65.00
C GLY S 124 21.21 -21.52 64.75
N ALA S 125 20.50 -20.53 64.26
CA ALA S 125 19.09 -20.71 63.92
C ALA S 125 18.97 -21.44 62.59
N PRO S 126 18.28 -22.57 62.52
CA PRO S 126 18.11 -23.26 61.23
C PRO S 126 16.91 -22.73 60.47
N PHE S 127 17.06 -22.69 59.14
CA PHE S 127 15.98 -22.27 58.26
C PHE S 127 15.88 -23.27 57.11
N ILE S 128 14.70 -23.35 56.52
CA ILE S 128 14.48 -24.18 55.34
C ILE S 128 14.25 -23.26 54.16
N VAL S 129 15.17 -23.31 53.19
CA VAL S 129 15.12 -22.45 52.02
C VAL S 129 14.84 -23.31 50.80
N ASN S 130 13.78 -22.97 50.07
CA ASN S 130 13.43 -23.62 48.82
C ASN S 130 13.63 -22.61 47.70
N TYR S 131 14.43 -22.98 46.71
CA TYR S 131 14.85 -22.03 45.68
C TYR S 131 15.16 -22.81 44.40
N TRP S 132 15.69 -22.10 43.41
CA TRP S 132 16.08 -22.67 42.13
C TRP S 132 17.59 -22.51 41.96
N THR S 133 18.23 -23.55 41.44
CA THR S 133 19.67 -23.55 41.21
C THR S 133 19.95 -23.43 39.71
N VAL S 134 21.22 -23.49 39.36
CA VAL S 134 21.63 -23.45 37.97
C VAL S 134 21.78 -24.88 37.47
N LEU S 135 21.71 -25.03 36.14
CA LEU S 135 21.82 -26.35 35.55
C LEU S 135 23.24 -26.90 35.75
N PRO S 136 23.35 -28.22 35.93
CA PRO S 136 24.69 -28.82 36.08
C PRO S 136 25.52 -28.62 34.83
N GLU S 137 26.80 -28.38 35.03
CA GLU S 137 27.72 -28.12 33.92
C GLU S 137 28.02 -29.42 33.18
N LEU S 138 27.93 -29.37 31.85
CA LEU S 138 28.14 -30.54 31.01
C LEU S 138 29.55 -30.47 30.41
N SER S 139 30.33 -31.52 30.63
CA SER S 139 31.70 -31.59 30.14
C SER S 139 32.16 -33.04 30.22
N LEU S 140 33.46 -33.25 29.97
CA LEU S 140 34.01 -34.59 30.07
C LEU S 140 33.93 -35.13 31.49
N ALA S 141 34.17 -34.26 32.49
CA ALA S 141 34.10 -34.69 33.88
C ALA S 141 32.67 -35.03 34.28
N ASN S 142 31.68 -34.44 33.63
CA ASN S 142 30.27 -34.68 33.92
C ASN S 142 29.57 -35.06 32.63
N PRO S 143 29.74 -36.32 32.18
CA PRO S 143 29.21 -36.70 30.86
C PRO S 143 27.69 -36.70 30.77
N THR S 144 26.97 -36.80 31.89
CA THR S 144 25.52 -36.91 31.85
C THR S 144 24.87 -35.92 32.81
N THR S 145 23.75 -35.34 32.37
CA THR S 145 22.94 -34.47 33.20
C THR S 145 21.47 -34.79 32.94
N TRP S 146 20.61 -34.33 33.86
CA TRP S 146 19.18 -34.58 33.70
C TRP S 146 18.62 -33.85 32.48
N ALA S 147 19.15 -32.68 32.16
CA ALA S 147 18.66 -31.93 31.01
C ALA S 147 18.90 -32.69 29.71
N LEU S 148 20.07 -33.30 29.57
CA LEU S 148 20.36 -34.05 28.35
C LEU S 148 19.44 -35.24 28.19
N THR S 149 19.17 -35.96 29.29
CA THR S 149 18.32 -37.14 29.19
C THR S 149 16.86 -36.78 29.02
N LYS S 150 16.43 -35.62 29.53
CA LYS S 150 15.02 -35.26 29.46
C LYS S 150 14.62 -34.82 28.06
N TYR S 151 15.50 -34.07 27.38
CA TYR S 151 15.14 -33.47 26.10
C TYR S 151 16.39 -33.16 25.29
N PRO S 152 16.97 -34.15 24.61
CA PRO S 152 18.23 -33.92 23.89
C PRO S 152 18.12 -32.92 22.74
N GLN S 153 16.92 -32.71 22.20
CA GLN S 153 16.77 -31.78 21.10
C GLN S 153 17.25 -30.38 21.46
N ILE S 154 17.07 -29.98 22.71
CA ILE S 154 17.50 -28.65 23.13
C ILE S 154 19.00 -28.50 22.92
N TYR S 155 19.78 -29.46 23.43
CA TYR S 155 21.23 -29.37 23.30
C TYR S 155 21.66 -29.51 21.85
N LEU S 156 21.02 -30.41 21.10
CA LEU S 156 21.40 -30.58 19.69
C LEU S 156 21.19 -29.28 18.92
N TYR S 157 20.02 -28.66 19.09
CA TYR S 157 19.73 -27.43 18.35
C TYR S 157 20.61 -26.28 18.81
N GLY S 158 20.89 -26.19 20.11
CA GLY S 158 21.78 -25.14 20.59
C GLY S 158 23.18 -25.29 20.02
N VAL S 159 23.70 -26.52 19.98
CA VAL S 159 25.04 -26.74 19.43
C VAL S 159 25.04 -26.42 17.94
N LEU S 160 23.98 -26.80 17.22
CA LEU S 160 23.94 -26.49 15.79
C LEU S 160 23.91 -24.98 15.56
N GLU S 161 23.14 -24.25 16.36
CA GLU S 161 23.11 -22.79 16.22
C GLU S 161 24.47 -22.19 16.53
N GLN S 162 25.15 -22.66 17.56
CA GLN S 162 26.47 -22.16 17.87
C GLN S 162 27.44 -22.46 16.73
N ILE S 163 27.34 -23.64 16.13
CA ILE S 163 28.23 -24.00 15.03
C ILE S 163 28.01 -23.07 13.85
N TYR S 164 26.74 -22.82 13.50
CA TYR S 164 26.48 -21.96 12.36
C TYR S 164 26.81 -20.50 12.64
N LEU S 165 26.77 -20.08 13.91
CA LEU S 165 27.35 -18.78 14.25
C LEU S 165 28.86 -18.78 14.05
N TYR S 166 29.51 -19.89 14.41
CA TYR S 166 30.97 -19.96 14.32
C TYR S 166 31.44 -19.92 12.87
N THR S 167 30.71 -20.57 11.96
CA THR S 167 31.08 -20.63 10.56
C THR S 167 30.63 -19.40 9.79
N MET S 168 30.13 -18.37 10.49
CA MET S 168 29.80 -17.08 9.89
C MET S 168 28.70 -17.20 8.84
N ASP S 169 27.69 -18.00 9.15
CA ASP S 169 26.47 -18.11 8.36
C ASP S 169 25.31 -17.57 9.16
N GLU S 170 24.37 -16.89 8.50
CA GLU S 170 23.33 -16.18 9.22
C GLU S 170 21.93 -16.77 9.05
N ALA S 171 21.58 -17.26 7.85
CA ALA S 171 20.24 -17.79 7.66
C ALA S 171 20.03 -19.05 8.48
N ARG S 172 20.95 -20.00 8.38
CA ARG S 172 20.82 -21.24 9.14
C ARG S 172 20.96 -20.98 10.63
N SER S 173 21.82 -20.02 11.01
CA SER S 173 21.97 -19.68 12.41
C SER S 173 20.66 -19.17 12.99
N GLN S 174 19.97 -18.28 12.26
CA GLN S 174 18.68 -17.77 12.71
C GLN S 174 17.64 -18.88 12.78
N PHE S 175 17.63 -19.76 11.78
CA PHE S 175 16.68 -20.87 11.77
C PHE S 175 16.86 -21.76 12.99
N TRP S 176 18.11 -22.14 13.29
CA TRP S 176 18.35 -23.03 14.41
C TRP S 176 18.13 -22.31 15.75
N GLY S 177 18.40 -21.02 15.81
CA GLY S 177 18.08 -20.27 17.02
C GLY S 177 16.59 -20.25 17.29
N GLN S 178 15.79 -20.07 16.24
CA GLN S 178 14.34 -20.13 16.40
C GLN S 178 13.91 -21.51 16.87
N LYS S 179 14.51 -22.57 16.30
CA LYS S 179 14.17 -23.93 16.73
C LYS S 179 14.48 -24.13 18.21
N LEU S 180 15.65 -23.67 18.65
CA LEU S 180 16.03 -23.81 20.06
C LEU S 180 15.08 -23.05 20.98
N GLU S 181 14.72 -21.82 20.58
CA GLU S 181 13.79 -21.05 21.39
C GLU S 181 12.44 -21.73 21.49
N ARG S 182 11.97 -22.30 20.38
CA ARG S 182 10.69 -23.01 20.42
C ARG S 182 10.77 -24.22 21.34
N ALA S 183 11.88 -24.96 21.30
CA ALA S 183 12.01 -26.11 22.19
C ALA S 183 12.00 -25.69 23.66
N VAL S 184 12.73 -24.62 23.99
CA VAL S 184 12.76 -24.15 25.38
C VAL S 184 11.37 -23.71 25.81
N MET S 185 10.66 -22.98 24.95
CA MET S 185 9.32 -22.54 25.29
C MET S 185 8.39 -23.73 25.50
N GLU S 186 8.52 -24.76 24.67
CA GLU S 186 7.69 -25.95 24.84
C GLU S 186 7.95 -26.62 26.18
N LEU S 187 9.22 -26.76 26.56
CA LEU S 187 9.53 -27.40 27.84
C LEU S 187 8.98 -26.58 29.01
N GLN S 188 9.17 -25.26 28.96
CA GLN S 188 8.66 -24.41 30.03
C GLN S 188 7.14 -24.46 30.11
N ASN S 189 6.47 -24.49 28.95
CA ASN S 189 5.02 -24.57 28.95
C ASN S 189 4.54 -25.89 29.53
N GLU S 190 5.22 -26.99 29.21
CA GLU S 190 4.85 -28.26 29.81
C GLU S 190 4.98 -28.21 31.32
N GLU S 191 6.09 -27.66 31.82
CA GLU S 191 6.26 -27.61 33.27
C GLU S 191 5.24 -26.70 33.92
N ASN S 192 4.87 -25.61 33.26
CA ASN S 192 3.92 -24.67 33.84
C ASN S 192 2.54 -25.30 34.04
N ALA S 193 2.08 -26.08 33.07
CA ALA S 193 0.76 -26.70 33.12
C ALA S 193 0.79 -28.09 33.74
N ALA S 194 1.78 -28.37 34.60
CA ALA S 194 1.84 -29.67 35.25
C ALA S 194 0.65 -29.89 36.16
N ASP S 195 0.26 -28.86 36.93
CA ASP S 195 -0.90 -28.92 37.80
C ASP S 195 -1.75 -27.69 37.56
N PHE S 196 -2.97 -27.90 37.08
CA PHE S 196 -3.84 -26.78 36.74
C PHE S 196 -4.29 -26.01 37.98
N ALA S 197 -4.48 -26.71 39.10
CA ALA S 197 -4.97 -26.06 40.32
C ALA S 197 -3.97 -25.03 40.83
N SER S 198 -2.67 -25.37 40.80
CA SER S 198 -1.66 -24.47 41.32
C SER S 198 -1.38 -23.28 40.41
N THR S 199 -1.92 -23.27 39.19
CA THR S 199 -1.64 -22.19 38.26
C THR S 199 -2.21 -20.86 38.76
N ARG S 200 -3.42 -20.89 39.34
CA ARG S 200 -4.08 -19.65 39.75
C ARG S 200 -3.32 -18.96 40.87
N LEU S 201 -2.62 -19.71 41.71
CA LEU S 201 -1.92 -19.13 42.84
C LEU S 201 -0.59 -18.52 42.39
N ALA S 202 0.07 -17.84 43.33
CA ALA S 202 1.34 -17.16 43.08
C ALA S 202 1.23 -16.17 41.91
N ILE S 203 0.12 -15.44 41.87
CA ILE S 203 -0.12 -14.46 40.82
C ILE S 203 -0.32 -13.08 41.44
N LYS S 204 -1.35 -12.95 42.28
CA LYS S 204 -1.68 -11.68 42.94
C LYS S 204 -1.68 -11.91 44.44
N ASP S 205 -0.72 -11.31 45.14
CA ASP S 205 -0.60 -11.43 46.58
C ASP S 205 -0.33 -10.06 47.18
N ILE S 206 -1.04 -9.72 48.25
CA ILE S 206 -0.87 -8.46 48.98
C ILE S 206 -1.13 -7.28 48.06
N GLU S 207 -2.39 -6.84 48.01
CA GLU S 207 -2.78 -5.71 47.17
C GLU S 207 -3.11 -4.47 47.99
N ARG S 208 -4.04 -4.59 48.94
CA ARG S 208 -4.46 -3.48 49.80
C ARG S 208 -4.91 -2.28 48.98
N ALA T 2 -2.93 -52.21 10.12
CA ALA T 2 -3.30 -50.80 10.10
C ALA T 2 -2.18 -49.97 9.50
N THR T 3 -2.13 -49.92 8.17
CA THR T 3 -1.10 -49.19 7.44
C THR T 3 0.29 -49.61 7.90
N ILE T 4 0.94 -48.79 8.71
CA ILE T 4 2.23 -49.14 9.29
C ILE T 4 2.00 -49.86 10.60
N ASN T 5 2.59 -51.04 10.74
CA ASN T 5 2.34 -51.89 11.90
C ASN T 5 3.45 -51.85 12.93
N ASN T 6 4.72 -51.82 12.51
CA ASN T 6 5.83 -51.81 13.44
C ASN T 6 6.90 -50.85 12.94
N VAL T 7 8.02 -50.81 13.66
CA VAL T 7 9.04 -49.79 13.40
C VAL T 7 9.72 -50.04 12.06
N THR T 8 9.94 -51.31 11.70
CA THR T 8 10.63 -51.61 10.45
C THR T 8 9.85 -51.11 9.24
N ASP T 9 8.53 -51.32 9.24
CA ASP T 9 7.72 -50.81 8.14
C ASP T 9 7.76 -49.28 8.10
N LEU T 10 7.76 -48.64 9.26
CA LEU T 10 7.85 -47.18 9.28
C LEU T 10 9.17 -46.71 8.68
N ALA T 11 10.28 -47.37 9.02
CA ALA T 11 11.57 -46.98 8.46
C ALA T 11 11.59 -47.20 6.95
N ILE T 12 11.05 -48.33 6.49
CA ILE T 12 11.03 -48.59 5.06
C ILE T 12 10.20 -47.54 4.32
N ALA T 13 9.03 -47.21 4.88
CA ALA T 13 8.18 -46.21 4.24
C ALA T 13 8.84 -44.84 4.22
N ALA T 14 9.51 -44.47 5.31
CA ALA T 14 10.20 -43.19 5.34
C ALA T 14 11.32 -43.14 4.31
N ILE T 15 12.08 -44.23 4.18
CA ILE T 15 13.14 -44.27 3.18
C ILE T 15 12.57 -44.16 1.78
N GLN T 16 11.46 -44.87 1.52
CA GLN T 16 10.85 -44.82 0.20
C GLN T 16 10.35 -43.42 -0.12
N TRP T 17 9.69 -42.77 0.84
CA TRP T 17 9.12 -41.45 0.58
C TRP T 17 10.21 -40.40 0.41
N SER T 18 11.25 -40.46 1.24
CA SER T 18 12.32 -39.47 1.16
C SER T 18 13.24 -39.68 -0.03
N ASP T 19 13.24 -40.87 -0.62
CA ASP T 19 14.05 -41.27 -1.76
C ASP T 19 15.54 -41.30 -1.45
N ARG T 20 15.96 -41.01 -0.23
CA ARG T 20 17.36 -41.08 0.12
C ARG T 20 17.77 -42.52 0.42
N GLN T 21 19.08 -42.78 0.29
CA GLN T 21 19.62 -44.09 0.58
C GLN T 21 20.84 -44.05 1.49
N ASP T 22 21.24 -42.88 1.97
CA ASP T 22 22.40 -42.75 2.84
C ASP T 22 22.04 -42.84 4.32
N LEU T 23 20.78 -43.08 4.65
CA LEU T 23 20.33 -43.11 6.03
C LEU T 23 20.54 -44.51 6.60
N THR T 24 21.26 -44.59 7.71
CA THR T 24 21.51 -45.87 8.37
C THR T 24 20.45 -46.13 9.43
N GLN T 25 20.57 -47.25 10.12
CA GLN T 25 19.63 -47.59 11.18
C GLN T 25 19.74 -46.62 12.35
N GLU T 26 20.96 -46.23 12.70
CA GLU T 26 21.15 -45.34 13.84
C GLU T 26 20.47 -43.99 13.62
N LEU T 27 20.59 -43.44 12.41
CA LEU T 27 19.96 -42.15 12.12
C LEU T 27 18.45 -42.26 12.18
N LEU T 28 17.89 -43.36 11.67
CA LEU T 28 16.44 -43.53 11.73
C LEU T 28 15.96 -43.66 13.18
N MET T 29 16.72 -44.39 14.00
CA MET T 29 16.37 -44.49 15.42
C MET T 29 16.43 -43.12 16.09
N LEU T 30 17.44 -42.33 15.76
CA LEU T 30 17.55 -40.99 16.32
C LEU T 30 16.37 -40.12 15.91
N PHE T 31 15.97 -40.19 14.64
CA PHE T 31 14.82 -39.41 14.18
C PHE T 31 13.54 -39.83 14.89
N ILE T 32 13.33 -41.14 15.04
CA ILE T 32 12.14 -41.62 15.73
C ILE T 32 12.13 -41.17 17.18
N GLY T 33 13.29 -41.25 17.84
CA GLY T 33 13.37 -40.77 19.21
C GLY T 33 13.08 -39.29 19.33
N ASN T 34 13.59 -38.49 18.39
CA ASN T 34 13.31 -37.06 18.41
C ASN T 34 11.82 -36.80 18.25
N THR T 35 11.17 -37.52 17.32
CA THR T 35 9.74 -37.32 17.13
C THR T 35 8.96 -37.70 18.38
N THR T 36 9.32 -38.82 19.02
CA THR T 36 8.63 -39.22 20.23
C THR T 36 8.84 -38.20 21.35
N ASP T 37 10.06 -37.68 21.48
CA ASP T 37 10.33 -36.68 22.51
C ASP T 37 9.51 -35.42 22.27
N ARG T 38 9.39 -34.99 21.02
CA ARG T 38 8.56 -33.84 20.73
C ARG T 38 7.10 -34.12 21.05
N LEU T 39 6.61 -35.32 20.72
CA LEU T 39 5.23 -35.68 20.99
C LEU T 39 4.94 -35.71 22.49
N ASN T 40 5.94 -36.06 23.30
CA ASN T 40 5.73 -36.16 24.74
C ASN T 40 5.32 -34.83 25.36
N ARG T 41 5.59 -33.71 24.70
CA ARG T 41 5.30 -32.39 25.24
C ARG T 41 3.96 -31.84 24.78
N LEU T 42 3.19 -32.58 24.00
CA LEU T 42 2.00 -32.01 23.38
C LEU T 42 0.74 -32.82 23.62
N LEU T 43 0.87 -34.14 23.74
CA LEU T 43 -0.28 -35.03 23.75
C LEU T 43 -0.74 -35.31 25.18
N ARG T 44 -2.01 -35.04 25.44
CA ARG T 44 -2.69 -35.43 26.68
C ARG T 44 -4.00 -36.09 26.27
N VAL T 45 -3.95 -37.39 26.02
CA VAL T 45 -5.11 -38.11 25.50
C VAL T 45 -5.49 -39.25 26.42
N ARG T 46 -6.54 -39.99 26.05
CA ARG T 46 -7.05 -41.06 26.90
C ARG T 46 -6.04 -42.17 27.06
N GLU T 47 -5.39 -42.58 25.97
CA GLU T 47 -4.42 -43.67 26.03
C GLU T 47 -3.17 -43.27 26.82
N ASN T 48 -2.94 -41.97 26.99
CA ASN T 48 -1.79 -41.49 27.75
C ASN T 48 -2.04 -41.50 29.25
N GLU T 49 -3.28 -41.70 29.69
CA GLU T 49 -3.63 -41.61 31.09
C GLU T 49 -3.19 -42.86 31.85
N HIS T 50 -3.11 -42.72 33.16
CA HIS T 50 -2.74 -43.84 34.04
C HIS T 50 -3.13 -43.53 35.47
N PHE T 51 -3.81 -44.47 36.14
CA PHE T 51 -4.18 -44.34 37.53
C PHE T 51 -3.66 -45.53 38.30
N GLU T 52 -3.10 -45.27 39.48
CA GLU T 52 -2.48 -46.33 40.25
C GLU T 52 -2.46 -45.97 41.73
N THR T 53 -2.21 -46.97 42.56
CA THR T 53 -2.16 -46.82 44.00
C THR T 53 -0.73 -46.60 44.44
N LEU T 54 -0.49 -45.52 45.18
CA LEU T 54 0.83 -45.17 45.69
C LEU T 54 0.78 -45.07 47.20
N MET T 55 1.82 -45.57 47.85
CA MET T 55 1.94 -45.50 49.30
C MET T 55 2.67 -44.23 49.71
N ALA T 56 2.26 -43.67 50.84
CA ALA T 56 2.87 -42.46 51.38
C ALA T 56 3.93 -42.82 52.39
N PHE T 57 5.10 -42.21 52.26
CA PHE T 57 6.22 -42.44 53.17
C PHE T 57 6.76 -41.10 53.63
N GLY T 58 6.98 -40.97 54.94
CA GLY T 58 7.48 -39.72 55.49
C GLY T 58 6.55 -38.55 55.29
N GLY T 59 5.24 -38.78 55.34
CA GLY T 59 4.30 -37.70 55.15
C GLY T 59 4.24 -37.15 53.75
N GLY T 60 4.65 -37.93 52.75
CA GLY T 60 4.65 -37.44 51.38
C GLY T 60 4.54 -38.58 50.39
N ILE T 61 4.19 -38.22 49.16
CA ILE T 61 4.07 -39.13 48.05
C ILE T 61 5.09 -38.73 47.00
N GLU T 62 5.87 -39.70 46.53
CA GLU T 62 6.91 -39.43 45.54
C GLU T 62 6.29 -39.40 44.15
N ILE T 63 6.66 -38.38 43.38
CA ILE T 63 6.14 -38.24 42.02
C ILE T 63 6.74 -39.32 41.13
N PRO T 64 5.93 -40.05 40.36
CA PRO T 64 6.50 -41.10 39.49
C PRO T 64 7.43 -40.51 38.45
N GLU T 65 8.41 -41.32 38.05
CA GLU T 65 9.40 -40.87 37.07
C GLU T 65 8.80 -40.65 35.69
N HIS T 66 7.69 -41.32 35.36
CA HIS T 66 7.02 -41.13 34.08
C HIS T 66 5.99 -40.01 34.10
N PHE T 67 5.83 -39.34 35.24
CA PHE T 67 4.81 -38.32 35.38
C PHE T 67 5.05 -37.16 34.43
N VAL T 68 3.99 -36.70 33.79
CA VAL T 68 4.06 -35.48 32.98
C VAL T 68 2.98 -34.47 33.32
N ALA T 69 1.85 -34.88 33.90
CA ALA T 69 0.77 -33.96 34.24
C ALA T 69 -0.19 -34.68 35.18
N LEU T 70 -0.65 -33.97 36.21
CA LEU T 70 -1.48 -34.55 37.25
C LEU T 70 -2.96 -34.25 36.99
N ARG T 71 -3.79 -35.26 37.19
CA ARG T 71 -5.24 -35.10 37.06
C ARG T 71 -5.95 -35.10 38.40
N SER T 72 -5.69 -36.08 39.25
CA SER T 72 -6.38 -36.10 40.55
C SER T 72 -5.63 -37.00 41.53
N ILE T 73 -5.80 -36.69 42.82
CA ILE T 73 -5.32 -37.52 43.91
C ILE T 73 -6.48 -37.75 44.86
N THR T 74 -6.73 -39.01 45.20
CA THR T 74 -7.85 -39.36 46.06
C THR T 74 -7.36 -40.25 47.19
N GLY T 75 -7.70 -39.90 48.42
CA GLY T 75 -7.34 -40.73 49.54
C GLY T 75 -8.11 -42.04 49.57
N ASP T 76 -7.55 -43.02 50.24
CA ASP T 76 -8.22 -44.31 50.39
C ASP T 76 -9.39 -44.14 51.35
N SER T 77 -10.41 -44.99 51.17
CA SER T 77 -11.59 -44.90 52.02
C SER T 77 -11.24 -45.13 53.49
N LEU T 78 -10.24 -45.97 53.76
CA LEU T 78 -9.82 -46.19 55.14
C LEU T 78 -9.23 -44.92 55.75
N ILE T 79 -8.48 -44.15 54.96
CA ILE T 79 -7.85 -42.94 55.45
C ILE T 79 -8.79 -41.73 55.35
N GLY T 80 -9.98 -41.89 54.79
CA GLY T 80 -10.92 -40.80 54.69
C GLY T 80 -11.67 -40.77 53.37
N GLY T 81 -11.03 -41.23 52.30
CA GLY T 81 -11.68 -41.28 51.01
C GLY T 81 -12.12 -39.94 50.47
N ARG T 82 -11.27 -38.93 50.60
CA ARG T 82 -11.58 -37.59 50.13
C ARG T 82 -10.67 -37.22 48.97
N THR T 83 -11.21 -36.49 48.00
CA THR T 83 -10.42 -35.97 46.90
C THR T 83 -9.64 -34.76 47.39
N LEU T 84 -8.31 -34.83 47.29
CA LEU T 84 -7.46 -33.81 47.91
C LEU T 84 -7.57 -32.48 47.16
N GLN T 85 -7.25 -31.41 47.86
CA GLN T 85 -7.27 -30.07 47.31
C GLN T 85 -5.91 -29.42 47.49
N TYR T 86 -5.53 -28.58 46.54
CA TYR T 86 -4.22 -27.94 46.55
C TYR T 86 -4.25 -26.68 47.40
N ILE T 87 -3.22 -26.51 48.22
CA ILE T 87 -3.03 -25.31 49.02
C ILE T 87 -1.59 -24.85 48.86
N THR T 88 -1.36 -23.56 49.11
CA THR T 88 -0.04 -23.00 48.98
C THR T 88 0.81 -23.35 50.21
N GLN T 89 2.04 -22.86 50.22
CA GLN T 89 2.95 -23.20 51.31
C GLN T 89 2.60 -22.47 52.60
N ASP T 90 2.27 -21.18 52.51
CA ASP T 90 1.97 -20.42 53.72
C ASP T 90 0.68 -20.89 54.37
N ILE T 91 -0.30 -21.28 53.56
CA ILE T 91 -1.52 -21.88 54.12
C ILE T 91 -1.19 -23.17 54.84
N PHE T 92 -0.30 -23.97 54.26
CA PHE T 92 0.15 -25.19 54.91
C PHE T 92 0.80 -24.88 56.25
N THR T 93 1.65 -23.86 56.29
CA THR T 93 2.32 -23.50 57.54
C THR T 93 1.32 -23.03 58.59
N HIS T 94 0.32 -22.24 58.17
CA HIS T 94 -0.70 -21.79 59.11
C HIS T 94 -1.49 -22.95 59.67
N TYR T 95 -1.87 -23.90 58.80
CA TYR T 95 -2.61 -25.07 59.26
C TYR T 95 -1.79 -25.89 60.24
N VAL T 96 -0.49 -26.05 59.95
CA VAL T 96 0.37 -26.81 60.85
C VAL T 96 0.48 -26.11 62.20
N ASN T 97 0.68 -24.79 62.19
CA ASN T 97 0.91 -24.08 63.43
C ASN T 97 -0.35 -24.01 64.29
N TYR T 98 -1.52 -23.89 63.67
CA TYR T 98 -2.74 -23.72 64.42
C TYR T 98 -3.47 -25.04 64.73
N ASN T 99 -2.93 -26.17 64.26
CA ASN T 99 -3.51 -27.49 64.54
C ASN T 99 -4.96 -27.57 64.06
N TYR T 100 -5.11 -27.48 62.74
CA TYR T 100 -6.45 -27.47 62.15
C TYR T 100 -7.21 -28.75 62.50
N GLN T 101 -6.57 -29.91 62.35
CA GLN T 101 -7.12 -31.20 62.73
C GLN T 101 -8.47 -31.47 62.06
N PRO T 102 -8.52 -31.66 60.74
CA PRO T 102 -9.76 -32.14 60.11
C PRO T 102 -9.95 -33.63 60.36
N GLN T 103 -10.99 -34.21 59.75
CA GLN T 103 -11.26 -35.64 59.96
C GLN T 103 -10.26 -36.51 59.20
N GLY T 104 -10.24 -36.39 57.87
CA GLY T 104 -9.34 -37.15 57.03
C GLY T 104 -8.31 -36.29 56.35
N VAL T 105 -7.64 -36.89 55.37
CA VAL T 105 -6.66 -36.17 54.56
C VAL T 105 -7.40 -35.39 53.49
N THR T 106 -7.21 -34.07 53.47
CA THR T 106 -7.99 -33.23 52.56
C THR T 106 -7.12 -32.33 51.70
N TYR T 107 -5.94 -31.95 52.18
CA TYR T 107 -5.11 -30.97 51.50
C TYR T 107 -3.77 -31.57 51.11
N TYR T 108 -3.15 -30.98 50.08
CA TYR T 108 -1.83 -31.37 49.65
C TYR T 108 -1.15 -30.18 48.99
N THR T 109 0.18 -30.22 48.99
CA THR T 109 1.00 -29.20 48.35
C THR T 109 2.22 -29.88 47.74
N ARG T 110 2.96 -29.15 46.92
CA ARG T 110 4.12 -29.68 46.24
C ARG T 110 5.39 -29.09 46.82
N LEU T 111 6.32 -29.96 47.21
CA LEU T 111 7.61 -29.55 47.73
C LEU T 111 8.68 -30.40 47.07
N GLY T 112 9.55 -29.76 46.30
CA GLY T 112 10.58 -30.49 45.59
C GLY T 112 9.96 -31.49 44.64
N ASN T 113 10.27 -32.76 44.84
CA ASN T 113 9.72 -33.85 44.05
C ASN T 113 8.70 -34.66 44.84
N PHE T 114 8.01 -34.03 45.79
CA PHE T 114 7.09 -34.74 46.66
C PHE T 114 5.78 -33.98 46.78
N TRP T 115 4.71 -34.73 47.05
CA TRP T 115 3.42 -34.17 47.40
C TRP T 115 3.22 -34.40 48.90
N ARG T 116 3.16 -33.31 49.66
CA ARG T 116 3.00 -33.37 51.10
C ARG T 116 1.55 -33.11 51.45
N VAL T 117 0.95 -34.02 52.21
CA VAL T 117 -0.42 -33.92 52.66
C VAL T 117 -0.44 -33.31 54.05
N PHE T 118 -1.45 -32.47 54.33
CA PHE T 118 -1.44 -31.73 55.59
C PHE T 118 -1.70 -32.62 56.80
N PRO T 119 -2.83 -33.34 56.89
CA PRO T 119 -3.04 -34.16 58.08
C PRO T 119 -2.07 -35.33 58.06
N VAL T 120 -0.84 -35.07 58.51
CA VAL T 120 0.26 -36.00 58.33
C VAL T 120 -0.14 -37.39 58.79
N VAL T 121 0.05 -38.37 57.92
CA VAL T 121 -0.38 -39.74 58.18
C VAL T 121 0.85 -40.61 58.36
N PRO T 122 0.73 -41.74 59.07
CA PRO T 122 1.88 -42.64 59.19
C PRO T 122 2.22 -43.29 57.85
N ASP T 123 3.44 -43.79 57.77
CA ASP T 123 3.91 -44.42 56.54
C ASP T 123 3.03 -45.61 56.18
N GLY T 124 2.76 -45.76 54.89
CA GLY T 124 1.93 -46.83 54.39
C GLY T 124 0.51 -46.45 54.02
N ALA T 125 0.15 -45.19 54.12
CA ALA T 125 -1.19 -44.75 53.74
C ALA T 125 -1.34 -44.83 52.23
N PRO T 126 -2.36 -45.49 51.70
CA PRO T 126 -2.50 -45.60 50.24
C PRO T 126 -3.32 -44.46 49.67
N PHE T 127 -2.96 -44.09 48.44
CA PHE T 127 -3.67 -43.06 47.69
C PHE T 127 -3.84 -43.55 46.26
N ILE T 128 -4.85 -43.03 45.59
CA ILE T 128 -5.11 -43.31 44.18
C ILE T 128 -4.77 -42.07 43.39
N VAL T 129 -3.75 -42.16 42.54
CA VAL T 129 -3.28 -41.03 41.74
C VAL T 129 -3.61 -41.30 40.28
N ASN T 130 -4.29 -40.35 39.65
CA ASN T 130 -4.60 -40.41 38.23
C ASN T 130 -3.87 -39.27 37.55
N TYR T 131 -3.06 -39.61 36.54
CA TYR T 131 -2.16 -38.64 35.92
C TYR T 131 -1.88 -39.06 34.49
N TRP T 132 -0.95 -38.36 33.85
CA TRP T 132 -0.53 -38.63 32.48
C TRP T 132 0.94 -39.03 32.48
N THR T 133 1.29 -39.97 31.61
CA THR T 133 2.65 -40.44 31.48
C THR T 133 3.22 -40.00 30.13
N VAL T 134 4.45 -40.42 29.87
CA VAL T 134 5.09 -40.15 28.59
C VAL T 134 4.77 -41.29 27.63
N LEU T 135 4.89 -41.00 26.34
CA LEU T 135 4.62 -42.01 25.33
C LEU T 135 5.67 -43.11 25.40
N PRO T 136 5.28 -44.36 25.14
CA PRO T 136 6.27 -45.44 25.14
C PRO T 136 7.30 -45.23 24.04
N GLU T 137 8.55 -45.58 24.34
CA GLU T 137 9.63 -45.40 23.37
C GLU T 137 9.50 -46.43 22.26
N LEU T 138 9.74 -45.98 21.03
CA LEU T 138 9.67 -46.83 19.85
C LEU T 138 11.09 -47.15 19.39
N SER T 139 11.42 -48.43 19.33
CA SER T 139 12.77 -48.86 18.98
C SER T 139 12.71 -50.32 18.54
N LEU T 140 13.87 -50.90 18.29
CA LEU T 140 13.93 -52.30 17.89
C LEU T 140 13.44 -53.22 19.00
N ALA T 141 13.79 -52.91 20.25
CA ALA T 141 13.33 -53.72 21.37
C ALA T 141 11.84 -53.57 21.64
N ASN T 142 11.26 -52.45 21.25
CA ASN T 142 9.82 -52.18 21.43
C ASN T 142 9.26 -51.79 20.08
N PRO T 143 9.00 -52.77 19.21
CA PRO T 143 8.66 -52.44 17.81
C PRO T 143 7.25 -51.90 17.62
N THR T 144 6.37 -51.95 18.62
CA THR T 144 5.00 -51.51 18.44
C THR T 144 4.53 -50.71 19.63
N THR T 145 3.79 -49.63 19.35
CA THR T 145 3.16 -48.81 20.38
C THR T 145 1.77 -48.43 19.92
N TRP T 146 0.95 -47.99 20.88
CA TRP T 146 -0.41 -47.57 20.54
C TRP T 146 -0.42 -46.33 19.67
N ALA T 147 0.55 -45.43 19.85
CA ALA T 147 0.60 -44.21 19.06
C ALA T 147 0.79 -44.53 17.58
N LEU T 148 1.67 -45.47 17.26
CA LEU T 148 1.89 -45.84 15.87
C LEU T 148 0.64 -46.46 15.25
N THR T 149 -0.02 -47.35 15.98
CA THR T 149 -1.19 -48.03 15.46
C THR T 149 -2.44 -47.15 15.45
N LYS T 150 -2.42 -46.01 16.14
CA LYS T 150 -3.60 -45.14 16.15
C LYS T 150 -3.59 -44.13 15.02
N TYR T 151 -2.42 -43.63 14.64
CA TYR T 151 -2.31 -42.58 13.63
C TYR T 151 -0.91 -42.54 13.05
N PRO T 152 -0.59 -43.43 12.11
CA PRO T 152 0.80 -43.52 11.61
C PRO T 152 1.28 -42.27 10.88
N GLN T 153 0.37 -41.44 10.37
CA GLN T 153 0.78 -40.25 9.65
C GLN T 153 1.65 -39.35 10.51
N ILE T 154 1.38 -39.28 11.81
CA ILE T 154 2.16 -38.42 12.70
C ILE T 154 3.62 -38.85 12.68
N TYR T 155 3.87 -40.13 12.89
CA TYR T 155 5.26 -40.62 12.90
C TYR T 155 5.90 -40.48 11.53
N LEU T 156 5.15 -40.79 10.47
CA LEU T 156 5.72 -40.67 9.12
C LEU T 156 6.15 -39.24 8.83
N TYR T 157 5.28 -38.27 9.13
CA TYR T 157 5.61 -36.88 8.85
C TYR T 157 6.74 -36.39 9.74
N GLY T 158 6.75 -36.80 11.00
CA GLY T 158 7.86 -36.40 11.87
C GLY T 158 9.19 -36.93 11.39
N VAL T 159 9.22 -38.19 10.97
CA VAL T 159 10.47 -38.76 10.49
C VAL T 159 10.90 -38.09 9.19
N LEU T 160 9.95 -37.77 8.30
CA LEU T 160 10.30 -37.07 7.08
C LEU T 160 10.89 -35.69 7.37
N GLU T 161 10.28 -34.97 8.32
CA GLU T 161 10.80 -33.65 8.68
C GLU T 161 12.20 -33.76 9.26
N GLN T 162 12.43 -34.75 10.13
CA GLN T 162 13.76 -34.95 10.68
C GLN T 162 14.76 -35.27 9.58
N ILE T 163 14.37 -36.11 8.62
CA ILE T 163 15.26 -36.49 7.53
C ILE T 163 15.67 -35.26 6.74
N TYR T 164 14.69 -34.42 6.39
CA TYR T 164 15.01 -33.23 5.62
C TYR T 164 15.81 -32.23 6.44
N LEU T 165 15.65 -32.25 7.76
CA LEU T 165 16.54 -31.46 8.62
C LEU T 165 17.97 -31.95 8.52
N TYR T 166 18.15 -33.27 8.50
CA TYR T 166 19.50 -33.84 8.49
C TYR T 166 20.26 -33.48 7.22
N THR T 167 19.58 -33.48 6.08
CA THR T 167 20.22 -33.23 4.79
C THR T 167 20.37 -31.74 4.48
N MET T 168 20.26 -30.88 5.49
CA MET T 168 20.51 -29.45 5.35
C MET T 168 19.60 -28.81 4.29
N ASP T 169 18.35 -29.25 4.26
CA ASP T 169 17.31 -28.64 3.43
C ASP T 169 16.22 -28.13 4.35
N GLU T 170 15.85 -26.86 4.20
CA GLU T 170 14.99 -26.20 5.16
C GLU T 170 13.55 -26.07 4.69
N ALA T 171 13.32 -25.76 3.41
CA ALA T 171 11.95 -25.52 2.94
C ALA T 171 11.08 -26.76 3.12
N ARG T 172 11.56 -27.91 2.66
CA ARG T 172 10.79 -29.14 2.83
C ARG T 172 10.66 -29.49 4.31
N SER T 173 11.63 -29.10 5.13
CA SER T 173 11.50 -29.29 6.56
C SER T 173 10.30 -28.53 7.11
N GLN T 174 10.13 -27.28 6.70
CA GLN T 174 8.96 -26.51 7.14
C GLN T 174 7.68 -27.13 6.60
N PHE T 175 7.70 -27.60 5.35
CA PHE T 175 6.52 -28.24 4.77
C PHE T 175 6.07 -29.43 5.62
N TRP T 176 7.00 -30.34 5.90
CA TRP T 176 6.65 -31.53 6.68
C TRP T 176 6.33 -31.20 8.12
N GLY T 177 6.97 -30.17 8.69
CA GLY T 177 6.63 -29.76 10.03
C GLY T 177 5.21 -29.23 10.13
N GLN T 178 4.79 -28.44 9.14
CA GLN T 178 3.41 -27.97 9.11
C GLN T 178 2.45 -29.15 9.01
N LYS T 179 2.76 -30.13 8.15
CA LYS T 179 1.89 -31.29 8.04
C LYS T 179 1.78 -32.02 9.38
N LEU T 180 2.93 -32.24 10.04
CA LEU T 180 2.93 -32.97 11.31
C LEU T 180 2.16 -32.22 12.38
N GLU T 181 2.35 -30.91 12.48
CA GLU T 181 1.65 -30.15 13.51
C GLU T 181 0.15 -30.12 13.24
N ARG T 182 -0.25 -30.07 11.97
CA ARG T 182 -1.68 -30.14 11.67
C ARG T 182 -2.27 -31.48 12.09
N ALA T 183 -1.55 -32.58 11.80
CA ALA T 183 -2.04 -33.88 12.22
C ALA T 183 -2.17 -33.99 13.73
N VAL T 184 -1.16 -33.50 14.46
CA VAL T 184 -1.19 -33.57 15.91
C VAL T 184 -2.34 -32.75 16.47
N MET T 185 -2.53 -31.55 15.93
CA MET T 185 -3.60 -30.68 16.40
C MET T 185 -4.96 -31.32 16.15
N GLU T 186 -5.15 -31.94 14.99
CA GLU T 186 -6.45 -32.54 14.70
C GLU T 186 -6.70 -33.75 15.59
N LEU T 187 -5.66 -34.54 15.89
CA LEU T 187 -5.84 -35.67 16.81
C LEU T 187 -6.22 -35.18 18.20
N GLN T 188 -5.53 -34.13 18.69
CA GLN T 188 -5.86 -33.59 20.00
C GLN T 188 -7.27 -33.03 20.03
N ASN T 189 -7.69 -32.36 18.95
CA ASN T 189 -9.05 -31.82 18.89
C ASN T 189 -10.08 -32.93 18.94
N GLU T 190 -9.84 -34.02 18.20
CA GLU T 190 -10.76 -35.15 18.25
C GLU T 190 -10.85 -35.73 19.66
N GLU T 191 -9.71 -35.88 20.33
CA GLU T 191 -9.72 -36.38 21.70
C GLU T 191 -10.51 -35.44 22.62
N ASN T 192 -10.32 -34.13 22.45
CA ASN T 192 -11.04 -33.17 23.29
C ASN T 192 -12.54 -33.24 23.05
N ALA T 193 -12.95 -33.42 21.79
CA ALA T 193 -14.35 -33.47 21.43
C ALA T 193 -14.96 -34.86 21.56
N ALA T 194 -14.19 -35.83 22.07
CA ALA T 194 -14.72 -37.18 22.25
C ALA T 194 -16.03 -37.20 23.03
N ASP T 195 -16.08 -36.48 24.14
CA ASP T 195 -17.27 -36.41 24.97
C ASP T 195 -17.72 -34.95 25.08
N PHE T 196 -18.95 -34.68 24.63
CA PHE T 196 -19.44 -33.31 24.63
C PHE T 196 -19.81 -32.84 26.04
N ALA T 197 -20.41 -33.73 26.84
CA ALA T 197 -20.86 -33.34 28.17
C ALA T 197 -19.69 -32.97 29.07
N SER T 198 -18.60 -33.72 28.99
CA SER T 198 -17.44 -33.46 29.85
C SER T 198 -16.70 -32.19 29.48
N THR T 199 -16.94 -31.63 28.30
CA THR T 199 -16.20 -30.45 27.87
C THR T 199 -16.54 -29.24 28.73
N ARG T 200 -17.81 -29.06 29.08
CA ARG T 200 -18.20 -27.88 29.85
C ARG T 200 -17.52 -27.85 31.21
N LEU T 201 -17.43 -28.99 31.87
CA LEU T 201 -16.77 -29.07 33.17
C LEU T 201 -15.26 -29.08 32.98
N ALA T 202 -14.54 -29.18 34.10
CA ALA T 202 -13.07 -29.20 34.11
C ALA T 202 -12.48 -27.93 33.48
N ILE T 203 -13.24 -26.83 33.53
CA ILE T 203 -12.81 -25.54 33.01
C ILE T 203 -12.87 -24.46 34.08
N LYS T 204 -14.02 -24.31 34.74
CA LYS T 204 -14.20 -23.33 35.81
C LYS T 204 -14.12 -24.06 37.14
N ASP T 205 -13.20 -23.61 38.00
CA ASP T 205 -13.00 -24.22 39.31
C ASP T 205 -12.64 -23.14 40.31
N ILE T 206 -13.30 -23.18 41.48
CA ILE T 206 -13.14 -22.26 42.60
C ILE T 206 -12.71 -20.87 42.17
N GLU T 207 -13.68 -19.99 41.95
CA GLU T 207 -13.42 -18.63 41.48
C GLU T 207 -13.42 -17.61 42.62
N ARG T 208 -14.44 -17.65 43.48
CA ARG T 208 -14.57 -16.72 44.60
C ARG T 208 -14.54 -15.26 44.12
N ALA U 2 -22.66 -47.07 -7.52
CA ALA U 2 -22.03 -47.27 -8.82
C ALA U 2 -20.70 -46.53 -8.90
N THR U 3 -20.43 -45.93 -10.06
CA THR U 3 -19.21 -45.17 -10.30
C THR U 3 -17.99 -46.05 -10.06
N ILE U 4 -17.41 -45.99 -8.87
CA ILE U 4 -16.33 -46.86 -8.45
C ILE U 4 -16.88 -47.85 -7.44
N ASN U 5 -16.67 -49.14 -7.70
CA ASN U 5 -17.31 -50.20 -6.92
C ASN U 5 -16.44 -50.73 -5.79
N ASN U 6 -15.21 -51.15 -6.09
CA ASN U 6 -14.35 -51.75 -5.07
C ASN U 6 -12.95 -51.16 -5.20
N VAL U 7 -12.03 -51.71 -4.40
CA VAL U 7 -10.70 -51.12 -4.24
C VAL U 7 -9.88 -51.25 -5.52
N THR U 8 -10.04 -52.36 -6.25
CA THR U 8 -9.25 -52.56 -7.45
C THR U 8 -9.54 -51.50 -8.50
N ASP U 9 -10.82 -51.18 -8.70
CA ASP U 9 -11.18 -50.13 -9.63
C ASP U 9 -10.67 -48.77 -9.15
N LEU U 10 -10.67 -48.54 -7.84
CA LEU U 10 -10.12 -47.29 -7.31
C LEU U 10 -8.65 -47.16 -7.63
N ALA U 11 -7.88 -48.24 -7.44
CA ALA U 11 -6.47 -48.22 -7.77
C ALA U 11 -6.25 -48.00 -9.26
N ILE U 12 -7.06 -48.67 -10.09
CA ILE U 12 -6.93 -48.51 -11.54
C ILE U 12 -7.21 -47.07 -11.94
N ALA U 13 -8.25 -46.46 -11.37
CA ALA U 13 -8.58 -45.08 -11.70
C ALA U 13 -7.49 -44.13 -11.22
N ALA U 14 -6.92 -44.38 -10.04
CA ALA U 14 -5.84 -43.53 -9.56
C ALA U 14 -4.63 -43.61 -10.49
N ILE U 15 -4.28 -44.82 -10.92
CA ILE U 15 -3.17 -44.97 -11.86
C ILE U 15 -3.46 -44.25 -13.17
N GLN U 16 -4.70 -44.39 -13.66
CA GLN U 16 -5.06 -43.76 -14.93
C GLN U 16 -4.98 -42.24 -14.84
N TRP U 17 -5.48 -41.67 -13.74
CA TRP U 17 -5.48 -40.22 -13.62
C TRP U 17 -4.09 -39.67 -13.38
N SER U 18 -3.30 -40.31 -12.52
CA SER U 18 -1.96 -39.84 -12.22
C SER U 18 -0.94 -40.24 -13.27
N ASP U 19 -1.26 -41.22 -14.11
CA ASP U 19 -0.40 -41.70 -15.19
C ASP U 19 0.87 -42.37 -14.65
N ARG U 20 1.01 -42.46 -13.33
CA ARG U 20 2.18 -43.10 -12.74
C ARG U 20 1.96 -44.61 -12.72
N GLN U 21 2.48 -45.30 -13.73
CA GLN U 21 2.36 -46.75 -13.81
C GLN U 21 3.42 -47.48 -13.02
N ASP U 22 4.37 -46.77 -12.42
CA ASP U 22 5.45 -47.38 -11.67
C ASP U 22 5.09 -47.64 -10.21
N LEU U 23 3.89 -47.26 -9.78
CA LEU U 23 3.50 -47.44 -8.39
C LEU U 23 3.07 -48.87 -8.14
N THR U 24 3.64 -49.48 -7.11
CA THR U 24 3.26 -50.85 -6.74
C THR U 24 1.95 -50.83 -5.98
N GLN U 25 1.43 -52.04 -5.71
CA GLN U 25 0.18 -52.15 -4.96
C GLN U 25 0.36 -51.76 -3.50
N GLU U 26 1.55 -51.98 -2.94
CA GLU U 26 1.78 -51.63 -1.55
C GLU U 26 1.66 -50.13 -1.32
N LEU U 27 2.21 -49.33 -2.25
CA LEU U 27 2.10 -47.88 -2.11
C LEU U 27 0.65 -47.43 -2.20
N LEU U 28 -0.12 -48.01 -3.11
CA LEU U 28 -1.53 -47.66 -3.22
C LEU U 28 -2.28 -48.03 -1.95
N MET U 29 -1.98 -49.20 -1.38
CA MET U 29 -2.60 -49.59 -0.12
C MET U 29 -2.25 -48.61 0.99
N LEU U 30 -0.99 -48.17 1.03
CA LEU U 30 -0.58 -47.20 2.04
C LEU U 30 -1.32 -45.88 1.86
N PHE U 31 -1.48 -45.43 0.61
CA PHE U 31 -2.20 -44.19 0.36
C PHE U 31 -3.66 -44.30 0.81
N ILE U 32 -4.31 -45.42 0.48
CA ILE U 32 -5.71 -45.62 0.87
C ILE U 32 -5.83 -45.66 2.38
N GLY U 33 -4.89 -46.34 3.05
CA GLY U 33 -4.91 -46.37 4.50
C GLY U 33 -4.74 -45.00 5.12
N ASN U 34 -3.85 -44.18 4.55
CA ASN U 34 -3.67 -42.82 5.04
C ASN U 34 -4.94 -42.01 4.87
N THR U 35 -5.60 -42.14 3.72
CA THR U 35 -6.85 -41.41 3.51
C THR U 35 -7.92 -41.84 4.50
N THR U 36 -8.04 -43.14 4.74
CA THR U 36 -9.03 -43.62 5.71
C THR U 36 -8.70 -43.13 7.11
N ASP U 37 -7.43 -43.14 7.49
CA ASP U 37 -7.04 -42.64 8.81
C ASP U 37 -7.37 -41.17 8.97
N ARG U 38 -7.12 -40.37 7.93
CA ARG U 38 -7.50 -38.96 7.99
C ARG U 38 -9.00 -38.80 8.10
N LEU U 39 -9.77 -39.61 7.37
CA LEU U 39 -11.22 -39.52 7.43
C LEU U 39 -11.73 -39.89 8.81
N ASN U 40 -11.06 -40.82 9.50
CA ASN U 40 -11.55 -41.29 10.80
C ASN U 40 -11.62 -40.18 11.84
N ARG U 41 -10.88 -39.09 11.67
CA ARG U 41 -10.82 -38.02 12.64
C ARG U 41 -11.71 -36.84 12.27
N LEU U 42 -12.53 -36.97 11.24
CA LEU U 42 -13.29 -35.83 10.74
C LEU U 42 -14.78 -36.08 10.53
N LEU U 43 -15.22 -37.33 10.40
CA LEU U 43 -16.58 -37.63 10.00
C LEU U 43 -17.39 -38.12 11.20
N ARG U 44 -18.57 -37.52 11.39
CA ARG U 44 -19.56 -37.99 12.36
C ARG U 44 -20.89 -38.01 11.62
N VAL U 45 -21.18 -39.14 10.96
CA VAL U 45 -22.33 -39.26 10.08
C VAL U 45 -23.20 -40.40 10.59
N ARG U 46 -24.45 -40.42 10.11
CA ARG U 46 -25.39 -41.44 10.54
C ARG U 46 -24.88 -42.84 10.21
N GLU U 47 -24.26 -43.00 9.04
CA GLU U 47 -23.68 -44.30 8.68
C GLU U 47 -22.58 -44.72 9.63
N ASN U 48 -21.95 -43.77 10.31
CA ASN U 48 -20.88 -44.05 11.26
C ASN U 48 -21.39 -44.34 12.66
N GLU U 49 -22.68 -44.14 12.92
CA GLU U 49 -23.23 -44.32 14.25
C GLU U 49 -23.43 -45.81 14.55
N HIS U 50 -23.52 -46.13 15.84
CA HIS U 50 -23.72 -47.50 16.26
C HIS U 50 -24.21 -47.50 17.70
N PHE U 51 -25.27 -48.26 17.97
CA PHE U 51 -25.79 -48.42 19.32
C PHE U 51 -25.89 -49.90 19.64
N GLU U 52 -25.51 -50.25 20.86
CA GLU U 52 -25.45 -51.66 21.24
C GLU U 52 -25.55 -51.79 22.75
N THR U 53 -25.80 -53.02 23.20
CA THR U 53 -25.96 -53.31 24.62
C THR U 53 -24.65 -53.81 25.20
N LEU U 54 -24.26 -53.24 26.33
CA LEU U 54 -23.01 -53.57 27.00
C LEU U 54 -23.26 -53.99 28.44
N MET U 55 -22.42 -54.88 28.93
CA MET U 55 -22.49 -55.36 30.30
C MET U 55 -21.66 -54.47 31.21
N ALA U 56 -22.09 -54.34 32.46
CA ALA U 56 -21.32 -53.63 33.48
C ALA U 56 -20.58 -54.65 34.32
N PHE U 57 -19.25 -54.52 34.38
CA PHE U 57 -18.40 -55.46 35.10
C PHE U 57 -17.55 -54.68 36.09
N GLY U 58 -17.58 -55.12 37.35
CA GLY U 58 -16.80 -54.45 38.38
C GLY U 58 -17.21 -53.02 38.62
N GLY U 59 -18.50 -52.73 38.51
CA GLY U 59 -18.96 -51.38 38.71
C GLY U 59 -18.60 -50.41 37.61
N GLY U 60 -18.28 -50.91 36.42
CA GLY U 60 -17.89 -50.05 35.32
C GLY U 60 -18.17 -50.69 33.98
N ILE U 61 -18.13 -49.86 32.95
CA ILE U 61 -18.34 -50.28 31.56
C ILE U 61 -17.06 -50.00 30.79
N GLU U 62 -16.57 -51.01 30.07
CA GLU U 62 -15.35 -50.85 29.29
C GLU U 62 -15.66 -50.15 27.98
N ILE U 63 -14.84 -49.16 27.64
CA ILE U 63 -15.04 -48.41 26.40
C ILE U 63 -14.72 -49.30 25.22
N PRO U 64 -15.56 -49.36 24.19
CA PRO U 64 -15.26 -50.21 23.02
C PRO U 64 -14.01 -49.76 22.31
N GLU U 65 -13.34 -50.72 21.66
CA GLU U 65 -12.07 -50.43 20.99
C GLU U 65 -12.25 -49.53 19.78
N HIS U 66 -13.43 -49.54 19.16
CA HIS U 66 -13.69 -48.71 18.00
C HIS U 66 -14.28 -47.36 18.37
N PHE U 67 -14.42 -47.07 19.66
CA PHE U 67 -15.06 -45.85 20.11
C PHE U 67 -14.28 -44.62 19.62
N VAL U 68 -15.03 -43.63 19.11
CA VAL U 68 -14.42 -42.38 18.68
C VAL U 68 -15.11 -41.21 19.36
N ALA U 69 -16.40 -41.37 19.67
CA ALA U 69 -17.17 -40.29 20.26
C ALA U 69 -18.46 -40.87 20.85
N LEU U 70 -18.86 -40.33 22.00
CA LEU U 70 -20.01 -40.84 22.73
C LEU U 70 -21.22 -39.95 22.49
N ARG U 71 -22.38 -40.58 22.27
CA ARG U 71 -23.63 -39.86 22.11
C ARG U 71 -24.53 -40.02 23.33
N SER U 72 -24.78 -41.25 23.78
CA SER U 72 -25.69 -41.42 24.91
C SER U 72 -25.46 -42.77 25.57
N ILE U 73 -25.74 -42.80 26.88
CA ILE U 73 -25.76 -44.03 27.67
C ILE U 73 -27.09 -44.09 28.40
N THR U 74 -27.79 -45.21 28.28
CA THR U 74 -29.10 -45.37 28.89
C THR U 74 -29.14 -46.67 29.68
N GLY U 75 -29.58 -46.59 30.93
CA GLY U 75 -29.72 -47.78 31.72
C GLY U 75 -30.90 -48.63 31.30
N ASP U 76 -30.85 -49.91 31.64
CA ASP U 76 -31.93 -50.81 31.33
C ASP U 76 -33.13 -50.55 32.25
N SER U 77 -34.31 -50.95 31.79
CA SER U 77 -35.52 -50.75 32.59
C SER U 77 -35.46 -51.51 33.90
N LEU U 78 -34.70 -52.60 33.95
CA LEU U 78 -34.57 -53.37 35.19
C LEU U 78 -33.79 -52.61 36.26
N ILE U 79 -32.95 -51.66 35.88
CA ILE U 79 -32.12 -50.92 36.82
C ILE U 79 -32.50 -49.44 36.85
N GLY U 80 -33.69 -49.09 36.36
CA GLY U 80 -34.14 -47.72 36.42
C GLY U 80 -34.59 -47.17 35.08
N GLY U 81 -33.89 -47.56 34.01
CA GLY U 81 -34.24 -47.08 32.69
C GLY U 81 -34.10 -45.58 32.52
N ARG U 82 -33.03 -45.01 33.06
CA ARG U 82 -32.79 -43.57 32.98
C ARG U 82 -31.65 -43.30 32.00
N THR U 83 -31.56 -42.04 31.58
CA THR U 83 -30.45 -41.57 30.76
C THR U 83 -29.41 -40.96 31.68
N LEU U 84 -28.19 -41.50 31.62
CA LEU U 84 -27.16 -41.12 32.58
C LEU U 84 -26.67 -39.71 32.32
N GLN U 85 -26.17 -39.07 33.38
CA GLN U 85 -25.59 -37.73 33.30
C GLN U 85 -24.14 -37.76 33.76
N TYR U 86 -23.36 -36.82 33.24
CA TYR U 86 -21.94 -36.76 33.54
C TYR U 86 -21.68 -35.93 34.78
N ILE U 87 -20.82 -36.44 35.67
CA ILE U 87 -20.39 -35.73 36.86
C ILE U 87 -18.89 -35.84 36.96
N THR U 88 -18.29 -34.90 37.68
CA THR U 88 -16.84 -34.87 37.85
C THR U 88 -16.42 -35.83 38.96
N GLN U 89 -15.11 -35.93 39.16
CA GLN U 89 -14.58 -36.83 40.18
C GLN U 89 -14.95 -36.37 41.58
N ASP U 90 -14.91 -35.06 41.83
CA ASP U 90 -15.24 -34.55 43.16
C ASP U 90 -16.68 -34.83 43.52
N ILE U 91 -17.61 -34.64 42.58
CA ILE U 91 -19.02 -34.92 42.85
C ILE U 91 -19.21 -36.40 43.11
N PHE U 92 -18.50 -37.25 42.36
CA PHE U 92 -18.58 -38.68 42.58
C PHE U 92 -18.10 -39.04 43.99
N THR U 93 -16.99 -38.45 44.41
CA THR U 93 -16.48 -38.73 45.75
C THR U 93 -17.45 -38.26 46.83
N HIS U 94 -18.04 -37.08 46.66
CA HIS U 94 -19.01 -36.59 47.63
C HIS U 94 -20.22 -37.50 47.70
N TYR U 95 -20.73 -37.93 46.54
CA TYR U 95 -21.88 -38.82 46.53
C TYR U 95 -21.56 -40.14 47.21
N VAL U 96 -20.37 -40.69 46.97
CA VAL U 96 -19.99 -41.94 47.61
C VAL U 96 -19.88 -41.76 49.11
N ASN U 97 -19.25 -40.66 49.55
CA ASN U 97 -19.02 -40.48 50.98
C ASN U 97 -20.31 -40.23 51.74
N TYR U 98 -21.26 -39.50 51.14
CA TYR U 98 -22.47 -39.12 51.85
C TYR U 98 -23.63 -40.09 51.64
N ASN U 99 -23.42 -41.16 50.88
CA ASN U 99 -24.45 -42.19 50.65
C ASN U 99 -25.74 -41.57 50.09
N TYR U 100 -25.61 -41.04 48.88
CA TYR U 100 -26.73 -40.35 48.26
C TYR U 100 -27.93 -41.27 48.09
N GLN U 101 -27.71 -42.47 47.56
CA GLN U 101 -28.73 -43.50 47.41
C GLN U 101 -29.95 -43.01 46.64
N PRO U 102 -29.83 -42.75 45.33
CA PRO U 102 -31.03 -42.47 44.54
C PRO U 102 -31.76 -43.75 44.18
N GLN U 103 -32.80 -43.65 43.35
CA GLN U 103 -33.61 -44.82 43.02
C GLN U 103 -32.85 -45.76 42.10
N GLY U 104 -32.50 -45.30 40.91
CA GLY U 104 -31.78 -46.13 39.95
C GLY U 104 -30.44 -45.54 39.58
N VAL U 105 -29.79 -46.13 38.57
CA VAL U 105 -28.50 -45.61 38.10
C VAL U 105 -28.75 -44.27 37.41
N THR U 106 -28.02 -43.25 37.83
CA THR U 106 -28.29 -41.91 37.32
C THR U 106 -27.08 -41.21 36.76
N TYR U 107 -25.91 -41.38 37.38
CA TYR U 107 -24.73 -40.61 37.03
C TYR U 107 -23.61 -41.53 36.54
N TYR U 108 -22.72 -40.96 35.73
CA TYR U 108 -21.56 -41.68 35.25
C TYR U 108 -20.39 -40.70 35.11
N THR U 109 -19.19 -41.26 35.15
CA THR U 109 -17.97 -40.48 34.99
C THR U 109 -16.95 -41.35 34.28
N ARG U 110 -15.89 -40.72 33.76
CA ARG U 110 -14.85 -41.42 33.02
C ARG U 110 -13.61 -41.52 33.90
N LEU U 111 -13.15 -42.74 34.11
CA LEU U 111 -11.94 -43.00 34.88
C LEU U 111 -11.04 -43.90 34.03
N GLY U 112 -9.91 -43.36 33.59
CA GLY U 112 -9.00 -44.10 32.73
C GLY U 112 -9.66 -44.55 31.45
N ASN U 113 -9.88 -45.85 31.32
CA ASN U 113 -10.52 -46.44 30.14
C ASN U 113 -11.88 -47.03 30.47
N PHE U 114 -12.53 -46.56 31.53
CA PHE U 114 -13.79 -47.13 31.97
C PHE U 114 -14.79 -46.02 32.29
N TRP U 115 -16.06 -46.36 32.20
CA TRP U 115 -17.15 -45.50 32.64
C TRP U 115 -17.68 -46.05 33.95
N ARG U 116 -17.57 -45.27 35.02
CA ARG U 116 -18.02 -45.67 36.34
C ARG U 116 -19.36 -45.02 36.64
N VAL U 117 -20.34 -45.83 37.02
CA VAL U 117 -21.68 -45.36 37.39
C VAL U 117 -21.72 -45.24 38.91
N PHE U 118 -22.43 -44.21 39.41
CA PHE U 118 -22.38 -43.95 40.85
C PHE U 118 -23.18 -44.99 41.64
N PRO U 119 -24.48 -45.18 41.41
CA PRO U 119 -25.20 -46.17 42.22
C PRO U 119 -24.72 -47.56 41.88
N VAL U 120 -23.57 -47.94 42.46
CA VAL U 120 -22.83 -49.14 42.09
C VAL U 120 -23.76 -50.34 42.01
N VAL U 121 -23.74 -51.02 40.88
CA VAL U 121 -24.66 -52.12 40.60
C VAL U 121 -23.89 -53.42 40.58
N PRO U 122 -24.53 -54.56 40.86
CA PRO U 122 -23.83 -55.84 40.75
C PRO U 122 -23.43 -56.14 39.32
N ASP U 123 -22.53 -57.11 39.17
CA ASP U 123 -22.00 -57.46 37.86
C ASP U 123 -23.12 -57.96 36.95
N GLY U 124 -23.07 -57.55 35.69
CA GLY U 124 -24.05 -57.98 34.71
C GLY U 124 -25.18 -57.01 34.44
N ALA U 125 -25.06 -55.76 34.85
CA ALA U 125 -26.10 -54.78 34.56
C ALA U 125 -26.04 -54.38 33.09
N PRO U 126 -27.14 -54.44 32.36
CA PRO U 126 -27.12 -54.07 30.93
C PRO U 126 -27.36 -52.59 30.72
N PHE U 127 -26.64 -52.03 29.75
CA PHE U 127 -26.79 -50.65 29.35
C PHE U 127 -26.85 -50.58 27.83
N ILE U 128 -27.47 -49.52 27.32
CA ILE U 128 -27.53 -49.26 25.89
C ILE U 128 -26.66 -48.04 25.61
N VAL U 129 -25.62 -48.24 24.81
CA VAL U 129 -24.65 -47.20 24.50
C VAL U 129 -24.77 -46.88 23.01
N ASN U 130 -24.99 -45.60 22.71
CA ASN U 130 -25.04 -45.10 21.34
C ASN U 130 -23.84 -44.19 21.15
N TYR U 131 -23.03 -44.47 20.13
CA TYR U 131 -21.76 -43.80 19.95
C TYR U 131 -21.38 -43.84 18.47
N TRP U 132 -20.16 -43.41 18.18
CA TRP U 132 -19.60 -43.39 16.84
C TRP U 132 -18.37 -44.26 16.78
N THR U 133 -18.17 -44.94 15.65
CA THR U 133 -17.03 -45.83 15.46
C THR U 133 -16.10 -45.28 14.39
N VAL U 134 -15.07 -46.06 14.07
CA VAL U 134 -14.17 -45.72 12.99
C VAL U 134 -14.73 -46.26 11.69
N LEU U 135 -14.25 -45.71 10.57
CA LEU U 135 -14.66 -46.20 9.29
C LEU U 135 -14.06 -47.58 9.03
N PRO U 136 -14.77 -48.44 8.31
CA PRO U 136 -14.23 -49.77 8.01
C PRO U 136 -12.96 -49.66 7.17
N GLU U 137 -12.01 -50.54 7.44
CA GLU U 137 -10.75 -50.52 6.73
C GLU U 137 -10.94 -51.00 5.30
N LEU U 138 -10.35 -50.27 4.36
CA LEU U 138 -10.42 -50.60 2.93
C LEU U 138 -9.11 -51.28 2.52
N SER U 139 -9.23 -52.51 2.05
CA SER U 139 -8.06 -53.29 1.65
C SER U 139 -8.53 -54.41 0.73
N LEU U 140 -7.61 -55.31 0.38
CA LEU U 140 -7.95 -56.46 -0.46
C LEU U 140 -8.94 -57.37 0.26
N ALA U 141 -8.74 -57.58 1.57
CA ALA U 141 -9.67 -58.41 2.32
C ALA U 141 -11.04 -57.78 2.48
N ASN U 142 -11.13 -56.45 2.37
CA ASN U 142 -12.40 -55.73 2.50
C ASN U 142 -12.55 -54.85 1.26
N PRO U 143 -12.94 -55.44 0.13
CA PRO U 143 -12.98 -54.67 -1.13
C PRO U 143 -13.95 -53.51 -1.12
N THR U 144 -15.07 -53.61 -0.41
CA THR U 144 -16.12 -52.60 -0.48
C THR U 144 -16.48 -52.09 0.91
N THR U 145 -16.73 -50.80 1.00
CA THR U 145 -17.23 -50.16 2.21
C THR U 145 -18.33 -49.18 1.84
N TRP U 146 -19.10 -48.77 2.85
CA TRP U 146 -20.18 -47.81 2.60
C TRP U 146 -19.64 -46.47 2.15
N ALA U 147 -18.48 -46.05 2.67
CA ALA U 147 -17.92 -44.77 2.29
C ALA U 147 -17.56 -44.74 0.81
N LEU U 148 -16.99 -45.83 0.29
CA LEU U 148 -16.65 -45.87 -1.12
C LEU U 148 -17.89 -45.80 -2.00
N THR U 149 -18.95 -46.51 -1.62
CA THR U 149 -20.16 -46.55 -2.42
C THR U 149 -21.02 -45.31 -2.25
N LYS U 150 -20.78 -44.49 -1.23
CA LYS U 150 -21.57 -43.29 -1.02
C LYS U 150 -20.98 -42.07 -1.71
N TYR U 151 -19.66 -41.96 -1.76
CA TYR U 151 -19.01 -40.78 -2.31
C TYR U 151 -17.59 -41.11 -2.76
N PRO U 152 -17.43 -41.72 -3.94
CA PRO U 152 -16.08 -42.13 -4.37
C PRO U 152 -15.12 -40.98 -4.58
N GLN U 153 -15.62 -39.77 -4.81
CA GLN U 153 -14.73 -38.63 -5.04
C GLN U 153 -13.80 -38.42 -3.86
N ILE U 154 -14.27 -38.67 -2.64
CA ILE U 154 -13.42 -38.46 -1.47
C ILE U 154 -12.18 -39.34 -1.56
N TYR U 155 -12.38 -40.63 -1.81
CA TYR U 155 -11.24 -41.54 -1.87
C TYR U 155 -10.35 -41.25 -3.08
N LEU U 156 -10.96 -40.93 -4.23
CA LEU U 156 -10.17 -40.62 -5.40
C LEU U 156 -9.27 -39.41 -5.16
N TYR U 157 -9.84 -38.34 -4.61
CA TYR U 157 -9.05 -37.13 -4.37
C TYR U 157 -8.01 -37.35 -3.29
N GLY U 158 -8.33 -38.10 -2.24
CA GLY U 158 -7.34 -38.39 -1.22
C GLY U 158 -6.17 -39.18 -1.76
N VAL U 159 -6.45 -40.18 -2.60
CA VAL U 159 -5.38 -40.98 -3.18
C VAL U 159 -4.54 -40.13 -4.11
N LEU U 160 -5.16 -39.25 -4.90
CA LEU U 160 -4.39 -38.38 -5.78
C LEU U 160 -3.49 -37.45 -4.99
N GLU U 161 -4.00 -36.89 -3.89
CA GLU U 161 -3.19 -36.00 -3.06
C GLU U 161 -2.02 -36.76 -2.45
N GLN U 162 -2.27 -37.99 -1.97
CA GLN U 162 -1.18 -38.80 -1.44
C GLN U 162 -0.14 -39.10 -2.50
N ILE U 163 -0.59 -39.39 -3.72
CA ILE U 163 0.35 -39.69 -4.81
C ILE U 163 1.22 -38.48 -5.09
N TYR U 164 0.62 -37.30 -5.18
CA TYR U 164 1.41 -36.11 -5.47
C TYR U 164 2.30 -35.71 -4.31
N LEU U 165 1.94 -36.08 -3.08
CA LEU U 165 2.87 -35.93 -1.98
C LEU U 165 4.06 -36.87 -2.14
N TYR U 166 3.80 -38.10 -2.57
CA TYR U 166 4.87 -39.07 -2.74
C TYR U 166 5.81 -38.68 -3.87
N THR U 167 5.27 -38.24 -5.00
CA THR U 167 6.07 -37.81 -6.13
C THR U 167 6.75 -36.47 -5.87
N MET U 168 6.48 -35.86 -4.71
CA MET U 168 7.21 -34.70 -4.23
C MET U 168 6.97 -33.51 -5.17
N ASP U 169 5.68 -33.18 -5.33
CA ASP U 169 5.21 -32.03 -6.06
C ASP U 169 4.41 -31.14 -5.12
N GLU U 170 4.45 -29.83 -5.34
CA GLU U 170 3.87 -28.88 -4.39
C GLU U 170 2.50 -28.39 -4.81
N ALA U 171 2.39 -27.78 -6.00
CA ALA U 171 1.15 -27.11 -6.39
C ALA U 171 0.00 -28.10 -6.49
N ARG U 172 0.23 -29.23 -7.15
CA ARG U 172 -0.85 -30.21 -7.31
C ARG U 172 -1.24 -30.84 -5.98
N SER U 173 -0.28 -31.00 -5.07
CA SER U 173 -0.60 -31.52 -3.75
C SER U 173 -1.56 -30.59 -3.02
N GLN U 174 -1.28 -29.29 -3.04
CA GLN U 174 -2.18 -28.33 -2.42
C GLN U 174 -3.55 -28.34 -3.08
N PHE U 175 -3.57 -28.38 -4.42
CA PHE U 175 -4.83 -28.39 -5.14
C PHE U 175 -5.70 -29.58 -4.73
N TRP U 176 -5.12 -30.78 -4.75
CA TRP U 176 -5.91 -31.97 -4.43
C TRP U 176 -6.27 -32.03 -2.95
N GLY U 177 -5.40 -31.52 -2.08
CA GLY U 177 -5.76 -31.44 -0.67
C GLY U 177 -6.96 -30.54 -0.44
N GLN U 178 -6.99 -29.39 -1.12
CA GLN U 178 -8.15 -28.51 -1.02
C GLN U 178 -9.40 -29.19 -1.56
N LYS U 179 -9.28 -29.91 -2.66
CA LYS U 179 -10.43 -30.62 -3.20
C LYS U 179 -10.97 -31.65 -2.21
N LEU U 180 -10.07 -32.42 -1.59
CA LEU U 180 -10.50 -33.42 -0.62
C LEU U 180 -11.16 -32.77 0.59
N GLU U 181 -10.59 -31.67 1.08
CA GLU U 181 -11.18 -30.98 2.23
C GLU U 181 -12.57 -30.45 1.88
N ARG U 182 -12.73 -29.91 0.67
CA ARG U 182 -14.04 -29.42 0.26
C ARG U 182 -15.06 -30.56 0.18
N ALA U 183 -14.64 -31.72 -0.34
CA ALA U 183 -15.56 -32.85 -0.41
C ALA U 183 -15.98 -33.30 0.98
N VAL U 184 -15.02 -33.38 1.91
CA VAL U 184 -15.35 -33.79 3.27
C VAL U 184 -16.31 -32.80 3.91
N MET U 185 -16.05 -31.50 3.73
CA MET U 185 -16.93 -30.48 4.29
C MET U 185 -18.33 -30.59 3.70
N GLU U 186 -18.44 -30.85 2.40
CA GLU U 186 -19.75 -31.00 1.78
C GLU U 186 -20.50 -32.18 2.36
N LEU U 187 -19.83 -33.31 2.54
CA LEU U 187 -20.48 -34.48 3.11
C LEU U 187 -20.97 -34.21 4.53
N GLN U 188 -20.12 -33.58 5.35
CA GLN U 188 -20.51 -33.28 6.72
C GLN U 188 -21.67 -32.29 6.76
N ASN U 189 -21.65 -31.30 5.88
CA ASN U 189 -22.75 -30.33 5.84
C ASN U 189 -24.05 -31.00 5.44
N GLU U 190 -23.99 -31.90 4.45
CA GLU U 190 -25.21 -32.62 4.07
C GLU U 190 -25.74 -33.44 5.23
N GLU U 191 -24.85 -34.09 5.99
CA GLU U 191 -25.30 -34.85 7.14
C GLU U 191 -25.92 -33.94 8.19
N ASN U 192 -25.32 -32.78 8.43
CA ASN U 192 -25.80 -31.90 9.49
C ASN U 192 -27.21 -31.38 9.22
N ALA U 193 -27.51 -31.02 7.98
CA ALA U 193 -28.82 -30.46 7.62
C ALA U 193 -29.81 -31.54 7.23
N ALA U 194 -29.62 -32.78 7.69
CA ALA U 194 -30.56 -33.84 7.36
C ALA U 194 -31.94 -33.57 7.92
N ASP U 195 -32.01 -33.10 9.17
CA ASP U 195 -33.27 -32.76 9.81
C ASP U 195 -33.14 -31.36 10.40
N PHE U 196 -33.94 -30.43 9.90
CA PHE U 196 -33.85 -29.05 10.34
C PHE U 196 -34.28 -28.91 11.81
N ALA U 197 -35.30 -29.66 12.23
CA ALA U 197 -35.80 -29.53 13.59
C ALA U 197 -34.74 -29.92 14.61
N SER U 198 -33.99 -30.98 14.35
CA SER U 198 -32.97 -31.43 15.29
C SER U 198 -31.77 -30.50 15.37
N THR U 199 -31.63 -29.56 14.43
CA THR U 199 -30.48 -28.66 14.45
C THR U 199 -30.50 -27.76 15.68
N ARG U 200 -31.68 -27.25 16.04
CA ARG U 200 -31.78 -26.35 17.19
C ARG U 200 -31.39 -27.06 18.48
N LEU U 201 -31.82 -28.31 18.64
CA LEU U 201 -31.53 -29.06 19.85
C LEU U 201 -30.07 -29.50 19.86
N ALA U 202 -29.67 -30.15 20.97
CA ALA U 202 -28.31 -30.64 21.17
C ALA U 202 -27.28 -29.51 21.11
N ILE U 203 -27.71 -28.29 21.41
CA ILE U 203 -26.82 -27.13 21.41
C ILE U 203 -26.88 -26.45 22.76
N LYS U 204 -28.08 -26.07 23.19
CA LYS U 204 -28.30 -25.39 24.47
C LYS U 204 -28.77 -26.43 25.48
N ASP U 205 -27.83 -26.97 26.24
CA ASP U 205 -28.13 -28.01 27.23
C ASP U 205 -27.41 -27.67 28.53
N ILE U 206 -28.19 -27.44 29.58
CA ILE U 206 -27.67 -27.22 30.94
C ILE U 206 -26.78 -25.98 30.99
N GLU U 207 -27.34 -24.85 31.41
CA GLU U 207 -26.60 -23.61 31.53
C GLU U 207 -26.39 -23.19 32.98
N ARG U 208 -27.47 -23.02 33.74
CA ARG U 208 -27.41 -22.60 35.14
C ARG U 208 -26.63 -21.32 35.34
N ALA V 2 -34.94 -30.47 -25.47
CA ALA V 2 -34.27 -29.18 -25.57
C ALA V 2 -32.75 -29.35 -25.52
N THR V 3 -32.08 -28.90 -26.58
CA THR V 3 -30.63 -29.03 -26.70
C THR V 3 -30.19 -30.48 -26.49
N ILE V 4 -29.48 -30.74 -25.39
CA ILE V 4 -29.09 -32.11 -25.06
C ILE V 4 -30.31 -32.86 -24.55
N ASN V 5 -30.55 -34.04 -25.13
CA ASN V 5 -31.73 -34.84 -24.78
C ASN V 5 -31.37 -36.12 -24.02
N ASN V 6 -30.35 -36.84 -24.47
CA ASN V 6 -29.95 -38.09 -23.84
C ASN V 6 -28.46 -38.04 -23.51
N VAL V 7 -27.96 -39.13 -22.93
CA VAL V 7 -26.58 -39.17 -22.46
C VAL V 7 -25.61 -39.13 -23.64
N THR V 8 -25.97 -39.79 -24.75
CA THR V 8 -25.08 -39.83 -25.90
C THR V 8 -24.85 -38.43 -26.47
N ASP V 9 -25.91 -37.64 -26.55
CA ASP V 9 -25.77 -36.26 -27.02
C ASP V 9 -24.86 -35.46 -26.08
N LEU V 10 -25.01 -35.67 -24.78
CA LEU V 10 -24.15 -34.97 -23.82
C LEU V 10 -22.69 -35.36 -24.02
N ALA V 11 -22.42 -36.66 -24.21
CA ALA V 11 -21.05 -37.10 -24.43
C ALA V 11 -20.47 -36.50 -25.71
N ILE V 12 -21.27 -36.49 -26.78
CA ILE V 12 -20.79 -35.92 -28.04
C ILE V 12 -20.49 -34.44 -27.89
N ALA V 13 -21.37 -33.71 -27.22
CA ALA V 13 -21.15 -32.28 -27.02
C ALA V 13 -19.93 -32.02 -26.16
N ALA V 14 -19.74 -32.81 -25.11
CA ALA V 14 -18.56 -32.64 -24.27
C ALA V 14 -17.28 -32.91 -25.04
N ILE V 15 -17.27 -33.96 -25.86
CA ILE V 15 -16.09 -34.26 -26.66
C ILE V 15 -15.81 -33.13 -27.64
N GLN V 16 -16.87 -32.62 -28.28
CA GLN V 16 -16.69 -31.52 -29.23
C GLN V 16 -16.13 -30.28 -28.55
N TRP V 17 -16.68 -29.92 -27.39
CA TRP V 17 -16.24 -28.70 -26.72
C TRP V 17 -14.82 -28.84 -26.18
N SER V 18 -14.49 -30.00 -25.61
CA SER V 18 -13.15 -30.19 -25.06
C SER V 18 -12.10 -30.36 -26.15
N ASP V 19 -12.51 -30.68 -27.37
CA ASP V 19 -11.63 -30.87 -28.52
C ASP V 19 -10.67 -32.05 -28.33
N ARG V 20 -10.87 -32.85 -27.30
CA ARG V 20 -10.04 -34.03 -27.07
C ARG V 20 -10.64 -35.25 -27.75
N GLN V 21 -9.79 -36.22 -28.05
CA GLN V 21 -10.21 -37.45 -28.69
C GLN V 21 -9.71 -38.71 -27.99
N ASP V 22 -9.01 -38.58 -26.87
CA ASP V 22 -8.51 -39.72 -26.14
C ASP V 22 -9.48 -40.23 -25.09
N LEU V 23 -10.66 -39.64 -24.98
CA LEU V 23 -11.62 -40.01 -23.94
C LEU V 23 -12.48 -41.17 -24.42
N THR V 24 -12.52 -42.23 -23.63
CA THR V 24 -13.31 -43.40 -23.96
C THR V 24 -14.68 -43.30 -23.30
N GLN V 25 -15.52 -44.32 -23.53
CA GLN V 25 -16.85 -44.34 -22.93
C GLN V 25 -16.77 -44.45 -21.42
N GLU V 26 -15.83 -45.26 -20.91
CA GLU V 26 -15.72 -45.44 -19.46
C GLU V 26 -15.39 -44.14 -18.76
N LEU V 27 -14.46 -43.36 -19.33
CA LEU V 27 -14.11 -42.08 -18.72
C LEU V 27 -15.29 -41.12 -18.71
N LEU V 28 -16.05 -41.09 -19.81
CA LEU V 28 -17.23 -40.23 -19.85
C LEU V 28 -18.26 -40.65 -18.79
N MET V 29 -18.47 -41.95 -18.64
CA MET V 29 -19.40 -42.42 -17.62
C MET V 29 -18.91 -42.06 -16.23
N LEU V 30 -17.60 -42.17 -15.99
CA LEU V 30 -17.04 -41.80 -14.70
C LEU V 30 -17.23 -40.31 -14.42
N PHE V 31 -16.99 -39.47 -15.42
CA PHE V 31 -17.18 -38.03 -15.23
C PHE V 31 -18.63 -37.70 -14.94
N ILE V 32 -19.55 -38.31 -15.67
CA ILE V 32 -20.98 -38.05 -15.45
C ILE V 32 -21.39 -38.50 -14.05
N GLY V 33 -20.90 -39.66 -13.63
CA GLY V 33 -21.20 -40.13 -12.29
C GLY V 33 -20.66 -39.20 -11.22
N ASN V 34 -19.44 -38.69 -11.41
CA ASN V 34 -18.88 -37.75 -10.45
C ASN V 34 -19.71 -36.48 -10.38
N THR V 35 -20.15 -35.97 -11.52
CA THR V 35 -20.99 -34.77 -11.52
C THR V 35 -22.31 -35.03 -10.80
N THR V 36 -22.92 -36.19 -11.04
CA THR V 36 -24.17 -36.51 -10.37
C THR V 36 -23.98 -36.63 -8.86
N ASP V 37 -22.90 -37.28 -8.43
CA ASP V 37 -22.64 -37.40 -7.01
C ASP V 37 -22.42 -36.04 -6.36
N ARG V 38 -21.70 -35.14 -7.04
CA ARG V 38 -21.53 -33.80 -6.50
C ARG V 38 -22.87 -33.07 -6.42
N LEU V 39 -23.71 -33.22 -7.44
CA LEU V 39 -25.01 -32.56 -7.43
C LEU V 39 -25.90 -33.08 -6.31
N ASN V 40 -25.76 -34.36 -5.96
CA ASN V 40 -26.60 -34.95 -4.93
C ASN V 40 -26.45 -34.28 -3.58
N ARG V 41 -25.34 -33.59 -3.34
CA ARG V 41 -25.09 -32.94 -2.06
C ARG V 41 -25.54 -31.49 -2.01
N LEU V 42 -26.11 -30.97 -3.08
CA LEU V 42 -26.40 -29.54 -3.12
C LEU V 42 -27.84 -29.21 -3.45
N LEU V 43 -28.49 -29.99 -4.32
CA LEU V 43 -29.79 -29.63 -4.84
C LEU V 43 -30.91 -30.15 -3.94
N ARG V 44 -31.81 -29.25 -3.55
CA ARG V 44 -33.04 -29.58 -2.85
C ARG V 44 -34.16 -28.81 -3.54
N VAL V 45 -34.75 -29.41 -4.57
CA VAL V 45 -35.73 -28.72 -5.39
C VAL V 45 -37.03 -29.49 -5.43
N ARG V 46 -38.03 -28.96 -6.15
CA ARG V 46 -39.34 -29.59 -6.19
C ARG V 46 -39.29 -30.96 -6.85
N GLU V 47 -38.56 -31.09 -7.95
CA GLU V 47 -38.47 -32.37 -8.64
C GLU V 47 -37.73 -33.41 -7.81
N ASN V 48 -36.94 -32.98 -6.82
CA ASN V 48 -36.20 -33.90 -5.97
C ASN V 48 -37.05 -34.44 -4.82
N GLU V 49 -38.24 -33.90 -4.61
CA GLU V 49 -39.07 -34.29 -3.48
C GLU V 49 -39.78 -35.61 -3.75
N HIS V 50 -40.25 -36.23 -2.66
CA HIS V 50 -40.96 -37.49 -2.75
C HIS V 50 -41.69 -37.72 -1.44
N PHE V 51 -42.99 -38.04 -1.53
CA PHE V 51 -43.79 -38.37 -0.36
C PHE V 51 -44.43 -39.73 -0.57
N GLU V 52 -44.41 -40.55 0.48
CA GLU V 52 -44.90 -41.92 0.35
C GLU V 52 -45.32 -42.43 1.72
N THR V 53 -46.05 -43.54 1.69
CA THR V 53 -46.58 -44.18 2.89
C THR V 53 -45.63 -45.29 3.33
N LEU V 54 -45.24 -45.24 4.60
CA LEU V 54 -44.34 -46.23 5.19
C LEU V 54 -45.03 -46.91 6.36
N MET V 55 -44.73 -48.19 6.56
CA MET V 55 -45.29 -48.98 7.64
C MET V 55 -44.31 -49.03 8.80
N ALA V 56 -44.79 -48.77 10.01
CA ALA V 56 -43.95 -48.83 11.19
C ALA V 56 -43.89 -50.26 11.71
N PHE V 57 -42.68 -50.75 11.97
CA PHE V 57 -42.47 -52.09 12.47
C PHE V 57 -41.51 -52.03 13.65
N GLY V 58 -41.85 -52.77 14.70
CA GLY V 58 -41.02 -52.76 15.91
C GLY V 58 -40.93 -51.41 16.58
N GLY V 59 -42.01 -50.63 16.55
CA GLY V 59 -41.99 -49.34 17.18
C GLY V 59 -41.14 -48.30 16.48
N GLY V 60 -40.88 -48.47 15.19
CA GLY V 60 -40.04 -47.52 14.48
C GLY V 60 -40.25 -47.60 12.99
N ILE V 61 -39.74 -46.59 12.31
CA ILE V 61 -39.81 -46.46 10.85
C ILE V 61 -38.38 -46.48 10.31
N GLU V 62 -38.14 -47.33 9.32
CA GLU V 62 -36.82 -47.43 8.72
C GLU V 62 -36.61 -46.30 7.72
N ILE V 63 -35.46 -45.65 7.82
CA ILE V 63 -35.14 -44.54 6.90
C ILE V 63 -34.92 -45.09 5.50
N PRO V 64 -35.53 -44.52 4.47
CA PRO V 64 -35.32 -45.01 3.11
C PRO V 64 -33.87 -44.86 2.68
N GLU V 65 -33.45 -45.76 1.79
CA GLU V 65 -32.06 -45.76 1.32
C GLU V 65 -31.73 -44.56 0.45
N HIS V 66 -32.71 -43.94 -0.19
CA HIS V 66 -32.49 -42.75 -1.01
C HIS V 66 -32.60 -41.46 -0.22
N PHE V 67 -32.83 -41.55 1.08
CA PHE V 67 -33.06 -40.37 1.90
C PHE V 67 -31.82 -39.48 1.95
N VAL V 68 -32.03 -38.18 1.78
CA VAL V 68 -30.94 -37.21 1.97
C VAL V 68 -31.37 -36.12 2.94
N ALA V 69 -32.67 -35.87 3.05
CA ALA V 69 -33.17 -34.80 3.91
C ALA V 69 -34.64 -35.03 4.17
N LEU V 70 -35.09 -34.72 5.38
CA LEU V 70 -36.46 -34.94 5.80
C LEU V 70 -37.23 -33.63 5.78
N ARG V 71 -38.44 -33.66 5.24
CA ARG V 71 -39.32 -32.52 5.24
C ARG V 71 -40.41 -32.63 6.30
N SER V 72 -41.14 -33.75 6.34
CA SER V 72 -42.20 -33.89 7.32
C SER V 72 -42.60 -35.35 7.47
N ILE V 73 -43.14 -35.66 8.65
CA ILE V 73 -43.74 -36.96 8.94
C ILE V 73 -45.12 -36.71 9.52
N THR V 74 -46.12 -37.41 9.00
CA THR V 74 -47.50 -37.25 9.45
C THR V 74 -48.10 -38.61 9.73
N GLY V 75 -48.81 -38.73 10.86
CA GLY V 75 -49.51 -39.96 11.15
C GLY V 75 -50.76 -40.11 10.32
N ASP V 76 -51.23 -41.36 10.22
CA ASP V 76 -52.47 -41.63 9.52
C ASP V 76 -53.64 -41.16 10.40
N SER V 77 -54.75 -40.81 9.74
CA SER V 77 -55.92 -40.35 10.48
C SER V 77 -56.44 -41.43 11.43
N LEU V 78 -56.29 -42.70 11.06
CA LEU V 78 -56.72 -43.78 11.94
C LEU V 78 -55.89 -43.81 13.22
N ILE V 79 -54.59 -43.56 13.11
CA ILE V 79 -53.70 -43.60 14.28
C ILE V 79 -53.62 -42.25 14.98
N GLY V 80 -54.31 -41.23 14.46
CA GLY V 80 -54.32 -39.94 15.12
C GLY V 80 -54.24 -38.77 14.16
N GLY V 81 -53.56 -38.95 13.04
CA GLY V 81 -53.47 -37.91 12.03
C GLY V 81 -52.82 -36.64 12.51
N ARG V 82 -51.72 -36.75 13.25
CA ARG V 82 -50.99 -35.59 13.78
C ARG V 82 -49.63 -35.49 13.11
N THR V 83 -49.19 -34.26 12.86
CA THR V 83 -47.85 -34.02 12.35
C THR V 83 -46.87 -34.17 13.50
N LEU V 84 -45.92 -35.07 13.35
CA LEU V 84 -45.02 -35.43 14.44
C LEU V 84 -44.06 -34.29 14.75
N GLN V 85 -43.56 -34.28 15.99
CA GLN V 85 -42.61 -33.29 16.44
C GLN V 85 -41.37 -33.98 16.99
N TYR V 86 -40.20 -33.38 16.74
CA TYR V 86 -38.94 -33.97 17.17
C TYR V 86 -38.70 -33.69 18.64
N ILE V 87 -38.20 -34.71 19.35
CA ILE V 87 -37.83 -34.59 20.75
C ILE V 87 -36.47 -35.21 20.96
N THR V 88 -35.76 -34.73 21.99
CA THR V 88 -34.43 -35.21 22.31
C THR V 88 -34.54 -36.52 23.09
N GLN V 89 -33.46 -37.30 23.07
CA GLN V 89 -33.50 -38.66 23.62
C GLN V 89 -33.89 -38.67 25.09
N ASP V 90 -33.35 -37.76 25.90
CA ASP V 90 -33.68 -37.77 27.32
C ASP V 90 -35.13 -37.39 27.56
N ILE V 91 -35.69 -36.52 26.74
CA ILE V 91 -37.12 -36.24 26.81
C ILE V 91 -37.92 -37.50 26.50
N PHE V 92 -37.47 -38.26 25.51
CA PHE V 92 -38.11 -39.54 25.21
C PHE V 92 -38.07 -40.47 26.41
N THR V 93 -36.92 -40.54 27.09
CA THR V 93 -36.79 -41.40 28.26
C THR V 93 -37.71 -40.95 29.38
N HIS V 94 -37.80 -39.63 29.61
CA HIS V 94 -38.70 -39.13 30.64
C HIS V 94 -40.15 -39.46 30.32
N TYR V 95 -40.55 -39.27 29.06
CA TYR V 95 -41.91 -39.58 28.67
C TYR V 95 -42.22 -41.07 28.86
N VAL V 96 -41.27 -41.93 28.50
CA VAL V 96 -41.48 -43.36 28.67
C VAL V 96 -41.60 -43.72 30.15
N ASN V 97 -40.73 -43.14 30.99
CA ASN V 97 -40.72 -43.50 32.40
C ASN V 97 -41.96 -43.01 33.12
N TYR V 98 -42.46 -41.83 32.76
CA TYR V 98 -43.58 -41.22 33.47
C TYR V 98 -44.93 -41.57 32.87
N ASN V 99 -44.98 -42.33 31.78
CA ASN V 99 -46.23 -42.75 31.14
C ASN V 99 -47.08 -41.54 30.75
N TYR V 100 -46.56 -40.76 29.80
CA TYR V 100 -47.24 -39.55 29.38
C TYR V 100 -48.63 -39.85 28.83
N GLN V 101 -48.73 -40.84 27.94
CA GLN V 101 -50.00 -41.31 27.40
C GLN V 101 -50.82 -40.20 26.76
N PRO V 102 -50.40 -39.64 25.64
CA PRO V 102 -51.26 -38.73 24.88
C PRO V 102 -52.30 -39.53 24.10
N GLN V 103 -53.07 -38.81 23.27
CA GLN V 103 -54.13 -39.46 22.52
C GLN V 103 -53.57 -40.27 21.35
N GLY V 104 -52.88 -39.59 20.42
CA GLY V 104 -52.28 -40.25 19.29
C GLY V 104 -50.77 -40.16 19.29
N VAL V 105 -50.18 -40.47 18.14
CA VAL V 105 -48.74 -40.38 17.97
C VAL V 105 -48.37 -38.94 17.67
N THR V 106 -47.52 -38.34 18.50
CA THR V 106 -47.21 -36.93 18.36
C THR V 106 -45.72 -36.66 18.27
N TYR V 107 -44.89 -37.51 18.87
CA TYR V 107 -43.47 -37.27 18.97
C TYR V 107 -42.66 -38.34 18.24
N TYR V 108 -41.45 -37.96 17.86
CA TYR V 108 -40.52 -38.91 17.25
C TYR V 108 -39.10 -38.45 17.51
N THR V 109 -38.17 -39.40 17.41
CA THR V 109 -36.75 -39.13 17.58
C THR V 109 -35.98 -40.07 16.66
N ARG V 110 -34.68 -39.81 16.52
CA ARG V 110 -33.84 -40.58 15.63
C ARG V 110 -32.88 -41.44 16.44
N LEU V 111 -32.85 -42.73 16.14
CA LEU V 111 -31.94 -43.68 16.78
C LEU V 111 -31.33 -44.56 15.69
N GLY V 112 -30.02 -44.41 15.48
CA GLY V 112 -29.37 -45.17 14.44
C GLY V 112 -29.95 -44.84 13.09
N ASN V 113 -30.49 -45.87 12.42
CA ASN V 113 -31.12 -45.72 11.12
C ASN V 113 -32.64 -45.74 11.22
N PHE V 114 -33.21 -45.43 12.38
CA PHE V 114 -34.64 -45.57 12.59
C PHE V 114 -35.21 -44.31 13.21
N TRP V 115 -36.50 -44.08 12.94
CA TRP V 115 -37.28 -43.05 13.62
C TRP V 115 -38.20 -43.74 14.60
N ARG V 116 -38.02 -43.45 15.89
CA ARG V 116 -38.82 -44.04 16.95
C ARG V 116 -39.88 -43.05 17.40
N VAL V 117 -41.13 -43.48 17.38
CA VAL V 117 -42.26 -42.66 17.82
C VAL V 117 -42.56 -42.99 19.27
N PHE V 118 -42.94 -41.97 20.06
CA PHE V 118 -43.07 -42.19 21.50
C PHE V 118 -44.28 -43.06 21.85
N PRO V 119 -45.52 -42.70 21.49
CA PRO V 119 -46.64 -43.56 21.86
C PRO V 119 -46.58 -44.85 21.06
N VAL V 120 -45.76 -45.78 21.53
CA VAL V 120 -45.40 -46.97 20.77
C VAL V 120 -46.65 -47.66 20.24
N VAL V 121 -46.67 -47.88 18.93
CA VAL V 121 -47.83 -48.45 18.25
C VAL V 121 -47.50 -49.86 17.79
N PRO V 122 -48.49 -50.74 17.61
CA PRO V 122 -48.21 -52.06 17.08
C PRO V 122 -47.75 -51.99 15.63
N ASP V 123 -47.11 -53.07 15.19
CA ASP V 123 -46.59 -53.14 13.84
C ASP V 123 -47.72 -52.99 12.82
N GLY V 124 -47.44 -52.23 11.76
CA GLY V 124 -48.41 -51.99 10.71
C GLY V 124 -49.04 -50.62 10.70
N ALA V 125 -48.59 -49.72 11.57
CA ALA V 125 -49.13 -48.37 11.60
C ALA V 125 -48.62 -47.59 10.39
N PRO V 126 -49.51 -47.01 9.57
CA PRO V 126 -49.04 -46.27 8.40
C PRO V 126 -48.73 -44.82 8.72
N PHE V 127 -47.70 -44.31 8.04
CA PHE V 127 -47.29 -42.92 8.16
C PHE V 127 -47.04 -42.37 6.76
N ILE V 128 -47.18 -41.06 6.62
CA ILE V 128 -46.88 -40.37 5.37
C ILE V 128 -45.62 -39.56 5.59
N VAL V 129 -44.56 -39.89 4.85
CA VAL V 129 -43.26 -39.26 4.97
C VAL V 129 -43.00 -38.48 3.69
N ASN V 130 -42.68 -37.19 3.84
CA ASN V 130 -42.30 -36.33 2.74
C ASN V 130 -40.84 -35.94 2.94
N TYR V 131 -40.00 -36.19 1.94
CA TYR V 131 -38.56 -36.02 2.08
C TYR V 131 -37.95 -35.77 0.70
N TRP V 132 -36.63 -35.71 0.65
CA TRP V 132 -35.87 -35.52 -0.57
C TRP V 132 -35.04 -36.75 -0.86
N THR V 133 -34.85 -37.06 -2.13
CA THR V 133 -34.09 -38.23 -2.56
C THR V 133 -32.84 -37.79 -3.32
N VAL V 134 -32.10 -38.78 -3.81
CA VAL V 134 -30.94 -38.52 -4.64
C VAL V 134 -31.38 -38.34 -6.09
N LEU V 135 -30.53 -37.71 -6.88
CA LEU V 135 -30.81 -37.55 -8.30
C LEU V 135 -30.75 -38.91 -9.00
N PRO V 136 -31.58 -39.11 -10.02
CA PRO V 136 -31.56 -40.38 -10.75
C PRO V 136 -30.23 -40.59 -11.44
N GLU V 137 -29.81 -41.85 -11.53
CA GLU V 137 -28.55 -42.18 -12.16
C GLU V 137 -28.62 -41.96 -13.67
N LEU V 138 -27.58 -41.37 -14.22
CA LEU V 138 -27.48 -41.12 -15.65
C LEU V 138 -26.42 -42.05 -16.23
N SER V 139 -26.85 -42.95 -17.11
CA SER V 139 -25.94 -43.93 -17.70
C SER V 139 -26.58 -44.45 -18.98
N LEU V 140 -25.96 -45.48 -19.56
CA LEU V 140 -26.50 -46.07 -20.78
C LEU V 140 -27.85 -46.72 -20.53
N ALA V 141 -28.01 -47.38 -19.38
CA ALA V 141 -29.29 -48.02 -19.07
C ALA V 141 -30.36 -47.00 -18.73
N ASN V 142 -29.97 -45.82 -18.26
CA ASN V 142 -30.90 -44.75 -17.92
C ASN V 142 -30.47 -43.50 -18.66
N PRO V 143 -30.80 -43.39 -19.95
CA PRO V 143 -30.24 -42.32 -20.78
C PRO V 143 -30.90 -40.97 -20.60
N THR V 144 -31.96 -40.85 -19.81
CA THR V 144 -32.66 -39.57 -19.67
C THR V 144 -33.09 -39.36 -18.23
N THR V 145 -32.90 -38.14 -17.73
CA THR V 145 -33.35 -37.74 -16.40
C THR V 145 -33.95 -36.35 -16.49
N TRP V 146 -34.71 -35.99 -15.45
CA TRP V 146 -35.29 -34.65 -15.40
C TRP V 146 -34.22 -33.58 -15.26
N ALA V 147 -33.11 -33.90 -14.58
CA ALA V 147 -32.05 -32.92 -14.41
C ALA V 147 -31.44 -32.54 -15.74
N LEU V 148 -31.24 -33.51 -16.63
CA LEU V 148 -30.68 -33.20 -17.94
C LEU V 148 -31.62 -32.31 -18.75
N THR V 149 -32.91 -32.61 -18.72
CA THR V 149 -33.88 -31.85 -19.51
C THR V 149 -34.24 -30.50 -18.87
N LYS V 150 -33.89 -30.28 -17.62
CA LYS V 150 -34.20 -29.02 -16.96
C LYS V 150 -33.14 -27.96 -17.20
N TYR V 151 -31.86 -28.33 -17.20
CA TYR V 151 -30.77 -27.38 -17.31
C TYR V 151 -29.50 -28.08 -17.76
N PRO V 152 -29.35 -28.36 -19.06
CA PRO V 152 -28.20 -29.14 -19.53
C PRO V 152 -26.87 -28.47 -19.30
N GLN V 153 -26.83 -27.15 -19.13
CA GLN V 153 -25.56 -26.46 -18.92
C GLN V 153 -24.84 -27.00 -17.69
N ILE V 154 -25.59 -27.40 -16.67
CA ILE V 154 -24.97 -27.92 -15.45
C ILE V 154 -24.14 -29.16 -15.78
N TYR V 155 -24.75 -30.12 -16.47
CA TYR V 155 -24.03 -31.35 -16.81
C TYR V 155 -22.89 -31.07 -17.77
N LEU V 156 -23.11 -30.19 -18.75
CA LEU V 156 -22.05 -29.89 -19.70
C LEU V 156 -20.83 -29.29 -18.99
N TYR V 157 -21.05 -28.31 -18.13
CA TYR V 157 -19.94 -27.67 -17.43
C TYR V 157 -19.27 -28.63 -16.46
N GLY V 158 -20.05 -29.47 -15.77
CA GLY V 158 -19.45 -30.44 -14.87
C GLY V 158 -18.57 -31.44 -15.61
N VAL V 159 -19.05 -31.93 -16.74
CA VAL V 159 -18.25 -32.89 -17.51
C VAL V 159 -17.00 -32.22 -18.06
N LEU V 160 -17.11 -30.96 -18.50
CA LEU V 160 -15.92 -30.26 -18.98
C LEU V 160 -14.90 -30.08 -17.87
N GLU V 161 -15.36 -29.73 -16.67
CA GLU V 161 -14.44 -29.57 -15.54
C GLU V 161 -13.77 -30.90 -15.21
N GLN V 162 -14.53 -31.99 -15.21
CA GLN V 162 -13.94 -33.30 -14.95
C GLN V 162 -12.91 -33.65 -16.02
N ILE V 163 -13.21 -33.36 -17.28
CA ILE V 163 -12.29 -33.66 -18.37
C ILE V 163 -10.98 -32.91 -18.17
N TYR V 164 -11.07 -31.62 -17.87
CA TYR V 164 -9.85 -30.85 -17.70
C TYR V 164 -9.09 -31.26 -16.44
N LEU V 165 -9.79 -31.75 -15.42
CA LEU V 165 -9.11 -32.34 -14.28
C LEU V 165 -8.33 -33.59 -14.68
N TYR V 166 -8.92 -34.40 -15.56
CA TYR V 166 -8.27 -35.64 -15.97
C TYR V 166 -6.98 -35.38 -16.74
N THR V 167 -6.96 -34.35 -17.58
CA THR V 167 -5.83 -34.07 -18.44
C THR V 167 -4.75 -33.22 -17.77
N MET V 168 -4.69 -33.21 -16.44
CA MET V 168 -3.60 -32.58 -15.70
C MET V 168 -3.54 -31.07 -15.92
N ASP V 169 -4.67 -30.46 -16.27
CA ASP V 169 -4.76 -29.01 -16.43
C ASP V 169 -5.67 -28.47 -15.33
N GLU V 170 -5.18 -27.48 -14.59
CA GLU V 170 -5.90 -27.01 -13.41
C GLU V 170 -6.60 -25.68 -13.61
N ALA V 171 -5.99 -24.74 -14.34
CA ALA V 171 -6.59 -23.42 -14.49
C ALA V 171 -7.96 -23.50 -15.15
N ARG V 172 -8.03 -24.18 -16.31
CA ARG V 172 -9.31 -24.33 -16.97
C ARG V 172 -10.28 -25.15 -16.14
N SER V 173 -9.76 -26.06 -15.31
CA SER V 173 -10.62 -26.78 -14.39
C SER V 173 -11.31 -25.81 -13.43
N GLN V 174 -10.56 -24.85 -12.88
CA GLN V 174 -11.17 -23.85 -12.02
C GLN V 174 -12.16 -22.98 -12.77
N PHE V 175 -11.83 -22.63 -14.02
CA PHE V 175 -12.75 -21.84 -14.84
C PHE V 175 -14.09 -22.55 -14.99
N TRP V 176 -14.06 -23.80 -15.42
CA TRP V 176 -15.30 -24.54 -15.62
C TRP V 176 -16.00 -24.84 -14.30
N GLY V 177 -15.24 -25.02 -13.22
CA GLY V 177 -15.87 -25.23 -11.93
C GLY V 177 -16.63 -24.00 -11.46
N GLN V 178 -16.06 -22.81 -11.67
CA GLN V 178 -16.78 -21.59 -11.35
C GLN V 178 -18.05 -21.47 -12.19
N LYS V 179 -17.95 -21.80 -13.48
CA LYS V 179 -19.15 -21.75 -14.32
C LYS V 179 -20.23 -22.70 -13.80
N LEU V 180 -19.84 -23.93 -13.46
CA LEU V 180 -20.80 -24.92 -12.98
C LEU V 180 -21.44 -24.50 -11.67
N GLU V 181 -20.64 -23.98 -10.74
CA GLU V 181 -21.20 -23.57 -9.46
C GLU V 181 -22.13 -22.38 -9.63
N ARG V 182 -21.82 -21.48 -10.56
CA ARG V 182 -22.74 -20.38 -10.84
C ARG V 182 -24.06 -20.89 -11.38
N ALA V 183 -24.01 -21.87 -12.30
CA ALA V 183 -25.24 -22.43 -12.83
C ALA V 183 -26.07 -23.10 -11.75
N VAL V 184 -25.41 -23.85 -10.87
CA VAL V 184 -26.12 -24.54 -9.79
C VAL V 184 -26.77 -23.54 -8.85
N MET V 185 -26.03 -22.48 -8.50
CA MET V 185 -26.59 -21.44 -7.64
C MET V 185 -27.78 -20.76 -8.31
N GLU V 186 -27.69 -20.51 -9.61
CA GLU V 186 -28.81 -19.91 -10.32
C GLU V 186 -30.05 -20.79 -10.24
N LEU V 187 -29.87 -22.10 -10.48
CA LEU V 187 -31.01 -23.00 -10.44
C LEU V 187 -31.63 -23.06 -9.05
N GLN V 188 -30.79 -23.18 -8.02
CA GLN V 188 -31.30 -23.27 -6.66
C GLN V 188 -32.01 -21.98 -6.25
N ASN V 189 -31.44 -20.83 -6.61
CA ASN V 189 -32.07 -19.56 -6.27
C ASN V 189 -33.39 -19.40 -7.00
N GLU V 190 -33.46 -19.83 -8.26
CA GLU V 190 -34.73 -19.77 -8.99
C GLU V 190 -35.78 -20.64 -8.34
N GLU V 191 -35.39 -21.84 -7.88
CA GLU V 191 -36.36 -22.70 -7.20
C GLU V 191 -36.79 -22.11 -5.87
N ASN V 192 -35.89 -21.44 -5.16
CA ASN V 192 -36.23 -20.91 -3.84
C ASN V 192 -37.34 -19.88 -3.91
N ALA V 193 -37.30 -19.00 -4.92
CA ALA V 193 -38.29 -17.93 -5.07
C ALA V 193 -39.47 -18.35 -5.93
N ALA V 194 -39.77 -19.64 -6.01
CA ALA V 194 -40.91 -20.09 -6.81
C ALA V 194 -42.22 -19.54 -6.26
N ASP V 195 -42.38 -19.57 -4.94
CA ASP V 195 -43.56 -19.02 -4.29
C ASP V 195 -43.08 -18.02 -3.26
N PHE V 196 -43.40 -16.73 -3.48
CA PHE V 196 -42.90 -15.69 -2.58
C PHE V 196 -43.53 -15.80 -1.20
N ALA V 197 -44.82 -16.16 -1.14
CA ALA V 197 -45.50 -16.26 0.15
C ALA V 197 -44.88 -17.33 1.03
N SER V 198 -44.53 -18.47 0.45
CA SER V 198 -43.97 -19.58 1.21
C SER V 198 -42.56 -19.30 1.72
N THR V 199 -41.89 -18.27 1.22
CA THR V 199 -40.51 -18.01 1.61
C THR V 199 -40.41 -17.60 3.08
N ARG V 200 -41.36 -16.79 3.56
CA ARG V 200 -41.28 -16.28 4.92
C ARG V 200 -41.33 -17.41 5.94
N LEU V 201 -42.21 -18.39 5.72
CA LEU V 201 -42.34 -19.51 6.63
C LEU V 201 -41.17 -20.48 6.47
N ALA V 202 -41.20 -21.56 7.26
CA ALA V 202 -40.14 -22.58 7.26
C ALA V 202 -38.78 -21.95 7.55
N ILE V 203 -38.76 -20.96 8.44
CA ILE V 203 -37.52 -20.30 8.83
C ILE V 203 -37.33 -20.40 10.33
N LYS V 204 -38.31 -19.90 11.09
CA LYS V 204 -38.26 -19.89 12.55
C LYS V 204 -39.36 -20.79 13.08
N ASP V 205 -38.98 -21.70 13.98
CA ASP V 205 -39.92 -22.62 14.61
C ASP V 205 -39.48 -22.89 16.04
N ILE V 206 -40.46 -23.05 16.94
CA ILE V 206 -40.30 -23.28 18.37
C ILE V 206 -39.07 -22.57 18.93
N GLU V 207 -39.26 -21.33 19.37
CA GLU V 207 -38.16 -20.51 19.87
C GLU V 207 -38.17 -20.39 21.40
N ARG V 208 -39.29 -20.00 21.99
CA ARG V 208 -39.43 -19.80 23.42
C ARG V 208 -38.39 -18.81 23.96
N ALA W 2 -38.20 -5.55 -35.82
CA ALA W 2 -37.28 -5.40 -36.94
C ALA W 2 -35.89 -5.92 -36.56
N THR W 3 -34.85 -5.24 -37.04
CA THR W 3 -33.47 -5.60 -36.77
C THR W 3 -33.20 -7.03 -37.22
N ILE W 4 -33.29 -7.98 -36.29
CA ILE W 4 -33.20 -9.40 -36.60
C ILE W 4 -34.61 -9.99 -36.47
N ASN W 5 -35.05 -10.68 -37.51
CA ASN W 5 -36.44 -11.14 -37.58
C ASN W 5 -36.63 -12.58 -37.11
N ASN W 6 -35.82 -13.52 -37.57
CA ASN W 6 -36.01 -14.91 -37.21
C ASN W 6 -34.65 -15.56 -36.99
N VAL W 7 -34.66 -16.88 -36.80
CA VAL W 7 -33.47 -17.58 -36.33
C VAL W 7 -32.38 -17.60 -37.40
N THR W 8 -32.76 -17.72 -38.67
CA THR W 8 -31.76 -17.81 -39.73
C THR W 8 -30.94 -16.52 -39.82
N ASP W 9 -31.59 -15.37 -39.72
CA ASP W 9 -30.86 -14.11 -39.72
C ASP W 9 -29.97 -14.00 -38.50
N LEU W 10 -30.43 -14.51 -37.36
CA LEU W 10 -29.60 -14.49 -36.16
C LEU W 10 -28.33 -15.32 -36.36
N ALA W 11 -28.46 -16.50 -36.94
CA ALA W 11 -27.29 -17.33 -37.20
C ALA W 11 -26.35 -16.65 -38.20
N ILE W 12 -26.92 -16.04 -39.24
CA ILE W 12 -26.10 -15.36 -40.23
C ILE W 12 -25.33 -14.21 -39.60
N ALA W 13 -26.00 -13.42 -38.75
CA ALA W 13 -25.35 -12.31 -38.09
C ALA W 13 -24.27 -12.79 -37.13
N ALA W 14 -24.52 -13.89 -36.41
CA ALA W 14 -23.51 -14.42 -35.51
C ALA W 14 -22.28 -14.88 -36.29
N ILE W 15 -22.49 -15.56 -37.42
CA ILE W 15 -21.36 -15.99 -38.24
C ILE W 15 -20.59 -14.77 -38.76
N GLN W 16 -21.32 -13.75 -39.21
CA GLN W 16 -20.66 -12.56 -39.74
C GLN W 16 -19.84 -11.85 -38.68
N TRP W 17 -20.37 -11.73 -37.47
CA TRP W 17 -19.66 -11.00 -36.42
C TRP W 17 -18.46 -11.80 -35.91
N SER W 18 -18.63 -13.10 -35.71
CA SER W 18 -17.55 -13.92 -35.18
C SER W 18 -16.54 -14.34 -36.24
N ASP W 19 -16.90 -14.24 -37.52
CA ASP W 19 -16.10 -14.65 -38.67
C ASP W 19 -15.84 -16.15 -38.73
N ARG W 20 -16.40 -16.93 -37.81
CA ARG W 20 -16.17 -18.37 -37.79
C ARG W 20 -17.14 -19.02 -38.76
N GLN W 21 -16.68 -19.28 -39.98
CA GLN W 21 -17.51 -19.92 -40.99
C GLN W 21 -17.53 -21.44 -40.89
N ASP W 22 -16.74 -22.02 -39.99
CA ASP W 22 -16.66 -23.47 -39.84
C ASP W 22 -17.70 -24.02 -38.88
N LEU W 23 -18.53 -23.17 -38.28
CA LEU W 23 -19.51 -23.64 -37.31
C LEU W 23 -20.72 -24.22 -38.04
N THR W 24 -21.07 -25.46 -37.71
CA THR W 24 -22.23 -26.10 -38.29
C THR W 24 -23.51 -25.53 -37.68
N GLN W 25 -24.64 -25.88 -38.31
CA GLN W 25 -25.93 -25.40 -37.80
C GLN W 25 -26.26 -26.02 -36.44
N GLU W 26 -25.81 -27.24 -36.19
CA GLU W 26 -26.08 -27.89 -34.91
C GLU W 26 -25.44 -27.12 -33.76
N LEU W 27 -24.21 -26.65 -33.95
CA LEU W 27 -23.56 -25.88 -32.90
C LEU W 27 -24.29 -24.58 -32.64
N LEU W 28 -24.77 -23.91 -33.69
CA LEU W 28 -25.52 -22.68 -33.49
C LEU W 28 -26.84 -22.95 -32.77
N MET W 29 -27.50 -24.05 -33.10
CA MET W 29 -28.72 -24.42 -32.39
C MET W 29 -28.43 -24.68 -30.92
N LEU W 30 -27.32 -25.35 -30.63
CA LEU W 30 -26.95 -25.60 -29.24
C LEU W 30 -26.67 -24.30 -28.51
N PHE W 31 -25.99 -23.35 -29.16
CA PHE W 31 -25.71 -22.07 -28.53
C PHE W 31 -26.99 -21.31 -28.22
N ILE W 32 -27.92 -21.29 -29.18
CA ILE W 32 -29.18 -20.59 -28.97
C ILE W 32 -29.98 -21.25 -27.84
N GLY W 33 -29.97 -22.59 -27.81
CA GLY W 33 -30.66 -23.29 -26.73
C GLY W 33 -30.05 -22.98 -25.37
N ASN W 34 -28.72 -22.91 -25.30
CA ASN W 34 -28.08 -22.55 -24.05
C ASN W 34 -28.47 -21.15 -23.62
N THR W 35 -28.50 -20.20 -24.57
CA THR W 35 -28.85 -18.83 -24.24
C THR W 35 -30.28 -18.75 -23.70
N THR W 36 -31.22 -19.42 -24.36
CA THR W 36 -32.60 -19.34 -23.90
C THR W 36 -32.79 -20.09 -22.58
N ASP W 37 -32.05 -21.18 -22.37
CA ASP W 37 -32.12 -21.86 -21.09
C ASP W 37 -31.63 -20.97 -19.96
N ARG W 38 -30.54 -20.24 -20.20
CA ARG W 38 -30.07 -19.27 -19.20
C ARG W 38 -31.10 -18.18 -18.98
N LEU W 39 -31.73 -17.70 -20.06
CA LEU W 39 -32.74 -16.66 -19.92
C LEU W 39 -33.92 -17.13 -19.09
N ASN W 40 -34.29 -18.40 -19.22
CA ASN W 40 -35.46 -18.92 -18.52
C ASN W 40 -35.34 -18.81 -17.00
N ARG W 41 -34.12 -18.70 -16.48
CA ARG W 41 -33.89 -18.65 -15.04
C ARG W 41 -33.80 -17.23 -14.49
N LEU W 42 -33.98 -16.21 -15.33
CA LEU W 42 -33.70 -14.84 -14.91
C LEU W 42 -34.80 -13.84 -15.22
N LEU W 43 -35.69 -14.11 -16.16
CA LEU W 43 -36.65 -13.11 -16.63
C LEU W 43 -38.02 -13.38 -16.04
N ARG W 44 -38.62 -12.34 -15.45
CA ARG W 44 -40.00 -12.36 -14.98
C ARG W 44 -40.63 -11.05 -15.47
N VAL W 45 -41.18 -11.08 -16.68
CA VAL W 45 -41.68 -9.88 -17.35
C VAL W 45 -43.13 -10.11 -17.73
N ARG W 46 -43.76 -9.05 -18.26
CA ARG W 46 -45.17 -9.10 -18.59
C ARG W 46 -45.45 -10.12 -19.70
N GLU W 47 -44.60 -10.15 -20.73
CA GLU W 47 -44.79 -11.11 -21.81
C GLU W 47 -44.62 -12.54 -21.34
N ASN W 48 -43.92 -12.76 -20.24
CA ASN W 48 -43.73 -14.09 -19.68
C ASN W 48 -44.90 -14.54 -18.82
N GLU W 49 -45.79 -13.64 -18.44
CA GLU W 49 -46.90 -13.97 -17.56
C GLU W 49 -47.97 -14.76 -18.29
N HIS W 50 -48.79 -15.46 -17.52
CA HIS W 50 -49.89 -16.23 -18.08
C HIS W 50 -50.91 -16.59 -17.00
N PHE W 51 -52.18 -16.35 -17.28
CA PHE W 51 -53.26 -16.71 -16.36
C PHE W 51 -54.27 -17.57 -17.09
N GLU W 52 -54.74 -18.61 -16.41
CA GLU W 52 -55.64 -19.57 -17.03
C GLU W 52 -56.46 -20.29 -15.97
N THR W 53 -57.50 -20.97 -16.43
CA THR W 53 -58.41 -21.69 -15.55
C THR W 53 -57.99 -23.15 -15.45
N LEU W 54 -57.83 -23.64 -14.23
CA LEU W 54 -57.42 -25.01 -13.97
C LEU W 54 -58.49 -25.73 -13.16
N MET W 55 -58.67 -27.01 -13.47
CA MET W 55 -59.59 -27.87 -12.74
C MET W 55 -58.91 -28.41 -11.50
N ALA W 56 -59.70 -28.64 -10.45
CA ALA W 56 -59.22 -29.30 -9.24
C ALA W 56 -59.74 -30.72 -9.23
N PHE W 57 -58.83 -31.68 -9.12
CA PHE W 57 -59.20 -33.09 -9.14
C PHE W 57 -58.49 -33.79 -8.01
N GLY W 58 -59.24 -34.63 -7.28
CA GLY W 58 -58.68 -35.33 -6.14
C GLY W 58 -58.25 -34.42 -5.02
N GLY W 59 -58.95 -33.30 -4.82
CA GLY W 59 -58.60 -32.39 -3.76
C GLY W 59 -57.33 -31.61 -3.98
N GLY W 60 -56.89 -31.47 -5.22
CA GLY W 60 -55.66 -30.75 -5.50
C GLY W 60 -55.62 -30.23 -6.91
N ILE W 61 -54.65 -29.34 -7.15
CA ILE W 61 -54.41 -28.73 -8.45
C ILE W 61 -53.02 -29.12 -8.90
N GLU W 62 -52.91 -29.61 -10.12
CA GLU W 62 -51.61 -30.02 -10.66
C GLU W 62 -50.88 -28.83 -11.23
N ILE W 63 -49.61 -28.69 -10.86
CA ILE W 63 -48.79 -27.57 -11.35
C ILE W 63 -48.57 -27.73 -12.85
N PRO W 64 -48.68 -26.68 -13.65
CA PRO W 64 -48.42 -26.81 -15.09
C PRO W 64 -46.97 -27.18 -15.35
N GLU W 65 -46.76 -27.87 -16.48
CA GLU W 65 -45.44 -28.41 -16.78
C GLU W 65 -44.40 -27.31 -17.03
N HIS W 66 -44.81 -26.19 -17.63
CA HIS W 66 -43.89 -25.10 -17.91
C HIS W 66 -43.96 -24.00 -16.86
N PHE W 67 -44.47 -24.31 -15.67
CA PHE W 67 -44.54 -23.35 -14.58
C PHE W 67 -43.14 -23.00 -14.11
N VAL W 68 -42.91 -21.71 -13.84
CA VAL W 68 -41.63 -21.29 -13.27
C VAL W 68 -41.77 -20.41 -12.03
N ALA W 69 -42.90 -19.75 -11.82
CA ALA W 69 -43.10 -18.89 -10.65
C ALA W 69 -44.57 -18.57 -10.54
N LEU W 70 -45.08 -18.58 -9.31
CA LEU W 70 -46.51 -18.40 -9.04
C LEU W 70 -46.79 -16.98 -8.59
N ARG W 71 -47.89 -16.41 -9.10
CA ARG W 71 -48.32 -15.09 -8.69
C ARG W 71 -49.59 -15.11 -7.86
N SER W 72 -50.66 -15.77 -8.32
CA SER W 72 -51.89 -15.77 -7.54
C SER W 72 -52.76 -16.95 -7.92
N ILE W 73 -53.55 -17.41 -6.95
CA ILE W 73 -54.59 -18.41 -7.17
C ILE W 73 -55.89 -17.85 -6.62
N THR W 74 -56.94 -17.89 -7.43
CA THR W 74 -58.24 -17.34 -7.04
C THR W 74 -59.32 -18.37 -7.28
N GLY W 75 -60.15 -18.60 -6.27
CA GLY W 75 -61.28 -19.48 -6.44
C GLY W 75 -62.35 -18.87 -7.32
N ASP W 76 -63.13 -19.74 -7.95
CA ASP W 76 -64.23 -19.27 -8.78
C ASP W 76 -65.33 -18.72 -7.89
N SER W 77 -66.10 -17.77 -8.44
CA SER W 77 -67.18 -17.16 -7.68
C SER W 77 -68.21 -18.19 -7.25
N LEU W 78 -68.41 -19.24 -8.03
CA LEU W 78 -69.35 -20.29 -7.66
C LEU W 78 -68.86 -21.08 -6.46
N ILE W 79 -67.54 -21.22 -6.30
CA ILE W 79 -66.96 -21.96 -5.19
C ILE W 79 -66.58 -21.07 -4.03
N GLY W 80 -66.76 -19.75 -4.16
CA GLY W 80 -66.46 -18.85 -3.07
C GLY W 80 -65.84 -17.54 -3.53
N GLY W 81 -65.14 -17.57 -4.65
CA GLY W 81 -64.56 -16.37 -5.22
C GLY W 81 -63.58 -15.65 -4.31
N ARG W 82 -62.71 -16.39 -3.65
CA ARG W 82 -61.73 -15.83 -2.74
C ARG W 82 -60.33 -16.02 -3.29
N THR W 83 -59.42 -15.16 -2.85
CA THR W 83 -58.00 -15.28 -3.18
C THR W 83 -57.34 -16.13 -2.10
N LEU W 84 -56.72 -17.23 -2.51
CA LEU W 84 -56.21 -18.20 -1.56
C LEU W 84 -54.99 -17.66 -0.82
N GLN W 85 -54.74 -18.23 0.35
CA GLN W 85 -53.59 -17.87 1.17
C GLN W 85 -52.77 -19.11 1.47
N TYR W 86 -51.47 -18.91 1.69
CA TYR W 86 -50.56 -20.02 1.93
C TYR W 86 -50.47 -20.33 3.42
N ILE W 87 -50.51 -21.62 3.74
CA ILE W 87 -50.33 -22.11 5.10
C ILE W 87 -49.37 -23.28 5.07
N THR W 88 -48.75 -23.54 6.23
CA THR W 88 -47.79 -24.63 6.33
C THR W 88 -48.52 -25.96 6.51
N GLN W 89 -47.74 -27.04 6.59
CA GLN W 89 -48.33 -28.37 6.76
C GLN W 89 -48.96 -28.52 8.13
N ASP W 90 -48.33 -27.96 9.16
CA ASP W 90 -48.87 -28.10 10.52
C ASP W 90 -50.23 -27.41 10.64
N ILE W 91 -50.35 -26.21 10.07
CA ILE W 91 -51.63 -25.51 10.12
C ILE W 91 -52.69 -26.29 9.34
N PHE W 92 -52.32 -26.87 8.21
CA PHE W 92 -53.25 -27.70 7.45
C PHE W 92 -53.72 -28.88 8.27
N THR W 93 -52.81 -29.56 8.96
CA THR W 93 -53.18 -30.70 9.78
C THR W 93 -54.09 -30.28 10.92
N HIS W 94 -53.78 -29.15 11.56
CA HIS W 94 -54.63 -28.67 12.65
C HIS W 94 -56.03 -28.35 12.15
N TYR W 95 -56.13 -27.68 11.01
CA TYR W 95 -57.44 -27.35 10.45
C TYR W 95 -58.22 -28.60 10.11
N VAL W 96 -57.55 -29.61 9.55
CA VAL W 96 -58.23 -30.86 9.21
C VAL W 96 -58.72 -31.56 10.47
N ASN W 97 -57.87 -31.63 11.50
CA ASN W 97 -58.23 -32.36 12.70
C ASN W 97 -59.35 -31.67 13.47
N TYR W 98 -59.33 -30.35 13.55
CA TYR W 98 -60.29 -29.62 14.36
C TYR W 98 -61.56 -29.25 13.60
N ASN W 99 -61.66 -29.62 12.32
CA ASN W 99 -62.88 -29.42 11.54
C ASN W 99 -63.27 -27.94 11.48
N TYR W 100 -62.40 -27.15 10.86
CA TYR W 100 -62.58 -25.70 10.85
C TYR W 100 -63.87 -25.29 10.14
N GLN W 101 -64.11 -25.81 8.94
CA GLN W 101 -65.29 -25.51 8.14
C GLN W 101 -65.50 -24.01 7.95
N PRO W 102 -64.68 -23.33 7.16
CA PRO W 102 -65.00 -21.93 6.81
C PRO W 102 -66.05 -21.87 5.71
N GLN W 103 -66.34 -20.66 5.23
CA GLN W 103 -67.43 -20.51 4.27
C GLN W 103 -67.06 -21.06 2.89
N GLY W 104 -65.84 -20.80 2.44
CA GLY W 104 -65.41 -21.25 1.13
C GLY W 104 -63.93 -21.60 1.13
N VAL W 105 -63.42 -21.91 -0.05
CA VAL W 105 -62.01 -22.26 -0.18
C VAL W 105 -61.18 -21.02 0.12
N THR W 106 -60.26 -21.14 1.08
CA THR W 106 -59.52 -19.98 1.54
C THR W 106 -58.02 -20.19 1.57
N TYR W 107 -57.58 -21.43 1.83
CA TYR W 107 -56.17 -21.70 2.06
C TYR W 107 -55.65 -22.74 1.07
N TYR W 108 -54.34 -22.75 0.89
CA TYR W 108 -53.68 -23.73 0.03
C TYR W 108 -52.27 -23.96 0.54
N THR W 109 -51.73 -25.11 0.16
CA THR W 109 -50.36 -25.48 0.52
C THR W 109 -49.79 -26.33 -0.59
N ARG W 110 -48.47 -26.50 -0.59
CA ARG W 110 -47.78 -27.25 -1.63
C ARG W 110 -47.37 -28.61 -1.09
N LEU W 111 -47.72 -29.67 -1.81
CA LEU W 111 -47.37 -31.04 -1.45
C LEU W 111 -46.89 -31.72 -2.72
N GLY W 112 -45.60 -32.04 -2.76
CA GLY W 112 -45.05 -32.66 -3.95
C GLY W 112 -45.20 -31.74 -5.15
N ASN W 113 -45.88 -32.23 -6.18
CA ASN W 113 -46.18 -31.45 -7.38
C ASN W 113 -47.63 -31.01 -7.43
N PHE W 114 -48.26 -30.82 -6.28
CA PHE W 114 -49.67 -30.46 -6.23
C PHE W 114 -49.91 -29.34 -5.24
N TRP W 115 -50.98 -28.58 -5.48
CA TRP W 115 -51.47 -27.59 -4.55
C TRP W 115 -52.73 -28.14 -3.90
N ARG W 116 -52.69 -28.31 -2.58
CA ARG W 116 -53.81 -28.84 -1.82
C ARG W 116 -54.54 -27.69 -1.14
N VAL W 117 -55.85 -27.62 -1.37
CA VAL W 117 -56.70 -26.60 -0.76
C VAL W 117 -57.36 -27.21 0.47
N PHE W 118 -57.55 -26.40 1.53
CA PHE W 118 -58.03 -26.96 2.78
C PHE W 118 -59.50 -27.35 2.71
N PRO W 119 -60.45 -26.45 2.42
CA PRO W 119 -61.85 -26.88 2.41
C PRO W 119 -62.09 -27.78 1.22
N VAL W 120 -61.73 -29.06 1.38
CA VAL W 120 -61.68 -30.04 0.30
C VAL W 120 -62.95 -30.00 -0.51
N VAL W 121 -62.80 -29.79 -1.81
CA VAL W 121 -63.95 -29.61 -2.71
C VAL W 121 -64.06 -30.83 -3.61
N PRO W 122 -65.25 -31.14 -4.11
CA PRO W 122 -65.38 -32.27 -5.05
C PRO W 122 -64.69 -31.96 -6.36
N ASP W 123 -64.39 -33.03 -7.10
CA ASP W 123 -63.69 -32.91 -8.36
C ASP W 123 -64.47 -32.03 -9.33
N GLY W 124 -63.75 -31.15 -10.04
CA GLY W 124 -64.36 -30.24 -10.99
C GLY W 124 -64.45 -28.81 -10.54
N ALA W 125 -63.75 -28.43 -9.47
CA ALA W 125 -63.78 -27.05 -9.00
C ALA W 125 -62.84 -26.20 -9.85
N PRO W 126 -63.31 -25.12 -10.45
CA PRO W 126 -62.43 -24.28 -11.26
C PRO W 126 -61.69 -23.24 -10.44
N PHE W 127 -60.45 -22.99 -10.83
CA PHE W 127 -59.62 -21.97 -10.21
C PHE W 127 -58.96 -21.15 -11.30
N ILE W 128 -58.62 -19.91 -10.97
CA ILE W 128 -57.89 -19.02 -11.87
C ILE W 128 -56.48 -18.87 -11.33
N VAL W 129 -55.50 -19.34 -12.09
CA VAL W 129 -54.11 -19.33 -11.67
C VAL W 129 -53.35 -18.37 -12.57
N ASN W 130 -52.67 -17.41 -11.96
CA ASN W 130 -51.82 -16.46 -12.66
C ASN W 130 -50.38 -16.74 -12.24
N TYR W 131 -49.52 -17.01 -13.22
CA TYR W 131 -48.17 -17.47 -12.94
C TYR W 131 -47.26 -17.05 -14.08
N TRP W 132 -46.04 -17.57 -14.07
CA TRP W 132 -45.04 -17.29 -15.08
C TRP W 132 -44.61 -18.58 -15.75
N THR W 133 -44.37 -18.51 -17.05
CA THR W 133 -43.95 -19.66 -17.84
C THR W 133 -42.49 -19.51 -18.24
N VAL W 134 -42.01 -20.44 -19.04
CA VAL W 134 -40.68 -20.38 -19.60
C VAL W 134 -40.77 -19.80 -21.00
N LEU W 135 -39.65 -19.26 -21.47
CA LEU W 135 -39.62 -18.65 -22.79
C LEU W 135 -39.79 -19.72 -23.87
N PRO W 136 -40.46 -19.39 -24.97
CA PRO W 136 -40.61 -20.37 -26.06
C PRO W 136 -39.26 -20.71 -26.67
N GLU W 137 -39.11 -21.95 -27.10
CA GLU W 137 -37.85 -22.41 -27.67
C GLU W 137 -37.64 -21.81 -29.05
N LEU W 138 -36.40 -21.43 -29.32
CA LEU W 138 -36.01 -20.90 -30.62
C LEU W 138 -35.32 -22.00 -31.42
N SER W 139 -35.88 -22.33 -32.57
CA SER W 139 -35.34 -23.41 -33.40
C SER W 139 -35.89 -23.26 -34.81
N LEU W 140 -35.57 -24.23 -35.66
CA LEU W 140 -36.07 -24.20 -37.03
C LEU W 140 -37.58 -24.33 -37.06
N ALA W 141 -38.15 -25.17 -36.20
CA ALA W 141 -39.59 -25.32 -36.15
C ALA W 141 -40.29 -24.09 -35.59
N ASN W 142 -39.58 -23.26 -34.81
CA ASN W 142 -40.14 -22.05 -34.21
C ASN W 142 -39.23 -20.88 -34.57
N PRO W 143 -39.34 -20.39 -35.81
CA PRO W 143 -38.40 -19.35 -36.26
C PRO W 143 -38.47 -18.05 -35.47
N THR W 144 -39.63 -17.66 -34.96
CA THR W 144 -39.81 -16.36 -34.33
C THR W 144 -40.40 -16.50 -32.95
N THR W 145 -39.88 -15.73 -32.00
CA THR W 145 -40.44 -15.62 -30.66
C THR W 145 -40.54 -14.14 -30.28
N TRP W 146 -41.31 -13.87 -29.25
CA TRP W 146 -41.46 -12.48 -28.80
C TRP W 146 -40.15 -11.93 -28.26
N ALA W 147 -39.34 -12.77 -27.63
CA ALA W 147 -38.07 -12.30 -27.08
C ALA W 147 -37.14 -11.80 -28.18
N LEU W 148 -37.09 -12.52 -29.31
CA LEU W 148 -36.23 -12.11 -30.41
C LEU W 148 -36.69 -10.77 -30.99
N THR W 149 -38.00 -10.59 -31.16
CA THR W 149 -38.52 -9.36 -31.74
C THR W 149 -38.54 -8.20 -30.75
N LYS W 150 -38.37 -8.47 -29.45
CA LYS W 150 -38.39 -7.41 -28.45
C LYS W 150 -37.02 -6.80 -28.21
N TYR W 151 -35.97 -7.62 -28.22
CA TYR W 151 -34.63 -7.15 -27.89
C TYR W 151 -33.58 -8.09 -28.47
N PRO W 152 -33.28 -7.98 -29.77
CA PRO W 152 -32.37 -8.95 -30.40
C PRO W 152 -30.95 -8.93 -29.84
N GLN W 153 -30.53 -7.81 -29.22
CA GLN W 153 -29.18 -7.74 -28.69
C GLN W 153 -28.92 -8.83 -27.67
N ILE W 154 -29.93 -9.22 -26.89
CA ILE W 154 -29.76 -10.26 -25.90
C ILE W 154 -29.31 -11.55 -26.56
N TYR W 155 -30.03 -11.98 -27.60
CA TYR W 155 -29.69 -13.23 -28.27
C TYR W 155 -28.36 -13.12 -29.00
N LEU W 156 -28.11 -11.98 -29.65
CA LEU W 156 -26.84 -11.82 -30.35
C LEU W 156 -25.66 -11.92 -29.40
N TYR W 157 -25.73 -11.23 -28.25
CA TYR W 157 -24.63 -11.25 -27.30
C TYR W 157 -24.49 -12.63 -26.65
N GLY W 158 -25.61 -13.29 -26.35
CA GLY W 158 -25.52 -14.63 -25.79
C GLY W 158 -24.85 -15.61 -26.75
N VAL W 159 -25.22 -15.55 -28.03
CA VAL W 159 -24.62 -16.43 -29.01
C VAL W 159 -23.14 -16.13 -29.17
N LEU W 160 -22.76 -14.85 -29.17
CA LEU W 160 -21.36 -14.50 -29.28
C LEU W 160 -20.57 -15.02 -28.09
N GLU W 161 -21.12 -14.90 -26.87
CA GLU W 161 -20.44 -15.41 -25.70
C GLU W 161 -20.29 -16.92 -25.76
N GLN W 162 -21.33 -17.62 -26.21
CA GLN W 162 -21.23 -19.07 -26.35
C GLN W 162 -20.16 -19.44 -27.38
N ILE W 163 -20.10 -18.70 -28.48
CA ILE W 163 -19.11 -18.97 -29.52
C ILE W 163 -17.70 -18.82 -28.96
N TYR W 164 -17.45 -17.72 -28.25
CA TYR W 164 -16.11 -17.51 -27.71
C TYR W 164 -15.79 -18.48 -26.57
N LEU W 165 -16.80 -18.99 -25.87
CA LEU W 165 -16.54 -20.10 -24.96
C LEU W 165 -16.13 -21.35 -25.71
N TYR W 166 -16.77 -21.63 -26.85
CA TYR W 166 -16.48 -22.83 -27.61
C TYR W 166 -15.08 -22.78 -28.21
N THR W 167 -14.67 -21.62 -28.71
CA THR W 167 -13.35 -21.45 -29.32
C THR W 167 -12.24 -21.35 -28.28
N MET W 168 -12.57 -21.58 -27.00
CA MET W 168 -11.58 -21.66 -25.93
C MET W 168 -10.80 -20.36 -25.79
N ASP W 169 -11.50 -19.25 -25.95
CA ASP W 169 -10.98 -17.92 -25.66
C ASP W 169 -11.70 -17.38 -24.42
N GLU W 170 -10.96 -16.68 -23.56
CA GLU W 170 -11.51 -16.29 -22.27
C GLU W 170 -11.77 -14.79 -22.13
N ALA W 171 -10.90 -13.93 -22.66
CA ALA W 171 -11.10 -12.49 -22.49
C ALA W 171 -12.36 -12.02 -23.19
N ARG W 172 -12.50 -12.37 -24.48
CA ARG W 172 -13.70 -11.98 -25.21
C ARG W 172 -14.93 -12.69 -24.66
N SER W 173 -14.77 -13.92 -24.18
CA SER W 173 -15.90 -14.65 -23.61
C SER W 173 -16.47 -13.91 -22.41
N GLN W 174 -15.61 -13.49 -21.48
CA GLN W 174 -16.10 -12.77 -20.31
C GLN W 174 -16.60 -11.38 -20.67
N PHE W 175 -15.98 -10.73 -21.66
CA PHE W 175 -16.49 -9.44 -22.12
C PHE W 175 -17.93 -9.56 -22.62
N TRP W 176 -18.18 -10.52 -23.51
CA TRP W 176 -19.52 -10.68 -24.05
C TRP W 176 -20.50 -11.19 -22.99
N GLY W 177 -20.02 -11.98 -22.02
CA GLY W 177 -20.88 -12.38 -20.92
C GLY W 177 -21.34 -11.20 -20.10
N GLN W 178 -20.42 -10.27 -19.81
CA GLN W 178 -20.80 -9.06 -19.09
C GLN W 178 -21.79 -8.25 -19.91
N LYS W 179 -21.57 -8.16 -21.22
CA LYS W 179 -22.52 -7.42 -22.06
C LYS W 179 -23.91 -8.03 -22.01
N LEU W 180 -23.99 -9.37 -22.10
CA LEU W 180 -25.29 -10.03 -22.04
C LEU W 180 -25.96 -9.82 -20.69
N GLU W 181 -25.19 -9.91 -19.60
CA GLU W 181 -25.77 -9.68 -18.29
C GLU W 181 -26.30 -8.26 -18.15
N ARG W 182 -25.57 -7.29 -18.68
CA ARG W 182 -26.05 -5.92 -18.65
C ARG W 182 -27.34 -5.75 -19.43
N ALA W 183 -27.43 -6.39 -20.60
CA ALA W 183 -28.67 -6.29 -21.38
C ALA W 183 -29.84 -6.90 -20.63
N VAL W 184 -29.64 -8.06 -20.01
CA VAL W 184 -30.71 -8.70 -19.25
C VAL W 184 -31.15 -7.83 -18.09
N MET W 185 -30.18 -7.26 -17.38
CA MET W 185 -30.52 -6.39 -16.25
C MET W 185 -31.28 -5.16 -16.73
N GLU W 186 -30.90 -4.60 -17.88
CA GLU W 186 -31.62 -3.45 -18.41
C GLU W 186 -33.07 -3.79 -18.72
N LEU W 187 -33.29 -4.94 -19.37
CA LEU W 187 -34.66 -5.34 -19.68
C LEU W 187 -35.48 -5.55 -18.42
N GLN W 188 -34.92 -6.25 -17.43
CA GLN W 188 -35.64 -6.48 -16.18
C GLN W 188 -35.94 -5.17 -15.47
N ASN W 189 -34.99 -4.24 -15.47
CA ASN W 189 -35.20 -2.95 -14.82
C ASN W 189 -36.31 -2.17 -15.52
N GLU W 190 -36.34 -2.20 -16.86
CA GLU W 190 -37.41 -1.52 -17.57
C GLU W 190 -38.76 -2.09 -17.20
N GLU W 191 -38.85 -3.43 -17.12
CA GLU W 191 -40.12 -4.03 -16.75
C GLU W 191 -40.51 -3.67 -15.31
N ASN W 192 -39.51 -3.60 -14.41
CA ASN W 192 -39.81 -3.34 -13.00
C ASN W 192 -40.38 -1.94 -12.78
N ALA W 193 -39.98 -0.98 -13.60
CA ALA W 193 -40.42 0.40 -13.46
C ALA W 193 -41.53 0.77 -14.42
N ALA W 194 -42.29 -0.23 -14.91
CA ALA W 194 -43.39 0.07 -15.83
C ALA W 194 -44.45 0.92 -15.17
N ASP W 195 -44.80 0.61 -13.92
CA ASP W 195 -45.77 1.38 -13.16
C ASP W 195 -45.16 1.66 -11.79
N PHE W 196 -45.15 2.93 -11.40
CA PHE W 196 -44.54 3.31 -10.12
C PHE W 196 -45.35 2.77 -8.94
N ALA W 197 -46.68 2.85 -9.02
CA ALA W 197 -47.53 2.50 -7.89
C ALA W 197 -47.38 1.04 -7.51
N SER W 198 -47.35 0.14 -8.50
CA SER W 198 -47.33 -1.28 -8.21
C SER W 198 -46.03 -1.76 -7.59
N THR W 199 -44.98 -0.93 -7.62
CA THR W 199 -43.68 -1.35 -7.08
C THR W 199 -43.76 -1.58 -5.59
N ARG W 200 -44.42 -0.68 -4.85
CA ARG W 200 -44.45 -0.78 -3.40
C ARG W 200 -45.27 -2.00 -2.94
N LEU W 201 -46.36 -2.28 -3.62
CA LEU W 201 -47.27 -3.34 -3.20
C LEU W 201 -46.73 -4.70 -3.64
N ALA W 202 -47.53 -5.75 -3.46
CA ALA W 202 -47.16 -7.12 -3.79
C ALA W 202 -45.92 -7.58 -3.03
N ILE W 203 -45.70 -7.02 -1.85
CA ILE W 203 -44.55 -7.35 -1.01
C ILE W 203 -44.98 -7.82 0.37
N LYS W 204 -45.86 -7.05 1.02
CA LYS W 204 -46.25 -7.31 2.40
C LYS W 204 -47.49 -8.19 2.41
N ASP W 205 -47.32 -9.47 2.74
CA ASP W 205 -48.42 -10.43 2.86
C ASP W 205 -48.22 -11.26 4.10
N ILE W 206 -49.14 -11.15 5.05
CA ILE W 206 -49.13 -11.91 6.30
C ILE W 206 -47.85 -11.62 7.08
N GLU W 207 -47.91 -10.66 8.00
CA GLU W 207 -46.74 -10.25 8.78
C GLU W 207 -46.88 -10.59 10.26
N ARG W 208 -47.96 -10.15 10.90
CA ARG W 208 -48.21 -10.40 12.32
C ARG W 208 -47.04 -9.96 13.19
N ALA X 2 -30.08 20.55 -36.81
CA ALA X 2 -29.23 20.57 -38.00
C ALA X 2 -28.17 19.48 -37.90
N THR X 3 -26.93 19.84 -38.22
CA THR X 3 -25.80 18.91 -38.23
C THR X 3 -26.12 17.72 -39.12
N ILE X 4 -26.52 16.61 -38.50
CA ILE X 4 -26.99 15.44 -39.25
C ILE X 4 -28.50 15.52 -39.35
N ASN X 5 -29.01 15.46 -40.58
CA ASN X 5 -30.43 15.67 -40.84
C ASN X 5 -31.20 14.37 -41.07
N ASN X 6 -30.66 13.44 -41.84
CA ASN X 6 -31.34 12.18 -42.12
C ASN X 6 -30.37 11.02 -41.97
N VAL X 7 -30.85 9.82 -42.28
CA VAL X 7 -30.08 8.61 -42.00
C VAL X 7 -28.85 8.53 -42.91
N THR X 8 -28.98 8.98 -44.15
CA THR X 8 -27.86 8.87 -45.09
C THR X 8 -26.66 9.69 -44.62
N ASP X 9 -26.91 10.92 -44.15
CA ASP X 9 -25.82 11.73 -43.62
C ASP X 9 -25.20 11.08 -42.39
N LEU X 10 -26.01 10.48 -41.53
CA LEU X 10 -25.48 9.77 -40.37
C LEU X 10 -24.57 8.63 -40.79
N ALA X 11 -24.99 7.84 -41.78
CA ALA X 11 -24.17 6.74 -42.26
C ALA X 11 -22.87 7.25 -42.86
N ILE X 12 -22.93 8.32 -43.64
CA ILE X 12 -21.73 8.89 -44.26
C ILE X 12 -20.77 9.37 -43.17
N ALA X 13 -21.29 10.07 -42.17
CA ALA X 13 -20.43 10.56 -41.09
C ALA X 13 -19.81 9.42 -40.31
N ALA X 14 -20.59 8.37 -40.04
CA ALA X 14 -20.05 7.22 -39.33
C ALA X 14 -18.94 6.54 -40.11
N ILE X 15 -19.13 6.39 -41.42
CA ILE X 15 -18.10 5.80 -42.26
C ILE X 15 -16.85 6.67 -42.26
N GLN X 16 -17.02 7.98 -42.37
CA GLN X 16 -15.88 8.89 -42.40
C GLN X 16 -15.10 8.82 -41.09
N TRP X 17 -15.80 8.83 -39.96
CA TRP X 17 -15.12 8.82 -38.67
C TRP X 17 -14.45 7.48 -38.42
N SER X 18 -15.12 6.38 -38.77
CA SER X 18 -14.56 5.05 -38.51
C SER X 18 -13.46 4.68 -39.49
N ASP X 19 -13.45 5.27 -40.69
CA ASP X 19 -12.48 4.96 -41.73
C ASP X 19 -12.46 3.46 -42.06
N ARG X 20 -13.64 2.89 -42.19
CA ARG X 20 -13.82 1.53 -42.67
C ARG X 20 -14.67 1.57 -43.93
N GLN X 21 -14.19 0.91 -44.98
CA GLN X 21 -14.91 0.84 -46.24
C GLN X 21 -15.52 -0.53 -46.49
N ASP X 22 -15.44 -1.43 -45.52
CA ASP X 22 -16.02 -2.76 -45.63
C ASP X 22 -17.43 -2.84 -45.05
N LEU X 23 -17.98 -1.72 -44.59
CA LEU X 23 -19.30 -1.71 -43.98
C LEU X 23 -20.35 -1.47 -45.06
N THR X 24 -21.26 -2.41 -45.22
CA THR X 24 -22.32 -2.30 -46.20
C THR X 24 -23.52 -1.59 -45.60
N GLN X 25 -24.58 -1.45 -46.41
CA GLN X 25 -25.80 -0.81 -45.92
C GLN X 25 -26.48 -1.63 -44.85
N GLU X 26 -26.48 -2.96 -45.01
CA GLU X 26 -27.15 -3.83 -44.05
C GLU X 26 -26.52 -3.72 -42.66
N LEU X 27 -25.19 -3.69 -42.60
CA LEU X 27 -24.51 -3.59 -41.32
C LEU X 27 -24.81 -2.26 -40.64
N LEU X 28 -24.85 -1.17 -41.41
CA LEU X 28 -25.17 0.13 -40.84
C LEU X 28 -26.60 0.16 -40.31
N MET X 29 -27.53 -0.44 -41.06
CA MET X 29 -28.91 -0.51 -40.59
C MET X 29 -28.99 -1.34 -39.30
N LEU X 30 -28.25 -2.44 -39.23
CA LEU X 30 -28.22 -3.24 -38.02
C LEU X 30 -27.69 -2.45 -36.83
N PHE X 31 -26.61 -1.69 -37.05
CA PHE X 31 -26.05 -0.89 -35.96
C PHE X 31 -27.03 0.17 -35.49
N ILE X 32 -27.71 0.84 -36.43
CA ILE X 32 -28.68 1.86 -36.05
C ILE X 32 -29.83 1.24 -35.28
N GLY X 33 -30.31 0.08 -35.73
CA GLY X 33 -31.36 -0.60 -35.00
C GLY X 33 -30.95 -0.99 -33.60
N ASN X 34 -29.71 -1.47 -33.44
CA ASN X 34 -29.22 -1.82 -32.12
C ASN X 34 -29.17 -0.60 -31.21
N THR X 35 -28.69 0.54 -31.74
CA THR X 35 -28.64 1.75 -30.94
C THR X 35 -30.02 2.21 -30.53
N THR X 36 -30.99 2.15 -31.46
CA THR X 36 -32.35 2.54 -31.11
C THR X 36 -32.95 1.62 -30.06
N ASP X 37 -32.70 0.31 -30.19
CA ASP X 37 -33.21 -0.64 -29.20
C ASP X 37 -32.62 -0.37 -27.82
N ARG X 38 -31.32 -0.07 -27.76
CA ARG X 38 -30.73 0.27 -26.47
C ARG X 38 -31.33 1.55 -25.91
N LEU X 39 -31.55 2.55 -26.77
CA LEU X 39 -32.12 3.81 -26.30
C LEU X 39 -33.54 3.64 -25.79
N ASN X 40 -34.28 2.67 -26.34
CA ASN X 40 -35.67 2.48 -25.94
C ASN X 40 -35.81 2.13 -24.45
N ARG X 41 -34.76 1.61 -23.83
CA ARG X 41 -34.81 1.18 -22.44
C ARG X 41 -34.35 2.25 -21.45
N LEU X 42 -33.99 3.43 -21.92
CA LEU X 42 -33.39 4.44 -21.06
C LEU X 42 -34.10 5.78 -21.08
N LEU X 43 -34.61 6.20 -22.23
CA LEU X 43 -35.13 7.55 -22.39
C LEU X 43 -36.59 7.63 -21.98
N ARG X 44 -36.90 8.57 -21.08
CA ARG X 44 -38.26 8.92 -20.71
C ARG X 44 -38.32 10.44 -20.71
N VAL X 45 -38.61 11.03 -21.86
CA VAL X 45 -38.56 12.47 -22.04
C VAL X 45 -39.90 12.96 -22.56
N ARG X 46 -40.00 14.28 -22.77
CA ARG X 46 -41.26 14.88 -23.18
C ARG X 46 -41.68 14.41 -24.57
N GLU X 47 -40.75 14.34 -25.51
CA GLU X 47 -41.09 13.90 -26.86
C GLU X 47 -41.49 12.44 -26.92
N ASN X 48 -41.10 11.66 -25.91
CA ASN X 48 -41.47 10.24 -25.85
C ASN X 48 -42.88 10.02 -25.33
N GLU X 49 -43.53 11.05 -24.80
CA GLU X 49 -44.83 10.90 -24.17
C GLU X 49 -45.94 10.83 -25.22
N HIS X 50 -47.09 10.31 -24.78
CA HIS X 50 -48.25 10.19 -25.67
C HIS X 50 -49.48 9.97 -24.81
N PHE X 51 -50.52 10.77 -25.04
CA PHE X 51 -51.79 10.61 -24.36
C PHE X 51 -52.90 10.44 -25.40
N GLU X 52 -53.80 9.50 -25.14
CA GLU X 52 -54.83 9.19 -26.12
C GLU X 52 -56.02 8.55 -25.42
N THR X 53 -57.14 8.49 -26.15
CA THR X 53 -58.38 7.95 -25.64
C THR X 53 -58.51 6.49 -26.04
N LEU X 54 -58.67 5.61 -25.06
CA LEU X 54 -58.81 4.18 -25.27
C LEU X 54 -60.17 3.72 -24.77
N MET X 55 -60.81 2.84 -25.52
CA MET X 55 -62.09 2.27 -25.14
C MET X 55 -61.89 1.10 -24.17
N ALA X 56 -62.97 0.73 -23.50
CA ALA X 56 -62.96 -0.37 -22.55
C ALA X 56 -63.81 -1.51 -23.09
N PHE X 57 -63.24 -2.72 -23.08
CA PHE X 57 -63.93 -3.89 -23.59
C PHE X 57 -63.81 -5.01 -22.58
N GLY X 58 -64.94 -5.63 -22.24
CA GLY X 58 -64.94 -6.72 -21.29
C GLY X 58 -64.45 -6.33 -19.91
N GLY X 59 -64.75 -5.11 -19.47
CA GLY X 59 -64.30 -4.66 -18.17
C GLY X 59 -62.81 -4.43 -18.07
N GLY X 60 -62.13 -4.17 -19.19
CA GLY X 60 -60.70 -3.97 -19.16
C GLY X 60 -60.24 -3.15 -20.34
N ILE X 61 -59.02 -2.63 -20.20
CA ILE X 61 -58.37 -1.83 -21.23
C ILE X 61 -57.11 -2.57 -21.68
N GLU X 62 -56.95 -2.73 -22.98
CA GLU X 62 -55.79 -3.43 -23.51
C GLU X 62 -54.59 -2.51 -23.57
N ILE X 63 -53.45 -3.00 -23.09
CA ILE X 63 -52.22 -2.20 -23.09
C ILE X 63 -51.74 -2.01 -24.53
N PRO X 64 -51.41 -0.79 -24.94
CA PRO X 64 -50.94 -0.58 -26.31
C PRO X 64 -49.64 -1.33 -26.59
N GLU X 65 -49.45 -1.69 -27.85
CA GLU X 65 -48.27 -2.45 -28.23
C GLU X 65 -47.00 -1.60 -28.14
N HIS X 66 -47.12 -0.28 -28.28
CA HIS X 66 -45.98 0.62 -28.16
C HIS X 66 -45.71 1.03 -26.72
N PHE X 67 -46.52 0.56 -25.77
CA PHE X 67 -46.40 0.97 -24.38
C PHE X 67 -45.06 0.56 -23.80
N VAL X 68 -44.43 1.49 -23.09
CA VAL X 68 -43.21 1.17 -22.35
C VAL X 68 -43.26 1.61 -20.89
N ALA X 69 -44.10 2.57 -20.51
CA ALA X 69 -44.20 3.03 -19.14
C ALA X 69 -45.46 3.86 -18.99
N LEU X 70 -46.19 3.65 -17.89
CA LEU X 70 -47.47 4.29 -17.67
C LEU X 70 -47.29 5.53 -16.78
N ARG X 71 -47.99 6.59 -17.14
CA ARG X 71 -47.99 7.83 -16.34
C ARG X 71 -49.32 8.05 -15.63
N SER X 72 -50.44 7.99 -16.34
CA SER X 72 -51.72 8.22 -15.68
C SER X 72 -52.86 7.65 -16.51
N ILE X 73 -53.94 7.29 -15.81
CA ILE X 73 -55.20 6.88 -16.42
C ILE X 73 -56.31 7.71 -15.79
N THR X 74 -57.16 8.30 -16.61
CA THR X 74 -58.25 9.14 -16.13
C THR X 74 -59.55 8.72 -16.81
N GLY X 75 -60.59 8.53 -16.01
CA GLY X 75 -61.89 8.23 -16.58
C GLY X 75 -62.50 9.44 -17.27
N ASP X 76 -63.45 9.16 -18.17
CA ASP X 76 -64.19 10.22 -18.82
C ASP X 76 -65.19 10.79 -17.84
N SER X 77 -65.55 12.07 -18.05
CA SER X 77 -66.49 12.73 -17.16
C SER X 77 -67.85 12.04 -17.14
N LEU X 78 -68.19 11.31 -18.20
CA LEU X 78 -69.45 10.57 -18.21
C LEU X 78 -69.47 9.48 -17.15
N ILE X 79 -68.35 8.80 -16.94
CA ILE X 79 -68.27 7.71 -16.00
C ILE X 79 -67.62 8.14 -14.68
N GLY X 80 -67.61 9.44 -14.40
CA GLY X 80 -67.08 9.93 -13.14
C GLY X 80 -65.95 10.93 -13.30
N GLY X 81 -65.08 10.69 -14.27
CA GLY X 81 -63.97 11.61 -14.51
C GLY X 81 -62.99 11.71 -13.36
N ARG X 82 -62.63 10.58 -12.76
CA ARG X 82 -61.69 10.54 -11.65
C ARG X 82 -60.39 9.88 -12.09
N THR X 83 -59.28 10.37 -11.56
CA THR X 83 -57.99 9.74 -11.82
C THR X 83 -57.91 8.43 -11.06
N LEU X 84 -57.67 7.34 -11.77
CA LEU X 84 -57.73 6.01 -11.18
C LEU X 84 -56.56 5.78 -10.24
N GLN X 85 -56.75 4.85 -9.31
CA GLN X 85 -55.73 4.49 -8.35
C GLN X 85 -55.46 2.99 -8.43
N TYR X 86 -54.22 2.60 -8.11
CA TYR X 86 -53.81 1.22 -8.22
C TYR X 86 -54.10 0.46 -6.94
N ILE X 87 -54.65 -0.75 -7.10
CA ILE X 87 -54.90 -1.65 -5.98
C ILE X 87 -54.40 -3.03 -6.36
N THR X 88 -54.10 -3.83 -5.34
CA THR X 88 -53.59 -5.17 -5.57
C THR X 88 -54.74 -6.11 -5.93
N GLN X 89 -54.41 -7.39 -6.09
CA GLN X 89 -55.44 -8.37 -6.45
C GLN X 89 -56.32 -8.70 -5.26
N ASP X 90 -55.73 -8.78 -4.06
CA ASP X 90 -56.52 -9.09 -2.87
C ASP X 90 -57.57 -8.03 -2.60
N ILE X 91 -57.18 -6.75 -2.72
CA ILE X 91 -58.13 -5.67 -2.52
C ILE X 91 -59.23 -5.72 -3.58
N PHE X 92 -58.86 -6.05 -4.82
CA PHE X 92 -59.85 -6.19 -5.88
C PHE X 92 -60.86 -7.28 -5.54
N THR X 93 -60.38 -8.43 -5.07
CA THR X 93 -61.27 -9.52 -4.72
C THR X 93 -62.18 -9.14 -3.56
N HIS X 94 -61.64 -8.47 -2.55
CA HIS X 94 -62.46 -8.05 -1.42
C HIS X 94 -63.54 -7.06 -1.86
N TYR X 95 -63.17 -6.10 -2.71
CA TYR X 95 -64.15 -5.13 -3.19
C TYR X 95 -65.24 -5.81 -4.01
N VAL X 96 -64.86 -6.77 -4.85
CA VAL X 96 -65.86 -7.48 -5.65
C VAL X 96 -66.80 -8.27 -4.75
N ASN X 97 -66.24 -8.96 -3.76
CA ASN X 97 -67.07 -9.83 -2.92
C ASN X 97 -68.00 -9.03 -2.02
N TYR X 98 -67.55 -7.87 -1.54
CA TYR X 98 -68.35 -7.10 -0.59
C TYR X 98 -69.24 -6.05 -1.25
N ASN X 99 -69.18 -5.91 -2.57
CA ASN X 99 -70.01 -4.96 -3.31
C ASN X 99 -69.80 -3.53 -2.81
N TYR X 100 -68.57 -3.05 -3.02
CA TYR X 100 -68.21 -1.72 -2.53
C TYR X 100 -69.10 -0.64 -3.13
N GLN X 101 -69.31 -0.68 -4.44
CA GLN X 101 -70.21 0.22 -5.15
C GLN X 101 -69.90 1.69 -4.89
N PRO X 102 -68.76 2.22 -5.37
CA PRO X 102 -68.54 3.66 -5.31
C PRO X 102 -69.35 4.38 -6.39
N GLN X 103 -69.15 5.69 -6.53
CA GLN X 103 -69.93 6.44 -7.52
C GLN X 103 -69.44 6.17 -8.94
N GLY X 104 -68.19 6.50 -9.22
CA GLY X 104 -67.60 6.27 -10.51
C GLY X 104 -66.44 5.29 -10.45
N VAL X 105 -65.80 5.10 -11.60
CA VAL X 105 -64.62 4.23 -11.68
C VAL X 105 -63.48 4.88 -10.92
N THR X 106 -62.89 4.13 -9.99
CA THR X 106 -61.89 4.71 -9.10
C THR X 106 -60.59 3.90 -9.06
N TYR X 107 -60.69 2.59 -9.23
CA TYR X 107 -59.55 1.71 -9.01
C TYR X 107 -59.25 0.90 -10.26
N TYR X 108 -57.99 0.48 -10.39
CA TYR X 108 -57.58 -0.38 -11.48
C TYR X 108 -56.44 -1.27 -11.01
N THR X 109 -56.27 -2.39 -11.69
CA THR X 109 -55.21 -3.34 -11.42
C THR X 109 -54.75 -3.95 -12.74
N ARG X 110 -53.61 -4.63 -12.70
CA ARG X 110 -53.02 -5.21 -13.90
C ARG X 110 -53.19 -6.72 -13.87
N LEU X 111 -53.76 -7.27 -14.95
CA LEU X 111 -53.93 -8.71 -15.10
C LEU X 111 -53.51 -9.08 -16.51
N GLY X 112 -52.44 -9.86 -16.61
CA GLY X 112 -51.94 -10.23 -17.92
C GLY X 112 -51.53 -9.00 -18.70
N ASN X 113 -52.15 -8.81 -19.86
CA ASN X 113 -51.91 -7.64 -20.70
C ASN X 113 -53.08 -6.65 -20.65
N PHE X 114 -53.81 -6.63 -19.55
CA PHE X 114 -54.99 -5.79 -19.44
C PHE X 114 -54.99 -5.03 -18.13
N TRP X 115 -55.66 -3.87 -18.15
CA TRP X 115 -55.95 -3.10 -16.96
C TRP X 115 -57.43 -3.29 -16.63
N ARG X 116 -57.71 -3.84 -15.46
CA ARG X 116 -59.07 -4.11 -15.02
C ARG X 116 -59.50 -3.06 -14.02
N VAL X 117 -60.63 -2.41 -14.28
CA VAL X 117 -61.20 -1.41 -13.40
C VAL X 117 -62.23 -2.07 -12.50
N PHE X 118 -62.28 -1.65 -11.23
CA PHE X 118 -63.14 -2.35 -10.27
C PHE X 118 -64.62 -2.11 -10.54
N PRO X 119 -65.13 -0.87 -10.52
CA PRO X 119 -66.57 -0.71 -10.74
C PRO X 119 -66.89 -1.04 -12.19
N VAL X 120 -67.03 -2.35 -12.45
CA VAL X 120 -67.09 -2.91 -13.79
C VAL X 120 -68.04 -2.11 -14.67
N VAL X 121 -67.52 -1.65 -15.81
CA VAL X 121 -68.24 -0.72 -16.66
C VAL X 121 -68.66 -1.47 -17.93
N PRO X 122 -69.78 -1.11 -18.56
CA PRO X 122 -70.13 -1.73 -19.83
C PRO X 122 -69.14 -1.36 -20.93
N ASP X 123 -69.09 -2.21 -21.95
CA ASP X 123 -68.15 -2.02 -23.05
C ASP X 123 -68.41 -0.70 -23.75
N GLY X 124 -67.35 0.05 -24.01
CA GLY X 124 -67.45 1.31 -24.71
C GLY X 124 -67.35 2.53 -23.83
N ALA X 125 -66.65 2.41 -22.71
CA ALA X 125 -66.44 3.52 -21.80
C ALA X 125 -65.08 4.12 -22.05
N PRO X 126 -64.99 5.36 -22.52
CA PRO X 126 -63.70 5.94 -22.87
C PRO X 126 -62.85 6.29 -21.65
N PHE X 127 -61.54 6.18 -21.83
CA PHE X 127 -60.56 6.58 -20.84
C PHE X 127 -59.46 7.36 -21.52
N ILE X 128 -58.79 8.22 -20.77
CA ILE X 128 -57.65 8.98 -21.27
C ILE X 128 -56.40 8.42 -20.60
N VAL X 129 -55.51 7.85 -21.41
CA VAL X 129 -54.30 7.21 -20.93
C VAL X 129 -53.11 8.03 -21.40
N ASN X 130 -52.26 8.42 -20.46
CA ASN X 130 -51.03 9.14 -20.74
C ASN X 130 -49.86 8.25 -20.35
N TYR X 131 -48.96 7.99 -21.30
CA TYR X 131 -47.90 7.00 -21.10
C TYR X 131 -46.71 7.37 -21.98
N TRP X 132 -45.72 6.49 -21.99
CA TRP X 132 -44.51 6.65 -22.79
C TRP X 132 -44.44 5.54 -23.83
N THR X 133 -43.99 5.89 -25.02
CA THR X 133 -43.88 4.93 -26.12
C THR X 133 -42.41 4.63 -26.40
N VAL X 134 -42.18 3.85 -27.46
CA VAL X 134 -40.83 3.51 -27.87
C VAL X 134 -40.36 4.52 -28.91
N LEU X 135 -39.06 4.59 -29.10
CA LEU X 135 -38.49 5.51 -30.08
C LEU X 135 -38.92 5.10 -31.49
N PRO X 136 -39.16 6.06 -32.38
CA PRO X 136 -39.49 5.70 -33.76
C PRO X 136 -38.33 5.02 -34.46
N GLU X 137 -38.67 4.13 -35.38
CA GLU X 137 -37.64 3.39 -36.10
C GLU X 137 -36.94 4.29 -37.11
N LEU X 138 -35.62 4.25 -37.11
CA LEU X 138 -34.80 5.00 -38.07
C LEU X 138 -34.30 4.03 -39.13
N SER X 139 -34.74 4.23 -40.36
CA SER X 139 -34.38 3.33 -41.45
C SER X 139 -34.52 4.09 -42.76
N LEU X 140 -34.38 3.38 -43.87
CA LEU X 140 -34.52 4.01 -45.19
C LEU X 140 -35.94 4.50 -45.41
N ALA X 141 -36.94 3.73 -44.97
CA ALA X 141 -38.32 4.14 -45.13
C ALA X 141 -38.71 5.28 -44.20
N ASN X 142 -37.99 5.44 -43.09
CA ASN X 142 -38.24 6.52 -42.13
C ASN X 142 -36.92 7.24 -41.89
N PRO X 143 -36.53 8.12 -42.81
CA PRO X 143 -35.18 8.71 -42.77
C PRO X 143 -34.98 9.76 -41.70
N THR X 144 -36.03 10.22 -41.02
CA THR X 144 -35.88 11.29 -40.04
C THR X 144 -36.71 11.01 -38.80
N THR X 145 -36.15 11.29 -37.64
CA THR X 145 -36.84 11.19 -36.36
C THR X 145 -36.47 12.39 -35.51
N TRP X 146 -37.29 12.63 -34.48
CA TRP X 146 -37.00 13.75 -33.58
C TRP X 146 -35.72 13.52 -32.78
N ALA X 147 -35.41 12.26 -32.47
CA ALA X 147 -34.19 11.96 -31.72
C ALA X 147 -32.95 12.37 -32.49
N LEU X 148 -32.92 12.09 -33.80
CA LEU X 148 -31.78 12.47 -34.61
C LEU X 148 -31.62 13.98 -34.67
N THR X 149 -32.72 14.71 -34.84
CA THR X 149 -32.66 16.16 -34.95
C THR X 149 -32.47 16.85 -33.62
N LYS X 150 -32.64 16.15 -32.50
CA LYS X 150 -32.48 16.77 -31.20
C LYS X 150 -31.04 16.68 -30.68
N TYR X 151 -30.36 15.58 -30.95
CA TYR X 151 -29.02 15.37 -30.41
C TYR X 151 -28.29 14.30 -31.23
N PRO X 152 -27.74 14.67 -32.39
CA PRO X 152 -27.13 13.65 -33.27
C PRO X 152 -25.93 12.95 -32.67
N GLN X 153 -25.27 13.55 -31.68
CA GLN X 153 -24.10 12.92 -31.09
C GLN X 153 -24.43 11.55 -30.52
N ILE X 154 -25.63 11.37 -29.99
CA ILE X 154 -26.02 10.08 -29.41
C ILE X 154 -25.96 9.00 -30.48
N TYR X 155 -26.60 9.24 -31.61
CA TYR X 155 -26.62 8.25 -32.68
C TYR X 155 -25.23 8.04 -33.27
N LEU X 156 -24.46 9.12 -33.43
CA LEU X 156 -23.12 8.98 -33.98
C LEU X 156 -22.24 8.11 -33.08
N TYR X 157 -22.26 8.38 -31.77
CA TYR X 157 -21.44 7.61 -30.85
C TYR X 157 -21.92 6.16 -30.76
N GLY X 158 -23.23 5.95 -30.76
CA GLY X 158 -23.73 4.58 -30.73
C GLY X 158 -23.31 3.79 -31.95
N VAL X 159 -23.41 4.40 -33.13
CA VAL X 159 -23.01 3.69 -34.35
C VAL X 159 -21.51 3.42 -34.34
N LEU X 160 -20.71 4.38 -33.86
CA LEU X 160 -19.27 4.15 -33.79
C LEU X 160 -18.94 3.00 -32.84
N GLU X 161 -19.61 2.95 -31.69
CA GLU X 161 -19.37 1.86 -30.75
C GLU X 161 -19.76 0.52 -31.36
N GLN X 162 -20.89 0.47 -32.06
CA GLN X 162 -21.30 -0.77 -32.72
C GLN X 162 -20.28 -1.17 -33.78
N ILE X 163 -19.77 -0.20 -34.54
CA ILE X 163 -18.80 -0.49 -35.59
C ILE X 163 -17.55 -1.11 -34.99
N TYR X 164 -17.04 -0.50 -33.91
CA TYR X 164 -15.82 -1.04 -33.30
C TYR X 164 -16.09 -2.38 -32.62
N LEU X 165 -17.32 -2.63 -32.19
CA LEU X 165 -17.68 -3.96 -31.73
C LEU X 165 -17.60 -4.97 -32.87
N TYR X 166 -18.06 -4.58 -34.05
CA TYR X 166 -18.11 -5.52 -35.17
C TYR X 166 -16.72 -5.92 -35.64
N THR X 167 -15.76 -4.99 -35.61
CA THR X 167 -14.41 -5.25 -36.09
C THR X 167 -13.54 -5.93 -35.04
N MET X 168 -14.15 -6.52 -34.02
CA MET X 168 -13.44 -7.32 -33.02
C MET X 168 -12.39 -6.51 -32.28
N ASP X 169 -12.67 -5.22 -32.08
CA ASP X 169 -11.87 -4.35 -31.23
C ASP X 169 -12.67 -3.99 -30.00
N GLU X 170 -12.00 -3.88 -28.86
CA GLU X 170 -12.70 -3.72 -27.59
C GLU X 170 -12.43 -2.39 -26.91
N ALA X 171 -11.17 -1.94 -26.88
CA ALA X 171 -10.86 -0.72 -26.15
C ALA X 171 -11.62 0.49 -26.70
N ARG X 172 -11.56 0.68 -28.03
CA ARG X 172 -12.30 1.78 -28.63
C ARG X 172 -13.79 1.61 -28.43
N SER X 173 -14.27 0.36 -28.35
CA SER X 173 -15.67 0.13 -28.04
C SER X 173 -16.03 0.71 -26.68
N GLN X 174 -15.19 0.46 -25.67
CA GLN X 174 -15.45 1.03 -24.35
C GLN X 174 -15.38 2.55 -24.39
N PHE X 175 -14.42 3.09 -25.12
CA PHE X 175 -14.30 4.54 -25.26
C PHE X 175 -15.60 5.16 -25.78
N TRP X 176 -16.09 4.64 -26.91
CA TRP X 176 -17.28 5.20 -27.50
C TRP X 176 -18.52 4.90 -26.67
N GLY X 177 -18.55 3.77 -25.98
CA GLY X 177 -19.67 3.50 -25.09
C GLY X 177 -19.74 4.47 -23.94
N GLN X 178 -18.59 4.83 -23.37
CA GLN X 178 -18.57 5.85 -22.32
C GLN X 178 -19.06 7.19 -22.86
N LYS X 179 -18.62 7.56 -24.07
CA LYS X 179 -19.09 8.81 -24.64
C LYS X 179 -20.61 8.80 -24.83
N LEU X 180 -21.15 7.70 -25.36
CA LEU X 180 -22.59 7.60 -25.58
C LEU X 180 -23.36 7.66 -24.27
N GLU X 181 -22.87 6.98 -23.24
CA GLU X 181 -23.54 7.02 -21.94
C GLU X 181 -23.54 8.42 -21.37
N ARG X 182 -22.42 9.14 -21.51
CA ARG X 182 -22.38 10.51 -21.03
C ARG X 182 -23.40 11.38 -21.76
N ALA X 183 -23.51 11.22 -23.08
CA ALA X 183 -24.49 12.01 -23.83
C ALA X 183 -25.91 11.70 -23.39
N VAL X 184 -26.23 10.41 -23.20
CA VAL X 184 -27.58 10.03 -22.79
C VAL X 184 -27.88 10.60 -21.41
N MET X 185 -26.92 10.52 -20.49
CA MET X 185 -27.13 11.07 -19.16
C MET X 185 -27.36 12.58 -19.21
N GLU X 186 -26.61 13.29 -20.06
CA GLU X 186 -26.81 14.72 -20.18
C GLU X 186 -28.21 15.05 -20.67
N LEU X 187 -28.68 14.32 -21.69
CA LEU X 187 -30.02 14.58 -22.20
C LEU X 187 -31.09 14.30 -21.15
N GLN X 188 -30.95 13.18 -20.44
CA GLN X 188 -31.94 12.85 -19.42
C GLN X 188 -31.92 13.87 -18.28
N ASN X 189 -30.75 14.34 -17.89
CA ASN X 189 -30.65 15.33 -16.83
C ASN X 189 -31.32 16.65 -17.25
N GLU X 190 -31.11 17.06 -18.50
CA GLU X 190 -31.77 18.27 -18.97
C GLU X 190 -33.28 18.10 -18.94
N GLU X 191 -33.78 16.94 -19.40
CA GLU X 191 -35.22 16.73 -19.38
C GLU X 191 -35.76 16.75 -17.95
N ASN X 192 -35.02 16.15 -17.01
CA ASN X 192 -35.47 16.15 -15.62
C ASN X 192 -35.49 17.55 -15.04
N ALA X 193 -34.50 18.37 -15.36
CA ALA X 193 -34.38 19.72 -14.83
C ALA X 193 -35.11 20.75 -15.68
N ALA X 194 -35.91 20.31 -16.66
CA ALA X 194 -36.65 21.25 -17.49
C ALA X 194 -37.54 22.17 -16.66
N ASP X 195 -38.21 21.63 -15.65
CA ASP X 195 -39.09 22.41 -14.80
C ASP X 195 -38.72 22.17 -13.35
N PHE X 196 -38.27 23.23 -12.66
CA PHE X 196 -37.85 23.10 -11.27
C PHE X 196 -39.04 22.80 -10.36
N ALA X 197 -40.17 23.46 -10.60
CA ALA X 197 -41.32 23.29 -9.70
C ALA X 197 -41.84 21.86 -9.70
N SER X 198 -41.89 21.23 -10.88
CA SER X 198 -42.42 19.88 -10.97
C SER X 198 -41.50 18.83 -10.38
N THR X 199 -40.23 19.16 -10.15
CA THR X 199 -39.28 18.18 -9.64
C THR X 199 -39.64 17.74 -8.23
N ARG X 200 -40.06 18.69 -7.37
CA ARG X 200 -40.38 18.34 -5.99
C ARG X 200 -41.51 17.33 -5.91
N LEU X 201 -42.55 17.51 -6.73
CA LEU X 201 -43.66 16.57 -6.76
C LEU X 201 -43.29 15.34 -7.57
N ALA X 202 -44.25 14.44 -7.73
CA ALA X 202 -44.08 13.19 -8.46
C ALA X 202 -42.98 12.31 -7.88
N ILE X 203 -42.65 12.50 -6.61
CA ILE X 203 -41.63 11.71 -5.91
C ILE X 203 -42.22 11.02 -4.68
N LYS X 204 -42.97 11.76 -3.86
CA LYS X 204 -43.61 11.22 -2.67
C LYS X 204 -45.09 11.04 -2.95
N ASP X 205 -45.58 9.81 -2.77
CA ASP X 205 -46.98 9.50 -3.03
C ASP X 205 -47.46 8.46 -2.02
N ILE X 206 -48.62 8.73 -1.41
CA ILE X 206 -49.30 7.90 -0.42
C ILE X 206 -48.35 7.03 0.39
N GLU X 207 -47.95 7.51 1.56
CA GLU X 207 -47.01 6.80 2.43
C GLU X 207 -47.71 6.00 3.52
N ARG X 208 -48.59 6.64 4.29
CA ARG X 208 -49.31 6.00 5.39
C ARG X 208 -48.36 5.37 6.40
N ALA Y 2 25.34 12.47 -6.87
CA ALA Y 2 24.80 13.34 -7.89
C ALA Y 2 25.90 14.03 -8.67
N LEU Y 3 26.87 13.23 -9.14
CA LEU Y 3 27.99 13.76 -9.90
C LEU Y 3 28.39 12.70 -10.92
N GLU Y 4 28.24 13.03 -12.21
CA GLU Y 4 28.57 12.08 -13.26
C GLU Y 4 30.04 12.22 -13.64
N ARG Y 5 30.61 11.13 -14.13
CA ARG Y 5 32.02 11.10 -14.52
C ARG Y 5 32.18 10.42 -15.87
N GLN Y 6 32.98 11.02 -16.74
CA GLN Y 6 33.30 10.44 -18.03
C GLN Y 6 34.81 10.39 -18.17
N GLU Y 7 35.34 9.21 -18.49
CA GLU Y 7 36.78 8.98 -18.53
C GLU Y 7 37.25 8.82 -19.97
N VAL Y 8 38.28 9.58 -20.34
CA VAL Y 8 38.91 9.46 -21.65
C VAL Y 8 40.28 8.83 -21.43
N LYS Y 9 40.52 7.70 -22.11
CA LYS Y 9 41.71 6.89 -21.88
C LYS Y 9 42.57 6.86 -23.14
N ASN Y 10 43.85 7.19 -22.97
CA ASN Y 10 44.86 7.12 -24.02
C ASN Y 10 44.44 7.84 -25.30
N PRO Y 11 44.28 9.16 -25.27
CA PRO Y 11 44.02 9.87 -26.53
C PRO Y 11 45.31 10.20 -27.26
N THR Y 12 45.49 9.66 -28.46
CA THR Y 12 46.71 9.85 -29.22
C THR Y 12 46.39 10.22 -30.66
N GLY Y 13 47.25 11.03 -31.24
CA GLY Y 13 47.12 11.43 -32.62
C GLY Y 13 46.40 12.77 -32.78
N ILE Y 14 46.68 13.44 -33.89
CA ILE Y 14 46.05 14.71 -34.23
C ILE Y 14 45.36 14.53 -35.58
N VAL Y 15 44.08 14.86 -35.63
CA VAL Y 15 43.29 14.75 -36.85
C VAL Y 15 42.64 16.10 -37.12
N THR Y 16 42.90 16.67 -38.30
CA THR Y 16 42.33 17.95 -38.67
C THR Y 16 41.41 17.89 -39.89
N ASP Y 17 41.30 16.73 -40.55
CA ASP Y 17 40.43 16.63 -41.72
C ASP Y 17 38.98 16.45 -41.32
N ILE Y 18 38.71 15.49 -40.42
CA ILE Y 18 37.36 15.29 -39.94
C ILE Y 18 37.00 16.42 -38.98
N ALA Y 19 35.75 16.86 -39.04
CA ALA Y 19 35.29 17.92 -38.14
C ALA Y 19 35.45 17.47 -36.69
N PRO Y 20 35.86 18.35 -35.79
CA PRO Y 20 36.14 17.92 -34.40
C PRO Y 20 34.93 17.34 -33.69
N ALA Y 21 33.71 17.70 -34.10
CA ALA Y 21 32.52 17.15 -33.47
C ALA Y 21 32.28 15.69 -33.82
N ASP Y 22 32.97 15.16 -34.84
CA ASP Y 22 32.78 13.79 -35.27
C ASP Y 22 33.93 12.87 -34.89
N LEU Y 23 35.00 13.40 -34.31
CA LEU Y 23 36.12 12.57 -33.93
C LEU Y 23 35.74 11.65 -32.77
N PRO Y 24 36.38 10.49 -32.65
CA PRO Y 24 36.21 9.68 -31.45
C PRO Y 24 36.76 10.41 -30.24
N LEU Y 25 36.32 9.96 -29.06
CA LEU Y 25 36.71 10.63 -27.82
C LEU Y 25 38.21 10.53 -27.56
N GLU Y 26 38.91 9.61 -28.21
CA GLU Y 26 40.33 9.36 -27.97
C GLU Y 26 41.22 9.99 -29.02
N LYS Y 27 40.85 11.17 -29.53
CA LYS Y 27 41.65 11.85 -30.54
C LYS Y 27 41.74 13.33 -30.19
N TRP Y 28 42.81 13.96 -30.67
CA TRP Y 28 43.04 15.38 -30.44
C TRP Y 28 42.74 16.16 -31.71
N SER Y 29 41.98 17.25 -31.55
CA SER Y 29 41.67 18.12 -32.69
C SER Y 29 42.83 19.02 -33.09
N PHE Y 30 43.72 19.36 -32.15
CA PHE Y 30 44.87 20.19 -32.48
C PHE Y 30 45.97 19.95 -31.46
N GLY Y 31 47.20 20.24 -31.87
CA GLY Y 31 48.32 20.05 -30.97
C GLY Y 31 49.58 20.65 -31.55
N ASN Y 32 50.60 20.74 -30.71
CA ASN Y 32 51.89 21.27 -31.13
C ASN Y 32 52.96 20.87 -30.13
N ASN Y 33 54.10 20.41 -30.65
CA ASN Y 33 55.29 20.09 -29.85
C ASN Y 33 55.03 18.94 -28.87
N VAL Y 34 54.50 17.84 -29.40
CA VAL Y 34 54.23 16.66 -28.61
C VAL Y 34 54.57 15.42 -29.42
N ARG Y 35 54.76 14.30 -28.71
CA ARG Y 35 54.97 13.01 -29.33
C ARG Y 35 53.98 12.01 -28.76
N PHE Y 36 53.62 11.03 -29.57
CA PHE Y 36 52.72 9.96 -29.16
C PHE Y 36 53.44 8.63 -29.24
N LYS Y 37 53.46 7.89 -28.14
CA LYS Y 37 54.19 6.63 -28.09
C LYS Y 37 53.60 5.77 -26.98
N ASN Y 38 53.30 4.51 -27.30
CA ASN Y 38 52.81 3.54 -26.33
C ASN Y 38 51.55 4.02 -25.64
N GLY Y 39 50.70 4.74 -26.36
CA GLY Y 39 49.48 5.26 -25.78
C GLY Y 39 49.64 6.46 -24.88
N LYS Y 40 50.83 7.06 -24.84
CA LYS Y 40 51.09 8.21 -23.99
C LYS Y 40 51.53 9.39 -24.84
N ALA Y 41 51.17 10.58 -24.40
CA ALA Y 41 51.61 11.82 -25.02
C ALA Y 41 52.71 12.43 -24.18
N GLN Y 42 53.85 12.70 -24.80
CA GLN Y 42 55.03 13.16 -24.10
C GLN Y 42 55.58 14.42 -24.76
N LYS Y 43 56.45 15.09 -24.03
CA LYS Y 43 57.10 16.29 -24.55
C LYS Y 43 57.99 15.94 -25.74
N ALA Y 44 58.01 16.83 -26.72
CA ALA Y 44 58.82 16.62 -27.91
C ALA Y 44 60.31 16.66 -27.55
N LEU Y 45 61.11 15.98 -28.37
CA LEU Y 45 62.54 15.86 -28.10
C LEU Y 45 63.23 17.21 -28.21
N GLY Y 46 64.29 17.37 -27.41
CA GLY Y 46 65.06 18.60 -27.43
C GLY Y 46 66.43 18.42 -28.05
N HIS Y 47 67.01 19.52 -28.53
CA HIS Y 47 68.27 19.49 -29.24
C HIS Y 47 69.35 20.23 -28.47
N THR Y 48 70.57 19.72 -28.55
CA THR Y 48 71.73 20.33 -27.92
C THR Y 48 72.86 20.48 -28.94
N PRO Y 49 73.67 21.53 -28.82
CA PRO Y 49 74.78 21.69 -29.78
C PRO Y 49 75.77 20.55 -29.70
N ILE Y 50 76.32 20.20 -30.86
CA ILE Y 50 77.33 19.14 -30.96
C ILE Y 50 78.32 19.53 -32.05
N PHE Y 51 79.51 18.94 -31.98
CA PHE Y 51 80.60 19.24 -32.92
C PHE Y 51 80.88 20.73 -32.97
N ASP Y 52 80.90 21.36 -31.80
CA ASP Y 52 81.11 22.81 -31.73
C ASP Y 52 82.60 23.12 -31.82
N THR Y 53 83.26 22.61 -32.85
CA THR Y 53 84.65 22.92 -33.10
C THR Y 53 84.99 22.98 -34.59
N ALA Y 54 84.02 22.81 -35.47
CA ALA Y 54 84.25 22.82 -36.91
C ALA Y 54 83.84 24.16 -37.51
N GLN Y 55 84.51 24.52 -38.59
CA GLN Y 55 84.25 25.77 -39.30
C GLN Y 55 83.49 25.50 -40.59
N ALA Y 56 82.93 26.57 -41.15
CA ALA Y 56 82.17 26.58 -42.40
C ALA Y 56 80.86 25.80 -42.26
N PRO Y 57 79.82 26.21 -42.98
CA PRO Y 57 78.56 25.45 -42.92
C PRO Y 57 78.71 24.06 -43.50
N ILE Y 58 77.92 23.13 -42.98
CA ILE Y 58 77.92 21.74 -43.41
C ILE Y 58 76.62 21.48 -44.16
N LEU Y 59 76.73 20.87 -45.34
CA LEU Y 59 75.56 20.59 -46.16
C LEU Y 59 74.95 19.23 -45.83
N ASP Y 60 75.74 18.17 -45.96
CA ASP Y 60 75.25 16.81 -45.74
C ASP Y 60 76.17 16.08 -44.78
N MET Y 61 75.62 15.06 -44.13
CA MET Y 61 76.35 14.27 -43.14
C MET Y 61 76.11 12.79 -43.41
N PHE Y 62 77.15 11.99 -43.17
CA PHE Y 62 77.03 10.55 -43.37
C PHE Y 62 77.83 9.80 -42.31
N PRO Y 63 77.18 8.98 -41.49
CA PRO Y 63 77.91 8.20 -40.49
C PRO Y 63 78.35 6.84 -41.04
N PHE Y 64 79.46 6.35 -40.48
CA PHE Y 64 79.95 5.02 -40.82
C PHE Y 64 80.90 4.58 -39.72
N ILE Y 65 81.46 3.38 -39.88
CA ILE Y 65 82.38 2.81 -38.91
C ILE Y 65 83.66 2.41 -39.62
N ARG Y 66 84.80 2.89 -39.13
CA ARG Y 66 86.09 2.51 -39.67
C ARG Y 66 87.03 2.20 -38.52
N ASN Y 67 87.79 1.10 -38.67
CA ASN Y 67 88.74 0.67 -37.65
C ASN Y 67 88.07 0.53 -36.29
N ASN Y 68 86.85 -0.01 -36.30
CA ASN Y 68 86.05 -0.23 -35.08
C ASN Y 68 85.82 1.08 -34.33
N ILE Y 69 85.68 2.17 -35.09
CA ILE Y 69 85.43 3.48 -34.48
C ILE Y 69 84.40 4.23 -35.33
N PRO Y 70 83.38 4.83 -34.73
CA PRO Y 70 82.43 5.63 -35.51
C PRO Y 70 83.11 6.85 -36.11
N TYR Y 71 82.63 7.26 -37.28
CA TYR Y 71 83.17 8.41 -37.97
C TYR Y 71 82.06 9.07 -38.78
N TRP Y 72 81.93 10.37 -38.64
CA TRP Y 72 80.94 11.14 -39.38
C TRP Y 72 81.66 11.95 -40.46
N LEU Y 73 81.28 11.72 -41.71
CA LEU Y 73 81.81 12.47 -42.84
C LEU Y 73 80.85 13.62 -43.12
N LEU Y 74 81.34 14.85 -42.96
CA LEU Y 74 80.53 16.05 -43.12
C LEU Y 74 80.99 16.77 -44.38
N CYS Y 75 80.11 16.83 -45.38
CA CYS Y 75 80.41 17.54 -46.60
C CYS Y 75 80.08 19.02 -46.45
N GLY Y 76 81.04 19.87 -46.79
CA GLY Y 76 80.85 21.30 -46.76
C GLY Y 76 80.60 21.88 -48.14
N GLU Y 77 80.58 23.21 -48.18
CA GLU Y 77 80.39 23.88 -49.47
C GLU Y 77 81.61 23.72 -50.36
N GLN Y 78 82.81 23.63 -49.77
CA GLN Y 78 84.03 23.51 -50.55
C GLN Y 78 84.99 22.45 -50.04
N ARG Y 79 84.83 21.94 -48.81
CA ARG Y 79 85.76 20.98 -48.26
C ARG Y 79 85.01 19.98 -47.38
N MET Y 80 85.53 18.75 -47.34
CA MET Y 80 85.02 17.73 -46.45
C MET Y 80 85.66 17.83 -45.08
N TYR Y 81 85.03 17.20 -44.11
CA TYR Y 81 85.63 17.04 -42.79
C TYR Y 81 85.23 15.68 -42.24
N LEU Y 82 86.08 15.14 -41.38
CA LEU Y 82 85.84 13.86 -40.73
C LEU Y 82 85.87 14.08 -39.23
N ALA Y 83 84.83 13.62 -38.53
CA ALA Y 83 84.70 13.86 -37.11
C ALA Y 83 84.52 12.53 -36.37
N ASP Y 84 85.09 12.47 -35.17
CA ASP Y 84 85.00 11.30 -34.32
C ASP Y 84 84.47 11.62 -32.93
N GLY Y 85 83.89 12.81 -32.75
CA GLY Y 85 83.42 13.24 -31.45
C GLY Y 85 84.42 14.04 -30.65
N THR Y 86 85.69 14.05 -31.05
CA THR Y 86 86.72 14.82 -30.36
C THR Y 86 87.37 15.85 -31.27
N THR Y 87 87.77 15.46 -32.47
CA THR Y 87 88.50 16.35 -33.37
C THR Y 87 87.87 16.29 -34.76
N VAL Y 88 88.08 17.36 -35.51
CA VAL Y 88 87.61 17.49 -36.89
C VAL Y 88 88.83 17.60 -37.79
N VAL Y 89 88.92 16.72 -38.78
CA VAL Y 89 90.09 16.63 -39.65
C VAL Y 89 89.67 16.88 -41.08
N ASP Y 90 90.33 17.82 -41.74
CA ASP Y 90 90.07 18.07 -43.15
C ASP Y 90 90.67 16.96 -43.99
N VAL Y 91 89.89 16.45 -44.94
CA VAL Y 91 90.35 15.37 -45.81
C VAL Y 91 90.05 15.71 -47.26
N SER Y 92 89.68 16.94 -47.52
CA SER Y 92 89.34 17.32 -48.89
C SER Y 92 90.61 17.41 -49.73
N PRO Y 93 90.55 16.95 -50.98
CA PRO Y 93 91.73 17.05 -51.86
C PRO Y 93 92.00 18.49 -52.28
N GLY Y 94 90.94 19.19 -52.69
CA GLY Y 94 91.08 20.55 -53.16
C GLY Y 94 89.84 21.38 -52.90
N GLY Y 95 89.41 22.15 -53.90
CA GLY Y 95 88.24 22.98 -53.75
C GLY Y 95 87.06 22.52 -54.59
N HIS Y 96 86.00 22.08 -53.92
CA HIS Y 96 84.78 21.65 -54.60
C HIS Y 96 83.85 22.84 -54.82
N SER Y 97 82.87 22.64 -55.70
CA SER Y 97 81.91 23.68 -56.06
C SER Y 97 80.50 23.29 -55.63
N ALA Y 98 80.37 22.75 -54.41
CA ALA Y 98 79.08 22.37 -53.90
C ALA Y 98 78.27 23.60 -53.51
N SER Y 99 76.96 23.41 -53.40
CA SER Y 99 76.04 24.49 -53.04
C SER Y 99 74.75 23.86 -52.55
N VAL Y 100 73.73 24.70 -52.33
CA VAL Y 100 72.41 24.19 -51.95
C VAL Y 100 71.65 23.60 -53.12
N THR Y 101 72.06 23.90 -54.36
CA THR Y 101 71.47 23.31 -55.54
C THR Y 101 72.27 22.14 -56.08
N SER Y 102 73.39 21.79 -55.44
CA SER Y 102 74.21 20.64 -55.80
C SER Y 102 74.53 19.89 -54.52
N ARG Y 103 73.63 18.98 -54.13
CA ARG Y 103 73.77 18.26 -52.88
C ARG Y 103 74.66 17.03 -53.05
N TRP Y 104 75.01 16.41 -51.93
CA TRP Y 104 75.98 15.33 -51.95
C TRP Y 104 75.30 13.97 -51.84
N SER Y 105 75.76 13.03 -52.64
CA SER Y 105 75.42 11.62 -52.49
C SER Y 105 76.69 10.88 -52.09
N SER Y 106 76.53 9.82 -51.30
CA SER Y 106 77.69 9.08 -50.84
C SER Y 106 77.27 7.69 -50.41
N GLY Y 107 78.26 6.82 -50.25
CA GLY Y 107 78.00 5.47 -49.81
C GLY Y 107 79.27 4.67 -49.74
N SER Y 108 79.11 3.36 -49.56
CA SER Y 108 80.23 2.44 -49.49
C SER Y 108 80.10 1.40 -50.59
N PHE Y 109 81.25 0.99 -51.14
CA PHE Y 109 81.28 0.01 -52.21
C PHE Y 109 82.65 -0.67 -52.17
N ASN Y 110 82.65 -1.98 -51.95
CA ASN Y 110 83.89 -2.78 -51.93
C ASN Y 110 84.87 -2.24 -50.90
N GLY Y 111 84.37 -1.74 -49.77
CA GLY Y 111 85.23 -1.19 -48.74
C GLY Y 111 85.74 0.20 -49.02
N VAL Y 112 85.32 0.83 -50.13
CA VAL Y 112 85.76 2.16 -50.50
C VAL Y 112 84.59 3.10 -50.33
N ILE Y 113 84.82 4.23 -49.67
CA ILE Y 113 83.76 5.20 -49.42
C ILE Y 113 83.76 6.22 -50.54
N PHE Y 114 82.64 6.31 -51.27
CA PHE Y 114 82.54 7.21 -52.41
C PHE Y 114 81.59 8.36 -52.08
N ALA Y 115 81.93 9.53 -52.63
CA ALA Y 115 81.10 10.72 -52.51
C ALA Y 115 81.06 11.43 -53.86
N ASN Y 116 79.98 12.18 -54.09
CA ASN Y 116 79.77 12.80 -55.38
C ASN Y 116 78.79 13.96 -55.24
N ASN Y 117 78.99 14.99 -56.07
CA ASN Y 117 78.06 16.10 -56.20
C ASN Y 117 77.90 16.40 -57.68
N PRO Y 118 76.78 17.00 -58.09
CA PRO Y 118 76.52 17.21 -59.52
C PRO Y 118 77.44 18.21 -60.20
N SER Y 119 78.42 18.79 -59.50
CA SER Y 119 79.30 19.79 -60.11
C SER Y 119 80.77 19.40 -60.03
N ASN Y 120 81.07 18.14 -59.75
CA ASN Y 120 82.45 17.67 -59.68
C ASN Y 120 82.50 16.20 -60.05
N TYR Y 121 83.70 15.76 -60.41
CA TYR Y 121 83.92 14.34 -60.63
C TYR Y 121 83.84 13.59 -59.29
N PRO Y 122 83.36 12.35 -59.30
CA PRO Y 122 83.23 11.62 -58.04
C PRO Y 122 84.57 11.41 -57.37
N TYR Y 123 84.54 11.43 -56.03
CA TYR Y 123 85.73 11.20 -55.22
C TYR Y 123 85.57 9.91 -54.43
N VAL Y 124 86.70 9.24 -54.19
CA VAL Y 124 86.70 7.99 -53.46
C VAL Y 124 87.72 8.07 -52.33
N LEU Y 125 87.52 7.22 -51.33
CA LEU Y 125 88.43 7.11 -50.19
C LEU Y 125 88.65 5.64 -49.92
N MET Y 126 89.90 5.20 -50.04
CA MET Y 126 90.33 3.84 -49.78
C MET Y 126 90.78 3.68 -48.34
N PRO Y 127 90.72 2.46 -47.80
CA PRO Y 127 91.17 2.26 -46.41
C PRO Y 127 92.64 2.58 -46.19
N GLN Y 128 93.46 2.58 -47.23
CA GLN Y 128 94.88 2.85 -47.06
C GLN Y 128 95.17 4.34 -46.97
N ASN Y 129 94.54 5.14 -47.84
CA ASN Y 129 94.83 6.56 -47.87
C ASN Y 129 94.17 7.27 -46.69
N SER Y 130 94.57 8.53 -46.50
CA SER Y 130 93.98 9.38 -45.47
C SER Y 130 93.22 10.56 -46.06
N GLY Y 131 92.92 10.53 -47.36
CA GLY Y 131 92.20 11.62 -48.00
C GLY Y 131 91.52 11.11 -49.26
N PHE Y 132 90.66 11.97 -49.80
CA PHE Y 132 89.90 11.61 -50.98
C PHE Y 132 90.74 11.81 -52.24
N ILE Y 133 90.48 10.97 -53.24
CA ILE Y 133 91.11 11.10 -54.54
C ILE Y 133 90.01 11.02 -55.61
N PRO Y 134 90.26 11.58 -56.78
CA PRO Y 134 89.27 11.46 -57.86
C PRO Y 134 89.07 10.00 -58.27
N MET Y 135 87.85 9.70 -58.68
CA MET Y 135 87.49 8.33 -59.03
C MET Y 135 88.21 7.89 -60.29
N PRO Y 136 88.94 6.78 -60.26
CA PRO Y 136 89.62 6.30 -61.47
C PRO Y 136 88.62 5.83 -62.52
N ASN Y 137 89.07 5.90 -63.78
CA ASN Y 137 88.33 5.43 -64.94
C ASN Y 137 87.04 6.19 -65.19
N TRP Y 138 86.80 7.29 -64.48
CA TRP Y 138 85.60 8.07 -64.69
C TRP Y 138 85.67 8.79 -66.03
N PRO Y 139 84.66 8.69 -66.87
CA PRO Y 139 84.70 9.38 -68.17
C PRO Y 139 84.75 10.90 -67.99
N ALA Y 140 85.44 11.55 -68.92
CA ALA Y 140 85.64 12.98 -68.87
C ALA Y 140 84.40 13.72 -69.33
N ASN Y 141 84.18 14.90 -68.75
CA ASN Y 141 83.04 15.76 -69.09
C ASN Y 141 81.70 15.10 -68.81
N THR Y 142 81.65 14.26 -67.77
CA THR Y 142 80.42 13.60 -67.36
C THR Y 142 80.15 13.89 -65.90
N PHE Y 143 78.91 14.27 -65.60
CA PHE Y 143 78.48 14.49 -64.22
C PHE Y 143 77.18 13.75 -63.99
N ALA Y 144 77.01 13.23 -62.78
CA ALA Y 144 75.84 12.44 -62.41
C ALA Y 144 75.13 13.12 -61.26
N LYS Y 145 73.82 13.37 -61.45
CA LYS Y 145 73.03 13.97 -60.37
C LYS Y 145 72.95 13.04 -59.17
N ARG Y 146 72.73 11.75 -59.39
CA ARG Y 146 72.69 10.79 -58.30
C ARG Y 146 73.62 9.62 -58.60
N MET Y 147 74.34 9.16 -57.58
CA MET Y 147 75.22 8.02 -57.69
C MET Y 147 74.99 7.08 -56.52
N LYS Y 148 74.73 5.81 -56.82
CA LYS Y 148 74.42 4.82 -55.80
C LYS Y 148 75.16 3.52 -56.11
N SER Y 149 75.11 2.59 -55.16
CA SER Y 149 75.72 1.29 -55.31
C SER Y 149 74.67 0.21 -55.12
N PHE Y 150 74.74 -0.83 -55.96
CA PHE Y 150 73.74 -1.89 -55.93
C PHE Y 150 74.42 -3.20 -56.31
N LYS Y 151 74.38 -4.18 -55.41
CA LYS Y 151 75.02 -5.48 -55.60
C LYS Y 151 76.49 -5.25 -55.89
N ASN Y 152 77.00 -5.60 -57.07
CA ASN Y 152 78.39 -5.36 -57.43
C ASN Y 152 78.52 -4.30 -58.53
N PHE Y 153 77.65 -3.30 -58.51
CA PHE Y 153 77.64 -2.28 -59.55
C PHE Y 153 77.47 -0.91 -58.94
N MET Y 154 77.93 0.10 -59.68
CA MET Y 154 77.67 1.50 -59.37
C MET Y 154 76.75 2.07 -60.44
N ILE Y 155 75.76 2.84 -60.00
CA ILE Y 155 74.71 3.34 -60.88
C ILE Y 155 74.64 4.85 -60.79
N ALA Y 156 74.55 5.49 -61.95
CA ALA Y 156 74.41 6.92 -62.08
C ALA Y 156 73.07 7.26 -62.71
N LEU Y 157 72.44 8.30 -62.19
CA LEU Y 157 71.11 8.73 -62.60
C LEU Y 157 71.10 10.23 -62.86
N ASN Y 158 70.35 10.64 -63.88
CA ASN Y 158 70.17 12.04 -64.27
C ASN Y 158 71.53 12.66 -64.67
N VAL Y 159 72.05 12.16 -65.78
CA VAL Y 159 73.45 12.36 -66.16
C VAL Y 159 73.56 13.45 -67.22
N THR Y 160 74.55 14.32 -67.05
CA THR Y 160 74.95 15.26 -68.10
C THR Y 160 76.31 14.84 -68.64
N GLN Y 161 76.50 15.03 -69.94
CA GLN Y 161 77.73 14.62 -70.61
C GLN Y 161 77.99 15.57 -71.77
N ASN Y 162 79.24 16.02 -71.89
CA ASN Y 162 79.65 16.86 -73.01
C ASN Y 162 78.72 18.05 -73.19
N SER Y 163 78.35 18.67 -72.07
CA SER Y 163 77.53 19.89 -72.01
C SER Y 163 76.10 19.68 -72.48
N VAL Y 164 75.67 18.44 -72.72
CA VAL Y 164 74.26 18.14 -72.97
C VAL Y 164 73.78 17.24 -71.85
N GLU Y 165 72.67 17.61 -71.23
CA GLU Y 165 72.15 16.91 -70.07
C GLU Y 165 70.99 16.03 -70.47
N MET Y 166 70.75 14.99 -69.68
CA MET Y 166 69.62 14.11 -69.91
C MET Y 166 69.28 13.37 -68.61
N PRO Y 167 68.06 13.54 -68.12
CA PRO Y 167 67.69 13.05 -66.79
C PRO Y 167 66.98 11.70 -66.77
N GLN Y 168 66.84 11.03 -67.90
CA GLN Y 168 66.09 9.79 -67.97
C GLN Y 168 66.97 8.63 -68.42
N MET Y 169 68.23 8.63 -68.02
CA MET Y 169 69.13 7.52 -68.30
C MET Y 169 69.71 6.96 -67.01
N VAL Y 170 69.67 5.63 -66.89
CA VAL Y 170 70.35 4.89 -65.84
C VAL Y 170 71.61 4.30 -66.44
N TRP Y 171 72.75 4.58 -65.82
CA TRP Y 171 74.05 4.13 -66.31
C TRP Y 171 74.69 3.22 -65.28
N TRP Y 172 75.04 2.01 -65.66
CA TRP Y 172 75.67 1.06 -64.75
C TRP Y 172 77.02 0.64 -65.30
N SER Y 173 78.00 0.49 -64.40
CA SER Y 173 79.36 0.16 -64.76
C SER Y 173 79.54 -1.37 -64.79
N THR Y 174 80.78 -1.81 -64.96
CA THR Y 174 81.08 -3.23 -64.94
C THR Y 174 80.98 -3.78 -63.52
N SER Y 175 80.85 -5.11 -63.43
CA SER Y 175 80.71 -5.75 -62.12
C SER Y 175 81.95 -5.55 -61.28
N ALA Y 176 83.12 -5.90 -61.82
CA ALA Y 176 84.41 -5.69 -61.16
C ALA Y 176 84.38 -6.21 -59.71
N ASP Y 177 84.21 -7.52 -59.61
CA ASP Y 177 84.15 -8.18 -58.31
C ASP Y 177 85.56 -8.26 -57.72
N ALA Y 178 85.70 -9.02 -56.62
CA ALA Y 178 86.97 -9.19 -55.92
C ALA Y 178 87.54 -7.84 -55.46
N GLY Y 179 86.67 -6.97 -54.98
CA GLY Y 179 87.10 -5.71 -54.43
C GLY Y 179 87.47 -4.70 -55.51
N GLY Y 180 87.96 -3.55 -55.04
CA GLY Y 180 88.37 -2.49 -55.92
C GLY Y 180 87.18 -1.70 -56.47
N ILE Y 181 87.50 -0.80 -57.40
CA ILE Y 181 86.50 0.04 -58.04
C ILE Y 181 86.26 -0.49 -59.45
N PRO Y 182 85.12 -0.19 -60.08
CA PRO Y 182 84.89 -0.66 -61.45
C PRO Y 182 85.99 -0.18 -62.38
N VAL Y 183 86.40 -1.08 -63.27
CA VAL Y 183 87.52 -0.78 -64.17
C VAL Y 183 87.11 0.00 -65.40
N SER Y 184 85.82 0.05 -65.71
CA SER Y 184 85.37 0.73 -66.92
C SER Y 184 83.94 1.20 -66.75
N TRP Y 185 83.54 2.14 -67.60
CA TRP Y 185 82.17 2.62 -67.67
C TRP Y 185 81.65 2.67 -69.09
N ASP Y 186 82.41 2.18 -70.05
CA ASP Y 186 82.02 2.28 -71.46
C ASP Y 186 80.90 1.30 -71.77
N PRO Y 187 79.75 1.77 -72.23
CA PRO Y 187 78.67 0.84 -72.59
C PRO Y 187 78.85 0.25 -73.98
N THR Y 188 79.58 0.96 -74.84
CA THR Y 188 79.72 0.52 -76.22
C THR Y 188 80.52 -0.77 -76.33
N ASP Y 189 81.39 -1.04 -75.37
CA ASP Y 189 82.18 -2.26 -75.39
C ASP Y 189 81.28 -3.47 -75.14
N PRO Y 190 81.19 -4.41 -76.09
CA PRO Y 190 80.33 -5.58 -75.89
C PRO Y 190 80.96 -6.73 -75.12
N THR Y 191 82.23 -6.60 -74.73
CA THR Y 191 82.90 -7.63 -73.96
C THR Y 191 82.76 -7.43 -72.46
N LYS Y 192 82.14 -6.34 -72.03
CA LYS Y 192 81.93 -6.05 -70.61
C LYS Y 192 80.43 -5.95 -70.33
N ASP Y 193 80.09 -5.78 -69.05
CA ASP Y 193 78.71 -5.75 -68.61
C ASP Y 193 78.22 -4.35 -68.29
N ALA Y 194 79.04 -3.32 -68.51
CA ALA Y 194 78.57 -1.96 -68.33
C ALA Y 194 77.56 -1.60 -69.41
N GLY Y 195 76.56 -0.81 -69.04
CA GLY Y 195 75.51 -0.48 -69.99
C GLY Y 195 74.70 0.73 -69.56
N GLN Y 196 73.75 1.07 -70.42
CA GLN Y 196 72.88 2.22 -70.21
C GLN Y 196 71.45 1.84 -70.58
N ASN Y 197 70.49 2.53 -69.97
CA ASN Y 197 69.09 2.38 -70.34
C ASN Y 197 68.39 3.71 -70.17
N THR Y 198 67.27 3.88 -70.86
CA THR Y 198 66.51 5.11 -70.81
C THR Y 198 65.06 4.81 -70.46
N LEU Y 199 64.57 5.44 -69.39
CA LEU Y 199 63.18 5.30 -68.98
C LEU Y 199 62.35 6.49 -69.47
N ALA Y 200 62.25 6.59 -70.79
CA ALA Y 200 61.67 7.77 -71.43
C ALA Y 200 60.34 7.41 -72.07
N ASP Y 201 59.28 7.49 -71.28
CA ASP Y 201 57.91 7.44 -71.80
C ASP Y 201 57.01 8.44 -71.11
N THR Y 202 57.52 9.24 -70.19
CA THR Y 202 56.76 10.29 -69.52
C THR Y 202 57.66 11.50 -69.35
N ASN Y 203 57.05 12.68 -69.25
CA ASN Y 203 57.82 13.92 -69.19
C ASN Y 203 58.62 14.04 -67.89
N GLY Y 204 58.37 13.19 -66.90
CA GLY Y 204 59.08 13.28 -65.65
C GLY Y 204 60.56 12.94 -65.78
N ALA Y 205 61.30 13.24 -64.73
CA ALA Y 205 62.73 13.01 -64.68
C ALA Y 205 63.09 12.15 -63.47
N ILE Y 206 64.16 11.38 -63.62
CA ILE Y 206 64.60 10.53 -62.51
C ILE Y 206 65.07 11.41 -61.37
N VAL Y 207 64.63 11.09 -60.16
CA VAL Y 207 64.91 11.88 -58.98
C VAL Y 207 65.79 11.12 -57.99
N ASP Y 208 65.43 9.87 -57.70
CA ASP Y 208 66.14 9.12 -56.68
C ASP Y 208 65.99 7.63 -56.93
N GLY Y 209 66.83 6.85 -56.27
CA GLY Y 209 66.78 5.41 -56.31
C GLY Y 209 67.11 4.80 -54.97
N VAL Y 210 66.28 3.88 -54.49
CA VAL Y 210 66.43 3.30 -53.16
C VAL Y 210 66.28 1.79 -53.25
N LYS Y 211 67.09 1.07 -52.48
CA LYS Y 211 66.98 -0.38 -52.43
C LYS Y 211 65.70 -0.78 -51.70
N LEU Y 212 65.22 -1.98 -52.04
CA LEU Y 212 64.04 -2.54 -51.36
C LEU Y 212 64.10 -4.05 -51.53
N ARG Y 213 64.30 -4.76 -50.43
CA ARG Y 213 64.46 -6.22 -50.45
C ARG Y 213 65.56 -6.61 -51.43
N ASP Y 214 65.17 -7.12 -52.60
CA ASP Y 214 66.12 -7.52 -53.63
C ASP Y 214 65.83 -6.78 -54.94
N SER Y 215 65.59 -5.49 -54.85
CA SER Y 215 65.29 -4.70 -56.04
C SER Y 215 65.74 -3.26 -55.81
N PHE Y 216 65.85 -2.52 -56.91
CA PHE Y 216 66.23 -1.12 -56.88
C PHE Y 216 65.06 -0.30 -57.41
N ILE Y 217 64.36 0.40 -56.53
CA ILE Y 217 63.21 1.19 -56.91
C ILE Y 217 63.69 2.56 -57.37
N ILE Y 218 63.30 2.94 -58.58
CA ILE Y 218 63.67 4.22 -59.17
C ILE Y 218 62.43 5.09 -59.22
N TYR Y 219 62.51 6.29 -58.62
CA TYR Y 219 61.39 7.20 -58.53
C TYR Y 219 61.56 8.33 -59.52
N LYS Y 220 60.61 8.47 -60.42
CA LYS Y 220 60.54 9.61 -61.31
C LYS Y 220 59.62 10.66 -60.68
N GLU Y 221 59.38 11.75 -61.41
CA GLU Y 221 58.50 12.78 -60.88
C GLU Y 221 57.03 12.39 -60.95
N ASP Y 222 56.67 11.40 -61.77
CA ASP Y 222 55.27 11.01 -61.92
C ASP Y 222 55.08 9.51 -62.02
N SER Y 223 56.12 8.70 -61.89
CA SER Y 223 55.99 7.26 -62.02
C SER Y 223 57.08 6.58 -61.20
N VAL Y 224 56.86 5.30 -60.93
CA VAL Y 224 57.78 4.50 -60.12
C VAL Y 224 58.11 3.22 -60.88
N TYR Y 225 59.41 2.97 -61.08
CA TYR Y 225 59.91 1.81 -61.79
C TYR Y 225 60.73 0.94 -60.83
N SER Y 226 60.98 -0.30 -61.24
CA SER Y 226 61.78 -1.23 -60.48
C SER Y 226 62.86 -1.83 -61.36
N MET Y 227 64.02 -2.09 -60.77
CA MET Y 227 65.16 -2.68 -61.45
C MET Y 227 65.56 -3.94 -60.69
N ARG Y 228 65.76 -5.04 -61.43
CA ARG Y 228 66.16 -6.31 -60.84
C ARG Y 228 67.35 -6.87 -61.60
N TYR Y 229 68.29 -7.45 -60.87
CA TYR Y 229 69.49 -8.03 -61.46
C TYR Y 229 69.25 -9.49 -61.82
N ILE Y 230 69.48 -9.83 -63.08
CA ILE Y 230 69.27 -11.19 -63.56
C ILE Y 230 70.52 -11.80 -64.17
N GLY Y 231 71.58 -11.04 -64.38
CA GLY Y 231 72.76 -11.59 -65.01
C GLY Y 231 72.50 -11.91 -66.47
N GLY Y 232 73.25 -12.89 -66.98
CA GLY Y 232 73.05 -13.31 -68.35
C GLY Y 232 73.52 -12.25 -69.34
N LEU Y 233 72.82 -12.17 -70.47
CA LEU Y 233 73.19 -11.25 -71.55
C LEU Y 233 72.64 -9.84 -71.34
N PHE Y 234 71.77 -9.63 -70.36
CA PHE Y 234 71.16 -8.33 -70.15
C PHE Y 234 71.39 -7.76 -68.76
N ILE Y 235 71.94 -8.54 -67.83
CA ILE Y 235 72.30 -8.09 -66.50
C ILE Y 235 71.06 -7.62 -65.73
N PHE Y 236 70.46 -6.51 -66.16
CA PHE Y 236 69.37 -5.88 -65.44
C PHE Y 236 68.07 -5.98 -66.21
N GLN Y 237 66.97 -6.12 -65.47
CA GLN Y 237 65.63 -6.20 -66.02
C GLN Y 237 64.80 -5.06 -65.44
N PHE Y 238 64.05 -4.38 -66.30
CA PHE Y 238 63.30 -3.19 -65.92
C PHE Y 238 61.81 -3.48 -65.95
N GLN Y 239 61.10 -2.92 -64.97
CA GLN Y 239 59.68 -3.19 -64.79
C GLN Y 239 59.01 -1.96 -64.21
N GLN Y 240 57.91 -1.53 -64.81
CA GLN Y 240 57.18 -0.38 -64.32
C GLN Y 240 56.21 -0.78 -63.22
N LEU Y 241 56.22 -0.03 -62.12
CA LEU Y 241 55.37 -0.33 -60.97
C LEU Y 241 54.14 0.57 -60.91
N PHE Y 242 54.33 1.88 -60.92
CA PHE Y 242 53.22 2.82 -60.77
C PHE Y 242 53.32 3.94 -61.80
N ASN Y 243 52.14 4.41 -62.24
CA ASN Y 243 52.06 5.45 -63.25
C ASN Y 243 51.31 6.70 -62.80
N ASP Y 244 50.70 6.70 -61.62
CA ASP Y 244 49.88 7.82 -61.18
C ASP Y 244 50.55 8.69 -60.12
N VAL Y 245 51.55 8.18 -59.41
CA VAL Y 245 52.23 8.95 -58.38
C VAL Y 245 53.73 8.84 -58.60
N GLY Y 246 54.47 9.77 -58.01
CA GLY Y 246 55.91 9.78 -58.09
C GLY Y 246 56.57 10.12 -56.78
N ILE Y 247 57.51 11.05 -56.80
CA ILE Y 247 58.18 11.54 -55.60
C ILE Y 247 58.28 13.05 -55.66
N LEU Y 248 58.46 13.66 -54.49
CA LEU Y 248 58.56 15.12 -54.43
C LEU Y 248 59.97 15.59 -54.73
N GLY Y 249 60.97 14.93 -54.15
CA GLY Y 249 62.34 15.30 -54.36
C GLY Y 249 63.30 14.27 -53.81
N PRO Y 250 64.60 14.57 -53.85
CA PRO Y 250 65.58 13.63 -53.31
C PRO Y 250 65.43 13.47 -51.81
N ASN Y 251 65.83 12.29 -51.31
CA ASN Y 251 65.76 11.96 -49.89
C ASN Y 251 64.33 12.04 -49.36
N CYS Y 252 63.37 11.58 -50.18
CA CYS Y 252 61.97 11.59 -49.81
C CYS Y 252 61.36 10.20 -49.90
N ALA Y 253 62.15 9.17 -49.63
CA ALA Y 253 61.65 7.79 -49.66
C ALA Y 253 62.53 6.95 -48.76
N ILE Y 254 61.91 6.26 -47.79
CA ILE Y 254 62.66 5.47 -46.82
C ILE Y 254 62.10 4.06 -46.81
N GLU Y 255 62.89 3.12 -46.31
CA GLU Y 255 62.51 1.73 -46.23
C GLU Y 255 62.38 1.31 -44.78
N PHE Y 256 61.31 0.56 -44.49
CA PHE Y 256 61.06 0.08 -43.13
C PHE Y 256 60.21 -1.17 -43.19
N ASP Y 257 60.65 -2.22 -42.50
CA ASP Y 257 59.89 -3.46 -42.35
C ASP Y 257 59.49 -4.07 -43.69
N GLY Y 258 60.34 -3.94 -44.70
CA GLY Y 258 60.03 -4.49 -46.00
C GLY Y 258 59.06 -3.67 -46.83
N ASN Y 259 58.82 -2.42 -46.44
CA ASN Y 259 57.94 -1.52 -47.18
C ASN Y 259 58.68 -0.22 -47.43
N HIS Y 260 58.11 0.61 -48.29
CA HIS Y 260 58.66 1.92 -48.63
C HIS Y 260 57.65 3.00 -48.28
N PHE Y 261 58.10 3.97 -47.50
CA PHE Y 261 57.34 5.16 -47.15
C PHE Y 261 57.80 6.29 -48.05
N VAL Y 262 56.89 6.84 -48.84
CA VAL Y 262 57.22 7.78 -49.90
C VAL Y 262 56.35 9.02 -49.76
N VAL Y 263 56.95 10.19 -49.96
CA VAL Y 263 56.24 11.46 -50.01
C VAL Y 263 56.16 11.88 -51.46
N GLY Y 264 54.96 11.84 -52.03
CA GLY Y 264 54.75 12.17 -53.43
C GLY Y 264 54.21 13.57 -53.61
N HIS Y 265 53.81 13.85 -54.85
CA HIS Y 265 53.22 15.15 -55.20
C HIS Y 265 51.72 15.07 -54.93
N GLY Y 266 51.30 15.62 -53.80
CA GLY Y 266 49.91 15.60 -53.43
C GLY Y 266 49.47 14.41 -52.61
N ASP Y 267 50.38 13.53 -52.22
CA ASP Y 267 50.03 12.38 -51.41
C ASP Y 267 51.27 11.84 -50.71
N VAL Y 268 51.03 11.14 -49.62
CA VAL Y 268 52.07 10.43 -48.87
C VAL Y 268 51.59 8.99 -48.72
N TYR Y 269 52.36 8.04 -49.26
CA TYR Y 269 51.88 6.67 -49.35
C TYR Y 269 52.94 5.69 -48.89
N VAL Y 270 52.51 4.43 -48.83
CA VAL Y 270 53.36 3.31 -48.44
C VAL Y 270 53.08 2.16 -49.40
N HIS Y 271 54.14 1.52 -49.88
CA HIS Y 271 53.98 0.44 -50.84
C HIS Y 271 55.04 -0.62 -50.61
N ASN Y 272 54.72 -1.86 -50.99
CA ASN Y 272 55.64 -2.98 -50.88
C ASN Y 272 56.08 -3.49 -52.25
N GLY Y 273 55.90 -2.69 -53.29
CA GLY Y 273 56.19 -3.13 -54.65
C GLY Y 273 55.04 -3.84 -55.33
N VAL Y 274 53.98 -4.16 -54.61
CA VAL Y 274 52.79 -4.81 -55.17
C VAL Y 274 51.53 -4.01 -54.87
N GLN Y 275 51.30 -3.69 -53.61
CA GLN Y 275 50.13 -2.94 -53.18
C GLN Y 275 50.57 -1.59 -52.61
N LYS Y 276 49.83 -0.55 -52.95
CA LYS Y 276 50.11 0.81 -52.52
C LYS Y 276 48.90 1.37 -51.79
N GLN Y 277 49.14 2.06 -50.67
CA GLN Y 277 48.02 2.67 -49.95
C GLN Y 277 48.50 3.94 -49.26
N SER Y 278 47.58 4.90 -49.15
CA SER Y 278 47.90 6.20 -48.55
C SER Y 278 47.77 6.12 -47.04
N VAL Y 279 48.66 6.83 -46.35
CA VAL Y 279 48.66 6.86 -44.89
C VAL Y 279 48.33 8.22 -44.32
N ILE Y 280 48.39 9.29 -45.14
CA ILE Y 280 48.06 10.63 -44.67
C ILE Y 280 46.62 11.00 -44.95
N ASP Y 281 45.89 10.19 -45.71
CA ASP Y 281 44.53 10.54 -46.07
C ASP Y 281 43.63 10.58 -44.85
N ALA Y 282 42.72 11.56 -44.84
CA ALA Y 282 41.69 11.73 -43.82
C ALA Y 282 42.24 12.05 -42.44
N GLN Y 283 43.54 12.29 -42.30
CA GLN Y 283 44.09 12.70 -41.01
C GLN Y 283 44.67 14.10 -41.04
N VAL Y 284 45.70 14.36 -41.85
CA VAL Y 284 46.29 15.70 -41.91
C VAL Y 284 46.56 16.11 -43.36
N ARG Y 285 45.85 15.49 -44.30
CA ARG Y 285 46.16 15.72 -45.71
C ARG Y 285 45.94 17.18 -46.11
N LYS Y 286 44.74 17.70 -45.82
CA LYS Y 286 44.44 19.08 -46.19
C LYS Y 286 45.35 20.06 -45.47
N PHE Y 287 45.60 19.82 -44.19
CA PHE Y 287 46.48 20.70 -43.43
C PHE Y 287 47.89 20.68 -44.00
N PHE Y 288 48.40 19.50 -44.33
CA PHE Y 288 49.78 19.41 -44.80
C PHE Y 288 49.93 20.03 -46.17
N PHE Y 289 49.06 19.68 -47.12
CA PHE Y 289 49.21 20.25 -48.46
C PHE Y 289 48.46 21.58 -48.57
N SER Y 290 48.65 22.41 -47.56
CA SER Y 290 48.33 23.83 -47.64
C SER Y 290 49.33 24.66 -46.87
N ASP Y 291 50.35 24.05 -46.26
CA ASP Y 291 51.33 24.73 -45.44
C ASP Y 291 52.70 24.79 -46.09
N ILE Y 292 52.89 24.12 -47.23
CA ILE Y 292 54.18 24.11 -47.90
C ILE Y 292 54.47 25.51 -48.42
N ASN Y 293 55.67 26.01 -48.15
CA ASN Y 293 56.08 27.30 -48.68
C ASN Y 293 56.23 27.19 -50.20
N PRO Y 294 55.52 28.01 -50.99
CA PRO Y 294 55.58 27.86 -52.44
C PRO Y 294 56.97 28.04 -53.02
N ASP Y 295 57.78 28.91 -52.44
CA ASP Y 295 59.11 29.20 -52.96
C ASP Y 295 60.17 28.22 -52.46
N ASN Y 296 59.81 27.27 -51.58
CA ASN Y 296 60.80 26.37 -51.03
C ASN Y 296 60.28 24.93 -50.98
N TYR Y 297 59.45 24.53 -51.93
CA TYR Y 297 58.92 23.17 -51.89
C TYR Y 297 59.92 22.19 -52.50
N GLN Y 298 61.18 22.32 -52.13
CA GLN Y 298 62.20 21.38 -52.58
C GLN Y 298 63.23 21.06 -51.51
N ARG Y 299 63.09 21.63 -50.31
CA ARG Y 299 63.93 21.26 -49.19
C ARG Y 299 63.31 20.18 -48.32
N THR Y 300 62.08 19.78 -48.62
CA THR Y 300 61.41 18.74 -47.85
C THR Y 300 62.21 17.45 -47.90
N PHE Y 301 62.37 16.82 -46.74
CA PHE Y 301 63.10 15.56 -46.71
C PHE Y 301 62.58 14.69 -45.58
N VAL Y 302 62.83 13.39 -45.70
CA VAL Y 302 62.30 12.40 -44.78
C VAL Y 302 63.46 11.72 -44.07
N ILE Y 303 63.31 11.52 -42.76
CA ILE Y 303 64.29 10.81 -41.95
C ILE Y 303 63.53 9.77 -41.12
N ALA Y 304 64.28 8.78 -40.64
CA ALA Y 304 63.69 7.65 -39.93
C ALA Y 304 64.33 7.48 -38.56
N ASP Y 305 63.51 7.10 -37.59
CA ASP Y 305 63.94 6.78 -36.24
C ASP Y 305 63.48 5.36 -35.94
N HIS Y 306 64.39 4.39 -36.13
CA HIS Y 306 64.02 2.99 -35.98
C HIS Y 306 63.76 2.63 -34.52
N VAL Y 307 64.52 3.22 -33.60
CA VAL Y 307 64.34 2.92 -32.19
C VAL Y 307 62.96 3.37 -31.73
N ASN Y 308 62.56 4.58 -32.11
CA ASN Y 308 61.24 5.10 -31.76
C ASN Y 308 60.17 4.72 -32.77
N THR Y 309 60.55 4.09 -33.88
CA THR Y 309 59.61 3.69 -34.93
C THR Y 309 58.80 4.90 -35.43
N GLU Y 310 59.53 5.88 -35.96
CA GLU Y 310 58.89 7.11 -36.41
C GLU Y 310 59.50 7.55 -37.73
N MET Y 311 58.72 8.29 -38.50
CA MET Y 311 59.17 8.90 -39.75
C MET Y 311 58.94 10.39 -39.66
N TRP Y 312 60.01 11.18 -39.83
CA TRP Y 312 59.94 12.62 -39.78
C TRP Y 312 59.93 13.17 -41.20
N VAL Y 313 58.94 14.00 -41.51
CA VAL Y 313 58.89 14.74 -42.76
C VAL Y 313 59.15 16.20 -42.39
N CYS Y 314 60.29 16.72 -42.85
CA CYS Y 314 60.72 18.06 -42.51
C CYS Y 314 60.56 18.97 -43.72
N TYR Y 315 59.97 20.14 -43.50
CA TYR Y 315 59.66 21.06 -44.57
C TYR Y 315 59.65 22.49 -44.03
N SER Y 316 59.56 23.44 -44.95
CA SER Y 316 59.49 24.86 -44.62
C SER Y 316 58.05 25.32 -44.71
N SER Y 317 57.50 25.79 -43.59
CA SER Y 317 56.10 26.19 -43.55
C SER Y 317 55.93 27.60 -44.09
N THR Y 318 54.67 28.01 -44.19
CA THR Y 318 54.34 29.35 -44.67
C THR Y 318 54.63 30.43 -43.65
N ARG Y 319 54.92 30.07 -42.40
CA ARG Y 319 55.24 31.06 -41.38
C ARG Y 319 56.61 31.70 -41.61
N SER Y 320 57.45 31.12 -42.46
CA SER Y 320 58.80 31.62 -42.69
C SER Y 320 58.87 32.38 -44.01
N GLU Y 321 59.74 33.38 -44.05
CA GLU Y 321 59.94 34.15 -45.26
C GLU Y 321 60.66 33.31 -46.32
N PRO Y 322 60.44 33.61 -47.60
CA PRO Y 322 61.14 32.87 -48.65
C PRO Y 322 62.65 33.01 -48.53
N GLY Y 323 63.36 31.93 -48.84
CA GLY Y 323 64.80 31.88 -48.70
C GLY Y 323 65.29 31.14 -47.49
N LYS Y 324 64.43 30.83 -46.54
CA LYS Y 324 64.81 30.06 -45.35
C LYS Y 324 64.63 28.57 -45.62
N HIS Y 325 65.23 27.77 -44.75
CA HIS Y 325 65.19 26.32 -44.88
C HIS Y 325 64.02 25.75 -44.10
N CYS Y 326 64.00 24.43 -43.92
CA CYS Y 326 62.90 23.77 -43.24
C CYS Y 326 62.84 24.20 -41.78
N ASP Y 327 61.62 24.43 -41.29
CA ASP Y 327 61.41 24.82 -39.91
C ASP Y 327 60.31 24.03 -39.21
N ARG Y 328 59.55 23.22 -39.93
CA ARG Y 328 58.47 22.44 -39.33
C ARG Y 328 58.62 20.98 -39.72
N ALA Y 329 58.00 20.11 -38.94
CA ALA Y 329 58.07 18.68 -39.22
C ALA Y 329 56.78 18.01 -38.78
N ILE Y 330 56.38 17.00 -39.54
CA ILE Y 330 55.29 16.12 -39.15
C ILE Y 330 55.85 14.73 -38.97
N ILE Y 331 55.53 14.10 -37.84
CA ILE Y 331 56.07 12.81 -37.46
C ILE Y 331 54.96 11.78 -37.49
N TRP Y 332 55.19 10.68 -38.20
CA TRP Y 332 54.22 9.59 -38.31
C TRP Y 332 54.76 8.37 -37.60
N ASN Y 333 53.93 7.74 -36.78
CA ASN Y 333 54.28 6.53 -36.07
C ASN Y 333 53.66 5.34 -36.80
N TRP Y 334 54.50 4.45 -37.31
CA TRP Y 334 54.00 3.37 -38.15
C TRP Y 334 53.53 2.16 -37.36
N LYS Y 335 53.77 2.12 -36.05
CA LYS Y 335 53.25 1.04 -35.23
C LYS Y 335 51.89 1.36 -34.62
N GLU Y 336 51.49 2.62 -34.61
CA GLU Y 336 50.21 3.02 -34.06
C GLU Y 336 49.37 3.87 -35.01
N ASN Y 337 49.92 4.29 -36.16
CA ASN Y 337 49.20 5.09 -37.14
C ASN Y 337 48.71 6.41 -36.54
N THR Y 338 49.67 7.21 -36.10
CA THR Y 338 49.39 8.51 -35.50
C THR Y 338 50.32 9.55 -36.09
N TRP Y 339 49.87 10.80 -36.05
CA TRP Y 339 50.61 11.93 -36.58
C TRP Y 339 50.83 12.98 -35.50
N SER Y 340 51.93 13.72 -35.64
CA SER Y 340 52.27 14.78 -34.69
C SER Y 340 52.97 15.90 -35.43
N ILE Y 341 52.94 17.10 -34.84
CA ILE Y 341 53.51 18.30 -35.43
C ILE Y 341 54.57 18.86 -34.48
N ARG Y 342 55.69 19.31 -35.04
CA ARG Y 342 56.80 19.79 -34.24
C ARG Y 342 57.53 20.90 -34.97
N ASP Y 343 58.15 21.80 -34.20
CA ASP Y 343 58.95 22.89 -34.75
C ASP Y 343 60.41 22.46 -34.88
N LEU Y 344 61.11 23.09 -35.82
CA LEU Y 344 62.51 22.79 -36.09
C LEU Y 344 63.33 24.07 -36.11
N PRO Y 345 64.61 23.99 -35.73
CA PRO Y 345 65.46 25.19 -35.66
C PRO Y 345 66.16 25.52 -36.98
N ASN Y 346 65.38 25.63 -38.05
CA ASN Y 346 65.88 26.04 -39.37
C ASN Y 346 67.02 25.14 -39.84
N VAL Y 347 66.70 23.87 -40.04
CA VAL Y 347 67.68 22.89 -40.44
C VAL Y 347 67.58 22.66 -41.95
N LEU Y 348 68.61 22.03 -42.51
CA LEU Y 348 68.65 21.73 -43.94
C LEU Y 348 68.79 20.24 -44.24
N SER Y 349 69.52 19.50 -43.42
CA SER Y 349 69.69 18.07 -43.63
C SER Y 349 69.85 17.39 -42.27
N GLY Y 350 69.67 16.08 -42.27
CA GLY Y 350 69.77 15.31 -41.05
C GLY Y 350 70.29 13.92 -41.32
N ALA Y 351 70.75 13.27 -40.26
CA ALA Y 351 71.30 11.93 -40.36
C ALA Y 351 71.01 11.16 -39.10
N TYR Y 352 71.01 9.84 -39.22
CA TYR Y 352 70.72 8.91 -38.13
C TYR Y 352 71.89 7.95 -37.99
N GLY Y 353 72.50 7.93 -36.82
CA GLY Y 353 73.67 7.08 -36.63
C GLY Y 353 74.17 7.14 -35.20
N ILE Y 354 75.19 6.34 -34.94
CA ILE Y 354 75.79 6.28 -33.61
C ILE Y 354 76.73 7.45 -33.42
N ILE Y 355 76.63 8.11 -32.27
CA ILE Y 355 77.47 9.25 -31.94
C ILE Y 355 77.85 9.17 -30.47
N ASP Y 356 79.08 9.60 -30.16
CA ASP Y 356 79.57 9.66 -28.79
C ASP Y 356 79.76 11.12 -28.39
N PRO Y 357 78.88 11.69 -27.57
CA PRO Y 357 79.01 13.11 -27.22
C PRO Y 357 80.24 13.42 -26.39
N LYS Y 358 80.86 12.43 -25.77
CA LYS Y 358 82.05 12.62 -24.94
C LYS Y 358 81.77 13.58 -23.79
N VAL Y 359 80.81 13.19 -22.95
CA VAL Y 359 80.42 13.96 -21.78
C VAL Y 359 80.63 13.10 -20.54
N SER Y 360 81.43 13.61 -19.60
CA SER Y 360 81.68 12.89 -18.36
C SER Y 360 80.45 12.93 -17.47
N ASN Y 361 80.30 11.89 -16.64
CA ASN Y 361 79.17 11.83 -15.72
C ASN Y 361 79.55 12.40 -14.35
N LEU Y 362 80.51 11.78 -13.67
CA LEU Y 362 81.01 12.23 -12.37
C LEU Y 362 79.88 12.63 -11.43
N TRP Y 363 80.15 13.62 -10.58
CA TRP Y 363 79.11 14.17 -9.71
C TRP Y 363 79.12 15.69 -9.73
N ASP Y 364 80.29 16.28 -9.99
CA ASP Y 364 80.48 17.72 -9.88
C ASP Y 364 80.55 18.41 -11.24
N ASP Y 365 80.13 17.74 -12.30
CA ASP Y 365 80.10 18.31 -13.65
C ASP Y 365 78.70 18.24 -14.22
N ASP Y 366 77.69 18.53 -13.41
CA ASP Y 366 76.30 18.33 -13.79
C ASP Y 366 75.49 19.62 -13.69
N PRO Y 367 75.38 20.39 -14.76
CA PRO Y 367 74.33 21.40 -14.85
C PRO Y 367 72.97 20.75 -15.09
N ASN Y 368 71.95 21.52 -15.44
CA ASN Y 368 70.63 20.97 -15.72
C ASN Y 368 70.04 20.29 -14.49
N PRO Y 369 69.51 21.07 -13.55
CA PRO Y 369 69.08 20.52 -12.26
C PRO Y 369 68.03 19.42 -12.37
N TRP Y 370 67.64 18.88 -11.21
CA TRP Y 370 66.97 17.58 -11.13
C TRP Y 370 65.81 17.46 -12.10
N ASP Y 371 64.95 18.48 -12.16
CA ASP Y 371 63.74 18.40 -12.98
C ASP Y 371 64.01 18.80 -14.43
N THR Y 372 64.99 18.17 -15.06
CA THR Y 372 65.33 18.40 -16.47
C THR Y 372 65.54 17.04 -17.13
N TYR Y 373 64.45 16.44 -17.62
CA TYR Y 373 64.48 15.14 -18.29
C TYR Y 373 65.13 14.09 -17.42
N THR Y 374 66.47 14.03 -17.45
CA THR Y 374 67.26 12.98 -16.84
C THR Y 374 66.92 11.62 -17.44
N SER Y 375 67.75 10.62 -17.14
CA SER Y 375 67.48 9.26 -17.61
C SER Y 375 67.49 8.31 -16.43
N VAL Y 376 67.46 7.00 -16.70
CA VAL Y 376 67.55 6.05 -15.60
C VAL Y 376 68.92 6.14 -14.93
N TRP Y 377 69.01 5.58 -13.73
CA TRP Y 377 70.22 5.73 -12.93
C TRP Y 377 71.42 5.08 -13.63
N GLY Y 378 71.22 3.90 -14.22
CA GLY Y 378 72.34 3.19 -14.80
C GLY Y 378 72.82 3.76 -16.12
N GLU Y 379 71.97 4.45 -16.86
CA GLU Y 379 72.33 4.93 -18.18
C GLU Y 379 73.32 6.09 -18.09
N GLY Y 380 74.28 6.10 -19.01
CA GLY Y 380 75.25 7.17 -19.12
C GLY Y 380 74.96 8.08 -20.30
N SER Y 381 75.95 8.88 -20.65
CA SER Y 381 75.81 9.80 -21.78
C SER Y 381 76.07 9.14 -23.12
N TYR Y 382 76.66 7.96 -23.13
CA TYR Y 382 77.00 7.26 -24.36
C TYR Y 382 76.35 5.88 -24.34
N ASN Y 383 75.50 5.63 -25.33
CA ASN Y 383 74.80 4.35 -25.46
C ASN Y 383 75.06 3.79 -26.85
N PRO Y 384 76.06 2.91 -27.00
CA PRO Y 384 76.36 2.37 -28.33
C PRO Y 384 75.25 1.50 -28.90
N ALA Y 385 74.35 0.99 -28.05
CA ALA Y 385 73.29 0.12 -28.53
C ALA Y 385 72.13 0.88 -29.18
N LYS Y 386 72.12 2.20 -29.10
CA LYS Y 386 71.05 3.00 -29.67
C LYS Y 386 71.64 4.09 -30.55
N SER Y 387 70.94 4.40 -31.64
CA SER Y 387 71.37 5.44 -32.55
C SER Y 387 70.86 6.80 -32.09
N SER Y 388 71.17 7.84 -32.85
CA SER Y 388 70.76 9.20 -32.53
C SER Y 388 70.62 10.00 -33.81
N MET Y 389 69.88 11.09 -33.72
CA MET Y 389 69.60 11.96 -34.86
C MET Y 389 70.38 13.26 -34.73
N ILE Y 390 71.02 13.66 -35.82
CA ILE Y 390 71.79 14.90 -35.86
C ILE Y 390 71.36 15.70 -37.08
N PHE Y 391 70.99 16.96 -36.85
CA PHE Y 391 70.58 17.87 -37.91
C PHE Y 391 71.63 18.97 -38.09
N SER Y 392 71.64 19.56 -39.28
CA SER Y 392 72.59 20.60 -39.62
C SER Y 392 71.84 21.85 -40.09
N SER Y 393 72.13 22.98 -39.45
CA SER Y 393 71.60 24.27 -39.86
C SER Y 393 72.67 24.98 -40.66
N PHE Y 394 72.45 25.07 -41.98
CA PHE Y 394 73.45 25.66 -42.87
C PHE Y 394 73.56 27.16 -42.65
N GLN Y 395 72.43 27.87 -42.63
CA GLN Y 395 72.45 29.32 -42.54
C GLN Y 395 72.97 29.81 -41.20
N ASP Y 396 72.62 29.13 -40.12
CA ASP Y 396 73.12 29.47 -38.79
C ASP Y 396 74.43 28.78 -38.47
N LYS Y 397 74.89 27.89 -39.35
CA LYS Y 397 76.17 27.18 -39.17
C LYS Y 397 76.21 26.46 -37.82
N LYS Y 398 75.31 25.52 -37.63
CA LYS Y 398 75.22 24.81 -36.37
C LYS Y 398 74.91 23.34 -36.61
N LEU Y 399 75.27 22.51 -35.63
CA LEU Y 399 74.95 21.09 -35.66
C LEU Y 399 74.22 20.75 -34.36
N PHE Y 400 73.02 20.20 -34.50
CA PHE Y 400 72.19 19.88 -33.35
C PHE Y 400 72.07 18.36 -33.21
N LEU Y 401 72.23 17.87 -31.98
CA LEU Y 401 71.96 16.48 -31.66
C LEU Y 401 70.64 16.43 -30.90
N PHE Y 402 69.71 15.63 -31.39
CA PHE Y 402 68.38 15.54 -30.78
C PHE Y 402 68.35 14.38 -29.80
N GLY Y 403 67.56 14.53 -28.75
CA GLY Y 403 67.50 13.47 -27.75
C GLY Y 403 67.29 13.92 -26.33
N ASN Y 404 68.26 13.56 -25.47
CA ASN Y 404 68.08 13.63 -24.02
C ASN Y 404 67.61 15.01 -23.55
N ASN Y 405 68.27 16.08 -24.00
CA ASN Y 405 67.98 17.41 -23.48
C ASN Y 405 66.52 17.77 -23.70
N SER Y 406 65.95 18.48 -22.74
CA SER Y 406 64.53 18.86 -22.76
C SER Y 406 64.33 20.34 -23.07
N THR Y 407 65.36 21.02 -23.56
CA THR Y 407 65.25 22.41 -23.94
C THR Y 407 65.78 22.61 -25.34
N PHE Y 408 65.29 23.66 -26.01
CA PHE Y 408 65.77 24.02 -27.34
C PHE Y 408 67.10 24.77 -27.20
N SER Y 409 68.12 24.02 -26.79
CA SER Y 409 69.45 24.55 -26.52
C SER Y 409 69.38 25.70 -25.50
N GLY Y 410 68.85 25.36 -24.33
CA GLY Y 410 68.64 26.34 -23.27
C GLY Y 410 67.28 26.98 -23.26
N GLN Y 411 66.79 27.39 -24.43
CA GLN Y 411 65.48 28.02 -24.52
C GLN Y 411 64.38 27.03 -24.19
N ASN Y 412 63.29 27.54 -23.63
CA ASN Y 412 62.13 26.75 -23.28
C ASN Y 412 61.03 26.94 -24.32
N PHE Y 413 60.38 25.83 -24.67
CA PHE Y 413 59.29 25.85 -25.64
C PHE Y 413 57.99 25.47 -24.94
N VAL Y 414 56.89 25.60 -25.67
CA VAL Y 414 55.55 25.39 -25.14
C VAL Y 414 54.87 24.28 -25.95
N SER Y 415 54.29 23.31 -25.25
CA SER Y 415 53.54 22.23 -25.88
C SER Y 415 52.07 22.44 -25.65
N THR Y 416 51.26 22.19 -26.67
CA THR Y 416 49.82 22.39 -26.56
C THR Y 416 49.06 21.17 -27.07
N LEU Y 417 47.93 20.89 -26.43
CA LEU Y 417 47.02 19.83 -26.87
C LEU Y 417 45.59 20.30 -26.65
N GLU Y 418 44.81 20.38 -27.73
CA GLU Y 418 43.48 20.96 -27.66
C GLU Y 418 42.46 20.07 -28.32
N ARG Y 419 41.31 19.90 -27.66
CA ARG Y 419 40.16 19.19 -28.21
C ARG Y 419 38.94 20.07 -28.04
N SER Y 420 38.00 19.98 -28.98
CA SER Y 420 36.82 20.83 -28.95
C SER Y 420 35.59 20.05 -29.38
N ASP Y 421 34.42 20.60 -29.04
CA ASP Y 421 33.13 20.09 -29.49
C ASP Y 421 32.85 18.69 -28.93
N ILE Y 422 32.93 18.58 -27.61
CA ILE Y 422 32.55 17.37 -26.90
C ILE Y 422 31.16 17.56 -26.33
N TYR Y 423 30.23 16.66 -26.68
CA TYR Y 423 28.89 16.75 -26.14
C TYR Y 423 28.32 15.41 -25.68
N LEU Y 424 29.07 14.31 -25.83
CA LEU Y 424 28.70 13.02 -25.25
C LEU Y 424 27.31 12.55 -25.71
N GLY Y 425 27.01 12.77 -26.98
CA GLY Y 425 25.80 12.25 -27.57
C GLY Y 425 24.53 13.02 -27.25
N ASP Y 426 24.63 14.15 -26.54
CA ASP Y 426 23.48 14.98 -26.20
C ASP Y 426 23.78 16.41 -26.64
N ASP Y 427 23.18 16.83 -27.75
CA ASP Y 427 23.42 18.14 -28.32
C ASP Y 427 22.30 19.12 -28.08
N ARG Y 428 21.46 18.88 -27.07
CA ARG Y 428 20.39 19.81 -26.73
C ARG Y 428 20.54 20.38 -25.33
N MET Y 429 20.74 19.54 -24.32
CA MET Y 429 20.86 19.99 -22.94
C MET Y 429 22.16 20.77 -22.75
N MET Y 430 22.24 21.44 -21.60
CA MET Y 430 23.43 22.19 -21.23
C MET Y 430 24.20 21.41 -20.15
N LYS Y 431 25.49 21.25 -20.36
CA LYS Y 431 26.36 20.56 -19.41
C LYS Y 431 26.93 21.55 -18.41
N THR Y 432 27.43 21.03 -17.30
CA THR Y 432 27.91 21.86 -16.20
C THR Y 432 29.42 21.81 -16.01
N VAL Y 433 30.03 20.64 -16.06
CA VAL Y 433 31.48 20.46 -15.94
C VAL Y 433 31.96 21.02 -14.60
N SER Y 434 32.08 20.14 -13.61
CA SER Y 434 32.50 20.56 -12.28
C SER Y 434 34.00 20.46 -12.05
N ALA Y 435 34.67 19.46 -12.64
CA ALA Y 435 36.10 19.32 -12.39
C ALA Y 435 36.74 18.54 -13.52
N ILE Y 436 38.06 18.70 -13.64
CA ILE Y 436 38.88 17.96 -14.59
C ILE Y 436 39.99 17.27 -13.82
N ILE Y 437 40.09 15.95 -13.98
CA ILE Y 437 41.11 15.15 -13.31
C ILE Y 437 42.10 14.67 -14.37
N PRO Y 438 43.29 15.24 -14.45
CA PRO Y 438 44.28 14.77 -15.43
C PRO Y 438 45.08 13.58 -14.90
N HIS Y 439 45.56 12.78 -15.82
CA HIS Y 439 46.44 11.65 -15.52
C HIS Y 439 47.80 11.96 -16.10
N ILE Y 440 48.62 12.68 -15.33
CA ILE Y 440 49.95 13.11 -15.76
C ILE Y 440 50.96 12.61 -14.74
N THR Y 441 52.05 12.02 -15.21
CA THR Y 441 53.12 11.54 -14.34
C THR Y 441 54.43 12.20 -14.72
N GLY Y 442 55.15 12.72 -13.73
CA GLY Y 442 56.40 13.40 -13.99
C GLY Y 442 56.57 14.64 -13.14
N ASN Y 443 57.22 15.66 -13.69
CA ASN Y 443 57.47 16.91 -12.99
C ASN Y 443 57.10 18.09 -13.88
N GLY Y 444 56.76 19.20 -13.25
CA GLY Y 444 56.46 20.43 -13.94
C GLY Y 444 55.09 20.95 -13.58
N THR Y 445 54.67 21.99 -14.29
CA THR Y 445 53.37 22.63 -14.07
C THR Y 445 52.67 22.80 -15.40
N CYS Y 446 51.38 22.47 -15.43
CA CYS Y 446 50.56 22.60 -16.62
C CYS Y 446 49.47 23.63 -16.39
N ASN Y 447 48.91 24.13 -17.49
CA ASN Y 447 47.81 25.07 -17.45
C ASN Y 447 46.63 24.47 -18.21
N ILE Y 448 45.45 24.56 -17.61
CA ILE Y 448 44.24 23.97 -18.18
C ILE Y 448 43.26 25.08 -18.53
N TRP Y 449 42.73 25.04 -19.74
CA TRP Y 449 41.73 25.98 -20.21
C TRP Y 449 40.47 25.22 -20.57
N VAL Y 450 39.33 25.70 -20.08
CA VAL Y 450 38.03 25.09 -20.34
C VAL Y 450 37.15 26.11 -21.03
N GLY Y 451 36.52 25.71 -22.13
CA GLY Y 451 35.68 26.62 -22.88
C GLY Y 451 34.42 25.92 -23.36
N ASN Y 452 33.46 26.74 -23.80
CA ASN Y 452 32.19 26.21 -24.26
C ASN Y 452 31.79 26.91 -25.55
N ALA Y 453 30.99 26.21 -26.35
CA ALA Y 453 30.44 26.72 -27.59
C ALA Y 453 28.94 26.41 -27.64
N GLN Y 454 28.17 27.35 -28.18
CA GLN Y 454 26.73 27.21 -28.26
C GLN Y 454 26.27 26.60 -29.57
N VAL Y 455 26.97 26.87 -30.66
CA VAL Y 455 26.64 26.33 -31.97
C VAL Y 455 27.88 25.60 -32.49
N GLN Y 456 27.67 24.42 -33.06
CA GLN Y 456 28.79 23.61 -33.54
C GLN Y 456 29.62 24.38 -34.55
N GLY Y 457 30.92 24.45 -34.31
CA GLY Y 457 31.83 25.14 -35.21
C GLY Y 457 31.89 26.64 -35.04
N SER Y 458 31.14 27.21 -34.10
CA SER Y 458 31.12 28.65 -33.91
C SER Y 458 32.17 29.04 -32.87
N GLY Y 459 32.10 30.29 -32.40
CA GLY Y 459 33.09 30.76 -31.44
C GLY Y 459 32.99 30.07 -30.11
N ILE Y 460 34.09 30.14 -29.36
CA ILE Y 460 34.23 29.44 -28.08
C ILE Y 460 34.56 30.47 -27.00
N ARG Y 461 33.84 30.40 -25.89
CA ARG Y 461 34.10 31.26 -24.74
C ARG Y 461 35.01 30.52 -23.77
N TRP Y 462 36.25 30.96 -23.64
CA TRP Y 462 37.23 30.30 -22.82
C TRP Y 462 37.23 30.85 -21.40
N LYS Y 463 37.70 30.04 -20.47
CA LYS Y 463 37.82 30.42 -19.07
C LYS Y 463 39.28 30.48 -18.68
N GLY Y 464 39.59 31.31 -17.68
CA GLY Y 464 40.94 31.61 -17.30
C GLY Y 464 41.79 30.39 -17.02
N PRO Y 465 43.11 30.53 -17.17
CA PRO Y 465 44.00 29.39 -16.99
C PRO Y 465 43.94 28.86 -15.56
N TYR Y 466 43.98 27.53 -15.44
CA TYR Y 466 44.02 26.88 -14.14
C TYR Y 466 45.36 26.18 -13.99
N PRO Y 467 46.20 26.59 -13.04
CA PRO Y 467 47.46 25.90 -12.82
C PRO Y 467 47.25 24.51 -12.24
N TYR Y 468 48.16 23.60 -12.57
CA TYR Y 468 48.10 22.24 -12.08
C TYR Y 468 49.53 21.74 -11.87
N ARG Y 469 49.84 21.37 -10.64
CA ARG Y 469 51.18 20.89 -10.29
C ARG Y 469 51.23 19.39 -10.46
N ILE Y 470 52.08 18.91 -11.36
CA ILE Y 470 52.14 17.49 -11.66
C ILE Y 470 52.71 16.74 -10.47
N GLY Y 471 52.00 15.69 -10.05
CA GLY Y 471 52.44 14.86 -8.97
C GLY Y 471 51.88 15.21 -7.60
N GLN Y 472 51.35 16.42 -7.43
CA GLN Y 472 50.80 16.85 -6.15
C GLN Y 472 49.29 17.08 -6.23
N ASP Y 473 48.84 17.94 -7.14
CA ASP Y 473 47.42 18.24 -7.23
C ASP Y 473 46.66 17.07 -7.84
N TYR Y 474 45.47 16.80 -7.31
CA TYR Y 474 44.65 15.73 -7.82
C TYR Y 474 43.73 16.19 -8.95
N LYS Y 475 43.21 17.41 -8.85
CA LYS Y 475 42.27 17.91 -9.85
C LYS Y 475 42.25 19.43 -9.81
N ILE Y 476 41.56 20.02 -10.78
CA ILE Y 476 41.33 21.46 -10.83
C ILE Y 476 39.83 21.69 -10.77
N ASP Y 477 39.44 22.73 -10.03
CA ASP Y 477 38.03 23.03 -9.80
C ASP Y 477 37.60 24.20 -10.66
N THR Y 478 36.40 24.07 -11.25
CA THR Y 478 35.87 25.11 -12.12
C THR Y 478 34.35 24.97 -12.16
N LYS Y 479 33.73 25.85 -12.94
CA LYS Y 479 32.29 25.81 -13.14
C LYS Y 479 32.00 26.47 -14.48
N HIS Y 480 31.62 25.68 -15.48
CA HIS Y 480 31.50 26.17 -16.85
C HIS Y 480 30.28 25.55 -17.50
N VAL Y 481 29.20 26.31 -17.58
CA VAL Y 481 27.97 25.85 -18.21
C VAL Y 481 28.04 26.13 -19.71
N GLY Y 482 27.77 25.11 -20.51
CA GLY Y 482 27.80 25.27 -21.95
C GLY Y 482 27.21 24.06 -22.64
N ARG Y 483 27.06 24.18 -23.96
CA ARG Y 483 26.48 23.09 -24.75
C ARG Y 483 27.56 22.16 -25.29
N TYR Y 484 28.61 22.71 -25.91
CA TYR Y 484 29.71 21.92 -26.42
C TYR Y 484 30.98 22.28 -25.67
N ILE Y 485 31.66 21.29 -25.15
CA ILE Y 485 32.82 21.50 -24.28
C ILE Y 485 34.10 21.50 -25.10
N ALA Y 486 35.11 22.24 -24.64
CA ALA Y 486 36.42 22.27 -25.26
C ALA Y 486 37.47 22.37 -24.17
N LEU Y 487 38.54 21.59 -24.33
CA LEU Y 487 39.62 21.55 -23.35
C LEU Y 487 40.94 21.86 -24.04
N LYS Y 488 41.82 22.56 -23.33
CA LYS Y 488 43.16 22.86 -23.82
C LYS Y 488 44.16 22.65 -22.70
N PHE Y 489 45.20 21.88 -22.97
CA PHE Y 489 46.29 21.65 -22.03
C PHE Y 489 47.55 22.31 -22.57
N ASP Y 490 48.16 23.15 -21.75
CA ASP Y 490 49.34 23.93 -22.14
C ASP Y 490 50.47 23.58 -21.18
N PHE Y 491 51.52 22.95 -21.70
CA PHE Y 491 52.66 22.55 -20.90
C PHE Y 491 53.83 23.47 -21.18
N SER Y 492 54.41 24.02 -20.11
CA SER Y 492 55.66 24.75 -20.20
C SER Y 492 56.82 23.75 -20.24
N SER Y 493 58.04 24.24 -20.05
CA SER Y 493 59.23 23.40 -20.15
C SER Y 493 59.88 23.29 -18.78
N GLU Y 494 61.11 22.76 -18.77
CA GLU Y 494 61.86 22.48 -17.55
C GLU Y 494 61.21 21.35 -16.75
N GLY Y 495 60.77 20.32 -17.46
CA GLY Y 495 60.20 19.15 -16.82
C GLY Y 495 59.84 18.11 -17.86
N ASP Y 496 59.76 16.87 -17.40
CA ASP Y 496 59.38 15.74 -18.24
C ASP Y 496 58.07 15.18 -17.72
N TRP Y 497 57.13 14.95 -18.63
CA TRP Y 497 55.78 14.55 -18.24
C TRP Y 497 55.22 13.55 -19.24
N TYR Y 498 54.44 12.60 -18.73
CA TYR Y 498 53.69 11.66 -19.54
C TYR Y 498 52.21 11.89 -19.29
N PHE Y 499 51.44 11.93 -20.36
CA PHE Y 499 50.02 12.28 -20.33
C PHE Y 499 49.24 11.17 -21.01
N ASN Y 500 48.39 10.47 -20.26
CA ASN Y 500 47.71 9.28 -20.80
C ASN Y 500 46.23 9.28 -20.41
N GLY Y 501 45.55 10.39 -20.61
CA GLY Y 501 44.11 10.46 -20.45
C GLY Y 501 43.70 11.37 -19.31
N TYR Y 502 42.39 11.50 -19.15
CA TYR Y 502 41.83 12.37 -18.13
C TYR Y 502 40.40 11.97 -17.84
N THR Y 503 39.75 12.73 -16.96
CA THR Y 503 38.37 12.47 -16.54
C THR Y 503 37.64 13.79 -16.35
N ILE Y 504 36.38 13.83 -16.78
CA ILE Y 504 35.53 15.01 -16.63
C ILE Y 504 34.45 14.69 -15.62
N GLU Y 505 34.31 15.54 -14.61
CA GLU Y 505 33.28 15.39 -13.58
C GLU Y 505 32.26 16.50 -13.77
N MET Y 506 31.00 16.10 -13.98
CA MET Y 506 29.93 17.00 -14.37
C MET Y 506 28.79 16.95 -13.37
N ALA Y 507 28.24 18.12 -13.07
CA ALA Y 507 27.03 18.26 -12.28
C ALA Y 507 25.80 18.01 -13.16
N PRO Y 508 24.62 17.83 -12.57
CA PRO Y 508 23.42 17.61 -13.39
C PRO Y 508 23.17 18.77 -14.34
N LYS Y 509 22.51 18.45 -15.45
CA LYS Y 509 22.31 19.40 -16.54
C LYS Y 509 21.56 20.64 -16.06
N ALA Y 510 21.61 21.70 -16.88
CA ALA Y 510 21.16 23.02 -16.49
C ALA Y 510 20.28 23.64 -17.57
N GLY Y 511 19.32 22.87 -18.06
CA GLY Y 511 18.35 23.38 -19.01
C GLY Y 511 18.78 23.16 -20.46
N MET Y 512 17.92 23.63 -21.36
CA MET Y 512 18.14 23.41 -22.78
C MET Y 512 18.11 24.67 -23.64
N ARG Y 513 18.19 25.85 -23.07
CA ARG Y 513 18.45 27.05 -23.86
C ARG Y 513 19.63 27.80 -23.25
N ALA Z 2 27.87 -7.88 2.41
CA ALA Z 2 28.43 -6.54 2.24
C ALA Z 2 29.95 -6.60 2.05
N LEU Z 3 30.39 -7.48 1.15
CA LEU Z 3 31.81 -7.66 0.88
C LEU Z 3 31.96 -8.00 -0.59
N GLU Z 4 32.57 -7.11 -1.35
CA GLU Z 4 32.76 -7.35 -2.78
C GLU Z 4 34.06 -8.10 -3.03
N ARG Z 5 34.08 -8.85 -4.13
CA ARG Z 5 35.24 -9.68 -4.45
C ARG Z 5 35.59 -9.50 -5.93
N GLN Z 6 36.89 -9.42 -6.20
CA GLN Z 6 37.40 -9.34 -7.57
C GLN Z 6 38.50 -10.36 -7.75
N GLU Z 7 38.38 -11.20 -8.77
CA GLU Z 7 39.30 -12.31 -8.98
C GLU Z 7 40.20 -12.03 -10.18
N VAL Z 8 41.50 -12.21 -10.00
CA VAL Z 8 42.48 -12.09 -11.07
C VAL Z 8 43.02 -13.49 -11.34
N LYS Z 9 42.86 -13.95 -12.58
CA LYS Z 9 43.17 -15.31 -12.98
C LYS Z 9 44.32 -15.32 -13.96
N ASN Z 10 45.36 -16.09 -13.65
CA ASN Z 10 46.51 -16.33 -14.50
C ASN Z 10 47.16 -15.03 -15.00
N PRO Z 11 47.76 -14.24 -14.11
CA PRO Z 11 48.53 -13.08 -14.58
C PRO Z 11 49.94 -13.50 -14.94
N THR Z 12 50.31 -13.33 -16.21
CA THR Z 12 51.60 -13.76 -16.70
C THR Z 12 52.23 -12.65 -17.52
N GLY Z 13 53.55 -12.56 -17.46
CA GLY Z 13 54.29 -11.60 -18.26
C GLY Z 13 54.56 -10.32 -17.50
N ILE Z 14 55.63 -9.63 -17.89
CA ILE Z 14 56.01 -8.34 -17.32
C ILE Z 14 56.03 -7.32 -18.44
N VAL Z 15 55.31 -6.21 -18.24
CA VAL Z 15 55.24 -5.13 -19.22
C VAL Z 15 55.63 -3.84 -18.51
N THR Z 16 56.64 -3.15 -19.05
CA THR Z 16 57.11 -1.89 -18.47
C THR Z 16 56.93 -0.70 -19.38
N ASP Z 17 56.69 -0.90 -20.67
CA ASP Z 17 56.55 0.21 -21.60
C ASP Z 17 55.22 0.93 -21.43
N ILE Z 18 54.13 0.19 -21.27
CA ILE Z 18 52.82 0.79 -21.05
C ILE Z 18 52.69 1.19 -19.59
N ALA Z 19 52.06 2.33 -19.34
CA ALA Z 19 51.88 2.79 -17.97
C ALA Z 19 51.09 1.76 -17.17
N PRO Z 20 51.47 1.53 -15.91
CA PRO Z 20 50.81 0.45 -15.14
C PRO Z 20 49.32 0.65 -14.98
N ALA Z 21 48.81 1.88 -15.01
CA ALA Z 21 47.38 2.10 -14.89
C ALA Z 21 46.61 1.65 -16.12
N ASP Z 22 47.29 1.42 -17.25
CA ASP Z 22 46.62 1.01 -18.48
C ASP Z 22 46.74 -0.47 -18.79
N LEU Z 23 47.52 -1.21 -18.01
CA LEU Z 23 47.68 -2.63 -18.28
C LEU Z 23 46.38 -3.38 -17.98
N PRO Z 24 46.14 -4.51 -18.66
CA PRO Z 24 45.03 -5.37 -18.27
C PRO Z 24 45.27 -5.95 -16.88
N LEU Z 25 44.19 -6.45 -16.28
CA LEU Z 25 44.27 -6.95 -14.92
C LEU Z 25 45.18 -8.17 -14.80
N GLU Z 26 45.50 -8.83 -15.91
CA GLU Z 26 46.28 -10.07 -15.89
C GLU Z 26 47.72 -9.85 -16.32
N LYS Z 27 48.33 -8.74 -15.93
CA LYS Z 27 49.72 -8.46 -16.27
C LYS Z 27 50.43 -7.91 -15.05
N TRP Z 28 51.75 -8.09 -15.02
CA TRP Z 28 52.58 -7.63 -13.92
C TRP Z 28 53.37 -6.40 -14.35
N SER Z 29 53.36 -5.36 -13.52
CA SER Z 29 54.11 -4.16 -13.82
C SER Z 29 55.60 -4.32 -13.58
N PHE Z 30 55.99 -5.18 -12.65
CA PHE Z 30 57.42 -5.39 -12.37
C PHE Z 30 57.61 -6.77 -11.79
N GLY Z 31 58.82 -7.28 -11.90
CA GLY Z 31 59.11 -8.59 -11.36
C GLY Z 31 60.58 -8.91 -11.45
N ASN Z 32 60.96 -10.01 -10.80
CA ASN Z 32 62.35 -10.44 -10.80
C ASN Z 32 62.44 -11.88 -10.32
N ASN Z 33 63.24 -12.67 -11.04
CA ASN Z 33 63.55 -14.06 -10.69
C ASN Z 33 62.31 -14.94 -10.70
N VAL Z 34 61.57 -14.87 -11.81
CA VAL Z 34 60.36 -15.67 -11.99
C VAL Z 34 60.31 -16.20 -13.41
N ARG Z 35 59.54 -17.28 -13.59
CA ARG Z 35 59.27 -17.83 -14.91
C ARG Z 35 57.77 -17.93 -15.11
N PHE Z 36 57.34 -17.80 -16.36
CA PHE Z 36 55.93 -17.91 -16.72
C PHE Z 36 55.75 -19.09 -17.66
N LYS Z 37 54.88 -20.01 -17.29
CA LYS Z 37 54.68 -21.22 -18.09
C LYS Z 37 53.30 -21.79 -17.78
N ASN Z 38 52.55 -22.09 -18.84
CA ASN Z 38 51.22 -22.70 -18.73
C ASN Z 38 50.29 -21.88 -17.84
N GLY Z 39 50.41 -20.56 -17.92
CA GLY Z 39 49.57 -19.70 -17.11
C GLY Z 39 49.95 -19.62 -15.65
N LYS Z 40 51.10 -20.15 -15.26
CA LYS Z 40 51.54 -20.14 -13.88
C LYS Z 40 52.87 -19.42 -13.76
N ALA Z 41 53.06 -18.74 -12.64
CA ALA Z 41 54.33 -18.10 -12.32
C ALA Z 41 55.07 -18.96 -11.30
N GLN Z 42 56.30 -19.32 -11.62
CA GLN Z 42 57.09 -20.23 -10.80
C GLN Z 42 58.45 -19.64 -10.50
N LYS Z 43 59.10 -20.22 -9.50
CA LYS Z 43 60.44 -19.80 -9.13
C LYS Z 43 61.42 -20.08 -10.26
N ALA Z 44 62.36 -19.16 -10.47
CA ALA Z 44 63.35 -19.31 -11.52
C ALA Z 44 64.27 -20.49 -11.23
N LEU Z 45 64.85 -21.04 -12.30
CA LEU Z 45 65.68 -22.22 -12.18
C LEU Z 45 66.96 -21.91 -11.41
N GLY Z 46 67.48 -22.94 -10.74
CA GLY Z 46 68.71 -22.81 -9.99
C GLY Z 46 69.87 -23.58 -10.61
N HIS Z 47 71.09 -23.20 -10.27
CA HIS Z 47 72.29 -23.77 -10.87
C HIS Z 47 73.09 -24.54 -9.84
N THR Z 48 73.68 -25.65 -10.28
CA THR Z 48 74.53 -26.52 -9.47
C THR Z 48 75.88 -26.69 -10.14
N PRO Z 49 76.98 -26.64 -9.40
CA PRO Z 49 78.29 -26.82 -10.01
C PRO Z 49 78.41 -28.17 -10.71
N ILE Z 50 79.04 -28.16 -11.88
CA ILE Z 50 79.22 -29.36 -12.69
C ILE Z 50 80.65 -29.37 -13.22
N PHE Z 51 81.11 -30.58 -13.56
CA PHE Z 51 82.47 -30.79 -14.07
C PHE Z 51 83.50 -30.18 -13.14
N ASP Z 52 83.34 -30.42 -11.84
CA ASP Z 52 84.24 -29.85 -10.86
C ASP Z 52 85.50 -30.68 -10.74
N THR Z 53 86.15 -30.94 -11.87
CA THR Z 53 87.43 -31.64 -11.89
C THR Z 53 88.35 -31.15 -12.99
N ALA Z 54 87.97 -30.15 -13.77
CA ALA Z 54 88.75 -29.65 -14.89
C ALA Z 54 89.45 -28.36 -14.51
N GLN Z 55 90.69 -28.21 -14.96
CA GLN Z 55 91.49 -27.03 -14.68
C GLN Z 55 91.36 -26.02 -15.80
N ALA Z 56 91.80 -24.78 -15.52
CA ALA Z 56 91.82 -23.66 -16.45
C ALA Z 56 90.42 -23.20 -16.82
N PRO Z 57 90.23 -21.92 -17.10
CA PRO Z 57 88.91 -21.45 -17.51
C PRO Z 57 88.52 -21.99 -18.88
N ILE Z 58 87.22 -22.11 -19.10
CA ILE Z 58 86.67 -22.64 -20.35
C ILE Z 58 85.97 -21.50 -21.08
N LEU Z 59 86.24 -21.38 -22.38
CA LEU Z 59 85.65 -20.32 -23.19
C LEU Z 59 84.32 -20.75 -23.81
N ASP Z 60 84.33 -21.80 -24.62
CA ASP Z 60 83.14 -22.25 -25.32
C ASP Z 60 82.98 -23.76 -25.13
N MET Z 61 81.73 -24.22 -25.21
CA MET Z 61 81.40 -25.62 -24.99
C MET Z 61 80.51 -26.11 -26.12
N PHE Z 62 80.70 -27.37 -26.49
CA PHE Z 62 79.90 -27.95 -27.57
C PHE Z 62 79.59 -29.41 -27.29
N PRO Z 63 78.32 -29.78 -27.17
CA PRO Z 63 77.97 -31.18 -26.94
C PRO Z 63 77.78 -31.94 -28.25
N PHE Z 64 78.04 -33.24 -28.17
CA PHE Z 64 77.80 -34.14 -29.31
C PHE Z 64 77.74 -35.56 -28.78
N ILE Z 65 77.56 -36.50 -29.69
CA ILE Z 65 77.46 -37.92 -29.35
C ILE Z 65 78.49 -38.68 -30.17
N ARG Z 66 79.31 -39.49 -29.50
CA ARG Z 66 80.27 -40.35 -30.18
C ARG Z 66 80.27 -41.71 -29.52
N ASN Z 67 80.29 -42.75 -30.35
CA ASN Z 67 80.27 -44.14 -29.87
C ASN Z 67 79.09 -44.37 -28.93
N ASN Z 68 77.94 -43.81 -29.29
CA ASN Z 68 76.70 -43.93 -28.52
C ASN Z 68 76.86 -43.40 -27.11
N ILE Z 69 77.72 -42.40 -26.92
CA ILE Z 69 77.96 -41.81 -25.60
C ILE Z 69 78.04 -40.30 -25.74
N PRO Z 70 77.37 -39.54 -24.89
CA PRO Z 70 77.49 -38.08 -24.94
C PRO Z 70 78.91 -37.64 -24.60
N TYR Z 71 79.34 -36.55 -25.24
CA TYR Z 71 80.66 -36.00 -25.02
C TYR Z 71 80.59 -34.49 -25.19
N TRP Z 72 81.16 -33.77 -24.23
CA TRP Z 72 81.21 -32.31 -24.27
C TRP Z 72 82.64 -31.88 -24.59
N LEU Z 73 82.80 -31.14 -25.68
CA LEU Z 73 84.08 -30.59 -26.07
C LEU Z 73 84.17 -29.20 -25.46
N LEU Z 74 85.12 -29.01 -24.54
CA LEU Z 74 85.30 -27.75 -23.84
C LEU Z 74 86.53 -27.05 -24.39
N CYS Z 75 86.33 -25.88 -24.98
CA CYS Z 75 87.44 -25.09 -25.47
C CYS Z 75 87.96 -24.18 -24.37
N GLY Z 76 89.29 -24.14 -24.25
CA GLY Z 76 89.95 -23.29 -23.27
C GLY Z 76 90.71 -22.17 -23.94
N GLU Z 77 91.40 -21.40 -23.10
CA GLU Z 77 92.21 -20.30 -23.61
C GLU Z 77 93.38 -20.82 -24.43
N GLN Z 78 93.94 -21.97 -24.06
CA GLN Z 78 95.10 -22.51 -24.73
C GLN Z 78 95.02 -23.99 -25.05
N ARG Z 79 94.05 -24.73 -24.50
CA ARG Z 79 93.98 -26.17 -24.69
C ARG Z 79 92.51 -26.61 -24.75
N MET Z 80 92.28 -27.71 -25.45
CA MET Z 80 90.97 -28.34 -25.50
C MET Z 80 90.84 -29.39 -24.41
N TYR Z 81 89.60 -29.74 -24.11
CA TYR Z 81 89.31 -30.84 -23.19
C TYR Z 81 88.06 -31.56 -23.65
N LEU Z 82 87.95 -32.83 -23.29
CA LEU Z 82 86.77 -33.64 -23.60
C LEU Z 82 86.25 -34.24 -22.32
N ALA Z 83 84.95 -34.10 -22.09
CA ALA Z 83 84.34 -34.55 -20.84
C ALA Z 83 83.18 -35.49 -21.15
N ASP Z 84 83.01 -36.48 -20.27
CA ASP Z 84 81.93 -37.45 -20.39
C ASP Z 84 81.09 -37.54 -19.13
N GLY Z 85 81.27 -36.61 -18.19
CA GLY Z 85 80.57 -36.65 -16.92
C GLY Z 85 81.35 -37.31 -15.80
N THR Z 86 82.43 -38.00 -16.11
CA THR Z 86 83.28 -38.65 -15.10
C THR Z 86 84.70 -38.12 -15.11
N THR Z 87 85.32 -38.03 -16.29
CA THR Z 87 86.72 -37.64 -16.41
C THR Z 87 86.87 -36.58 -17.49
N VAL Z 88 87.93 -35.79 -17.37
CA VAL Z 88 88.28 -34.77 -18.35
C VAL Z 88 89.60 -35.16 -18.97
N VAL Z 89 89.64 -35.22 -20.30
CA VAL Z 89 90.81 -35.69 -21.04
C VAL Z 89 91.29 -34.58 -21.96
N ASP Z 90 92.57 -34.23 -21.86
CA ASP Z 90 93.14 -33.25 -22.77
C ASP Z 90 93.32 -33.87 -24.15
N VAL Z 91 92.90 -33.15 -25.18
CA VAL Z 91 93.01 -33.63 -26.55
C VAL Z 91 93.64 -32.57 -27.44
N SER Z 92 94.17 -31.52 -26.83
CA SER Z 92 94.77 -30.46 -27.62
C SER Z 92 96.11 -30.92 -28.20
N PRO Z 93 96.39 -30.58 -29.46
CA PRO Z 93 97.69 -30.96 -30.05
C PRO Z 93 98.84 -30.16 -29.45
N GLY Z 94 98.65 -28.85 -29.33
CA GLY Z 94 99.67 -27.98 -28.80
C GLY Z 94 99.10 -26.84 -27.98
N GLY Z 95 99.56 -25.62 -28.25
CA GLY Z 95 99.07 -24.46 -27.52
C GLY Z 95 98.37 -23.45 -28.39
N HIS Z 96 97.08 -23.28 -28.19
CA HIS Z 96 96.32 -22.32 -28.96
C HIS Z 96 96.48 -20.91 -28.38
N SER Z 97 96.02 -19.92 -29.12
CA SER Z 97 96.11 -18.52 -28.74
C SER Z 97 94.74 -17.88 -28.64
N ALA Z 98 93.77 -18.62 -28.07
CA ALA Z 98 92.43 -18.10 -27.92
C ALA Z 98 92.37 -17.06 -26.81
N SER Z 99 91.34 -16.22 -26.87
CA SER Z 99 91.11 -15.19 -25.87
C SER Z 99 89.65 -14.80 -25.91
N VAL Z 100 89.26 -13.82 -25.09
CA VAL Z 100 87.88 -13.36 -25.09
C VAL Z 100 87.53 -12.59 -26.35
N THR Z 101 88.53 -12.12 -27.10
CA THR Z 101 88.31 -11.46 -28.37
C THR Z 101 88.47 -12.39 -29.56
N SER Z 102 88.78 -13.67 -29.33
CA SER Z 102 88.92 -14.67 -30.38
C SER Z 102 88.19 -15.92 -29.89
N ARG Z 103 86.89 -15.99 -30.19
CA ARG Z 103 86.05 -17.08 -29.71
C ARG Z 103 86.12 -18.27 -30.66
N TRP Z 104 85.57 -19.39 -30.22
CA TRP Z 104 85.64 -20.64 -30.96
C TRP Z 104 84.35 -20.92 -31.71
N SER Z 105 84.50 -21.39 -32.94
CA SER Z 105 83.41 -21.96 -33.71
C SER Z 105 83.72 -23.42 -33.96
N SER Z 106 82.68 -24.25 -34.05
CA SER Z 106 82.90 -25.67 -34.24
C SER Z 106 81.66 -26.30 -34.83
N GLY Z 107 81.83 -27.53 -35.30
CA GLY Z 107 80.72 -28.26 -35.87
C GLY Z 107 81.16 -29.62 -36.35
N SER Z 108 80.26 -30.28 -37.08
CA SER Z 108 80.53 -31.60 -37.63
C SER Z 108 80.39 -31.57 -39.14
N PHE Z 109 81.20 -32.38 -39.81
CA PHE Z 109 81.17 -32.47 -41.27
C PHE Z 109 81.73 -33.83 -41.66
N ASN Z 110 80.90 -34.65 -42.30
CA ASN Z 110 81.32 -35.97 -42.79
C ASN Z 110 81.87 -36.82 -41.65
N GLY Z 111 81.27 -36.70 -40.47
CA GLY Z 111 81.72 -37.44 -39.31
C GLY Z 111 82.98 -36.93 -38.67
N VAL Z 112 83.49 -35.78 -39.11
CA VAL Z 112 84.72 -35.19 -38.58
C VAL Z 112 84.33 -33.92 -37.83
N ILE Z 113 84.82 -33.78 -36.60
CA ILE Z 113 84.48 -32.64 -35.77
C ILE Z 113 85.54 -31.56 -35.96
N PHE Z 114 85.13 -30.39 -36.45
CA PHE Z 114 86.05 -29.31 -36.72
C PHE Z 114 85.85 -28.18 -35.72
N ALA Z 115 86.97 -27.53 -35.37
CA ALA Z 115 86.98 -26.37 -34.49
C ALA Z 115 87.93 -25.33 -35.06
N ASN Z 116 87.67 -24.06 -34.74
CA ASN Z 116 88.43 -22.97 -35.32
C ASN Z 116 88.30 -21.74 -34.45
N ASN Z 117 89.38 -20.96 -34.38
CA ASN Z 117 89.37 -19.65 -33.74
C ASN Z 117 90.12 -18.68 -34.65
N PRO Z 118 89.83 -17.39 -34.57
CA PRO Z 118 90.38 -16.43 -35.54
C PRO Z 118 91.88 -16.19 -35.40
N SER Z 119 92.59 -16.90 -34.52
CA SER Z 119 94.03 -16.69 -34.35
C SER Z 119 94.84 -17.94 -34.63
N ASN Z 120 94.20 -19.00 -35.15
CA ASN Z 120 94.90 -20.24 -35.43
C ASN Z 120 94.29 -20.89 -36.68
N TYR Z 121 95.05 -21.80 -37.27
CA TYR Z 121 94.53 -22.59 -38.35
C TYR Z 121 93.48 -23.58 -37.82
N PRO Z 122 92.48 -23.91 -38.63
CA PRO Z 122 91.43 -24.81 -38.16
C PRO Z 122 91.97 -26.18 -37.78
N TYR Z 123 91.37 -26.78 -36.77
CA TYR Z 123 91.72 -28.11 -36.31
C TYR Z 123 90.56 -29.07 -36.53
N VAL Z 124 90.88 -30.33 -36.77
CA VAL Z 124 89.86 -31.36 -37.00
C VAL Z 124 90.15 -32.56 -36.12
N LEU Z 125 89.10 -33.34 -35.87
CA LEU Z 125 89.18 -34.58 -35.12
C LEU Z 125 88.41 -35.64 -35.89
N MET Z 126 89.10 -36.70 -36.28
CA MET Z 126 88.55 -37.83 -37.00
C MET Z 126 88.06 -38.90 -36.04
N PRO Z 127 87.12 -39.74 -36.46
CA PRO Z 127 86.64 -40.81 -35.57
C PRO Z 127 87.72 -41.80 -35.18
N GLN Z 128 88.79 -41.92 -35.97
CA GLN Z 128 89.82 -42.90 -35.66
C GLN Z 128 90.81 -42.37 -34.64
N ASN Z 129 91.24 -41.12 -34.78
CA ASN Z 129 92.26 -40.56 -33.91
C ASN Z 129 91.65 -40.15 -32.57
N SER Z 130 92.54 -39.90 -31.60
CA SER Z 130 92.13 -39.47 -30.27
C SER Z 130 92.61 -38.06 -29.96
N GLY Z 131 92.99 -37.30 -30.97
CA GLY Z 131 93.45 -35.94 -30.78
C GLY Z 131 93.09 -35.09 -31.98
N PHE Z 132 93.38 -33.81 -31.88
CA PHE Z 132 93.09 -32.88 -32.95
C PHE Z 132 94.29 -32.72 -33.88
N ILE Z 133 94.01 -32.36 -35.12
CA ILE Z 133 95.03 -32.23 -36.16
C ILE Z 133 94.72 -30.97 -36.97
N PRO Z 134 95.72 -30.18 -37.36
CA PRO Z 134 95.45 -29.05 -38.24
C PRO Z 134 94.83 -29.51 -39.57
N MET Z 135 93.94 -28.68 -40.09
CA MET Z 135 93.18 -29.06 -41.27
C MET Z 135 94.11 -29.20 -42.49
N PRO Z 136 94.02 -30.31 -43.21
CA PRO Z 136 94.79 -30.43 -44.45
C PRO Z 136 94.26 -29.49 -45.51
N ASN Z 137 95.14 -29.13 -46.45
CA ASN Z 137 94.85 -28.30 -47.61
C ASN Z 137 94.45 -26.88 -47.24
N TRP Z 138 94.51 -26.49 -45.98
CA TRP Z 138 94.16 -25.13 -45.60
C TRP Z 138 95.21 -24.17 -46.13
N PRO Z 139 94.80 -23.09 -46.80
CA PRO Z 139 95.79 -22.14 -47.32
C PRO Z 139 96.57 -21.47 -46.21
N ALA Z 140 97.83 -21.19 -46.50
CA ALA Z 140 98.72 -20.59 -45.50
C ALA Z 140 98.43 -19.11 -45.34
N ASN Z 141 98.67 -18.61 -44.12
CA ASN Z 141 98.48 -17.20 -43.78
C ASN Z 141 97.03 -16.75 -43.95
N THR Z 142 96.09 -17.66 -43.70
CA THR Z 142 94.66 -17.36 -43.77
C THR Z 142 94.00 -17.72 -42.45
N PHE Z 143 93.16 -16.82 -41.96
CA PHE Z 143 92.37 -17.06 -40.76
C PHE Z 143 90.93 -16.67 -41.01
N ALA Z 144 90.00 -17.43 -40.45
CA ALA Z 144 88.58 -17.22 -40.66
C ALA Z 144 87.92 -16.83 -39.35
N LYS Z 145 87.24 -15.68 -39.34
CA LYS Z 145 86.50 -15.27 -38.15
C LYS Z 145 85.39 -16.24 -37.84
N ARG Z 146 84.65 -16.69 -38.85
CA ARG Z 146 83.61 -17.69 -38.64
C ARG Z 146 83.75 -18.80 -39.65
N MET Z 147 83.53 -20.04 -39.19
CA MET Z 147 83.59 -21.20 -40.07
C MET Z 147 82.41 -22.11 -39.77
N LYS Z 148 81.65 -22.45 -40.81
CA LYS Z 148 80.45 -23.27 -40.66
C LYS Z 148 80.43 -24.33 -41.75
N SER Z 149 79.46 -25.24 -41.65
CA SER Z 149 79.29 -26.31 -42.62
C SER Z 149 77.88 -26.24 -43.20
N PHE Z 150 77.78 -26.29 -44.52
CA PHE Z 150 76.49 -26.20 -45.20
C PHE Z 150 76.46 -27.25 -46.30
N LYS Z 151 75.51 -28.18 -46.21
CA LYS Z 151 75.36 -29.27 -47.18
C LYS Z 151 76.66 -30.06 -47.29
N ASN Z 152 77.32 -29.97 -48.45
CA ASN Z 152 78.56 -30.68 -48.69
C ASN Z 152 79.75 -29.71 -48.82
N PHE Z 153 79.67 -28.57 -48.15
CA PHE Z 153 80.71 -27.56 -48.24
C PHE Z 153 81.01 -27.00 -46.85
N MET Z 154 82.20 -26.44 -46.70
CA MET Z 154 82.53 -25.58 -45.57
C MET Z 154 82.58 -24.13 -46.03
N ILE Z 155 82.21 -23.23 -45.13
CA ILE Z 155 82.03 -21.82 -45.43
C ILE Z 155 82.84 -21.02 -44.42
N ALA Z 156 83.62 -20.06 -44.92
CA ALA Z 156 84.41 -19.16 -44.10
C ALA Z 156 83.93 -17.74 -44.32
N LEU Z 157 83.78 -17.00 -43.22
CA LEU Z 157 83.23 -15.65 -43.25
C LEU Z 157 84.12 -14.71 -42.45
N ASN Z 158 84.28 -13.49 -42.96
CA ASN Z 158 85.08 -12.43 -42.35
C ASN Z 158 86.55 -12.87 -42.20
N VAL Z 159 87.19 -13.04 -43.36
CA VAL Z 159 88.46 -13.74 -43.42
C VAL Z 159 89.60 -12.74 -43.49
N THR Z 160 90.78 -13.15 -43.04
CA THR Z 160 91.99 -12.37 -43.19
C THR Z 160 93.04 -13.23 -43.88
N GLN Z 161 93.84 -12.60 -44.74
CA GLN Z 161 94.79 -13.32 -45.56
C GLN Z 161 95.99 -12.44 -45.83
N ASN Z 162 97.19 -12.99 -45.67
CA ASN Z 162 98.44 -12.28 -45.97
C ASN Z 162 98.48 -10.92 -45.29
N SER Z 163 98.06 -10.89 -44.03
CA SER Z 163 98.09 -9.70 -43.18
C SER Z 163 97.22 -8.57 -43.70
N VAL Z 164 96.24 -8.85 -44.56
CA VAL Z 164 95.21 -7.89 -44.91
C VAL Z 164 93.85 -8.51 -44.60
N GLU Z 165 92.99 -7.75 -43.94
CA GLU Z 165 91.69 -8.22 -43.51
C GLU Z 165 90.65 -7.94 -44.59
N MET Z 166 89.93 -8.98 -45.00
CA MET Z 166 88.84 -8.86 -45.95
C MET Z 166 87.57 -9.41 -45.30
N PRO Z 167 86.74 -8.55 -44.73
CA PRO Z 167 85.61 -8.98 -43.89
C PRO Z 167 84.27 -9.07 -44.59
N GLN Z 168 84.15 -8.60 -45.82
CA GLN Z 168 82.86 -8.53 -46.49
C GLN Z 168 82.76 -9.54 -47.64
N MET Z 169 83.36 -10.71 -47.49
CA MET Z 169 83.14 -11.76 -48.49
C MET Z 169 83.11 -13.12 -47.82
N VAL Z 170 82.47 -14.06 -48.51
CA VAL Z 170 82.27 -15.43 -48.07
C VAL Z 170 83.06 -16.35 -48.99
N TRP Z 171 83.71 -17.35 -48.40
CA TRP Z 171 84.58 -18.27 -49.12
C TRP Z 171 84.08 -19.69 -48.91
N TRP Z 172 83.78 -20.40 -50.01
CA TRP Z 172 83.33 -21.77 -49.93
C TRP Z 172 84.32 -22.70 -50.63
N SER Z 173 84.54 -23.87 -50.05
CA SER Z 173 85.49 -24.83 -50.58
C SER Z 173 84.82 -25.73 -51.60
N THR Z 174 85.54 -26.74 -52.07
CA THR Z 174 84.97 -27.71 -53.00
C THR Z 174 84.04 -28.66 -52.28
N SER Z 175 83.13 -29.26 -53.03
CA SER Z 175 82.20 -30.23 -52.47
C SER Z 175 82.95 -31.48 -52.04
N ALA Z 176 82.40 -32.14 -51.02
CA ALA Z 176 82.99 -33.35 -50.47
C ALA Z 176 82.17 -34.56 -50.89
N ASP Z 177 82.85 -35.59 -51.37
CA ASP Z 177 82.21 -36.82 -51.82
C ASP Z 177 82.38 -37.92 -50.79
N ALA Z 178 81.30 -38.66 -50.54
CA ALA Z 178 81.30 -39.79 -49.62
C ALA Z 178 81.67 -39.35 -48.20
N GLY Z 179 82.90 -38.91 -48.01
CA GLY Z 179 83.33 -38.48 -46.69
C GLY Z 179 84.63 -37.71 -46.78
N GLY Z 180 85.24 -37.50 -45.61
CA GLY Z 180 86.49 -36.80 -45.53
C GLY Z 180 86.32 -35.30 -45.57
N ILE Z 181 87.45 -34.61 -45.63
CA ILE Z 181 87.49 -33.15 -45.65
C ILE Z 181 87.64 -32.68 -47.10
N PRO Z 182 87.24 -31.45 -47.42
CA PRO Z 182 87.42 -30.95 -48.80
C PRO Z 182 88.88 -31.00 -49.22
N VAL Z 183 89.10 -31.36 -50.48
CA VAL Z 183 90.46 -31.56 -50.97
C VAL Z 183 91.14 -30.26 -51.37
N SER Z 184 90.40 -29.17 -51.51
CA SER Z 184 91.00 -27.92 -51.97
C SER Z 184 90.17 -26.74 -51.51
N TRP Z 185 90.77 -25.56 -51.56
CA TRP Z 185 90.10 -24.31 -51.26
C TRP Z 185 90.37 -23.24 -52.31
N ASP Z 186 91.10 -23.55 -53.36
CA ASP Z 186 91.49 -22.54 -54.34
C ASP Z 186 90.29 -22.13 -55.18
N PRO Z 187 89.92 -20.85 -55.19
CA PRO Z 187 88.79 -20.42 -56.03
C PRO Z 187 89.21 -20.19 -57.48
N THR Z 188 90.49 -19.92 -57.70
CA THR Z 188 90.96 -19.58 -59.04
C THR Z 188 90.88 -20.77 -59.99
N ASP Z 189 90.91 -21.98 -59.45
CA ASP Z 189 90.85 -23.17 -60.30
C ASP Z 189 89.44 -23.30 -60.88
N PRO Z 190 89.28 -23.28 -62.21
CA PRO Z 190 87.95 -23.40 -62.80
C PRO Z 190 87.45 -24.82 -62.97
N THR Z 191 88.25 -25.82 -62.62
CA THR Z 191 87.83 -27.22 -62.71
C THR Z 191 87.17 -27.72 -61.42
N LYS Z 192 87.14 -26.91 -60.38
CA LYS Z 192 86.51 -27.27 -59.11
C LYS Z 192 85.41 -26.26 -58.79
N ASP Z 193 84.71 -26.52 -57.69
CA ASP Z 193 83.54 -25.73 -57.32
C ASP Z 193 83.80 -24.78 -56.15
N ALA Z 194 85.04 -24.67 -55.69
CA ALA Z 194 85.36 -23.69 -54.66
C ALA Z 194 85.28 -22.28 -55.24
N GLY Z 195 84.91 -21.33 -54.39
CA GLY Z 195 84.75 -19.98 -54.89
C GLY Z 195 84.60 -18.98 -53.76
N GLN Z 196 84.47 -17.71 -54.16
CA GLN Z 196 84.33 -16.60 -53.23
C GLN Z 196 83.30 -15.62 -53.78
N ASN Z 197 82.62 -14.93 -52.88
CA ASN Z 197 81.73 -13.86 -53.30
C ASN Z 197 81.67 -12.78 -52.23
N THR Z 198 81.62 -11.53 -52.65
CA THR Z 198 81.69 -10.40 -51.74
C THR Z 198 80.35 -9.70 -51.66
N LEU Z 199 79.85 -9.54 -50.44
CA LEU Z 199 78.61 -8.80 -50.19
C LEU Z 199 78.92 -7.37 -49.77
N ALA Z 200 79.52 -6.63 -50.69
CA ALA Z 200 80.05 -5.29 -50.39
C ALA Z 200 79.18 -4.25 -51.07
N ASP Z 201 78.13 -3.83 -50.37
CA ASP Z 201 77.35 -2.67 -50.78
C ASP Z 201 76.92 -1.84 -49.58
N THR Z 202 77.36 -2.19 -48.38
CA THR Z 202 77.06 -1.44 -47.17
C THR Z 202 78.26 -1.55 -46.25
N ASN Z 203 78.44 -0.55 -45.39
CA ASN Z 203 79.63 -0.49 -44.55
C ASN Z 203 79.71 -1.62 -43.54
N GLY Z 204 78.62 -2.36 -43.31
CA GLY Z 204 78.64 -3.43 -42.35
C GLY Z 204 79.46 -4.62 -42.81
N ALA Z 205 79.69 -5.54 -41.88
CA ALA Z 205 80.47 -6.74 -42.13
C ALA Z 205 79.72 -7.96 -41.61
N ILE Z 206 80.01 -9.12 -42.20
CA ILE Z 206 79.37 -10.35 -41.77
C ILE Z 206 79.74 -10.65 -40.33
N VAL Z 207 78.74 -11.02 -39.53
CA VAL Z 207 78.95 -11.30 -38.13
C VAL Z 207 78.66 -12.77 -37.86
N ASP Z 208 77.72 -13.35 -38.59
CA ASP Z 208 77.32 -14.73 -38.33
C ASP Z 208 76.53 -15.26 -39.52
N GLY Z 209 76.39 -16.58 -39.55
CA GLY Z 209 75.59 -17.27 -40.55
C GLY Z 209 74.92 -18.50 -39.95
N VAL Z 210 73.60 -18.62 -40.15
CA VAL Z 210 72.81 -19.67 -39.52
C VAL Z 210 71.93 -20.32 -40.57
N LYS Z 211 71.77 -21.63 -40.49
CA LYS Z 211 70.88 -22.33 -41.39
C LYS Z 211 69.42 -22.00 -41.07
N LEU Z 212 68.58 -22.12 -42.09
CA LEU Z 212 67.13 -21.92 -41.93
C LEU Z 212 66.44 -22.69 -43.04
N ARG Z 213 65.71 -23.74 -42.67
CA ARG Z 213 65.07 -24.63 -43.63
C ARG Z 213 66.08 -25.13 -44.65
N ASP Z 214 65.99 -24.65 -45.88
CA ASP Z 214 66.91 -25.04 -46.95
C ASP Z 214 67.71 -23.85 -47.45
N SER Z 215 68.19 -23.01 -46.54
CA SER Z 215 68.95 -21.83 -46.93
C SER Z 215 69.92 -21.47 -45.82
N PHE Z 216 70.89 -20.62 -46.16
CA PHE Z 216 71.90 -20.15 -45.22
C PHE Z 216 71.74 -18.63 -45.08
N ILE Z 217 71.23 -18.19 -43.95
CA ILE Z 217 71.02 -16.77 -43.70
C ILE Z 217 72.31 -16.18 -43.17
N ILE Z 218 72.77 -15.11 -43.81
CA ILE Z 218 74.00 -14.41 -43.44
C ILE Z 218 73.61 -13.07 -42.86
N TYR Z 219 74.05 -12.79 -41.63
CA TYR Z 219 73.71 -11.56 -40.93
C TYR Z 219 74.88 -10.61 -40.95
N LYS Z 220 74.69 -9.43 -41.50
CA LYS Z 220 75.66 -8.36 -41.44
C LYS Z 220 75.30 -7.47 -40.25
N GLU Z 221 76.06 -6.38 -40.08
CA GLU Z 221 75.77 -5.46 -38.99
C GLU Z 221 74.52 -4.63 -39.24
N ASP Z 222 74.10 -4.50 -40.49
CA ASP Z 222 72.94 -3.68 -40.82
C ASP Z 222 72.04 -4.27 -41.89
N SER Z 223 72.30 -5.48 -42.37
CA SER Z 223 71.48 -6.08 -43.42
C SER Z 223 71.53 -7.58 -43.28
N VAL Z 224 70.55 -8.25 -43.91
CA VAL Z 224 70.40 -9.69 -43.84
C VAL Z 224 70.29 -10.23 -45.26
N TYR Z 225 71.16 -11.18 -45.60
CA TYR Z 225 71.19 -11.82 -46.90
C TYR Z 225 70.88 -13.31 -46.78
N SER Z 226 70.57 -13.93 -47.91
CA SER Z 226 70.27 -15.35 -47.96
C SER Z 226 71.13 -16.03 -49.02
N MET Z 227 71.51 -17.27 -48.75
CA MET Z 227 72.32 -18.08 -49.64
C MET Z 227 71.57 -19.37 -49.93
N ARG Z 228 71.48 -19.73 -51.21
CA ARG Z 228 70.80 -20.95 -51.63
C ARG Z 228 71.69 -21.72 -52.60
N TYR Z 229 71.72 -23.04 -52.44
CA TYR Z 229 72.52 -23.91 -53.28
C TYR Z 229 71.70 -24.35 -54.50
N ILE Z 230 72.23 -24.09 -55.69
CA ILE Z 230 71.54 -24.40 -56.92
C ILE Z 230 72.38 -25.32 -57.79
N GLY Z 231 73.66 -25.49 -57.43
CA GLY Z 231 74.53 -26.29 -58.26
C GLY Z 231 74.80 -25.62 -59.59
N GLY Z 232 75.01 -26.45 -60.62
CA GLY Z 232 75.25 -25.90 -61.94
C GLY Z 232 76.60 -25.23 -62.04
N LEU Z 233 76.66 -24.15 -62.82
CA LEU Z 233 77.90 -23.44 -63.05
C LEU Z 233 78.20 -22.37 -62.01
N PHE Z 234 77.26 -22.10 -61.10
CA PHE Z 234 77.44 -21.07 -60.09
C PHE Z 234 77.31 -21.57 -58.67
N ILE Z 235 76.91 -22.83 -58.47
CA ILE Z 235 76.82 -23.46 -57.15
C ILE Z 235 75.82 -22.73 -56.26
N PHE Z 236 76.15 -21.51 -55.86
CA PHE Z 236 75.38 -20.78 -54.86
C PHE Z 236 74.73 -19.55 -55.48
N GLN Z 237 73.52 -19.25 -55.04
CA GLN Z 237 72.76 -18.08 -55.47
C GLN Z 237 72.54 -17.16 -54.29
N PHE Z 238 72.80 -15.87 -54.47
CA PHE Z 238 72.75 -14.89 -53.40
C PHE Z 238 71.53 -14.00 -53.56
N GLN Z 239 70.85 -13.73 -52.44
CA GLN Z 239 69.63 -12.96 -52.45
C GLN Z 239 69.56 -12.12 -51.19
N GLN Z 240 69.30 -10.82 -51.35
CA GLN Z 240 69.18 -9.93 -50.21
C GLN Z 240 67.78 -10.01 -49.62
N LEU Z 241 67.70 -10.00 -48.29
CA LEU Z 241 66.43 -10.11 -47.58
C LEU Z 241 66.03 -8.82 -46.90
N PHE Z 242 66.89 -8.26 -46.06
CA PHE Z 242 66.53 -7.07 -45.29
C PHE Z 242 67.66 -6.05 -45.34
N ASN Z 243 67.30 -4.77 -45.27
CA ASN Z 243 68.25 -3.68 -45.36
C ASN Z 243 68.20 -2.71 -44.19
N ASP Z 244 67.18 -2.78 -43.34
CA ASP Z 244 67.04 -1.82 -42.25
C ASP Z 244 67.59 -2.31 -40.92
N VAL Z 245 67.66 -3.63 -40.70
CA VAL Z 245 68.14 -4.19 -39.46
C VAL Z 245 69.22 -5.22 -39.75
N GLY Z 246 70.00 -5.52 -38.71
CA GLY Z 246 71.05 -6.51 -38.83
C GLY Z 246 71.12 -7.42 -37.63
N ILE Z 247 72.31 -7.57 -37.04
CA ILE Z 247 72.49 -8.36 -35.84
C ILE Z 247 73.41 -7.60 -34.89
N LEU Z 248 73.34 -7.95 -33.61
CA LEU Z 248 74.17 -7.30 -32.61
C LEU Z 248 75.57 -7.89 -32.55
N GLY Z 249 75.65 -9.22 -32.56
CA GLY Z 249 76.93 -9.90 -32.50
C GLY Z 249 76.79 -11.38 -32.78
N PRO Z 250 77.89 -12.11 -32.64
CA PRO Z 250 77.83 -13.56 -32.88
C PRO Z 250 76.96 -14.25 -31.84
N ASN Z 251 76.38 -15.39 -32.24
CA ASN Z 251 75.51 -16.19 -31.39
C ASN Z 251 74.30 -15.39 -30.92
N CYS Z 252 73.74 -14.58 -31.82
CA CYS Z 252 72.58 -13.75 -31.50
C CYS Z 252 71.43 -14.03 -32.46
N ALA Z 253 71.33 -15.27 -32.97
CA ALA Z 253 70.25 -15.65 -33.85
C ALA Z 253 70.01 -17.14 -33.73
N ILE Z 254 68.78 -17.52 -33.43
CA ILE Z 254 68.44 -18.92 -33.21
C ILE Z 254 67.26 -19.30 -34.11
N GLU Z 255 67.14 -20.59 -34.38
CA GLU Z 255 66.07 -21.13 -35.21
C GLU Z 255 65.09 -21.90 -34.35
N PHE Z 256 63.80 -21.70 -34.61
CA PHE Z 256 62.76 -22.39 -33.87
C PHE Z 256 61.49 -22.43 -34.71
N ASP Z 257 60.91 -23.62 -34.87
CA ASP Z 257 59.62 -23.80 -35.53
C ASP Z 257 59.60 -23.24 -36.95
N GLY Z 258 60.74 -23.29 -37.63
CA GLY Z 258 60.80 -22.76 -38.98
C GLY Z 258 60.94 -21.26 -39.07
N ASN Z 259 61.27 -20.59 -37.98
CA ASN Z 259 61.48 -19.15 -37.96
C ASN Z 259 62.82 -18.85 -37.31
N HIS Z 260 63.26 -17.60 -37.41
CA HIS Z 260 64.50 -17.14 -36.83
C HIS Z 260 64.20 -16.02 -35.85
N PHE Z 261 64.72 -16.18 -34.63
CA PHE Z 261 64.64 -15.18 -33.58
C PHE Z 261 66.00 -14.49 -33.52
N VAL Z 262 66.00 -13.17 -33.75
CA VAL Z 262 67.22 -12.40 -33.92
C VAL Z 262 67.20 -11.20 -32.99
N VAL Z 263 68.36 -10.89 -32.41
CA VAL Z 263 68.56 -9.69 -31.61
C VAL Z 263 69.39 -8.73 -32.45
N GLY Z 264 68.77 -7.62 -32.86
CA GLY Z 264 69.43 -6.64 -33.70
C GLY Z 264 69.91 -5.44 -32.92
N HIS Z 265 70.31 -4.41 -33.66
CA HIS Z 265 70.75 -3.15 -33.07
C HIS Z 265 69.53 -2.26 -32.87
N GLY Z 266 69.01 -2.23 -31.66
CA GLY Z 266 67.84 -1.44 -31.35
C GLY Z 266 66.51 -2.15 -31.51
N ASP Z 267 66.53 -3.44 -31.80
CA ASP Z 267 65.28 -4.18 -31.94
C ASP Z 267 65.55 -5.68 -31.81
N VAL Z 268 64.53 -6.40 -31.36
CA VAL Z 268 64.54 -7.86 -31.31
C VAL Z 268 63.36 -8.35 -32.11
N TYR Z 269 63.62 -9.14 -33.14
CA TYR Z 269 62.57 -9.48 -34.09
C TYR Z 269 62.59 -10.96 -34.42
N VAL Z 270 61.59 -11.37 -35.20
CA VAL Z 270 61.41 -12.74 -35.65
C VAL Z 270 61.01 -12.70 -37.12
N HIS Z 271 61.64 -13.54 -37.92
CA HIS Z 271 61.36 -13.55 -39.35
C HIS Z 271 61.43 -14.97 -39.90
N ASN Z 272 60.69 -15.21 -40.98
CA ASN Z 272 60.70 -16.50 -41.65
C ASN Z 272 61.34 -16.43 -43.03
N GLY Z 273 62.08 -15.36 -43.32
CA GLY Z 273 62.66 -15.15 -44.62
C GLY Z 273 61.76 -14.43 -45.59
N VAL Z 274 60.50 -14.19 -45.23
CA VAL Z 274 59.56 -13.47 -46.09
C VAL Z 274 58.98 -12.30 -45.31
N GLN Z 275 58.44 -12.58 -44.13
CA GLN Z 275 57.82 -11.57 -43.28
C GLN Z 275 58.63 -11.43 -41.99
N LYS Z 276 58.77 -10.18 -41.54
CA LYS Z 276 59.52 -9.85 -40.33
C LYS Z 276 58.63 -9.06 -39.39
N GLN Z 277 58.72 -9.37 -38.09
CA GLN Z 277 57.94 -8.62 -37.12
C GLN Z 277 58.66 -8.59 -35.78
N SER Z 278 58.47 -7.51 -35.04
CA SER Z 278 59.13 -7.33 -33.76
C SER Z 278 58.32 -7.98 -32.65
N VAL Z 279 59.02 -8.62 -31.72
CA VAL Z 279 58.38 -9.28 -30.58
C VAL Z 279 58.64 -8.58 -29.26
N ILE Z 280 59.59 -7.65 -29.21
CA ILE Z 280 59.89 -6.93 -27.98
C ILE Z 280 59.19 -5.58 -27.90
N ASP Z 281 58.55 -5.14 -28.99
CA ASP Z 281 57.95 -3.81 -29.00
C ASP Z 281 56.80 -3.73 -28.01
N ALA Z 282 56.72 -2.58 -27.34
CA ALA Z 282 55.64 -2.21 -26.43
C ALA Z 282 55.58 -3.08 -25.18
N GLN Z 283 56.56 -3.93 -24.93
CA GLN Z 283 56.58 -4.70 -23.69
C GLN Z 283 57.77 -4.36 -22.80
N VAL Z 284 59.00 -4.58 -23.26
CA VAL Z 284 60.17 -4.26 -22.44
C VAL Z 284 61.24 -3.56 -23.28
N ARG Z 285 60.83 -2.95 -24.39
CA ARG Z 285 61.81 -2.40 -25.32
C ARG Z 285 62.63 -1.28 -24.68
N LYS Z 286 61.95 -0.30 -24.09
CA LYS Z 286 62.64 0.82 -23.46
C LYS Z 286 63.51 0.35 -22.30
N PHE Z 287 62.98 -0.57 -21.49
CA PHE Z 287 63.76 -1.09 -20.37
C PHE Z 287 64.99 -1.82 -20.85
N PHE Z 288 64.85 -2.64 -21.90
CA PHE Z 288 65.98 -3.44 -22.35
C PHE Z 288 67.05 -2.56 -22.99
N PHE Z 289 66.67 -1.68 -23.90
CA PHE Z 289 67.69 -0.84 -24.55
C PHE Z 289 67.94 0.44 -23.76
N SER Z 290 68.08 0.28 -22.45
CA SER Z 290 68.63 1.30 -21.58
C SER Z 290 69.45 0.69 -20.46
N ASP Z 291 69.62 -0.63 -20.45
CA ASP Z 291 70.26 -1.34 -19.35
C ASP Z 291 71.57 -2.00 -19.75
N ILE Z 292 71.88 -2.08 -21.04
CA ILE Z 292 73.09 -2.74 -21.49
C ILE Z 292 74.29 -1.87 -21.14
N ASN Z 293 75.32 -2.51 -20.61
CA ASN Z 293 76.55 -1.80 -20.24
C ASN Z 293 77.20 -1.24 -21.49
N PRO Z 294 77.44 0.07 -21.59
CA PRO Z 294 78.05 0.62 -22.81
C PRO Z 294 79.41 0.04 -23.12
N ASP Z 295 80.20 -0.32 -22.11
CA ASP Z 295 81.53 -0.85 -22.33
C ASP Z 295 81.54 -2.35 -22.60
N ASN Z 296 80.40 -3.02 -22.54
CA ASN Z 296 80.37 -4.47 -22.70
C ASN Z 296 79.20 -4.93 -23.56
N TYR Z 297 78.78 -4.11 -24.53
CA TYR Z 297 77.63 -4.51 -25.35
C TYR Z 297 78.07 -5.42 -26.48
N GLN Z 298 78.89 -6.41 -26.16
CA GLN Z 298 79.30 -7.40 -27.14
C GLN Z 298 79.40 -8.80 -26.58
N ARG Z 299 79.09 -9.00 -25.31
CA ARG Z 299 79.00 -10.33 -24.73
C ARG Z 299 77.58 -10.88 -24.78
N THR Z 300 76.62 -10.08 -25.24
CA THR Z 300 75.24 -10.53 -25.32
C THR Z 300 75.13 -11.76 -26.21
N PHE Z 301 74.39 -12.76 -25.75
CA PHE Z 301 74.20 -13.95 -26.56
C PHE Z 301 72.86 -14.57 -26.26
N VAL Z 302 72.39 -15.39 -27.20
CA VAL Z 302 71.05 -15.98 -27.15
C VAL Z 302 71.18 -17.49 -27.08
N ILE Z 303 70.40 -18.10 -26.19
CA ILE Z 303 70.33 -19.55 -26.07
C ILE Z 303 68.88 -19.97 -26.10
N ALA Z 304 68.64 -21.23 -26.40
CA ALA Z 304 67.30 -21.75 -26.59
C ALA Z 304 67.04 -22.93 -25.67
N ASP Z 305 65.79 -23.03 -25.20
CA ASP Z 305 65.32 -24.15 -24.38
C ASP Z 305 64.09 -24.71 -25.07
N HIS Z 306 64.29 -25.77 -25.86
CA HIS Z 306 63.18 -26.33 -26.65
C HIS Z 306 62.17 -27.02 -25.75
N VAL Z 307 62.63 -27.70 -24.70
CA VAL Z 307 61.71 -28.40 -23.80
C VAL Z 307 60.79 -27.41 -23.11
N ASN Z 308 61.33 -26.29 -22.63
CA ASN Z 308 60.52 -25.26 -22.00
C ASN Z 308 60.01 -24.22 -22.99
N THR Z 309 60.44 -24.29 -24.25
CA THR Z 309 60.05 -23.34 -25.29
C THR Z 309 60.34 -21.91 -24.85
N GLU Z 310 61.62 -21.63 -24.62
CA GLU Z 310 62.03 -20.32 -24.15
C GLU Z 310 63.30 -19.89 -24.88
N MET Z 311 63.46 -18.57 -24.98
CA MET Z 311 64.68 -17.97 -25.54
C MET Z 311 65.29 -17.08 -24.48
N TRP Z 312 66.54 -17.35 -24.13
CA TRP Z 312 67.28 -16.57 -23.15
C TRP Z 312 68.19 -15.59 -23.87
N VAL Z 313 68.06 -14.32 -23.55
CA VAL Z 313 68.99 -13.29 -24.01
C VAL Z 313 69.80 -12.87 -22.79
N CYS Z 314 71.10 -13.16 -22.82
CA CYS Z 314 71.99 -12.90 -21.70
C CYS Z 314 72.91 -11.73 -22.04
N TYR Z 315 73.02 -10.80 -21.10
CA TYR Z 315 73.79 -9.59 -21.32
C TYR Z 315 74.31 -9.07 -19.98
N SER Z 316 75.18 -8.07 -20.06
CA SER Z 316 75.77 -7.44 -18.89
C SER Z 316 75.04 -6.12 -18.64
N SER Z 317 74.41 -6.00 -17.48
CA SER Z 317 73.61 -4.84 -17.17
C SER Z 317 74.49 -3.69 -16.68
N THR Z 318 73.89 -2.50 -16.60
CA THR Z 318 74.59 -1.34 -16.09
C THR Z 318 74.85 -1.43 -14.59
N ARG Z 319 74.22 -2.38 -13.90
CA ARG Z 319 74.46 -2.56 -12.48
C ARG Z 319 75.90 -2.99 -12.20
N SER Z 320 76.44 -3.87 -13.04
CA SER Z 320 77.80 -4.37 -12.86
C SER Z 320 78.82 -3.34 -13.34
N GLU Z 321 80.04 -3.50 -12.85
CA GLU Z 321 81.15 -2.63 -13.22
C GLU Z 321 81.72 -3.03 -14.59
N PRO Z 322 82.33 -2.08 -15.30
CA PRO Z 322 82.93 -2.42 -16.59
C PRO Z 322 84.03 -3.46 -16.45
N GLY Z 323 84.13 -4.33 -17.46
CA GLY Z 323 85.09 -5.41 -17.46
C GLY Z 323 84.51 -6.75 -17.06
N LYS Z 324 83.31 -6.78 -16.49
CA LYS Z 324 82.67 -8.03 -16.13
C LYS Z 324 81.87 -8.59 -17.31
N HIS Z 325 81.42 -9.82 -17.16
CA HIS Z 325 80.68 -10.51 -18.21
C HIS Z 325 79.18 -10.39 -17.94
N CYS Z 326 78.39 -11.15 -18.70
CA CYS Z 326 76.94 -11.07 -18.59
C CYS Z 326 76.47 -11.48 -17.20
N ASP Z 327 75.53 -10.71 -16.65
CA ASP Z 327 74.97 -11.00 -15.35
C ASP Z 327 73.45 -10.97 -15.32
N ARG Z 328 72.78 -10.52 -16.38
CA ARG Z 328 71.33 -10.47 -16.41
C ARG Z 328 70.83 -11.18 -17.66
N ALA Z 329 69.57 -11.61 -17.62
CA ALA Z 329 68.97 -12.29 -18.76
C ALA Z 329 67.49 -11.95 -18.82
N ILE Z 330 66.99 -11.89 -20.05
CA ILE Z 330 65.55 -11.77 -20.30
C ILE Z 330 65.11 -13.00 -21.06
N ILE Z 331 64.01 -13.59 -20.62
CA ILE Z 331 63.49 -14.84 -21.17
C ILE Z 331 62.20 -14.54 -21.90
N TRP Z 332 62.09 -15.01 -23.13
CA TRP Z 332 60.89 -14.85 -23.93
C TRP Z 332 60.28 -16.22 -24.19
N ASN Z 333 58.98 -16.34 -23.94
CA ASN Z 333 58.25 -17.58 -24.18
C ASN Z 333 57.49 -17.44 -25.49
N TRP Z 334 57.89 -18.22 -26.50
CA TRP Z 334 57.31 -18.04 -27.82
C TRP Z 334 55.96 -18.72 -27.99
N LYS Z 335 55.51 -19.50 -27.02
CA LYS Z 335 54.19 -20.10 -27.09
C LYS Z 335 53.11 -19.25 -26.43
N GLU Z 336 53.48 -18.38 -25.49
CA GLU Z 336 52.53 -17.50 -24.84
C GLU Z 336 52.83 -16.03 -25.01
N ASN Z 337 53.98 -15.67 -25.61
CA ASN Z 337 54.36 -14.29 -25.85
C ASN Z 337 54.46 -13.51 -24.54
N THR Z 338 55.37 -13.96 -23.68
CA THR Z 338 55.60 -13.34 -22.38
C THR Z 338 57.09 -13.18 -22.16
N TRP Z 339 57.43 -12.20 -21.31
CA TRP Z 339 58.82 -11.87 -20.99
C TRP Z 339 59.05 -12.00 -19.50
N SER Z 340 60.30 -12.27 -19.15
CA SER Z 340 60.69 -12.40 -17.75
C SER Z 340 62.14 -11.96 -17.58
N ILE Z 341 62.50 -11.62 -16.34
CA ILE Z 341 63.83 -11.10 -16.01
C ILE Z 341 64.46 -11.99 -14.97
N ARG Z 342 65.76 -12.28 -15.13
CA ARG Z 342 66.46 -13.19 -14.24
C ARG Z 342 67.90 -12.76 -14.09
N ASP Z 343 68.48 -13.07 -12.92
CA ASP Z 343 69.89 -12.80 -12.65
C ASP Z 343 70.75 -13.98 -13.05
N LEU Z 344 72.01 -13.70 -13.38
CA LEU Z 344 72.97 -14.70 -13.80
C LEU Z 344 74.25 -14.59 -13.00
N PRO Z 345 74.97 -15.69 -12.80
CA PRO Z 345 76.19 -15.67 -11.97
C PRO Z 345 77.45 -15.37 -12.78
N ASN Z 346 77.43 -14.25 -13.50
CA ASN Z 346 78.59 -13.76 -14.23
C ASN Z 346 79.13 -14.81 -15.20
N VAL Z 347 78.31 -15.17 -16.18
CA VAL Z 347 78.66 -16.18 -17.14
C VAL Z 347 79.12 -15.51 -18.44
N LEU Z 348 79.75 -16.29 -19.31
CA LEU Z 348 80.23 -15.80 -20.60
C LEU Z 348 79.68 -16.57 -21.79
N SER Z 349 79.44 -17.87 -21.65
CA SER Z 349 78.88 -18.66 -22.74
C SER Z 349 78.05 -19.78 -22.13
N GLY Z 350 77.20 -20.37 -22.98
CA GLY Z 350 76.33 -21.45 -22.54
C GLY Z 350 76.05 -22.40 -23.68
N ALA Z 351 75.52 -23.57 -23.31
CA ALA Z 351 75.22 -24.60 -24.29
C ALA Z 351 74.03 -25.41 -23.81
N TYR Z 352 73.38 -26.07 -24.77
CA TYR Z 352 72.18 -26.85 -24.53
C TYR Z 352 72.40 -28.25 -25.09
N GLY Z 353 72.25 -29.26 -24.24
CA GLY Z 353 72.46 -30.62 -24.70
C GLY Z 353 72.30 -31.61 -23.55
N ILE Z 354 72.46 -32.88 -23.90
CA ILE Z 354 72.30 -33.96 -22.93
C ILE Z 354 73.53 -34.04 -22.03
N ILE Z 355 73.30 -34.25 -20.74
CA ILE Z 355 74.38 -34.38 -19.77
C ILE Z 355 73.97 -35.38 -18.71
N ASP Z 356 74.95 -36.13 -18.21
CA ASP Z 356 74.74 -37.10 -17.14
C ASP Z 356 75.49 -36.66 -15.89
N PRO Z 357 74.81 -36.11 -14.89
CA PRO Z 357 75.52 -35.61 -13.70
C PRO Z 357 76.18 -36.71 -12.88
N LYS Z 358 75.79 -37.97 -13.07
CA LYS Z 358 76.35 -39.10 -12.32
C LYS Z 358 76.16 -38.92 -10.82
N VAL Z 359 74.89 -38.87 -10.43
CA VAL Z 359 74.50 -38.73 -9.03
C VAL Z 359 73.65 -39.93 -8.65
N SER Z 360 74.07 -40.66 -7.62
CA SER Z 360 73.30 -41.81 -7.15
C SER Z 360 72.06 -41.36 -6.41
N ASN Z 361 71.02 -42.19 -6.45
CA ASN Z 361 69.77 -41.88 -5.77
C ASN Z 361 69.74 -42.48 -4.37
N LEU Z 362 69.78 -43.81 -4.29
CA LEU Z 362 69.80 -44.55 -3.02
C LEU Z 362 68.80 -43.99 -2.02
N TRP Z 363 69.14 -44.05 -0.73
CA TRP Z 363 68.32 -43.45 0.30
C TRP Z 363 69.16 -42.65 1.28
N ASP Z 364 70.42 -43.02 1.44
CA ASP Z 364 71.29 -42.45 2.47
C ASP Z 364 72.33 -41.49 1.90
N ASP Z 365 72.13 -41.03 0.66
CA ASP Z 365 73.03 -40.08 0.02
C ASP Z 365 72.26 -38.84 -0.43
N ASP Z 366 71.32 -38.39 0.38
CA ASP Z 366 70.39 -37.33 -0.02
C ASP Z 366 70.48 -36.13 0.91
N PRO Z 367 71.27 -35.11 0.56
CA PRO Z 367 71.12 -33.79 1.17
C PRO Z 367 69.88 -33.10 0.61
N ASN Z 368 69.72 -31.79 0.85
CA ASN Z 368 68.59 -31.04 0.30
C ASN Z 368 67.28 -31.55 0.86
N PRO Z 369 66.91 -31.17 2.09
CA PRO Z 369 65.71 -31.69 2.74
C PRO Z 369 64.43 -31.57 1.93
N TRP Z 370 63.34 -32.15 2.47
CA TRP Z 370 62.14 -32.42 1.70
C TRP Z 370 61.67 -31.21 0.90
N ASP Z 371 61.62 -30.05 1.52
CA ASP Z 371 61.05 -28.86 0.88
C ASP Z 371 62.09 -28.10 0.05
N THR Z 372 62.79 -28.81 -0.84
CA THR Z 372 63.73 -28.22 -1.78
C THR Z 372 63.48 -28.81 -3.16
N TYR Z 373 62.58 -28.18 -3.91
CA TYR Z 373 62.22 -28.60 -5.27
C TYR Z 373 61.75 -30.05 -5.30
N THR Z 374 62.71 -30.98 -5.39
CA THR Z 374 62.45 -32.39 -5.66
C THR Z 374 61.72 -32.59 -6.98
N SER Z 375 61.64 -33.82 -7.45
CA SER Z 375 60.92 -34.14 -8.68
C SER Z 375 59.88 -35.20 -8.41
N VAL Z 376 59.27 -35.74 -9.47
CA VAL Z 376 58.32 -36.82 -9.27
C VAL Z 376 59.03 -38.05 -8.72
N TRP Z 377 58.24 -38.96 -8.16
CA TRP Z 377 58.82 -40.11 -7.48
C TRP Z 377 59.62 -40.99 -8.43
N GLY Z 378 59.11 -41.20 -9.65
CA GLY Z 378 59.79 -42.07 -10.59
C GLY Z 378 61.02 -41.50 -11.23
N GLU Z 379 61.16 -40.18 -11.24
CA GLU Z 379 62.29 -39.56 -11.92
C GLU Z 379 63.59 -39.80 -11.17
N GLY Z 380 64.68 -39.95 -11.92
CA GLY Z 380 66.00 -40.05 -11.37
C GLY Z 380 66.82 -38.80 -11.63
N SER Z 381 68.12 -38.90 -11.39
CA SER Z 381 69.02 -37.79 -11.62
C SER Z 381 69.45 -37.66 -13.07
N TYR Z 382 69.22 -38.68 -13.89
CA TYR Z 382 69.63 -38.68 -15.29
C TYR Z 382 68.41 -38.98 -16.15
N ASN Z 383 68.09 -38.06 -17.06
CA ASN Z 383 66.95 -38.21 -17.97
C ASN Z 383 67.43 -38.01 -19.40
N PRO Z 384 67.76 -39.09 -20.11
CA PRO Z 384 68.26 -38.94 -21.48
C PRO Z 384 67.24 -38.35 -22.45
N ALA Z 385 65.95 -38.42 -22.13
CA ALA Z 385 64.92 -37.91 -23.04
C ALA Z 385 64.84 -36.39 -23.05
N LYS Z 386 65.50 -35.71 -22.12
CA LYS Z 386 65.46 -34.26 -22.04
C LYS Z 386 66.87 -33.72 -21.94
N SER Z 387 67.09 -32.55 -22.56
CA SER Z 387 68.40 -31.91 -22.52
C SER Z 387 68.47 -30.96 -21.33
N SER Z 388 69.59 -30.26 -21.21
CA SER Z 388 69.82 -29.35 -20.11
C SER Z 388 70.77 -28.24 -20.56
N MET Z 389 70.80 -27.17 -19.79
CA MET Z 389 71.62 -25.99 -20.09
C MET Z 389 72.80 -25.93 -19.14
N ILE Z 390 73.97 -25.66 -19.70
CA ILE Z 390 75.20 -25.52 -18.91
C ILE Z 390 75.88 -24.21 -19.32
N PHE Z 391 76.19 -23.39 -18.34
CA PHE Z 391 76.86 -22.12 -18.53
C PHE Z 391 78.28 -22.18 -17.97
N SER Z 392 79.15 -21.32 -18.50
CA SER Z 392 80.54 -21.26 -18.10
C SER Z 392 80.89 -19.86 -17.62
N SER Z 393 81.41 -19.76 -16.40
CA SER Z 393 81.91 -18.52 -15.85
C SER Z 393 83.41 -18.51 -16.00
N PHE Z 394 83.90 -17.69 -16.94
CA PHE Z 394 85.33 -17.65 -17.23
C PHE Z 394 86.12 -17.04 -16.09
N GLN Z 395 85.68 -15.88 -15.59
CA GLN Z 395 86.45 -15.16 -14.58
C GLN Z 395 86.47 -15.90 -13.25
N ASP Z 396 85.39 -16.59 -12.91
CA ASP Z 396 85.35 -17.39 -11.70
C ASP Z 396 85.74 -18.84 -11.93
N LYS Z 397 86.02 -19.23 -13.18
CA LYS Z 397 86.46 -20.57 -13.53
C LYS Z 397 85.50 -21.63 -13.00
N LYS Z 398 84.23 -21.52 -13.41
CA LYS Z 398 83.21 -22.43 -12.91
C LYS Z 398 82.30 -22.86 -14.05
N LEU Z 399 81.65 -24.00 -13.85
CA LEU Z 399 80.67 -24.52 -14.79
C LEU Z 399 79.38 -24.82 -14.02
N PHE Z 400 78.28 -24.23 -14.47
CA PHE Z 400 76.99 -24.36 -13.79
C PHE Z 400 76.03 -25.14 -14.68
N LEU Z 401 75.37 -26.13 -14.10
CA LEU Z 401 74.28 -26.82 -14.76
C LEU Z 401 72.97 -26.28 -14.19
N PHE Z 402 72.11 -25.77 -15.06
CA PHE Z 402 70.84 -25.19 -14.63
C PHE Z 402 69.76 -26.26 -14.60
N GLY Z 403 68.80 -26.10 -13.69
CA GLY Z 403 67.75 -27.10 -13.61
C GLY Z 403 67.21 -27.38 -12.22
N ASN Z 404 67.32 -28.65 -11.81
CA ASN Z 404 66.58 -29.17 -10.66
C ASN Z 404 66.77 -28.32 -9.41
N ASN Z 405 68.01 -28.02 -9.06
CA ASN Z 405 68.29 -27.36 -7.79
C ASN Z 405 67.56 -26.03 -7.70
N SER Z 406 67.07 -25.72 -6.49
CA SER Z 406 66.29 -24.51 -6.24
C SER Z 406 67.10 -23.42 -5.54
N THR Z 407 68.41 -23.57 -5.47
CA THR Z 407 69.26 -22.58 -4.84
C THR Z 407 70.37 -22.18 -5.81
N PHE Z 408 70.90 -20.98 -5.61
CA PHE Z 408 72.02 -20.49 -6.42
C PHE Z 408 73.32 -21.08 -5.85
N SER Z 409 73.45 -22.39 -6.04
CA SER Z 409 74.58 -23.16 -5.54
C SER Z 409 74.70 -23.00 -4.01
N GLY Z 410 73.64 -23.36 -3.33
CA GLY Z 410 73.56 -23.21 -1.88
C GLY Z 410 72.92 -21.92 -1.41
N GLN Z 411 73.34 -20.80 -2.00
CA GLN Z 411 72.79 -19.51 -1.62
C GLN Z 411 71.31 -19.41 -2.02
N ASN Z 412 70.56 -18.67 -1.21
CA ASN Z 412 69.14 -18.45 -1.46
C ASN Z 412 68.93 -17.09 -2.11
N PHE Z 413 68.07 -17.05 -3.12
CA PHE Z 413 67.73 -15.83 -3.81
C PHE Z 413 66.28 -15.45 -3.51
N VAL Z 414 65.91 -14.25 -3.94
CA VAL Z 414 64.61 -13.67 -3.65
C VAL Z 414 63.89 -13.38 -4.95
N SER Z 415 62.65 -13.85 -5.05
CA SER Z 415 61.81 -13.56 -6.20
C SER Z 415 60.76 -12.52 -5.84
N THR Z 416 60.40 -11.68 -6.80
CA THR Z 416 59.43 -10.62 -6.52
C THR Z 416 58.51 -10.42 -7.70
N LEU Z 417 57.27 -10.01 -7.39
CA LEU Z 417 56.26 -9.72 -8.42
C LEU Z 417 55.40 -8.57 -7.92
N GLU Z 418 55.36 -7.47 -8.65
CA GLU Z 418 54.69 -6.27 -8.20
C GLU Z 418 53.75 -5.73 -9.28
N ARG Z 419 52.55 -5.33 -8.85
CA ARG Z 419 51.59 -4.64 -9.70
C ARG Z 419 51.11 -3.39 -8.98
N SER Z 420 50.81 -2.34 -9.75
CA SER Z 420 50.44 -1.07 -9.15
C SER Z 420 49.31 -0.43 -9.95
N ASP Z 421 48.63 0.52 -9.31
CA ASP Z 421 47.62 1.37 -9.95
C ASP Z 421 46.42 0.56 -10.43
N ILE Z 422 45.83 -0.19 -9.51
CA ILE Z 422 44.59 -0.92 -9.75
C ILE Z 422 43.45 -0.11 -9.16
N TYR Z 423 42.46 0.24 -9.98
CA TYR Z 423 41.32 0.99 -9.48
C TYR Z 423 39.99 0.46 -9.99
N LEU Z 424 39.97 -0.56 -10.85
CA LEU Z 424 38.75 -1.25 -11.24
C LEU Z 424 37.72 -0.30 -11.86
N GLY Z 425 38.19 0.66 -12.66
CA GLY Z 425 37.31 1.51 -13.42
C GLY Z 425 36.67 2.64 -12.63
N ASP Z 426 37.01 2.81 -11.37
CA ASP Z 426 36.48 3.89 -10.54
C ASP Z 426 37.65 4.66 -9.94
N ASP Z 427 37.94 5.83 -10.49
CA ASP Z 427 39.10 6.62 -10.08
C ASP Z 427 38.72 7.84 -9.27
N ARG Z 428 37.56 7.81 -8.61
CA ARG Z 428 37.16 8.89 -7.71
C ARG Z 428 37.01 8.42 -6.28
N MET Z 429 36.23 7.36 -6.05
CA MET Z 429 36.01 6.86 -4.70
C MET Z 429 37.28 6.21 -4.15
N MET Z 430 37.33 6.08 -2.83
CA MET Z 430 38.42 5.40 -2.15
C MET Z 430 38.00 3.98 -1.80
N LYS Z 431 38.86 3.02 -2.13
CA LYS Z 431 38.59 1.62 -1.85
C LYS Z 431 39.08 1.25 -0.45
N THR Z 432 38.65 0.08 0.02
CA THR Z 432 38.93 -0.35 1.38
C THR Z 432 39.91 -1.51 1.48
N VAL Z 433 39.76 -2.53 0.63
CA VAL Z 433 40.66 -3.68 0.59
C VAL Z 433 40.70 -4.38 1.94
N SER Z 434 39.85 -5.38 2.13
CA SER Z 434 39.76 -6.08 3.40
C SER Z 434 40.68 -7.29 3.48
N ALA Z 435 40.87 -8.03 2.39
CA ALA Z 435 41.71 -9.22 2.45
C ALA Z 435 42.23 -9.56 1.07
N ILE Z 436 43.31 -10.33 1.04
CA ILE Z 436 43.92 -10.84 -0.18
C ILE Z 436 43.98 -12.36 -0.07
N ILE Z 437 43.42 -13.04 -1.06
CA ILE Z 437 43.42 -14.51 -1.08
C ILE Z 437 44.31 -14.97 -2.23
N PRO Z 438 45.51 -15.47 -1.96
CA PRO Z 438 46.37 -15.96 -3.03
C PRO Z 438 46.07 -17.41 -3.39
N HIS Z 439 46.40 -17.76 -4.63
CA HIS Z 439 46.26 -19.12 -5.13
C HIS Z 439 47.67 -19.64 -5.40
N ILE Z 440 48.29 -20.19 -4.37
CA ILE Z 440 49.66 -20.70 -4.45
C ILE Z 440 49.67 -22.15 -4.00
N THR Z 441 50.33 -23.00 -4.77
CA THR Z 441 50.45 -24.42 -4.44
C THR Z 441 51.92 -24.81 -4.34
N GLY Z 442 52.27 -25.50 -3.25
CA GLY Z 442 53.65 -25.90 -3.04
C GLY Z 442 54.09 -25.79 -1.60
N ASN Z 443 55.34 -25.39 -1.37
CA ASN Z 443 55.88 -25.25 -0.02
C ASN Z 443 56.64 -23.94 0.08
N GLY Z 444 56.71 -23.42 1.29
CA GLY Z 444 57.47 -22.22 1.57
C GLY Z 444 56.61 -21.16 2.22
N THR Z 445 57.20 -19.97 2.37
CA THR Z 445 56.54 -18.83 2.98
C THR Z 445 56.71 -17.62 2.10
N CYS Z 446 55.62 -16.87 1.89
CA CYS Z 446 55.64 -15.67 1.08
C CYS Z 446 55.34 -14.45 1.96
N ASN Z 447 55.69 -13.28 1.44
CA ASN Z 447 55.41 -12.02 2.12
C ASN Z 447 54.59 -11.14 1.18
N ILE Z 448 53.54 -10.52 1.72
CA ILE Z 448 52.62 -9.71 0.94
C ILE Z 448 52.70 -8.28 1.41
N TRP Z 449 52.81 -7.34 0.47
CA TRP Z 449 52.81 -5.92 0.74
C TRP Z 449 51.65 -5.28 0.00
N VAL Z 450 50.88 -4.45 0.71
CA VAL Z 450 49.74 -3.74 0.14
C VAL Z 450 49.98 -2.25 0.32
N GLY Z 451 49.81 -1.49 -0.76
CA GLY Z 451 50.01 -0.06 -0.71
C GLY Z 451 48.96 0.68 -1.51
N ASN Z 452 48.90 1.99 -1.30
CA ASN Z 452 47.94 2.83 -1.99
C ASN Z 452 48.60 4.11 -2.46
N ALA Z 453 48.04 4.69 -3.52
CA ALA Z 453 48.46 5.97 -4.05
C ALA Z 453 47.23 6.83 -4.31
N GLN Z 454 47.38 8.13 -4.07
CA GLN Z 454 46.27 9.06 -4.24
C GLN Z 454 46.25 9.73 -5.61
N VAL Z 455 47.39 9.83 -6.28
CA VAL Z 455 47.48 10.41 -7.61
C VAL Z 455 48.19 9.41 -8.50
N GLN Z 456 47.67 9.21 -9.71
CA GLN Z 456 48.24 8.22 -10.62
C GLN Z 456 49.71 8.55 -10.91
N GLY Z 457 50.57 7.55 -10.71
CA GLY Z 457 51.99 7.72 -10.95
C GLY Z 457 52.76 8.39 -9.84
N SER Z 458 52.10 8.78 -8.75
CA SER Z 458 52.77 9.46 -7.65
C SER Z 458 53.29 8.43 -6.65
N GLY Z 459 53.69 8.90 -5.46
CA GLY Z 459 54.24 8.02 -4.47
C GLY Z 459 53.21 7.05 -3.91
N ILE Z 460 53.71 5.99 -3.30
CA ILE Z 460 52.89 4.90 -2.78
C ILE Z 460 53.21 4.70 -1.31
N ARG Z 461 52.16 4.61 -0.49
CA ARG Z 461 52.30 4.35 0.94
C ARG Z 461 52.08 2.86 1.18
N TRP Z 462 53.15 2.16 1.53
CA TRP Z 462 53.11 0.72 1.73
C TRP Z 462 52.79 0.35 3.18
N LYS Z 463 52.38 -0.89 3.37
CA LYS Z 463 52.09 -1.42 4.69
C LYS Z 463 53.02 -2.59 4.99
N GLY Z 464 53.11 -2.92 6.28
CA GLY Z 464 54.04 -3.91 6.77
C GLY Z 464 53.93 -5.25 6.09
N PRO Z 465 54.98 -6.06 6.19
CA PRO Z 465 54.96 -7.37 5.52
C PRO Z 465 53.95 -8.29 6.18
N TYR Z 466 53.14 -8.96 5.36
CA TYR Z 466 52.21 -9.95 5.87
C TYR Z 466 52.71 -11.34 5.51
N PRO Z 467 53.11 -12.15 6.48
CA PRO Z 467 53.54 -13.52 6.16
C PRO Z 467 52.39 -14.38 5.70
N TYR Z 468 52.71 -15.37 4.87
CA TYR Z 468 51.70 -16.29 4.35
C TYR Z 468 52.35 -17.65 4.17
N ARG Z 469 51.83 -18.65 4.87
CA ARG Z 469 52.35 -20.01 4.78
C ARG Z 469 51.63 -20.74 3.66
N ILE Z 470 52.39 -21.18 2.65
CA ILE Z 470 51.80 -21.82 1.48
C ILE Z 470 51.24 -23.18 1.88
N GLY Z 471 49.98 -23.43 1.53
CA GLY Z 471 49.34 -24.69 1.80
C GLY Z 471 48.57 -24.76 3.10
N GLN Z 472 48.77 -23.82 4.01
CA GLN Z 472 48.07 -23.80 5.28
C GLN Z 472 47.13 -22.61 5.40
N ASP Z 473 47.66 -21.39 5.28
CA ASP Z 473 46.84 -20.20 5.43
C ASP Z 473 45.95 -20.01 4.22
N TYR Z 474 44.71 -19.58 4.46
CA TYR Z 474 43.78 -19.33 3.38
C TYR Z 474 43.86 -17.90 2.85
N LYS Z 475 44.13 -16.94 3.73
CA LYS Z 475 44.15 -15.54 3.33
C LYS Z 475 44.96 -14.75 4.34
N ILE Z 476 45.23 -13.49 4.00
CA ILE Z 476 45.87 -12.55 4.90
C ILE Z 476 44.91 -11.38 5.13
N ASP Z 477 44.84 -10.93 6.37
CA ASP Z 477 43.89 -9.89 6.77
C ASP Z 477 44.59 -8.55 6.91
N THR Z 478 43.95 -7.50 6.40
CA THR Z 478 44.52 -6.17 6.46
C THR Z 478 43.39 -5.15 6.35
N LYS Z 479 43.76 -3.87 6.35
CA LYS Z 479 42.80 -2.79 6.20
C LYS Z 479 43.55 -1.60 5.63
N HIS Z 480 43.30 -1.27 4.36
CA HIS Z 480 44.11 -0.28 3.65
C HIS Z 480 43.20 0.56 2.77
N VAL Z 481 42.88 1.77 3.22
CA VAL Z 481 42.05 2.69 2.47
C VAL Z 481 42.92 3.50 1.51
N GLY Z 482 42.52 3.56 0.24
CA GLY Z 482 43.28 4.31 -0.74
C GLY Z 482 42.50 4.41 -2.04
N ARG Z 483 43.06 5.17 -2.97
CA ARG Z 483 42.43 5.37 -4.26
C ARG Z 483 42.93 4.40 -5.32
N TYR Z 484 44.25 4.26 -5.44
CA TYR Z 484 44.85 3.31 -6.38
C TYR Z 484 45.63 2.27 -5.60
N ILE Z 485 45.35 1.01 -5.86
CA ILE Z 485 45.89 -0.10 -5.08
C ILE Z 485 47.16 -0.63 -5.74
N ALA Z 486 48.07 -1.14 -4.91
CA ALA Z 486 49.29 -1.76 -5.38
C ALA Z 486 49.61 -2.96 -4.52
N LEU Z 487 50.01 -4.05 -5.16
CA LEU Z 487 50.33 -5.30 -4.47
C LEU Z 487 51.73 -5.74 -4.82
N LYS Z 488 52.41 -6.34 -3.85
CA LYS Z 488 53.74 -6.87 -4.06
C LYS Z 488 53.87 -8.21 -3.35
N PHE Z 489 54.28 -9.23 -4.09
CA PHE Z 489 54.51 -10.56 -3.55
C PHE Z 489 56.01 -10.83 -3.55
N ASP Z 490 56.53 -11.24 -2.39
CA ASP Z 490 57.95 -11.45 -2.19
C ASP Z 490 58.15 -12.88 -1.73
N PHE Z 491 58.82 -13.69 -2.54
CA PHE Z 491 59.06 -15.10 -2.24
C PHE Z 491 60.52 -15.30 -1.86
N SER Z 492 60.73 -15.94 -0.71
CA SER Z 492 62.06 -16.40 -0.33
C SER Z 492 62.36 -17.71 -1.03
N SER Z 493 63.39 -18.41 -0.59
CA SER Z 493 63.83 -19.64 -1.23
C SER Z 493 63.61 -20.81 -0.28
N GLU Z 494 64.20 -21.96 -0.64
CA GLU Z 494 64.02 -23.21 0.09
C GLU Z 494 62.59 -23.73 -0.03
N GLY Z 495 62.05 -23.66 -1.24
CA GLY Z 495 60.73 -24.19 -1.50
C GLY Z 495 60.37 -23.97 -2.96
N ASP Z 496 59.42 -24.77 -3.41
CA ASP Z 496 58.91 -24.69 -4.78
C ASP Z 496 57.43 -24.30 -4.73
N TRP Z 497 57.05 -23.31 -5.54
CA TRP Z 497 55.71 -22.77 -5.47
C TRP Z 497 55.22 -22.44 -6.87
N TYR Z 498 53.93 -22.68 -7.09
CA TYR Z 498 53.24 -22.30 -8.32
C TYR Z 498 52.20 -21.26 -7.96
N PHE Z 499 52.18 -20.16 -8.71
CA PHE Z 499 51.34 -19.00 -8.42
C PHE Z 499 50.49 -18.71 -9.65
N ASN Z 500 49.18 -18.84 -9.53
CA ASN Z 500 48.28 -18.74 -10.68
C ASN Z 500 47.06 -17.90 -10.37
N GLY Z 501 47.26 -16.72 -9.78
CA GLY Z 501 46.20 -15.76 -9.60
C GLY Z 501 45.88 -15.52 -8.12
N TYR Z 502 44.95 -14.61 -7.90
CA TYR Z 502 44.57 -14.23 -6.54
C TYR Z 502 43.18 -13.59 -6.57
N THR Z 503 42.75 -13.13 -5.39
CA THR Z 503 41.45 -12.50 -5.22
C THR Z 503 41.56 -11.38 -4.20
N ILE Z 504 40.85 -10.28 -4.46
CA ILE Z 504 40.82 -9.12 -3.57
C ILE Z 504 39.42 -9.02 -3.00
N GLU Z 505 39.32 -8.95 -1.67
CA GLU Z 505 38.06 -8.78 -0.97
C GLU Z 505 38.02 -7.39 -0.36
N MET Z 506 37.02 -6.60 -0.75
CA MET Z 506 36.93 -5.19 -0.39
C MET Z 506 35.63 -4.90 0.33
N ALA Z 507 35.72 -4.04 1.34
CA ALA Z 507 34.57 -3.50 2.04
C ALA Z 507 33.98 -2.35 1.24
N PRO Z 508 32.76 -1.90 1.58
CA PRO Z 508 32.17 -0.78 0.85
C PRO Z 508 33.06 0.47 0.88
N LYS Z 509 32.91 1.30 -0.14
CA LYS Z 509 33.79 2.44 -0.34
C LYS Z 509 33.71 3.41 0.84
N ALA Z 510 34.72 4.27 0.94
CA ALA Z 510 34.93 5.14 2.10
C ALA Z 510 35.06 6.59 1.68
N GLY Z 511 34.13 7.06 0.85
CA GLY Z 511 34.13 8.44 0.42
C GLY Z 511 35.03 8.66 -0.77
N MET Z 512 35.04 9.91 -1.25
CA MET Z 512 35.82 10.27 -2.42
C MET Z 512 36.78 11.43 -2.22
N ARG Z 513 37.17 11.72 -0.99
CA ARG Z 513 38.31 12.59 -0.77
C ARG Z 513 39.35 11.89 0.09
N ALA AA 2 14.43 -24.95 -3.84
CA ALA AA 2 15.65 -24.52 -3.17
C ALA AA 2 16.77 -25.53 -3.38
N LEU AA 3 17.04 -25.86 -4.63
CA LEU AA 3 18.08 -26.83 -4.97
C LEU AA 3 18.66 -26.43 -6.32
N GLU AA 4 19.93 -26.02 -6.31
CA GLU AA 4 20.59 -25.60 -7.55
C GLU AA 4 21.19 -26.80 -8.24
N ARG AA 5 21.26 -26.73 -9.57
CA ARG AA 5 21.78 -27.81 -10.39
C ARG AA 5 22.78 -27.27 -11.39
N GLN AA 6 23.88 -28.00 -11.58
CA GLN AA 6 24.90 -27.65 -12.56
C GLN AA 6 25.22 -28.88 -13.39
N GLU AA 7 25.11 -28.76 -14.71
CA GLU AA 7 25.26 -29.89 -15.61
C GLU AA 7 26.58 -29.81 -16.35
N VAL AA 8 27.34 -30.91 -16.36
CA VAL AA 8 28.58 -31.02 -17.12
C VAL AA 8 28.33 -31.99 -18.26
N LYS AA 9 28.54 -31.54 -19.49
CA LYS AA 9 28.20 -32.28 -20.69
C LYS AA 9 29.45 -32.65 -21.47
N ASN AA 10 29.60 -33.94 -21.76
CA ASN AA 10 30.68 -34.48 -22.59
C ASN AA 10 32.06 -34.02 -22.14
N PRO AA 11 32.53 -34.43 -20.97
CA PRO AA 11 33.91 -34.12 -20.57
C PRO AA 11 34.86 -35.17 -21.15
N THR AA 12 35.77 -34.73 -22.01
CA THR AA 12 36.69 -35.63 -22.67
C THR AA 12 38.10 -35.07 -22.60
N GLY AA 13 39.08 -35.97 -22.53
CA GLY AA 13 40.47 -35.60 -22.52
C GLY AA 13 41.03 -35.49 -21.09
N ILE AA 14 42.33 -35.66 -20.99
CA ILE AA 14 43.06 -35.54 -19.73
C ILE AA 14 44.14 -34.47 -19.91
N VAL AA 15 44.15 -33.49 -19.02
CA VAL AA 15 45.13 -32.41 -19.05
C VAL AA 15 45.80 -32.34 -17.69
N THR AA 16 47.12 -32.48 -17.66
CA THR AA 16 47.87 -32.43 -16.42
C THR AA 16 48.82 -31.24 -16.33
N ASP AA 17 48.99 -30.49 -17.41
CA ASP AA 17 49.91 -29.35 -17.40
C ASP AA 17 49.28 -28.11 -16.78
N ILE AA 18 48.05 -27.79 -17.15
CA ILE AA 18 47.35 -26.65 -16.58
C ILE AA 18 46.85 -27.04 -15.19
N ALA AA 19 46.91 -26.09 -14.26
CA ALA AA 19 46.46 -26.36 -12.90
C ALA AA 19 44.98 -26.74 -12.92
N PRO AA 20 44.57 -27.75 -12.14
CA PRO AA 20 43.18 -28.24 -12.22
C PRO AA 20 42.14 -27.18 -11.93
N ALA AA 21 42.46 -26.16 -11.12
CA ALA AA 21 41.50 -25.10 -10.85
C ALA AA 21 41.26 -24.20 -12.06
N ASP AA 22 42.09 -24.28 -13.09
CA ASP AA 22 41.96 -23.43 -14.26
C ASP AA 22 41.38 -24.16 -15.47
N LEU AA 23 41.18 -25.48 -15.39
CA LEU AA 23 40.65 -26.21 -16.53
C LEU AA 23 39.19 -25.86 -16.76
N PRO AA 24 38.73 -25.95 -18.01
CA PRO AA 24 37.29 -25.83 -18.26
C PRO AA 24 36.54 -26.97 -17.61
N LEU AA 25 35.23 -26.77 -17.43
CA LEU AA 25 34.41 -27.76 -16.73
C LEU AA 25 34.34 -29.08 -17.47
N GLU AA 26 34.68 -29.10 -18.76
CA GLU AA 26 34.55 -30.30 -19.59
C GLU AA 26 35.88 -31.01 -19.80
N LYS AA 27 36.75 -31.01 -18.79
CA LYS AA 27 38.04 -31.68 -18.89
C LYS AA 27 38.30 -32.48 -17.62
N TRP AA 28 39.10 -33.52 -17.75
CA TRP AA 28 39.45 -34.39 -16.63
C TRP AA 28 40.87 -34.07 -16.17
N SER AA 29 41.04 -33.91 -14.86
CA SER AA 29 42.37 -33.64 -14.32
C SER AA 29 43.24 -34.88 -14.28
N PHE AA 30 42.64 -36.07 -14.12
CA PHE AA 30 43.42 -37.29 -14.08
C PHE AA 30 42.54 -38.45 -14.55
N GLY AA 31 43.20 -39.50 -15.01
CA GLY AA 31 42.46 -40.66 -15.48
C GLY AA 31 43.39 -41.81 -15.77
N ASN AA 32 42.78 -42.98 -15.97
CA ASN AA 32 43.53 -44.18 -16.27
C ASN AA 32 42.60 -45.24 -16.85
N ASN AA 33 43.05 -45.88 -17.93
CA ASN AA 33 42.38 -47.01 -18.56
C ASN AA 33 41.01 -46.60 -19.10
N VAL AA 34 40.98 -45.53 -19.89
CA VAL AA 34 39.76 -45.05 -20.52
C VAL AA 34 40.08 -44.61 -21.95
N ARG AA 35 39.03 -44.57 -22.77
CA ARG AA 35 39.13 -44.05 -24.12
C ARG AA 35 38.10 -42.95 -24.32
N PHE AA 36 38.43 -41.98 -25.16
CA PHE AA 36 37.54 -40.88 -25.48
C PHE AA 36 37.20 -40.94 -26.96
N LYS AA 37 35.90 -40.98 -27.27
CA LYS AA 37 35.47 -41.10 -28.65
C LYS AA 37 34.06 -40.57 -28.78
N ASN AA 38 33.82 -39.70 -29.76
CA ASN AA 38 32.50 -39.17 -30.06
C ASN AA 38 31.88 -38.48 -28.84
N GLY AA 39 32.72 -37.83 -28.04
CA GLY AA 39 32.24 -37.16 -26.85
C GLY AA 39 31.87 -38.07 -25.71
N LYS AA 40 32.28 -39.33 -25.75
CA LYS AA 40 31.97 -40.28 -24.69
C LYS AA 40 33.25 -40.91 -24.16
N ALA AA 41 33.24 -41.24 -22.87
CA ALA AA 41 34.34 -41.96 -22.24
C ALA AA 41 33.93 -43.41 -22.05
N GLN AA 42 34.74 -44.32 -22.57
CA GLN AA 42 34.42 -45.74 -22.58
C GLN AA 42 35.57 -46.53 -21.98
N LYS AA 43 35.28 -47.78 -21.64
CA LYS AA 43 36.29 -48.67 -21.10
C LYS AA 43 37.37 -48.92 -22.14
N ALA AA 44 38.61 -49.07 -21.65
CA ALA AA 44 39.73 -49.32 -22.53
C ALA AA 44 39.63 -50.71 -23.15
N LEU AA 45 40.26 -50.87 -24.31
CA LEU AA 45 40.17 -52.13 -25.05
C LEU AA 45 40.87 -53.25 -24.30
N GLY AA 46 40.33 -54.46 -24.44
CA GLY AA 46 40.91 -55.64 -23.84
C GLY AA 46 41.60 -56.53 -24.87
N HIS AA 47 42.52 -57.35 -24.39
CA HIS AA 47 43.34 -58.19 -25.23
C HIS AA 47 43.05 -59.67 -24.98
N THR AA 48 43.06 -60.45 -26.06
CA THR AA 48 42.83 -61.89 -26.04
C THR AA 48 44.01 -62.61 -26.68
N PRO AA 49 44.48 -63.72 -26.10
CA PRO AA 49 45.60 -64.44 -26.70
C PRO AA 49 45.25 -64.93 -28.11
N ILE AA 50 46.22 -64.81 -29.02
CA ILE AA 50 46.06 -65.23 -30.40
C ILE AA 50 47.30 -65.99 -30.84
N PHE AA 51 47.14 -66.80 -31.89
CA PHE AA 51 48.22 -67.62 -32.42
C PHE AA 51 48.87 -68.46 -31.33
N ASP AA 52 48.03 -69.08 -30.49
CA ASP AA 52 48.55 -69.88 -29.39
C ASP AA 52 48.92 -71.27 -29.89
N THR AA 53 49.75 -71.33 -30.93
CA THR AA 53 50.27 -72.58 -31.43
C THR AA 53 51.68 -72.46 -31.98
N ALA AA 54 52.30 -71.29 -31.90
CA ALA AA 54 53.62 -71.06 -32.45
C ALA AA 54 54.66 -71.03 -31.34
N GLN AA 55 55.82 -71.62 -31.60
CA GLN AA 55 56.90 -71.69 -30.62
C GLN AA 55 57.87 -70.53 -30.83
N ALA AA 56 58.72 -70.33 -29.83
CA ALA AA 56 59.78 -69.31 -29.79
C ALA AA 56 59.20 -67.91 -29.75
N PRO AA 57 59.89 -66.97 -29.12
CA PRO AA 57 59.40 -65.58 -29.09
C PRO AA 57 59.43 -64.96 -30.48
N ILE AA 58 58.53 -64.01 -30.70
CA ILE AA 58 58.40 -63.31 -31.97
C ILE AA 58 58.87 -61.87 -31.78
N LEU AA 59 59.74 -61.41 -32.68
CA LEU AA 59 60.26 -60.05 -32.61
C LEU AA 59 59.36 -59.05 -33.31
N ASP AA 60 59.10 -59.26 -34.60
CA ASP AA 60 58.32 -58.33 -35.39
C ASP AA 60 57.24 -59.07 -36.16
N MET AA 61 56.20 -58.33 -36.55
CA MET AA 61 55.07 -58.90 -37.25
C MET AA 61 54.72 -58.02 -38.44
N PHE AA 62 54.33 -58.65 -39.55
CA PHE AA 62 53.96 -57.89 -40.74
C PHE AA 62 52.82 -58.59 -41.48
N PRO AA 63 51.67 -57.95 -41.63
CA PRO AA 63 50.56 -58.56 -42.36
C PRO AA 63 50.58 -58.20 -43.84
N PHE AA 64 50.05 -59.12 -44.65
CA PHE AA 64 49.90 -58.86 -46.08
C PHE AA 64 48.83 -59.81 -46.61
N ILE AA 65 48.59 -59.73 -47.91
CA ILE AA 65 47.59 -60.55 -48.58
C ILE AA 65 48.27 -61.31 -49.72
N ARG AA 66 48.08 -62.62 -49.74
CA ARG AA 66 48.60 -63.45 -50.83
C ARG AA 66 47.55 -64.49 -51.19
N ASN AA 67 47.39 -64.72 -52.49
CA ASN AA 67 46.43 -65.70 -52.99
C ASN AA 67 45.03 -65.43 -52.45
N ASN AA 68 44.67 -64.15 -52.36
CA ASN AA 68 43.36 -63.71 -51.88
C ASN AA 68 43.10 -64.16 -50.44
N ILE AA 69 44.16 -64.32 -49.65
CA ILE AA 69 44.01 -64.72 -48.26
C ILE AA 69 44.98 -63.91 -47.42
N PRO AA 70 44.59 -63.44 -46.22
CA PRO AA 70 45.55 -62.76 -45.35
C PRO AA 70 46.63 -63.72 -44.86
N TYR AA 71 47.84 -63.19 -44.69
CA TYR AA 71 48.94 -63.95 -44.13
C TYR AA 71 49.79 -63.02 -43.28
N TRP AA 72 50.18 -63.47 -42.09
CA TRP AA 72 51.00 -62.70 -41.18
C TRP AA 72 52.39 -63.33 -41.12
N LEU AA 73 53.40 -62.55 -41.46
CA LEU AA 73 54.79 -62.99 -41.36
C LEU AA 73 55.32 -62.56 -40.00
N LEU AA 74 55.77 -63.54 -39.20
CA LEU AA 74 56.28 -63.29 -37.87
C LEU AA 74 57.79 -63.57 -37.89
N CYS AA 75 58.58 -62.52 -37.75
CA CYS AA 75 60.03 -62.64 -37.70
C CYS AA 75 60.47 -62.74 -36.25
N GLY AA 76 61.12 -63.86 -35.92
CA GLY AA 76 61.56 -64.13 -34.58
C GLY AA 76 63.05 -63.92 -34.38
N GLU AA 77 63.56 -64.50 -33.29
CA GLU AA 77 64.97 -64.34 -32.96
C GLU AA 77 65.87 -65.00 -34.00
N GLN AA 78 65.52 -66.20 -34.46
CA GLN AA 78 66.38 -66.95 -35.36
C GLN AA 78 65.67 -67.55 -36.56
N ARG AA 79 64.33 -67.59 -36.57
CA ARG AA 79 63.60 -68.23 -37.66
C ARG AA 79 62.35 -67.45 -37.97
N MET AA 80 62.04 -67.34 -39.27
CA MET AA 80 60.76 -66.79 -39.70
C MET AA 80 59.64 -67.79 -39.48
N TYR AA 81 58.42 -67.28 -39.41
CA TYR AA 81 57.23 -68.10 -39.39
C TYR AA 81 56.14 -67.37 -40.16
N LEU AA 82 55.17 -68.13 -40.65
CA LEU AA 82 54.08 -67.56 -41.43
C LEU AA 82 52.79 -68.17 -40.92
N ALA AA 83 51.82 -67.31 -40.59
CA ALA AA 83 50.56 -67.75 -40.00
C ALA AA 83 49.39 -67.28 -40.85
N ASP AA 84 48.32 -68.08 -40.83
CA ASP AA 84 47.10 -67.76 -41.57
C ASP AA 84 45.86 -67.81 -40.68
N GLY AA 85 46.03 -67.88 -39.36
CA GLY AA 85 44.94 -68.00 -38.43
C GLY AA 85 44.63 -69.41 -38.00
N THR AA 86 45.15 -70.40 -38.70
CA THR AA 86 44.94 -71.81 -38.35
C THR AA 86 46.24 -72.53 -38.05
N THR AA 87 47.26 -72.39 -38.91
CA THR AA 87 48.51 -73.11 -38.77
C THR AA 87 49.68 -72.15 -38.91
N VAL AA 88 50.81 -72.54 -38.32
CA VAL AA 88 52.05 -71.78 -38.40
C VAL AA 88 53.07 -72.62 -39.15
N VAL AA 89 53.66 -72.04 -40.19
CA VAL AA 89 54.58 -72.76 -41.07
C VAL AA 89 55.93 -72.06 -41.03
N ASP AA 90 56.99 -72.83 -40.78
CA ASP AA 90 58.33 -72.29 -40.82
C ASP AA 90 58.78 -72.10 -42.27
N VAL AA 91 59.31 -70.91 -42.58
CA VAL AA 91 59.77 -70.60 -43.92
C VAL AA 91 61.20 -70.09 -43.94
N SER AA 92 61.88 -70.04 -42.81
CA SER AA 92 63.24 -69.52 -42.78
C SER AA 92 64.18 -70.47 -43.51
N PRO AA 93 65.15 -69.95 -44.27
CA PRO AA 93 66.11 -70.85 -44.93
C PRO AA 93 67.09 -71.48 -43.96
N GLY AA 94 67.64 -70.70 -43.04
CA GLY AA 94 68.59 -71.21 -42.07
C GLY AA 94 68.44 -70.57 -40.71
N GLY AA 95 69.54 -70.10 -40.14
CA GLY AA 95 69.49 -69.47 -38.83
C GLY AA 95 69.95 -68.03 -38.86
N HIS AA 96 69.02 -67.11 -38.60
CA HIS AA 96 69.37 -65.69 -38.54
C HIS AA 96 69.96 -65.35 -37.18
N SER AA 97 70.52 -64.15 -37.08
CA SER AA 97 71.14 -63.67 -35.86
C SER AA 97 70.45 -62.41 -35.35
N ALA AA 98 69.11 -62.40 -35.40
CA ALA AA 98 68.36 -61.26 -34.93
C ALA AA 98 68.34 -61.21 -33.41
N SER AA 99 68.15 -60.02 -32.88
CA SER AA 99 68.09 -59.80 -31.43
C SER AA 99 67.28 -58.54 -31.18
N VAL AA 100 67.16 -58.17 -29.90
CA VAL AA 100 66.45 -56.94 -29.54
C VAL AA 100 67.18 -55.68 -29.98
N THR AA 101 68.47 -55.78 -30.28
CA THR AA 101 69.24 -54.66 -30.80
C THR AA 101 69.39 -54.70 -32.32
N SER AA 102 68.82 -55.72 -32.98
CA SER AA 102 68.85 -55.85 -34.43
C SER AA 102 67.44 -56.20 -34.88
N ARG AA 103 66.63 -55.19 -35.14
CA ARG AA 103 65.23 -55.39 -35.45
C ARG AA 103 65.02 -55.61 -36.94
N TRP AA 104 63.83 -56.12 -37.28
CA TRP AA 104 63.51 -56.49 -38.65
C TRP AA 104 62.81 -55.34 -39.37
N SER AA 105 63.20 -55.14 -40.62
CA SER AA 105 62.48 -54.29 -41.55
C SER AA 105 62.01 -55.16 -42.71
N SER AA 106 60.86 -54.82 -43.29
CA SER AA 106 60.33 -55.64 -44.37
C SER AA 106 59.36 -54.82 -45.20
N GLY AA 107 59.02 -55.35 -46.36
CA GLY AA 107 58.08 -54.69 -47.23
C GLY AA 107 57.87 -55.49 -48.50
N SER AA 108 57.19 -54.87 -49.45
CA SER AA 108 56.90 -55.48 -50.74
C SER AA 108 57.52 -54.63 -51.85
N PHE AA 109 57.94 -55.32 -52.91
CA PHE AA 109 58.57 -54.64 -54.05
C PHE AA 109 58.45 -55.54 -55.26
N ASN AA 110 57.71 -55.10 -56.27
CA ASN AA 110 57.51 -55.86 -57.51
C ASN AA 110 56.92 -57.24 -57.23
N GLY AA 111 56.03 -57.30 -56.26
CA GLY AA 111 55.42 -58.57 -55.89
C GLY AA 111 56.31 -59.49 -55.10
N VAL AA 112 57.49 -59.03 -54.68
CA VAL AA 112 58.43 -59.84 -53.91
C VAL AA 112 58.49 -59.26 -52.51
N ILE AA 113 58.37 -60.13 -51.50
CA ILE AA 113 58.36 -59.70 -50.12
C ILE AA 113 59.77 -59.77 -49.58
N PHE AA 114 60.34 -58.63 -49.19
CA PHE AA 114 61.70 -58.57 -48.72
C PHE AA 114 61.74 -58.31 -47.22
N ALA AA 115 62.73 -58.91 -46.56
CA ALA AA 115 62.97 -58.73 -45.14
C ALA AA 115 64.46 -58.57 -44.91
N ASN AA 116 64.81 -57.87 -43.83
CA ASN AA 116 66.21 -57.55 -43.57
C ASN AA 116 66.39 -57.24 -42.10
N ASN AA 117 67.57 -57.56 -41.58
CA ASN AA 117 67.99 -57.17 -40.24
C ASN AA 117 69.46 -56.79 -40.30
N PRO AA 118 69.90 -55.92 -39.38
CA PRO AA 118 71.27 -55.37 -39.49
C PRO AA 118 72.39 -56.39 -39.26
N SER AA 119 72.08 -57.66 -39.04
CA SER AA 119 73.11 -58.67 -38.80
C SER AA 119 73.08 -59.79 -39.82
N ASN AA 120 72.40 -59.59 -40.95
CA ASN AA 120 72.30 -60.63 -41.97
C ASN AA 120 72.07 -59.96 -43.33
N TYR AA 121 72.39 -60.70 -44.38
CA TYR AA 121 72.09 -60.23 -45.71
C TYR AA 121 70.57 -60.25 -45.94
N PRO AA 122 70.06 -59.33 -46.76
CA PRO AA 122 68.61 -59.28 -46.98
C PRO AA 122 68.09 -60.56 -47.61
N TYR AA 123 66.88 -60.94 -47.23
CA TYR AA 123 66.21 -62.11 -47.75
C TYR AA 123 64.97 -61.69 -48.52
N VAL AA 124 64.62 -62.49 -49.54
CA VAL AA 124 63.46 -62.20 -50.37
C VAL AA 124 62.60 -63.45 -50.46
N LEU AA 125 61.32 -63.23 -50.77
CA LEU AA 125 60.35 -64.29 -50.98
C LEU AA 125 59.58 -63.97 -52.26
N MET AA 126 59.66 -64.86 -53.24
CA MET AA 126 58.98 -64.75 -54.51
C MET AA 126 57.63 -65.44 -54.46
N PRO AA 127 56.68 -65.02 -55.29
CA PRO AA 127 55.37 -65.69 -55.31
C PRO AA 127 55.46 -67.16 -55.66
N GLN AA 128 56.42 -67.56 -56.49
CA GLN AA 128 56.50 -68.96 -56.92
C GLN AA 128 57.00 -69.85 -55.78
N ASN AA 129 58.04 -69.42 -55.08
CA ASN AA 129 58.66 -70.26 -54.07
C ASN AA 129 57.87 -70.24 -52.77
N SER AA 130 58.19 -71.18 -51.89
CA SER AA 130 57.55 -71.29 -50.58
C SER AA 130 58.53 -71.03 -49.44
N GLY AA 131 59.68 -70.42 -49.74
CA GLY AA 131 60.67 -70.13 -48.73
C GLY AA 131 61.42 -68.87 -49.09
N PHE AA 132 62.29 -68.46 -48.17
CA PHE AA 132 63.07 -67.25 -48.35
C PHE AA 132 64.41 -67.57 -49.00
N ILE AA 133 64.94 -66.57 -49.71
CA ILE AA 133 66.22 -66.71 -50.41
C ILE AA 133 67.05 -65.47 -50.15
N PRO AA 134 68.37 -65.58 -49.99
CA PRO AA 134 69.20 -64.37 -49.90
C PRO AA 134 69.06 -63.52 -51.16
N MET AA 135 69.13 -62.22 -50.97
CA MET AA 135 68.90 -61.29 -52.08
C MET AA 135 69.99 -61.42 -53.13
N PRO AA 136 69.63 -61.62 -54.40
CA PRO AA 136 70.64 -61.65 -55.45
C PRO AA 136 71.27 -60.29 -55.65
N ASN AA 137 72.52 -60.29 -56.14
CA ASN AA 137 73.30 -59.12 -56.48
C ASN AA 137 73.64 -58.26 -55.28
N TRP AA 138 73.33 -58.69 -54.07
CA TRP AA 138 73.68 -57.90 -52.89
C TRP AA 138 75.19 -57.88 -52.69
N PRO AA 139 75.78 -56.71 -52.49
CA PRO AA 139 77.23 -56.63 -52.29
C PRO AA 139 77.66 -57.35 -51.02
N ALA AA 140 78.87 -57.90 -51.06
CA ALA AA 140 79.40 -58.69 -49.96
C ALA AA 140 79.93 -57.79 -48.86
N ASN AA 141 79.80 -58.26 -47.62
CA ASN AA 141 80.28 -57.55 -46.43
C ASN AA 141 79.60 -56.19 -46.26
N THR AA 142 78.33 -56.11 -46.64
CA THR AA 142 77.54 -54.88 -46.48
C THR AA 142 76.28 -55.20 -45.69
N PHE AA 143 75.98 -54.37 -44.69
CA PHE AA 143 74.77 -54.48 -43.92
C PHE AA 143 74.10 -53.12 -43.82
N ALA AA 144 72.77 -53.11 -43.89
CA ALA AA 144 72.00 -51.89 -43.83
C ALA AA 144 71.04 -51.94 -42.65
N LYS AA 145 71.12 -50.93 -41.79
CA LYS AA 145 70.22 -50.91 -40.63
C LYS AA 145 68.77 -50.71 -41.05
N ARG AA 146 68.52 -49.91 -42.08
CA ARG AA 146 67.17 -49.75 -42.57
C ARG AA 146 67.12 -49.99 -44.07
N MET AA 147 66.09 -50.69 -44.52
CA MET AA 147 65.88 -50.94 -45.94
C MET AA 147 64.42 -50.73 -46.27
N LYS AA 148 64.15 -49.89 -47.27
CA LYS AA 148 62.79 -49.56 -47.66
C LYS AA 148 62.69 -49.57 -49.18
N SER AA 149 61.46 -49.43 -49.67
CA SER AA 149 61.19 -49.39 -51.10
C SER AA 149 60.50 -48.08 -51.45
N PHE AA 150 60.97 -47.43 -52.52
CA PHE AA 150 60.42 -46.15 -52.95
C PHE AA 150 60.30 -46.16 -54.46
N LYS AA 151 59.07 -46.05 -54.97
CA LYS AA 151 58.80 -46.09 -56.40
C LYS AA 151 59.35 -47.36 -57.03
N ASN AA 152 60.40 -47.23 -57.84
CA ASN AA 152 61.02 -48.37 -58.50
C ASN AA 152 62.44 -48.60 -58.00
N PHE AA 153 62.71 -48.26 -56.74
CA PHE AA 153 64.04 -48.37 -56.18
C PHE AA 153 63.96 -48.95 -54.77
N MET AA 154 65.07 -49.52 -54.32
CA MET AA 154 65.24 -49.91 -52.93
C MET AA 154 66.32 -49.03 -52.30
N ILE AA 155 66.06 -48.58 -51.08
CA ILE AA 155 66.89 -47.61 -50.39
C ILE AA 155 67.42 -48.23 -49.11
N ALA AA 156 68.71 -48.09 -48.87
CA ALA AA 156 69.37 -48.57 -47.67
C ALA AA 156 69.93 -47.38 -46.90
N LEU AA 157 69.78 -47.42 -45.58
CA LEU AA 157 70.15 -46.33 -44.70
C LEU AA 157 70.90 -46.87 -43.49
N ASN AA 158 71.84 -46.05 -42.99
CA ASN AA 158 72.62 -46.33 -41.79
C ASN AA 158 73.48 -47.59 -41.98
N VAL AA 159 74.44 -47.48 -42.90
CA VAL AA 159 75.00 -48.64 -43.58
C VAL AA 159 76.43 -48.89 -43.11
N THR AA 160 76.75 -50.16 -42.84
CA THR AA 160 78.12 -50.59 -42.58
C THR AA 160 78.62 -51.43 -43.75
N GLN AA 161 79.91 -51.32 -44.04
CA GLN AA 161 80.53 -52.03 -45.16
C GLN AA 161 81.98 -52.31 -44.82
N ASN AA 162 82.42 -53.54 -45.09
CA ASN AA 162 83.81 -53.93 -44.91
C ASN AA 162 84.33 -53.58 -43.51
N SER AA 163 83.49 -53.85 -42.51
CA SER AA 163 83.80 -53.66 -41.10
C SER AA 163 84.01 -52.20 -40.71
N VAL AA 164 83.66 -51.25 -41.58
CA VAL AA 164 83.59 -49.84 -41.20
C VAL AA 164 82.18 -49.35 -41.45
N GLU AA 165 81.57 -48.76 -40.43
CA GLU AA 165 80.19 -48.32 -40.50
C GLU AA 165 80.15 -46.82 -40.78
N MET AA 166 79.09 -46.38 -41.44
CA MET AA 166 78.81 -44.94 -41.53
C MET AA 166 77.31 -44.71 -41.53
N PRO AA 167 76.82 -43.84 -40.64
CA PRO AA 167 75.37 -43.74 -40.37
C PRO AA 167 74.66 -42.63 -41.15
N GLN AA 168 75.36 -41.89 -41.99
CA GLN AA 168 74.76 -40.76 -42.70
C GLN AA 168 74.78 -40.99 -44.20
N MET AA 169 74.48 -42.22 -44.64
CA MET AA 169 74.48 -42.55 -46.05
C MET AA 169 73.12 -43.06 -46.48
N VAL AA 170 72.65 -42.58 -47.62
CA VAL AA 170 71.49 -43.13 -48.31
C VAL AA 170 71.97 -43.76 -49.60
N TRP AA 171 71.66 -45.04 -49.80
CA TRP AA 171 72.13 -45.81 -50.95
C TRP AA 171 70.91 -46.31 -51.71
N TRP AA 172 70.84 -45.99 -53.00
CA TRP AA 172 69.72 -46.44 -53.82
C TRP AA 172 70.24 -47.28 -54.98
N SER AA 173 69.52 -48.37 -55.26
CA SER AA 173 69.90 -49.31 -56.30
C SER AA 173 69.40 -48.84 -57.66
N THR AA 174 69.59 -49.67 -58.67
CA THR AA 174 69.11 -49.36 -60.00
C THR AA 174 67.59 -49.50 -60.06
N SER AA 175 66.99 -48.81 -61.02
CA SER AA 175 65.55 -48.90 -61.22
C SER AA 175 65.17 -50.29 -61.70
N ALA AA 176 63.96 -50.71 -61.36
CA ALA AA 176 63.46 -52.03 -61.71
C ALA AA 176 62.43 -51.90 -62.83
N ASP AA 177 62.55 -52.76 -63.84
CA ASP AA 177 61.66 -52.76 -64.98
C ASP AA 177 60.69 -53.93 -64.89
N ALA AA 178 59.41 -53.65 -65.16
CA ALA AA 178 58.37 -54.68 -65.18
C ALA AA 178 58.22 -55.36 -63.83
N GLY AA 179 59.24 -56.11 -63.42
CA GLY AA 179 59.20 -56.78 -62.15
C GLY AA 179 60.58 -57.29 -61.76
N GLY AA 180 60.62 -58.07 -60.68
CA GLY AA 180 61.85 -58.64 -60.21
C GLY AA 180 62.64 -57.68 -59.34
N ILE AA 181 63.72 -58.21 -58.78
CA ILE AA 181 64.60 -57.44 -57.90
C ILE AA 181 65.54 -56.57 -58.74
N PRO AA 182 66.10 -55.49 -58.19
CA PRO AA 182 67.08 -54.71 -58.95
C PRO AA 182 68.28 -55.56 -59.33
N VAL AA 183 68.81 -55.31 -60.52
CA VAL AA 183 69.88 -56.14 -61.06
C VAL AA 183 71.26 -55.74 -60.55
N SER AA 184 71.40 -54.58 -59.94
CA SER AA 184 72.72 -54.12 -59.50
C SER AA 184 72.57 -53.13 -58.36
N TRP AA 185 73.69 -52.93 -57.66
CA TRP AA 185 73.78 -51.92 -56.61
C TRP AA 185 75.03 -51.07 -56.73
N ASP AA 186 75.84 -51.26 -57.77
CA ASP AA 186 77.10 -50.55 -57.89
C ASP AA 186 76.86 -49.09 -58.26
N PRO AA 187 77.30 -48.14 -57.45
CA PRO AA 187 77.10 -46.73 -57.81
C PRO AA 187 78.18 -46.20 -58.73
N THR AA 188 79.36 -46.83 -58.67
CA THR AA 188 80.49 -46.36 -59.47
C THR AA 188 80.22 -46.48 -60.96
N ASP AA 189 79.40 -47.46 -61.36
CA ASP AA 189 79.04 -47.64 -62.76
C ASP AA 189 78.23 -46.45 -63.23
N PRO AA 190 78.70 -45.69 -64.22
CA PRO AA 190 77.95 -44.52 -64.69
C PRO AA 190 76.89 -44.82 -65.73
N THR AA 191 76.77 -46.07 -66.18
CA THR AA 191 75.76 -46.45 -67.14
C THR AA 191 74.43 -46.83 -66.49
N LYS AA 192 74.39 -46.91 -65.16
CA LYS AA 192 73.18 -47.24 -64.43
C LYS AA 192 72.81 -46.07 -63.51
N ASP AA 193 71.61 -46.15 -62.94
CA ASP AA 193 71.09 -45.07 -62.12
C ASP AA 193 71.19 -45.34 -60.62
N ALA AA 194 71.89 -46.39 -60.21
CA ALA AA 194 72.16 -46.59 -58.80
C ALA AA 194 73.15 -45.55 -58.30
N GLY AA 195 72.97 -45.14 -57.05
CA GLY AA 195 73.82 -44.09 -56.53
C GLY AA 195 73.81 -44.04 -55.01
N GLN AA 196 74.56 -43.06 -54.50
CA GLN AA 196 74.74 -42.87 -53.08
C GLN AA 196 74.76 -41.39 -52.75
N ASN AA 197 74.41 -41.05 -51.51
CA ASN AA 197 74.53 -39.68 -51.04
C ASN AA 197 74.74 -39.70 -49.53
N THR AA 198 75.26 -38.59 -49.02
CA THR AA 198 75.51 -38.46 -47.59
C THR AA 198 74.92 -37.15 -47.08
N LEU AA 199 74.10 -37.26 -46.04
CA LEU AA 199 73.51 -36.10 -45.38
C LEU AA 199 74.32 -35.72 -44.14
N ALA AA 200 75.56 -35.33 -44.36
CA ALA AA 200 76.52 -35.13 -43.28
C ALA AA 200 76.78 -33.63 -43.12
N ASP AA 201 75.95 -32.98 -42.30
CA ASP AA 201 76.22 -31.63 -41.84
C ASP AA 201 75.87 -31.47 -40.37
N THR AA 202 75.43 -32.52 -39.71
CA THR AA 202 75.11 -32.49 -38.29
C THR AA 202 75.50 -33.83 -37.68
N ASN AA 203 75.81 -33.82 -36.39
CA ASN AA 203 76.32 -35.02 -35.73
C ASN AA 203 75.29 -36.14 -35.67
N GLY AA 204 74.02 -35.85 -35.94
CA GLY AA 204 73.00 -36.87 -35.87
C GLY AA 204 73.15 -37.93 -36.94
N ALA AA 205 72.41 -39.02 -36.77
CA ALA AA 205 72.45 -40.16 -37.66
C ALA AA 205 71.04 -40.49 -38.14
N ILE AA 206 70.96 -41.08 -39.33
CA ILE AA 206 69.68 -41.46 -39.90
C ILE AA 206 69.05 -42.55 -39.05
N VAL AA 207 67.77 -42.40 -38.74
CA VAL AA 207 67.11 -43.35 -37.85
C VAL AA 207 66.00 -44.09 -38.58
N ASP AA 208 65.35 -43.43 -39.53
CA ASP AA 208 64.20 -44.02 -40.21
C ASP AA 208 63.85 -43.19 -41.44
N GLY AA 209 62.98 -43.75 -42.27
CA GLY AA 209 62.48 -43.07 -43.44
C GLY AA 209 61.06 -43.51 -43.78
N VAL AA 210 60.16 -42.55 -43.95
CA VAL AA 210 58.76 -42.82 -44.17
C VAL AA 210 58.27 -42.01 -45.37
N LYS AA 211 57.46 -42.64 -46.21
CA LYS AA 211 56.89 -41.95 -47.36
C LYS AA 211 55.86 -40.91 -46.92
N LEU AA 212 55.68 -39.89 -47.75
CA LEU AA 212 54.66 -38.87 -47.50
C LEU AA 212 54.29 -38.26 -48.85
N ARG AA 213 53.08 -38.57 -49.33
CA ARG AA 213 52.62 -38.14 -50.64
C ARG AA 213 53.57 -38.60 -51.74
N ASP AA 214 54.29 -37.66 -52.35
CA ASP AA 214 55.23 -37.97 -53.41
C ASP AA 214 56.69 -37.93 -52.96
N SER AA 215 56.95 -37.75 -51.67
CA SER AA 215 58.31 -37.56 -51.19
C SER AA 215 58.64 -38.57 -50.11
N PHE AA 216 59.93 -38.87 -49.98
CA PHE AA 216 60.45 -39.75 -48.96
C PHE AA 216 61.07 -38.91 -47.86
N ILE AA 217 60.52 -38.98 -46.65
CA ILE AA 217 60.99 -38.18 -45.54
C ILE AA 217 62.05 -38.96 -44.78
N ILE AA 218 63.23 -38.38 -44.62
CA ILE AA 218 64.35 -39.00 -43.94
C ILE AA 218 64.53 -38.30 -42.60
N TYR AA 219 64.49 -39.08 -41.52
CA TYR AA 219 64.59 -38.54 -40.17
C TYR AA 219 65.96 -38.83 -39.60
N LYS AA 220 66.63 -37.79 -39.12
CA LYS AA 220 67.86 -37.92 -38.37
C LYS AA 220 67.54 -37.72 -36.89
N GLU AA 221 68.58 -37.82 -36.05
CA GLU AA 221 68.37 -37.63 -34.62
C GLU AA 221 68.04 -36.19 -34.28
N ASP AA 222 68.38 -35.23 -35.15
CA ASP AA 222 68.15 -33.83 -34.84
C ASP AA 222 67.66 -33.00 -36.03
N SER AA 223 67.38 -33.60 -37.18
CA SER AA 223 66.95 -32.85 -38.34
C SER AA 223 66.10 -33.73 -39.24
N VAL AA 224 65.34 -33.09 -40.12
CA VAL AA 224 64.43 -33.79 -41.02
C VAL AA 224 64.70 -33.32 -42.44
N TYR AA 225 64.95 -34.27 -43.34
CA TYR AA 225 65.21 -34.01 -44.75
C TYR AA 225 64.12 -34.64 -45.60
N SER AA 226 64.03 -34.17 -46.85
CA SER AA 226 63.08 -34.70 -47.82
C SER AA 226 63.82 -35.11 -49.08
N MET AA 227 63.35 -36.20 -49.70
CA MET AA 227 63.92 -36.72 -50.93
C MET AA 227 62.81 -36.82 -51.95
N ARG AA 228 63.09 -36.39 -53.18
CA ARG AA 228 62.11 -36.43 -54.26
C ARG AA 228 62.74 -36.99 -55.51
N TYR AA 229 61.96 -37.75 -56.27
CA TYR AA 229 62.42 -38.37 -57.51
C TYR AA 229 62.15 -37.44 -58.68
N ILE AA 230 63.20 -37.13 -59.43
CA ILE AA 230 63.08 -36.20 -60.56
C ILE AA 230 63.57 -36.87 -61.83
N GLY AA 231 64.22 -38.02 -61.70
CA GLY AA 231 64.77 -38.67 -62.87
C GLY AA 231 65.93 -37.88 -63.44
N GLY AA 232 66.11 -37.98 -64.76
CA GLY AA 232 67.17 -37.24 -65.40
C GLY AA 232 68.55 -37.79 -65.06
N LEU AA 233 69.51 -36.88 -64.97
CA LEU AA 233 70.89 -37.24 -64.71
C LEU AA 233 71.21 -37.39 -63.22
N PHE AA 234 70.29 -37.01 -62.34
CA PHE AA 234 70.53 -37.09 -60.90
C PHE AA 234 69.53 -37.95 -60.16
N ILE AA 235 68.47 -38.41 -60.81
CA ILE AA 235 67.48 -39.32 -60.24
C ILE AA 235 66.77 -38.68 -59.06
N PHE AA 236 67.48 -38.46 -57.96
CA PHE AA 236 66.88 -37.99 -56.73
C PHE AA 236 67.38 -36.60 -56.38
N GLN AA 237 66.48 -35.81 -55.79
CA GLN AA 237 66.77 -34.45 -55.35
C GLN AA 237 66.58 -34.37 -53.84
N PHE AA 238 67.54 -33.76 -53.16
CA PHE AA 238 67.54 -33.69 -51.70
C PHE AA 238 67.26 -32.28 -51.23
N GLN AA 239 66.51 -32.16 -50.15
CA GLN AA 239 66.10 -30.86 -49.64
C GLN AA 239 65.87 -30.97 -48.14
N GLN AA 240 66.47 -30.06 -47.38
CA GLN AA 240 66.33 -30.06 -45.93
C GLN AA 240 65.04 -29.38 -45.52
N LEU AA 241 64.36 -29.95 -44.53
CA LEU AA 241 63.09 -29.43 -44.04
C LEU AA 241 63.19 -28.79 -42.67
N PHE AA 242 63.71 -29.50 -41.68
CA PHE AA 242 63.74 -28.99 -40.32
C PHE AA 242 65.11 -29.23 -39.70
N ASN AA 243 65.51 -28.32 -38.80
CA ASN AA 243 66.81 -28.37 -38.15
C ASN AA 243 66.75 -28.39 -36.64
N ASP AA 244 65.59 -28.14 -36.03
CA ASP AA 244 65.50 -28.04 -34.58
C ASP AA 244 64.90 -29.27 -33.91
N VAL AA 245 64.30 -30.19 -34.68
CA VAL AA 245 63.72 -31.40 -34.12
C VAL AA 245 64.13 -32.58 -34.99
N GLY AA 246 64.01 -33.76 -34.41
CA GLY AA 246 64.33 -34.98 -35.12
C GLY AA 246 63.34 -36.09 -34.81
N ILE AA 247 63.85 -37.28 -34.49
CA ILE AA 247 63.02 -38.41 -34.10
C ILE AA 247 63.67 -39.09 -32.91
N LEU AA 248 62.86 -39.84 -32.16
CA LEU AA 248 63.37 -40.54 -30.99
C LEU AA 248 64.01 -41.87 -31.36
N GLY AA 249 63.35 -42.62 -32.25
CA GLY AA 249 63.86 -43.91 -32.65
C GLY AA 249 63.09 -44.46 -33.85
N PRO AA 250 63.42 -45.68 -34.26
CA PRO AA 250 62.70 -46.29 -35.38
C PRO AA 250 61.24 -46.54 -35.03
N ASN AA 251 60.40 -46.55 -36.06
CA ASN AA 251 58.96 -46.76 -35.91
C ASN AA 251 58.33 -45.72 -34.99
N CYS AA 252 58.76 -44.47 -35.14
CA CYS AA 252 58.23 -43.36 -34.34
C CYS AA 252 57.70 -42.24 -35.22
N ALA AA 253 57.19 -42.58 -36.40
CA ALA AA 253 56.62 -41.59 -37.30
C ALA AA 253 55.58 -42.27 -38.18
N ILE AA 254 54.36 -41.74 -38.18
CA ILE AA 254 53.26 -42.34 -38.92
C ILE AA 254 52.63 -41.28 -39.83
N GLU AA 255 51.94 -41.75 -40.85
CA GLU AA 255 51.28 -40.89 -41.82
C GLU AA 255 49.77 -41.02 -41.67
N PHE AA 256 49.08 -39.88 -41.72
CA PHE AA 256 47.62 -39.87 -41.59
C PHE AA 256 47.08 -38.60 -42.24
N ASP AA 257 46.11 -38.77 -43.14
CA ASP AA 257 45.39 -37.65 -43.75
C ASP AA 257 46.33 -36.66 -44.41
N GLY AA 258 47.42 -37.14 -44.99
CA GLY AA 258 48.37 -36.27 -45.65
C GLY AA 258 49.29 -35.51 -44.73
N ASN AA 259 49.40 -35.93 -43.47
CA ASN AA 259 50.31 -35.33 -42.51
C ASN AA 259 51.14 -36.42 -41.86
N HIS AA 260 52.17 -36.00 -41.14
CA HIS AA 260 53.06 -36.90 -40.43
C HIS AA 260 53.02 -36.58 -38.94
N PHE AA 261 52.75 -37.60 -38.13
CA PHE AA 261 52.78 -37.53 -36.69
C PHE AA 261 54.09 -38.13 -36.21
N VAL AA 262 54.90 -37.33 -35.53
CA VAL AA 262 56.27 -37.69 -35.18
C VAL AA 262 56.49 -37.48 -33.69
N VAL AA 263 57.19 -38.42 -33.07
CA VAL AA 263 57.61 -38.31 -31.67
C VAL AA 263 59.10 -37.99 -31.68
N GLY AA 264 59.42 -36.71 -31.43
CA GLY AA 264 60.79 -36.26 -31.43
C GLY AA 264 61.43 -36.34 -30.05
N HIS AA 265 62.60 -35.72 -29.94
CA HIS AA 265 63.34 -35.68 -28.67
C HIS AA 265 62.88 -34.44 -27.91
N GLY AA 266 62.02 -34.65 -26.92
CA GLY AA 266 61.48 -33.56 -26.14
C GLY AA 266 60.23 -32.92 -26.68
N ASP AA 267 59.65 -33.46 -27.75
CA ASP AA 267 58.43 -32.92 -28.30
C ASP AA 267 57.75 -33.97 -29.17
N VAL AA 268 56.44 -33.84 -29.30
CA VAL AA 268 55.62 -34.65 -30.20
C VAL AA 268 54.89 -33.68 -31.11
N TYR AA 269 55.10 -33.81 -32.42
CA TYR AA 269 54.62 -32.79 -33.35
C TYR AA 269 53.96 -33.44 -34.57
N VAL AA 270 53.37 -32.58 -35.38
CA VAL AA 270 52.69 -32.96 -36.62
C VAL AA 270 53.10 -31.96 -37.69
N HIS AA 271 53.43 -32.47 -38.87
CA HIS AA 271 53.86 -31.60 -39.95
C HIS AA 271 53.39 -32.14 -41.29
N ASN AA 272 53.21 -31.24 -42.25
CA ASN AA 272 52.82 -31.61 -43.60
C ASN AA 272 53.93 -31.37 -44.61
N GLY AA 273 55.16 -31.21 -44.14
CA GLY AA 273 56.28 -30.88 -45.00
C GLY AA 273 56.47 -29.40 -45.24
N VAL AA 274 55.55 -28.55 -44.78
CA VAL AA 274 55.67 -27.11 -44.94
C VAL AA 274 55.56 -26.46 -43.57
N GLN AA 275 54.48 -26.78 -42.85
CA GLN AA 275 54.22 -26.20 -41.54
C GLN AA 275 54.27 -27.30 -40.48
N LYS AA 276 54.89 -26.97 -39.34
CA LYS AA 276 55.04 -27.90 -38.22
C LYS AA 276 54.41 -27.31 -36.98
N GLN AA 277 53.71 -28.13 -36.21
CA GLN AA 277 53.13 -27.65 -34.97
C GLN AA 277 53.06 -28.77 -33.95
N SER AA 278 53.19 -28.40 -32.68
CA SER AA 278 53.17 -29.38 -31.60
C SER AA 278 51.75 -29.68 -31.18
N VAL AA 279 51.50 -30.95 -30.84
CA VAL AA 279 50.18 -31.39 -30.43
C VAL AA 279 50.13 -31.86 -28.99
N ILE AA 280 51.28 -32.07 -28.35
CA ILE AA 280 51.32 -32.48 -26.95
C ILE AA 280 51.53 -31.31 -26.00
N ASP AA 281 51.84 -30.12 -26.51
CA ASP AA 281 52.14 -29.00 -25.65
C ASP AA 281 50.92 -28.61 -24.83
N ALA AA 282 51.17 -28.25 -23.57
CA ALA AA 282 50.18 -27.73 -22.63
C ALA AA 282 49.09 -28.74 -22.27
N GLN AA 283 49.23 -29.99 -22.66
CA GLN AA 283 48.27 -31.01 -22.25
C GLN AA 283 48.90 -32.09 -21.37
N VAL AA 284 49.87 -32.85 -21.88
CA VAL AA 284 50.52 -33.88 -21.09
C VAL AA 284 52.02 -33.86 -21.27
N ARG AA 285 52.56 -32.72 -21.69
CA ARG AA 285 53.98 -32.67 -22.06
C ARG AA 285 54.88 -32.96 -20.85
N LYS AA 286 54.66 -32.24 -19.75
CA LYS AA 286 55.50 -32.43 -18.57
C LYS AA 286 55.33 -33.83 -18.00
N PHE AA 287 54.10 -34.34 -17.97
CA PHE AA 287 53.86 -35.69 -17.47
C PHE AA 287 54.55 -36.72 -18.34
N PHE AA 288 54.45 -36.57 -19.67
CA PHE AA 288 55.02 -37.56 -20.56
C PHE AA 288 56.55 -37.56 -20.49
N PHE AA 289 57.18 -36.39 -20.62
CA PHE AA 289 58.64 -36.36 -20.60
C PHE AA 289 59.16 -36.26 -19.17
N SER AA 290 58.58 -37.08 -18.30
CA SER AA 290 59.16 -37.35 -16.99
C SER AA 290 58.92 -38.78 -16.56
N ASP AA 291 58.32 -39.62 -17.41
CA ASP AA 291 57.90 -40.95 -17.05
C ASP AA 291 58.67 -42.04 -17.79
N ILE AA 292 59.38 -41.70 -18.85
CA ILE AA 292 60.11 -42.70 -19.63
C ILE AA 292 61.28 -43.23 -18.81
N ASN AA 293 61.44 -44.54 -18.82
CA ASN AA 293 62.53 -45.18 -18.10
C ASN AA 293 63.86 -44.76 -18.71
N PRO AA 294 64.78 -44.18 -17.94
CA PRO AA 294 66.06 -43.75 -18.52
C PRO AA 294 66.85 -44.87 -19.18
N ASP AA 295 66.75 -46.09 -18.65
CA ASP AA 295 67.50 -47.22 -19.20
C ASP AA 295 66.81 -47.89 -20.37
N ASN AA 296 65.59 -47.46 -20.72
CA ASN AA 296 64.84 -48.13 -21.77
C ASN AA 296 64.15 -47.14 -22.69
N TYR AA 297 64.70 -45.96 -22.87
CA TYR AA 297 64.05 -44.97 -23.72
C TYR AA 297 64.37 -45.21 -25.20
N GLN AA 298 64.29 -46.47 -25.62
CA GLN AA 298 64.50 -46.80 -27.02
C GLN AA 298 63.55 -47.87 -27.53
N ARG AA 299 62.65 -48.37 -26.69
CA ARG AA 299 61.60 -49.28 -27.13
C ARG AA 299 60.33 -48.55 -27.49
N THR AA 300 60.29 -47.23 -27.31
CA THR AA 300 59.11 -46.45 -27.63
C THR AA 300 58.75 -46.60 -29.10
N PHE AA 301 57.48 -46.84 -29.37
CA PHE AA 301 57.05 -46.98 -30.76
C PHE AA 301 55.62 -46.49 -30.91
N VAL AA 302 55.26 -46.15 -32.14
CA VAL AA 302 53.98 -45.54 -32.45
C VAL AA 302 53.21 -46.47 -33.37
N ILE AA 303 51.91 -46.63 -33.10
CA ILE AA 303 51.02 -47.41 -33.94
C ILE AA 303 49.77 -46.58 -34.22
N ALA AA 304 49.06 -46.94 -35.27
CA ALA AA 304 47.90 -46.18 -35.73
C ALA AA 304 46.68 -47.07 -35.81
N ASP AA 305 45.54 -46.52 -35.38
CA ASP AA 305 44.23 -47.18 -35.49
C ASP AA 305 43.38 -46.28 -36.38
N HIS AA 306 43.31 -46.62 -37.66
CA HIS AA 306 42.60 -45.78 -38.61
C HIS AA 306 41.10 -45.83 -38.39
N VAL AA 307 40.56 -47.00 -38.03
CA VAL AA 307 39.12 -47.12 -37.81
C VAL AA 307 38.69 -46.23 -36.64
N ASN AA 308 39.45 -46.26 -35.55
CA ASN AA 308 39.15 -45.43 -34.39
C ASN AA 308 39.80 -44.06 -34.46
N THR AA 309 40.63 -43.81 -35.46
CA THR AA 309 41.35 -42.55 -35.62
C THR AA 309 42.13 -42.20 -34.36
N GLU AA 310 43.07 -43.07 -34.02
CA GLU AA 310 43.87 -42.90 -32.82
C GLU AA 310 45.33 -43.21 -33.12
N MET AA 311 46.22 -42.60 -32.33
CA MET AA 311 47.64 -42.86 -32.41
C MET AA 311 48.13 -43.29 -31.03
N TRP AA 312 48.72 -44.47 -30.96
CA TRP AA 312 49.23 -45.03 -29.72
C TRP AA 312 50.73 -44.83 -29.65
N VAL AA 313 51.21 -44.20 -28.59
CA VAL AA 313 52.63 -44.11 -28.28
C VAL AA 313 52.87 -45.04 -27.11
N CYS AA 314 53.63 -46.11 -27.34
CA CYS AA 314 53.90 -47.13 -26.35
C CYS AA 314 55.33 -47.00 -25.86
N TYR AA 315 55.50 -47.00 -24.54
CA TYR AA 315 56.80 -46.80 -23.94
C TYR AA 315 56.85 -47.52 -22.60
N SER AA 316 58.05 -47.57 -22.01
CA SER AA 316 58.27 -48.20 -20.73
C SER AA 316 58.34 -47.12 -19.65
N SER AA 317 57.41 -47.20 -18.69
CA SER AA 317 57.32 -46.18 -17.65
C SER AA 317 58.31 -46.45 -16.53
N THR AA 318 58.40 -45.49 -15.61
CA THR AA 318 59.31 -45.62 -14.47
C THR AA 318 58.81 -46.62 -13.44
N ARG AA 319 57.55 -47.05 -13.51
CA ARG AA 319 57.06 -48.05 -12.57
C ARG AA 319 57.71 -49.40 -12.78
N SER AA 320 58.30 -49.65 -13.94
CA SER AA 320 58.89 -50.94 -14.27
C SER AA 320 60.39 -50.92 -14.01
N GLU AA 321 60.91 -52.05 -13.56
CA GLU AA 321 62.33 -52.19 -13.33
C GLU AA 321 63.09 -52.18 -14.65
N PRO AA 322 64.35 -51.74 -14.64
CA PRO AA 322 65.14 -51.73 -15.89
C PRO AA 322 65.28 -53.13 -16.46
N GLY AA 323 65.28 -53.20 -17.79
CA GLY AA 323 65.35 -54.46 -18.49
C GLY AA 323 64.03 -54.94 -19.06
N LYS AA 324 62.92 -54.35 -18.65
CA LYS AA 324 61.61 -54.72 -19.18
C LYS AA 324 61.27 -53.86 -20.39
N HIS AA 325 60.24 -54.31 -21.13
CA HIS AA 325 59.82 -53.63 -22.34
C HIS AA 325 58.71 -52.64 -22.03
N CYS AA 326 58.05 -52.12 -23.06
CA CYS AA 326 57.03 -51.11 -22.89
C CYS AA 326 55.86 -51.66 -22.08
N ASP AA 327 55.36 -50.84 -21.15
CA ASP AA 327 54.23 -51.21 -20.33
C ASP AA 327 53.14 -50.15 -20.27
N ARG AA 328 53.37 -48.95 -20.77
CA ARG AA 328 52.39 -47.88 -20.74
C ARG AA 328 52.21 -47.30 -22.13
N ALA AA 329 51.06 -46.65 -22.34
CA ALA AA 329 50.79 -46.04 -23.63
C ALA AA 329 49.99 -44.77 -23.43
N ILE AA 330 50.19 -43.82 -24.32
CA ILE AA 330 49.37 -42.62 -24.41
C ILE AA 330 48.74 -42.59 -25.79
N ILE AA 331 47.43 -42.38 -25.83
CA ILE AA 331 46.66 -42.44 -27.07
C ILE AA 331 46.14 -41.05 -27.38
N TRP AA 332 46.39 -40.59 -28.60
CA TRP AA 332 45.94 -39.28 -29.06
C TRP AA 332 44.89 -39.46 -30.14
N ASN AA 333 43.79 -38.73 -30.02
CA ASN AA 333 42.72 -38.76 -31.01
C ASN AA 333 42.84 -37.52 -31.89
N TRP AA 334 43.12 -37.73 -33.17
CA TRP AA 334 43.40 -36.61 -34.07
C TRP AA 334 42.15 -35.96 -34.62
N LYS AA 335 40.97 -36.51 -34.35
CA LYS AA 335 39.73 -35.87 -34.77
C LYS AA 335 39.12 -35.00 -33.69
N GLU AA 336 39.48 -35.21 -32.42
CA GLU AA 336 38.98 -34.42 -31.32
C GLU AA 336 40.07 -33.76 -30.50
N ASN AA 337 41.34 -34.08 -30.74
CA ASN AA 337 42.47 -33.49 -30.03
C ASN AA 337 42.38 -33.78 -28.53
N THR AA 338 42.41 -35.06 -28.20
CA THR AA 338 42.33 -35.51 -26.81
C THR AA 338 43.39 -36.57 -26.55
N TRP AA 339 43.81 -36.66 -25.30
CA TRP AA 339 44.83 -37.60 -24.86
C TRP AA 339 44.26 -38.54 -23.80
N SER AA 340 44.75 -39.78 -23.80
CA SER AA 340 44.33 -40.77 -22.82
C SER AA 340 45.53 -41.64 -22.44
N ILE AA 341 45.43 -42.27 -21.27
CA ILE AA 341 46.51 -43.09 -20.73
C ILE AA 341 46.02 -44.52 -20.58
N ARG AA 342 46.89 -45.48 -20.90
CA ARG AA 342 46.52 -46.88 -20.93
C ARG AA 342 47.69 -47.72 -20.43
N ASP AA 343 47.37 -48.88 -19.87
CA ASP AA 343 48.37 -49.88 -19.48
C ASP AA 343 48.55 -50.91 -20.59
N LEU AA 344 49.73 -51.51 -20.60
CA LEU AA 344 50.06 -52.53 -21.60
C LEU AA 344 50.68 -53.73 -20.92
N PRO AA 345 50.50 -54.94 -21.50
CA PRO AA 345 51.02 -56.17 -20.89
C PRO AA 345 52.45 -56.51 -21.31
N ASN AA 346 53.36 -55.55 -21.14
CA ASN AA 346 54.78 -55.76 -21.38
C ASN AA 346 55.04 -56.24 -22.82
N VAL AA 347 54.70 -55.38 -23.77
CA VAL AA 347 54.83 -55.70 -25.17
C VAL AA 347 56.10 -55.07 -25.73
N LEU AA 348 56.51 -55.52 -26.91
CA LEU AA 348 57.69 -55.00 -27.58
C LEU AA 348 57.42 -54.44 -28.96
N SER AA 349 56.47 -55.01 -29.70
CA SER AA 349 56.12 -54.53 -31.03
C SER AA 349 54.66 -54.80 -31.29
N GLY AA 350 54.12 -54.13 -32.30
CA GLY AA 350 52.73 -54.29 -32.67
C GLY AA 350 52.52 -54.05 -34.14
N ALA AA 351 51.34 -54.44 -34.61
CA ALA AA 351 51.00 -54.31 -36.02
C ALA AA 351 49.50 -54.13 -36.16
N TYR AA 352 49.11 -53.58 -37.31
CA TYR AA 352 47.72 -53.28 -37.63
C TYR AA 352 47.38 -53.96 -38.95
N GLY AA 353 46.39 -54.84 -38.93
CA GLY AA 353 46.06 -55.58 -40.13
C GLY AA 353 44.82 -56.43 -39.93
N ILE AA 354 44.45 -57.13 -41.00
CA ILE AA 354 43.28 -57.99 -40.99
C ILE AA 354 43.66 -59.35 -40.43
N ILE AA 355 42.83 -59.87 -39.52
CA ILE AA 355 43.07 -61.17 -38.90
C ILE AA 355 41.76 -61.91 -38.77
N ASP AA 356 41.81 -63.23 -38.89
CA ASP AA 356 40.65 -64.09 -38.72
C ASP AA 356 40.88 -64.98 -37.51
N PRO AA 357 40.26 -64.70 -36.37
CA PRO AA 357 40.51 -65.50 -35.16
C PRO AA 357 40.00 -66.93 -35.26
N LYS AA 358 39.12 -67.23 -36.22
CA LYS AA 358 38.56 -68.57 -36.40
C LYS AA 358 37.85 -69.04 -35.13
N VAL AA 359 36.81 -68.30 -34.76
CA VAL AA 359 35.99 -68.61 -33.59
C VAL AA 359 34.56 -68.83 -34.08
N SER AA 360 34.02 -70.01 -33.81
CA SER AA 360 32.65 -70.31 -34.19
C SER AA 360 31.67 -69.57 -33.30
N ASN AA 361 30.50 -69.26 -33.85
CA ASN AA 361 29.48 -68.54 -33.10
C ASN AA 361 28.50 -69.49 -32.44
N LEU AA 362 27.75 -70.25 -33.24
CA LEU AA 362 26.76 -71.22 -32.77
C LEU AA 362 25.94 -70.68 -31.60
N TRP AA 363 25.55 -71.57 -30.68
CA TRP AA 363 24.85 -71.15 -29.47
C TRP AA 363 25.47 -71.77 -28.24
N ASP AA 364 26.04 -72.98 -28.38
CA ASP AA 364 26.50 -73.76 -27.25
C ASP AA 364 28.02 -73.73 -27.10
N ASP AA 365 28.68 -72.76 -27.71
CA ASP AA 365 30.13 -72.58 -27.60
C ASP AA 365 30.46 -71.18 -27.12
N ASP AA 366 29.68 -70.66 -26.19
CA ASP AA 366 29.79 -69.26 -25.78
C ASP AA 366 30.09 -69.11 -24.30
N PRO AA 367 31.36 -68.97 -23.92
CA PRO AA 367 31.69 -68.44 -22.60
C PRO AA 367 31.44 -66.94 -22.55
N ASN AA 368 31.93 -66.25 -21.52
CA ASN AA 368 31.78 -64.79 -21.43
C ASN AA 368 30.31 -64.40 -21.32
N PRO AA 369 29.72 -64.52 -20.13
CA PRO AA 369 28.28 -64.28 -19.95
C PRO AA 369 27.79 -62.93 -20.46
N TRP AA 370 26.46 -62.74 -20.41
CA TRP AA 370 25.81 -61.66 -21.14
C TRP AA 370 26.48 -60.32 -20.94
N ASP AA 371 26.80 -59.98 -19.69
CA ASP AA 371 27.33 -58.65 -19.39
C ASP AA 371 28.85 -58.58 -19.54
N THR AA 372 29.36 -59.01 -20.70
CA THR AA 372 30.78 -58.89 -21.05
C THR AA 372 30.87 -58.37 -22.47
N TYR AA 373 30.90 -57.05 -22.61
CA TYR AA 373 31.02 -56.38 -23.91
C TYR AA 373 29.92 -56.81 -24.87
N THR AA 374 30.15 -57.92 -25.58
CA THR AA 374 29.32 -58.37 -26.70
C THR AA 374 29.30 -57.33 -27.81
N SER AA 375 28.78 -57.71 -28.97
CA SER AA 375 28.65 -56.79 -30.09
C SER AA 375 27.21 -56.77 -30.56
N VAL AA 376 26.95 -56.12 -31.70
CA VAL AA 376 25.60 -56.13 -32.24
C VAL AA 376 25.21 -57.55 -32.64
N TRP AA 377 23.90 -57.76 -32.80
CA TRP AA 377 23.39 -59.10 -33.05
C TRP AA 377 23.92 -59.66 -34.36
N GLY AA 378 23.98 -58.84 -35.41
CA GLY AA 378 24.39 -59.32 -36.71
C GLY AA 378 25.88 -59.56 -36.85
N GLU AA 379 26.69 -58.95 -35.99
CA GLU AA 379 28.13 -59.06 -36.13
C GLU AA 379 28.62 -60.45 -35.72
N GLY AA 380 29.62 -60.95 -36.44
CA GLY AA 380 30.28 -62.19 -36.11
C GLY AA 380 31.64 -61.97 -35.50
N SER AA 381 32.39 -63.07 -35.39
CA SER AA 381 33.75 -63.02 -34.84
C SER AA 381 34.78 -62.58 -35.86
N TYR AA 382 34.43 -62.58 -37.15
CA TYR AA 382 35.36 -62.21 -38.22
C TYR AA 382 34.74 -61.08 -39.03
N ASN AA 383 35.45 -59.97 -39.12
CA ASN AA 383 34.98 -58.79 -39.87
C ASN AA 383 36.05 -58.37 -40.87
N PRO AA 384 35.98 -58.83 -42.11
CA PRO AA 384 37.01 -58.48 -43.09
C PRO AA 384 37.06 -56.99 -43.42
N ALA AA 385 35.97 -56.26 -43.21
CA ALA AA 385 35.94 -54.84 -43.55
C ALA AA 385 36.65 -53.97 -42.53
N LYS AA 386 37.04 -54.51 -41.38
CA LYS AA 386 37.71 -53.74 -40.34
C LYS AA 386 39.02 -54.41 -39.97
N SER AA 387 40.00 -53.59 -39.61
CA SER AA 387 41.32 -54.08 -39.23
C SER AA 387 41.37 -54.32 -37.72
N SER AA 388 42.52 -54.78 -37.25
CA SER AA 388 42.71 -55.06 -35.82
C SER AA 388 44.17 -54.88 -35.47
N MET AA 389 44.42 -54.71 -34.17
CA MET AA 389 45.76 -54.49 -33.64
C MET AA 389 46.23 -55.74 -32.92
N ILE AA 390 47.47 -56.14 -33.20
CA ILE AA 390 48.08 -57.32 -32.58
C ILE AA 390 49.44 -56.91 -32.02
N PHE AA 391 49.67 -57.20 -30.76
CA PHE AA 391 50.92 -56.92 -30.07
C PHE AA 391 51.64 -58.21 -29.73
N SER AA 392 52.96 -58.11 -29.57
CA SER AA 392 53.80 -59.27 -29.25
C SER AA 392 54.60 -58.98 -28.00
N SER AA 393 54.50 -59.87 -27.01
CA SER AA 393 55.29 -59.80 -25.80
C SER AA 393 56.43 -60.81 -25.94
N PHE AA 394 57.64 -60.29 -26.11
CA PHE AA 394 58.81 -61.13 -26.33
C PHE AA 394 59.17 -61.92 -25.08
N GLN AA 395 59.27 -61.24 -23.93
CA GLN AA 395 59.74 -61.90 -22.72
C GLN AA 395 58.76 -62.93 -22.21
N ASP AA 396 57.46 -62.67 -22.33
CA ASP AA 396 56.44 -63.64 -21.95
C ASP AA 396 56.06 -64.57 -23.09
N LYS AA 397 56.61 -64.36 -24.28
CA LYS AA 397 56.36 -65.21 -25.45
C LYS AA 397 54.87 -65.34 -25.72
N LYS AA 398 54.21 -64.20 -25.95
CA LYS AA 398 52.77 -64.21 -26.14
C LYS AA 398 52.40 -63.25 -27.26
N LEU AA 399 51.24 -63.50 -27.85
CA LEU AA 399 50.67 -62.64 -28.88
C LEU AA 399 49.26 -62.26 -28.47
N PHE AA 400 48.99 -60.96 -28.38
CA PHE AA 400 47.70 -60.46 -27.93
C PHE AA 400 46.99 -59.78 -29.10
N LEU AA 401 45.71 -60.06 -29.26
CA LEU AA 401 44.86 -59.35 -30.20
C LEU AA 401 43.96 -58.42 -29.40
N PHE AA 402 44.01 -57.12 -29.71
CA PHE AA 402 43.24 -56.13 -28.98
C PHE AA 402 41.89 -55.93 -29.64
N GLY AA 403 40.87 -55.71 -28.84
CA GLY AA 403 39.55 -55.56 -29.43
C GLY AA 403 38.37 -55.95 -28.55
N ASN AA 404 37.57 -56.90 -29.05
CA ASN AA 404 36.24 -57.17 -28.50
C ASN AA 404 36.28 -57.44 -27.00
N ASN AA 405 37.19 -58.30 -26.55
CA ASN AA 405 37.17 -58.74 -25.16
C ASN AA 405 37.32 -57.55 -24.21
N SER AA 406 36.63 -57.64 -23.08
CA SER AA 406 36.62 -56.57 -22.08
C SER AA 406 37.46 -56.90 -20.84
N THR AA 407 38.28 -57.94 -20.93
CA THR AA 407 39.14 -58.32 -19.82
C THR AA 407 40.58 -58.43 -20.32
N PHE AA 408 41.52 -58.27 -19.40
CA PHE AA 408 42.94 -58.44 -19.71
C PHE AA 408 43.28 -59.93 -19.70
N SER AA 409 42.74 -60.63 -20.70
CA SER AA 409 42.87 -62.08 -20.84
C SER AA 409 42.35 -62.78 -19.58
N GLY AA 410 41.09 -62.53 -19.27
CA GLY AA 410 40.47 -63.08 -18.08
C GLY AA 410 40.53 -62.16 -16.86
N GLN AA 411 41.69 -61.57 -16.61
CA GLN AA 411 41.85 -60.68 -15.47
C GLN AA 411 41.04 -59.40 -15.66
N ASN AA 412 40.55 -58.86 -14.55
CA ASN AA 412 39.78 -57.63 -14.54
C ASN AA 412 40.68 -56.46 -14.15
N PHE AA 413 40.51 -55.34 -14.83
CA PHE AA 413 41.26 -54.12 -14.54
C PHE AA 413 40.29 -53.04 -14.05
N VAL AA 414 40.86 -51.92 -13.65
CA VAL AA 414 40.12 -50.82 -13.02
C VAL AA 414 40.35 -49.56 -13.83
N SER AA 415 39.26 -48.86 -14.16
CA SER AA 415 39.32 -47.59 -14.86
C SER AA 415 39.00 -46.47 -13.89
N THR AA 416 39.73 -45.36 -13.98
CA THR AA 416 39.52 -44.24 -13.06
C THR AA 416 39.41 -42.93 -13.84
N LEU AA 417 38.55 -42.04 -13.35
CA LEU AA 417 38.43 -40.69 -13.90
C LEU AA 417 38.24 -39.72 -12.75
N GLU AA 418 39.13 -38.74 -12.62
CA GLU AA 418 39.12 -37.85 -11.48
C GLU AA 418 39.23 -36.39 -11.92
N ARG AA 419 38.43 -35.54 -11.28
CA ARG AA 419 38.50 -34.10 -11.46
C ARG AA 419 38.52 -33.45 -10.08
N SER AA 420 39.23 -32.32 -9.97
CA SER AA 420 39.38 -31.66 -8.67
C SER AA 420 39.29 -30.15 -8.84
N ASP AA 421 39.04 -29.47 -7.72
CA ASP AA 421 39.07 -28.02 -7.63
C ASP AA 421 37.99 -27.38 -8.52
N ILE AA 422 36.75 -27.76 -8.24
CA ILE AA 422 35.58 -27.17 -8.89
C ILE AA 422 34.94 -26.22 -7.89
N TYR AA 423 34.78 -24.96 -8.27
CA TYR AA 423 34.13 -24.00 -7.40
C TYR AA 423 33.12 -23.11 -8.10
N LEU AA 424 32.95 -23.24 -9.42
CA LEU AA 424 31.87 -22.57 -10.16
C LEU AA 424 31.91 -21.06 -9.98
N GLY AA 425 33.11 -20.49 -9.96
CA GLY AA 425 33.27 -19.06 -9.95
C GLY AA 425 33.10 -18.38 -8.61
N ASP AA 426 32.84 -19.13 -7.55
CA ASP AA 426 32.69 -18.58 -6.20
C ASP AA 426 33.69 -19.29 -5.30
N ASP AA 427 34.78 -18.60 -4.96
CA ASP AA 427 35.87 -19.19 -4.20
C ASP AA 427 35.93 -18.66 -2.77
N ARG AA 428 34.81 -18.17 -2.24
CA ARG AA 428 34.74 -17.73 -0.86
C ARG AA 428 33.79 -18.56 -0.02
N MET AA 429 32.54 -18.70 -0.45
CA MET AA 429 31.55 -19.45 0.32
C MET AA 429 31.78 -20.94 0.18
N MET AA 430 31.14 -21.70 1.08
CA MET AA 430 31.22 -23.15 1.09
C MET AA 430 29.98 -23.74 0.44
N LYS AA 431 30.19 -24.74 -0.41
CA LYS AA 431 29.10 -25.42 -1.11
C LYS AA 431 28.65 -26.62 -0.31
N THR AA 432 27.48 -27.16 -0.70
CA THR AA 432 26.85 -28.25 0.04
C THR AA 432 26.88 -29.58 -0.68
N VAL AA 433 26.57 -29.61 -1.98
CA VAL AA 433 26.59 -30.83 -2.78
C VAL AA 433 25.65 -31.88 -2.20
N SER AA 434 24.43 -31.93 -2.70
CA SER AA 434 23.44 -32.86 -2.18
C SER AA 434 23.37 -34.16 -2.95
N ALA AA 435 23.63 -34.16 -4.26
CA ALA AA 435 23.53 -35.39 -5.02
C ALA AA 435 24.37 -35.27 -6.30
N ILE AA 436 24.72 -36.43 -6.84
CA ILE AA 436 25.41 -36.54 -8.12
C ILE AA 436 24.60 -37.44 -9.02
N ILE AA 437 24.26 -36.94 -10.21
CA ILE AA 437 23.48 -37.70 -11.18
C ILE AA 437 24.36 -38.01 -12.38
N PRO AA 438 24.86 -39.24 -12.51
CA PRO AA 438 25.68 -39.59 -13.66
C PRO AA 438 24.83 -39.97 -14.87
N HIS AA 439 25.45 -39.83 -16.05
CA HIS AA 439 24.84 -40.21 -17.31
C HIS AA 439 25.67 -41.35 -17.88
N ILE AA 440 25.37 -42.57 -17.47
CA ILE AA 440 26.09 -43.76 -17.89
C ILE AA 440 25.11 -44.75 -18.50
N THR AA 441 25.45 -45.31 -19.65
CA THR AA 441 24.62 -46.29 -20.31
C THR AA 441 25.40 -47.58 -20.51
N GLY AA 442 24.79 -48.71 -20.17
CA GLY AA 442 25.45 -49.99 -20.27
C GLY AA 442 25.16 -50.91 -19.10
N ASN AA 443 26.15 -51.71 -18.71
CA ASN AA 443 26.01 -52.63 -17.60
C ASN AA 443 27.23 -52.54 -16.70
N GLY AA 444 27.04 -52.87 -15.43
CA GLY AA 444 28.11 -52.90 -14.46
C GLY AA 444 27.79 -52.05 -13.26
N THR AA 445 28.78 -51.92 -12.38
CA THR AA 445 28.64 -51.13 -11.16
C THR AA 445 29.83 -50.19 -11.05
N CYS AA 446 29.56 -48.94 -10.69
CA CYS AA 446 30.60 -47.93 -10.52
C CYS AA 446 30.65 -47.49 -9.07
N ASN AA 447 31.76 -46.87 -8.69
CA ASN AA 447 31.95 -46.33 -7.35
C ASN AA 447 32.26 -44.85 -7.47
N ILE AA 448 31.60 -44.04 -6.67
CA ILE AA 448 31.74 -42.59 -6.72
C ILE AA 448 32.35 -42.10 -5.42
N TRP AA 449 33.37 -41.26 -5.53
CA TRP AA 449 34.04 -40.64 -4.38
C TRP AA 449 33.90 -39.13 -4.51
N VAL AA 450 33.47 -38.49 -3.42
CA VAL AA 450 33.30 -37.04 -3.37
C VAL AA 450 34.19 -36.49 -2.27
N GLY AA 451 34.97 -35.46 -2.58
CA GLY AA 451 35.86 -34.86 -1.61
C GLY AA 451 35.87 -33.36 -1.73
N ASN AA 452 36.45 -32.71 -0.71
CA ASN AA 452 36.53 -31.26 -0.68
C ASN AA 452 37.90 -30.83 -0.21
N ALA AA 453 38.28 -29.62 -0.60
CA ALA AA 453 39.52 -28.99 -0.18
C ALA AA 453 39.22 -27.55 0.21
N GLN AA 454 39.89 -27.08 1.26
CA GLN AA 454 39.68 -25.73 1.75
C GLN AA 454 40.66 -24.72 1.17
N VAL AA 455 41.82 -25.16 0.70
CA VAL AA 455 42.82 -24.30 0.08
C VAL AA 455 43.19 -24.91 -1.26
N GLN AA 456 43.27 -24.06 -2.29
CA GLN AA 456 43.57 -24.55 -3.63
C GLN AA 456 44.92 -25.26 -3.65
N GLY AA 457 44.91 -26.51 -4.13
CA GLY AA 457 46.12 -27.30 -4.21
C GLY AA 457 46.51 -28.03 -2.95
N SER AA 458 45.77 -27.87 -1.87
CA SER AA 458 46.09 -28.53 -0.61
C SER AA 458 45.44 -29.91 -0.58
N GLY AA 459 45.43 -30.54 0.60
CA GLY AA 459 44.88 -31.87 0.72
C GLY AA 459 43.37 -31.89 0.54
N ILE AA 460 42.86 -33.09 0.26
CA ILE AA 460 41.45 -33.31 -0.03
C ILE AA 460 40.90 -34.33 0.95
N ARG AA 461 39.78 -33.98 1.58
CA ARG AA 461 39.09 -34.90 2.49
C ARG AA 461 38.02 -35.65 1.71
N TRP AA 462 38.24 -36.95 1.51
CA TRP AA 462 37.35 -37.77 0.70
C TRP AA 462 36.27 -38.42 1.56
N LYS AA 463 35.20 -38.85 0.89
CA LYS AA 463 34.11 -39.55 1.53
C LYS AA 463 34.01 -40.97 0.97
N GLY AA 464 33.40 -41.86 1.76
CA GLY AA 464 33.32 -43.26 1.43
C GLY AA 464 32.75 -43.52 0.06
N PRO AA 465 33.10 -44.67 -0.52
CA PRO AA 465 32.65 -44.98 -1.88
C PRO AA 465 31.15 -45.22 -1.92
N TYR AA 466 30.48 -44.55 -2.85
CA TYR AA 466 29.05 -44.78 -3.06
C TYR AA 466 28.86 -45.68 -4.27
N PRO AA 467 28.27 -46.87 -4.10
CA PRO AA 467 28.00 -47.72 -5.25
C PRO AA 467 26.89 -47.16 -6.11
N TYR AA 468 26.98 -47.44 -7.41
CA TYR AA 468 25.98 -46.99 -8.38
C TYR AA 468 25.80 -48.09 -9.41
N ARG AA 469 24.56 -48.57 -9.54
CA ARG AA 469 24.24 -49.62 -10.49
C ARG AA 469 23.82 -49.00 -11.81
N ILE AA 470 24.56 -49.30 -12.87
CA ILE AA 470 24.30 -48.68 -14.16
C ILE AA 470 23.00 -49.21 -14.74
N GLY AA 471 22.12 -48.30 -15.13
CA GLY AA 471 20.86 -48.64 -15.74
C GLY AA 471 19.68 -48.72 -14.80
N GLN AA 472 19.92 -48.80 -13.49
CA GLN AA 472 18.85 -48.87 -12.51
C GLN AA 472 18.82 -47.64 -11.61
N ASP AA 473 19.92 -47.35 -10.93
CA ASP AA 473 19.96 -46.22 -10.02
C ASP AA 473 19.97 -44.90 -10.79
N TYR AA 474 19.23 -43.93 -10.29
CA TYR AA 474 19.18 -42.62 -10.93
C TYR AA 474 20.23 -41.67 -10.38
N LYS AA 475 20.56 -41.76 -9.10
CA LYS AA 475 21.50 -40.84 -8.49
C LYS AA 475 22.05 -41.48 -7.22
N ILE AA 476 23.08 -40.84 -6.66
CA ILE AA 476 23.63 -41.21 -5.36
C ILE AA 476 23.47 -40.02 -4.43
N ASP AA 477 23.06 -40.29 -3.20
CA ASP AA 477 22.77 -39.25 -2.22
C ASP AA 477 23.93 -39.11 -1.25
N THR AA 478 24.29 -37.88 -0.93
CA THR AA 478 25.39 -37.61 -0.02
C THR AA 478 25.22 -36.20 0.55
N LYS AA 479 26.13 -35.84 1.44
CA LYS AA 479 26.15 -34.49 2.03
C LYS AA 479 27.60 -34.16 2.34
N HIS AA 480 28.14 -33.15 1.65
CA HIS AA 480 29.58 -32.88 1.74
C HIS AA 480 29.80 -31.38 1.62
N VAL AA 481 30.04 -30.72 2.74
CA VAL AA 481 30.28 -29.28 2.78
C VAL AA 481 31.77 -29.03 2.55
N GLY AA 482 32.08 -28.12 1.64
CA GLY AA 482 33.47 -27.80 1.35
C GLY AA 482 33.55 -26.59 0.45
N ARG AA 483 34.79 -26.13 0.24
CA ARG AA 483 35.01 -24.94 -0.58
C ARG AA 483 35.31 -25.31 -2.04
N TYR AA 484 36.21 -26.28 -2.26
CA TYR AA 484 36.54 -26.75 -3.59
C TYR AA 484 36.17 -28.23 -3.70
N ILE AA 485 35.40 -28.58 -4.71
CA ILE AA 485 34.85 -29.91 -4.85
C ILE AA 485 35.77 -30.77 -5.72
N ALA AA 486 35.76 -32.08 -5.46
CA ALA AA 486 36.51 -33.03 -6.25
C ALA AA 486 35.71 -34.31 -6.39
N LEU AA 487 35.67 -34.86 -7.60
CA LEU AA 487 34.91 -36.06 -7.90
C LEU AA 487 35.83 -37.12 -8.48
N LYS AA 488 35.56 -38.38 -8.13
CA LYS AA 488 36.31 -39.50 -8.67
C LYS AA 488 35.35 -40.63 -9.00
N PHE AA 489 35.47 -41.18 -10.21
CA PHE AA 489 34.68 -42.30 -10.66
C PHE AA 489 35.58 -43.50 -10.88
N ASP AA 490 35.23 -44.63 -10.25
CA ASP AA 490 36.00 -45.86 -10.36
C ASP AA 490 35.11 -46.93 -10.97
N PHE AA 491 35.54 -47.49 -12.10
CA PHE AA 491 34.81 -48.53 -12.79
C PHE AA 491 35.57 -49.84 -12.70
N SER AA 492 34.88 -50.88 -12.23
CA SER AA 492 35.41 -52.24 -12.28
C SER AA 492 35.21 -52.80 -13.67
N SER AA 493 35.36 -54.11 -13.82
CA SER AA 493 35.27 -54.76 -15.11
C SER AA 493 34.05 -55.68 -15.13
N GLU AA 494 33.98 -56.52 -16.16
CA GLU AA 494 32.82 -57.39 -16.41
C GLU AA 494 31.60 -56.56 -16.81
N GLY AA 495 31.81 -55.58 -17.67
CA GLY AA 495 30.71 -54.78 -18.17
C GLY AA 495 31.23 -53.73 -19.13
N ASP AA 496 30.34 -53.25 -19.97
CA ASP AA 496 30.64 -52.20 -20.94
C ASP AA 496 29.79 -50.98 -20.63
N TRP AA 497 30.42 -49.82 -20.55
CA TRP AA 497 29.74 -48.60 -20.13
C TRP AA 497 30.18 -47.43 -20.97
N TYR AA 498 29.24 -46.55 -21.28
CA TYR AA 498 29.49 -45.28 -21.94
C TYR AA 498 29.15 -44.16 -20.97
N PHE AA 499 30.05 -43.19 -20.85
CA PHE AA 499 29.96 -42.13 -19.86
C PHE AA 499 30.07 -40.79 -20.58
N ASN AA 500 29.00 -39.99 -20.54
CA ASN AA 500 28.94 -38.76 -21.32
C ASN AA 500 28.39 -37.60 -20.49
N GLY AA 501 28.91 -37.43 -19.29
CA GLY AA 501 28.59 -36.26 -18.49
C GLY AA 501 27.82 -36.61 -17.22
N TYR AA 502 27.53 -35.58 -16.45
CA TYR AA 502 26.86 -35.77 -15.17
C TYR AA 502 26.25 -34.44 -14.71
N THR AA 503 25.69 -34.45 -13.51
CA THR AA 503 25.03 -33.27 -12.95
C THR AA 503 25.26 -33.25 -11.44
N ILE AA 504 25.48 -32.05 -10.91
CA ILE AA 504 25.66 -31.83 -9.48
C ILE AA 504 24.46 -31.08 -8.95
N GLU AA 505 23.86 -31.61 -7.88
CA GLU AA 505 22.72 -30.98 -7.21
C GLU AA 505 23.19 -30.51 -5.84
N MET AA 506 23.10 -29.22 -5.60
CA MET AA 506 23.63 -28.60 -4.38
C MET AA 506 22.54 -27.82 -3.66
N ALA AA 507 22.61 -27.86 -2.33
CA ALA AA 507 21.74 -27.09 -1.46
C ALA AA 507 22.28 -25.67 -1.34
N PRO AA 508 21.53 -24.75 -0.73
CA PRO AA 508 22.05 -23.40 -0.54
C PRO AA 508 23.34 -23.40 0.28
N LYS AA 509 24.17 -22.39 0.04
CA LYS AA 509 25.49 -22.32 0.62
C LYS AA 509 25.43 -22.34 2.15
N ALA AA 510 26.57 -22.67 2.76
CA ALA AA 510 26.67 -22.91 4.20
C ALA AA 510 27.71 -21.99 4.81
N GLY AA 511 27.65 -20.71 4.47
CA GLY AA 511 28.54 -19.72 5.01
C GLY AA 511 29.86 -19.66 4.24
N MET AA 512 30.73 -18.76 4.71
CA MET AA 512 32.00 -18.54 4.05
C MET AA 512 33.21 -18.87 4.91
N ARG AA 513 33.09 -19.81 5.82
CA ARG AA 513 34.24 -20.23 6.62
C ARG AA 513 34.09 -21.66 7.08
N ALA BA 2 -1.49 -21.50 -19.49
CA ALA BA 2 -0.74 -22.48 -18.70
C ALA BA 2 -0.41 -23.70 -19.54
N LEU BA 3 0.15 -23.47 -20.73
CA LEU BA 3 0.52 -24.55 -21.64
C LEU BA 3 1.74 -24.10 -22.43
N GLU BA 4 2.85 -24.81 -22.26
CA GLU BA 4 4.07 -24.43 -22.96
C GLU BA 4 4.19 -25.18 -24.28
N ARG BA 5 4.90 -24.57 -25.22
CA ARG BA 5 5.08 -25.16 -26.54
C ARG BA 5 6.55 -25.09 -26.93
N GLN BA 6 7.05 -26.19 -27.49
CA GLN BA 6 8.39 -26.26 -28.03
C GLN BA 6 8.32 -26.74 -29.47
N GLU BA 7 8.89 -25.96 -30.39
CA GLU BA 7 8.77 -26.23 -31.81
C GLU BA 7 10.09 -26.74 -32.36
N VAL BA 8 10.04 -27.87 -33.08
CA VAL BA 8 11.20 -28.42 -33.76
C VAL BA 8 10.99 -28.22 -35.25
N LYS BA 9 11.93 -27.54 -35.90
CA LYS BA 9 11.81 -27.13 -37.28
C LYS BA 9 12.85 -27.83 -38.13
N ASN BA 10 12.38 -28.48 -39.21
CA ASN BA 10 13.22 -29.11 -40.22
C ASN BA 10 14.26 -30.06 -39.61
N PRO BA 11 13.85 -31.16 -38.99
CA PRO BA 11 14.83 -32.15 -38.53
C PRO BA 11 15.21 -33.11 -39.65
N THR BA 12 16.48 -33.12 -40.05
CA THR BA 12 16.94 -33.93 -41.16
C THR BA 12 18.21 -34.67 -40.77
N GLY BA 13 18.37 -35.87 -41.31
CA GLY BA 13 19.56 -36.66 -41.09
C GLY BA 13 19.38 -37.66 -39.95
N ILE BA 14 20.17 -38.73 -40.01
CA ILE BA 14 20.17 -39.77 -38.98
C ILE BA 14 21.59 -39.87 -38.45
N VAL BA 15 21.73 -39.78 -37.13
CA VAL BA 15 23.03 -39.87 -36.47
C VAL BA 15 22.95 -40.94 -35.40
N THR BA 16 23.82 -41.94 -35.48
CA THR BA 16 23.85 -43.03 -34.51
C THR BA 16 25.14 -43.10 -33.72
N ASP BA 17 26.13 -42.27 -34.03
CA ASP BA 17 27.39 -42.31 -33.30
C ASP BA 17 27.31 -41.53 -31.99
N ILE BA 18 26.84 -40.29 -32.05
CA ILE BA 18 26.65 -39.51 -30.83
C ILE BA 18 25.45 -40.04 -30.08
N ALA BA 19 25.55 -40.07 -28.75
CA ALA BA 19 24.45 -40.54 -27.93
C ALA BA 19 23.22 -39.67 -28.17
N PRO BA 20 22.02 -40.26 -28.22
CA PRO BA 20 20.83 -39.46 -28.57
C PRO BA 20 20.55 -38.31 -27.63
N ALA BA 21 20.99 -38.40 -26.37
CA ALA BA 21 20.76 -37.31 -25.43
C ALA BA 21 21.61 -36.08 -25.74
N ASP BA 22 22.60 -36.20 -26.63
CA ASP BA 22 23.48 -35.08 -26.95
C ASP BA 22 23.24 -34.51 -28.33
N LEU BA 23 22.37 -35.12 -29.13
CA LEU BA 23 22.10 -34.60 -30.46
C LEU BA 23 21.37 -33.27 -30.39
N PRO BA 24 21.53 -32.41 -31.38
CA PRO BA 24 20.69 -31.21 -31.46
C PRO BA 24 19.24 -31.60 -31.69
N LEU BA 25 18.35 -30.65 -31.39
CA LEU BA 25 16.92 -30.93 -31.48
C LEU BA 25 16.47 -31.22 -32.91
N GLU BA 26 17.27 -30.86 -33.91
CA GLU BA 26 16.90 -31.00 -35.32
C GLU BA 26 17.56 -32.21 -35.96
N LYS BA 27 17.71 -33.31 -35.22
CA LYS BA 27 18.31 -34.52 -35.76
C LYS BA 27 17.49 -35.72 -35.32
N TRP BA 28 17.58 -36.79 -36.10
CA TRP BA 28 16.88 -38.04 -35.82
C TRP BA 28 17.86 -39.07 -35.30
N SER BA 29 17.47 -39.76 -34.23
CA SER BA 29 18.30 -40.81 -33.66
C SER BA 29 18.21 -42.12 -34.43
N PHE BA 30 17.09 -42.37 -35.11
CA PHE BA 30 16.96 -43.60 -35.89
C PHE BA 30 15.90 -43.38 -36.97
N GLY BA 31 16.02 -44.17 -38.03
CA GLY BA 31 15.06 -44.05 -39.12
C GLY BA 31 15.23 -45.19 -40.10
N ASN BA 32 14.24 -45.29 -40.99
CA ASN BA 32 14.27 -46.32 -42.02
C ASN BA 32 13.29 -45.95 -43.13
N ASN BA 33 13.75 -46.09 -44.38
CA ASN BA 33 12.92 -45.92 -45.58
C ASN BA 33 12.42 -44.47 -45.70
N VAL BA 34 13.35 -43.53 -45.61
CA VAL BA 34 13.04 -42.11 -45.74
C VAL BA 34 14.14 -41.42 -46.53
N ARG BA 35 13.81 -40.25 -47.08
CA ARG BA 35 14.76 -39.41 -47.77
C ARG BA 35 14.70 -38.01 -47.16
N PHE BA 36 15.82 -37.30 -47.21
CA PHE BA 36 15.92 -35.94 -46.72
C PHE BA 36 16.31 -35.03 -47.88
N LYS BA 37 15.52 -33.99 -48.11
CA LYS BA 37 15.76 -33.09 -49.23
C LYS BA 37 15.08 -31.76 -48.96
N ASN BA 38 15.83 -30.67 -49.14
CA ASN BA 38 15.30 -29.31 -48.98
C ASN BA 38 14.69 -29.10 -47.61
N GLY BA 39 15.29 -29.72 -46.59
CA GLY BA 39 14.79 -29.59 -45.24
C GLY BA 39 13.53 -30.37 -44.95
N LYS BA 40 13.11 -31.27 -45.84
CA LYS BA 40 11.91 -32.06 -45.64
C LYS BA 40 12.26 -33.54 -45.67
N ALA BA 41 11.52 -34.31 -44.87
CA ALA BA 41 11.64 -35.76 -44.87
C ALA BA 41 10.48 -36.34 -45.67
N GLN BA 42 10.80 -37.16 -46.67
CA GLN BA 42 9.81 -37.69 -47.59
C GLN BA 42 9.94 -39.21 -47.66
N LYS BA 43 8.91 -39.83 -48.23
CA LYS BA 43 8.91 -41.27 -48.42
C LYS BA 43 10.00 -41.67 -49.41
N ALA BA 44 10.62 -42.81 -49.15
CA ALA BA 44 11.66 -43.31 -50.03
C ALA BA 44 11.09 -43.68 -51.39
N LEU BA 45 11.95 -43.65 -52.41
CA LEU BA 45 11.51 -43.91 -53.77
C LEU BA 45 11.06 -45.35 -53.95
N GLY BA 46 10.13 -45.55 -54.88
CA GLY BA 46 9.63 -46.88 -55.16
C GLY BA 46 10.05 -47.38 -56.53
N HIS BA 47 10.06 -48.70 -56.71
CA HIS BA 47 10.53 -49.32 -57.94
C HIS BA 47 9.38 -49.99 -58.68
N THR BA 48 9.47 -49.94 -60.01
CA THR BA 48 8.49 -50.55 -60.90
C THR BA 48 9.22 -51.44 -61.90
N PRO BA 49 8.71 -52.64 -62.19
CA PRO BA 49 9.39 -53.51 -63.16
C PRO BA 49 9.48 -52.86 -64.52
N ILE BA 50 10.62 -53.05 -65.18
CA ILE BA 50 10.87 -52.50 -66.50
C ILE BA 50 11.59 -53.55 -67.35
N PHE BA 51 11.51 -53.37 -68.67
CA PHE BA 51 12.11 -54.31 -69.62
C PHE BA 51 11.63 -55.73 -69.37
N ASP BA 52 10.33 -55.87 -69.12
CA ASP BA 52 9.76 -57.18 -68.83
C ASP BA 52 9.49 -57.94 -70.11
N THR BA 53 10.52 -58.06 -70.95
CA THR BA 53 10.44 -58.86 -72.17
C THR BA 53 11.75 -59.54 -72.52
N ALA BA 54 12.78 -59.42 -71.70
CA ALA BA 54 14.08 -60.01 -71.96
C ALA BA 54 14.29 -61.26 -71.11
N GLN BA 55 15.07 -62.19 -71.63
CA GLN BA 55 15.36 -63.45 -70.97
C GLN BA 55 16.78 -63.42 -70.41
N ALA BA 56 17.06 -64.39 -69.53
CA ALA BA 56 18.34 -64.59 -68.88
C ALA BA 56 18.68 -63.46 -67.93
N PRO BA 57 19.40 -63.74 -66.84
CA PRO BA 57 19.78 -62.66 -65.92
C PRO BA 57 20.75 -61.69 -66.58
N ILE BA 58 20.70 -60.44 -66.12
CA ILE BA 58 21.56 -59.37 -66.61
C ILE BA 58 22.53 -59.00 -65.51
N LEU BA 59 23.82 -58.93 -65.85
CA LEU BA 59 24.85 -58.60 -64.86
C LEU BA 59 25.08 -57.09 -64.78
N ASP BA 60 25.45 -56.48 -65.89
CA ASP BA 60 25.75 -55.06 -65.94
C ASP BA 60 24.96 -54.40 -67.05
N MET BA 61 24.80 -53.08 -66.94
CA MET BA 61 24.03 -52.31 -67.90
C MET BA 61 24.67 -50.96 -68.12
N PHE BA 62 24.56 -50.46 -69.35
CA PHE BA 62 25.20 -49.20 -69.72
C PHE BA 62 24.33 -48.43 -70.70
N PRO BA 63 23.94 -47.21 -70.37
CA PRO BA 63 23.13 -46.40 -71.30
C PRO BA 63 24.00 -45.53 -72.19
N PHE BA 64 23.49 -45.26 -73.39
CA PHE BA 64 24.15 -44.36 -74.32
C PHE BA 64 23.12 -43.87 -75.32
N ILE BA 65 23.55 -43.02 -76.24
CA ILE BA 65 22.69 -42.45 -77.26
C ILE BA 65 23.28 -42.78 -78.63
N ARG BA 66 22.45 -43.37 -79.49
CA ARG BA 66 22.84 -43.66 -80.86
C ARG BA 66 21.71 -43.28 -81.79
N ASN BA 67 22.05 -42.63 -82.90
CA ASN BA 67 21.06 -42.17 -83.89
C ASN BA 67 19.97 -41.35 -83.22
N ASN BA 68 20.38 -40.48 -82.29
CA ASN BA 68 19.48 -39.59 -81.56
C ASN BA 68 18.40 -40.36 -80.79
N ILE BA 69 18.71 -41.59 -80.39
CA ILE BA 69 17.77 -42.40 -79.62
C ILE BA 69 18.53 -43.05 -78.46
N PRO BA 70 17.97 -43.09 -77.26
CA PRO BA 70 18.63 -43.81 -76.17
C PRO BA 70 18.66 -45.31 -76.43
N TYR BA 71 19.75 -45.93 -76.01
CA TYR BA 71 19.89 -47.39 -76.08
C TYR BA 71 20.60 -47.87 -74.81
N TRP BA 72 20.10 -48.96 -74.26
CA TRP BA 72 20.69 -49.58 -73.07
C TRP BA 72 21.33 -50.89 -73.49
N LEU BA 73 22.63 -51.01 -73.24
CA LEU BA 73 23.38 -52.23 -73.52
C LEU BA 73 23.41 -53.05 -72.23
N LEU BA 74 22.82 -54.23 -72.27
CA LEU BA 74 22.72 -55.10 -71.11
C LEU BA 74 23.60 -56.32 -71.32
N CYS BA 75 24.62 -56.46 -70.49
CA CYS BA 75 25.51 -57.60 -70.57
C CYS BA 75 24.98 -58.74 -69.72
N GLY BA 76 24.83 -59.91 -70.34
CA GLY BA 76 24.37 -61.10 -69.65
C GLY BA 76 25.52 -62.00 -69.24
N GLU BA 77 25.15 -63.18 -68.74
CA GLU BA 77 26.15 -64.15 -68.36
C GLU BA 77 26.87 -64.73 -69.57
N GLN BA 78 26.17 -64.85 -70.70
CA GLN BA 78 26.75 -65.43 -71.91
C GLN BA 78 26.45 -64.65 -73.18
N ARG BA 79 25.51 -63.70 -73.16
CA ARG BA 79 25.12 -62.99 -74.37
C ARG BA 79 24.83 -61.53 -74.04
N MET BA 80 25.10 -60.66 -75.00
CA MET BA 80 24.74 -59.26 -74.91
C MET BA 80 23.30 -59.06 -75.38
N TYR BA 81 22.72 -57.93 -74.96
CA TYR BA 81 21.41 -57.52 -75.45
C TYR BA 81 21.38 -56.01 -75.57
N LEU BA 82 20.54 -55.51 -76.48
CA LEU BA 82 20.37 -54.09 -76.68
C LEU BA 82 18.89 -53.76 -76.60
N ALA BA 83 18.54 -52.77 -75.79
CA ALA BA 83 17.15 -52.41 -75.57
C ALA BA 83 16.94 -50.93 -75.86
N ASP BA 84 15.72 -50.61 -76.29
CA ASP BA 84 15.35 -49.23 -76.61
C ASP BA 84 14.04 -48.82 -75.94
N GLY BA 85 13.53 -49.61 -75.01
CA GLY BA 85 12.26 -49.33 -74.36
C GLY BA 85 11.08 -50.04 -74.96
N THR BA 86 11.21 -50.59 -76.16
CA THR BA 86 10.14 -51.33 -76.81
C THR BA 86 10.52 -52.77 -77.09
N THR BA 87 11.69 -53.01 -77.68
CA THR BA 87 12.13 -54.35 -78.05
C THR BA 87 13.55 -54.59 -77.56
N VAL BA 88 13.86 -55.85 -77.31
CA VAL BA 88 15.18 -56.28 -76.89
C VAL BA 88 15.76 -57.18 -77.97
N VAL BA 89 16.93 -56.82 -78.48
CA VAL BA 89 17.56 -57.58 -79.55
C VAL BA 89 18.88 -58.14 -79.04
N ASP BA 90 19.38 -59.15 -79.74
CA ASP BA 90 20.64 -59.80 -79.40
C ASP BA 90 21.72 -59.31 -80.36
N VAL BA 91 22.88 -58.95 -79.80
CA VAL BA 91 23.98 -58.43 -80.60
C VAL BA 91 25.26 -59.16 -80.26
N SER BA 92 25.14 -60.26 -79.52
CA SER BA 92 26.40 -60.92 -79.21
C SER BA 92 26.86 -61.77 -80.39
N PRO BA 93 28.17 -61.81 -80.67
CA PRO BA 93 28.64 -62.66 -81.76
C PRO BA 93 28.60 -64.14 -81.43
N GLY BA 94 28.96 -64.51 -80.20
CA GLY BA 94 29.00 -65.91 -79.79
C GLY BA 94 28.62 -66.06 -78.35
N GLY BA 95 29.36 -66.89 -77.62
CA GLY BA 95 29.08 -67.13 -76.23
C GLY BA 95 30.21 -66.73 -75.30
N HIS BA 96 29.95 -65.72 -74.46
CA HIS BA 96 30.94 -65.27 -73.50
C HIS BA 96 30.92 -66.14 -72.26
N SER BA 97 31.92 -65.96 -71.40
CA SER BA 97 32.07 -66.73 -70.18
C SER BA 97 32.03 -65.83 -68.96
N ALA BA 98 31.11 -64.87 -68.95
CA ALA BA 98 30.97 -63.96 -67.82
C ALA BA 98 30.34 -64.68 -66.63
N SER BA 99 30.52 -64.08 -65.45
CA SER BA 99 29.97 -64.63 -64.21
C SER BA 99 29.90 -63.49 -63.20
N VAL BA 100 29.58 -63.84 -61.95
CA VAL BA 100 29.56 -62.84 -60.88
C VAL BA 100 30.96 -62.47 -60.41
N THR BA 101 31.97 -63.29 -60.73
CA THR BA 101 33.35 -62.99 -60.40
C THR BA 101 34.11 -62.42 -61.59
N SER BA 102 33.47 -62.25 -62.73
CA SER BA 102 34.07 -61.63 -63.92
C SER BA 102 33.06 -60.63 -64.46
N ARG BA 103 33.14 -59.40 -63.96
CA ARG BA 103 32.18 -58.37 -64.32
C ARG BA 103 32.59 -57.66 -65.61
N TRP BA 104 31.67 -56.85 -66.13
CA TRP BA 104 31.88 -56.18 -67.41
C TRP BA 104 32.31 -54.74 -67.21
N SER BA 105 33.30 -54.33 -67.99
CA SER BA 105 33.65 -52.93 -68.15
C SER BA 105 33.33 -52.52 -69.58
N SER BA 106 32.96 -51.26 -69.78
CA SER BA 106 32.59 -50.82 -71.11
C SER BA 106 32.71 -49.31 -71.19
N GLY BA 107 32.69 -48.81 -72.41
CA GLY BA 107 32.76 -47.38 -72.63
C GLY BA 107 32.74 -47.07 -74.11
N SER BA 108 33.02 -45.80 -74.42
CA SER BA 108 33.05 -45.31 -75.79
C SER BA 108 34.43 -44.76 -76.10
N PHE BA 109 34.87 -44.94 -77.34
CA PHE BA 109 36.18 -44.48 -77.77
C PHE BA 109 36.16 -44.31 -79.28
N ASN BA 110 36.36 -43.07 -79.73
CA ASN BA 110 36.37 -42.75 -81.16
C ASN BA 110 35.08 -43.18 -81.85
N GLY BA 111 33.97 -43.05 -81.14
CA GLY BA 111 32.68 -43.45 -81.66
C GLY BA 111 32.43 -44.93 -81.68
N VAL BA 112 33.33 -45.73 -81.12
CA VAL BA 112 33.19 -47.19 -81.07
C VAL BA 112 32.92 -47.59 -79.64
N ILE BA 113 31.91 -48.42 -79.44
CA ILE BA 113 31.52 -48.85 -78.10
C ILE BA 113 32.26 -50.14 -77.78
N PHE BA 114 33.09 -50.12 -76.74
CA PHE BA 114 33.89 -51.27 -76.36
C PHE BA 114 33.38 -51.87 -75.06
N ALA BA 115 33.47 -53.20 -74.98
CA ALA BA 115 33.11 -53.95 -73.78
C ALA BA 115 34.16 -55.02 -73.54
N ASN BA 116 34.31 -55.40 -72.28
CA ASN BA 116 35.37 -56.33 -71.90
C ASN BA 116 34.99 -56.99 -70.58
N ASN BA 117 35.41 -58.25 -70.43
CA ASN BA 117 35.32 -58.98 -69.18
C ASN BA 117 36.59 -59.78 -68.99
N PRO BA 118 36.96 -60.09 -67.75
CA PRO BA 118 38.29 -60.68 -67.50
C PRO BA 118 38.44 -62.11 -67.99
N SER BA 119 37.44 -62.67 -68.67
CA SER BA 119 37.50 -64.03 -69.15
C SER BA 119 37.32 -64.13 -70.66
N ASN BA 120 37.48 -63.02 -71.38
CA ASN BA 120 37.32 -63.01 -72.83
C ASN BA 120 38.13 -61.86 -73.41
N TYR BA 121 38.42 -61.98 -74.70
CA TYR BA 121 39.06 -60.88 -75.41
C TYR BA 121 38.07 -59.73 -75.56
N PRO BA 122 38.56 -58.50 -75.55
CA PRO BA 122 37.65 -57.34 -75.65
C PRO BA 122 36.87 -57.36 -76.95
N TYR BA 123 35.62 -56.89 -76.88
CA TYR BA 123 34.75 -56.78 -78.04
C TYR BA 123 34.45 -55.32 -78.32
N VAL BA 124 34.26 -55.01 -79.60
CA VAL BA 124 33.98 -53.65 -80.02
C VAL BA 124 32.73 -53.65 -80.89
N LEU BA 125 32.10 -52.48 -80.98
CA LEU BA 125 30.94 -52.28 -81.83
C LEU BA 125 31.09 -50.95 -82.54
N MET BA 126 31.16 -51.00 -83.86
CA MET BA 126 31.27 -49.83 -84.73
C MET BA 126 29.90 -49.34 -85.15
N PRO BA 127 29.78 -48.06 -85.49
CA PRO BA 127 28.46 -47.55 -85.94
C PRO BA 127 27.94 -48.23 -87.18
N GLN BA 128 28.81 -48.72 -88.06
CA GLN BA 128 28.36 -49.35 -89.29
C GLN BA 128 27.76 -50.74 -89.03
N ASN BA 129 28.39 -51.53 -88.18
CA ASN BA 129 27.94 -52.89 -87.95
C ASN BA 129 26.71 -52.92 -87.05
N SER BA 130 26.15 -54.11 -86.87
CA SER BA 130 25.00 -54.32 -85.99
C SER BA 130 25.28 -55.37 -84.93
N GLY BA 131 26.56 -55.69 -84.69
CA GLY BA 131 26.91 -56.68 -83.70
C GLY BA 131 28.32 -56.42 -83.19
N PHE BA 132 28.70 -57.19 -82.17
CA PHE BA 132 30.01 -57.04 -81.56
C PHE BA 132 31.02 -57.96 -82.22
N ILE BA 133 32.23 -57.47 -82.40
CA ILE BA 133 33.32 -58.24 -82.99
C ILE BA 133 34.52 -58.15 -82.06
N PRO BA 134 35.42 -59.15 -82.12
CA PRO BA 134 36.62 -59.08 -81.28
C PRO BA 134 37.49 -57.88 -81.64
N MET BA 135 38.17 -57.35 -80.64
CA MET BA 135 38.97 -56.15 -80.82
C MET BA 135 40.18 -56.46 -81.70
N PRO BA 136 40.38 -55.71 -82.78
CA PRO BA 136 41.56 -55.94 -83.63
C PRO BA 136 42.85 -55.59 -82.90
N ASN BA 137 43.93 -56.24 -83.31
CA ASN BA 137 45.28 -56.02 -82.83
C ASN BA 137 45.47 -56.38 -81.36
N TRP BA 138 44.47 -56.98 -80.72
CA TRP BA 138 44.61 -57.35 -79.32
C TRP BA 138 45.62 -58.49 -79.19
N PRO BA 139 46.60 -58.37 -78.29
CA PRO BA 139 47.59 -59.44 -78.12
C PRO BA 139 46.93 -60.73 -77.63
N ALA BA 140 47.49 -61.85 -78.08
CA ALA BA 140 46.96 -63.16 -77.75
C ALA BA 140 47.34 -63.56 -76.35
N ASN BA 141 46.46 -64.33 -75.70
CA ASN BA 141 46.67 -64.84 -74.34
C ASN BA 141 46.83 -63.72 -73.32
N THR BA 142 46.14 -62.61 -73.53
CA THR BA 142 46.17 -61.48 -72.61
C THR BA 142 44.74 -61.14 -72.20
N PHE BA 143 44.54 -60.96 -70.90
CA PHE BA 143 43.24 -60.55 -70.37
C PHE BA 143 43.45 -59.39 -69.40
N ALA BA 144 42.51 -58.45 -69.43
CA ALA BA 144 42.56 -57.25 -68.61
C ALA BA 144 41.36 -57.22 -67.67
N LYS BA 145 41.63 -57.12 -66.37
CA LYS BA 145 40.54 -57.01 -65.42
C LYS BA 145 39.76 -55.72 -65.60
N ARG BA 146 40.45 -54.61 -65.83
CA ARG BA 146 39.77 -53.35 -66.08
C ARG BA 146 40.29 -52.72 -67.36
N MET BA 147 39.38 -52.17 -68.16
CA MET BA 147 39.73 -51.49 -69.40
C MET BA 147 38.96 -50.18 -69.49
N LYS BA 148 39.70 -49.09 -69.68
CA LYS BA 148 39.10 -47.76 -69.74
C LYS BA 148 39.70 -46.97 -70.89
N SER BA 149 39.12 -45.80 -71.15
CA SER BA 149 39.59 -44.91 -72.20
C SER BA 149 39.93 -43.55 -71.60
N PHE BA 150 41.06 -42.99 -72.04
CA PHE BA 150 41.53 -41.72 -71.51
C PHE BA 150 42.19 -40.93 -72.63
N LYS BA 151 41.67 -39.74 -72.91
CA LYS BA 151 42.17 -38.88 -73.98
C LYS BA 151 42.13 -39.67 -75.28
N ASN BA 152 43.27 -39.94 -75.91
CA ASN BA 152 43.32 -40.72 -77.15
C ASN BA 152 43.97 -42.08 -76.95
N PHE BA 153 43.80 -42.66 -75.76
CA PHE BA 153 44.43 -43.92 -75.42
C PHE BA 153 43.43 -44.85 -74.74
N MET BA 154 43.72 -46.14 -74.82
CA MET BA 154 43.02 -47.16 -74.05
C MET BA 154 43.98 -47.74 -73.01
N ILE BA 155 43.47 -47.95 -71.81
CA ILE BA 155 44.28 -48.37 -70.67
C ILE BA 155 43.73 -49.66 -70.09
N ALA BA 156 44.62 -50.61 -69.84
CA ALA BA 156 44.29 -51.87 -69.21
C ALA BA 156 44.99 -51.96 -67.86
N LEU BA 157 44.26 -52.46 -66.86
CA LEU BA 157 44.74 -52.57 -65.50
C LEU BA 157 44.42 -53.94 -64.95
N ASN BA 158 45.29 -54.41 -64.04
CA ASN BA 158 45.14 -55.70 -63.36
C ASN BA 158 45.20 -56.85 -64.37
N VAL BA 159 46.39 -57.03 -64.96
CA VAL BA 159 46.50 -57.75 -66.23
C VAL BA 159 46.95 -59.19 -65.98
N THR BA 160 46.64 -60.06 -66.93
CA THR BA 160 47.20 -61.40 -66.97
C THR BA 160 47.63 -61.71 -68.40
N GLN BA 161 48.72 -62.45 -68.53
CA GLN BA 161 49.30 -62.74 -69.84
C GLN BA 161 50.03 -64.07 -69.78
N ASN BA 162 49.82 -64.92 -70.79
CA ASN BA 162 50.53 -66.18 -70.91
C ASN BA 162 50.43 -67.00 -69.62
N SER BA 163 49.23 -67.03 -69.04
CA SER BA 163 48.90 -67.81 -67.85
C SER BA 163 49.64 -67.35 -66.60
N VAL BA 164 50.28 -66.19 -66.62
CA VAL BA 164 50.83 -65.59 -65.41
C VAL BA 164 50.15 -64.24 -65.21
N GLU BA 165 49.65 -64.01 -64.00
CA GLU BA 165 48.92 -62.80 -63.67
C GLU BA 165 49.86 -61.81 -63.00
N MET BA 166 49.74 -60.54 -63.37
CA MET BA 166 50.46 -59.45 -62.72
C MET BA 166 49.50 -58.30 -62.48
N PRO BA 167 49.24 -57.96 -61.21
CA PRO BA 167 48.12 -57.08 -60.87
C PRO BA 167 48.48 -55.61 -60.67
N GLN BA 168 49.73 -55.22 -60.89
CA GLN BA 168 50.16 -53.86 -60.59
C GLN BA 168 50.78 -53.19 -61.80
N MET BA 169 50.26 -53.44 -62.99
CA MET BA 169 50.75 -52.80 -64.21
C MET BA 169 49.63 -52.04 -64.88
N VAL BA 170 49.93 -50.83 -65.32
CA VAL BA 170 49.09 -50.05 -66.21
C VAL BA 170 49.66 -50.19 -67.62
N TRP BA 171 48.81 -50.58 -68.57
CA TRP BA 171 49.22 -50.80 -69.95
C TRP BA 171 48.43 -49.85 -70.84
N TRP BA 172 49.14 -48.99 -71.58
CA TRP BA 172 48.48 -48.05 -72.47
C TRP BA 172 48.91 -48.32 -73.90
N SER BA 173 47.95 -48.24 -74.82
CA SER BA 173 48.19 -48.52 -76.23
C SER BA 173 48.71 -47.27 -76.93
N THR BA 174 48.86 -47.35 -78.25
CA THR BA 174 49.26 -46.19 -79.02
C THR BA 174 48.12 -45.20 -79.15
N SER BA 175 48.48 -43.94 -79.41
CA SER BA 175 47.48 -42.91 -79.59
C SER BA 175 46.68 -43.15 -80.86
N ALA BA 176 45.43 -42.71 -80.85
CA ALA BA 176 44.51 -42.88 -81.97
C ALA BA 176 44.35 -41.56 -82.69
N ASP BA 177 44.49 -41.59 -84.01
CA ASP BA 177 44.38 -40.41 -84.85
C ASP BA 177 43.03 -40.39 -85.55
N ALA BA 178 42.39 -39.22 -85.56
CA ALA BA 178 41.11 -39.02 -86.24
C ALA BA 178 40.03 -39.92 -85.69
N GLY BA 179 40.17 -41.23 -85.88
CA GLY BA 179 39.17 -42.16 -85.38
C GLY BA 179 39.71 -43.57 -85.41
N GLY BA 180 38.80 -44.52 -85.20
CA GLY BA 180 39.15 -45.92 -85.20
C GLY BA 180 39.76 -46.38 -83.89
N ILE BA 181 40.22 -47.62 -83.89
CA ILE BA 181 40.81 -48.25 -82.71
C ILE BA 181 42.33 -48.14 -82.79
N PRO BA 182 43.05 -48.18 -81.68
CA PRO BA 182 44.51 -48.13 -81.74
C PRO BA 182 45.07 -49.28 -82.57
N VAL BA 183 46.12 -48.98 -83.33
CA VAL BA 183 46.66 -49.96 -84.28
C VAL BA 183 47.60 -50.95 -83.64
N SER BA 184 48.06 -50.70 -82.42
CA SER BA 184 49.03 -51.60 -81.81
C SER BA 184 48.94 -51.49 -80.30
N TRP BA 185 49.51 -52.50 -79.63
CA TRP BA 185 49.63 -52.52 -78.18
C TRP BA 185 51.03 -52.90 -77.73
N ASP BA 186 51.98 -53.03 -78.65
CA ASP BA 186 53.31 -53.50 -78.30
C ASP BA 186 54.09 -52.40 -77.59
N PRO BA 187 54.57 -52.61 -76.38
CA PRO BA 187 55.35 -51.58 -75.69
C PRO BA 187 56.82 -51.62 -76.09
N THR BA 188 57.28 -52.77 -76.58
CA THR BA 188 58.69 -52.93 -76.90
C THR BA 188 59.10 -52.07 -78.08
N ASP BA 189 58.16 -51.77 -78.97
CA ASP BA 189 58.45 -50.96 -80.14
C ASP BA 189 58.74 -49.53 -79.70
N PRO BA 190 59.94 -49.01 -79.98
CA PRO BA 190 60.27 -47.64 -79.56
C PRO BA 190 59.82 -46.56 -80.54
N THR BA 191 59.23 -46.94 -81.66
CA THR BA 191 58.73 -45.96 -82.63
C THR BA 191 57.29 -45.56 -82.38
N LYS BA 192 56.62 -46.17 -81.41
CA LYS BA 192 55.25 -45.85 -81.06
C LYS BA 192 55.18 -45.37 -79.61
N ASP BA 193 53.99 -44.94 -79.20
CA ASP BA 193 53.78 -44.38 -77.88
C ASP BA 193 53.10 -45.34 -76.92
N ALA BA 194 52.88 -46.59 -77.34
CA ALA BA 194 52.36 -47.59 -76.42
C ALA BA 194 53.41 -47.94 -75.38
N GLY BA 195 52.95 -48.21 -74.16
CA GLY BA 195 53.90 -48.45 -73.09
C GLY BA 195 53.23 -49.10 -71.90
N GLN BA 196 54.07 -49.38 -70.90
CA GLN BA 196 53.64 -50.05 -69.68
C GLN BA 196 54.33 -49.41 -68.48
N ASN BA 197 53.71 -49.53 -67.32
CA ASN BA 197 54.31 -49.09 -66.08
C ASN BA 197 53.82 -49.98 -64.95
N THR BA 198 54.59 -50.02 -63.86
CA THR BA 198 54.24 -50.84 -62.72
C THR BA 198 54.25 -49.98 -61.45
N LEU BA 199 53.13 -50.00 -60.73
CA LEU BA 199 53.00 -49.29 -59.46
C LEU BA 199 53.21 -50.24 -58.29
N ALA BA 200 54.42 -50.77 -58.20
CA ALA BA 200 54.74 -51.85 -57.26
C ALA BA 200 55.65 -51.33 -56.16
N ASP BA 201 55.04 -50.78 -55.12
CA ASP BA 201 55.75 -50.50 -53.88
C ASP BA 201 54.93 -50.83 -52.64
N THR BA 202 53.72 -51.37 -52.81
CA THR BA 202 52.88 -51.82 -51.72
C THR BA 202 52.20 -53.11 -52.13
N ASN BA 203 51.83 -53.93 -51.15
CA ASN BA 203 51.24 -55.24 -51.43
C ASN BA 203 49.89 -55.14 -52.12
N GLY BA 204 49.26 -53.98 -52.13
CA GLY BA 204 47.95 -53.85 -52.73
C GLY BA 204 47.99 -54.04 -54.23
N ALA BA 205 46.78 -54.19 -54.79
CA ALA BA 205 46.62 -54.43 -56.22
C ALA BA 205 45.70 -53.38 -56.81
N ILE BA 206 45.90 -53.08 -58.09
CA ILE BA 206 45.07 -52.08 -58.76
C ILE BA 206 43.64 -52.59 -58.85
N VAL BA 207 42.69 -51.73 -58.50
CA VAL BA 207 41.29 -52.08 -58.46
C VAL BA 207 40.49 -51.34 -59.52
N ASP BA 208 40.68 -50.03 -59.61
CA ASP BA 208 39.86 -49.24 -60.52
C ASP BA 208 40.58 -47.96 -60.90
N GLY BA 209 40.08 -47.31 -61.94
CA GLY BA 209 40.60 -46.03 -62.39
C GLY BA 209 39.48 -45.13 -62.88
N VAL BA 210 39.46 -43.89 -62.40
CA VAL BA 210 38.37 -42.95 -62.69
C VAL BA 210 38.96 -41.62 -63.10
N LYS BA 211 38.34 -40.97 -64.09
CA LYS BA 211 38.78 -39.64 -64.48
C LYS BA 211 38.42 -38.61 -63.42
N LEU BA 212 39.20 -37.54 -63.38
CA LEU BA 212 38.94 -36.43 -62.47
C LEU BA 212 39.58 -35.18 -63.06
N ARG BA 213 38.74 -34.23 -63.48
CA ARG BA 213 39.20 -33.02 -64.16
C ARG BA 213 40.07 -33.37 -65.35
N ASP BA 214 41.39 -33.22 -65.21
CA ASP BA 214 42.33 -33.54 -66.27
C ASP BA 214 43.36 -34.56 -65.78
N SER BA 215 42.90 -35.59 -65.08
CA SER BA 215 43.80 -36.60 -64.55
C SER BA 215 43.06 -37.93 -64.47
N PHE BA 216 43.83 -39.00 -64.34
CA PHE BA 216 43.29 -40.35 -64.20
C PHE BA 216 43.71 -40.88 -62.83
N ILE BA 217 42.77 -40.95 -61.91
CA ILE BA 217 43.05 -41.42 -60.56
C ILE BA 217 42.97 -42.93 -60.54
N ILE BA 218 44.03 -43.58 -60.07
CA ILE BA 218 44.12 -45.03 -59.98
C ILE BA 218 44.07 -45.41 -58.52
N TYR BA 219 43.12 -46.27 -58.17
CA TYR BA 219 42.90 -46.68 -56.79
C TYR BA 219 43.44 -48.09 -56.58
N LYS BA 220 44.39 -48.22 -55.67
CA LYS BA 220 44.86 -49.52 -55.23
C LYS BA 220 44.08 -49.93 -53.98
N GLU BA 221 44.44 -51.06 -53.40
CA GLU BA 221 43.76 -51.51 -52.19
C GLU BA 221 44.16 -50.71 -50.96
N ASP BA 222 45.31 -50.03 -51.00
CA ASP BA 222 45.78 -49.28 -49.85
C ASP BA 222 46.40 -47.93 -50.19
N SER BA 223 46.37 -47.51 -51.46
CA SER BA 223 46.98 -46.24 -51.84
C SER BA 223 46.27 -45.71 -53.07
N VAL BA 224 46.45 -44.41 -53.31
CA VAL BA 224 45.82 -43.71 -54.42
C VAL BA 224 46.88 -42.97 -55.21
N TYR BA 225 46.95 -43.24 -56.52
CA TYR BA 225 47.90 -42.63 -57.42
C TYR BA 225 47.17 -41.78 -58.46
N SER BA 226 47.91 -40.91 -59.13
CA SER BA 226 47.37 -40.07 -60.19
C SER BA 226 48.23 -40.19 -61.44
N MET BA 227 47.58 -40.17 -62.59
CA MET BA 227 48.23 -40.23 -63.89
C MET BA 227 47.86 -38.99 -64.68
N ARG BA 228 48.87 -38.35 -65.28
CA ARG BA 228 48.66 -37.16 -66.08
C ARG BA 228 49.38 -37.30 -67.41
N TYR BA 229 48.73 -36.85 -68.48
CA TYR BA 229 49.28 -36.95 -69.82
C TYR BA 229 50.10 -35.70 -70.13
N ILE BA 230 51.37 -35.93 -70.51
CA ILE BA 230 52.28 -34.83 -70.81
C ILE BA 230 52.85 -34.90 -72.22
N GLY BA 231 52.62 -36.00 -72.95
CA GLY BA 231 53.21 -36.11 -74.27
C GLY BA 231 54.72 -36.25 -74.20
N GLY BA 232 55.39 -35.81 -75.26
CA GLY BA 232 56.84 -35.87 -75.28
C GLY BA 232 57.35 -37.30 -75.38
N LEU BA 233 58.48 -37.55 -74.72
CA LEU BA 233 59.13 -38.85 -74.77
C LEU BA 233 58.59 -39.83 -73.76
N PHE BA 234 57.74 -39.40 -72.83
CA PHE BA 234 57.22 -40.28 -71.80
C PHE BA 234 55.70 -40.36 -71.76
N ILE BA 235 55.00 -39.52 -72.52
CA ILE BA 235 53.54 -39.56 -72.64
C ILE BA 235 52.88 -39.30 -71.30
N PHE BA 236 53.02 -40.24 -70.36
CA PHE BA 236 52.31 -40.19 -69.10
C PHE BA 236 53.26 -39.96 -67.94
N GLN BA 237 52.79 -39.21 -66.96
CA GLN BA 237 53.54 -38.92 -65.74
C GLN BA 237 52.77 -39.44 -64.54
N PHE BA 238 53.46 -40.13 -63.64
CA PHE BA 238 52.85 -40.78 -62.50
C PHE BA 238 53.19 -40.05 -61.21
N GLN BA 239 52.24 -39.98 -60.30
CA GLN BA 239 52.40 -39.20 -59.08
C GLN BA 239 51.52 -39.80 -58.00
N GLN BA 240 52.12 -40.19 -56.87
CA GLN BA 240 51.37 -40.75 -55.76
C GLN BA 240 50.62 -39.65 -55.02
N LEU BA 241 49.39 -39.96 -54.61
CA LEU BA 241 48.54 -39.02 -53.89
C LEU BA 241 48.37 -39.39 -52.43
N PHE BA 242 47.92 -40.61 -52.14
CA PHE BA 242 47.65 -41.01 -50.76
C PHE BA 242 48.23 -42.38 -50.49
N ASN BA 243 48.66 -42.58 -49.24
CA ASN BA 243 49.28 -43.83 -48.82
C ASN BA 243 48.56 -44.53 -47.67
N ASP BA 244 47.58 -43.89 -47.04
CA ASP BA 244 46.94 -44.47 -45.86
C ASP BA 244 45.56 -45.06 -46.15
N VAL BA 245 44.92 -44.70 -47.26
CA VAL BA 245 43.61 -45.21 -47.61
C VAL BA 245 43.63 -45.70 -49.04
N GLY BA 246 42.65 -46.53 -49.38
CA GLY BA 246 42.51 -47.05 -50.72
C GLY BA 246 41.07 -47.09 -51.18
N ILE BA 247 40.66 -48.22 -51.74
CA ILE BA 247 39.28 -48.42 -52.16
C ILE BA 247 38.83 -49.81 -51.72
N LEU BA 248 37.52 -49.99 -51.63
CA LEU BA 248 36.98 -51.28 -51.21
C LEU BA 248 36.88 -52.26 -52.38
N GLY BA 249 36.43 -51.79 -53.53
CA GLY BA 249 36.28 -52.64 -54.70
C GLY BA 249 35.94 -51.84 -55.93
N PRO BA 250 35.69 -52.53 -57.04
CA PRO BA 250 35.31 -51.83 -58.27
C PRO BA 250 33.99 -51.10 -58.13
N ASN BA 251 33.85 -50.03 -58.89
CA ASN BA 251 32.63 -49.20 -58.89
C ASN BA 251 32.35 -48.64 -57.50
N CYS BA 252 33.40 -48.20 -56.81
CA CYS BA 252 33.28 -47.62 -55.47
C CYS BA 252 33.90 -46.23 -55.40
N ALA BA 253 33.85 -45.48 -56.50
CA ALA BA 253 34.39 -44.14 -56.52
C ALA BA 253 33.67 -43.36 -57.62
N ILE BA 254 33.09 -42.21 -57.25
CA ILE BA 254 32.32 -41.41 -58.19
C ILE BA 254 32.84 -39.98 -58.16
N GLU BA 255 32.57 -39.25 -59.23
CA GLU BA 255 33.00 -37.86 -59.37
C GLU BA 255 31.80 -36.94 -59.34
N PHE BA 256 31.92 -35.85 -58.59
CA PHE BA 256 30.84 -34.87 -58.48
C PHE BA 256 31.44 -33.51 -58.13
N ASP BA 257 31.06 -32.49 -58.89
CA ASP BA 257 31.43 -31.10 -58.61
C ASP BA 257 32.94 -30.91 -58.49
N GLY BA 258 33.71 -31.67 -59.28
CA GLY BA 258 35.15 -31.55 -59.22
C GLY BA 258 35.82 -32.25 -58.06
N ASN BA 259 35.10 -33.15 -57.39
CA ASN BA 259 35.64 -33.93 -56.28
C ASN BA 259 35.33 -35.40 -56.52
N HIS BA 260 35.97 -36.25 -55.72
CA HIS BA 260 35.76 -37.69 -55.77
C HIS BA 260 35.24 -38.16 -54.42
N PHE BA 261 34.12 -38.88 -54.48
CA PHE BA 261 33.53 -39.56 -53.33
C PHE BA 261 33.95 -41.03 -53.40
N VAL BA 262 34.65 -41.49 -52.38
CA VAL BA 262 35.29 -42.80 -52.40
C VAL BA 262 34.90 -43.57 -51.14
N VAL BA 263 34.59 -44.84 -51.30
CA VAL BA 263 34.35 -45.76 -50.19
C VAL BA 263 35.59 -46.62 -50.03
N GLY BA 264 36.32 -46.41 -48.94
CA GLY BA 264 37.54 -47.12 -48.68
C GLY BA 264 37.37 -48.25 -47.68
N HIS BA 265 38.50 -48.77 -47.23
CA HIS BA 265 38.51 -49.84 -46.23
C HIS BA 265 38.52 -49.19 -44.85
N GLY BA 266 37.37 -49.19 -44.19
CA GLY BA 266 37.25 -48.59 -42.88
C GLY BA 266 36.92 -47.11 -42.88
N ASP BA 267 36.71 -46.49 -44.04
CA ASP BA 267 36.37 -45.08 -44.08
C ASP BA 267 35.70 -44.77 -45.41
N VAL BA 268 34.92 -43.69 -45.41
CA VAL BA 268 34.31 -43.13 -46.61
C VAL BA 268 34.70 -41.67 -46.66
N TYR BA 269 35.36 -41.25 -47.73
CA TYR BA 269 35.96 -39.92 -47.77
C TYR BA 269 35.68 -39.23 -49.10
N VAL BA 270 36.10 -37.97 -49.15
CA VAL BA 270 35.96 -37.13 -50.32
C VAL BA 270 37.27 -36.36 -50.50
N HIS BA 271 37.75 -36.32 -51.74
CA HIS BA 271 39.02 -35.65 -52.00
C HIS BA 271 38.99 -34.97 -53.36
N ASN BA 272 39.79 -33.92 -53.50
CA ASN BA 272 39.92 -33.19 -54.76
C ASN BA 272 41.30 -33.37 -55.38
N GLY BA 273 42.06 -34.37 -54.94
CA GLY BA 273 43.40 -34.57 -55.39
C GLY BA 273 44.45 -33.81 -54.62
N VAL BA 274 44.04 -32.92 -53.71
CA VAL BA 274 44.97 -32.16 -52.89
C VAL BA 274 44.65 -32.39 -51.42
N GLN BA 275 43.39 -32.15 -51.05
CA GLN BA 275 42.93 -32.30 -49.68
C GLN BA 275 41.89 -33.41 -49.60
N LYS BA 276 41.97 -34.20 -48.53
CA LYS BA 276 41.07 -35.32 -48.31
C LYS BA 276 40.40 -35.17 -46.95
N GLN BA 277 39.11 -35.45 -46.90
CA GLN BA 277 38.41 -35.38 -45.62
C GLN BA 277 37.29 -36.41 -45.58
N SER BA 278 37.01 -36.92 -44.38
CA SER BA 278 36.00 -37.94 -44.19
C SER BA 278 34.62 -37.31 -44.04
N VAL BA 279 33.63 -37.94 -44.64
CA VAL BA 279 32.25 -37.46 -44.58
C VAL BA 279 31.34 -38.37 -43.77
N ILE BA 280 31.78 -39.59 -43.45
CA ILE BA 280 30.98 -40.52 -42.67
C ILE BA 280 31.32 -40.49 -41.18
N ASP BA 281 32.40 -39.81 -40.80
CA ASP BA 281 32.82 -39.81 -39.42
C ASP BA 281 31.79 -39.13 -38.52
N ALA BA 282 31.59 -39.71 -37.34
CA ALA BA 282 30.76 -39.17 -36.27
C ALA BA 282 29.27 -39.14 -36.61
N GLN BA 283 28.86 -39.73 -37.74
CA GLN BA 283 27.43 -39.80 -38.05
C GLN BA 283 26.91 -41.22 -38.08
N VAL BA 284 27.42 -42.08 -38.96
CA VAL BA 284 26.95 -43.46 -39.06
C VAL BA 284 28.11 -44.42 -39.20
N ARG BA 285 29.32 -43.96 -38.90
CA ARG BA 285 30.53 -44.76 -39.16
C ARG BA 285 30.47 -46.10 -38.43
N LYS BA 286 30.23 -46.07 -37.13
CA LYS BA 286 30.21 -47.31 -36.35
C LYS BA 286 29.08 -48.22 -36.81
N PHE BA 287 27.91 -47.64 -37.08
CA PHE BA 287 26.78 -48.44 -37.57
C PHE BA 287 27.11 -49.07 -38.91
N PHE BA 288 27.71 -48.31 -39.82
CA PHE BA 288 27.96 -48.83 -41.16
C PHE BA 288 29.02 -49.92 -41.14
N PHE BA 289 30.16 -49.67 -40.48
CA PHE BA 289 31.21 -50.69 -40.48
C PHE BA 289 31.00 -51.69 -39.34
N SER BA 290 29.76 -52.12 -39.20
CA SER BA 290 29.44 -53.30 -38.40
C SER BA 290 28.29 -54.09 -39.01
N ASP BA 291 27.78 -53.68 -40.17
CA ASP BA 291 26.58 -54.25 -40.75
C ASP BA 291 26.83 -55.01 -42.04
N ILE BA 292 27.97 -54.80 -42.69
CA ILE BA 292 28.26 -55.49 -43.95
C ILE BA 292 28.38 -56.99 -43.69
N ASN BA 293 27.99 -57.78 -44.69
CA ASN BA 293 28.08 -59.22 -44.55
C ASN BA 293 29.53 -59.67 -44.69
N PRO BA 294 30.08 -60.42 -43.73
CA PRO BA 294 31.49 -60.83 -43.84
C PRO BA 294 31.78 -61.66 -45.08
N ASP BA 295 30.82 -62.46 -45.53
CA ASP BA 295 31.03 -63.31 -46.70
C ASP BA 295 30.70 -62.62 -48.01
N ASN BA 296 30.21 -61.37 -47.97
CA ASN BA 296 29.81 -60.69 -49.19
C ASN BA 296 30.27 -59.24 -49.22
N TYR BA 297 31.41 -58.93 -48.59
CA TYR BA 297 31.86 -57.55 -48.59
C TYR BA 297 32.61 -57.21 -49.87
N GLN BA 298 32.05 -57.62 -51.00
CA GLN BA 298 32.64 -57.29 -52.30
C GLN BA 298 31.59 -56.95 -53.35
N ARG BA 299 30.31 -56.99 -53.00
CA ARG BA 299 29.25 -56.54 -53.90
C ARG BA 299 28.89 -55.09 -53.67
N THR BA 300 29.49 -54.45 -52.66
CA THR BA 300 29.22 -53.05 -52.39
C THR BA 300 29.55 -52.18 -53.59
N PHE BA 301 28.66 -51.26 -53.92
CA PHE BA 301 28.92 -50.38 -55.05
C PHE BA 301 28.22 -49.05 -54.83
N VAL BA 302 28.71 -48.03 -55.53
CA VAL BA 302 28.26 -46.66 -55.35
C VAL BA 302 27.63 -46.18 -56.65
N ILE BA 303 26.49 -45.50 -56.53
CA ILE BA 303 25.81 -44.90 -57.67
C ILE BA 303 25.48 -43.46 -57.31
N ALA BA 304 25.23 -42.65 -58.34
CA ALA BA 304 25.02 -41.22 -58.17
C ALA BA 304 23.69 -40.79 -58.78
N ASP BA 305 23.02 -39.87 -58.10
CA ASP BA 305 21.79 -39.25 -58.58
C ASP BA 305 22.05 -37.74 -58.64
N HIS BA 306 22.39 -37.25 -59.83
CA HIS BA 306 22.75 -35.84 -59.97
C HIS BA 306 21.55 -34.93 -59.80
N VAL BA 307 20.39 -35.35 -60.29
CA VAL BA 307 19.19 -34.52 -60.17
C VAL BA 307 18.83 -34.32 -58.70
N ASN BA 308 18.88 -35.39 -57.91
CA ASN BA 308 18.59 -35.30 -56.49
C ASN BA 308 19.82 -34.99 -55.65
N THR BA 309 21.00 -34.94 -56.27
CA THR BA 309 22.26 -34.69 -55.58
C THR BA 309 22.45 -35.65 -54.41
N GLU BA 310 22.50 -36.94 -54.75
CA GLU BA 310 22.62 -37.97 -53.74
C GLU BA 310 23.61 -39.03 -54.20
N MET BA 311 24.23 -39.70 -53.23
CA MET BA 311 25.13 -40.81 -53.49
C MET BA 311 24.62 -42.02 -52.74
N TRP BA 312 24.37 -43.11 -53.47
CA TRP BA 312 23.87 -44.34 -52.89
C TRP BA 312 25.03 -45.32 -52.73
N VAL BA 313 25.22 -45.83 -51.52
CA VAL BA 313 26.15 -46.92 -51.25
C VAL BA 313 25.31 -48.14 -50.97
N CYS BA 314 25.38 -49.13 -51.86
CA CYS BA 314 24.56 -50.34 -51.78
C CYS BA 314 25.44 -51.50 -51.36
N TYR BA 315 24.96 -52.26 -50.36
CA TYR BA 315 25.73 -53.34 -49.78
C TYR BA 315 24.77 -54.40 -49.25
N SER BA 316 25.33 -55.54 -48.86
CA SER BA 316 24.57 -56.65 -48.30
C SER BA 316 24.73 -56.64 -46.79
N SER BA 317 23.61 -56.48 -46.09
CA SER BA 317 23.63 -56.38 -44.64
C SER BA 317 23.71 -57.76 -44.00
N THR BA 318 23.87 -57.77 -42.67
CA THR BA 318 23.94 -59.01 -41.92
C THR BA 318 22.58 -59.68 -41.77
N ARG BA 319 21.48 -59.00 -42.11
CA ARG BA 319 20.17 -59.62 -42.03
C ARG BA 319 19.97 -60.69 -43.09
N SER BA 320 20.80 -60.72 -44.12
CA SER BA 320 20.66 -61.66 -45.21
C SER BA 320 21.64 -62.83 -45.06
N GLU BA 321 21.20 -63.99 -45.53
CA GLU BA 321 22.05 -65.18 -45.47
C GLU BA 321 23.19 -65.05 -46.47
N PRO BA 322 24.32 -65.71 -46.21
CA PRO BA 322 25.44 -65.65 -47.15
C PRO BA 322 25.04 -66.21 -48.51
N GLY BA 323 25.58 -65.60 -49.56
CA GLY BA 323 25.26 -65.97 -50.92
C GLY BA 323 24.29 -65.03 -51.63
N LYS BA 324 23.61 -64.17 -50.88
CA LYS BA 324 22.71 -63.20 -51.48
C LYS BA 324 23.48 -61.93 -51.84
N HIS BA 325 22.84 -61.10 -52.66
CA HIS BA 325 23.45 -59.86 -53.13
C HIS BA 325 23.07 -58.71 -52.20
N CYS BA 326 23.34 -57.47 -52.64
CA CYS BA 326 23.08 -56.31 -51.82
C CYS BA 326 21.60 -56.15 -51.56
N ASP BA 327 21.26 -55.79 -50.32
CA ASP BA 327 19.87 -55.57 -49.94
C ASP BA 327 19.64 -54.29 -49.15
N ARG BA 328 20.70 -53.57 -48.76
CA ARG BA 328 20.56 -52.34 -48.01
C ARG BA 328 21.37 -51.24 -48.69
N ALA BA 329 21.00 -50.00 -48.40
CA ALA BA 329 21.71 -48.87 -48.97
C ALA BA 329 21.71 -47.71 -47.99
N ILE BA 330 22.80 -46.97 -48.00
CA ILE BA 330 22.90 -45.71 -47.28
C ILE BA 330 23.09 -44.60 -48.30
N ILE BA 331 22.28 -43.54 -48.17
CA ILE BA 331 22.25 -42.45 -49.13
C ILE BA 331 22.78 -41.20 -48.46
N TRP BA 332 23.76 -40.56 -49.09
CA TRP BA 332 24.36 -39.34 -48.57
C TRP BA 332 24.00 -38.17 -49.49
N ASN BA 333 23.56 -37.07 -48.88
CA ASN BA 333 23.24 -35.86 -49.62
C ASN BA 333 24.39 -34.88 -49.50
N TRP BA 334 25.04 -34.55 -50.63
CA TRP BA 334 26.24 -33.74 -50.56
C TRP BA 334 25.95 -32.25 -50.52
N LYS BA 335 24.71 -31.83 -50.71
CA LYS BA 335 24.37 -30.41 -50.59
C LYS BA 335 23.91 -30.04 -49.19
N GLU BA 336 23.53 -31.03 -48.37
CA GLU BA 336 23.09 -30.78 -47.00
C GLU BA 336 23.84 -31.58 -45.97
N ASN BA 337 24.69 -32.52 -46.36
CA ASN BA 337 25.48 -33.34 -45.44
C ASN BA 337 24.58 -34.13 -44.49
N THR BA 338 23.76 -35.00 -45.09
CA THR BA 338 22.83 -35.83 -44.34
C THR BA 338 22.89 -37.27 -44.85
N TRP BA 339 22.53 -38.21 -43.99
CA TRP BA 339 22.56 -39.63 -44.30
C TRP BA 339 21.17 -40.23 -44.11
N SER BA 340 20.89 -41.28 -44.88
CA SER BA 340 19.62 -41.98 -44.79
C SER BA 340 19.84 -43.46 -45.07
N ILE BA 341 18.91 -44.28 -44.60
CA ILE BA 341 18.99 -45.74 -44.73
C ILE BA 341 17.76 -46.24 -45.48
N ARG BA 342 17.97 -47.18 -46.39
CA ARG BA 342 16.89 -47.67 -47.24
C ARG BA 342 17.11 -49.15 -47.55
N ASP BA 343 16.01 -49.87 -47.77
CA ASP BA 343 16.05 -51.26 -48.16
C ASP BA 343 16.08 -51.41 -49.67
N LEU BA 344 16.65 -52.51 -50.14
CA LEU BA 344 16.77 -52.79 -51.56
C LEU BA 344 16.25 -54.18 -51.88
N PRO BA 345 15.75 -54.40 -53.09
CA PRO BA 345 15.16 -55.69 -53.47
C PRO BA 345 16.18 -56.69 -54.05
N ASN BA 346 17.27 -56.91 -53.32
CA ASN BA 346 18.29 -57.90 -53.69
C ASN BA 346 18.83 -57.65 -55.09
N VAL BA 347 19.47 -56.50 -55.25
CA VAL BA 347 20.01 -56.09 -56.53
C VAL BA 347 21.51 -56.38 -56.57
N LEU BA 348 22.08 -56.35 -57.77
CA LEU BA 348 23.50 -56.58 -57.97
C LEU BA 348 24.23 -55.43 -58.63
N SER BA 349 23.59 -54.71 -59.54
CA SER BA 349 24.20 -53.57 -60.21
C SER BA 349 23.13 -52.56 -60.56
N GLY BA 350 23.56 -51.34 -60.86
CA GLY BA 350 22.65 -50.27 -61.19
C GLY BA 350 23.28 -49.31 -62.17
N ALA BA 351 22.43 -48.49 -62.78
CA ALA BA 351 22.87 -47.52 -63.77
C ALA BA 351 21.98 -46.30 -63.73
N TYR BA 352 22.51 -45.19 -64.22
CA TYR BA 352 21.84 -43.90 -64.23
C TYR BA 352 21.83 -43.39 -65.66
N GLY BA 353 20.65 -43.16 -66.22
CA GLY BA 353 20.56 -42.73 -67.59
C GLY BA 353 19.14 -42.43 -67.98
N ILE BA 354 18.99 -41.96 -69.22
CA ILE BA 354 17.69 -41.62 -69.77
C ILE BA 354 16.97 -42.88 -70.23
N ILE BA 355 15.70 -43.02 -69.84
CA ILE BA 355 14.91 -44.18 -70.21
C ILE BA 355 13.50 -43.72 -70.56
N ASP BA 356 12.89 -44.38 -71.54
CA ASP BA 356 11.52 -44.11 -71.94
C ASP BA 356 10.65 -45.31 -71.60
N PRO BA 357 9.85 -45.26 -70.53
CA PRO BA 357 9.05 -46.43 -70.14
C PRO BA 357 7.98 -46.80 -71.14
N LYS BA 358 7.61 -45.89 -72.05
CA LYS BA 358 6.58 -46.13 -73.07
C LYS BA 358 5.25 -46.49 -72.41
N VAL BA 359 4.73 -45.54 -71.63
CA VAL BA 359 3.45 -45.69 -70.94
C VAL BA 359 2.54 -44.58 -71.41
N SER BA 360 1.37 -44.94 -71.95
CA SER BA 360 0.41 -43.97 -72.40
C SER BA 360 -0.27 -43.30 -71.22
N ASN BA 361 -0.69 -42.04 -71.42
CA ASN BA 361 -1.36 -41.30 -70.35
C ASN BA 361 -2.88 -41.44 -70.45
N LEU BA 362 -3.46 -40.92 -71.54
CA LEU BA 362 -4.90 -40.99 -71.80
C LEU BA 362 -5.72 -40.67 -70.55
N TRP BA 363 -6.89 -41.30 -70.43
CA TRP BA 363 -7.71 -41.16 -69.23
C TRP BA 363 -8.16 -42.51 -68.71
N ASP BA 364 -8.34 -43.48 -69.61
CA ASP BA 364 -8.93 -44.76 -69.27
C ASP BA 364 -7.89 -45.88 -69.15
N ASP BA 365 -6.62 -45.53 -69.02
CA ASP BA 365 -5.55 -46.51 -68.86
C ASP BA 365 -4.76 -46.21 -67.60
N ASP BA 366 -5.44 -45.83 -66.53
CA ASP BA 366 -4.78 -45.36 -65.31
C ASP BA 366 -5.17 -46.19 -64.10
N PRO BA 367 -4.41 -47.22 -63.75
CA PRO BA 367 -4.49 -47.81 -62.41
C PRO BA 367 -3.84 -46.89 -61.38
N ASN BA 368 -3.62 -47.38 -60.16
CA ASN BA 368 -2.95 -46.57 -59.14
C ASN BA 368 -3.78 -45.34 -58.80
N PRO BA 369 -4.84 -45.51 -57.99
CA PRO BA 369 -5.79 -44.41 -57.76
C PRO BA 369 -5.17 -43.15 -57.16
N TRP BA 370 -6.03 -42.15 -56.94
CA TRP BA 370 -5.59 -40.76 -56.75
C TRP BA 370 -4.46 -40.64 -55.73
N ASP BA 371 -4.60 -41.30 -54.58
CA ASP BA 371 -3.66 -41.13 -53.48
C ASP BA 371 -2.48 -42.10 -53.62
N THR BA 372 -1.83 -42.05 -54.79
CA THR BA 372 -0.64 -42.85 -55.06
C THR BA 372 0.37 -41.96 -55.78
N TYR BA 373 1.21 -41.28 -55.00
CA TYR BA 373 2.24 -40.39 -55.52
C TYR BA 373 1.66 -39.34 -56.47
N THR BA 374 1.50 -39.73 -57.74
CA THR BA 374 1.15 -38.84 -58.84
C THR BA 374 2.20 -37.75 -59.01
N SER BA 375 2.13 -37.03 -60.13
CA SER BA 375 3.05 -35.93 -60.38
C SER BA 375 2.26 -34.67 -60.70
N VAL BA 376 2.94 -33.61 -61.14
CA VAL BA 376 2.21 -32.41 -61.53
C VAL BA 376 1.35 -32.70 -62.75
N TRP BA 377 0.37 -31.82 -62.98
CA TRP BA 377 -0.61 -32.07 -64.03
C TRP BA 377 0.05 -32.12 -65.41
N GLY BA 378 1.00 -31.22 -65.67
CA GLY BA 378 1.61 -31.15 -66.99
C GLY BA 378 2.59 -32.26 -67.29
N GLU BA 379 3.16 -32.89 -66.27
CA GLU BA 379 4.19 -33.89 -66.50
C GLU BA 379 3.59 -35.19 -67.01
N GLY BA 380 4.29 -35.82 -67.94
CA GLY BA 380 3.92 -37.11 -68.46
C GLY BA 380 4.77 -38.23 -67.89
N SER BA 381 4.71 -39.39 -68.56
CA SER BA 381 5.49 -40.54 -68.13
C SER BA 381 6.91 -40.54 -68.66
N TYR BA 382 7.22 -39.67 -69.62
CA TYR BA 382 8.55 -39.60 -70.24
C TYR BA 382 9.07 -38.19 -70.11
N ASN BA 383 10.21 -38.04 -69.42
CA ASN BA 383 10.85 -36.74 -69.22
C ASN BA 383 12.29 -36.82 -69.70
N PRO BA 384 12.55 -36.45 -70.95
CA PRO BA 384 13.93 -36.53 -71.47
C PRO BA 384 14.90 -35.60 -70.76
N ALA BA 385 14.40 -34.55 -70.11
CA ALA BA 385 15.28 -33.60 -69.43
C ALA BA 385 15.83 -34.13 -68.12
N LYS BA 386 15.32 -35.24 -67.61
CA LYS BA 386 15.78 -35.80 -66.35
C LYS BA 386 16.17 -37.26 -66.56
N SER BA 387 17.20 -37.70 -65.84
CA SER BA 387 17.66 -39.07 -65.90
C SER BA 387 16.87 -39.93 -64.92
N SER BA 388 17.19 -41.22 -64.89
CA SER BA 388 16.51 -42.15 -64.00
C SER BA 388 17.47 -43.27 -63.63
N MET BA 389 17.14 -43.94 -62.52
CA MET BA 389 17.97 -45.00 -61.97
C MET BA 389 17.31 -46.35 -62.24
N ILE BA 390 18.10 -47.31 -62.71
CA ILE BA 390 17.61 -48.65 -63.00
C ILE BA 390 18.56 -49.66 -62.37
N PHE BA 391 18.01 -50.59 -61.59
CA PHE BA 391 18.76 -51.63 -60.93
C PHE BA 391 18.42 -52.99 -61.52
N SER BA 392 19.34 -53.93 -61.37
CA SER BA 392 19.18 -55.28 -61.89
C SER BA 392 19.33 -56.30 -60.77
N SER BA 393 18.34 -57.17 -60.61
CA SER BA 393 18.38 -58.28 -59.68
C SER BA 393 18.75 -59.53 -60.46
N PHE BA 394 19.97 -60.03 -60.26
CA PHE BA 394 20.46 -61.18 -61.01
C PHE BA 394 19.75 -62.46 -60.60
N GLN BA 395 19.66 -62.71 -59.29
CA GLN BA 395 19.12 -63.99 -58.82
C GLN BA 395 17.63 -64.10 -59.08
N ASP BA 396 16.90 -63.00 -58.97
CA ASP BA 396 15.47 -62.99 -59.28
C ASP BA 396 15.19 -62.68 -60.74
N LYS BA 397 16.22 -62.35 -61.52
CA LYS BA 397 16.10 -62.05 -62.94
C LYS BA 397 15.06 -60.96 -63.18
N LYS BA 398 15.35 -59.78 -62.65
CA LYS BA 398 14.39 -58.68 -62.76
C LYS BA 398 15.14 -57.38 -62.99
N LEU BA 399 14.44 -56.41 -63.58
CA LEU BA 399 14.96 -55.07 -63.79
C LEU BA 399 13.97 -54.08 -63.20
N PHE BA 400 14.45 -53.24 -62.27
CA PHE BA 400 13.60 -52.28 -61.59
C PHE BA 400 13.98 -50.86 -62.00
N LEU BA 401 12.98 -50.04 -62.29
CA LEU BA 401 13.17 -48.62 -62.51
C LEU BA 401 12.68 -47.89 -61.27
N PHE BA 402 13.56 -47.09 -60.67
CA PHE BA 402 13.22 -46.39 -59.44
C PHE BA 402 12.67 -45.01 -59.77
N GLY BA 403 11.77 -44.52 -58.94
CA GLY BA 403 11.19 -43.23 -59.22
C GLY BA 403 9.74 -43.03 -58.83
N ASN BA 404 8.91 -42.72 -59.83
CA ASN BA 404 7.57 -42.20 -59.58
C ASN BA 404 6.77 -43.09 -58.64
N ASN BA 405 6.72 -44.40 -58.90
CA ASN BA 405 5.85 -45.28 -58.14
C ASN BA 405 6.18 -45.21 -56.65
N SER BA 406 5.13 -45.30 -55.82
CA SER BA 406 5.26 -45.19 -54.38
C SER BA 406 5.12 -46.54 -53.67
N THR BA 407 5.19 -47.64 -54.41
CA THR BA 407 5.10 -48.96 -53.84
C THR BA 407 6.27 -49.81 -54.32
N PHE BA 408 6.61 -50.82 -53.53
CA PHE BA 408 7.67 -51.77 -53.90
C PHE BA 408 7.08 -52.80 -54.87
N SER BA 409 6.77 -52.32 -56.08
CA SER BA 409 6.14 -53.10 -57.13
C SER BA 409 4.83 -53.71 -56.63
N GLY BA 410 3.94 -52.84 -56.20
CA GLY BA 410 2.66 -53.25 -55.63
C GLY BA 410 2.66 -53.40 -54.12
N GLN BA 411 3.69 -54.01 -53.58
CA GLN BA 411 3.78 -54.20 -52.13
C GLN BA 411 3.97 -52.87 -51.42
N ASN BA 412 3.45 -52.79 -50.21
CA ASN BA 412 3.56 -51.60 -49.37
C ASN BA 412 4.65 -51.79 -48.33
N PHE BA 413 5.44 -50.75 -48.11
CA PHE BA 413 6.50 -50.75 -47.11
C PHE BA 413 6.18 -49.74 -46.02
N VAL BA 414 7.00 -49.78 -44.98
CA VAL BA 414 6.78 -48.98 -43.78
C VAL BA 414 7.99 -48.08 -43.57
N SER BA 415 7.75 -46.79 -43.38
CA SER BA 415 8.80 -45.83 -43.06
C SER BA 415 8.74 -45.46 -41.60
N THR BA 416 9.90 -45.35 -40.96
CA THR BA 416 9.95 -45.04 -39.53
C THR BA 416 10.94 -43.91 -39.28
N LEU BA 417 10.59 -43.06 -38.29
CA LEU BA 417 11.48 -42.00 -37.84
C LEU BA 417 11.36 -41.88 -36.32
N GLU BA 418 12.46 -42.07 -35.61
CA GLU BA 418 12.42 -42.13 -34.15
C GLU BA 418 13.49 -41.24 -33.54
N ARG BA 419 13.11 -40.50 -32.50
CA ARG BA 419 14.02 -39.71 -31.69
C ARG BA 419 13.77 -40.04 -30.23
N SER BA 420 14.82 -39.98 -29.42
CA SER BA 420 14.70 -40.34 -28.01
C SER BA 420 15.54 -39.40 -27.16
N ASP BA 421 15.23 -39.39 -25.86
CA ASP BA 421 16.02 -38.69 -24.84
C ASP BA 421 15.98 -37.18 -25.06
N ILE BA 422 14.77 -36.63 -25.13
CA ILE BA 422 14.55 -35.20 -25.18
C ILE BA 422 14.16 -34.72 -23.79
N TYR BA 423 14.92 -33.76 -23.25
CA TYR BA 423 14.59 -33.21 -21.94
C TYR BA 423 14.68 -31.70 -21.88
N LEU BA 424 15.06 -31.01 -22.96
CA LEU BA 424 14.99 -29.55 -23.06
C LEU BA 424 15.77 -28.86 -21.94
N GLY BA 425 16.94 -29.42 -21.61
CA GLY BA 425 17.83 -28.77 -20.67
C GLY BA 425 17.48 -28.94 -19.21
N ASP BA 426 16.42 -29.66 -18.89
CA ASP BA 426 16.02 -29.91 -17.49
C ASP BA 426 15.94 -31.42 -17.30
N ASP BA 427 16.95 -31.99 -16.65
CA ASP BA 427 17.05 -33.42 -16.46
C ASP BA 427 16.70 -33.86 -15.04
N ARG BA 428 15.96 -33.04 -14.31
CA ARG BA 428 15.51 -33.39 -12.97
C ARG BA 428 14.00 -33.49 -12.86
N MET BA 429 13.27 -32.47 -13.32
CA MET BA 429 11.83 -32.48 -13.22
C MET BA 429 11.22 -33.48 -14.19
N MET BA 430 9.97 -33.85 -13.92
CA MET BA 430 9.22 -34.69 -14.85
C MET BA 430 8.31 -33.83 -15.71
N LYS BA 431 8.29 -34.12 -16.99
CA LYS BA 431 7.47 -33.40 -17.96
C LYS BA 431 6.12 -34.10 -18.12
N THR BA 432 5.19 -33.40 -18.76
CA THR BA 432 3.82 -33.88 -18.89
C THR BA 432 3.42 -34.25 -20.31
N VAL BA 433 3.78 -33.44 -21.30
CA VAL BA 433 3.49 -33.70 -22.70
C VAL BA 433 1.99 -33.86 -22.93
N SER BA 434 1.32 -32.77 -23.30
CA SER BA 434 -0.12 -32.80 -23.50
C SER BA 434 -0.53 -33.12 -24.93
N ALA BA 435 0.23 -32.67 -25.92
CA ALA BA 435 -0.17 -32.94 -27.31
C ALA BA 435 1.03 -32.85 -28.22
N ILE BA 436 0.89 -33.44 -29.40
CA ILE BA 436 1.88 -33.39 -30.47
C ILE BA 436 1.21 -32.86 -31.72
N ILE BA 437 1.76 -31.80 -32.29
CA ILE BA 437 1.24 -31.18 -33.50
C ILE BA 437 2.24 -31.45 -34.63
N PRO BA 438 1.94 -32.35 -35.55
CA PRO BA 438 2.84 -32.60 -36.67
C PRO BA 438 2.60 -31.63 -37.82
N HIS BA 439 3.66 -31.41 -38.59
CA HIS BA 439 3.60 -30.59 -39.80
C HIS BA 439 3.84 -31.52 -40.99
N ILE BA 440 2.77 -32.13 -41.48
CA ILE BA 440 2.82 -33.07 -42.58
C ILE BA 440 1.87 -32.61 -43.66
N THR BA 441 2.33 -32.59 -44.90
CA THR BA 441 1.52 -32.20 -46.04
C THR BA 441 1.46 -33.33 -47.05
N GLY BA 442 0.25 -33.67 -47.50
CA GLY BA 442 0.08 -34.75 -48.44
C GLY BA 442 -1.14 -35.60 -48.15
N ASN BA 443 -1.05 -36.91 -48.42
CA ASN BA 443 -2.15 -37.83 -48.18
C ASN BA 443 -1.64 -39.06 -47.46
N GLY BA 444 -2.52 -39.70 -46.71
CA GLY BA 444 -2.22 -40.94 -46.02
C GLY BA 444 -2.54 -40.83 -44.55
N THR BA 445 -2.13 -41.86 -43.81
CA THR BA 445 -2.34 -41.94 -42.37
C THR BA 445 -1.05 -42.33 -41.69
N CYS BA 446 -0.73 -41.63 -40.61
CA CYS BA 446 0.48 -41.91 -39.84
C CYS BA 446 0.11 -42.40 -38.45
N ASN BA 447 1.06 -43.05 -37.79
CA ASN BA 447 0.90 -43.51 -36.42
C ASN BA 447 1.97 -42.88 -35.56
N ILE BA 448 1.58 -42.38 -34.39
CA ILE BA 448 2.49 -41.67 -33.49
C ILE BA 448 2.61 -42.46 -32.20
N TRP BA 449 3.83 -42.66 -31.73
CA TRP BA 449 4.12 -43.33 -30.48
C TRP BA 449 4.90 -42.38 -29.58
N VAL BA 450 4.47 -42.26 -28.33
CA VAL BA 450 5.11 -41.40 -27.34
C VAL BA 450 5.55 -42.27 -26.18
N GLY BA 451 6.82 -42.12 -25.78
CA GLY BA 451 7.37 -42.90 -24.70
C GLY BA 451 8.23 -42.07 -23.79
N ASN BA 452 8.54 -42.62 -22.63
CA ASN BA 452 9.35 -41.92 -21.64
C ASN BA 452 10.37 -42.88 -21.04
N ALA BA 453 11.48 -42.30 -20.58
CA ALA BA 453 12.52 -43.02 -19.87
C ALA BA 453 12.89 -42.25 -18.62
N GLN BA 454 13.17 -42.98 -17.54
CA GLN BA 454 13.52 -42.37 -16.27
C GLN BA 454 15.02 -42.20 -16.09
N VAL BA 455 15.82 -43.05 -16.72
CA VAL BA 455 17.27 -42.98 -16.64
C VAL BA 455 17.81 -42.91 -18.07
N GLN BA 456 18.77 -42.01 -18.30
CA GLN BA 456 19.32 -41.82 -19.64
C GLN BA 456 19.89 -43.13 -20.18
N GLY BA 457 19.44 -43.53 -21.36
CA GLY BA 457 19.90 -44.74 -21.99
C GLY BA 457 19.24 -46.01 -21.52
N SER BA 458 18.31 -45.94 -20.58
CA SER BA 458 17.66 -47.13 -20.05
C SER BA 458 16.41 -47.44 -20.87
N GLY BA 459 15.57 -48.34 -20.35
CA GLY BA 459 14.38 -48.74 -21.08
C GLY BA 459 13.38 -47.61 -21.21
N ILE BA 460 12.47 -47.77 -22.17
CA ILE BA 460 11.48 -46.76 -22.52
C ILE BA 460 10.09 -47.40 -22.43
N ARG BA 461 9.18 -46.72 -21.75
CA ARG BA 461 7.79 -47.15 -21.66
C ARG BA 461 6.99 -46.43 -22.74
N TRP BA 462 6.50 -47.18 -23.72
CA TRP BA 462 5.80 -46.61 -24.86
C TRP BA 462 4.29 -46.60 -24.64
N LYS BA 463 3.62 -45.68 -25.32
CA LYS BA 463 2.17 -45.58 -25.30
C LYS BA 463 1.59 -46.26 -26.53
N GLY BA 464 0.27 -46.28 -26.62
CA GLY BA 464 -0.41 -46.90 -27.72
C GLY BA 464 -0.25 -46.12 -29.00
N PRO BA 465 -0.58 -46.73 -30.13
CA PRO BA 465 -0.46 -46.04 -31.43
C PRO BA 465 -1.58 -45.02 -31.59
N TYR BA 466 -1.19 -43.78 -31.85
CA TYR BA 466 -2.18 -42.73 -32.08
C TYR BA 466 -2.30 -42.48 -33.57
N PRO BA 467 -3.45 -42.76 -34.18
CA PRO BA 467 -3.62 -42.48 -35.61
C PRO BA 467 -3.68 -40.99 -35.89
N TYR BA 468 -3.24 -40.62 -37.08
CA TYR BA 468 -3.26 -39.21 -37.50
C TYR BA 468 -3.52 -39.16 -38.99
N ARG BA 469 -4.61 -38.50 -39.38
CA ARG BA 469 -4.98 -38.38 -40.78
C ARG BA 469 -4.35 -37.12 -41.37
N ILE BA 470 -3.49 -37.31 -42.36
CA ILE BA 470 -2.76 -36.19 -42.93
C ILE BA 470 -3.71 -35.28 -43.69
N GLY BA 471 -3.67 -33.98 -43.37
CA GLY BA 471 -4.48 -32.99 -44.04
C GLY BA 471 -5.80 -32.67 -43.36
N GLN BA 472 -6.25 -33.50 -42.43
CA GLN BA 472 -7.50 -33.25 -41.71
C GLN BA 472 -7.27 -32.99 -40.23
N ASP BA 473 -6.62 -33.92 -39.53
CA ASP BA 473 -6.40 -33.76 -38.10
C ASP BA 473 -5.35 -32.69 -37.84
N TYR BA 474 -5.58 -31.89 -36.81
CA TYR BA 474 -4.62 -30.85 -36.44
C TYR BA 474 -3.58 -31.37 -35.46
N LYS BA 475 -3.97 -32.23 -34.53
CA LYS BA 475 -3.05 -32.72 -33.52
C LYS BA 475 -3.58 -34.05 -32.97
N ILE BA 476 -2.79 -34.66 -32.11
CA ILE BA 476 -3.18 -35.85 -31.37
C ILE BA 476 -3.14 -35.52 -29.89
N ASP BA 477 -4.00 -36.17 -29.12
CA ASP BA 477 -4.14 -35.89 -27.70
C ASP BA 477 -3.63 -37.07 -26.88
N THR BA 478 -2.86 -36.78 -25.85
CA THR BA 478 -2.28 -37.82 -25.00
C THR BA 478 -1.96 -37.22 -23.65
N LYS BA 479 -1.42 -38.05 -22.77
CA LYS BA 479 -1.00 -37.62 -21.44
C LYS BA 479 0.08 -38.59 -20.98
N HIS BA 480 1.33 -38.13 -20.94
CA HIS BA 480 2.45 -39.04 -20.70
C HIS BA 480 3.48 -38.34 -19.82
N VAL BA 481 3.49 -38.69 -18.55
CA VAL BA 481 4.43 -38.11 -17.58
C VAL BA 481 5.72 -38.91 -17.62
N GLY BA 482 6.85 -38.21 -17.73
CA GLY BA 482 8.14 -38.87 -17.76
C GLY BA 482 9.25 -37.86 -17.67
N ARG BA 483 10.48 -38.38 -17.55
CA ARG BA 483 11.65 -37.52 -17.42
C ARG BA 483 12.29 -37.24 -18.77
N TYR BA 484 12.53 -38.27 -19.58
CA TYR BA 484 13.10 -38.12 -20.91
C TYR BA 484 12.09 -38.59 -21.94
N ILE BA 485 11.80 -37.75 -22.91
CA ILE BA 485 10.74 -38.01 -23.88
C ILE BA 485 11.32 -38.70 -25.11
N ALA BA 486 10.49 -39.50 -25.78
CA ALA BA 486 10.86 -40.15 -27.01
C ALA BA 486 9.65 -40.21 -27.93
N LEU BA 487 9.87 -39.92 -29.21
CA LEU BA 487 8.81 -39.89 -30.20
C LEU BA 487 9.14 -40.82 -31.35
N LYS BA 488 8.11 -41.48 -31.88
CA LYS BA 488 8.27 -42.35 -33.05
C LYS BA 488 7.13 -42.10 -34.02
N PHE BA 489 7.46 -41.91 -35.29
CA PHE BA 489 6.49 -41.72 -36.36
C PHE BA 489 6.59 -42.89 -37.31
N ASP BA 490 5.44 -43.53 -37.58
CA ASP BA 490 5.36 -44.70 -38.45
C ASP BA 490 4.42 -44.36 -39.59
N PHE BA 491 4.95 -44.35 -40.81
CA PHE BA 491 4.18 -44.05 -42.00
C PHE BA 491 3.96 -45.34 -42.79
N SER BA 492 2.69 -45.62 -43.10
CA SER BA 492 2.35 -46.70 -44.01
C SER BA 492 2.53 -46.20 -45.45
N SER BA 493 2.00 -46.94 -46.41
CA SER BA 493 2.17 -46.62 -47.82
C SER BA 493 0.81 -46.25 -48.42
N GLU BA 494 0.78 -46.16 -49.74
CA GLU BA 494 -0.40 -45.70 -50.49
C GLU BA 494 -0.66 -44.23 -50.23
N GLY BA 495 0.40 -43.43 -50.24
CA GLY BA 495 0.28 -42.00 -50.08
C GLY BA 495 1.64 -41.34 -50.15
N ASP BA 496 1.64 -40.06 -50.47
CA ASP BA 496 2.84 -39.26 -50.54
C ASP BA 496 2.75 -38.16 -49.49
N TRP BA 497 3.82 -37.99 -48.72
CA TRP BA 497 3.79 -37.07 -47.59
C TRP BA 497 5.13 -36.36 -47.45
N TYR BA 498 5.08 -35.10 -47.05
CA TYR BA 498 6.25 -34.32 -46.71
C TYR BA 498 6.17 -33.96 -45.23
N PHE BA 499 7.28 -34.15 -44.52
CA PHE BA 499 7.35 -34.00 -43.08
C PHE BA 499 8.47 -33.00 -42.77
N ASN BA 500 8.12 -31.85 -42.20
CA ASN BA 500 9.10 -30.79 -42.00
C ASN BA 500 8.96 -30.17 -40.61
N GLY BA 501 8.90 -31.00 -39.59
CA GLY BA 501 8.95 -30.55 -38.21
C GLY BA 501 7.66 -30.81 -37.47
N TYR BA 502 7.66 -30.43 -36.20
CA TYR BA 502 6.51 -30.66 -35.32
C TYR BA 502 6.60 -29.74 -34.11
N THR BA 503 5.64 -29.90 -33.21
CA THR BA 503 5.55 -29.08 -32.01
C THR BA 503 5.05 -29.95 -30.85
N ILE BA 504 5.63 -29.74 -29.68
CA ILE BA 504 5.25 -30.45 -28.46
C ILE BA 504 4.57 -29.46 -27.53
N GLU BA 505 3.37 -29.81 -27.06
CA GLU BA 505 2.62 -28.99 -26.12
C GLU BA 505 2.62 -29.70 -24.76
N MET BA 506 3.12 -29.02 -23.75
CA MET BA 506 3.37 -29.59 -22.44
C MET BA 506 2.62 -28.83 -21.36
N ALA BA 507 2.06 -29.58 -20.42
CA ALA BA 507 1.45 -29.03 -19.22
C ALA BA 507 2.55 -28.74 -18.19
N PRO BA 508 2.23 -27.99 -17.13
CA PRO BA 508 3.25 -27.71 -16.11
C PRO BA 508 3.81 -28.98 -15.49
N LYS BA 509 5.06 -28.89 -15.04
CA LYS BA 509 5.80 -30.05 -14.55
C LYS BA 509 5.06 -30.72 -13.39
N ALA BA 510 5.41 -31.98 -13.15
CA ALA BA 510 4.68 -32.86 -12.25
C ALA BA 510 5.61 -33.50 -11.23
N GLY BA 511 6.44 -32.71 -10.59
CA GLY BA 511 7.32 -33.19 -9.54
C GLY BA 511 8.68 -33.58 -10.06
N MET BA 512 9.53 -34.04 -9.14
CA MET BA 512 10.90 -34.38 -9.48
C MET BA 512 11.36 -35.75 -9.02
N ARG BA 513 10.46 -36.66 -8.67
CA ARG BA 513 10.84 -38.05 -8.51
C ARG BA 513 9.90 -38.92 -9.34
N ALA CA 2 9.41 15.92 -22.42
CA ALA CA 2 8.47 15.36 -23.39
C ALA CA 2 8.80 15.85 -24.79
N LEU CA 3 10.02 15.56 -25.24
CA LEU CA 3 10.48 15.97 -26.56
C LEU CA 3 11.49 14.95 -27.04
N GLU CA 4 11.14 14.19 -28.08
CA GLU CA 4 12.03 13.17 -28.62
C GLU CA 4 13.00 13.80 -29.62
N ARG CA 5 14.19 13.23 -29.69
CA ARG CA 5 15.24 13.74 -30.57
C ARG CA 5 15.86 12.60 -31.36
N GLN CA 6 16.08 12.83 -32.65
CA GLN CA 6 16.74 11.86 -33.51
C GLN CA 6 17.86 12.56 -34.26
N GLU CA 7 19.07 12.03 -34.16
CA GLU CA 7 20.25 12.66 -34.71
C GLU CA 7 20.73 11.89 -35.94
N VAL CA 8 20.98 12.61 -37.03
CA VAL CA 8 21.52 12.06 -38.25
C VAL CA 8 22.94 12.59 -38.41
N LYS CA 9 23.90 11.69 -38.49
CA LYS CA 9 25.32 12.02 -38.48
C LYS CA 9 25.97 11.67 -39.80
N ASN CA 10 26.63 12.64 -40.41
CA ASN CA 10 27.41 12.48 -41.64
C ASN CA 10 26.63 11.80 -42.74
N PRO CA 11 25.58 12.42 -43.29
CA PRO CA 11 24.91 11.85 -44.47
C PRO CA 11 25.63 12.27 -45.74
N THR CA 12 26.16 11.28 -46.46
CA THR CA 12 26.92 11.54 -47.67
C THR CA 12 26.47 10.62 -48.79
N GLY CA 13 26.54 11.13 -50.01
CA GLY CA 13 26.18 10.37 -51.19
C GLY CA 13 24.74 10.60 -51.62
N ILE CA 14 24.49 10.36 -52.90
CA ILE CA 14 23.17 10.46 -53.48
C ILE CA 14 22.83 9.12 -54.12
N VAL CA 15 21.67 8.56 -53.75
CA VAL CA 15 21.21 7.29 -54.28
C VAL CA 15 19.81 7.48 -54.82
N THR CA 16 19.60 7.16 -56.09
CA THR CA 16 18.29 7.28 -56.72
C THR CA 16 17.70 5.95 -57.17
N ASP CA 17 18.49 4.88 -57.22
CA ASP CA 17 17.96 3.60 -57.67
C ASP CA 17 17.07 2.97 -56.61
N ILE CA 18 17.49 2.99 -55.35
CA ILE CA 18 16.70 2.42 -54.27
C ILE CA 18 15.61 3.41 -53.88
N ALA CA 19 14.42 2.89 -53.57
CA ALA CA 19 13.31 3.75 -53.19
C ALA CA 19 13.69 4.55 -51.94
N PRO CA 20 13.34 5.84 -51.89
CA PRO CA 20 13.79 6.68 -50.77
C PRO CA 20 13.34 6.18 -49.40
N ALA CA 21 12.22 5.47 -49.33
CA ALA CA 21 11.77 4.94 -48.05
C ALA CA 21 12.64 3.80 -47.54
N ASP CA 22 13.50 3.23 -48.38
CA ASP CA 22 14.35 2.12 -47.99
C ASP CA 22 15.80 2.51 -47.74
N LEU CA 23 16.18 3.75 -48.03
CA LEU CA 23 17.55 4.17 -47.83
C LEU CA 23 17.89 4.23 -46.35
N PRO CA 24 19.15 4.03 -45.98
CA PRO CA 24 19.57 4.29 -44.60
C PRO CA 24 19.44 5.78 -44.29
N LEU CA 25 19.41 6.07 -42.99
CA LEU CA 25 19.19 7.45 -42.55
C LEU CA 25 20.32 8.38 -42.98
N GLU CA 26 21.49 7.84 -43.34
CA GLU CA 26 22.66 8.64 -43.66
C GLU CA 26 22.88 8.77 -45.17
N LYS CA 27 21.81 8.85 -45.95
CA LYS CA 27 21.92 8.99 -47.39
C LYS CA 27 20.95 10.05 -47.88
N TRP CA 28 21.27 10.65 -49.01
CA TRP CA 28 20.45 11.70 -49.61
C TRP CA 28 19.70 11.14 -50.80
N SER CA 29 18.39 11.39 -50.85
CA SER CA 29 17.59 10.92 -51.97
C SER CA 29 17.81 11.74 -53.23
N PHE CA 30 18.16 13.02 -53.08
CA PHE CA 30 18.39 13.88 -54.24
C PHE CA 30 19.32 15.00 -53.85
N GLY CA 31 20.00 15.56 -54.85
CA GLY CA 31 20.91 16.66 -54.59
C GLY CA 31 21.40 17.27 -55.87
N ASN CA 32 22.06 18.42 -55.72
CA ASN CA 32 22.61 19.13 -56.87
C ASN CA 32 23.63 20.15 -56.39
N ASN CA 33 24.78 20.18 -57.08
CA ASN CA 33 25.84 21.17 -56.87
C ASN CA 33 26.44 21.06 -55.46
N VAL CA 34 26.84 19.84 -55.10
CA VAL CA 34 27.46 19.58 -53.80
C VAL CA 34 28.60 18.59 -53.99
N ARG CA 35 29.51 18.59 -53.02
CA ARG CA 35 30.61 17.64 -52.97
C ARG CA 35 30.59 16.93 -51.62
N PHE CA 36 31.01 15.67 -51.61
CA PHE CA 36 31.10 14.88 -50.39
C PHE CA 36 32.56 14.52 -50.15
N LYS CA 37 33.07 14.86 -48.97
CA LYS CA 37 34.47 14.61 -48.65
C LYS CA 37 34.63 14.56 -47.14
N ASN CA 38 35.30 13.52 -46.65
CA ASN CA 38 35.61 13.37 -45.23
C ASN CA 38 34.35 13.41 -44.37
N GLY CA 39 33.25 12.85 -44.90
CA GLY CA 39 32.01 12.84 -44.18
C GLY CA 39 31.27 14.16 -44.13
N LYS CA 40 31.70 15.15 -44.93
CA LYS CA 40 31.06 16.45 -44.95
C LYS CA 40 30.56 16.77 -46.34
N ALA CA 41 29.45 17.49 -46.41
CA ALA CA 41 28.91 17.98 -47.67
C ALA CA 41 29.25 19.46 -47.80
N GLN CA 42 29.91 19.81 -48.89
CA GLN CA 42 30.42 21.15 -49.10
C GLN CA 42 29.94 21.69 -50.44
N LYS CA 43 30.07 23.00 -50.60
CA LYS CA 43 29.69 23.66 -51.84
C LYS CA 43 30.57 23.18 -53.00
N ALA CA 44 29.96 23.10 -54.17
CA ALA CA 44 30.68 22.66 -55.36
C ALA CA 44 31.73 23.69 -55.76
N LEU CA 45 32.77 23.21 -56.44
CA LEU CA 45 33.89 24.08 -56.81
C LEU CA 45 33.46 25.10 -57.86
N GLY CA 46 34.06 26.29 -57.79
CA GLY CA 46 33.79 27.35 -58.73
C GLY CA 46 34.91 27.56 -59.72
N HIS CA 47 34.58 28.14 -60.86
CA HIS CA 47 35.51 28.33 -61.96
C HIS CA 47 35.79 29.80 -62.19
N THR CA 48 37.04 30.12 -62.51
CA THR CA 48 37.51 31.46 -62.79
C THR CA 48 38.17 31.49 -64.16
N PRO CA 49 37.91 32.51 -64.97
CA PRO CA 49 38.55 32.57 -66.30
C PRO CA 49 40.06 32.62 -66.19
N ILE CA 50 40.73 31.90 -67.09
CA ILE CA 50 42.19 31.83 -67.12
C ILE CA 50 42.64 31.92 -68.58
N PHE CA 51 43.90 32.30 -68.75
CA PHE CA 51 44.51 32.48 -70.08
C PHE CA 51 43.65 33.40 -70.94
N ASP CA 52 43.20 34.50 -70.36
CA ASP CA 52 42.35 35.44 -71.09
C ASP CA 52 43.19 36.36 -71.96
N THR CA 53 44.04 35.77 -72.79
CA THR CA 53 44.84 36.53 -73.75
C THR CA 53 45.09 35.76 -75.04
N ALA CA 54 44.54 34.56 -75.19
CA ALA CA 54 44.78 33.73 -76.37
C ALA CA 54 43.56 33.77 -77.28
N GLN CA 55 43.82 33.82 -78.59
CA GLN CA 55 42.77 33.89 -79.58
C GLN CA 55 42.43 32.48 -80.09
N ALA CA 56 41.29 32.39 -80.78
CA ALA CA 56 40.77 31.18 -81.40
C ALA CA 56 40.36 30.15 -80.36
N PRO CA 57 39.36 29.32 -80.64
CA PRO CA 57 38.98 28.27 -79.69
C PRO CA 57 40.07 27.22 -79.55
N ILE CA 58 40.09 26.58 -78.39
CA ILE CA 58 41.08 25.56 -78.07
C ILE CA 58 40.38 24.21 -78.01
N LEU CA 59 40.94 23.22 -78.69
CA LEU CA 59 40.37 21.87 -78.68
C LEU CA 59 40.86 21.06 -77.49
N ASP CA 60 42.17 20.87 -77.36
CA ASP CA 60 42.74 20.02 -76.33
C ASP CA 60 43.86 20.75 -75.61
N MET CA 61 44.14 20.32 -74.39
CA MET CA 61 45.17 20.93 -73.56
C MET CA 61 46.05 19.85 -72.95
N PHE CA 62 47.35 20.13 -72.85
CA PHE CA 62 48.28 19.17 -72.28
C PHE CA 62 49.37 19.89 -71.49
N PRO CA 63 49.47 19.66 -70.19
CA PRO CA 63 50.53 20.30 -69.40
C PRO CA 63 51.78 19.44 -69.34
N PHE CA 64 52.91 20.12 -69.17
CA PHE CA 64 54.19 19.44 -68.98
C PHE CA 64 55.17 20.43 -68.35
N ILE CA 65 56.39 19.97 -68.14
CA ILE CA 65 57.44 20.78 -67.53
C ILE CA 65 58.64 20.80 -68.47
N ARG CA 66 59.13 22.00 -68.77
CA ARG CA 66 60.32 22.16 -69.59
C ARG CA 66 61.17 23.27 -68.98
N ASN CA 67 62.48 23.04 -68.94
CA ASN CA 67 63.42 24.01 -68.40
C ASN CA 67 63.03 24.44 -67.00
N ASN CA 68 62.58 23.47 -66.19
CA ASN CA 68 62.19 23.69 -64.80
C ASN CA 68 61.04 24.70 -64.68
N ILE CA 69 60.19 24.78 -65.71
CA ILE CA 69 59.05 25.69 -65.69
C ILE CA 69 57.84 24.95 -66.27
N PRO CA 70 56.65 25.09 -65.70
CA PRO CA 70 55.46 24.51 -66.31
C PRO CA 70 55.13 25.18 -67.64
N TYR CA 71 54.61 24.39 -68.57
CA TYR CA 71 54.13 24.91 -69.84
C TYR CA 71 52.90 24.12 -70.26
N TRP CA 72 51.88 24.82 -70.77
CA TRP CA 72 50.66 24.19 -71.23
C TRP CA 72 50.60 24.32 -72.75
N LEU CA 73 50.51 23.19 -73.44
CA LEU CA 73 50.34 23.17 -74.88
C LEU CA 73 48.85 23.09 -75.20
N LEU CA 74 48.35 24.09 -75.93
CA LEU CA 74 46.94 24.17 -76.28
C LEU CA 74 46.81 23.90 -77.78
N CYS CA 75 46.25 22.76 -78.13
CA CYS CA 75 46.02 22.43 -79.53
C CYS CA 75 44.63 22.92 -79.92
N GLY CA 76 44.58 23.87 -80.85
CA GLY CA 76 43.35 24.48 -81.29
C GLY CA 76 42.84 23.91 -82.60
N GLU CA 77 42.00 24.70 -83.26
CA GLU CA 77 41.39 24.26 -84.50
C GLU CA 77 42.42 24.11 -85.61
N GLN CA 78 43.31 25.10 -85.77
CA GLN CA 78 44.26 25.08 -86.86
C GLN CA 78 45.69 25.43 -86.47
N ARG CA 79 45.94 25.88 -85.24
CA ARG CA 79 47.28 26.29 -84.84
C ARG CA 79 47.51 25.92 -83.39
N MET CA 80 48.70 25.37 -83.11
CA MET CA 80 49.11 25.14 -81.74
C MET CA 80 49.42 26.46 -81.04
N TYR CA 81 49.33 26.44 -79.71
CA TYR CA 81 49.77 27.55 -78.90
C TYR CA 81 50.44 26.99 -77.65
N LEU CA 82 51.30 27.79 -77.05
CA LEU CA 82 52.03 27.37 -75.85
C LEU CA 82 51.94 28.51 -74.84
N ALA CA 83 51.52 28.19 -73.62
CA ALA CA 83 51.31 29.18 -72.59
C ALA CA 83 52.12 28.84 -71.35
N ASP CA 84 52.53 29.89 -70.64
CA ASP CA 84 53.28 29.73 -69.40
C ASP CA 84 52.65 30.49 -68.24
N GLY CA 85 51.41 30.94 -68.38
CA GLY CA 85 50.75 31.72 -67.37
C GLY CA 85 50.84 33.22 -67.56
N THR CA 86 51.74 33.69 -68.44
CA THR CA 86 51.88 35.10 -68.72
C THR CA 86 51.63 35.43 -70.19
N THR CA 87 52.24 34.68 -71.11
CA THR CA 87 52.15 34.97 -72.53
C THR CA 87 51.79 33.70 -73.30
N VAL CA 88 51.20 33.90 -74.47
CA VAL CA 88 50.82 32.81 -75.37
C VAL CA 88 51.66 32.96 -76.64
N VAL CA 89 52.34 31.88 -77.03
CA VAL CA 89 53.24 31.91 -78.17
C VAL CA 89 52.77 30.87 -79.18
N ASP CA 90 52.64 31.28 -80.43
CA ASP CA 90 52.30 30.36 -81.50
C ASP CA 90 53.51 29.55 -81.89
N VAL CA 91 53.33 28.22 -81.98
CA VAL CA 91 54.41 27.31 -82.34
C VAL CA 91 54.05 26.40 -83.50
N SER CA 92 52.87 26.55 -84.09
CA SER CA 92 52.47 25.67 -85.18
C SER CA 92 53.33 25.94 -86.41
N PRO CA 93 53.70 24.90 -87.15
CA PRO CA 93 54.49 25.11 -88.38
C PRO CA 93 53.67 25.75 -89.48
N GLY CA 94 52.46 25.23 -89.68
CA GLY CA 94 51.58 25.74 -90.72
C GLY CA 94 50.12 25.72 -90.31
N GLY CA 95 49.26 25.19 -91.17
CA GLY CA 95 47.85 25.12 -90.88
C GLY CA 95 47.33 23.70 -90.78
N HIS CA 96 46.90 23.30 -89.58
CA HIS CA 96 46.36 21.96 -89.39
C HIS CA 96 44.91 21.91 -89.83
N SER CA 97 44.37 20.69 -89.86
CA SER CA 97 42.99 20.49 -90.30
C SER CA 97 42.20 19.74 -89.24
N ALA CA 98 42.33 20.16 -87.98
CA ALA CA 98 41.60 19.51 -86.89
C ALA CA 98 40.13 19.92 -86.93
N SER CA 99 39.33 19.25 -86.11
CA SER CA 99 37.90 19.51 -86.00
C SER CA 99 37.42 18.84 -84.73
N VAL CA 100 36.12 18.97 -84.44
CA VAL CA 100 35.54 18.28 -83.28
C VAL CA 100 35.48 16.78 -83.49
N THR CA 101 35.57 16.31 -84.74
CA THR CA 101 35.61 14.89 -85.02
C THR CA 101 37.02 14.38 -85.25
N SER CA 102 38.03 15.24 -85.15
CA SER CA 102 39.44 14.85 -85.29
C SER CA 102 40.18 15.46 -84.10
N ARG CA 103 40.21 14.74 -82.98
CA ARG CA 103 40.77 15.26 -81.76
C ARG CA 103 42.28 15.01 -81.70
N TRP CA 104 42.93 15.69 -80.76
CA TRP CA 104 44.38 15.63 -80.64
C TRP CA 104 44.82 14.62 -79.59
N SER CA 105 45.84 13.84 -79.93
CA SER CA 105 46.55 13.00 -78.99
C SER CA 105 47.98 13.51 -78.90
N SER CA 106 48.60 13.37 -77.73
CA SER CA 106 49.94 13.88 -77.57
C SER CA 106 50.61 13.17 -76.40
N GLY CA 107 51.92 13.34 -76.32
CA GLY CA 107 52.68 12.74 -75.23
C GLY CA 107 54.15 13.07 -75.37
N SER CA 108 54.95 12.39 -74.56
CA SER CA 108 56.39 12.56 -74.55
C SER CA 108 57.07 11.23 -74.86
N PHE CA 109 58.21 11.31 -75.54
CA PHE CA 109 58.97 10.12 -75.91
C PHE CA 109 60.41 10.54 -76.15
N ASN CA 110 61.33 10.02 -75.34
CA ASN CA 110 62.76 10.30 -75.46
C ASN CA 110 63.02 11.81 -75.39
N GLY CA 111 62.27 12.50 -74.55
CA GLY CA 111 62.43 13.93 -74.41
C GLY CA 111 61.84 14.74 -75.53
N VAL CA 112 61.13 14.12 -76.47
CA VAL CA 112 60.52 14.79 -77.60
C VAL CA 112 59.02 14.76 -77.43
N ILE CA 113 58.38 15.92 -77.58
CA ILE CA 113 56.93 16.01 -77.37
C ILE CA 113 56.24 15.82 -78.72
N PHE CA 114 55.41 14.78 -78.81
CA PHE CA 114 54.73 14.46 -80.04
C PHE CA 114 53.25 14.76 -79.93
N ALA CA 115 52.67 15.20 -81.05
CA ALA CA 115 51.24 15.47 -81.17
C ALA CA 115 50.74 14.93 -82.49
N ASN CA 116 49.45 14.59 -82.53
CA ASN CA 116 48.88 13.93 -83.69
C ASN CA 116 47.38 14.14 -83.70
N ASN CA 117 46.83 14.23 -84.91
CA ASN CA 117 45.38 14.24 -85.13
C ASN CA 117 45.09 13.41 -86.36
N PRO CA 118 43.88 12.83 -86.45
CA PRO CA 118 43.59 11.86 -87.52
C PRO CA 118 43.55 12.46 -88.92
N SER CA 119 43.82 13.75 -89.10
CA SER CA 119 43.75 14.36 -90.43
C SER CA 119 45.09 14.91 -90.88
N ASN CA 120 46.16 14.69 -90.11
CA ASN CA 120 47.47 15.21 -90.44
C ASN CA 120 48.53 14.20 -90.06
N TYR CA 121 49.71 14.37 -90.65
CA TYR CA 121 50.87 13.59 -90.23
C TYR CA 121 51.31 14.03 -88.84
N PRO CA 122 51.86 13.11 -88.04
CA PRO CA 122 52.28 13.47 -86.68
C PRO CA 122 53.35 14.55 -86.68
N TYR CA 123 53.29 15.39 -85.66
CA TYR CA 123 54.26 16.46 -85.47
C TYR CA 123 55.05 16.22 -84.19
N VAL CA 124 56.30 16.67 -84.18
CA VAL CA 124 57.17 16.51 -83.03
C VAL CA 124 57.80 17.84 -82.68
N LEU CA 125 58.22 17.95 -81.42
CA LEU CA 125 58.92 19.11 -80.90
C LEU CA 125 60.11 18.63 -80.10
N MET CA 126 61.30 19.00 -80.55
CA MET CA 126 62.56 18.67 -79.91
C MET CA 126 62.93 19.72 -78.88
N PRO CA 127 63.72 19.35 -77.87
CA PRO CA 127 64.15 20.35 -76.88
C PRO CA 127 64.94 21.49 -77.48
N GLN CA 128 65.71 21.24 -78.53
CA GLN CA 128 66.54 22.29 -79.13
C GLN CA 128 65.71 23.32 -79.88
N ASN CA 129 64.74 22.87 -80.66
CA ASN CA 129 63.98 23.77 -81.52
C ASN CA 129 62.89 24.49 -80.72
N SER CA 130 62.28 25.48 -81.36
CA SER CA 130 61.20 26.26 -80.76
C SER CA 130 59.90 26.14 -81.55
N GLY CA 131 59.80 25.13 -82.41
CA GLY CA 131 58.61 24.92 -83.21
C GLY CA 131 58.40 23.43 -83.45
N PHE CA 132 57.31 23.11 -84.13
CA PHE CA 132 56.96 21.74 -84.42
C PHE CA 132 57.44 21.35 -85.81
N ILE CA 133 57.74 20.07 -85.98
CA ILE CA 133 58.23 19.52 -87.24
C ILE CA 133 57.45 18.25 -87.55
N PRO CA 134 57.12 17.98 -88.81
CA PRO CA 134 56.53 16.68 -89.14
C PRO CA 134 57.46 15.55 -88.77
N MET CA 135 56.87 14.44 -88.36
CA MET CA 135 57.64 13.30 -87.87
C MET CA 135 58.51 12.71 -88.97
N PRO CA 136 59.81 12.55 -88.75
CA PRO CA 136 60.64 11.88 -89.74
C PRO CA 136 60.29 10.41 -89.85
N ASN CA 137 60.55 9.86 -91.04
CA ASN CA 137 60.37 8.44 -91.37
C ASN CA 137 58.92 8.00 -91.33
N TRP CA 138 57.97 8.92 -91.15
CA TRP CA 138 56.57 8.54 -91.13
C TRP CA 138 56.13 8.09 -92.53
N PRO CA 139 55.48 6.95 -92.65
CA PRO CA 139 55.05 6.48 -93.98
C PRO CA 139 54.02 7.43 -94.58
N ALA CA 140 54.09 7.56 -95.90
CA ALA CA 140 53.22 8.46 -96.64
C ALA CA 140 51.82 7.89 -96.78
N ASN CA 141 50.83 8.78 -96.79
CA ASN CA 141 49.42 8.41 -96.94
C ASN CA 141 48.93 7.52 -95.81
N THR CA 142 49.46 7.71 -94.61
CA THR CA 142 49.05 6.95 -93.44
C THR CA 142 48.61 7.93 -92.34
N PHE CA 143 47.47 7.66 -91.74
CA PHE CA 143 46.97 8.44 -90.63
C PHE CA 143 46.56 7.49 -89.50
N ALA CA 144 46.81 7.91 -88.26
CA ALA CA 144 46.50 7.10 -87.09
C ALA CA 144 45.53 7.86 -86.20
N LYS CA 145 44.39 7.23 -85.89
CA LYS CA 145 43.43 7.86 -85.01
C LYS CA 145 43.99 8.04 -83.61
N ARG CA 146 44.73 7.05 -83.10
CA ARG CA 146 45.34 7.17 -81.80
C ARG CA 146 46.83 6.84 -81.88
N MET CA 147 47.65 7.64 -81.21
CA MET CA 147 49.08 7.42 -81.14
C MET CA 147 49.55 7.59 -79.71
N LYS CA 148 50.25 6.58 -79.19
CA LYS CA 148 50.71 6.58 -77.81
C LYS CA 148 52.15 6.09 -77.77
N SER CA 149 52.76 6.18 -76.59
CA SER CA 149 54.12 5.72 -76.37
C SER CA 149 54.13 4.66 -75.27
N PHE CA 150 54.86 3.57 -75.51
CA PHE CA 150 54.93 2.47 -74.56
C PHE CA 150 56.36 1.98 -74.52
N LYS CA 151 56.99 2.10 -73.34
CA LYS CA 151 58.38 1.71 -73.15
C LYS CA 151 59.30 2.43 -74.13
N ASN CA 152 59.85 1.69 -75.09
CA ASN CA 152 60.73 2.26 -76.10
C ASN CA 152 60.12 2.19 -77.49
N PHE CA 153 58.80 2.25 -77.58
CA PHE CA 153 58.10 2.13 -78.85
C PHE CA 153 56.98 3.16 -78.93
N MET CA 154 56.58 3.47 -80.14
CA MET CA 154 55.37 4.24 -80.40
C MET CA 154 54.33 3.33 -81.06
N ILE CA 155 53.08 3.50 -80.65
CA ILE CA 155 51.99 2.61 -81.04
C ILE CA 155 50.91 3.43 -81.71
N ALA CA 156 50.42 2.94 -82.85
CA ALA CA 156 49.35 3.56 -83.60
C ALA CA 156 48.16 2.62 -83.67
N LEU CA 157 46.98 3.17 -83.49
CA LEU CA 157 45.74 2.41 -83.44
C LEU CA 157 44.67 3.11 -84.28
N ASN CA 158 43.80 2.29 -84.88
CA ASN CA 158 42.71 2.74 -85.74
C ASN CA 158 43.25 3.49 -86.95
N VAL CA 159 43.96 2.75 -87.81
CA VAL CA 159 44.88 3.35 -88.77
C VAL CA 159 44.29 3.26 -90.18
N THR CA 160 44.35 4.36 -90.91
CA THR CA 160 43.98 4.38 -92.32
C THR CA 160 45.24 4.56 -93.16
N GLN CA 161 45.26 3.92 -94.32
CA GLN CA 161 46.43 3.93 -95.19
C GLN CA 161 45.96 3.80 -96.63
N ASN CA 162 46.51 4.66 -97.51
CA ASN CA 162 46.22 4.60 -98.95
C ASN CA 162 44.71 4.57 -99.21
N SER CA 163 43.99 5.41 -98.49
CA SER CA 163 42.54 5.62 -98.63
C SER CA 163 41.72 4.38 -98.28
N VAL CA 164 42.30 3.39 -97.64
CA VAL CA 164 41.54 2.28 -97.05
C VAL CA 164 41.84 2.26 -95.55
N GLU CA 165 40.78 2.22 -94.74
CA GLU CA 165 40.91 2.31 -93.29
C GLU CA 165 40.84 0.91 -92.70
N MET CA 166 41.75 0.60 -91.78
CA MET CA 166 41.69 -0.63 -91.01
C MET CA 166 41.63 -0.25 -89.55
N PRO CA 167 40.50 -0.49 -88.88
CA PRO CA 167 40.30 -0.02 -87.50
C PRO CA 167 40.66 -1.03 -86.43
N GLN CA 168 41.32 -2.13 -86.77
CA GLN CA 168 41.64 -3.16 -85.79
C GLN CA 168 43.11 -3.54 -85.84
N MET CA 169 43.97 -2.60 -86.23
CA MET CA 169 45.41 -2.85 -86.21
C MET CA 169 46.10 -2.09 -85.08
N VAL CA 170 47.02 -2.79 -84.44
CA VAL CA 170 48.01 -2.19 -83.55
C VAL CA 170 49.33 -2.20 -84.31
N TRP CA 171 49.90 -1.01 -84.52
CA TRP CA 171 51.13 -0.86 -85.29
C TRP CA 171 52.21 -0.31 -84.37
N TRP CA 172 53.30 -1.04 -84.21
CA TRP CA 172 54.40 -0.60 -83.37
C TRP CA 172 55.66 -0.42 -84.20
N SER CA 173 56.37 0.67 -83.94
CA SER CA 173 57.58 1.01 -84.67
C SER CA 173 58.78 0.27 -84.09
N THR CA 174 59.96 0.58 -84.60
CA THR CA 174 61.18 -0.02 -84.09
C THR CA 174 61.52 0.57 -82.73
N SER CA 175 62.29 -0.18 -81.95
CA SER CA 175 62.73 0.28 -80.66
C SER CA 175 63.68 1.46 -80.80
N ALA CA 176 63.68 2.33 -79.79
CA ALA CA 176 64.51 3.53 -79.79
C ALA CA 176 65.67 3.33 -78.83
N ASP CA 177 66.88 3.61 -79.31
CA ASP CA 177 68.09 3.45 -78.52
C ASP CA 177 68.56 4.81 -78.02
N ALA CA 178 68.90 4.88 -76.73
CA ALA CA 178 69.42 6.09 -76.11
C ALA CA 178 68.42 7.23 -76.18
N GLY CA 179 68.14 7.72 -77.37
CA GLY CA 179 67.20 8.80 -77.54
C GLY CA 179 66.78 8.95 -78.98
N GLY CA 180 66.02 10.01 -79.24
CA GLY CA 180 65.56 10.31 -80.58
C GLY CA 180 64.31 9.53 -80.95
N ILE CA 181 63.79 9.86 -82.13
CA ILE CA 181 62.57 9.23 -82.64
C ILE CA 181 62.91 7.87 -83.26
N PRO CA 182 61.95 6.96 -83.37
CA PRO CA 182 62.22 5.69 -84.05
C PRO CA 182 62.65 5.93 -85.49
N VAL CA 183 63.58 5.09 -85.96
CA VAL CA 183 64.17 5.28 -87.28
C VAL CA 183 63.34 4.67 -88.41
N SER CA 184 62.37 3.81 -88.10
CA SER CA 184 61.63 3.14 -89.16
C SER CA 184 60.26 2.73 -88.63
N TRP CA 185 59.36 2.44 -89.58
CA TRP CA 185 58.05 1.94 -89.24
C TRP CA 185 57.66 0.74 -90.11
N ASP CA 186 58.57 0.24 -90.93
CA ASP CA 186 58.23 -0.83 -91.87
C ASP CA 186 58.10 -2.15 -91.13
N PRO CA 187 56.96 -2.82 -91.20
CA PRO CA 187 56.84 -4.13 -90.54
C PRO CA 187 57.39 -5.26 -91.39
N THR CA 188 57.46 -5.05 -92.70
CA THR CA 188 57.88 -6.12 -93.61
C THR CA 188 59.34 -6.47 -93.42
N ASP CA 189 60.16 -5.51 -92.98
CA ASP CA 189 61.58 -5.74 -92.77
C ASP CA 189 61.78 -6.70 -91.61
N PRO CA 190 62.38 -7.86 -91.83
CA PRO CA 190 62.58 -8.82 -90.74
C PRO CA 190 63.82 -8.59 -89.90
N THR CA 191 64.64 -7.60 -90.26
CA THR CA 191 65.84 -7.28 -89.49
C THR CA 191 65.57 -6.28 -88.38
N LYS CA 192 64.37 -5.73 -88.29
CA LYS CA 192 63.98 -4.78 -87.25
C LYS CA 192 62.82 -5.37 -86.44
N ASP CA 193 62.43 -4.65 -85.40
CA ASP CA 193 61.42 -5.11 -84.47
C ASP CA 193 60.09 -4.37 -84.61
N ALA CA 194 59.92 -3.59 -85.67
CA ALA CA 194 58.63 -2.98 -85.95
C ALA CA 194 57.67 -4.04 -86.49
N GLY CA 195 56.38 -3.87 -86.20
CA GLY CA 195 55.44 -4.88 -86.63
C GLY CA 195 54.01 -4.39 -86.50
N GLN CA 196 53.09 -5.27 -86.89
CA GLN CA 196 51.67 -5.00 -86.85
C GLN CA 196 50.94 -6.23 -86.32
N ASN CA 197 49.76 -6.00 -85.75
CA ASN CA 197 48.89 -7.08 -85.34
C ASN CA 197 47.44 -6.63 -85.51
N THR CA 198 46.55 -7.60 -85.61
CA THR CA 198 45.12 -7.32 -85.78
C THR CA 198 44.31 -8.07 -84.75
N LEU CA 199 43.50 -7.33 -84.00
CA LEU CA 199 42.60 -7.92 -83.01
C LEU CA 199 41.19 -8.06 -83.59
N ALA CA 200 41.08 -8.90 -84.61
CA ALA CA 200 39.86 -9.00 -85.41
C ALA CA 200 39.18 -10.34 -85.11
N ASP CA 201 38.34 -10.34 -84.07
CA ASP CA 201 37.42 -11.43 -83.82
C ASP CA 201 36.05 -10.95 -83.37
N THR CA 202 35.84 -9.63 -83.31
CA THR CA 202 34.56 -9.06 -82.95
C THR CA 202 34.36 -7.80 -83.78
N ASN CA 203 33.10 -7.44 -84.03
CA ASN CA 203 32.80 -6.32 -84.91
C ASN CA 203 33.27 -4.98 -84.36
N GLY CA 204 33.63 -4.91 -83.08
CA GLY CA 204 34.04 -3.66 -82.49
C GLY CA 204 35.36 -3.16 -83.06
N ALA CA 205 35.67 -1.90 -82.73
CA ALA CA 205 36.87 -1.24 -83.20
C ALA CA 205 37.64 -0.67 -82.02
N ILE CA 206 38.95 -0.55 -82.20
CA ILE CA 206 39.81 -0.01 -81.14
C ILE CA 206 39.46 1.45 -80.92
N VAL CA 207 39.31 1.84 -79.65
CA VAL CA 207 38.88 3.21 -79.34
C VAL CA 207 39.98 3.95 -78.59
N ASP CA 208 40.75 3.24 -77.78
CA ASP CA 208 41.75 3.89 -76.94
C ASP CA 208 42.69 2.85 -76.36
N GLY CA 209 43.78 3.32 -75.77
CA GLY CA 209 44.74 2.47 -75.10
C GLY CA 209 45.41 3.18 -73.94
N VAL CA 210 45.40 2.57 -72.77
CA VAL CA 210 45.92 3.19 -71.55
C VAL CA 210 46.83 2.21 -70.84
N LYS CA 211 47.96 2.71 -70.34
CA LYS CA 211 48.88 1.88 -69.58
C LYS CA 211 48.27 1.48 -68.24
N LEU CA 212 48.70 0.32 -67.75
CA LEU CA 212 48.29 -0.15 -66.43
C LEU CA 212 49.42 -0.99 -65.86
N ARG CA 213 50.05 -0.51 -64.79
CA ARG CA 213 51.21 -1.17 -64.19
C ARG CA 213 52.30 -1.41 -65.24
N ASP CA 214 52.48 -2.66 -65.65
CA ASP CA 214 53.50 -3.03 -66.61
C ASP CA 214 52.88 -3.66 -67.85
N SER CA 215 51.73 -3.14 -68.29
CA SER CA 215 51.07 -3.66 -69.47
C SER CA 215 50.28 -2.54 -70.13
N PHE CA 216 49.95 -2.75 -71.40
CA PHE CA 216 49.20 -1.78 -72.19
C PHE CA 216 47.80 -2.35 -72.43
N ILE CA 217 46.79 -1.67 -71.92
CA ILE CA 217 45.41 -2.13 -72.05
C ILE CA 217 44.80 -1.48 -73.29
N ILE CA 218 44.23 -2.31 -74.15
CA ILE CA 218 43.61 -1.87 -75.40
C ILE CA 218 42.11 -2.07 -75.28
N TYR CA 219 41.36 -1.00 -75.49
CA TYR CA 219 39.91 -1.02 -75.35
C TYR CA 219 39.26 -1.01 -76.73
N LYS CA 220 38.39 -1.98 -76.96
CA LYS CA 220 37.53 -1.98 -78.12
C LYS CA 220 36.13 -1.53 -77.72
N GLU CA 221 35.22 -1.50 -78.69
CA GLU CA 221 33.85 -1.09 -78.39
C GLU CA 221 33.11 -2.14 -77.56
N ASP CA 222 33.56 -3.38 -77.56
CA ASP CA 222 32.86 -4.44 -76.84
C ASP CA 222 33.77 -5.43 -76.13
N SER CA 223 35.09 -5.22 -76.12
CA SER CA 223 36.00 -6.16 -75.48
C SER CA 223 37.24 -5.41 -75.02
N VAL CA 224 37.98 -6.03 -74.11
CA VAL CA 224 39.18 -5.44 -73.55
C VAL CA 224 40.33 -6.44 -73.67
N TYR CA 225 41.43 -6.01 -74.29
CA TYR CA 225 42.62 -6.81 -74.48
C TYR CA 225 43.78 -6.21 -73.70
N SER CA 226 44.82 -7.01 -73.51
CA SER CA 226 46.04 -6.56 -72.86
C SER CA 226 47.25 -6.98 -73.68
N MET CA 227 48.27 -6.12 -73.71
CA MET CA 227 49.51 -6.40 -74.41
C MET CA 227 50.67 -6.22 -73.44
N ARG CA 228 51.70 -7.04 -73.60
CA ARG CA 228 52.85 -7.03 -72.73
C ARG CA 228 54.11 -7.18 -73.55
N TYR CA 229 55.17 -6.49 -73.14
CA TYR CA 229 56.46 -6.56 -73.83
C TYR CA 229 57.27 -7.72 -73.30
N ILE CA 230 57.70 -8.61 -74.19
CA ILE CA 230 58.46 -9.79 -73.80
C ILE CA 230 59.79 -9.82 -74.53
N GLY CA 231 59.93 -8.97 -75.54
CA GLY CA 231 61.14 -9.01 -76.34
C GLY CA 231 61.23 -10.28 -77.16
N GLY CA 232 62.47 -10.71 -77.41
CA GLY CA 232 62.66 -11.93 -78.16
C GLY CA 232 62.30 -11.77 -79.62
N LEU CA 233 61.78 -12.84 -80.21
CA LEU CA 233 61.42 -12.88 -81.62
C LEU CA 233 60.04 -12.31 -81.91
N PHE CA 234 59.23 -12.04 -80.88
CA PHE CA 234 57.88 -11.55 -81.09
C PHE CA 234 57.61 -10.21 -80.43
N ILE CA 235 58.53 -9.69 -79.63
CA ILE CA 235 58.43 -8.36 -79.02
C ILE CA 235 57.24 -8.30 -78.08
N PHE CA 236 56.03 -8.33 -78.62
CA PHE CA 236 54.82 -8.11 -77.86
C PHE CA 236 53.97 -9.38 -77.81
N GLN CA 237 53.34 -9.60 -76.65
CA GLN CA 237 52.44 -10.71 -76.43
C GLN CA 237 51.05 -10.18 -76.15
N PHE CA 238 50.05 -10.73 -76.84
CA PHE CA 238 48.68 -10.25 -76.74
C PHE CA 238 47.85 -11.23 -75.92
N GLN CA 239 46.91 -10.66 -75.15
CA GLN CA 239 46.12 -11.44 -74.21
C GLN CA 239 44.76 -10.79 -74.05
N GLN CA 240 43.70 -11.55 -74.28
CA GLN CA 240 42.35 -11.03 -74.14
C GLN CA 240 41.90 -11.08 -72.69
N LEU CA 241 41.30 -9.99 -72.22
CA LEU CA 241 40.87 -9.88 -70.84
C LEU CA 241 39.36 -10.02 -70.67
N PHE CA 242 38.57 -9.22 -71.37
CA PHE CA 242 37.13 -9.22 -71.19
C PHE CA 242 36.42 -9.22 -72.54
N ASN CA 243 35.23 -9.81 -72.56
CA ASN CA 243 34.44 -9.95 -73.77
C ASN CA 243 33.04 -9.38 -73.67
N ASP CA 244 32.55 -9.05 -72.47
CA ASP CA 244 31.18 -8.59 -72.31
C ASP CA 244 31.04 -7.09 -72.17
N VAL CA 245 32.13 -6.36 -71.94
CA VAL CA 245 32.08 -4.91 -71.80
C VAL CA 245 33.22 -4.31 -72.63
N GLY CA 246 33.07 -3.02 -72.93
CA GLY CA 246 34.07 -2.30 -73.67
C GLY CA 246 34.28 -0.91 -73.13
N ILE CA 247 34.31 0.09 -74.03
CA ILE CA 247 34.42 1.49 -73.63
C ILE CA 247 33.43 2.30 -74.45
N LEU CA 248 33.10 3.49 -73.92
CA LEU CA 248 32.15 4.34 -74.61
C LEU CA 248 32.82 5.20 -75.68
N GLY CA 249 34.00 5.73 -75.38
CA GLY CA 249 34.71 6.57 -76.31
C GLY CA 249 36.11 6.88 -75.83
N PRO CA 250 36.84 7.71 -76.59
CA PRO CA 250 38.19 8.08 -76.16
C PRO CA 250 38.17 8.90 -74.87
N ASN CA 251 39.26 8.81 -74.12
CA ASN CA 251 39.41 9.51 -72.86
C ASN CA 251 38.32 9.11 -71.85
N CYS CA 252 38.00 7.82 -71.83
CA CYS CA 252 36.98 7.30 -70.92
C CYS CA 252 37.53 6.17 -70.05
N ALA CA 253 38.82 6.23 -69.73
CA ALA CA 253 39.44 5.21 -68.88
C ALA CA 253 40.63 5.84 -68.18
N ILE CA 254 40.65 5.76 -66.85
CA ILE CA 254 41.70 6.38 -66.07
C ILE CA 254 42.31 5.34 -65.14
N GLU CA 255 43.53 5.62 -64.68
CA GLU CA 255 44.25 4.73 -63.78
C GLU CA 255 44.38 5.39 -62.41
N PHE CA 256 44.17 4.59 -61.37
CA PHE CA 256 44.29 5.08 -60.00
C PHE CA 256 44.56 3.91 -59.07
N ASP CA 257 45.61 4.04 -58.26
CA ASP CA 257 45.93 3.06 -57.21
C ASP CA 257 46.09 1.65 -57.76
N GLY CA 258 46.63 1.52 -58.97
CA GLY CA 258 46.80 0.22 -59.57
C GLY CA 258 45.55 -0.40 -60.14
N ASN CA 259 44.50 0.38 -60.34
CA ASN CA 259 43.26 -0.09 -60.94
C ASN CA 259 42.87 0.83 -62.08
N HIS CA 260 41.92 0.38 -62.88
CA HIS CA 260 41.40 1.14 -64.01
C HIS CA 260 39.92 1.39 -63.80
N PHE CA 261 39.53 2.66 -63.89
CA PHE CA 261 38.15 3.10 -63.83
C PHE CA 261 37.70 3.38 -65.27
N VAL CA 262 36.68 2.65 -65.72
CA VAL CA 262 36.25 2.67 -67.11
C VAL CA 262 34.76 2.94 -67.19
N VAL CA 263 34.37 3.76 -68.16
CA VAL CA 263 32.97 4.01 -68.47
C VAL CA 263 32.64 3.25 -69.74
N GLY CA 264 31.93 2.13 -69.60
CA GLY CA 264 31.56 1.30 -70.72
C GLY CA 264 30.21 1.65 -71.28
N HIS CA 265 29.72 0.77 -72.16
CA HIS CA 265 28.41 0.93 -72.77
C HIS CA 265 27.38 0.26 -71.87
N GLY CA 266 26.64 1.08 -71.13
CA GLY CA 266 25.64 0.56 -70.21
C GLY CA 266 26.15 0.21 -68.84
N ASP CA 267 27.41 0.49 -68.53
CA ASP CA 267 27.95 0.21 -67.21
C ASP CA 267 29.21 1.04 -66.99
N VAL CA 268 29.50 1.29 -65.71
CA VAL CA 268 30.73 1.93 -65.27
C VAL CA 268 31.39 1.00 -64.27
N TYR CA 269 32.62 0.59 -64.56
CA TYR CA 269 33.23 -0.47 -63.77
C TYR CA 269 34.67 -0.13 -63.44
N VAL CA 270 35.26 -0.98 -62.60
CA VAL CA 270 36.64 -0.86 -62.16
C VAL CA 270 37.26 -2.24 -62.21
N HIS CA 271 38.47 -2.32 -62.74
CA HIS CA 271 39.14 -3.61 -62.86
C HIS CA 271 40.64 -3.46 -62.66
N ASN CA 272 41.27 -4.53 -62.20
CA ASN CA 272 42.72 -4.55 -62.00
C ASN CA 272 43.41 -5.48 -63.00
N GLY CA 273 42.73 -5.86 -64.08
CA GLY CA 273 43.26 -6.81 -65.03
C GLY CA 273 42.97 -8.25 -64.69
N VAL CA 274 42.42 -8.54 -63.52
CA VAL CA 274 42.08 -9.90 -63.13
C VAL CA 274 40.60 -9.95 -62.75
N GLN CA 275 40.21 -9.09 -61.82
CA GLN CA 275 38.83 -9.04 -61.34
C GLN CA 275 38.19 -7.73 -61.72
N LYS CA 276 36.94 -7.79 -62.16
CA LYS CA 276 36.17 -6.63 -62.59
C LYS CA 276 34.90 -6.51 -61.76
N GLN CA 277 34.56 -5.29 -61.36
CA GLN CA 277 33.33 -5.10 -60.61
C GLN CA 277 32.75 -3.73 -60.91
N SER CA 278 31.43 -3.63 -60.86
CA SER CA 278 30.73 -2.39 -61.15
C SER CA 278 30.67 -1.52 -59.90
N VAL CA 279 30.81 -0.21 -60.11
CA VAL CA 279 30.76 0.76 -59.03
C VAL CA 279 29.57 1.69 -59.12
N ILE CA 280 28.84 1.68 -60.22
CA ILE CA 280 27.66 2.54 -60.37
C ILE CA 280 26.36 1.79 -60.12
N ASP CA 281 26.40 0.47 -60.01
CA ASP CA 281 25.18 -0.30 -59.85
C ASP CA 281 24.49 0.03 -58.55
N ALA CA 282 23.16 0.09 -58.61
CA ALA CA 282 22.26 0.29 -57.47
C ALA CA 282 22.42 1.64 -56.80
N GLN CA 283 23.17 2.58 -57.40
CA GLN CA 283 23.24 3.92 -56.83
C GLN CA 283 22.66 4.98 -57.75
N VAL CA 284 23.23 5.18 -58.94
CA VAL CA 284 22.71 6.15 -59.90
C VAL CA 284 22.65 5.58 -61.30
N ARG CA 285 22.63 4.25 -61.42
CA ARG CA 285 22.73 3.63 -62.74
C ARG CA 285 21.57 4.02 -63.63
N LYS CA 286 20.34 3.83 -63.15
CA LYS CA 286 19.17 4.15 -63.95
C LYS CA 286 19.10 5.62 -64.29
N PHE CA 287 19.42 6.47 -63.32
CA PHE CA 287 19.41 7.91 -63.56
C PHE CA 287 20.45 8.30 -64.60
N PHE CA 288 21.66 7.73 -64.49
CA PHE CA 288 22.73 8.11 -65.41
C PHE CA 288 22.42 7.65 -66.83
N PHE CA 289 22.08 6.37 -67.00
CA PHE CA 289 21.82 5.88 -68.35
C PHE CA 289 20.38 6.12 -68.76
N SER CA 290 19.91 7.33 -68.48
CA SER CA 290 18.68 7.85 -69.06
C SER CA 290 18.76 9.34 -69.34
N ASP CA 291 19.91 9.97 -69.10
CA ASP CA 291 20.07 11.41 -69.18
C ASP CA 291 21.00 11.85 -70.29
N ILE CA 292 21.75 10.92 -70.90
CA ILE CA 292 22.69 11.29 -71.95
C ILE CA 292 21.92 11.68 -73.20
N ASN CA 293 22.34 12.78 -73.82
CA ASN CA 293 21.71 13.25 -75.04
C ASN CA 293 21.93 12.24 -76.15
N PRO CA 294 20.87 11.73 -76.78
CA PRO CA 294 21.06 10.72 -77.84
C PRO CA 294 21.91 11.20 -79.00
N ASP CA 295 21.86 12.49 -79.32
CA ASP CA 295 22.61 13.04 -80.44
C ASP CA 295 24.03 13.45 -80.06
N ASN CA 296 24.42 13.32 -78.79
CA ASN CA 296 25.73 13.78 -78.35
C ASN CA 296 26.40 12.81 -77.40
N TYR CA 297 26.09 11.51 -77.51
CA TYR CA 297 26.68 10.56 -76.58
C TYR CA 297 28.08 10.16 -77.03
N GLN CA 298 28.88 11.14 -77.40
CA GLN CA 298 30.27 10.88 -77.76
C GLN CA 298 31.22 11.95 -77.27
N ARG CA 299 30.73 12.97 -76.58
CA ARG CA 299 31.58 13.96 -75.94
C ARG CA 299 31.89 13.61 -74.50
N THR CA 300 31.31 12.53 -73.98
CA THR CA 300 31.54 12.12 -72.61
C THR CA 300 33.02 11.84 -72.38
N PHE CA 301 33.55 12.34 -71.28
CA PHE CA 301 34.95 12.10 -70.99
C PHE CA 301 35.17 12.09 -69.48
N VAL CA 302 36.26 11.46 -69.06
CA VAL CA 302 36.56 11.24 -67.66
C VAL CA 302 37.84 11.98 -67.30
N ILE CA 303 37.83 12.64 -66.15
CA ILE CA 303 39.01 13.31 -65.62
C ILE CA 303 39.19 12.88 -64.17
N ALA CA 304 40.41 13.07 -63.65
CA ALA CA 304 40.77 12.61 -62.32
C ALA CA 304 41.31 13.75 -61.49
N ASP CA 305 40.93 13.77 -60.21
CA ASP CA 305 41.44 14.72 -59.23
C ASP CA 305 42.11 13.90 -58.14
N HIS CA 306 43.43 13.76 -58.24
CA HIS CA 306 44.17 12.91 -57.31
C HIS CA 306 44.21 13.52 -55.91
N VAL CA 307 44.32 14.85 -55.82
CA VAL CA 307 44.37 15.50 -54.52
C VAL CA 307 43.07 15.27 -53.75
N ASN CA 308 41.94 15.44 -54.44
CA ASN CA 308 40.64 15.22 -53.84
C ASN CA 308 40.16 13.78 -53.95
N THR CA 309 40.89 12.94 -54.67
CA THR CA 309 40.52 11.54 -54.90
C THR CA 309 39.11 11.43 -55.47
N GLU CA 310 38.93 12.02 -56.65
CA GLU CA 310 37.63 12.04 -57.29
C GLU CA 310 37.77 11.73 -58.77
N MET CA 311 36.71 11.19 -59.36
CA MET CA 311 36.64 10.93 -60.78
C MET CA 311 35.42 11.65 -61.34
N TRP CA 312 35.64 12.52 -62.32
CA TRP CA 312 34.57 13.29 -62.95
C TRP CA 312 34.22 12.64 -64.28
N VAL CA 313 32.95 12.33 -64.46
CA VAL CA 313 32.41 11.90 -65.74
C VAL CA 313 31.58 13.06 -66.27
N CYS CA 314 32.03 13.67 -67.37
CA CYS CA 314 31.37 14.84 -67.94
C CYS CA 314 30.66 14.43 -69.21
N TYR CA 315 29.40 14.84 -69.33
CA TYR CA 315 28.56 14.47 -70.47
C TYR CA 315 27.54 15.56 -70.71
N SER CA 316 26.84 15.43 -71.83
CA SER CA 316 25.80 16.37 -72.24
C SER CA 316 24.44 15.79 -71.87
N SER CA 317 23.71 16.49 -71.01
CA SER CA 317 22.44 16.00 -70.51
C SER CA 317 21.32 16.30 -71.50
N THR CA 318 20.14 15.74 -71.22
CA THR CA 318 18.98 15.96 -72.07
C THR CA 318 18.40 17.36 -71.93
N ARG CA 319 18.81 18.11 -70.92
CA ARG CA 319 18.32 19.49 -70.77
C ARG CA 319 18.86 20.41 -71.85
N SER CA 320 19.94 20.02 -72.52
CA SER CA 320 20.61 20.87 -73.50
C SER CA 320 20.10 20.58 -74.90
N GLU CA 321 20.05 21.62 -75.72
CA GLU CA 321 19.66 21.47 -77.11
C GLU CA 321 20.71 20.65 -77.86
N PRO CA 322 20.30 19.79 -78.79
CA PRO CA 322 21.28 19.00 -79.54
C PRO CA 322 22.25 19.88 -80.30
N GLY CA 323 23.51 19.45 -80.35
CA GLY CA 323 24.58 20.23 -80.94
C GLY CA 323 25.48 20.91 -79.94
N LYS CA 324 25.09 20.97 -78.67
CA LYS CA 324 25.94 21.56 -77.64
C LYS CA 324 26.85 20.49 -77.04
N HIS CA 325 27.82 20.96 -76.26
CA HIS CA 325 28.81 20.08 -75.66
C HIS CA 325 28.36 19.67 -74.26
N CYS CA 326 29.27 19.07 -73.49
CA CYS CA 326 28.93 18.57 -72.17
C CYS CA 326 28.53 19.70 -71.23
N ASP CA 327 27.48 19.47 -70.45
CA ASP CA 327 27.01 20.46 -69.49
C ASP CA 327 26.78 19.89 -68.09
N ARG CA 328 26.84 18.58 -67.91
CA ARG CA 328 26.62 17.97 -66.61
C ARG CA 328 27.76 17.02 -66.28
N ALA CA 329 27.92 16.74 -64.99
CA ALA CA 329 28.97 15.84 -64.56
C ALA CA 329 28.51 15.06 -63.34
N ILE CA 330 28.99 13.82 -63.24
CA ILE CA 330 28.82 13.01 -62.04
C ILE CA 330 30.20 12.69 -61.49
N ILE CA 331 30.37 12.91 -60.20
CA ILE CA 331 31.67 12.77 -59.54
C ILE CA 331 31.59 11.61 -58.57
N TRP CA 332 32.55 10.69 -58.68
CA TRP CA 332 32.63 9.53 -57.82
C TRP CA 332 33.86 9.64 -56.93
N ASN CA 333 33.68 9.40 -55.64
CA ASN CA 333 34.79 9.42 -54.68
C ASN CA 333 35.20 7.98 -54.40
N TRP CA 334 36.43 7.63 -54.75
CA TRP CA 334 36.85 6.24 -54.64
C TRP CA 334 37.36 5.87 -53.25
N LYS CA 335 37.48 6.83 -52.34
CA LYS CA 335 37.86 6.50 -50.97
C LYS CA 335 36.66 6.34 -50.07
N GLU CA 336 35.49 6.83 -50.46
CA GLU CA 336 34.28 6.68 -49.67
C GLU CA 336 33.12 6.04 -50.43
N ASN CA 337 33.25 5.82 -51.74
CA ASN CA 337 32.23 5.19 -52.56
C ASN CA 337 30.92 5.99 -52.52
N THR CA 338 31.01 7.25 -52.98
CA THR CA 338 29.88 8.15 -53.02
C THR CA 338 29.81 8.84 -54.37
N TRP CA 339 28.61 9.24 -54.77
CA TRP CA 339 28.35 9.89 -56.03
C TRP CA 339 27.75 11.27 -55.80
N SER CA 340 28.04 12.20 -56.71
CA SER CA 340 27.52 13.56 -56.63
C SER CA 340 27.26 14.08 -58.03
N ILE CA 341 26.38 15.08 -58.12
CA ILE CA 341 25.96 15.65 -59.40
C ILE CA 341 26.36 17.12 -59.45
N ARG CA 342 26.86 17.56 -60.60
CA ARG CA 342 27.37 18.92 -60.76
C ARG CA 342 27.00 19.45 -62.14
N ASP CA 343 26.86 20.76 -62.24
CA ASP CA 343 26.67 21.45 -63.50
C ASP CA 343 28.01 21.93 -64.07
N LEU CA 344 28.05 22.06 -65.38
CA LEU CA 344 29.25 22.48 -66.10
C LEU CA 344 28.91 23.59 -67.08
N PRO CA 345 29.86 24.50 -67.36
CA PRO CA 345 29.60 25.62 -68.26
C PRO CA 345 29.89 25.32 -69.73
N ASN CA 346 29.29 24.25 -70.24
CA ASN CA 346 29.37 23.89 -71.66
C ASN CA 346 30.82 23.73 -72.11
N VAL CA 347 31.49 22.75 -71.52
CA VAL CA 347 32.89 22.50 -71.81
C VAL CA 347 33.01 21.33 -72.78
N LEU CA 348 34.19 21.19 -73.37
CA LEU CA 348 34.48 20.12 -74.32
C LEU CA 348 35.62 19.22 -73.90
N SER CA 349 36.64 19.75 -73.23
CA SER CA 349 37.77 18.96 -72.79
C SER CA 349 38.34 19.59 -71.53
N GLY CA 350 39.16 18.81 -70.82
CA GLY CA 350 39.76 19.26 -69.59
C GLY CA 350 41.10 18.60 -69.36
N ALA CA 351 41.85 19.15 -68.41
CA ALA CA 351 43.18 18.65 -68.10
C ALA CA 351 43.49 18.92 -66.63
N TYR CA 352 44.44 18.15 -66.11
CA TYR CA 352 44.86 18.24 -64.72
C TYR CA 352 46.36 18.48 -64.70
N GLY CA 353 46.79 19.56 -64.06
CA GLY CA 353 48.20 19.88 -64.05
C GLY CA 353 48.47 21.10 -63.19
N ILE CA 354 49.76 21.43 -63.11
CA ILE CA 354 50.21 22.58 -62.32
C ILE CA 354 50.06 23.84 -63.14
N ILE CA 355 49.48 24.88 -62.53
CA ILE CA 355 49.27 26.16 -63.20
C ILE CA 355 49.59 27.28 -62.22
N ASP CA 356 50.13 28.37 -62.75
CA ASP CA 356 50.43 29.57 -61.96
C ASP CA 356 49.55 30.72 -62.46
N PRO CA 357 48.49 31.07 -61.73
CA PRO CA 357 47.59 32.12 -62.20
C PRO CA 357 48.21 33.50 -62.25
N LYS CA 358 49.34 33.72 -61.57
CA LYS CA 358 50.04 35.00 -61.55
C LYS CA 358 49.12 36.10 -61.01
N VAL CA 359 48.70 35.93 -59.77
CA VAL CA 359 47.85 36.88 -59.07
C VAL CA 359 48.58 37.34 -57.81
N SER CA 360 48.77 38.65 -57.69
CA SER CA 360 49.43 39.21 -56.52
C SER CA 360 48.50 39.14 -55.31
N ASN CA 361 49.10 39.03 -54.12
CA ASN CA 361 48.32 38.98 -52.89
C ASN CA 361 48.16 40.37 -52.29
N LEU CA 362 49.27 40.99 -51.89
CA LEU CA 362 49.29 42.35 -51.33
C LEU CA 362 48.17 42.57 -50.32
N TRP CA 363 47.67 43.80 -50.25
CA TRP CA 363 46.52 44.09 -49.40
C TRP CA 363 45.47 44.88 -50.15
N ASP CA 364 45.89 45.70 -51.12
CA ASP CA 364 45.01 46.64 -51.79
C ASP CA 364 44.61 46.18 -53.19
N ASP CA 365 44.78 44.89 -53.49
CA ASP CA 365 44.38 44.33 -54.77
C ASP CA 365 43.44 43.15 -54.57
N ASP CA 366 42.52 43.28 -53.62
CA ASP CA 366 41.67 42.16 -53.21
C ASP CA 366 40.19 42.47 -53.40
N PRO CA 367 39.60 42.07 -54.52
CA PRO CA 367 38.13 41.97 -54.60
C PRO CA 367 37.65 40.76 -53.84
N ASN CA 368 36.39 40.36 -54.02
CA ASN CA 368 35.85 39.16 -53.37
C ASN CA 368 35.86 39.32 -51.86
N PRO CA 369 34.87 40.04 -51.30
CA PRO CA 369 34.86 40.34 -49.85
C PRO CA 369 34.97 39.12 -48.94
N TRP CA 370 35.08 39.39 -47.65
CA TRP CA 370 35.54 38.39 -46.67
C TRP CA 370 34.80 37.06 -46.82
N ASP CA 371 33.48 37.10 -46.97
CA ASP CA 371 32.68 35.87 -46.98
C ASP CA 371 32.58 35.27 -48.39
N THR CA 372 33.72 35.07 -49.05
CA THR CA 372 33.79 34.40 -50.35
C THR CA 372 34.94 33.40 -50.30
N TYR CA 373 34.64 32.18 -49.86
CA TYR CA 373 35.62 31.10 -49.77
C TYR CA 373 36.82 31.49 -48.92
N THR CA 374 37.80 32.15 -49.54
CA THR CA 374 39.11 32.42 -48.96
C THR CA 374 39.83 31.13 -48.60
N SER CA 375 41.12 31.23 -48.28
CA SER CA 375 41.89 30.07 -47.87
C SER CA 375 42.56 30.34 -46.53
N VAL CA 376 43.45 29.46 -46.10
CA VAL CA 376 44.16 29.71 -44.85
C VAL CA 376 45.06 30.94 -45.01
N TRP CA 377 45.47 31.50 -43.87
CA TRP CA 377 46.20 32.75 -43.88
C TRP CA 377 47.53 32.61 -44.62
N GLY CA 378 48.23 31.49 -44.41
CA GLY CA 378 49.55 31.32 -45.02
C GLY CA 378 49.51 31.01 -46.49
N GLU CA 379 48.39 30.51 -47.01
CA GLU CA 379 48.33 30.11 -48.40
C GLU CA 379 48.29 31.32 -49.32
N GLY CA 380 48.96 31.19 -50.47
CA GLY CA 380 48.93 32.20 -51.51
C GLY CA 380 48.07 31.78 -52.68
N SER CA 381 48.28 32.45 -53.81
CA SER CA 381 47.55 32.13 -55.03
C SER CA 381 48.22 31.04 -55.86
N TYR CA 382 49.49 30.74 -55.59
CA TYR CA 382 50.24 29.74 -56.34
C TYR CA 382 50.74 28.68 -55.37
N ASN CA 383 50.35 27.43 -55.61
CA ASN CA 383 50.74 26.31 -54.77
C ASN CA 383 51.33 25.23 -55.66
N PRO CA 384 52.65 25.21 -55.85
CA PRO CA 384 53.26 24.21 -56.72
C PRO CA 384 53.10 22.78 -56.22
N ALA CA 385 52.85 22.59 -54.92
CA ALA CA 385 52.70 21.24 -54.37
C ALA CA 385 51.38 20.61 -54.73
N LYS CA 386 50.43 21.36 -55.26
CA LYS CA 386 49.11 20.84 -55.59
C LYS CA 386 48.79 21.15 -57.05
N SER CA 387 48.01 20.27 -57.66
CA SER CA 387 47.61 20.42 -59.05
C SER CA 387 46.27 21.14 -59.14
N SER CA 388 45.79 21.33 -60.37
CA SER CA 388 44.53 22.03 -60.59
C SER CA 388 43.91 21.54 -61.89
N MET CA 389 42.60 21.77 -62.02
CA MET CA 389 41.82 21.34 -63.17
C MET CA 389 41.48 22.53 -64.04
N ILE CA 390 41.67 22.39 -65.35
CA ILE CA 390 41.37 23.44 -66.31
C ILE CA 390 40.51 22.85 -67.42
N PHE CA 391 39.37 23.49 -67.69
CA PHE CA 391 38.46 23.08 -68.74
C PHE CA 391 38.43 24.11 -69.85
N SER CA 392 38.05 23.64 -71.04
CA SER CA 392 38.00 24.50 -72.23
C SER CA 392 36.60 24.44 -72.83
N SER CA 393 35.99 25.60 -73.03
CA SER CA 393 34.71 25.72 -73.71
C SER CA 393 34.98 26.19 -75.13
N PHE CA 394 34.78 25.28 -76.09
CA PHE CA 394 35.07 25.58 -77.50
C PHE CA 394 34.09 26.60 -78.06
N GLN CA 395 32.79 26.36 -77.87
CA GLN CA 395 31.80 27.21 -78.51
C GLN CA 395 31.80 28.63 -77.94
N ASP CA 396 32.03 28.77 -76.65
CA ASP CA 396 32.14 30.09 -76.03
C ASP CA 396 33.56 30.63 -76.04
N LYS CA 397 34.53 29.83 -76.51
CA LYS CA 397 35.93 30.24 -76.60
C LYS CA 397 36.45 30.76 -75.26
N LYS CA 398 36.42 29.88 -74.27
CA LYS CA 398 36.83 30.27 -72.93
C LYS CA 398 37.64 29.16 -72.27
N LEU CA 399 38.45 29.54 -71.29
CA LEU CA 399 39.23 28.60 -70.50
C LEU CA 399 38.94 28.88 -69.04
N PHE CA 400 38.49 27.85 -68.31
CA PHE CA 400 38.13 27.98 -66.91
C PHE CA 400 39.10 27.19 -66.05
N LEU CA 401 39.51 27.79 -64.95
CA LEU CA 401 40.29 27.11 -63.92
C LEU CA 401 39.37 26.85 -62.73
N PHE CA 402 39.25 25.59 -62.34
CA PHE CA 402 38.36 25.22 -61.25
C PHE CA 402 39.13 25.21 -59.94
N GLY CA 403 38.46 25.64 -58.87
CA GLY CA 403 39.15 25.71 -57.60
C GLY CA 403 38.65 26.74 -56.63
N ASN CA 404 39.56 27.64 -56.22
CA ASN CA 404 39.34 28.51 -55.06
C ASN CA 404 38.02 29.27 -55.14
N ASN CA 405 37.75 29.90 -56.28
CA ASN CA 405 36.60 30.79 -56.39
C ASN CA 405 35.31 30.04 -56.07
N SER CA 406 34.38 30.75 -55.42
CA SER CA 406 33.11 30.18 -54.98
C SER CA 406 31.94 30.64 -55.83
N THR CA 407 32.20 31.24 -56.99
CA THR CA 407 31.16 31.69 -57.89
C THR CA 407 31.43 31.14 -59.29
N PHE CA 408 30.37 31.03 -60.08
CA PHE CA 408 30.48 30.60 -61.48
C PHE CA 408 30.89 31.80 -62.32
N SER CA 409 32.14 32.22 -62.10
CA SER CA 409 32.71 33.40 -62.75
C SER CA 409 31.84 34.64 -62.48
N GLY CA 410 31.67 34.93 -61.21
CA GLY CA 410 30.83 36.03 -60.78
C GLY CA 410 29.40 35.66 -60.46
N GLN CA 411 28.78 34.85 -61.32
CA GLN CA 411 27.41 34.43 -61.10
C GLN CA 411 27.31 33.50 -59.89
N ASN CA 412 26.16 33.56 -59.23
CA ASN CA 412 25.89 32.72 -58.07
C ASN CA 412 25.00 31.55 -58.46
N PHE CA 413 25.32 30.38 -57.95
CA PHE CA 413 24.54 29.17 -58.20
C PHE CA 413 23.88 28.72 -56.91
N VAL CA 414 23.04 27.69 -57.02
CA VAL CA 414 22.23 27.21 -55.91
C VAL CA 414 22.53 25.73 -55.70
N SER CA 415 22.82 25.35 -54.46
CA SER CA 415 23.04 23.96 -54.09
C SER CA 415 21.83 23.43 -53.35
N THR CA 416 21.44 22.19 -53.65
CA THR CA 416 20.26 21.60 -53.03
C THR CA 416 20.59 20.21 -52.49
N LEU CA 417 19.97 19.87 -51.36
CA LEU CA 417 20.06 18.53 -50.79
C LEU CA 417 18.71 18.15 -50.23
N GLU CA 418 18.15 17.03 -50.70
CA GLU CA 418 16.79 16.66 -50.34
C GLU CA 418 16.72 15.19 -49.93
N ARG CA 419 15.98 14.93 -48.87
CA ARG CA 419 15.66 13.57 -48.43
C ARG CA 419 14.17 13.48 -48.17
N SER CA 420 13.59 12.31 -48.42
CA SER CA 420 12.16 12.13 -48.30
C SER CA 420 11.84 10.78 -47.69
N ASP CA 421 10.61 10.66 -47.17
CA ASP CA 421 10.06 9.40 -46.69
C ASP CA 421 10.84 8.87 -45.49
N ILE CA 422 10.89 9.70 -44.45
CA ILE CA 422 11.48 9.33 -43.17
C ILE CA 422 10.36 9.05 -42.19
N TYR CA 423 10.33 7.85 -41.61
CA TYR CA 423 9.31 7.53 -40.63
C TYR CA 423 9.85 6.82 -39.39
N LEU CA 424 11.15 6.53 -39.33
CA LEU CA 424 11.79 6.02 -38.12
C LEU CA 424 11.13 4.74 -37.61
N GLY CA 425 10.75 3.87 -38.53
CA GLY CA 425 10.25 2.55 -38.17
C GLY CA 425 8.80 2.50 -37.73
N ASP CA 426 8.10 3.61 -37.70
CA ASP CA 426 6.68 3.65 -37.34
C ASP CA 426 5.92 4.27 -38.50
N ASP CA 427 5.20 3.45 -39.26
CA ASP CA 427 4.52 3.88 -40.46
C ASP CA 427 3.00 3.90 -40.28
N ARG CA 428 2.53 4.00 -39.04
CA ARG CA 428 1.10 4.12 -38.78
C ARG CA 428 0.73 5.45 -38.13
N MET CA 429 1.37 5.80 -37.03
CA MET CA 429 1.06 7.03 -36.33
C MET CA 429 1.63 8.24 -37.08
N MET CA 430 1.18 9.41 -36.66
CA MET CA 430 1.63 10.67 -37.25
C MET CA 430 2.63 11.36 -36.34
N LYS CA 431 3.67 11.91 -36.93
CA LYS CA 431 4.71 12.62 -36.21
C LYS CA 431 4.40 14.12 -36.18
N THR CA 432 5.10 14.83 -35.30
CA THR CA 432 4.86 16.26 -35.08
C THR CA 432 5.95 17.16 -35.61
N VAL CA 433 7.23 16.83 -35.37
CA VAL CA 433 8.36 17.60 -35.86
C VAL CA 433 8.30 19.02 -35.34
N SER CA 434 8.96 19.28 -34.21
CA SER CA 434 8.93 20.61 -33.61
C SER CA 434 10.08 21.50 -34.04
N ALA CA 435 11.25 20.94 -34.31
CA ALA CA 435 12.39 21.79 -34.68
C ALA CA 435 13.41 20.97 -35.46
N ILE CA 436 14.24 21.67 -36.23
CA ILE CA 436 15.35 21.09 -36.95
C ILE CA 436 16.62 21.83 -36.54
N ILE CA 437 17.61 21.08 -36.08
CA ILE CA 437 18.88 21.66 -35.65
C ILE CA 437 19.96 21.23 -36.64
N PRO CA 438 20.41 22.11 -37.53
CA PRO CA 438 21.48 21.76 -38.46
C PRO CA 438 22.86 21.94 -37.87
N HIS CA 439 23.81 21.17 -38.41
CA HIS CA 439 25.21 21.27 -38.02
C HIS CA 439 25.97 21.79 -39.23
N ILE CA 440 26.03 23.11 -39.35
CA ILE CA 440 26.69 23.78 -40.47
C ILE CA 440 27.72 24.74 -39.91
N THR CA 441 28.93 24.71 -40.48
CA THR CA 441 30.00 25.60 -40.07
C THR CA 441 30.48 26.41 -41.27
N GLY CA 442 30.59 27.72 -41.09
CA GLY CA 442 31.01 28.59 -42.17
C GLY CA 442 30.26 29.92 -42.18
N ASN CA 443 29.99 30.44 -43.37
CA ASN CA 443 29.26 31.69 -43.52
C ASN CA 443 28.21 31.55 -44.59
N GLY CA 444 27.17 32.36 -44.49
CA GLY CA 444 26.10 32.38 -45.47
C GLY CA 444 24.75 32.15 -44.83
N THR CA 445 23.74 32.03 -45.68
CA THR CA 445 22.37 31.80 -45.25
C THR CA 445 21.78 30.64 -46.03
N CYS CA 446 21.09 29.75 -45.32
CA CYS CA 446 20.45 28.60 -45.92
C CYS CA 446 18.94 28.70 -45.76
N ASN CA 447 18.21 27.94 -46.58
CA ASN CA 447 16.76 27.88 -46.50
C ASN CA 447 16.35 26.44 -46.27
N ILE CA 448 15.44 26.22 -45.34
CA ILE CA 448 15.01 24.88 -44.96
C ILE CA 448 13.53 24.72 -45.31
N TRP CA 449 13.21 23.61 -45.98
CA TRP CA 449 11.84 23.26 -46.34
C TRP CA 449 11.49 21.94 -45.67
N VAL CA 450 10.34 21.89 -45.02
CA VAL CA 450 9.85 20.70 -44.34
C VAL CA 450 8.51 20.32 -44.95
N GLY CA 451 8.35 19.05 -45.32
CA GLY CA 451 7.12 18.58 -45.91
C GLY CA 451 6.75 17.21 -45.38
N ASN CA 452 5.50 16.82 -45.67
CA ASN CA 452 4.99 15.53 -45.23
C ASN CA 452 4.21 14.88 -46.35
N ALA CA 453 4.15 13.55 -46.29
CA ALA CA 453 3.37 12.74 -47.21
C ALA CA 453 2.57 11.72 -46.42
N GLN CA 454 1.35 11.45 -46.89
CA GLN CA 454 0.47 10.51 -46.20
C GLN CA 454 0.59 9.10 -46.75
N VAL CA 455 0.96 8.93 -48.01
CA VAL CA 455 1.12 7.63 -48.64
C VAL CA 455 2.51 7.56 -49.23
N GLN CA 456 3.19 6.43 -49.03
CA GLN CA 456 4.56 6.27 -49.50
C GLN CA 456 4.63 6.47 -51.01
N GLY CA 457 5.49 7.38 -51.45
CA GLY CA 457 5.65 7.67 -52.86
C GLY CA 457 4.63 8.60 -53.45
N SER CA 458 3.69 9.11 -52.66
CA SER CA 458 2.66 10.01 -53.15
C SER CA 458 3.13 11.44 -53.05
N GLY CA 459 2.22 12.39 -53.22
CA GLY CA 459 2.59 13.79 -53.18
C GLY CA 459 3.00 14.26 -51.80
N ILE CA 460 3.68 15.40 -51.77
CA ILE CA 460 4.25 15.95 -50.55
C ILE CA 460 3.74 17.37 -50.37
N ARG CA 461 3.25 17.69 -49.18
CA ARG CA 461 2.80 19.03 -48.84
C ARG CA 461 3.94 19.75 -48.13
N TRP CA 462 4.50 20.77 -48.77
CA TRP CA 462 5.65 21.48 -48.27
C TRP CA 462 5.23 22.70 -47.45
N LYS CA 463 6.16 23.18 -46.63
CA LYS CA 463 5.95 24.37 -45.84
C LYS CA 463 6.93 25.46 -46.26
N GLY CA 464 6.56 26.71 -45.98
CA GLY CA 464 7.32 27.86 -46.42
C GLY CA 464 8.78 27.79 -46.01
N PRO CA 465 9.64 28.46 -46.77
CA PRO CA 465 11.08 28.40 -46.49
C PRO CA 465 11.41 29.07 -45.17
N TYR CA 466 12.24 28.40 -44.37
CA TYR CA 466 12.71 28.96 -43.12
C TYR CA 466 14.15 29.40 -43.29
N PRO CA 467 14.47 30.69 -43.16
CA PRO CA 467 15.86 31.13 -43.24
C PRO CA 467 16.66 30.68 -42.03
N TYR CA 468 17.94 30.44 -42.26
CA TYR CA 468 18.86 30.02 -41.20
C TYR CA 468 20.20 30.66 -41.45
N ARG CA 469 20.67 31.45 -40.47
CA ARG CA 469 21.94 32.15 -40.58
C ARG CA 469 23.04 31.27 -40.01
N ILE CA 470 24.02 30.92 -40.84
CA ILE CA 470 25.06 29.99 -40.43
C ILE CA 470 25.97 30.66 -39.42
N GLY CA 471 26.17 30.02 -38.28
CA GLY CA 471 27.05 30.50 -37.25
C GLY CA 471 26.37 31.27 -36.13
N GLN CA 472 25.15 31.74 -36.35
CA GLN CA 472 24.41 32.48 -35.33
C GLN CA 472 23.18 31.73 -34.84
N ASP CA 473 22.28 31.36 -35.74
CA ASP CA 473 21.06 30.69 -35.34
C ASP CA 473 21.36 29.25 -34.91
N TYR CA 474 20.71 28.81 -33.84
CA TYR CA 474 20.89 27.46 -33.36
C TYR CA 474 19.93 26.46 -34.00
N LYS CA 475 18.71 26.89 -34.30
CA LYS CA 475 17.69 25.98 -34.84
C LYS CA 475 16.64 26.81 -35.56
N ILE CA 476 15.71 26.11 -36.21
CA ILE CA 476 14.53 26.72 -36.80
C ILE CA 476 13.31 26.09 -36.16
N ASP CA 477 12.28 26.90 -35.92
CA ASP CA 477 11.08 26.46 -35.24
C ASP CA 477 9.94 26.30 -36.24
N THR CA 478 9.21 25.20 -36.13
CA THR CA 478 8.10 24.92 -37.03
C THR CA 478 7.15 23.95 -36.35
N LYS CA 479 6.07 23.62 -37.06
CA LYS CA 479 5.10 22.65 -36.59
C LYS CA 479 4.48 21.99 -37.81
N HIS CA 480 4.71 20.69 -37.98
CA HIS CA 480 4.32 20.02 -39.22
C HIS CA 480 3.92 18.58 -38.90
N VAL CA 481 2.61 18.33 -38.85
CA VAL CA 481 2.08 17.00 -38.58
C VAL CA 481 1.99 16.23 -39.89
N GLY CA 482 2.51 15.01 -39.89
CA GLY CA 482 2.47 14.17 -41.08
C GLY CA 482 2.91 12.77 -40.76
N ARG CA 483 2.76 11.89 -41.76
CA ARG CA 483 3.12 10.49 -41.59
C ARG CA 483 4.55 10.21 -42.04
N TYR CA 484 4.92 10.70 -43.22
CA TYR CA 484 6.28 10.54 -43.73
C TYR CA 484 6.91 11.90 -43.92
N ILE CA 485 8.08 12.10 -43.35
CA ILE CA 485 8.73 13.41 -43.32
C ILE CA 485 9.66 13.56 -44.50
N ALA CA 486 9.84 14.79 -44.95
CA ALA CA 486 10.77 15.12 -46.02
C ALA CA 486 11.43 16.45 -45.72
N LEU CA 487 12.74 16.52 -45.93
CA LEU CA 487 13.52 17.71 -45.66
C LEU CA 487 14.27 18.15 -46.91
N LYS CA 488 14.38 19.46 -47.10
CA LYS CA 488 15.13 20.02 -48.21
C LYS CA 488 15.95 21.19 -47.72
N PHE CA 489 17.23 21.21 -48.06
CA PHE CA 489 18.14 22.30 -47.73
C PHE CA 489 18.59 22.98 -49.02
N ASP CA 490 18.41 24.30 -49.07
CA ASP CA 490 18.77 25.10 -50.23
C ASP CA 490 19.82 26.12 -49.80
N PHE CA 491 21.01 26.02 -50.39
CA PHE CA 491 22.11 26.93 -50.10
C PHE CA 491 22.30 27.88 -51.27
N SER CA 492 22.31 29.17 -50.98
CA SER CA 492 22.70 30.18 -51.96
C SER CA 492 24.22 30.24 -52.03
N SER CA 493 24.75 31.28 -52.66
CA SER CA 493 26.19 31.41 -52.85
C SER CA 493 26.69 32.62 -52.04
N GLU CA 494 27.93 33.02 -52.32
CA GLU CA 494 28.63 34.07 -51.58
C GLU CA 494 28.93 33.61 -50.15
N GLY CA 495 29.38 32.38 -50.02
CA GLY CA 495 29.76 31.84 -48.72
C GLY CA 495 30.25 30.42 -48.86
N ASP CA 496 31.04 29.99 -47.89
CA ASP CA 496 31.57 28.64 -47.84
C ASP CA 496 31.03 27.96 -46.59
N TRP CA 497 30.48 26.76 -46.76
CA TRP CA 497 29.80 26.08 -45.67
C TRP CA 497 30.14 24.59 -45.70
N TYR CA 498 30.28 24.02 -44.50
CA TYR CA 498 30.44 22.58 -44.32
C TYR CA 498 29.22 22.06 -43.58
N PHE CA 499 28.64 20.97 -44.09
CA PHE CA 499 27.39 20.41 -43.58
C PHE CA 499 27.64 18.94 -43.23
N ASN CA 500 27.51 18.61 -41.95
CA ASN CA 500 27.86 17.27 -41.49
C ASN CA 500 26.79 16.72 -40.54
N GLY CA 501 25.53 16.81 -40.92
CA GLY CA 501 24.46 16.17 -40.18
C GLY CA 501 23.52 17.18 -39.55
N TYR CA 502 22.50 16.64 -38.88
CA TYR CA 502 21.47 17.47 -38.28
C TYR CA 502 20.72 16.66 -37.23
N THR CA 503 19.68 17.26 -36.65
CA THR CA 503 18.89 16.63 -35.61
C THR CA 503 17.44 17.07 -35.76
N ILE CA 504 16.51 16.14 -35.53
CA ILE CA 504 15.08 16.40 -35.58
C ILE CA 504 14.53 16.31 -34.17
N GLU CA 505 13.79 17.34 -33.75
CA GLU CA 505 13.14 17.38 -32.45
C GLU CA 505 11.64 17.32 -32.66
N MET CA 506 11.01 16.28 -32.13
CA MET CA 506 9.60 16.01 -32.35
C MET CA 506 8.84 15.94 -31.04
N ALA CA 507 7.60 16.43 -31.07
CA ALA CA 507 6.68 16.33 -29.95
C ALA CA 507 6.03 14.95 -29.95
N PRO CA 508 5.28 14.61 -28.90
CA PRO CA 508 4.58 13.31 -28.91
C PRO CA 508 3.63 13.18 -30.09
N LYS CA 509 3.41 11.95 -30.50
CA LYS CA 509 2.64 11.67 -31.72
C LYS CA 509 1.24 12.26 -31.62
N ALA CA 510 0.58 12.36 -32.77
CA ALA CA 510 -0.70 13.05 -32.90
C ALA CA 510 -1.74 12.12 -33.50
N GLY CA 511 -1.81 10.90 -32.97
CA GLY CA 511 -2.79 9.94 -33.42
C GLY CA 511 -2.33 9.19 -34.65
N MET CA 512 -3.14 8.21 -35.04
CA MET CA 512 -2.84 7.37 -36.18
C MET CA 512 -3.70 7.68 -37.40
N ARG CA 513 -4.11 8.92 -37.59
CA ARG CA 513 -4.79 9.33 -38.81
C ARG CA 513 -4.54 10.80 -39.14
N ALA DA 2 -4.00 -1.07 -28.78
CA ALA DA 2 -4.29 -2.49 -28.81
C ALA DA 2 -4.35 -3.00 -30.25
N LEU DA 3 -3.30 -2.73 -31.01
CA LEU DA 3 -3.23 -3.15 -32.41
C LEU DA 3 -1.77 -3.43 -32.73
N GLU DA 4 -1.44 -4.68 -33.00
CA GLU DA 4 -0.07 -5.05 -33.32
C GLU DA 4 0.19 -4.87 -34.81
N ARG DA 5 1.45 -4.59 -35.14
CA ARG DA 5 1.85 -4.36 -36.52
C ARG DA 5 3.10 -5.16 -36.84
N GLN DA 6 3.13 -5.74 -38.03
CA GLN DA 6 4.30 -6.46 -38.52
C GLN DA 6 4.61 -5.97 -39.92
N GLU DA 7 5.86 -5.55 -40.14
CA GLU DA 7 6.27 -4.94 -41.39
C GLU DA 7 7.17 -5.88 -42.17
N VAL DA 8 6.84 -6.10 -43.44
CA VAL DA 8 7.65 -6.88 -44.36
C VAL DA 8 8.28 -5.93 -45.35
N LYS DA 9 9.61 -5.91 -45.41
CA LYS DA 9 10.36 -4.95 -46.20
C LYS DA 9 11.11 -5.66 -47.31
N ASN DA 10 10.91 -5.19 -48.54
CA ASN DA 10 11.62 -5.65 -49.73
C ASN DA 10 11.56 -7.17 -49.89
N PRO DA 11 10.38 -7.74 -50.15
CA PRO DA 11 10.34 -9.18 -50.48
C PRO DA 11 10.58 -9.40 -51.96
N THR DA 12 11.66 -10.12 -52.28
CA THR DA 12 12.05 -10.33 -53.66
C THR DA 12 12.36 -11.81 -53.89
N GLY DA 13 12.08 -12.29 -55.10
CA GLY DA 13 12.39 -13.64 -55.48
C GLY DA 13 11.23 -14.59 -55.23
N ILE DA 14 11.21 -15.68 -56.00
CA ILE DA 14 10.21 -16.73 -55.88
C ILE DA 14 10.93 -18.03 -55.57
N VAL DA 15 10.49 -18.71 -54.51
CA VAL DA 15 11.06 -19.98 -54.08
C VAL DA 15 9.93 -20.99 -53.98
N THR DA 16 10.06 -22.11 -54.67
CA THR DA 16 9.06 -23.17 -54.64
C THR DA 16 9.57 -24.49 -54.08
N ASP DA 17 10.88 -24.68 -54.00
CA ASP DA 17 11.40 -25.95 -53.50
C ASP DA 17 11.19 -26.10 -52.00
N ILE DA 18 11.47 -25.05 -51.24
CA ILE DA 18 11.27 -25.08 -49.79
C ILE DA 18 9.80 -24.86 -49.49
N ALA DA 19 9.29 -25.54 -48.47
CA ALA DA 19 7.89 -25.41 -48.11
C ALA DA 19 7.59 -23.97 -47.71
N PRO DA 20 6.44 -23.43 -48.10
CA PRO DA 20 6.16 -22.00 -47.84
C PRO DA 20 6.18 -21.64 -46.37
N ALA DA 21 5.90 -22.58 -45.45
CA ALA DA 21 5.94 -22.27 -44.03
C ALA DA 21 7.35 -22.07 -43.52
N ASP DA 22 8.37 -22.47 -44.27
CA ASP DA 22 9.75 -22.35 -43.84
C ASP DA 22 10.50 -21.20 -44.49
N LEU DA 23 9.90 -20.52 -45.46
CA LEU DA 23 10.58 -19.42 -46.11
C LEU DA 23 10.74 -18.24 -45.16
N PRO DA 24 11.77 -17.41 -45.36
CA PRO DA 24 11.85 -16.16 -44.61
C PRO DA 24 10.70 -15.25 -44.98
N LEU DA 25 10.47 -14.24 -44.13
CA LEU DA 25 9.34 -13.35 -44.34
C LEU DA 25 9.48 -12.52 -45.62
N GLU DA 26 10.68 -12.43 -46.19
CA GLU DA 26 10.93 -11.58 -47.35
C GLU DA 26 11.04 -12.38 -48.65
N LYS DA 27 10.23 -13.42 -48.80
CA LYS DA 27 10.24 -14.23 -50.02
C LYS DA 27 8.81 -14.51 -50.43
N TRP DA 28 8.64 -14.77 -51.73
CA TRP DA 28 7.33 -15.05 -52.31
C TRP DA 28 7.23 -16.54 -52.62
N SER DA 29 6.12 -17.15 -52.22
CA SER DA 29 5.90 -18.56 -52.51
C SER DA 29 5.48 -18.81 -53.95
N PHE DA 30 4.85 -17.84 -54.60
CA PHE DA 30 4.44 -18.02 -55.98
C PHE DA 30 4.29 -16.65 -56.64
N GLY DA 31 4.38 -16.64 -57.96
CA GLY DA 31 4.25 -15.38 -58.67
C GLY DA 31 4.20 -15.61 -60.17
N ASN DA 32 3.88 -14.55 -60.89
CA ASN DA 32 3.81 -14.61 -62.34
C ASN DA 32 3.81 -13.20 -62.92
N ASN DA 33 4.62 -13.02 -63.96
CA ASN DA 33 4.68 -11.76 -64.74
C ASN DA 33 5.17 -10.61 -63.88
N VAL DA 34 6.30 -10.81 -63.21
CA VAL DA 34 6.91 -9.79 -62.36
C VAL DA 34 8.42 -9.81 -62.56
N ARG DA 35 9.05 -8.69 -62.20
CA ARG DA 35 10.50 -8.57 -62.20
C ARG DA 35 10.94 -8.08 -60.82
N PHE DA 36 12.15 -8.47 -60.43
CA PHE DA 36 12.72 -8.05 -59.16
C PHE DA 36 14.01 -7.30 -59.45
N LYS DA 37 14.11 -6.07 -58.94
CA LYS DA 37 15.27 -5.23 -59.21
C LYS DA 37 15.39 -4.18 -58.12
N ASN DA 38 16.59 -4.05 -57.56
CA ASN DA 38 16.88 -3.04 -56.54
C ASN DA 38 15.94 -3.16 -55.35
N GLY DA 39 15.57 -4.39 -55.00
CA GLY DA 39 14.67 -4.62 -53.90
C GLY DA 39 13.22 -4.29 -54.16
N LYS DA 40 12.85 -4.03 -55.40
CA LYS DA 40 11.48 -3.69 -55.76
C LYS DA 40 10.93 -4.71 -56.75
N ALA DA 41 9.64 -4.99 -56.63
CA ALA DA 41 8.93 -5.85 -57.57
C ALA DA 41 8.14 -4.97 -58.53
N GLN DA 42 8.37 -5.15 -59.82
CA GLN DA 42 7.79 -4.31 -60.85
C GLN DA 42 7.10 -5.16 -61.89
N LYS DA 43 6.25 -4.51 -62.69
CA LYS DA 43 5.55 -5.19 -63.76
C LYS DA 43 6.55 -5.66 -64.82
N ALA DA 44 6.29 -6.83 -65.39
CA ALA DA 44 7.16 -7.39 -66.40
C ALA DA 44 7.14 -6.54 -67.67
N LEU DA 45 8.22 -6.62 -68.43
CA LEU DA 45 8.37 -5.81 -69.63
C LEU DA 45 7.34 -6.20 -70.69
N GLY DA 46 6.98 -5.23 -71.52
CA GLY DA 46 6.04 -5.46 -72.60
C GLY DA 46 6.69 -5.38 -73.97
N HIS DA 47 6.07 -5.97 -74.97
CA HIS DA 47 6.62 -6.06 -76.30
C HIS DA 47 5.78 -5.27 -77.29
N THR DA 48 6.46 -4.66 -78.27
CA THR DA 48 5.84 -3.87 -79.33
C THR DA 48 6.32 -4.40 -80.68
N PRO DA 49 5.44 -4.51 -81.66
CA PRO DA 49 5.87 -4.99 -82.98
C PRO DA 49 6.94 -4.08 -83.58
N ILE DA 50 7.94 -4.71 -84.21
CA ILE DA 50 9.06 -4.00 -84.82
C ILE DA 50 9.34 -4.63 -86.17
N PHE DA 51 9.96 -3.84 -87.05
CA PHE DA 51 10.29 -4.28 -88.41
C PHE DA 51 9.06 -4.81 -89.13
N ASP DA 52 7.95 -4.09 -89.00
CA ASP DA 52 6.70 -4.53 -89.62
C ASP DA 52 6.67 -4.15 -91.09
N THR DA 53 7.71 -4.54 -91.83
CA THR DA 53 7.74 -4.34 -93.26
C THR DA 53 8.48 -5.45 -94.00
N ALA DA 54 8.94 -6.48 -93.31
CA ALA DA 54 9.70 -7.56 -93.91
C ALA DA 54 8.84 -8.80 -94.08
N GLN DA 55 9.00 -9.48 -95.19
CA GLN DA 55 8.23 -10.68 -95.51
C GLN DA 55 8.99 -11.92 -95.08
N ALA DA 56 8.28 -13.05 -95.04
CA ALA DA 56 8.79 -14.38 -94.71
C ALA DA 56 9.21 -14.47 -93.26
N PRO DA 57 9.09 -15.64 -92.64
CA PRO DA 57 9.54 -15.79 -91.25
C PRO DA 57 11.05 -15.65 -91.13
N ILE DA 58 11.50 -15.19 -89.97
CA ILE DA 58 12.91 -14.98 -89.67
C ILE DA 58 13.30 -16.00 -88.60
N LEU DA 59 14.42 -16.69 -88.83
CA LEU DA 59 14.89 -17.71 -87.89
C LEU DA 59 15.84 -17.12 -86.86
N ASP DA 60 16.94 -16.55 -87.30
CA ASP DA 60 17.96 -16.01 -86.40
C ASP DA 60 18.29 -14.58 -86.79
N MET DA 61 18.68 -13.79 -85.79
CA MET DA 61 18.99 -12.38 -85.98
C MET DA 61 20.33 -12.05 -85.36
N PHE DA 62 21.05 -11.14 -85.99
CA PHE DA 62 22.37 -10.76 -85.49
C PHE DA 62 22.62 -9.27 -85.70
N PRO DA 63 22.83 -8.50 -84.64
CA PRO DA 63 23.12 -7.08 -84.80
C PRO DA 63 24.60 -6.80 -84.93
N PHE DA 64 24.92 -5.73 -85.64
CA PHE DA 64 26.30 -5.27 -85.78
C PHE DA 64 26.27 -3.81 -86.19
N ILE DA 65 27.46 -3.24 -86.38
CA ILE DA 65 27.61 -1.85 -86.78
C ILE DA 65 28.48 -1.80 -88.03
N ARG DA 66 27.97 -1.13 -89.06
CA ARG DA 66 28.74 -0.93 -90.29
C ARG DA 66 28.56 0.52 -90.75
N ASN DA 67 29.66 1.12 -91.18
CA ASN DA 67 29.66 2.51 -91.63
C ASN DA 67 29.05 3.43 -90.58
N ASN DA 68 29.40 3.18 -89.31
CA ASN DA 68 28.91 3.95 -88.17
C ASN DA 68 27.39 3.95 -88.09
N ILE DA 69 26.77 2.86 -88.52
CA ILE DA 69 25.30 2.75 -88.49
C ILE DA 69 24.93 1.34 -88.05
N PRO DA 70 23.98 1.19 -87.12
CA PRO DA 70 23.54 -0.16 -86.74
C PRO DA 70 22.86 -0.87 -87.89
N TYR DA 71 23.03 -2.19 -87.92
CA TYR DA 71 22.44 -3.02 -88.95
C TYR DA 71 22.12 -4.38 -88.36
N TRP DA 72 20.90 -4.85 -88.59
CA TRP DA 72 20.47 -6.16 -88.13
C TRP DA 72 20.41 -7.10 -89.32
N LEU DA 73 21.19 -8.17 -89.26
CA LEU DA 73 21.18 -9.22 -90.28
C LEU DA 73 20.16 -10.26 -89.84
N LEU DA 74 19.09 -10.39 -90.62
CA LEU DA 74 17.98 -11.30 -90.30
C LEU DA 74 18.08 -12.49 -91.23
N CYS DA 75 18.28 -13.68 -90.67
CA CYS DA 75 18.31 -14.89 -91.46
C CYS DA 75 16.92 -15.49 -91.60
N GLY DA 76 16.58 -15.89 -92.81
CA GLY DA 76 15.30 -16.50 -93.07
C GLY DA 76 15.41 -17.96 -93.41
N GLU DA 77 14.30 -18.58 -93.80
CA GLU DA 77 14.35 -19.98 -94.18
C GLU DA 77 15.07 -20.18 -95.50
N GLN DA 78 15.01 -19.19 -96.40
CA GLN DA 78 15.64 -19.31 -97.70
C GLN DA 78 16.44 -18.10 -98.14
N ARG DA 79 16.31 -16.95 -97.48
CA ARG DA 79 16.98 -15.74 -97.91
C ARG DA 79 17.39 -14.91 -96.71
N MET DA 80 18.47 -14.14 -96.88
CA MET DA 80 18.91 -13.18 -95.88
C MET DA 80 18.23 -11.83 -96.09
N TYR DA 81 18.24 -11.01 -95.05
CA TYR DA 81 17.77 -9.64 -95.14
C TYR DA 81 18.62 -8.77 -94.23
N LEU DA 82 18.71 -7.49 -94.58
CA LEU DA 82 19.43 -6.52 -93.77
C LEU DA 82 18.51 -5.36 -93.46
N ALA DA 83 18.42 -5.01 -92.18
CA ALA DA 83 17.51 -3.96 -91.73
C ALA DA 83 18.28 -2.87 -91.00
N ASP DA 84 17.83 -1.64 -91.16
CA ASP DA 84 18.41 -0.48 -90.50
C ASP DA 84 17.39 0.32 -89.71
N GLY DA 85 16.20 -0.23 -89.50
CA GLY DA 85 15.13 0.47 -88.82
C GLY DA 85 14.17 1.20 -89.72
N THR DA 86 14.51 1.36 -91.00
CA THR DA 86 13.64 2.02 -91.97
C THR DA 86 13.25 1.10 -93.12
N THR DA 87 14.22 0.41 -93.72
CA THR DA 87 13.99 -0.43 -94.88
C THR DA 87 14.64 -1.78 -94.70
N VAL DA 88 14.12 -2.78 -95.40
CA VAL DA 88 14.65 -4.13 -95.41
C VAL DA 88 15.17 -4.43 -96.80
N VAL DA 89 16.42 -4.85 -96.90
CA VAL DA 89 17.07 -5.07 -98.18
C VAL DA 89 17.51 -6.53 -98.26
N ASP DA 90 17.12 -7.20 -99.35
CA ASP DA 90 17.56 -8.57 -99.56
C ASP DA 90 19.02 -8.59 -100.01
N VAL DA 91 19.81 -9.46 -99.38
CA VAL DA 91 21.22 -9.56 -99.70
C VAL DA 91 21.60 -11.01 -99.94
N SER DA 92 20.61 -11.88 -100.05
CA SER DA 92 20.92 -13.29 -100.28
C SER DA 92 21.41 -13.51 -101.71
N PRO DA 93 22.42 -14.34 -101.90
CA PRO DA 93 22.89 -14.63 -103.27
C PRO DA 93 21.90 -15.48 -104.03
N GLY DA 94 21.41 -16.53 -103.40
CA GLY DA 94 20.47 -17.44 -104.03
C GLY DA 94 19.44 -17.96 -103.07
N GLY DA 95 19.22 -19.28 -103.07
CA GLY DA 95 18.25 -19.88 -102.19
C GLY DA 95 18.86 -20.87 -101.21
N HIS DA 96 18.81 -20.54 -99.92
CA HIS DA 96 19.35 -21.42 -98.90
C HIS DA 96 18.32 -22.50 -98.53
N SER DA 97 18.78 -23.49 -97.78
CA SER DA 97 17.95 -24.60 -97.36
C SER DA 97 17.88 -24.69 -95.84
N ALA DA 98 17.71 -23.54 -95.19
CA ALA DA 98 17.60 -23.51 -93.74
C ALA DA 98 16.25 -24.03 -93.29
N SER DA 99 16.17 -24.36 -92.01
CA SER DA 99 14.94 -24.87 -91.41
C SER DA 99 15.04 -24.70 -89.90
N VAL DA 100 14.08 -25.27 -89.17
CA VAL DA 100 14.13 -25.23 -87.70
C VAL DA 100 15.13 -26.23 -87.15
N THR DA 101 15.54 -27.22 -87.93
CA THR DA 101 16.55 -28.18 -87.52
C THR DA 101 17.94 -27.85 -88.05
N SER DA 102 18.08 -26.75 -88.79
CA SER DA 102 19.36 -26.29 -89.32
C SER DA 102 19.44 -24.80 -89.05
N ARG DA 103 19.94 -24.42 -87.88
CA ARG DA 103 19.97 -23.02 -87.48
C ARG DA 103 21.23 -22.33 -87.98
N TRP DA 104 21.24 -21.01 -87.87
CA TRP DA 104 22.31 -20.19 -88.40
C TRP DA 104 23.32 -19.81 -87.32
N SER DA 105 24.59 -19.89 -87.66
CA SER DA 105 25.67 -19.32 -86.86
C SER DA 105 26.33 -18.22 -87.67
N SER DA 106 26.82 -17.20 -87.00
CA SER DA 106 27.42 -16.08 -87.71
C SER DA 106 28.37 -15.34 -86.79
N GLY DA 107 29.18 -14.48 -87.41
CA GLY DA 107 30.12 -13.68 -86.64
C GLY DA 107 30.94 -12.81 -87.55
N SER DA 108 31.97 -12.21 -86.98
CA SER DA 108 32.87 -11.32 -87.71
C SER DA 108 34.29 -11.85 -87.63
N PHE DA 109 35.05 -11.62 -88.69
CA PHE DA 109 36.44 -12.05 -88.77
C PHE DA 109 37.16 -11.18 -89.77
N ASN DA 110 38.15 -10.41 -89.31
CA ASN DA 110 38.95 -9.55 -90.19
C ASN DA 110 38.09 -8.57 -90.95
N GLY DA 111 37.02 -8.09 -90.30
CA GLY DA 111 36.10 -7.16 -90.94
C GLY DA 111 35.13 -7.78 -91.91
N VAL DA 112 35.12 -9.11 -92.02
CA VAL DA 112 34.24 -9.83 -92.93
C VAL DA 112 33.20 -10.55 -92.10
N ILE DA 113 31.93 -10.39 -92.47
CA ILE DA 113 30.84 -11.00 -91.70
C ILE DA 113 30.50 -12.35 -92.32
N PHE DA 114 30.65 -13.41 -91.55
CA PHE DA 114 30.42 -14.76 -92.03
C PHE DA 114 29.15 -15.33 -91.41
N ALA DA 115 28.44 -16.13 -92.21
CA ALA DA 115 27.25 -16.85 -91.78
C ALA DA 115 27.29 -18.26 -92.32
N ASN DA 116 26.64 -19.18 -91.63
CA ASN DA 116 26.71 -20.59 -91.97
C ASN DA 116 25.52 -21.34 -91.38
N ASN DA 117 25.05 -22.34 -92.11
CA ASN DA 117 24.03 -23.26 -91.62
C ASN DA 117 24.44 -24.68 -92.03
N PRO DA 118 23.99 -25.69 -91.30
CA PRO DA 118 24.51 -27.04 -91.51
C PRO DA 118 24.07 -27.71 -92.80
N SER DA 119 23.37 -26.98 -93.68
CA SER DA 119 22.90 -27.55 -94.93
C SER DA 119 23.44 -26.81 -96.15
N ASN DA 120 24.38 -25.88 -95.95
CA ASN DA 120 24.94 -25.11 -97.05
C ASN DA 120 26.39 -24.79 -96.75
N TYR DA 121 27.11 -24.43 -97.80
CA TYR DA 121 28.47 -23.96 -97.62
C TYR DA 121 28.45 -22.57 -96.98
N PRO DA 122 29.47 -22.24 -96.18
CA PRO DA 122 29.48 -20.94 -95.50
C PRO DA 122 29.49 -19.79 -96.49
N TYR DA 123 28.83 -18.70 -96.11
CA TYR DA 123 28.77 -17.49 -96.90
C TYR DA 123 29.47 -16.36 -96.16
N VAL DA 124 30.06 -15.43 -96.91
CA VAL DA 124 30.77 -14.30 -96.34
C VAL DA 124 30.27 -13.01 -96.98
N LEU DA 125 30.48 -11.91 -96.28
CA LEU DA 125 30.15 -10.58 -96.76
C LEU DA 125 31.32 -9.66 -96.44
N MET DA 126 31.92 -9.10 -97.48
CA MET DA 126 33.04 -8.18 -97.39
C MET DA 126 32.55 -6.75 -97.27
N PRO DA 127 33.36 -5.85 -96.69
CA PRO DA 127 32.94 -4.44 -96.59
C PRO DA 127 32.73 -3.77 -97.94
N GLN DA 128 33.36 -4.28 -99.01
CA GLN DA 128 33.23 -3.64 -100.31
C GLN DA 128 31.95 -4.06 -101.02
N ASN DA 129 31.61 -5.34 -100.98
CA ASN DA 129 30.46 -5.84 -101.70
C ASN DA 129 29.17 -5.53 -100.96
N SER DA 130 28.04 -5.73 -101.64
CA SER DA 130 26.72 -5.50 -101.08
C SER DA 130 25.89 -6.77 -101.03
N GLY DA 131 26.53 -7.94 -101.14
CA GLY DA 131 25.84 -9.21 -101.09
C GLY DA 131 26.74 -10.26 -100.50
N PHE DA 132 26.19 -11.45 -100.32
CA PHE DA 132 26.95 -12.55 -99.74
C PHE DA 132 27.58 -13.40 -100.84
N ILE DA 133 28.67 -14.06 -100.47
CA ILE DA 133 29.45 -14.87 -101.41
C ILE DA 133 29.85 -16.16 -100.71
N PRO DA 134 29.80 -17.30 -101.39
CA PRO DA 134 30.29 -18.54 -100.77
C PRO DA 134 31.77 -18.41 -100.38
N MET DA 135 32.12 -19.06 -99.29
CA MET DA 135 33.47 -18.92 -98.74
C MET DA 135 34.50 -19.49 -99.70
N PRO DA 136 35.55 -18.75 -100.04
CA PRO DA 136 36.63 -19.31 -100.84
C PRO DA 136 37.42 -20.35 -100.05
N ASN DA 137 38.02 -21.28 -100.79
CA ASN DA 137 38.89 -22.33 -100.27
C ASN DA 137 38.16 -23.31 -99.37
N TRP DA 138 36.84 -23.23 -99.25
CA TRP DA 138 36.11 -24.18 -98.44
C TRP DA 138 36.14 -25.56 -99.09
N PRO DA 139 36.49 -26.60 -98.36
CA PRO DA 139 36.52 -27.94 -98.96
C PRO DA 139 35.15 -28.38 -99.41
N ALA DA 140 35.12 -29.14 -100.51
CA ALA DA 140 33.88 -29.59 -101.09
C ALA DA 140 33.28 -30.75 -100.30
N ASN DA 141 31.95 -30.84 -100.30
CA ASN DA 141 31.21 -31.89 -99.62
C ASN DA 141 31.46 -31.88 -98.11
N THR DA 142 31.67 -30.70 -97.54
CA THR DA 142 31.87 -30.55 -96.10
C THR DA 142 30.86 -29.56 -95.56
N PHE DA 143 30.26 -29.90 -94.43
CA PHE DA 143 29.34 -29.01 -93.73
C PHE DA 143 29.70 -28.99 -92.26
N ALA DA 144 29.52 -27.84 -91.62
CA ALA DA 144 29.86 -27.65 -90.23
C ALA DA 144 28.61 -27.32 -89.44
N LYS DA 145 28.33 -28.09 -88.39
CA LYS DA 145 27.19 -27.78 -87.53
C LYS DA 145 27.38 -26.46 -86.82
N ARG DA 146 28.59 -26.19 -86.33
CA ARG DA 146 28.88 -24.91 -85.70
C ARG DA 146 30.16 -24.33 -86.26
N MET DA 147 30.16 -23.03 -86.51
CA MET DA 147 31.33 -22.31 -87.00
C MET DA 147 31.51 -21.04 -86.19
N LYS DA 148 32.72 -20.86 -85.64
CA LYS DA 148 33.03 -19.71 -84.80
C LYS DA 148 34.39 -19.15 -85.20
N SER DA 149 34.74 -18.01 -84.60
CA SER DA 149 36.01 -17.36 -84.85
C SER DA 149 36.75 -17.17 -83.52
N PHE DA 150 38.01 -17.55 -83.50
CA PHE DA 150 38.83 -17.46 -82.29
C PHE DA 150 40.19 -16.91 -82.66
N LYS DA 151 40.55 -15.76 -82.10
CA LYS DA 151 41.82 -15.09 -82.38
C LYS DA 151 41.99 -14.86 -83.87
N ASN DA 152 42.94 -15.55 -84.50
CA ASN DA 152 43.20 -15.43 -85.92
C ASN DA 152 42.82 -16.69 -86.69
N PHE DA 153 41.84 -17.44 -86.19
CA PHE DA 153 41.45 -18.69 -86.79
C PHE DA 153 39.93 -18.79 -86.83
N MET DA 154 39.43 -19.64 -87.73
CA MET DA 154 38.05 -20.09 -87.70
C MET DA 154 38.00 -21.54 -87.26
N ILE DA 155 36.92 -21.89 -86.56
CA ILE DA 155 36.76 -23.18 -85.91
C ILE DA 155 35.45 -23.80 -86.36
N ALA DA 156 35.50 -25.06 -86.79
CA ALA DA 156 34.33 -25.82 -87.18
C ALA DA 156 34.16 -27.00 -86.24
N LEU DA 157 32.92 -27.21 -85.80
CA LEU DA 157 32.59 -28.22 -84.81
C LEU DA 157 31.40 -29.04 -85.29
N ASN DA 158 31.46 -30.36 -85.01
CA ASN DA 158 30.41 -31.31 -85.37
C ASN DA 158 30.20 -31.37 -86.89
N VAL DA 159 31.23 -31.89 -87.56
CA VAL DA 159 31.34 -31.72 -89.01
C VAL DA 159 30.79 -32.96 -89.71
N THR DA 160 30.32 -32.78 -90.93
CA THR DA 160 30.01 -33.89 -91.83
C THR DA 160 30.80 -33.70 -93.11
N GLN DA 161 31.28 -34.81 -93.66
CA GLN DA 161 32.16 -34.77 -94.83
C GLN DA 161 31.95 -36.03 -95.65
N ASN DA 162 31.80 -35.86 -96.96
CA ASN DA 162 31.67 -36.98 -97.88
C ASN DA 162 30.59 -37.95 -97.43
N SER DA 163 29.47 -37.39 -96.96
CA SER DA 163 28.29 -38.15 -96.54
C SER DA 163 28.55 -39.06 -95.35
N VAL DA 164 29.57 -38.76 -94.53
CA VAL DA 164 29.72 -39.39 -93.23
C VAL DA 164 29.80 -38.30 -92.17
N GLU DA 165 29.04 -38.48 -91.09
CA GLU DA 165 28.93 -37.47 -90.04
C GLU DA 165 29.93 -37.79 -88.94
N MET DA 166 30.91 -36.90 -88.77
CA MET DA 166 31.91 -37.05 -87.71
C MET DA 166 31.76 -35.87 -86.75
N PRO DA 167 31.13 -36.10 -85.60
CA PRO DA 167 30.69 -35.01 -84.73
C PRO DA 167 31.61 -34.69 -83.56
N GLN DA 168 32.68 -35.44 -83.36
CA GLN DA 168 33.50 -35.31 -82.16
C GLN DA 168 34.92 -34.85 -82.50
N MET DA 169 35.06 -33.85 -83.36
CA MET DA 169 36.35 -33.19 -83.49
C MET DA 169 36.18 -31.71 -83.77
N VAL DA 170 37.23 -30.97 -83.47
CA VAL DA 170 37.37 -29.56 -83.79
C VAL DA 170 38.31 -29.44 -84.97
N TRP DA 171 37.93 -28.63 -85.96
CA TRP DA 171 38.72 -28.37 -87.15
C TRP DA 171 39.06 -26.89 -87.19
N TRP DA 172 40.35 -26.57 -87.19
CA TRP DA 172 40.79 -25.19 -87.26
C TRP DA 172 41.58 -24.95 -88.53
N SER DA 173 41.37 -23.79 -89.14
CA SER DA 173 42.02 -23.44 -90.39
C SER DA 173 43.38 -22.80 -90.12
N THR DA 174 44.01 -22.30 -91.17
CA THR DA 174 45.28 -21.61 -91.02
C THR DA 174 45.05 -20.21 -90.45
N SER DA 175 46.11 -19.67 -89.84
CA SER DA 175 46.03 -18.32 -89.29
C SER DA 175 45.90 -17.30 -90.41
N ALA DA 176 45.28 -16.17 -90.07
CA ALA DA 176 45.04 -15.09 -91.02
C ALA DA 176 45.99 -13.95 -90.72
N ASP DA 177 46.65 -13.43 -91.76
CA ASP DA 177 47.59 -12.34 -91.64
C ASP DA 177 46.95 -11.04 -92.12
N ALA DA 178 47.12 -9.98 -91.33
CA ALA DA 178 46.63 -8.64 -91.68
C ALA DA 178 45.11 -8.64 -91.82
N GLY DA 179 44.58 -9.33 -92.82
CA GLY DA 179 43.16 -9.37 -93.04
C GLY DA 179 42.79 -10.49 -93.99
N GLY DA 180 41.55 -10.44 -94.46
CA GLY DA 180 41.06 -11.43 -95.39
C GLY DA 180 40.61 -12.71 -94.69
N ILE DA 181 40.32 -13.71 -95.51
CA ILE DA 181 39.84 -15.00 -95.03
C ILE DA 181 41.00 -16.00 -95.06
N PRO DA 182 40.94 -17.07 -94.26
CA PRO DA 182 42.03 -18.06 -94.30
C PRO DA 182 42.20 -18.64 -95.69
N VAL DA 183 43.46 -18.85 -96.07
CA VAL DA 183 43.77 -19.29 -97.43
C VAL DA 183 43.62 -20.79 -97.62
N SER DA 184 43.52 -21.56 -96.55
CA SER DA 184 43.45 -23.01 -96.69
C SER DA 184 42.77 -23.61 -95.47
N TRP DA 185 42.34 -24.86 -95.62
CA TRP DA 185 41.77 -25.63 -94.53
C TRP DA 185 42.35 -27.03 -94.44
N ASP DA 186 43.33 -27.37 -95.26
CA ASP DA 186 43.86 -28.72 -95.31
C ASP DA 186 44.70 -29.00 -94.07
N PRO DA 187 44.37 -30.01 -93.27
CA PRO DA 187 45.20 -30.32 -92.10
C PRO DA 187 46.41 -31.17 -92.45
N THR DA 188 46.32 -31.91 -93.56
CA THR DA 188 47.39 -32.82 -93.94
C THR DA 188 48.66 -32.10 -94.33
N ASP DA 189 48.55 -30.84 -94.76
CA ASP DA 189 49.73 -30.07 -95.14
C ASP DA 189 50.54 -29.72 -93.89
N PRO DA 190 51.79 -30.15 -93.78
CA PRO DA 190 52.59 -29.84 -92.59
C PRO DA 190 53.29 -28.48 -92.63
N THR DA 191 53.15 -27.73 -93.73
CA THR DA 191 53.75 -26.41 -93.83
C THR DA 191 52.81 -25.31 -93.36
N LYS DA 192 51.58 -25.63 -92.99
CA LYS DA 192 50.62 -24.67 -92.49
C LYS DA 192 50.19 -25.06 -91.08
N ASP DA 193 49.31 -24.24 -90.49
CA ASP DA 193 48.90 -24.42 -89.11
C ASP DA 193 47.46 -24.90 -88.98
N ALA DA 194 46.81 -25.26 -90.08
CA ALA DA 194 45.50 -25.86 -90.01
C ALA DA 194 45.59 -27.28 -89.47
N GLY DA 195 44.56 -27.69 -88.72
CA GLY DA 195 44.61 -29.00 -88.12
C GLY DA 195 43.26 -29.43 -87.60
N GLN DA 196 43.25 -30.65 -87.05
CA GLN DA 196 42.05 -31.24 -86.48
C GLN DA 196 42.42 -31.97 -85.18
N ASN DA 197 41.47 -32.02 -84.26
CA ASN DA 197 41.66 -32.82 -83.05
C ASN DA 197 40.32 -33.35 -82.58
N THR DA 198 40.31 -34.62 -82.18
CA THR DA 198 39.07 -35.30 -81.82
C THR DA 198 38.98 -35.47 -80.31
N LEU DA 199 37.87 -35.01 -79.74
CA LEU DA 199 37.60 -35.16 -78.31
C LEU DA 199 36.68 -36.37 -78.07
N ALA DA 200 37.21 -37.55 -78.39
CA ALA DA 200 36.41 -38.78 -78.40
C ALA DA 200 36.85 -39.67 -77.24
N ASP DA 201 36.24 -39.44 -76.07
CA ASP DA 201 36.37 -40.36 -74.95
C ASP DA 201 35.05 -40.54 -74.22
N THR DA 202 33.98 -39.94 -74.71
CA THR DA 202 32.65 -40.08 -74.12
C THR DA 202 31.64 -40.04 -75.25
N ASN DA 203 30.49 -40.68 -75.03
CA ASN DA 203 29.50 -40.81 -76.08
C ASN DA 203 28.89 -39.48 -76.50
N GLY DA 204 29.08 -38.42 -75.73
CA GLY DA 204 28.51 -37.14 -76.09
C GLY DA 204 29.16 -36.52 -77.31
N ALA DA 205 28.51 -35.49 -77.83
CA ALA DA 205 28.95 -34.79 -79.03
C ALA DA 205 29.06 -33.31 -78.74
N ILE DA 206 29.93 -32.64 -79.51
CA ILE DA 206 30.10 -31.20 -79.34
C ILE DA 206 28.80 -30.49 -79.69
N VAL DA 207 28.39 -29.56 -78.83
CA VAL DA 207 27.12 -28.87 -79.04
C VAL DA 207 27.37 -27.39 -79.28
N ASP DA 208 28.42 -26.83 -78.66
CA ASP DA 208 28.65 -25.40 -78.77
C ASP DA 208 30.05 -25.07 -78.26
N GLY DA 209 30.50 -23.87 -78.60
CA GLY DA 209 31.76 -23.34 -78.12
C GLY DA 209 31.69 -21.85 -77.90
N VAL DA 210 32.13 -21.40 -76.72
CA VAL DA 210 31.99 -20.00 -76.32
C VAL DA 210 33.33 -19.52 -75.76
N LYS DA 211 33.68 -18.28 -76.08
CA LYS DA 211 34.90 -17.70 -75.52
C LYS DA 211 34.73 -17.40 -74.04
N LEU DA 212 35.86 -17.41 -73.32
CA LEU DA 212 35.87 -17.04 -71.91
C LEU DA 212 37.29 -16.57 -71.59
N ARG DA 213 37.46 -15.27 -71.37
CA ARG DA 213 38.76 -14.66 -71.17
C ARG DA 213 39.69 -14.98 -72.33
N ASP DA 214 40.71 -15.81 -72.07
CA ASP DA 214 41.66 -16.19 -73.10
C ASP DA 214 41.50 -17.64 -73.55
N SER DA 215 40.37 -18.26 -73.28
CA SER DA 215 40.16 -19.66 -73.61
C SER DA 215 38.89 -19.84 -74.41
N PHE DA 216 38.78 -20.97 -75.09
CA PHE DA 216 37.60 -21.35 -75.85
C PHE DA 216 36.99 -22.58 -75.18
N ILE DA 217 35.87 -22.38 -74.47
CA ILE DA 217 35.22 -23.46 -73.76
C ILE DA 217 34.34 -24.21 -74.75
N ILE DA 218 34.52 -25.52 -74.82
CA ILE DA 218 33.77 -26.39 -75.71
C ILE DA 218 32.86 -27.26 -74.86
N TYR DA 219 31.56 -27.19 -75.13
CA TYR DA 219 30.57 -27.92 -74.34
C TYR DA 219 30.09 -29.14 -75.12
N LYS DA 220 30.28 -30.31 -74.54
CA LYS DA 220 29.71 -31.53 -75.06
C LYS DA 220 28.38 -31.79 -74.39
N GLU DA 221 27.76 -32.93 -74.69
CA GLU DA 221 26.49 -33.26 -74.06
C GLU DA 221 26.66 -33.68 -72.60
N ASP DA 222 27.86 -34.10 -72.20
CA ASP DA 222 28.08 -34.58 -70.84
C ASP DA 222 29.41 -34.14 -70.24
N SER DA 223 30.19 -33.33 -70.93
CA SER DA 223 31.49 -32.91 -70.42
C SER DA 223 31.84 -31.55 -70.98
N VAL DA 224 32.79 -30.88 -70.33
CA VAL DA 224 33.21 -29.54 -70.70
C VAL DA 224 34.72 -29.52 -70.84
N TYR DA 225 35.21 -29.09 -72.01
CA TYR DA 225 36.62 -28.99 -72.31
C TYR DA 225 37.03 -27.55 -72.53
N SER DA 226 38.33 -27.30 -72.52
CA SER DA 226 38.88 -25.96 -72.75
C SER DA 226 39.96 -26.02 -73.81
N MET DA 227 40.00 -25.00 -74.66
CA MET DA 227 40.99 -24.86 -75.72
C MET DA 227 41.80 -23.61 -75.46
N ARG DA 228 43.13 -23.72 -75.53
CA ARG DA 228 44.00 -22.57 -75.34
C ARG DA 228 45.03 -22.52 -76.46
N TYR DA 229 45.30 -21.31 -76.94
CA TYR DA 229 46.25 -21.08 -78.02
C TYR DA 229 47.64 -20.87 -77.44
N ILE DA 230 48.60 -21.66 -77.91
CA ILE DA 230 49.96 -21.60 -77.40
C ILE DA 230 50.93 -21.37 -78.54
N GLY DA 231 50.45 -21.51 -79.78
CA GLY DA 231 51.36 -21.37 -80.91
C GLY DA 231 52.35 -22.52 -80.97
N GLY DA 232 53.53 -22.22 -81.49
CA GLY DA 232 54.56 -23.24 -81.58
C GLY DA 232 54.23 -24.30 -82.62
N LEU DA 233 54.61 -25.54 -82.32
CA LEU DA 233 54.41 -26.65 -83.23
C LEU DA 233 53.04 -27.31 -83.09
N PHE DA 234 52.26 -26.94 -82.07
CA PHE DA 234 50.97 -27.55 -81.85
C PHE DA 234 49.81 -26.56 -81.86
N ILE DA 235 50.09 -25.26 -81.92
CA ILE DA 235 49.07 -24.21 -82.02
C ILE DA 235 48.16 -24.22 -80.80
N PHE DA 236 47.35 -25.26 -80.67
CA PHE DA 236 46.30 -25.30 -79.65
C PHE DA 236 46.59 -26.39 -78.62
N GLN DA 237 46.23 -26.11 -77.37
CA GLN DA 237 46.39 -27.05 -76.27
C GLN DA 237 45.01 -27.37 -75.70
N PHE DA 238 44.75 -28.64 -75.48
CA PHE DA 238 43.45 -29.12 -75.04
C PHE DA 238 43.51 -29.59 -73.59
N GLN DA 239 42.50 -29.22 -72.81
CA GLN DA 239 42.48 -29.54 -71.40
C GLN DA 239 41.05 -29.74 -70.96
N GLN DA 240 40.77 -30.88 -70.33
CA GLN DA 240 39.43 -31.20 -69.86
C GLN DA 240 39.13 -30.46 -68.57
N LEU DA 241 37.89 -29.98 -68.45
CA LEU DA 241 37.47 -29.21 -67.28
C LEU DA 241 36.47 -30.00 -66.42
N PHE DA 242 35.37 -30.46 -67.00
CA PHE DA 242 34.34 -31.12 -66.21
C PHE DA 242 33.87 -32.39 -66.91
N ASN DA 243 33.47 -33.38 -66.11
CA ASN DA 243 33.05 -34.67 -66.61
C ASN DA 243 31.66 -35.09 -66.18
N ASP DA 244 31.03 -34.40 -65.23
CA ASP DA 244 29.73 -34.82 -64.73
C ASP DA 244 28.57 -34.10 -65.38
N VAL DA 245 28.76 -32.88 -65.90
CA VAL DA 245 27.70 -32.10 -66.49
C VAL DA 245 28.14 -31.65 -67.88
N GLY DA 246 27.15 -31.25 -68.68
CA GLY DA 246 27.40 -30.76 -70.01
C GLY DA 246 26.55 -29.55 -70.35
N ILE DA 247 25.89 -29.59 -71.51
CA ILE DA 247 24.99 -28.53 -71.92
C ILE DA 247 23.72 -29.16 -72.47
N LEU DA 248 22.64 -28.37 -72.49
CA LEU DA 248 21.37 -28.87 -73.00
C LEU DA 248 21.29 -28.77 -74.51
N GLY DA 249 21.71 -27.64 -75.08
CA GLY DA 249 21.67 -27.42 -76.49
C GLY DA 249 22.43 -26.18 -76.90
N PRO DA 250 22.37 -25.83 -78.19
CA PRO DA 250 23.05 -24.62 -78.65
C PRO DA 250 22.43 -23.38 -78.04
N ASN DA 251 23.26 -22.34 -77.92
CA ASN DA 251 22.84 -21.05 -77.35
C ASN DA 251 22.33 -21.20 -75.92
N CYS DA 252 23.02 -22.04 -75.14
CA CYS DA 252 22.65 -22.28 -73.75
C CYS DA 252 23.81 -22.01 -72.81
N ALA DA 253 24.69 -21.07 -73.17
CA ALA DA 253 25.82 -20.71 -72.33
C ALA DA 253 26.20 -19.27 -72.63
N ILE DA 254 26.23 -18.44 -71.59
CA ILE DA 254 26.53 -17.02 -71.76
C ILE DA 254 27.67 -16.64 -70.83
N GLU DA 255 28.35 -15.55 -71.17
CA GLU DA 255 29.47 -15.04 -70.41
C GLU DA 255 29.08 -13.73 -69.72
N PHE DA 256 29.45 -13.59 -68.46
CA PHE DA 256 29.16 -12.38 -67.71
C PHE DA 256 30.15 -12.25 -66.56
N ASP DA 257 30.78 -11.07 -66.45
CA ASP DA 257 31.66 -10.74 -65.33
C ASP DA 257 32.80 -11.75 -65.17
N GLY DA 258 33.28 -12.31 -66.28
CA GLY DA 258 34.35 -13.27 -66.21
C GLY DA 258 33.92 -14.66 -65.78
N ASN DA 259 32.64 -14.97 -65.83
CA ASN DA 259 32.10 -16.28 -65.50
C ASN DA 259 31.20 -16.74 -66.63
N HIS DA 260 30.84 -18.02 -66.59
CA HIS DA 260 29.95 -18.62 -67.58
C HIS DA 260 28.72 -19.16 -66.88
N PHE DA 261 27.55 -18.74 -67.37
CA PHE DA 261 26.25 -19.23 -66.92
C PHE DA 261 25.77 -20.26 -67.93
N VAL DA 262 25.56 -21.50 -67.48
CA VAL DA 262 25.29 -22.63 -68.35
C VAL DA 262 24.04 -23.34 -67.87
N VAL DA 263 23.23 -23.78 -68.83
CA VAL DA 263 22.06 -24.62 -68.57
C VAL DA 263 22.40 -26.03 -69.03
N GLY DA 264 22.51 -26.95 -68.09
CA GLY DA 264 22.88 -28.32 -68.38
C GLY DA 264 21.70 -29.26 -68.37
N HIS DA 265 22.00 -30.56 -68.40
CA HIS DA 265 20.97 -31.60 -68.35
C HIS DA 265 20.71 -31.92 -66.89
N GLY DA 266 19.65 -31.32 -66.35
CA GLY DA 266 19.30 -31.53 -64.96
C GLY DA 266 19.88 -30.55 -63.98
N ASP DA 267 20.54 -29.50 -64.45
CA ASP DA 267 21.11 -28.50 -63.55
C ASP DA 267 21.42 -27.23 -64.33
N VAL DA 268 21.40 -26.11 -63.63
CA VAL DA 268 21.81 -24.82 -64.15
C VAL DA 268 22.91 -24.30 -63.24
N TYR DA 269 24.08 -24.04 -63.80
CA TYR DA 269 25.24 -23.74 -62.98
C TYR DA 269 26.03 -22.56 -63.53
N VAL DA 270 27.03 -22.17 -62.76
CA VAL DA 270 27.92 -21.07 -63.09
C VAL DA 270 29.34 -21.51 -62.76
N HIS DA 271 30.27 -21.24 -63.68
CA HIS DA 271 31.65 -21.66 -63.47
C HIS DA 271 32.60 -20.63 -64.05
N ASN DA 272 33.80 -20.57 -63.48
CA ASN DA 272 34.85 -19.67 -63.97
C ASN DA 272 36.02 -20.43 -64.59
N GLY DA 273 35.82 -21.70 -64.92
CA GLY DA 273 36.88 -22.53 -65.43
C GLY DA 273 37.70 -23.22 -64.37
N VAL DA 274 37.48 -22.91 -63.09
CA VAL DA 274 38.18 -23.54 -61.98
C VAL DA 274 37.17 -24.12 -61.02
N GLN DA 275 36.25 -23.28 -60.53
CA GLN DA 275 35.23 -23.68 -59.58
C GLN DA 275 33.85 -23.60 -60.23
N LYS DA 276 33.01 -24.57 -59.92
CA LYS DA 276 31.66 -24.66 -60.47
C LYS DA 276 30.66 -24.74 -59.33
N GLN DA 277 29.54 -24.04 -59.47
CA GLN DA 277 28.51 -24.12 -58.45
C GLN DA 277 27.14 -23.89 -59.06
N SER DA 278 26.13 -24.52 -58.48
CA SER DA 278 24.77 -24.43 -58.99
C SER DA 278 24.08 -23.19 -58.43
N VAL DA 279 23.28 -22.55 -59.27
CA VAL DA 279 22.54 -21.36 -58.88
C VAL DA 279 21.04 -21.57 -58.84
N ILE DA 280 20.55 -22.69 -59.37
CA ILE DA 280 19.12 -22.99 -59.35
C ILE DA 280 18.73 -23.92 -58.22
N ASP DA 281 19.69 -24.50 -57.51
CA ASP DA 281 19.38 -25.47 -56.48
C ASP DA 281 18.60 -24.83 -55.34
N ALA DA 282 17.62 -25.57 -54.83
CA ALA DA 282 16.81 -25.22 -53.67
C ALA DA 282 15.94 -24.00 -53.87
N GLN DA 283 15.83 -23.47 -55.10
CA GLN DA 283 14.92 -22.36 -55.33
C GLN DA 283 13.79 -22.72 -56.29
N VAL DA 284 14.09 -23.09 -57.53
CA VAL DA 284 13.05 -23.46 -58.49
C VAL DA 284 13.44 -24.70 -59.27
N ARG DA 285 14.35 -25.51 -58.71
CA ARG DA 285 14.89 -26.64 -59.46
C ARG DA 285 13.81 -27.65 -59.81
N LYS DA 286 13.04 -28.09 -58.80
CA LYS DA 286 12.00 -29.08 -59.04
C LYS DA 286 10.92 -28.53 -59.97
N PHE DA 287 10.54 -27.27 -59.78
CA PHE DA 287 9.54 -26.66 -60.65
C PHE DA 287 10.05 -26.59 -62.08
N PHE DA 288 11.30 -26.18 -62.27
CA PHE DA 288 11.81 -26.01 -63.63
C PHE DA 288 11.96 -27.34 -64.34
N PHE DA 289 12.59 -28.33 -63.70
CA PHE DA 289 12.77 -29.61 -64.37
C PHE DA 289 11.59 -30.54 -64.12
N SER DA 290 10.40 -29.98 -64.26
CA SER DA 290 9.17 -30.74 -64.39
C SER DA 290 8.19 -30.09 -65.35
N ASP DA 291 8.56 -28.97 -65.98
CA ASP DA 291 7.65 -28.18 -66.78
C ASP DA 291 8.03 -28.15 -68.26
N ILE DA 292 9.23 -28.62 -68.61
CA ILE DA 292 9.67 -28.59 -69.99
C ILE DA 292 8.88 -29.60 -70.80
N ASN DA 293 8.42 -29.19 -71.97
CA ASN DA 293 7.67 -30.08 -72.85
C ASN DA 293 8.56 -31.22 -73.31
N PRO DA 294 8.19 -32.47 -73.07
CA PRO DA 294 9.06 -33.59 -73.49
C PRO DA 294 9.33 -33.62 -74.98
N ASP DA 295 8.38 -33.20 -75.81
CA ASP DA 295 8.56 -33.24 -77.25
C ASP DA 295 9.29 -32.02 -77.80
N ASN DA 296 9.62 -31.04 -76.96
CA ASN DA 296 10.23 -29.82 -77.45
C ASN DA 296 11.37 -29.35 -76.55
N TYR DA 297 12.07 -30.27 -75.89
CA TYR DA 297 13.14 -29.85 -75.00
C TYR DA 297 14.43 -29.59 -75.77
N GLN DA 298 14.32 -28.87 -76.88
CA GLN DA 298 15.49 -28.48 -77.64
C GLN DA 298 15.40 -27.08 -78.21
N ARG DA 299 14.31 -26.35 -77.95
CA ARG DA 299 14.21 -24.95 -78.31
C ARG DA 299 14.65 -24.03 -77.20
N THR DA 300 14.98 -24.58 -76.03
CA THR DA 300 15.42 -23.78 -74.90
C THR DA 300 16.66 -22.98 -75.26
N PHE DA 301 16.66 -21.70 -74.90
CA PHE DA 301 17.82 -20.88 -75.19
C PHE DA 301 17.96 -19.80 -74.13
N VAL DA 302 19.17 -19.27 -74.01
CA VAL DA 302 19.51 -18.30 -72.97
C VAL DA 302 19.90 -16.99 -73.62
N ILE DA 303 19.39 -15.89 -73.08
CA ILE DA 303 19.74 -14.56 -73.53
C ILE DA 303 20.15 -13.74 -72.30
N ALA DA 304 20.86 -12.65 -72.56
CA ALA DA 304 21.42 -11.83 -71.48
C ALA DA 304 20.98 -10.39 -71.62
N ASP DA 305 20.77 -9.73 -70.48
CA ASP DA 305 20.43 -8.30 -70.41
C ASP DA 305 21.46 -7.66 -69.48
N HIS DA 306 22.50 -7.08 -70.06
CA HIS DA 306 23.58 -6.52 -69.25
C HIS DA 306 23.13 -5.25 -68.52
N VAL DA 307 22.29 -4.45 -69.15
CA VAL DA 307 21.81 -3.22 -68.51
C VAL DA 307 21.00 -3.55 -67.27
N ASN DA 308 20.11 -4.54 -67.38
CA ASN DA 308 19.31 -4.97 -66.24
C ASN DA 308 19.98 -6.06 -65.43
N THR DA 309 21.12 -6.57 -65.88
CA THR DA 309 21.85 -7.65 -65.21
C THR DA 309 20.94 -8.85 -64.96
N GLU DA 310 20.44 -9.42 -66.05
CA GLU DA 310 19.52 -10.55 -65.95
C GLU DA 310 19.85 -11.58 -67.02
N MET DA 311 19.49 -12.83 -66.73
CA MET DA 311 19.64 -13.93 -67.67
C MET DA 311 18.27 -14.57 -67.88
N TRP DA 312 17.83 -14.62 -69.14
CA TRP DA 312 16.56 -15.19 -69.50
C TRP DA 312 16.77 -16.59 -70.05
N VAL DA 313 16.10 -17.57 -69.47
CA VAL DA 313 16.04 -18.93 -69.98
C VAL DA 313 14.64 -19.11 -70.56
N CYS DA 314 14.55 -19.26 -71.88
CA CYS DA 314 13.29 -19.38 -72.58
C CYS DA 314 13.09 -20.81 -73.04
N TYR DA 315 11.90 -21.34 -72.79
CA TYR DA 315 11.60 -22.74 -73.08
C TYR DA 315 10.11 -22.89 -73.33
N SER DA 316 9.74 -24.06 -73.83
CA SER DA 316 8.36 -24.40 -74.10
C SER DA 316 7.82 -25.24 -72.95
N SER DA 317 6.79 -24.75 -72.28
CA SER DA 317 6.25 -25.42 -71.10
C SER DA 317 5.26 -26.51 -71.50
N THR DA 318 4.93 -27.37 -70.54
CA THR DA 318 3.94 -28.41 -70.76
C THR DA 318 2.53 -27.85 -70.95
N ARG DA 319 2.31 -26.58 -70.63
CA ARG DA 319 1.01 -25.98 -70.86
C ARG DA 319 0.70 -25.86 -72.34
N SER DA 320 1.71 -25.66 -73.17
CA SER DA 320 1.53 -25.47 -74.60
C SER DA 320 1.36 -26.80 -75.33
N GLU DA 321 0.66 -26.74 -76.45
CA GLU DA 321 0.47 -27.93 -77.27
C GLU DA 321 1.79 -28.34 -77.91
N PRO DA 322 2.08 -29.65 -77.97
CA PRO DA 322 3.33 -30.08 -78.61
C PRO DA 322 3.40 -29.65 -80.07
N GLY DA 323 4.60 -29.28 -80.50
CA GLY DA 323 4.83 -28.75 -81.82
C GLY DA 323 5.02 -27.25 -81.86
N LYS DA 324 4.70 -26.54 -80.78
CA LYS DA 324 4.90 -25.11 -80.71
C LYS DA 324 6.30 -24.78 -80.19
N HIS DA 325 6.62 -23.49 -80.19
CA HIS DA 325 7.92 -23.01 -79.76
C HIS DA 325 7.86 -22.56 -78.31
N CYS DA 326 8.93 -21.90 -77.85
CA CYS DA 326 9.02 -21.47 -76.46
C CYS DA 326 7.93 -20.48 -76.12
N ASP DA 327 7.31 -20.66 -74.95
CA ASP DA 327 6.28 -19.76 -74.48
C ASP DA 327 6.48 -19.29 -73.04
N ARG DA 328 7.43 -19.85 -72.31
CA ARG DA 328 7.67 -19.44 -70.94
C ARG DA 328 9.14 -19.10 -70.76
N ALA DA 329 9.43 -18.31 -69.72
CA ALA DA 329 10.80 -17.92 -69.44
C ALA DA 329 10.98 -17.78 -67.94
N ILE DA 330 12.18 -18.14 -67.48
CA ILE DA 330 12.61 -17.88 -66.12
C ILE DA 330 13.80 -16.94 -66.16
N ILE DA 331 13.75 -15.89 -65.36
CA ILE DA 331 14.76 -14.84 -65.38
C ILE DA 331 15.50 -14.88 -64.05
N TRP DA 332 16.83 -14.91 -64.14
CA TRP DA 332 17.70 -14.92 -62.96
C TRP DA 332 18.47 -13.62 -62.90
N ASN DA 333 18.48 -12.99 -61.73
CA ASN DA 333 19.22 -11.76 -61.49
C ASN DA 333 20.52 -12.11 -60.78
N TRP DA 334 21.65 -11.89 -61.44
CA TRP DA 334 22.93 -12.33 -60.88
C TRP DA 334 23.51 -11.36 -59.86
N LYS DA 335 22.91 -10.18 -59.69
CA LYS DA 335 23.39 -9.26 -58.67
C LYS DA 335 22.66 -9.40 -57.35
N GLU DA 336 21.48 -10.02 -57.35
CA GLU DA 336 20.72 -10.24 -56.12
C GLU DA 336 20.36 -11.69 -55.89
N ASN DA 337 20.63 -12.58 -56.85
CA ASN DA 337 20.34 -14.01 -56.72
C ASN DA 337 18.85 -14.26 -56.50
N THR DA 338 18.06 -13.85 -57.48
CA THR DA 338 16.61 -14.01 -57.44
C THR DA 338 16.11 -14.54 -58.77
N TRP DA 339 14.96 -15.21 -58.71
CA TRP DA 339 14.34 -15.83 -59.88
C TRP DA 339 12.95 -15.26 -60.10
N SER DA 340 12.51 -15.28 -61.36
CA SER DA 340 11.18 -14.79 -61.72
C SER DA 340 10.66 -15.59 -62.91
N ILE DA 341 9.34 -15.59 -63.08
CA ILE DA 341 8.67 -16.35 -64.12
C ILE DA 341 7.88 -15.40 -65.00
N ARG DA 342 7.92 -15.61 -66.31
CA ARG DA 342 7.26 -14.72 -67.25
C ARG DA 342 6.76 -15.51 -68.45
N ASP DA 343 5.67 -15.01 -69.06
CA ASP DA 343 5.13 -15.60 -70.27
C ASP DA 343 5.74 -14.98 -71.51
N LEU DA 344 5.77 -15.75 -72.60
CA LEU DA 344 6.34 -15.31 -73.86
C LEU DA 344 5.35 -15.55 -74.99
N PRO DA 345 5.41 -14.73 -76.05
CA PRO DA 345 4.45 -14.84 -77.16
C PRO DA 345 4.91 -15.80 -78.26
N ASN DA 346 5.23 -17.03 -77.88
CA ASN DA 346 5.57 -18.10 -78.82
C ASN DA 346 6.73 -17.69 -79.73
N VAL DA 347 7.88 -17.46 -79.12
CA VAL DA 347 9.06 -17.02 -79.83
C VAL DA 347 9.99 -18.22 -80.06
N LEU DA 348 10.95 -18.04 -80.97
CA LEU DA 348 11.93 -19.08 -81.29
C LEU DA 348 13.36 -18.64 -81.06
N SER DA 349 13.69 -17.37 -81.27
CA SER DA 349 15.04 -16.88 -81.06
C SER DA 349 14.96 -15.41 -80.66
N GLY DA 350 16.07 -14.91 -80.13
CA GLY DA 350 16.15 -13.53 -79.71
C GLY DA 350 17.56 -13.01 -79.81
N ALA DA 351 17.68 -11.68 -79.71
CA ALA DA 351 18.97 -11.03 -79.82
C ALA DA 351 18.97 -9.77 -78.97
N TYR DA 352 20.17 -9.33 -78.62
CA TYR DA 352 20.39 -8.17 -77.77
C TYR DA 352 21.32 -7.20 -78.49
N GLY DA 353 20.87 -5.97 -78.69
CA GLY DA 353 21.70 -5.00 -79.38
C GLY DA 353 20.98 -3.68 -79.53
N ILE DA 354 21.68 -2.73 -80.14
CA ILE DA 354 21.16 -1.39 -80.35
C ILE DA 354 20.15 -1.40 -81.49
N ILE DA 355 19.04 -0.69 -81.29
CA ILE DA 355 18.00 -0.59 -82.32
C ILE DA 355 17.42 0.81 -82.26
N ASP DA 356 17.03 1.33 -83.43
CA ASP DA 356 16.39 2.64 -83.55
C ASP DA 356 14.97 2.45 -84.05
N PRO DA 357 13.96 2.54 -83.18
CA PRO DA 357 12.58 2.30 -83.63
C PRO DA 357 12.05 3.33 -84.61
N LYS DA 358 12.69 4.50 -84.71
CA LYS DA 358 12.28 5.57 -85.61
C LYS DA 358 10.84 6.01 -85.32
N VAL DA 359 10.65 6.51 -84.10
CA VAL DA 359 9.35 7.02 -83.65
C VAL DA 359 9.52 8.47 -83.26
N SER DA 360 8.72 9.34 -83.85
CA SER DA 360 8.77 10.76 -83.53
C SER DA 360 8.14 11.03 -82.17
N ASN DA 361 8.61 12.08 -81.50
CA ASN DA 361 8.07 12.44 -80.20
C ASN DA 361 6.95 13.48 -80.35
N LEU DA 362 7.29 14.67 -80.86
CA LEU DA 362 6.36 15.76 -81.09
C LEU DA 362 5.39 15.95 -79.93
N TRP DA 363 4.16 16.36 -80.22
CA TRP DA 363 3.14 16.47 -79.20
C TRP DA 363 1.82 15.85 -79.66
N ASP DA 364 1.60 15.82 -80.98
CA ASP DA 364 0.33 15.40 -81.54
C ASP DA 364 0.39 14.03 -82.19
N ASP DA 365 1.42 13.24 -81.87
CA ASP DA 365 1.57 11.89 -82.40
C ASP DA 365 1.72 10.90 -81.25
N ASP DA 366 0.96 11.08 -80.19
CA ASP DA 366 1.14 10.30 -78.96
C ASP DA 366 -0.14 9.54 -78.59
N PRO DA 367 -0.26 8.28 -78.99
CA PRO DA 367 -1.23 7.37 -78.36
C PRO DA 367 -0.74 6.96 -76.98
N ASN DA 368 -1.36 5.94 -76.38
CA ASN DA 368 -0.91 5.45 -75.08
C ASN DA 368 -1.05 6.51 -74.00
N PRO DA 369 -2.27 6.72 -73.49
CA PRO DA 369 -2.53 7.82 -72.52
C PRO DA 369 -1.61 7.82 -71.31
N TRP DA 370 -1.76 8.86 -70.49
CA TRP DA 370 -0.76 9.22 -69.48
C TRP DA 370 -0.33 8.02 -68.64
N ASP DA 371 -1.28 7.23 -68.17
CA ASP DA 371 -0.98 6.14 -67.24
C ASP DA 371 -0.59 4.86 -67.96
N THR DA 372 0.37 4.95 -68.90
CA THR DA 372 0.90 3.78 -69.60
C THR DA 372 2.43 3.90 -69.61
N TYR DA 373 3.07 3.37 -68.57
CA TYR DA 373 4.51 3.37 -68.43
C TYR DA 373 5.09 4.78 -68.49
N THR DA 374 5.33 5.27 -69.71
CA THR DA 374 6.07 6.51 -69.98
C THR DA 374 7.49 6.43 -69.42
N SER DA 375 8.32 7.40 -69.79
CA SER DA 375 9.68 7.45 -69.28
C SER DA 375 9.93 8.82 -68.67
N VAL DA 376 11.18 9.12 -68.32
CA VAL DA 376 11.49 10.45 -67.81
C VAL DA 376 11.25 11.48 -68.91
N TRP DA 377 11.13 12.74 -68.49
CA TRP DA 377 10.77 13.80 -69.42
C TRP DA 377 11.82 13.97 -70.50
N GLY DA 378 13.10 13.90 -70.14
CA GLY DA 378 14.16 14.13 -71.11
C GLY DA 378 14.38 12.99 -72.08
N GLU DA 379 13.95 11.78 -71.74
CA GLU DA 379 14.20 10.63 -72.59
C GLU DA 379 13.35 10.69 -73.85
N GLY DA 380 13.93 10.24 -74.95
CA GLY DA 380 13.23 10.11 -76.21
C GLY DA 380 12.89 8.65 -76.50
N SER DA 381 12.68 8.37 -77.79
CA SER DA 381 12.40 7.01 -78.22
C SER DA 381 13.64 6.24 -78.63
N TYR DA 382 14.75 6.93 -78.88
CA TYR DA 382 16.00 6.30 -79.30
C TYR DA 382 17.08 6.65 -78.30
N ASN DA 383 17.66 5.63 -77.68
CA ASN DA 383 18.72 5.80 -76.69
C ASN DA 383 19.91 4.95 -77.11
N PRO DA 384 20.88 5.54 -77.83
CA PRO DA 384 22.03 4.76 -78.28
C PRO DA 384 22.90 4.23 -77.15
N ALA DA 385 22.84 4.83 -75.97
CA ALA DA 385 23.66 4.40 -74.85
C ALA DA 385 23.20 3.08 -74.23
N LYS DA 386 22.01 2.60 -74.58
CA LYS DA 386 21.48 1.37 -74.03
C LYS DA 386 21.00 0.46 -75.16
N SER DA 387 21.16 -0.84 -74.97
CA SER DA 387 20.72 -1.81 -75.95
C SER DA 387 19.29 -2.24 -75.65
N SER DA 388 18.78 -3.18 -76.45
CA SER DA 388 17.42 -3.67 -76.28
C SER DA 388 17.34 -5.10 -76.81
N MET DA 389 16.28 -5.78 -76.41
CA MET DA 389 16.05 -7.17 -76.78
C MET DA 389 14.96 -7.26 -77.84
N ILE DA 390 15.22 -8.08 -78.87
CA ILE DA 390 14.25 -8.32 -79.93
C ILE DA 390 14.10 -9.82 -80.12
N PHE DA 391 12.87 -10.30 -80.07
CA PHE DA 391 12.54 -11.70 -80.26
C PHE DA 391 11.83 -11.90 -81.59
N SER DA 392 11.89 -13.11 -82.10
CA SER DA 392 11.28 -13.46 -83.38
C SER DA 392 10.33 -14.63 -83.20
N SER DA 393 9.08 -14.45 -83.60
CA SER DA 393 8.09 -15.51 -83.62
C SER DA 393 8.01 -16.05 -85.04
N PHE DA 394 8.54 -17.26 -85.23
CA PHE DA 394 8.61 -17.86 -86.56
C PHE DA 394 7.23 -18.26 -87.06
N GLN DA 395 6.44 -18.95 -86.23
CA GLN DA 395 5.17 -19.47 -86.69
C GLN DA 395 4.14 -18.36 -86.92
N ASP DA 396 4.20 -17.29 -86.12
CA ASP DA 396 3.32 -16.15 -86.32
C ASP DA 396 3.94 -15.08 -87.20
N LYS DA 397 5.19 -15.26 -87.62
CA LYS DA 397 5.89 -14.33 -88.52
C LYS DA 397 5.86 -12.91 -87.96
N LYS DA 398 6.46 -12.75 -86.78
CA LYS DA 398 6.45 -11.44 -86.14
C LYS DA 398 7.79 -11.18 -85.47
N LEU DA 399 8.08 -9.89 -85.27
CA LEU DA 399 9.27 -9.46 -84.55
C LEU DA 399 8.85 -8.52 -83.45
N PHE DA 400 9.21 -8.86 -82.21
CA PHE DA 400 8.81 -8.08 -81.04
C PHE DA 400 10.05 -7.40 -80.44
N LEU DA 401 9.93 -6.12 -80.15
CA LEU DA 401 10.92 -5.39 -79.39
C LEU DA 401 10.42 -5.25 -77.96
N PHE DA 402 11.21 -5.74 -77.00
CA PHE DA 402 10.81 -5.69 -75.60
C PHE DA 402 11.30 -4.41 -74.96
N GLY DA 403 10.55 -3.91 -73.98
CA GLY DA 403 10.96 -2.68 -73.34
C GLY DA 403 9.85 -1.76 -72.89
N ASN DA 404 9.87 -0.54 -73.42
CA ASN DA 404 9.08 0.57 -72.87
C ASN DA 404 7.61 0.21 -72.70
N ASN DA 405 6.98 -0.32 -73.75
CA ASN DA 405 5.54 -0.54 -73.73
C ASN DA 405 5.15 -1.44 -72.57
N SER DA 406 4.00 -1.13 -71.96
CA SER DA 406 3.50 -1.86 -70.80
C SER DA 406 2.36 -2.80 -71.14
N THR DA 407 2.15 -3.09 -72.42
CA THR DA 407 1.11 -4.01 -72.85
C THR DA 407 1.70 -5.05 -73.78
N PHE DA 408 1.05 -6.21 -73.85
CA PHE DA 408 1.46 -7.28 -74.75
C PHE DA 408 0.92 -6.97 -76.15
N SER DA 409 1.50 -5.93 -76.75
CA SER DA 409 1.09 -5.43 -78.07
C SER DA 409 -0.39 -5.07 -78.06
N GLY DA 410 -0.74 -4.17 -77.15
CA GLY DA 410 -2.13 -3.75 -76.97
C GLY DA 410 -2.89 -4.53 -75.93
N GLN DA 411 -2.75 -5.85 -75.93
CA GLN DA 411 -3.44 -6.69 -74.96
C GLN DA 411 -2.91 -6.43 -73.55
N ASN DA 412 -3.79 -6.61 -72.58
CA ASN DA 412 -3.44 -6.44 -71.17
C ASN DA 412 -3.23 -7.80 -70.50
N PHE DA 413 -2.15 -7.91 -69.76
CA PHE DA 413 -1.83 -9.13 -69.02
C PHE DA 413 -2.01 -8.88 -67.52
N VAL DA 414 -1.94 -9.95 -66.76
CA VAL DA 414 -2.21 -9.94 -65.32
C VAL DA 414 -0.96 -10.44 -64.59
N SER DA 415 -0.49 -9.65 -63.63
CA SER DA 415 0.62 -10.04 -62.78
C SER DA 415 0.09 -10.50 -61.42
N THR DA 416 0.77 -11.47 -60.82
CA THR DA 416 0.32 -12.00 -59.54
C THR DA 416 1.51 -12.29 -58.63
N LEU DA 417 1.28 -12.14 -57.34
CA LEU DA 417 2.29 -12.43 -56.32
C LEU DA 417 1.60 -12.99 -55.09
N GLU DA 418 1.96 -14.21 -54.68
CA GLU DA 418 1.25 -14.89 -53.61
C GLU DA 418 2.23 -15.45 -52.58
N ARG DA 419 1.89 -15.28 -51.30
CA ARG DA 419 2.61 -15.88 -50.19
C ARG DA 419 1.61 -16.57 -49.28
N SER DA 420 2.03 -17.66 -48.64
CA SER DA 420 1.13 -18.44 -47.82
C SER DA 420 1.85 -18.92 -46.57
N ASP DA 421 1.04 -19.32 -45.57
CA ASP DA 421 1.53 -19.97 -44.36
C ASP DA 421 2.42 -19.04 -43.53
N ILE DA 422 1.88 -17.87 -43.22
CA ILE DA 422 2.54 -16.92 -42.32
C ILE DA 422 1.89 -17.06 -40.95
N TYR DA 423 2.69 -17.34 -39.93
CA TYR DA 423 2.16 -17.45 -38.58
C TYR DA 423 3.02 -16.74 -37.53
N LEU DA 424 4.15 -16.15 -37.91
CA LEU DA 424 4.94 -15.30 -37.02
C LEU DA 424 5.37 -16.02 -35.75
N GLY DA 425 5.73 -17.30 -35.88
CA GLY DA 425 6.29 -18.03 -34.77
C GLY DA 425 5.30 -18.54 -33.75
N ASP DA 426 4.01 -18.34 -33.97
CA ASP DA 426 2.97 -18.83 -33.05
C ASP DA 426 1.99 -19.66 -33.87
N ASP DA 427 2.08 -20.99 -33.75
CA ASP DA 427 1.27 -21.90 -34.54
C ASP DA 427 0.18 -22.57 -33.71
N ARG DA 428 -0.25 -21.93 -32.62
CA ARG DA 428 -1.38 -22.43 -31.84
C ARG DA 428 -2.55 -21.46 -31.82
N MET DA 429 -2.30 -20.20 -31.47
CA MET DA 429 -3.38 -19.21 -31.40
C MET DA 429 -3.87 -18.86 -32.79
N MET DA 430 -5.08 -18.32 -32.84
CA MET DA 430 -5.65 -17.82 -34.09
C MET DA 430 -5.47 -16.31 -34.18
N LYS DA 431 -4.99 -15.85 -35.33
CA LYS DA 431 -4.73 -14.44 -35.55
C LYS DA 431 -5.99 -13.76 -36.09
N THR DA 432 -5.96 -12.43 -36.11
CA THR DA 432 -7.12 -11.64 -36.49
C THR DA 432 -7.00 -10.93 -37.83
N VAL DA 433 -5.87 -10.28 -38.09
CA VAL DA 433 -5.62 -9.56 -39.34
C VAL DA 433 -6.69 -8.50 -39.56
N SER DA 434 -6.41 -7.28 -39.11
CA SER DA 434 -7.37 -6.20 -39.23
C SER DA 434 -7.19 -5.37 -40.50
N ALA DA 435 -5.97 -5.16 -40.96
CA ALA DA 435 -5.77 -4.37 -42.16
C ALA DA 435 -4.45 -4.73 -42.83
N ILE DA 436 -4.35 -4.41 -44.11
CA ILE DA 436 -3.15 -4.58 -44.89
C ILE DA 436 -2.77 -3.24 -45.50
N ILE DA 437 -1.54 -2.80 -45.24
CA ILE DA 437 -1.05 -1.52 -45.76
C ILE DA 437 0.03 -1.80 -46.79
N PRO DA 438 -0.25 -1.66 -48.08
CA PRO DA 438 0.78 -1.88 -49.10
C PRO DA 438 1.63 -0.64 -49.34
N HIS DA 439 2.85 -0.88 -49.78
CA HIS DA 439 3.78 0.17 -50.16
C HIS DA 439 3.99 0.08 -51.67
N ILE DA 440 3.10 0.74 -52.42
CA ILE DA 440 3.13 0.71 -53.88
C ILE DA 440 3.17 2.15 -54.37
N THR DA 441 4.05 2.42 -55.32
CA THR DA 441 4.17 3.74 -55.93
C THR DA 441 3.96 3.65 -57.43
N GLY DA 442 3.12 4.51 -57.97
CA GLY DA 442 2.83 4.50 -59.39
C GLY DA 442 1.38 4.77 -59.71
N ASN DA 443 0.84 4.09 -60.73
CA ASN DA 443 -0.54 4.26 -61.14
C ASN DA 443 -1.17 2.90 -61.39
N GLY DA 444 -2.48 2.84 -61.22
CA GLY DA 444 -3.24 1.64 -61.50
C GLY DA 444 -4.06 1.21 -60.31
N THR DA 445 -4.64 0.02 -60.42
CA THR DA 445 -5.49 -0.56 -59.38
C THR DA 445 -5.07 -2.00 -59.13
N CYS DA 446 -5.00 -2.38 -57.86
CA CYS DA 446 -4.61 -3.72 -57.47
C CYS DA 446 -5.77 -4.39 -56.74
N ASN DA 447 -5.69 -5.72 -56.63
CA ASN DA 447 -6.67 -6.51 -55.91
C ASN DA 447 -5.94 -7.35 -54.88
N ILE DA 448 -6.45 -7.37 -53.65
CA ILE DA 448 -5.80 -8.03 -52.53
C ILE DA 448 -6.72 -9.13 -52.01
N TRP DA 449 -6.19 -10.35 -51.93
CA TRP DA 449 -6.92 -11.50 -51.42
C TRP DA 449 -6.26 -11.97 -50.14
N VAL DA 450 -7.06 -12.16 -49.10
CA VAL DA 450 -6.59 -12.60 -47.80
C VAL DA 450 -7.26 -13.92 -47.47
N GLY DA 451 -6.46 -14.93 -47.10
CA GLY DA 451 -6.98 -16.24 -46.80
C GLY DA 451 -6.33 -16.82 -45.56
N ASN DA 452 -6.96 -17.87 -45.04
CA ASN DA 452 -6.45 -18.54 -43.86
C ASN DA 452 -6.53 -20.05 -44.03
N ALA DA 453 -5.63 -20.74 -43.35
CA ALA DA 453 -5.61 -22.19 -43.31
C ALA DA 453 -5.44 -22.66 -41.87
N GLN DA 454 -6.12 -23.75 -41.53
CA GLN DA 454 -6.09 -24.28 -40.17
C GLN DA 454 -5.03 -25.34 -39.96
N VAL DA 455 -4.60 -26.01 -41.02
CA VAL DA 455 -3.55 -27.03 -40.96
C VAL DA 455 -2.51 -26.69 -42.01
N GLN DA 456 -1.24 -26.78 -41.63
CA GLN DA 456 -0.16 -26.42 -42.55
C GLN DA 456 -0.22 -27.27 -43.80
N GLY DA 457 -0.23 -26.60 -44.95
CA GLY DA 457 -0.28 -27.29 -46.23
C GLY DA 457 -1.66 -27.72 -46.69
N SER DA 458 -2.69 -27.45 -45.91
CA SER DA 458 -4.05 -27.86 -46.25
C SER DA 458 -4.73 -26.76 -47.06
N GLY DA 459 -6.05 -26.88 -47.23
CA GLY DA 459 -6.77 -25.92 -48.03
C GLY DA 459 -6.83 -24.54 -47.39
N ILE DA 460 -7.19 -23.56 -48.21
CA ILE DA 460 -7.20 -22.16 -47.81
C ILE DA 460 -8.56 -21.57 -48.14
N ARG DA 461 -9.13 -20.83 -47.20
CA ARG DA 461 -10.39 -20.12 -47.39
C ARG DA 461 -10.09 -18.66 -47.70
N TRP DA 462 -10.48 -18.20 -48.89
CA TRP DA 462 -10.11 -16.89 -49.40
C TRP DA 462 -11.24 -15.89 -49.23
N LYS DA 463 -10.86 -14.63 -49.05
CA LYS DA 463 -11.81 -13.53 -48.93
C LYS DA 463 -12.05 -12.90 -50.31
N GLY DA 464 -12.67 -11.71 -50.31
CA GLY DA 464 -13.04 -11.06 -51.56
C GLY DA 464 -11.88 -10.39 -52.25
N PRO DA 465 -12.17 -9.66 -53.33
CA PRO DA 465 -11.10 -9.05 -54.13
C PRO DA 465 -10.46 -7.82 -53.49
N TYR DA 466 -11.24 -7.02 -52.78
CA TYR DA 466 -10.74 -5.84 -52.07
C TYR DA 466 -9.94 -4.90 -52.98
N PRO DA 467 -10.60 -4.14 -53.84
CA PRO DA 467 -9.86 -3.23 -54.73
C PRO DA 467 -9.08 -2.18 -53.97
N TYR DA 468 -7.96 -1.77 -54.55
CA TYR DA 468 -7.07 -0.80 -53.92
C TYR DA 468 -6.51 0.12 -55.00
N ARG DA 469 -6.64 1.42 -54.80
CA ARG DA 469 -6.20 2.41 -55.78
C ARG DA 469 -4.79 2.89 -55.41
N ILE DA 470 -3.86 2.72 -56.34
CA ILE DA 470 -2.46 3.05 -56.07
C ILE DA 470 -2.29 4.57 -56.02
N GLY DA 471 -1.69 5.06 -54.95
CA GLY DA 471 -1.40 6.47 -54.79
C GLY DA 471 -2.46 7.26 -54.06
N GLN DA 472 -3.65 6.71 -53.86
CA GLN DA 472 -4.72 7.39 -53.15
C GLN DA 472 -5.08 6.69 -51.84
N ASP DA 473 -5.44 5.41 -51.91
CA ASP DA 473 -5.84 4.69 -50.71
C ASP DA 473 -4.63 4.37 -49.85
N TYR DA 474 -4.80 4.49 -48.54
CA TYR DA 474 -3.72 4.18 -47.61
C TYR DA 474 -3.70 2.71 -47.21
N LYS DA 475 -4.87 2.08 -47.10
CA LYS DA 475 -4.95 0.70 -46.64
C LYS DA 475 -6.28 0.12 -47.09
N ILE DA 476 -6.41 -1.20 -46.90
CA ILE DA 476 -7.65 -1.92 -47.14
C ILE DA 476 -8.09 -2.55 -45.82
N ASP DA 477 -9.39 -2.50 -45.55
CA ASP DA 477 -9.94 -2.96 -44.29
C ASP DA 477 -10.61 -4.32 -44.47
N THR DA 478 -10.37 -5.21 -43.51
CA THR DA 478 -10.94 -6.55 -43.58
C THR DA 478 -10.98 -7.12 -42.16
N LYS DA 479 -11.45 -8.36 -42.05
CA LYS DA 479 -11.51 -9.06 -40.77
C LYS DA 479 -11.48 -10.55 -41.09
N HIS DA 480 -10.37 -11.21 -40.77
CA HIS DA 480 -10.17 -12.60 -41.20
C HIS DA 480 -9.46 -13.36 -40.10
N VAL DA 481 -10.21 -14.14 -39.33
CA VAL DA 481 -9.66 -14.95 -38.26
C VAL DA 481 -9.16 -16.27 -38.83
N GLY DA 482 -7.93 -16.65 -38.48
CA GLY DA 482 -7.36 -17.89 -38.96
C GLY DA 482 -6.06 -18.19 -38.25
N ARG DA 483 -5.54 -19.38 -38.53
CA ARG DA 483 -4.30 -19.81 -37.90
C ARG DA 483 -3.08 -19.49 -38.74
N TYR DA 484 -3.11 -19.83 -40.03
CA TYR DA 484 -2.02 -19.53 -40.95
C TYR DA 484 -2.54 -18.59 -42.03
N ILE DA 485 -1.84 -17.48 -42.22
CA ILE DA 485 -2.32 -16.41 -43.10
C ILE DA 485 -1.72 -16.58 -44.49
N ALA DA 486 -2.45 -16.11 -45.49
CA ALA DA 486 -1.98 -16.12 -46.87
C ALA DA 486 -2.45 -14.86 -47.57
N LEU DA 487 -1.57 -14.26 -48.37
CA LEU DA 487 -1.86 -13.03 -49.08
C LEU DA 487 -1.61 -13.22 -50.57
N LYS DA 488 -2.45 -12.58 -51.37
CA LYS DA 488 -2.29 -12.59 -52.82
C LYS DA 488 -2.53 -11.21 -53.37
N PHE DA 489 -1.63 -10.74 -54.23
CA PHE DA 489 -1.76 -9.45 -54.89
C PHE DA 489 -1.90 -9.68 -56.39
N ASP DA 490 -2.94 -9.12 -56.97
CA ASP DA 490 -3.23 -9.23 -58.40
C ASP DA 490 -3.18 -7.83 -59.01
N PHE DA 491 -2.31 -7.65 -59.99
CA PHE DA 491 -2.16 -6.37 -60.67
C PHE DA 491 -2.65 -6.51 -62.10
N SER DA 492 -3.55 -5.62 -62.51
CA SER DA 492 -3.96 -5.52 -63.90
C SER DA 492 -2.93 -4.71 -64.67
N SER DA 493 -3.26 -4.33 -65.90
CA SER DA 493 -2.36 -3.60 -66.76
C SER DA 493 -2.81 -2.14 -66.85
N GLU DA 494 -2.20 -1.40 -67.78
CA GLU DA 494 -2.47 0.02 -68.00
C GLU DA 494 -1.96 0.86 -66.82
N GLY DA 495 -0.77 0.54 -66.35
CA GLY DA 495 -0.15 1.31 -65.30
C GLY DA 495 1.20 0.72 -64.95
N ASP DA 496 2.06 1.56 -64.40
CA ASP DA 496 3.38 1.16 -63.94
C ASP DA 496 3.44 1.32 -62.43
N TRP DA 497 3.86 0.26 -61.73
CA TRP DA 497 3.84 0.24 -60.29
C TRP DA 497 5.12 -0.38 -59.75
N TYR DA 498 5.60 0.16 -58.64
CA TYR DA 498 6.72 -0.39 -57.89
C TYR DA 498 6.20 -0.84 -56.55
N PHE DA 499 6.54 -2.07 -56.16
CA PHE DA 499 6.02 -2.72 -54.97
C PHE DA 499 7.21 -3.14 -54.12
N ASN DA 500 7.35 -2.55 -52.93
CA ASN DA 500 8.53 -2.77 -52.10
C ASN DA 500 8.15 -3.01 -50.64
N GLY DA 501 7.20 -3.89 -50.41
CA GLY DA 501 6.87 -4.34 -49.07
C GLY DA 501 5.48 -3.92 -48.64
N TYR DA 502 5.12 -4.34 -47.43
CA TYR DA 502 3.79 -4.06 -46.90
C TYR DA 502 3.82 -4.20 -45.38
N THR DA 503 2.64 -4.04 -44.78
CA THR DA 503 2.49 -4.12 -43.33
C THR DA 503 1.16 -4.79 -43.01
N ILE DA 504 1.16 -5.63 -41.98
CA ILE DA 504 -0.03 -6.32 -41.50
C ILE DA 504 -0.39 -5.75 -40.14
N GLU DA 505 -1.64 -5.33 -39.98
CA GLU DA 505 -2.16 -4.81 -38.72
C GLU DA 505 -3.17 -5.81 -38.17
N MET DA 506 -2.90 -6.32 -36.97
CA MET DA 506 -3.68 -7.39 -36.38
C MET DA 506 -4.24 -6.98 -35.02
N ALA DA 507 -5.45 -7.42 -34.74
CA ALA DA 507 -6.08 -7.26 -33.44
C ALA DA 507 -5.60 -8.35 -32.50
N PRO DA 508 -5.92 -8.26 -31.21
CA PRO DA 508 -5.52 -9.33 -30.28
C PRO DA 508 -6.09 -10.68 -30.68
N LYS DA 509 -5.36 -11.74 -30.32
CA LYS DA 509 -5.67 -13.09 -30.75
C LYS DA 509 -7.08 -13.50 -30.29
N ALA DA 510 -7.60 -14.54 -30.92
CA ALA DA 510 -9.00 -14.94 -30.78
C ALA DA 510 -9.10 -16.41 -30.40
N GLY DA 511 -8.33 -16.82 -29.39
CA GLY DA 511 -8.37 -18.18 -28.91
C GLY DA 511 -7.48 -19.10 -29.71
N MET DA 512 -7.42 -20.35 -29.26
CA MET DA 512 -6.55 -21.34 -29.88
C MET DA 512 -7.26 -22.60 -30.37
N ARG DA 513 -8.56 -22.54 -30.60
CA ARG DA 513 -9.23 -23.59 -31.36
C ARG DA 513 -9.98 -22.99 -32.53
#